data_9B4H
#
_entry.id   9B4H
#
_cell.length_a   1.00
_cell.length_b   1.00
_cell.length_c   1.00
_cell.angle_alpha   90.00
_cell.angle_beta   90.00
_cell.angle_gamma   90.00
#
_symmetry.space_group_name_H-M   'P 1'
#
loop_
_entity.id
_entity.type
_entity.pdbx_description
1 polymer 'Tyrosine-protein kinase ephrin type A/B receptor-like domain-containing protein'
2 polymer 'C-type lectin domain-containing protein'
3 branched 2-acetamido-2-deoxy-beta-D-glucopyranose-(1-4)-2-acetamido-2-deoxy-beta-D-glucopyranose
4 branched beta-L-arabinofuranose-(1-2)-beta-L-arabinofuranose
5 branched beta-L-arabinofuranose-(1-2)-beta-L-arabinofuranose-(5-5)-beta-L-arabinofuranose-(1-2)-beta-L-arabinofuranose
6 branched beta-L-arabinofuranose-(1-2)-beta-L-arabinofuranose-(5-5)-beta-L-arabinofuranose-(1-2)-beta-L-arabinofuranose-(5-5)-beta-L-arabinofuranose-(1-2)-beta-L-arabinofuranose-(5-5)-beta-L-arabinofuranose-(1-2)-beta-L-arabinofuranose
7 branched beta-L-arabinofuranose-(1-4)-beta-L-ribulofuranose
8 branched beta-L-arabinofuranose-(1-2)-beta-L-arabinofuranose-(5-5)-beta-L-arabinofuranose-(1-2)-beta-L-arabinofuranose-(5-5)-beta-L-arabinofuranose-(1-2)-beta-L-arabinofuranose
9 non-polymer beta-L-glucofuranose
10 non-polymer alpha-D-galactopyranose
#
loop_
_entity_poly.entity_id
_entity_poly.type
_entity_poly.pdbx_seq_one_letter_code
_entity_poly.pdbx_strand_id
1 'polypeptide(L)'
;MAMPRHGRRPARCSSNRASQWLLLVLGVALAASPRFLLLVEAATYTLTLDKLGPTVNPTTSDAVTFTATVASPDSTTAVF
FTLDYGDGVTAETTRTTTGALSTTPTANLVSAGTYTVTYASIGTKFVTLRLYDSAVAPGVLLASKTVPIYVEDSTLTATL
LQSGVPRLNLAFSGFKGRVSSSTANRADMWATIQLDTAPGVFESSRIFIGIAPTASTNYDFVIPDQVYNLEGAKTTVLRI
YDAPVGGTLLRTFTPAAANAVYVVDPSKYVLTLTVGPTSVTTADQVTFTQTTTEVSYSASATSPILQWRFNWDDPSVVET
PLAYPDALTAASNFPTTATAVSSAAASTFRYTSTGSKNARLRLYDGANNVIAEKIVVITVSNAGYTLALAKTTADPVTTD
DTIAFSAGAKHLSSTSQVWWTIDYGAGESSPRTALTMTNVGAAAPNAIASLSNQYTSGGTKLATLRIYDRDGVGANTGLL
LASTTVTFTVTPVLYALESAVEPFSPIATVAAKWSFRIQRSKATPAGVTESIKCAFFGADTGTAPADLAAWLTAANGAGG
LTATILPSSIPSDIISFTRTYAAAAASLQGKLQCFIGSTPLWDPYYPTPVFQVLAAAPTYTLSASVTPAVVPVDTATLWT
YNIIRSVPVPAGGPSLPILCSFWDGKTGAAPTTDAGWAALAGSANGKGTSMAPGSTTATCSFTPSYSTTGTATPTLQLIQ
NSFALDAATTVGFLSPVYTAPAFATVTAASYTISSYLNPVTPVAGGAAAVWRIVITRNAAVTASAKTLTCQMPDNGQGGS
PADVTADIAVGGTTTVCVFSIAGYTTATPGPYFATVNVVDGAVTTSHITKNFTVLASGTTAPTYAVTSVVSPATPVKVST
PVTYTFTITRTTAVPAGGIPQPIICEFFNGEGTAPASAAAYWRVSTTIPDADTVVAVMAPGETTTTCTFTTYYTTVSAGG
FTAKLMVFGESATAAPLLTSLSVTPSQLLAAVHSFATPMVVAAAVVAVESTTISPNYNPTTPYTNIPTYFTFTLLRDPPV
PPSASSGVQFACALYTGQNVNPASAPSAITDAVYKTFTDVTTAVATDANYFADQQLRVVTMAPGTGRVSCTFPTLYAAAG
PFSPKFFVFEYASSTVGANALAVADTVTSLTSFTTQAAPTFITGPTNVPQRVPLPKGFRTTCFDGYELIFSNDNYTNGVR
VAVDAYPYPVGQCRKCPGGTATMDGYRCIPCPSGYWSNEGARECTACPAGTIAKPAALTARAKYSIDPTTYHFVTHLAMG
PESCKKCPKGYFQPNIAGTVCLPCPSGFVSTSGATGCTACSEGTYHTDGVGTTTPGEATSLDTTDTFGSIYPIIPNTCRQ
CPANTYLPLRGQAAIASMNLAAVSSATPCRPCEDGTWSKAGAAGCQKCPPGTYRNTWFSGQLGSPFITADGVPVATTLTE
LGSGCSQCPPGTYAPTFGMSVCLPCPAGTFASAPGATACQQCKPGTNSLMGDRTQQMALVVTNAANDFPALRAYTISGMV
AGPAYAKPIVTGPDTNFFMAGKSETCSTNLPGYYTDVDGLPIQLPCKPGTFMPFDTATANLLDTGLTVDGTQCYTCQTGT
FNDEFSQPVCKACWSGSFASKRGLPTCEIAQPGTFTNVAAAANATFNTATLIPTGLVKGAQAPTPCGMGYFQSSAETTTC
TACAVGTYADQAGLAACKPCQPGRYQNSIGQRVCKPCDMGTYSRYGGELCTKCPAGTVASKTGSSQCTPCAAGFYANAPD
SATSCRACPRGYYGPYSGAYADNLGDEFEGPRGCYKCPYDFFADRPGVRQCTACPPLDLGGGNLVEQCTEDLGSQRCKPC
SLLSKPKTARTEQS(HYP)(HYP)(HYP)(HYP)S(HYP)S(HYP)(HYP)(HYP)(HYP)(HYP)(HYP)(HYP)S
(HYP)R(HYP)(HYP)S(HYP)N(HYP)(HYP)S(HYP)R(HYP)(HYP)S(HYP)A(HYP)(HYP)S(HYP)N(HYP)
(HYP)(HYP)TS(HYP)(HYP)(HYP)S(HYP)(HYP)(HYP)S(HYP)(HYP)(HYP)(HYP)R(HYP)(HYP)(HYP)
(HYP)(HYP)(HYP)(HYP)(HYP)(HYP)S(HYP)(HYP)(HYP)(HYP)NRS(HYP)(HYP)(HYP)(HYP)(HYP)
(HYP)ASSAINPGGGVNQNGDPVGHRRAILSLMEDEDAEAAQEEQAIVDVDAEMQPQDDE
;
A,B
2 'polypeptide(L)'
;MLAILCIAQPAGGQPPSPEPPSPEPPSPAPPSPEPPSPAPPSPEPPSPAPPSPEPPSPAPPSPAPPSPAPPSPPPSPEPP
SPAPPSPEPPSPAPPSPEPPSPAPPSPAPPSPAPPSPPPSPEPPSPAPPSPAPPSPAPPSPEPPSPAPPSPAPPSPAPPS
PPPSPEPPSPAPPSPEPPSPAPPSPEPPSPAPPSPAPPSPAPPSPPPSPEPPSPEPPSPEPPSPAPQSPEPPSPAPPSPA
PPSPSPPSPPPSPEPPSPAPPSPEPPSPAPPSPEPPSPAPPSPAPPSPAPPSPTPPSPEPPSPAPPSPEPPSPAPPSPAP
PSPAPPSPEPPSPAPPSPPPSPEPPSPAPPSPEPPSPAPPSPAPPSPAPPSPAPPSPSPPSPPPSPEPPSPEPPSPEPPS
PAPPSPAPPSPVPPSPEPPSPEPPSPPPSPAPPSPLPPSPAPPAYSATGIYGDSPWFTTRNGFRWALFKDAATFSAAEEA
CRDLGGYLANPVSLAVYQDVLDAYSVPFTYLSDTRVWLGISDQDTEGWFYFTSGRGTATVEQVDLITWEDAWDSSHWTQD
GSGLDCVAAQLGTATAALTTGAWLEMDCSTPLPFFCSGPTATLTNAPPPGAVAPAPPPPYAAVAYPATSVVVSYATYRLV
SPTASTWLAAQQACVGLGGHLASFASAAELTAVRDALVAALAAYSPPYTTSWAPLWIGLYERSLSYGEDWRWSDRSPLTF
SGFGQYELNAASNPPTTPNCGALHLDRAGQWSVQGCGTQLQYLCKLANVANAPPPSPPPAAPATARQLAFRFAVGDLTYT
LVMQPRSYAAANRYCGSLDPGGTLAVPADAREYMDVMSQVYLYLSSDPAAAGGSALAPPPAASPPPWPPAQVVSALPSQA
GEAPFWIGIRWVGAASALGDFTQVDGTSPPTFTQWAAGVYTGPRPVLACASVDPTAGFQYVPAGCGVQLPALCRAATADN
AIAPPPSPPSPAPPPPAATAVQTRVGLYLYSLYNEAALTYPEAAAYCRAGGGYLASFHSLAEFNAVWSYMTTTATALAAG
DASVWIGYDEIGRNETLLRWLDGGPAAWTHFGLPYTDTEGNDCAAVDQLWGGQWVMDDCLEPRPFICKRLLGISADPAPP
PAAVAASPPPLASLPALRNVTVAGVLYQYVASPALSYEAADAACTQYYGVLAWFASASEFNAVMLALQADVAGLYDPSVW
FGLYRSYANSADWFWYGNTTLNGTAMADPAQFLFNPTSAACAALGTSLNYQPDNWGGDQRCVAASVLDAGGGSYCYRWDD
RACDQRLGFICRVDDRMPLAPSEPQQPPSPPGLPPLPPSPAPPGPDPDPPSPPAPSDPHAPPFPPAPFVPGEPAAPPQKP
PTPPPAPPGSDFWSAPWEPPSRPATPDPFPPPPPPPPPPPALPPPGLPPPPPPPPPPPPPPPQHPDLPFAPGEPFYPDPP
EAPPPPSFESGV(HYP)(HYP)(HYP)(HYP)(HYP)(HYP)(HYP)(HYP)(HYP)(HYP)(HYP)(HYP)(HYP)HA
(HYP)(HYP)LPPSQPGEVS(HYP)(HYP)(HYP)(HYP)(HYP)(HYP)(HYP)(HYP)(HYP)(HYP)(HYP)GT
(HYP)TQ(HYP)SA(HYP)LAPAAPGTPTPPAIAESPAV(HYP)(HYP)(HYP)(HYP)(HYP)(HYP)(HYP)(HYP)
(HYP)(HYP)(HYP)(HYP)(HYP)RTPPLPPKADEHA(HYP)(HYP)(HYP)(HYP)(HYP)(HYP)(HYP)(HYP)
(HYP)(HYP)(HYP)GT(HYP)ST(HYP)DA(HYP)SQPAAPVTQSASPPPALPGA(HYP)(HYP)(HYP)(HYP)
(HYP)(HYP)(HYP)(HYP)(HYP)(HYP)(HYP)(HYP)(HYP)GM(HYP)(HYP)TAGAPGA(HYP)(HYP)(HYP)
(HYP)(HYP)(HYP)(HYP)(HYP)(HYP)(HYP)(HYP)GS(HYP)DQ(HYP)SA(HYP)AAPSVPAAPQPSPPAEDST
GAVPPPPPPPPPPPPPQTPPAQPSGTTASPPPPPPPPPPPGSPDQPSAPAVPAAPGVPPPPVPAPDTYTAPPPPPPPPPP
PPPGTPPSGQPTEPQAPPPPPPPPPPPGTPSAPAAPSQPGVPSVQPDAPPPGLPGAPPPPPPPPPPPPPGVPPTASAPGA
PPPPPPPPPPPGAPDQPAAPLAPRPDTQSPGAPPPALPGAPPPPPPPPPPPPPGVPPTAGAPGAPPPPPPPPPPPGSPDQ
PSAPAAPSVPAAPQPSPPAEDSTGAVPPPPPPPPPPPPPQTPPAPPAGTAASPPPPPPPPPPPGSPDQPSAPATPAAPAV
PSPPVPAPDTYTAPPPPPPPPPPPPPGTPPSGQPTEPQAPPPPPPPPPPPGTPSAPAAPSQPSTPAAKVDSPPPGLPDAP
PPPPPPPPPPPPGVPPAASAPGAPPPPPPPPPPPGAPDQPATPLAPRPDTQTPGAPPPALPGAPPPPPPPPPPPPPGMPP
TAGAPGAPPPPPPPPPPPGSPDQPSAPAAPSVPAAPQPSPPAEDSTGAVPPPPPPPPPPPPPQTPPAQPAGTAASPPPPP
PPPPPPGSPDQPSAPATPAAPAVPSPPVPAPDTYTAPPPPPPPPPPPPPGTPPSGQPTEPQAPPPPPPPPPPPGTPSAPA
APSQPSTPAAKVDSPPPGLPDAPPPPPPPPPPPPPGVPPTATAPGAPPPPPPPPPPPGAPDQPAAPARPGPDAPAAPPPA
QPGAPPPPPPPPPPPPPSVPPPTPDAAAAPPPPPPPPPPPGSPDQPAHPATPSVPAAPQPPPVDKEDAAPPPPPPPPPPP
PPGVPDAPVTTQAPAAPPPPPPPPPPPGTPTMPGAPTKPGAPLAPEQPAEHAPPGAPPPPPPPPPPPPPDAPLPPPARAP
DAPPPPPPPPPPPPPPPGAPDAPAAPAQPTASTQPDAPPPALPDAPPPPPPPPPPPPPGTPPAVVAPDAPPPPPPPPPPP
GAPDQPAAPARPGPDAPAAPPPAQPGAPPPPPPPPPPPPPSVPPPTPDAAAAPPPPPPPPPPPGSPDQPAHPATPSVPAA
PQPPPVDKVDAAPPPPPPPPPPPPPGAPDAPVTTQAPAAPPPPPPPPPPPGTPTMPGAPTKPGAPLAPEQPAEHAPPGAP
PPPPPPPPPPPPDASLPPPARAPDAPPPPPPPPPPPGAPDAPAAPAQPTASTQPDAPPPALPDAPPPPPPPPPPPPPGVP
PKPAAVDAPPPPPPPPPPPGSPDQPAAPMSPGAPGPTAPPPAHPDAPPPPPPPPPPPPPGVPPPAPGTTPPPPPPPPPPP
PPQTPAMPDVPSEGQPAAPIAPSPPVQEDASAPPPPPPPPPPPPPGTPAAPPQVSAPQAPPPPPPPPPPPGTPDAPAMPR
LPDAPLTPGAVQQPPAAPGLPPPPPPPPPPPPPQAPPVPGSPNAAPPPPPPPPPPPGAPDQPAAPARPGPDAPSAPPPHL
PDAPPPPPPPPPPPPPGVPPPIPDAAAAPPPPPPPPPPPGSPDRPAAPASPDAPGPTAPPPAHPDTPPPPPPPPPPPPPD
APPSPRTHPGKKGDDDAFAPPPPPPPPPPPGMPDMPAVPSQPGAPMPPAAEQVPASPPRLPPPPPPPPPPPPPTTPPPEP
DHTAPASPPPPPPPPPPPGTPEMPSVPATPEDVSVLRPDAPPPSLPGAPPPPPPPPPPPPPGAPPALPPQDASPPPPPPP
PPPPGTPDAPADIKDWSQPDAPAAPPPALPDAPPPPPPPPPPPPPGVPPPTPVDAPPPPPPPPPPPPPSVPPPPLLDVGV
PDLPPSPPPPDQPGAPPPPPPPPPPPPPGVPPPLESPPPDAPPPPPPPPPPPGAPAMPTVPTQPGAPQPPDAADAPAVPP
DLPPPPPPPPPPPPPAIPPPTPDAALSPLPPPPPPPPPPPPGTPFTPDTPADWSQPDAPAAPPPGEPNAPPPPPPPPPPP
PPGAPPAQPPQDASPPPPPPPPPPPGTPDAPADIKDWSQPDAPATPPPALPDAPPPPPPPPPPPPPGVPPPTPVDAPPPP
PPPPPPPPPGAPPPPVLDVGVPDLPPSPPPPDQPGAPPPPPPPPPPPPPGAPPPPNTAPAPPPPPPPPPPPPGTPDMPMV
PRAPNAPNVPSPPALPASPPDLPPPPPPPPPPPPPGSPASPIPLAVSPPPPPPPPPPPPPSTPDTPSLPNLPPSSPMPPE
IIPPDAPPPPPPPPPPPPPDVPPPGSPPLESPPPPPPPPPPPPATPDAPADIKDWSQPDAPAAPPPAFPDAPPPPPPPPP
PPPPGAPPPVPKDSPPPPPPPPPPPPPPGVPPTPEFDPGVPELPPSPPPPDQPSAPPPPPPPPPPPPPGSPPGVPGLPDT
PPPPPPPPPPPGTPDMPTLPGAPGPPPPPPPPPPPGAPARDPPPPPPPPPPPPPGMPPGSPSSPLPPPPPPPPPPPPGAP
PPPNMPQQPPPLEPDMPPPDFPSTAPPPPPPPPPPPPPGAPPPPSPPPDAPPPPPPPPPPPPEPPPPSLGVPLAPLAPGL
PPPPPRPRPPPPKPRPPPPPPPDLPPYAPDPPIPQSPPPPPPPPPPPIPPPPPPPPPPPPPPLAPSPPPPPPPPPEPTAQ
VDQILGAQPPPPPPLNLTDVSLANITGGRTTTGDAVPDAVTSQPGNTFDVDAYRLVPVVFANVTVVVDAWMQPQLYEKLR
RREFADVMRQVLPFSQYLIRVRVNKLTWRIGDYLTEQRNRTLTARGFPPPSPPAPPRAPGSRALSPPPPPPPPPPSNDTS
YPRMTLFIQMYAEMTTEADVRAGFGSAALVSSFQFSRFPVYALSLGATSITSYTVYTRRLNVTDNQPPQLTLRGPPEVFV
PLYGSYKELGAAAYDLLDGTINDDLVIINLKRWNESEYCCETTFPIDTSQVTEPDKPFIVTYDVFDFVWNSAPTVQRKVH
VYDPCAQASNGVERTCPDTRLCSVLGGVCGSATLFSDIRDLATPLTEPDPNNPGITLGIHTLSSDPVYDTIIPNLQLLPL
DGLFFVIPPNLDGTPGLQGTLTYLTVGDPWVEPGYIANDDRDDSVQQHVVRRYAELVDTTGPTPPNTPFAITYDVKDVSG
NAAITQVRLVFVLCPATLPVLCPPDERVLARPVWYCAAEVCGVPDFFTNALGGAAAVPAVTRNTAPVVRLRDNKYLVTIF
DNATYARCPDRGDPTGPCDSGVTATDAEDGDISYKVHAFCADVSTAGVDTMWEAVGLAACQFGNVLKAGRRVITYTVTDT
AGATSQISRTLLVMQRCEDGEVQCPDGTCTDFNCFDPSTVITLTLFGNGTDDTTGSGLNVTDGSSFVDSSNFTTSTVNDI
TGGGSSILTAFASGAPVVSINEPPVIALRNSTLLSQTVQVPQNFVWRNCRASEGPNPATLCELGAQAFDPEEGNLTNTIY
VCPPVACLATCSHLNCAGHEFTSKGVRGCVDTGADPGNIFNVIFLVCDNGVPRQSAQVTRTVLIARKCAAGLYECDGVCE
TVPCAAKAKVARDQVVNNTLPALRLLPPGSSAENAPVSAAGVPLSLTQILTYGVPAPISFSPCASYDANAACAAIAMDVE
DGDLTSFINVVDATDCSGKTPNTCLRCRPEQLSLGKCLPGTYRLRYFVEDNSGGISEAFWNFIVESVAVNRVWFLMPPSF
NISAPASNSTNATRRFMDQIQVNATRSRGFLVGQLQRFGVDLKDVRSANVSSLALVNTNTDEGQYAINADFCICMINVTL
EFTTGLQVNYTVPEVFEIFEPDNFPPPPGRLRPPPVPPSPPPSPAPRPPSPPAPPPPSPGPSPPPAPPDPPSPPPTPPSP
PQPPSPPPPPSPAPTPPSPPAPPPVPPSPAPPRPPAPPTPPSPPAPPSPPLPPPSPGPPPGNGNAGRRLIDGTPAVAPAI
APANRVWSWGDDYEMGAVWSPPPPLQRLFNQLRRSMSEPGAAAGAGADVSDYDDDGDGEADWAPVPPADYEEEDPEQDVM
VVSAAGTHGPGDSDDNPLPWGLSAAAWGGPAVAGVARKASGAAGGGSGGAQSAPAPAPSVPVPSYLHTALMHASAPSEAT
GPIDPLLSGAGGPGSAGAGASAAGAPLANTLAAVLGAGEITAASSLSIGARIWQLHVKPALQKQQAAAALAAQAGPHQGL
LPVATALYEPFGGFGGGADTGASGLLGAAAAHPAAGSNGAGGGLVGQVVRGDAAKLRASVGVLGKVFTREGEQWDLPGSG
ALRRAALEEASRAETAAAASDPAASAAASVAAAAIGPRKGQGKGSVGHAATVEAAVAMFSPAALSLVTADSHLDPRTIKG
GPVGGLADDFNLHELMGSAKPQPAAKTDDADAGADEPSRRTVVRTLLSEQLVPALAEISRRLEQSQRELDAIRLSPTALG
VVEQVGRHGRSRRRLLQTTSGSVANQTASCAPAINATNLATNCTAPPPTTTDMYLAVTLSLIADIDNVNRALSANMTNST
DTISVLDEKFTATDVKYESQYVAYKNLATTYLSALENRTNTVILNLAALAAADATNSMLLSALAGLLKGAVTSAAEEADR
LGITTAMLVDGLGLSEENWFFESYQQCLIQRSGSGTTYNFTINREQQAALRYDLETGRVAAPPPPPPARAGFTLLQATQM
GRGRSLLGWGSELLSAAAAGAGLGWAGLGPADPQDDSAASAATGSGYHAVRDRRLQTGTVPSTVSAELPQGLTPRLQYGG
YELEVAAGRPPAGLTVTYDSRGIPERRRTAGARGNRVVGGLMLHQVRRRLDQVVLGRDSEACQSKFGPLRAECVRSKYST
KNLQDLGGIGEDPVFDRSSSIYSPDVAGRAWAYYNFSEGNSEISTLKLPFGFTHYPVPGLPDGYPVFFDTRLGADRARKL
LTYLEDGRYLSPIFSSELRLRLLVYNPDAHVFGYLRAAWDWGGDGVVRLRQWIAAIPATDYGKFISEHQYYMFIPDWIMV
LFILLHLASTLLDCVRALQHQRLLQRATEGEPLAGLTADELFRRKRRVKKRYTWRMTPFWVAWEVASCLIQIAALVVLYW
FVFVASPGIPTATTYDVYDADVNAPARFFMINKDERGWNPYLASVLQAFQTRSDLKPTNDTIDLAATAAAMAPPSMPPRG
GDYRWLLPDDVSGLHALGDMYSYLDNMEYLWNLYFVLQSLVLLMLMVRLMHYVSFQPHLAVIGGAIARAIPMLLYWAVIA
GMVVVMLLMLNIIAFGDRLEQLSTISGSAYAVARWLLIKHSDRGNRATITEMLNDNTVILNGGESLVAALVRGLGAIFIL
FVLYAFVFAILLRQQRMLRRWRHAAPTVGEDLRHMFRWWVQRSWRDAPSNKRLDLTIDWVTRPEVRYTWAYSVLYSAVVR
GVAAVAGGTALAKRHPTQHQAVTERAVLLPGGPPGFNSPDEPDPRYCPRYNLRAMMMVFEELLLVNKELRRELFFFMQTN
NEDGRTKRMKAMGAPRRAAAAAAVNDASARAMADSLASLLLERFGKRVPRRAARSFDEMMHQLRKRLGTPAGGSGSADGS
EFSGSLDGGSARGGDSENSDDDMLPTGVRVGSLKHRGYGVHNQQTVHDLQLQAAVQTAMRNIHTIRENMGRELGDDPQLL
ATLFVAQFAGQIPEPERRPPGVRPSLYRQRVQQAGSGNSLVNVGAGSAPAPAAPGGPPRPGRSRLGGAAMMGQSPQAAPA
PTQGPVAAVLDTNTPEGMLTKALQAMLAPPSTTANAAVSADGTVPAEAEASSASVTDGAPRARPRPKGAKSRARFAADLE
IPGNTTSTAGEEAPASPGVASPGAVGSPSGRHNSVSGQLGGSRTARSMLPRHLQPEPRAASFAHPAPATLGSLGQLGSPS
SVRSSRSMVMPAGSGSAYFTPSASMGGAAGAATAPGGPTASTGGTDSGAAPQPEPLTIRRPQIHKMRSLGAAAAVAGRMR
SFVSGAPGEITPASPTGATSMSAAAAAASLITSPGSYGRSGGSTSMARSGVATPRGDLVSAQISALPLDGTIIFATSAAV
VQRLTSHVLQLLRELRGVQADADAMLRSTLVLIERLSAGSVPFPRRAARMVPGVMGSPASSPPVSPQNEKPPGWEDAAVA
RVAAANAAAAAQRAAVGTASPRLGSSLRVRVEDGAGGAAHGHGAAGANVDDGEDMLPLPPPPALRGVDSYTASPRSLAAL
QAARGAAGPLSGLLTPPTPTPEASPEKALPPAAAKSAEPAQAEEAPAGESRVVSRAASQAGMKPVDEMREVEPEPELVTF
MVQSGMKSRAAGDAAALAAAALAAEEDERREREALAASEGLDSLAPPPGTSSSSGQVHVPAPYGPVEYGAAPHIARLEMA
GMRPSSGASQSSDPAIKVLSPASEAHRRASTPKSSHGSRVGSPLLPTEAIRRLSPETSNLSRPGSAAVVDAAPAREAPEE
ASARRNLPLPSPQGGSRPASVQRDEQGVEVLALPDTVPEGQEAEAGGPMDEPVQGEGEEGEHGALEASRSLGRQPSRIAF
SESSMRVRAEDQEEDDELDEPPSATAAAGAGPAQASEPQAPPRAGYIPPPSREPAMQSEPLEGTRPMRPSRSVRLVGVPP
PPPPGGVPAPVRRRALASQASLAGTTSQASLGAEASTGEGLVAPPQVLTPEEALSVISQALGTSAPRPIGKPATRHVQLP
PDVERRQSQLAKQQELLAAAQAAVAMRRMASNANSRVGSRATSFSAAAAPGAAGLGLQSMDSTGSGAATDAPGGGAGPST
SSAIPPPPGRAAASPLRPGRRALLASAQSGAGFGLDAAPGEEPSNAVQMAAAALERKQAEEAASKAYVDELMNRMRSGMS
ATGERLALSGRLGSAAGPSGAASPALGAAGGGSRQDSLAGEVSRGSAGLLQQDSLSGTMQLRPSGSIVAPRGAPPMAAFG
SLRKPGTGRSSLNLPPMSPLGATPAATGSGEGAGSGLGPIVPPPPLFTNAPGRPQRVSQLMGQGSQGSFGAGSPSAARSA
AAQAQLSAFTGDLDVEDFDLDSFGSMRRAPAGPTPKRRQAGDDE
;
X
#
loop_
_chem_comp.id
_chem_comp.type
_chem_comp.name
_chem_comp.formula
34V L-saccharide, beta linking beta-L-ribulofuranose 'C5 H10 O5'
A1AIO L-saccharide beta-L-glucofuranose 'C6 H12 O6'
FUB L-saccharide, beta linking beta-L-arabinofuranose 'C5 H10 O5'
GLA D-saccharide, alpha linking alpha-D-galactopyranose 'C6 H12 O6'
NAG D-saccharide, beta linking 2-acetamido-2-deoxy-beta-D-glucopyranose 'C8 H15 N O6'
#
# COMPACT_ATOMS: atom_id res chain seq x y z
N ALA A 43 167.23 11.64 -225.19
CA ALA A 43 168.19 10.88 -224.40
C ALA A 43 167.92 11.01 -222.91
N THR A 44 166.69 10.71 -222.52
CA THR A 44 166.27 10.78 -221.12
C THR A 44 166.21 9.36 -220.55
N TYR A 45 166.78 9.18 -219.37
CA TYR A 45 166.81 7.88 -218.71
C TYR A 45 166.35 8.03 -217.27
N THR A 46 165.42 7.18 -216.86
CA THR A 46 164.93 7.14 -215.48
C THR A 46 165.38 5.83 -214.85
N LEU A 47 166.18 5.93 -213.80
CA LEU A 47 166.75 4.76 -213.15
C LEU A 47 166.16 4.62 -211.76
N THR A 48 165.61 3.45 -211.46
CA THR A 48 165.08 3.13 -210.14
C THR A 48 165.96 2.06 -209.52
N LEU A 49 166.51 2.35 -208.34
CA LEU A 49 167.42 1.45 -207.65
C LEU A 49 166.97 1.27 -206.22
N ASP A 50 167.02 0.03 -205.74
CA ASP A 50 166.64 -0.28 -204.36
C ASP A 50 167.32 -1.57 -203.95
N LYS A 51 167.17 -1.94 -202.68
CA LYS A 51 167.66 -3.20 -202.17
C LYS A 51 166.49 -4.18 -202.06
N LEU A 52 166.52 -5.22 -202.89
CA LEU A 52 165.45 -6.22 -202.85
C LEU A 52 165.47 -7.00 -201.54
N GLY A 53 166.66 -7.37 -201.08
CA GLY A 53 166.80 -8.10 -199.84
C GLY A 53 168.09 -7.76 -199.13
N PRO A 54 168.09 -7.85 -197.79
CA PRO A 54 166.96 -8.21 -196.92
C PRO A 54 165.96 -7.06 -196.78
N THR A 55 164.74 -7.35 -196.32
CA THR A 55 163.75 -6.30 -196.17
C THR A 55 164.19 -5.27 -195.14
N VAL A 56 164.73 -5.73 -194.01
CA VAL A 56 165.27 -4.83 -193.00
C VAL A 56 166.63 -4.33 -193.46
N ASN A 57 167.15 -3.31 -192.79
CA ASN A 57 168.48 -2.81 -193.13
C ASN A 57 169.51 -3.90 -192.87
N PRO A 58 170.40 -4.18 -193.81
CA PRO A 58 171.34 -5.29 -193.63
C PRO A 58 172.35 -5.02 -192.53
N THR A 59 172.79 -6.09 -191.88
CA THR A 59 173.85 -6.00 -190.89
C THR A 59 175.19 -6.25 -191.58
N THR A 60 176.25 -6.43 -190.79
CA THR A 60 177.56 -6.70 -191.36
C THR A 60 177.58 -8.05 -192.08
N SER A 61 177.00 -9.09 -191.47
CA SER A 61 177.16 -10.44 -191.99
C SER A 61 176.34 -10.66 -193.25
N ASP A 62 175.07 -10.24 -193.25
CA ASP A 62 174.16 -10.65 -194.31
C ASP A 62 174.49 -9.97 -195.63
N ALA A 63 174.27 -10.70 -196.72
CA ALA A 63 174.49 -10.17 -198.05
C ALA A 63 173.34 -9.28 -198.48
N VAL A 64 173.62 -8.38 -199.41
CA VAL A 64 172.65 -7.41 -199.90
C VAL A 64 172.47 -7.65 -201.41
N THR A 65 171.22 -7.81 -201.83
CA THR A 65 170.87 -7.98 -203.23
C THR A 65 170.08 -6.77 -203.69
N PHE A 66 170.36 -6.29 -204.89
CA PHE A 66 169.80 -5.04 -205.38
C PHE A 66 168.81 -5.29 -206.52
N THR A 67 167.97 -4.29 -206.75
CA THR A 67 167.00 -4.29 -207.83
C THR A 67 167.10 -2.97 -208.57
N ALA A 68 167.30 -3.03 -209.89
CA ALA A 68 167.46 -1.84 -210.71
C ALA A 68 166.60 -1.96 -211.95
N THR A 69 165.89 -0.88 -212.28
CA THR A 69 165.07 -0.80 -213.48
C THR A 69 165.39 0.49 -214.23
N VAL A 70 165.28 0.42 -215.55
CA VAL A 70 165.59 1.54 -216.43
C VAL A 70 164.39 1.79 -217.34
N ALA A 71 163.99 3.05 -217.46
CA ALA A 71 162.89 3.44 -218.32
C ALA A 71 163.28 4.68 -219.10
N SER A 72 163.35 4.57 -220.43
CA SER A 72 163.70 5.70 -221.28
C SER A 72 162.45 6.23 -221.98
N PRO A 73 162.00 7.44 -221.66
CA PRO A 73 160.77 7.96 -222.30
C PRO A 73 160.87 8.09 -223.81
N ASP A 74 162.06 8.39 -224.36
CA ASP A 74 162.15 8.66 -225.79
C ASP A 74 163.25 7.87 -226.48
N SER A 75 164.29 7.48 -225.75
CA SER A 75 165.45 6.81 -226.34
C SER A 75 165.29 5.30 -226.20
N THR A 76 164.61 4.69 -227.17
CA THR A 76 164.40 3.24 -227.19
C THR A 76 165.61 2.60 -227.87
N THR A 77 166.58 2.18 -227.07
CA THR A 77 167.80 1.59 -227.58
C THR A 77 168.41 0.71 -226.49
N ALA A 78 169.66 0.30 -226.67
CA ALA A 78 170.35 -0.54 -225.72
C ALA A 78 171.52 0.23 -225.10
N VAL A 79 171.64 0.13 -223.77
CA VAL A 79 172.72 0.78 -223.03
C VAL A 79 173.32 -0.25 -222.08
N PHE A 80 174.50 0.07 -221.57
CA PHE A 80 175.25 -0.85 -220.72
C PHE A 80 175.30 -0.31 -219.29
N PHE A 81 174.89 -1.14 -218.35
CA PHE A 81 174.79 -0.74 -216.95
C PHE A 81 175.94 -1.32 -216.13
N THR A 82 176.42 -0.53 -215.18
CA THR A 82 177.45 -0.94 -214.24
C THR A 82 177.00 -0.59 -212.82
N LEU A 83 177.38 -1.43 -211.87
CA LEU A 83 176.95 -1.28 -210.48
C LEU A 83 178.18 -1.22 -209.58
N ASP A 84 178.29 -0.14 -208.81
CA ASP A 84 179.36 0.04 -207.84
C ASP A 84 178.77 -0.04 -206.44
N TYR A 85 179.32 -0.93 -205.62
CA TYR A 85 178.77 -1.16 -204.29
C TYR A 85 179.23 -0.15 -203.26
N GLY A 86 180.28 0.61 -203.56
CA GLY A 86 180.73 1.66 -202.68
C GLY A 86 181.46 1.21 -201.43
N ASP A 87 181.71 -0.10 -201.28
CA ASP A 87 182.43 -0.57 -200.10
C ASP A 87 183.90 -0.22 -200.16
N GLY A 88 184.45 -0.05 -201.37
CA GLY A 88 185.85 0.28 -201.52
C GLY A 88 186.71 -0.90 -201.87
N VAL A 89 186.45 -2.04 -201.22
CA VAL A 89 187.23 -3.24 -201.50
C VAL A 89 186.91 -3.77 -202.90
N THR A 90 185.63 -3.86 -203.24
CA THR A 90 185.21 -4.38 -204.53
C THR A 90 185.23 -3.27 -205.57
N ALA A 91 185.71 -3.60 -206.77
CA ALA A 91 185.80 -2.63 -207.84
C ALA A 91 184.47 -2.55 -208.59
N GLU A 92 184.40 -1.63 -209.55
CA GLU A 92 183.20 -1.45 -210.35
C GLU A 92 182.96 -2.68 -211.23
N THR A 93 181.70 -3.12 -211.28
CA THR A 93 181.35 -4.29 -212.07
C THR A 93 181.49 -3.99 -213.55
N THR A 94 181.67 -5.05 -214.34
CA THR A 94 181.82 -4.93 -215.78
C THR A 94 180.51 -4.45 -216.41
N ARG A 95 180.64 -3.72 -217.52
CA ARG A 95 179.47 -3.24 -218.24
C ARG A 95 178.66 -4.41 -218.79
N THR A 96 177.34 -4.30 -218.68
CA THR A 96 176.44 -5.34 -219.16
C THR A 96 175.27 -4.69 -219.87
N THR A 97 174.85 -5.30 -220.98
CA THR A 97 173.80 -4.72 -221.80
C THR A 97 172.46 -4.75 -221.08
N THR A 98 171.58 -3.83 -221.47
CA THR A 98 170.25 -3.72 -220.89
C THR A 98 169.14 -4.21 -221.83
N GLY A 99 169.33 -4.07 -223.14
CA GLY A 99 168.30 -4.40 -224.10
C GLY A 99 167.52 -3.18 -224.53
N ALA A 100 166.54 -3.42 -225.40
CA ALA A 100 165.72 -2.34 -225.93
C ALA A 100 164.89 -1.71 -224.82
N LEU A 101 165.10 -0.43 -224.56
CA LEU A 101 164.36 0.27 -223.53
C LEU A 101 163.02 0.76 -224.07
N SER A 102 162.19 1.26 -223.16
CA SER A 102 160.86 1.75 -223.52
C SER A 102 160.36 2.62 -222.37
N THR A 103 159.12 3.09 -222.50
CA THR A 103 158.53 3.92 -221.45
C THR A 103 158.37 3.13 -220.16
N THR A 104 157.90 1.90 -220.25
CA THR A 104 157.81 1.06 -219.05
C THR A 104 159.21 0.57 -218.67
N PRO A 105 159.52 0.54 -217.38
CA PRO A 105 160.86 0.12 -216.96
C PRO A 105 161.11 -1.35 -217.24
N THR A 106 162.38 -1.69 -217.47
CA THR A 106 162.77 -3.08 -217.62
C THR A 106 162.59 -3.82 -216.31
N ALA A 107 162.32 -5.12 -216.42
CA ALA A 107 161.98 -5.93 -215.25
C ALA A 107 163.27 -6.39 -214.57
N ASN A 108 163.65 -5.68 -213.52
CA ASN A 108 164.76 -6.05 -212.64
C ASN A 108 166.04 -6.33 -213.45
N LEU A 109 166.55 -5.25 -214.04
CA LEU A 109 167.77 -5.33 -214.84
C LEU A 109 168.90 -6.03 -214.09
N VAL A 110 169.03 -5.74 -212.79
CA VAL A 110 169.99 -6.43 -211.94
C VAL A 110 169.27 -7.68 -211.40
N SER A 111 169.59 -8.84 -211.97
CA SER A 111 169.00 -10.09 -211.53
C SER A 111 169.75 -10.56 -210.28
N ALA A 112 169.50 -11.80 -209.87
CA ALA A 112 170.21 -12.37 -208.72
C ALA A 112 171.70 -12.42 -208.99
N GLY A 113 172.10 -13.22 -209.98
CA GLY A 113 173.48 -13.30 -210.44
C GLY A 113 174.53 -13.31 -209.36
N THR A 114 175.61 -12.57 -209.57
CA THR A 114 176.67 -12.39 -208.59
C THR A 114 176.75 -10.94 -208.11
N TYR A 115 175.63 -10.22 -208.19
CA TYR A 115 175.60 -8.82 -207.81
C TYR A 115 175.51 -8.61 -206.31
N THR A 116 175.33 -9.67 -205.53
CA THR A 116 175.27 -9.55 -204.09
C THR A 116 176.62 -9.12 -203.53
N VAL A 117 176.59 -8.37 -202.43
CA VAL A 117 177.79 -7.89 -201.78
C VAL A 117 177.52 -7.73 -200.29
N THR A 118 178.41 -8.27 -199.47
CA THR A 118 178.34 -8.09 -198.02
C THR A 118 179.33 -7.02 -197.59
N TYR A 119 178.93 -6.24 -196.60
CA TYR A 119 179.72 -5.09 -196.16
C TYR A 119 180.44 -5.44 -194.86
N ALA A 120 181.75 -5.17 -194.83
CA ALA A 120 182.56 -5.46 -193.66
C ALA A 120 182.53 -4.33 -192.64
N SER A 121 181.93 -3.19 -192.97
CA SER A 121 181.87 -2.04 -192.06
C SER A 121 180.43 -1.53 -191.98
N ILE A 122 180.08 -1.04 -190.81
CA ILE A 122 178.74 -0.50 -190.57
C ILE A 122 178.74 0.98 -190.94
N GLY A 123 177.53 1.51 -191.16
CA GLY A 123 177.37 2.92 -191.46
C GLY A 123 176.56 3.11 -192.71
N THR A 124 176.75 4.27 -193.34
CA THR A 124 176.02 4.64 -194.55
C THR A 124 176.90 4.35 -195.76
N LYS A 125 176.50 3.38 -196.57
CA LYS A 125 177.16 3.06 -197.82
C LYS A 125 176.35 3.62 -198.98
N PHE A 126 177.01 3.83 -200.11
CA PHE A 126 176.37 4.33 -201.31
C PHE A 126 176.55 3.35 -202.44
N VAL A 127 175.46 2.95 -203.08
CA VAL A 127 175.49 2.11 -204.27
C VAL A 127 175.15 2.99 -205.47
N THR A 128 175.81 2.72 -206.60
CA THR A 128 175.65 3.57 -207.77
C THR A 128 175.40 2.70 -208.99
N LEU A 129 174.35 3.03 -209.73
CA LEU A 129 174.05 2.39 -211.01
C LEU A 129 174.32 3.41 -212.12
N ARG A 130 175.21 3.07 -213.04
CA ARG A 130 175.61 3.97 -214.10
C ARG A 130 175.30 3.35 -215.46
N LEU A 131 174.82 4.17 -216.38
CA LEU A 131 174.45 3.74 -217.72
C LEU A 131 175.33 4.44 -218.73
N TYR A 132 175.97 3.65 -219.60
CA TYR A 132 176.89 4.11 -220.63
C TYR A 132 176.38 3.66 -221.99
N ASP A 133 176.85 4.36 -223.03
CA ASP A 133 176.44 4.04 -224.39
C ASP A 133 177.07 2.74 -224.88
N SER A 134 178.37 2.56 -224.64
CA SER A 134 179.12 1.45 -225.21
C SER A 134 179.73 0.59 -224.11
N ALA A 135 179.85 -0.71 -224.39
CA ALA A 135 180.44 -1.64 -223.43
C ALA A 135 181.94 -1.41 -223.26
N VAL A 136 182.59 -0.87 -224.29
CA VAL A 136 184.03 -0.62 -224.23
C VAL A 136 184.29 0.55 -223.29
N ALA A 137 185.55 0.73 -222.90
CA ALA A 137 185.92 1.79 -221.99
C ALA A 137 186.92 2.74 -222.64
N PRO A 138 186.80 4.05 -222.38
CA PRO A 138 185.76 4.71 -221.59
C PRO A 138 184.63 5.25 -222.46
N GLY A 139 183.41 4.75 -222.27
CA GLY A 139 182.27 5.23 -223.02
C GLY A 139 181.70 6.52 -222.44
N VAL A 140 180.63 6.97 -223.07
CA VAL A 140 179.94 8.18 -222.62
C VAL A 140 179.00 7.82 -221.49
N LEU A 141 179.17 8.46 -220.34
CA LEU A 141 178.34 8.21 -219.18
C LEU A 141 176.96 8.81 -219.43
N LEU A 142 176.01 7.97 -219.84
CA LEU A 142 174.68 8.48 -220.18
C LEU A 142 173.92 8.91 -218.93
N ALA A 143 174.00 8.12 -217.86
CA ALA A 143 173.21 8.44 -216.68
C ALA A 143 173.85 7.83 -215.44
N SER A 144 173.45 8.33 -214.28
CA SER A 144 173.96 7.83 -213.00
C SER A 144 172.88 7.99 -211.95
N LYS A 145 172.82 7.02 -211.04
CA LYS A 145 171.87 7.05 -209.92
C LYS A 145 172.56 6.51 -208.68
N THR A 146 172.31 7.15 -207.54
CA THR A 146 172.92 6.76 -206.28
C THR A 146 171.85 6.48 -205.24
N VAL A 147 172.03 5.41 -204.48
CA VAL A 147 171.09 5.01 -203.45
C VAL A 147 171.86 4.73 -202.16
N PRO A 148 171.39 5.23 -201.01
CA PRO A 148 172.06 4.95 -199.74
C PRO A 148 171.52 3.71 -199.05
N ILE A 149 172.46 2.90 -198.55
CA ILE A 149 172.16 1.70 -197.78
C ILE A 149 172.69 1.90 -196.37
N TYR A 150 171.92 1.50 -195.37
CA TYR A 150 172.31 1.62 -193.97
C TYR A 150 172.66 0.24 -193.44
N VAL A 151 173.89 0.09 -192.95
CA VAL A 151 174.40 -1.18 -192.45
C VAL A 151 174.51 -1.06 -190.94
N GLU A 152 173.63 -1.73 -190.23
CA GLU A 152 173.68 -1.79 -188.77
C GLU A 152 174.70 -2.83 -188.32
N ASP A 153 174.96 -2.85 -187.02
CA ASP A 153 175.91 -3.78 -186.43
C ASP A 153 175.16 -4.85 -185.64
N SER A 154 175.60 -6.10 -185.81
CA SER A 154 175.02 -7.22 -185.08
C SER A 154 175.50 -7.32 -183.64
N THR A 155 176.55 -6.57 -183.28
CA THR A 155 177.08 -6.64 -181.93
C THR A 155 176.12 -6.06 -180.91
N LEU A 156 175.33 -5.06 -181.30
CA LEU A 156 174.39 -4.39 -180.40
C LEU A 156 172.97 -4.79 -180.75
N THR A 157 172.23 -5.26 -179.75
CA THR A 157 170.82 -5.60 -179.90
C THR A 157 169.99 -4.64 -179.08
N ALA A 158 169.02 -3.99 -179.73
CA ALA A 158 168.14 -3.03 -179.09
C ALA A 158 166.70 -3.53 -179.16
N THR A 159 165.97 -3.39 -178.05
CA THR A 159 164.59 -3.82 -177.96
C THR A 159 163.75 -2.74 -177.30
N LEU A 160 162.46 -2.75 -177.65
CA LEU A 160 161.49 -1.78 -177.14
C LEU A 160 160.35 -2.55 -176.50
N LEU A 161 160.07 -2.26 -175.23
CA LEU A 161 159.02 -2.92 -174.48
C LEU A 161 158.05 -1.87 -173.93
N GLN A 162 156.76 -2.12 -174.09
CA GLN A 162 155.72 -1.22 -173.61
C GLN A 162 154.98 -1.92 -172.47
N SER A 163 154.96 -1.27 -171.31
CA SER A 163 154.30 -1.85 -170.14
C SER A 163 152.79 -1.88 -170.31
N GLY A 164 152.21 -0.75 -170.74
CA GLY A 164 150.78 -0.64 -170.92
C GLY A 164 150.37 -0.57 -172.37
N VAL A 165 149.09 -0.33 -172.57
CA VAL A 165 148.50 -0.20 -173.91
C VAL A 165 148.27 1.28 -174.18
N PRO A 166 148.75 1.82 -175.30
CA PRO A 166 148.57 3.25 -175.56
C PRO A 166 147.10 3.61 -175.75
N ARG A 167 146.77 4.85 -175.39
CA ARG A 167 145.42 5.38 -175.52
C ARG A 167 145.40 6.48 -176.58
N LEU A 168 144.29 6.58 -177.30
CA LEU A 168 144.17 7.56 -178.36
C LEU A 168 144.17 8.97 -177.78
N ASN A 169 145.00 9.84 -178.36
CA ASN A 169 145.10 11.25 -177.98
C ASN A 169 145.48 11.43 -176.52
N LEU A 170 146.09 10.42 -175.90
CA LEU A 170 146.52 10.48 -174.52
C LEU A 170 148.00 10.17 -174.43
N ALA A 171 148.71 10.94 -173.60
CA ALA A 171 150.15 10.75 -173.46
C ALA A 171 150.45 9.38 -172.86
N PHE A 172 151.11 8.53 -173.65
CA PHE A 172 151.48 7.19 -173.23
C PHE A 172 152.94 7.20 -172.79
N SER A 173 153.18 6.88 -171.53
CA SER A 173 154.52 6.89 -170.95
C SER A 173 155.01 5.50 -170.59
N GLY A 174 154.41 4.46 -171.16
CA GLY A 174 154.79 3.09 -170.87
C GLY A 174 155.94 2.54 -171.68
N PHE A 175 156.46 3.28 -172.64
CA PHE A 175 157.55 2.79 -173.47
C PHE A 175 158.84 2.69 -172.67
N LYS A 176 159.69 1.76 -173.07
CA LYS A 176 160.97 1.56 -172.42
C LYS A 176 161.92 0.91 -173.41
N GLY A 177 163.18 1.33 -173.42
CA GLY A 177 164.15 0.82 -174.36
C GLY A 177 165.27 0.10 -173.63
N ARG A 178 165.79 -0.94 -174.26
CA ARG A 178 166.88 -1.72 -173.68
C ARG A 178 167.91 -2.03 -174.75
N VAL A 179 169.18 -2.03 -174.37
CA VAL A 179 170.28 -2.26 -175.28
C VAL A 179 171.25 -3.24 -174.65
N SER A 180 171.83 -4.11 -175.48
CA SER A 180 172.80 -5.09 -175.01
C SER A 180 173.88 -5.24 -176.08
N SER A 181 175.12 -4.97 -175.70
CA SER A 181 176.25 -5.02 -176.63
C SER A 181 177.14 -6.21 -176.28
N SER A 182 177.39 -7.06 -177.27
CA SER A 182 178.32 -8.17 -177.07
C SER A 182 179.73 -7.67 -176.79
N THR A 183 180.15 -6.62 -177.48
CA THR A 183 181.43 -5.98 -177.20
C THR A 183 181.29 -5.06 -175.99
N ALA A 184 182.40 -4.89 -175.28
CA ALA A 184 182.42 -4.05 -174.09
C ALA A 184 182.76 -2.62 -174.45
N ASN A 185 182.43 -1.71 -173.53
CA ASN A 185 182.73 -0.28 -173.65
C ASN A 185 182.14 0.31 -174.93
N ARG A 186 180.84 0.07 -175.12
CA ARG A 186 180.13 0.70 -176.24
C ARG A 186 180.02 2.20 -176.01
N ALA A 187 180.17 2.96 -177.08
CA ALA A 187 180.13 4.42 -176.99
C ALA A 187 178.72 4.89 -176.63
N ASP A 188 178.64 6.14 -176.19
CA ASP A 188 177.36 6.73 -175.81
C ASP A 188 176.42 6.74 -177.01
N MET A 189 175.14 6.48 -176.75
CA MET A 189 174.18 6.28 -177.82
C MET A 189 173.05 7.30 -177.72
N TRP A 190 172.19 7.29 -178.73
CA TRP A 190 171.00 8.14 -178.74
C TRP A 190 169.87 7.35 -179.36
N ALA A 191 168.65 7.65 -178.93
CA ALA A 191 167.48 6.88 -179.34
C ALA A 191 166.41 7.81 -179.91
N THR A 192 165.80 7.39 -181.01
CA THR A 192 164.64 8.03 -181.57
C THR A 192 163.54 6.99 -181.74
N ILE A 193 162.29 7.43 -181.56
CA ILE A 193 161.15 6.53 -181.69
C ILE A 193 160.19 7.12 -182.72
N GLN A 194 159.88 6.34 -183.74
CA GLN A 194 158.90 6.74 -184.76
C GLN A 194 157.60 6.00 -184.48
N LEU A 195 156.53 6.77 -184.24
CA LEU A 195 155.27 6.17 -183.81
C LEU A 195 154.65 5.30 -184.91
N ASP A 196 154.75 5.74 -186.16
CA ASP A 196 154.13 5.00 -187.25
C ASP A 196 154.86 5.33 -188.55
N THR A 197 154.62 4.49 -189.55
CA THR A 197 155.18 4.70 -190.89
C THR A 197 154.28 5.52 -191.79
N ALA A 198 153.22 6.10 -191.24
CA ALA A 198 152.34 6.95 -192.02
C ALA A 198 153.10 8.18 -192.50
N PRO A 199 152.70 8.76 -193.64
CA PRO A 199 153.46 9.91 -194.18
C PRO A 199 153.56 11.09 -193.23
N GLY A 200 152.53 11.35 -192.44
CA GLY A 200 152.55 12.51 -191.55
C GLY A 200 153.46 12.34 -190.35
N VAL A 201 153.77 11.11 -189.96
CA VAL A 201 154.55 10.87 -188.76
C VAL A 201 156.01 11.16 -189.03
N PHE A 202 156.68 11.77 -188.04
CA PHE A 202 158.09 12.11 -188.14
C PHE A 202 158.86 11.48 -186.99
N GLU A 203 160.17 11.33 -187.18
CA GLU A 203 161.02 10.83 -186.13
C GLU A 203 161.06 11.81 -184.96
N SER A 204 161.08 11.26 -183.76
CA SER A 204 161.18 12.09 -182.56
C SER A 204 162.59 12.61 -182.38
N SER A 205 162.73 13.63 -181.55
CA SER A 205 164.04 14.16 -181.21
C SER A 205 164.85 13.12 -180.44
N ARG A 206 166.16 13.09 -180.69
CA ARG A 206 167.01 12.08 -180.08
C ARG A 206 167.11 12.27 -178.58
N ILE A 207 167.12 11.16 -177.85
CA ILE A 207 167.26 11.15 -176.40
C ILE A 207 168.56 10.44 -176.04
N PHE A 208 169.28 10.98 -175.07
CA PHE A 208 170.59 10.47 -174.73
C PHE A 208 170.48 9.13 -174.00
N ILE A 209 171.30 8.17 -174.42
CA ILE A 209 171.43 6.89 -173.75
C ILE A 209 172.88 6.75 -173.32
N GLY A 210 173.10 6.48 -172.04
CA GLY A 210 174.43 6.51 -171.48
C GLY A 210 175.33 5.40 -172.00
N ILE A 211 176.58 5.46 -171.55
CA ILE A 211 177.57 4.47 -171.96
C ILE A 211 177.14 3.08 -171.50
N ALA A 212 177.60 2.06 -172.22
CA ALA A 212 177.30 0.67 -171.91
C ALA A 212 178.62 -0.09 -171.78
N PRO A 213 179.33 0.12 -170.66
CA PRO A 213 180.67 -0.48 -170.51
C PRO A 213 180.63 -2.00 -170.44
N THR A 214 179.83 -2.55 -169.53
CA THR A 214 179.78 -3.98 -169.34
C THR A 214 179.14 -4.64 -170.57
N ALA A 215 179.72 -5.76 -171.00
CA ALA A 215 179.27 -6.45 -172.19
C ALA A 215 178.22 -7.51 -171.83
N SER A 216 177.35 -7.79 -172.80
CA SER A 216 176.32 -8.83 -172.69
C SER A 216 175.44 -8.62 -171.46
N THR A 217 175.06 -7.37 -171.21
CA THR A 217 174.15 -7.04 -170.13
C THR A 217 173.08 -6.09 -170.66
N ASN A 218 171.93 -6.09 -169.99
CA ASN A 218 170.78 -5.33 -170.42
C ASN A 218 170.83 -3.94 -169.78
N TYR A 219 171.17 -2.93 -170.56
CA TYR A 219 171.15 -1.55 -170.11
C TYR A 219 169.82 -0.91 -170.52
N ASP A 220 169.15 -0.30 -169.56
CA ASP A 220 167.78 0.16 -169.72
C ASP A 220 167.71 1.69 -169.78
N PHE A 221 166.67 2.19 -170.44
CA PHE A 221 166.41 3.63 -170.48
C PHE A 221 164.92 3.84 -170.75
N VAL A 222 164.47 5.05 -170.46
CA VAL A 222 163.07 5.42 -170.64
C VAL A 222 162.94 6.31 -171.87
N ILE A 223 161.72 6.44 -172.35
CA ILE A 223 161.41 7.25 -173.52
C ILE A 223 160.39 8.31 -173.11
N PRO A 224 160.53 9.55 -173.56
CA PRO A 224 159.50 10.56 -173.27
C PRO A 224 158.16 10.13 -173.84
N ASP A 225 157.09 10.47 -173.12
CA ASP A 225 155.76 10.02 -173.48
C ASP A 225 155.38 10.52 -174.87
N GLN A 226 154.78 9.61 -175.65
CA GLN A 226 154.35 9.91 -177.01
C GLN A 226 152.84 9.88 -177.10
N VAL A 227 152.28 10.75 -177.92
CA VAL A 227 150.83 10.87 -178.08
C VAL A 227 150.47 10.35 -179.47
N TYR A 228 149.61 9.34 -179.52
CA TYR A 228 149.16 8.80 -180.79
C TYR A 228 147.99 9.62 -181.32
N ASN A 229 147.60 9.33 -182.56
CA ASN A 229 146.55 10.08 -183.23
C ASN A 229 145.47 9.24 -183.88
N LEU A 230 145.74 7.97 -184.20
CA LEU A 230 144.76 7.13 -184.88
C LEU A 230 144.59 5.82 -184.12
N GLU A 231 143.35 5.37 -184.02
CA GLU A 231 143.07 4.07 -183.43
C GLU A 231 143.45 2.96 -184.41
N GLY A 232 144.08 1.92 -183.90
CA GLY A 232 144.46 0.78 -184.71
C GLY A 232 145.86 0.34 -184.40
N ALA A 233 146.38 -0.58 -185.22
CA ALA A 233 147.73 -1.07 -185.07
C ALA A 233 148.72 -0.15 -185.75
N LYS A 234 149.89 0.02 -185.15
CA LYS A 234 150.93 0.88 -185.69
C LYS A 234 152.27 0.16 -185.62
N THR A 235 153.13 0.45 -186.59
CA THR A 235 154.48 -0.12 -186.62
C THR A 235 155.45 0.90 -186.05
N THR A 236 155.44 1.02 -184.73
CA THR A 236 156.38 1.89 -184.04
C THR A 236 157.78 1.30 -184.10
N VAL A 237 158.76 2.11 -184.48
CA VAL A 237 160.13 1.63 -184.62
C VAL A 237 161.04 2.44 -183.71
N LEU A 238 162.15 1.81 -183.31
CA LEU A 238 163.13 2.43 -182.44
C LEU A 238 164.47 2.42 -183.18
N ARG A 239 165.09 3.59 -183.28
CA ARG A 239 166.37 3.74 -183.97
C ARG A 239 167.42 4.18 -182.96
N ILE A 240 168.50 3.40 -182.86
CA ILE A 240 169.64 3.72 -182.02
C ILE A 240 170.75 4.25 -182.92
N TYR A 241 171.16 5.49 -182.66
CA TYR A 241 172.22 6.19 -183.38
C TYR A 241 173.42 6.35 -182.45
N ASP A 242 174.58 6.61 -183.06
CA ASP A 242 175.80 6.89 -182.31
C ASP A 242 176.08 8.38 -182.16
N ALA A 243 175.31 9.24 -182.81
CA ALA A 243 175.55 10.68 -182.76
C ALA A 243 174.24 11.41 -182.49
N PRO A 244 174.31 12.54 -181.78
CA PRO A 244 173.06 13.27 -181.47
C PRO A 244 172.54 14.07 -182.66
N VAL A 245 173.46 14.61 -183.48
CA VAL A 245 173.07 15.47 -184.58
C VAL A 245 172.92 14.73 -185.90
N GLY A 246 173.36 13.48 -185.98
CA GLY A 246 173.28 12.70 -187.19
C GLY A 246 174.57 11.94 -187.44
N GLY A 247 174.46 10.78 -188.06
CA GLY A 247 175.61 9.95 -188.35
C GLY A 247 175.23 8.53 -188.72
N THR A 248 175.92 7.55 -188.15
CA THR A 248 175.63 6.16 -188.45
C THR A 248 174.38 5.70 -187.72
N LEU A 249 173.70 4.71 -188.29
CA LEU A 249 172.53 4.09 -187.69
C LEU A 249 172.98 2.78 -187.04
N LEU A 250 173.16 2.83 -185.71
CA LEU A 250 173.64 1.65 -185.00
C LEU A 250 172.65 0.49 -185.09
N ARG A 251 171.37 0.77 -184.88
CA ARG A 251 170.40 -0.33 -184.86
C ARG A 251 169.00 0.20 -185.14
N THR A 252 168.17 -0.66 -185.74
CA THR A 252 166.75 -0.41 -185.91
C THR A 252 165.98 -1.61 -185.39
N PHE A 253 165.02 -1.37 -184.49
CA PHE A 253 164.21 -2.42 -183.92
C PHE A 253 162.73 -2.15 -184.20
N THR A 254 162.02 -3.21 -184.58
CA THR A 254 160.59 -3.17 -184.80
C THR A 254 159.97 -4.37 -184.10
N PRO A 255 158.95 -4.17 -183.26
CA PRO A 255 158.33 -5.31 -182.58
C PRO A 255 157.68 -6.27 -183.56
N ALA A 256 157.67 -7.55 -183.19
CA ALA A 256 157.06 -8.56 -184.03
C ALA A 256 155.55 -8.34 -184.14
N ALA A 257 154.99 -8.75 -185.27
CA ALA A 257 153.56 -8.57 -185.51
C ALA A 257 152.70 -9.29 -184.48
N ALA A 258 153.25 -10.30 -183.80
CA ALA A 258 152.51 -10.96 -182.73
C ALA A 258 152.21 -10.01 -181.60
N ASN A 259 153.18 -9.18 -181.23
CA ASN A 259 153.02 -8.16 -180.19
C ASN A 259 153.38 -6.82 -180.79
N ALA A 260 152.41 -6.18 -181.43
CA ALA A 260 152.58 -4.88 -182.06
C ALA A 260 151.83 -3.81 -181.29
N VAL A 261 152.27 -2.57 -181.44
CA VAL A 261 151.63 -1.46 -180.75
C VAL A 261 150.22 -1.27 -181.30
N TYR A 262 149.25 -1.21 -180.39
CA TYR A 262 147.85 -1.01 -180.75
C TYR A 262 147.29 0.13 -179.91
N VAL A 263 146.74 1.14 -180.58
CA VAL A 263 146.12 2.28 -179.92
C VAL A 263 144.62 2.05 -179.93
N VAL A 264 144.01 2.12 -178.75
CA VAL A 264 142.59 1.82 -178.57
C VAL A 264 141.89 3.04 -178.01
N ASP A 265 140.66 3.27 -178.46
CA ASP A 265 139.86 4.36 -177.93
C ASP A 265 139.19 3.92 -176.63
N PRO A 266 139.45 4.59 -175.50
CA PRO A 266 138.74 4.22 -174.27
C PRO A 266 137.24 4.36 -174.36
N SER A 267 136.75 5.34 -175.13
CA SER A 267 135.31 5.53 -175.26
C SER A 267 134.65 4.44 -176.10
N LYS A 268 135.42 3.73 -176.92
CA LYS A 268 134.84 2.70 -177.78
C LYS A 268 134.47 1.44 -177.03
N TYR A 269 135.02 1.22 -175.84
CA TYR A 269 134.67 0.04 -175.05
C TYR A 269 133.22 0.13 -174.59
N VAL A 270 132.54 -1.01 -174.60
CA VAL A 270 131.14 -1.10 -174.18
C VAL A 270 131.09 -2.00 -172.95
N LEU A 271 130.55 -1.48 -171.86
CA LEU A 271 130.43 -2.20 -170.60
C LEU A 271 128.98 -2.20 -170.15
N THR A 272 128.48 -3.38 -169.80
CA THR A 272 127.12 -3.54 -169.29
C THR A 272 127.23 -4.23 -167.94
N LEU A 273 127.17 -3.45 -166.87
CA LEU A 273 127.33 -3.96 -165.51
C LEU A 273 125.95 -4.10 -164.88
N THR A 274 125.64 -5.30 -164.39
CA THR A 274 124.37 -5.59 -163.74
C THR A 274 124.65 -6.02 -162.31
N VAL A 275 124.08 -5.29 -161.35
CA VAL A 275 124.26 -5.58 -159.94
C VAL A 275 122.89 -5.77 -159.29
N GLY A 276 122.87 -5.94 -157.98
CA GLY A 276 121.63 -6.11 -157.24
C GLY A 276 120.79 -4.86 -157.25
N PRO A 277 119.74 -4.84 -156.42
CA PRO A 277 118.86 -3.66 -156.36
C PRO A 277 119.64 -2.41 -155.98
N THR A 278 119.24 -1.29 -156.59
CA THR A 278 119.97 -0.04 -156.40
C THR A 278 119.78 0.50 -154.99
N SER A 279 118.54 0.51 -154.50
CA SER A 279 118.22 1.05 -153.18
C SER A 279 117.96 -0.13 -152.24
N VAL A 280 118.85 -0.30 -151.27
CA VAL A 280 118.77 -1.38 -150.28
C VAL A 280 119.24 -0.83 -148.94
N THR A 281 119.18 -1.68 -147.92
CA THR A 281 119.68 -1.37 -146.59
C THR A 281 120.91 -2.23 -146.31
N THR A 282 121.44 -2.07 -145.10
CA THR A 282 122.62 -2.85 -144.71
C THR A 282 122.30 -4.31 -144.45
N ALA A 283 121.03 -4.69 -144.41
CA ALA A 283 120.63 -6.07 -144.18
C ALA A 283 120.24 -6.81 -145.45
N ASP A 284 120.12 -6.11 -146.58
CA ASP A 284 119.75 -6.76 -147.82
C ASP A 284 120.94 -7.47 -148.44
N GLN A 285 120.72 -8.09 -149.60
CA GLN A 285 121.74 -8.80 -150.33
C GLN A 285 121.85 -8.21 -151.73
N VAL A 286 123.04 -7.75 -152.09
CA VAL A 286 123.31 -7.19 -153.42
C VAL A 286 124.03 -8.25 -154.22
N THR A 287 123.45 -8.64 -155.35
CA THR A 287 123.98 -9.72 -156.18
C THR A 287 124.51 -9.15 -157.48
N PHE A 288 125.77 -9.43 -157.78
CA PHE A 288 126.41 -9.04 -159.02
C PHE A 288 126.54 -10.29 -159.88
N THR A 289 125.92 -10.26 -161.07
CA THR A 289 125.88 -11.42 -161.96
C THR A 289 127.02 -11.29 -162.97
N GLN A 290 127.98 -12.21 -162.88
CA GLN A 290 129.08 -12.22 -163.84
C GLN A 290 128.59 -12.51 -165.25
N THR A 291 127.65 -13.46 -165.38
CA THR A 291 127.18 -13.86 -166.70
C THR A 291 126.48 -12.72 -167.42
N THR A 292 125.64 -11.97 -166.71
CA THR A 292 124.90 -10.89 -167.36
C THR A 292 125.80 -9.70 -167.65
N THR A 293 126.69 -9.36 -166.72
CA THR A 293 127.64 -8.28 -166.95
C THR A 293 128.59 -8.65 -168.08
N GLU A 294 128.78 -7.72 -169.02
CA GLU A 294 129.46 -8.03 -170.26
C GLU A 294 130.36 -6.88 -170.67
N VAL A 295 131.48 -7.23 -171.33
CA VAL A 295 132.42 -6.25 -171.85
C VAL A 295 132.65 -6.56 -173.33
N SER A 296 132.89 -5.50 -174.11
CA SER A 296 133.14 -5.67 -175.53
C SER A 296 133.87 -4.45 -176.07
N TYR A 297 134.46 -4.62 -177.25
CA TYR A 297 135.14 -3.53 -177.95
C TYR A 297 134.56 -3.42 -179.35
N SER A 298 133.80 -2.36 -179.60
CA SER A 298 133.05 -2.23 -180.84
C SER A 298 133.87 -1.69 -182.01
N ALA A 299 135.10 -1.20 -181.76
CA ALA A 299 135.85 -0.55 -182.82
C ALA A 299 136.35 -1.56 -183.86
N SER A 300 136.94 -2.66 -183.40
CA SER A 300 137.55 -3.60 -184.33
C SER A 300 137.61 -4.98 -183.70
N ALA A 301 137.77 -5.99 -184.54
CA ALA A 301 137.87 -7.37 -184.05
C ALA A 301 139.19 -7.61 -183.32
N THR A 302 140.29 -7.13 -183.88
CA THR A 302 141.59 -7.30 -183.25
C THR A 302 141.83 -6.21 -182.22
N SER A 303 142.19 -6.61 -181.00
CA SER A 303 142.44 -5.68 -179.92
C SER A 303 143.25 -6.39 -178.85
N PRO A 304 144.15 -5.69 -178.16
CA PRO A 304 144.83 -6.30 -177.02
C PRO A 304 143.86 -6.61 -175.90
N ILE A 305 144.13 -7.69 -175.18
CA ILE A 305 143.24 -8.10 -174.10
C ILE A 305 143.46 -7.22 -172.87
N LEU A 306 142.45 -7.18 -172.01
CA LEU A 306 142.47 -6.36 -170.81
C LEU A 306 141.94 -7.17 -169.64
N GLN A 307 142.31 -6.76 -168.43
CA GLN A 307 141.89 -7.44 -167.21
C GLN A 307 140.71 -6.70 -166.61
N TRP A 308 139.61 -7.41 -166.38
CA TRP A 308 138.44 -6.80 -165.75
C TRP A 308 138.55 -6.95 -164.24
N ARG A 309 138.32 -5.86 -163.52
CA ARG A 309 138.38 -5.86 -162.06
C ARG A 309 137.16 -5.16 -161.51
N PHE A 310 136.52 -5.78 -160.52
CA PHE A 310 135.28 -5.28 -159.95
C PHE A 310 135.48 -4.94 -158.48
N ASN A 311 135.02 -3.76 -158.08
CA ASN A 311 135.12 -3.29 -156.71
C ASN A 311 133.73 -2.96 -156.18
N TRP A 312 133.47 -3.40 -154.94
CA TRP A 312 132.19 -3.15 -154.29
C TRP A 312 132.12 -1.78 -153.63
N ASP A 313 133.21 -1.02 -153.62
CA ASP A 313 133.27 0.28 -152.97
C ASP A 313 132.94 0.16 -151.48
N ASP A 314 133.48 -0.86 -150.83
CA ASP A 314 133.30 -1.06 -149.39
C ASP A 314 134.65 -1.40 -148.80
N PRO A 315 135.06 -0.75 -147.71
CA PRO A 315 136.37 -1.04 -147.12
C PRO A 315 136.51 -2.45 -146.60
N SER A 316 135.44 -3.07 -146.13
CA SER A 316 135.55 -4.38 -145.49
C SER A 316 136.03 -5.45 -146.45
N VAL A 317 135.53 -5.44 -147.68
CA VAL A 317 135.84 -6.46 -148.67
C VAL A 317 136.66 -5.83 -149.79
N VAL A 318 137.83 -6.42 -150.07
CA VAL A 318 138.69 -5.89 -151.12
C VAL A 318 138.10 -6.23 -152.49
N GLU A 319 138.55 -5.51 -153.50
CA GLU A 319 138.08 -5.72 -154.85
C GLU A 319 138.60 -7.04 -155.42
N THR A 320 137.95 -7.50 -156.48
CA THR A 320 138.33 -8.75 -157.11
C THR A 320 139.70 -8.62 -157.77
N PRO A 321 140.47 -9.70 -157.82
CA PRO A 321 141.78 -9.65 -158.48
C PRO A 321 141.61 -9.60 -159.99
N LEU A 322 142.73 -9.29 -160.66
CA LEU A 322 142.73 -9.18 -162.11
C LEU A 322 142.36 -10.52 -162.74
N ALA A 323 141.57 -10.46 -163.82
CA ALA A 323 141.13 -11.66 -164.51
C ALA A 323 140.71 -11.30 -165.92
N TYR A 324 140.99 -12.20 -166.86
CA TYR A 324 140.55 -12.03 -168.23
C TYR A 324 139.06 -12.27 -168.34
N PRO A 325 138.43 -11.82 -169.42
CA PRO A 325 137.03 -12.20 -169.69
C PRO A 325 136.90 -13.70 -169.86
N ASP A 326 135.65 -14.15 -169.98
CA ASP A 326 135.37 -15.57 -169.99
C ASP A 326 136.04 -16.26 -171.18
N ALA A 327 136.70 -17.39 -170.89
CA ALA A 327 137.30 -18.24 -171.92
C ALA A 327 138.30 -17.46 -172.77
N LEU A 328 139.18 -16.72 -172.11
CA LEU A 328 140.21 -15.96 -172.80
C LEU A 328 141.54 -16.11 -172.07
N THR A 329 142.62 -16.20 -172.82
CA THR A 329 143.96 -16.30 -172.28
C THR A 329 144.74 -15.01 -172.59
N ALA A 330 145.98 -14.96 -172.13
CA ALA A 330 146.81 -13.78 -172.35
C ALA A 330 147.05 -13.53 -173.84
N ALA A 331 147.31 -14.59 -174.59
CA ALA A 331 147.59 -14.44 -176.02
C ALA A 331 146.36 -14.07 -176.82
N SER A 332 145.16 -14.32 -176.30
CA SER A 332 143.95 -14.06 -177.05
C SER A 332 143.70 -12.56 -177.18
N ASN A 333 142.84 -12.20 -178.13
CA ASN A 333 142.49 -10.82 -178.40
C ASN A 333 141.18 -10.45 -177.72
N PHE A 334 141.02 -9.17 -177.43
CA PHE A 334 139.80 -8.70 -176.78
C PHE A 334 138.61 -8.85 -177.72
N PRO A 335 137.52 -9.46 -177.27
CA PRO A 335 136.41 -9.75 -178.18
C PRO A 335 135.67 -8.48 -178.59
N THR A 336 135.04 -8.56 -179.77
CA THR A 336 134.17 -7.49 -180.25
C THR A 336 132.71 -7.73 -179.88
N THR A 337 132.24 -8.95 -180.05
CA THR A 337 130.88 -9.28 -179.67
C THR A 337 130.72 -9.27 -178.15
N ALA A 338 129.47 -9.15 -177.71
CA ALA A 338 129.18 -9.12 -176.28
C ALA A 338 129.55 -10.44 -175.64
N THR A 339 130.44 -10.38 -174.65
CA THR A 339 130.93 -11.56 -173.95
C THR A 339 130.85 -11.34 -172.44
N ALA A 340 130.42 -12.38 -171.72
CA ALA A 340 130.34 -12.30 -170.27
C ALA A 340 131.74 -12.16 -169.68
N VAL A 341 131.85 -11.35 -168.61
CA VAL A 341 133.14 -11.13 -167.99
C VAL A 341 133.66 -12.39 -167.33
N SER A 342 132.76 -13.29 -166.91
CA SER A 342 133.17 -14.54 -166.29
C SER A 342 132.02 -15.53 -166.37
N SER A 343 132.35 -16.81 -166.19
CA SER A 343 131.37 -17.88 -166.17
C SER A 343 130.98 -18.31 -164.77
N ALA A 344 131.53 -17.66 -163.74
CA ALA A 344 131.23 -18.03 -162.37
C ALA A 344 129.82 -17.57 -161.99
N ALA A 345 129.33 -18.12 -160.88
CA ALA A 345 128.01 -17.76 -160.39
C ALA A 345 128.01 -16.34 -159.83
N ALA A 346 126.81 -15.82 -159.60
CA ALA A 346 126.66 -14.46 -159.08
C ALA A 346 127.28 -14.35 -157.69
N SER A 347 127.87 -13.19 -157.42
CA SER A 347 128.51 -12.92 -156.13
C SER A 347 127.62 -12.02 -155.29
N THR A 348 127.40 -12.41 -154.04
CA THR A 348 126.50 -11.70 -153.15
C THR A 348 127.31 -10.97 -152.08
N PHE A 349 126.96 -9.71 -151.84
CA PHE A 349 127.61 -8.90 -150.82
C PHE A 349 126.57 -8.09 -150.08
N ARG A 350 126.86 -7.84 -148.80
CA ARG A 350 126.03 -6.99 -147.94
C ARG A 350 126.86 -5.83 -147.46
N TYR A 351 126.36 -4.61 -147.69
CA TYR A 351 127.13 -3.42 -147.36
C TYR A 351 127.15 -3.19 -145.86
N THR A 352 128.35 -2.91 -145.32
CA THR A 352 128.48 -2.69 -143.89
C THR A 352 127.90 -1.35 -143.47
N SER A 353 128.20 -0.29 -144.22
CA SER A 353 127.80 1.06 -143.86
C SER A 353 126.73 1.56 -144.81
N THR A 354 126.20 2.74 -144.48
CA THR A 354 125.16 3.39 -145.26
C THR A 354 125.78 4.41 -146.21
N GLY A 355 124.94 5.19 -146.86
CA GLY A 355 125.41 6.21 -147.78
C GLY A 355 125.25 5.85 -149.24
N SER A 356 126.19 6.30 -150.07
CA SER A 356 126.21 5.98 -151.49
C SER A 356 127.49 5.23 -151.81
N LYS A 357 127.35 4.07 -152.45
CA LYS A 357 128.47 3.24 -152.85
C LYS A 357 128.54 3.20 -154.38
N ASN A 358 129.75 3.03 -154.91
CA ASN A 358 129.99 3.06 -156.34
C ASN A 358 130.50 1.69 -156.76
N ALA A 359 129.58 0.78 -157.10
CA ALA A 359 129.98 -0.49 -157.70
C ALA A 359 130.73 -0.20 -158.99
N ARG A 360 132.03 -0.51 -159.01
CA ARG A 360 132.93 -0.04 -160.04
C ARG A 360 133.48 -1.22 -160.83
N LEU A 361 133.37 -1.14 -162.15
CA LEU A 361 133.97 -2.13 -163.04
C LEU A 361 135.02 -1.43 -163.88
N ARG A 362 136.25 -1.93 -163.85
CA ARG A 362 137.38 -1.28 -164.49
C ARG A 362 138.11 -2.25 -165.39
N LEU A 363 138.75 -1.70 -166.42
CA LEU A 363 139.61 -2.46 -167.32
C LEU A 363 141.04 -1.99 -167.13
N TYR A 364 141.94 -2.94 -166.91
CA TYR A 364 143.33 -2.65 -166.62
C TYR A 364 144.23 -3.24 -167.69
N ASP A 365 145.21 -2.47 -168.11
CA ASP A 365 146.23 -2.93 -169.03
C ASP A 365 147.36 -3.60 -168.24
N GLY A 366 148.50 -3.83 -168.89
CA GLY A 366 149.64 -4.40 -168.20
C GLY A 366 150.17 -3.51 -167.11
N ALA A 367 150.11 -2.19 -167.31
CA ALA A 367 150.63 -1.23 -166.34
C ALA A 367 149.61 -0.84 -165.29
N ASN A 368 148.46 -1.52 -165.24
CA ASN A 368 147.40 -1.25 -164.27
C ASN A 368 146.87 0.18 -164.42
N ASN A 369 146.73 0.63 -165.66
CA ASN A 369 146.10 1.91 -165.97
C ASN A 369 144.63 1.68 -166.31
N VAL A 370 143.79 2.63 -165.89
CA VAL A 370 142.36 2.52 -166.18
C VAL A 370 142.11 2.80 -167.65
N ILE A 371 141.44 1.86 -168.32
CA ILE A 371 141.12 2.01 -169.74
C ILE A 371 139.66 2.38 -169.89
N ALA A 372 138.77 1.50 -169.42
CA ALA A 372 137.33 1.76 -169.42
C ALA A 372 136.80 1.59 -168.00
N GLU A 373 135.84 2.42 -167.64
CA GLU A 373 135.31 2.46 -166.28
C GLU A 373 133.80 2.56 -166.32
N LYS A 374 133.13 1.82 -165.44
CA LYS A 374 131.69 1.84 -165.32
C LYS A 374 131.31 1.93 -163.85
N ILE A 375 130.43 2.86 -163.52
CA ILE A 375 130.01 3.14 -162.15
C ILE A 375 128.52 2.89 -162.03
N VAL A 376 128.13 2.11 -161.02
CA VAL A 376 126.72 1.94 -160.66
C VAL A 376 126.54 2.44 -159.23
N VAL A 377 125.61 3.36 -159.04
CA VAL A 377 125.38 3.97 -157.74
C VAL A 377 124.39 3.12 -156.96
N ILE A 378 124.79 2.70 -155.76
CA ILE A 378 123.95 1.91 -154.87
C ILE A 378 123.70 2.75 -153.62
N THR A 379 122.43 3.00 -153.31
CA THR A 379 122.06 3.80 -152.16
C THR A 379 121.71 2.87 -151.00
N VAL A 380 122.56 2.85 -149.97
CA VAL A 380 122.37 2.01 -148.81
C VAL A 380 121.78 2.90 -147.72
N SER A 381 120.47 2.78 -147.50
CA SER A 381 119.77 3.56 -146.49
C SER A 381 119.14 2.62 -145.48
N ASN A 382 119.42 2.86 -144.20
CA ASN A 382 118.91 2.02 -143.13
C ASN A 382 117.62 2.55 -142.52
N ALA A 383 117.08 3.65 -143.05
CA ALA A 383 115.83 4.19 -142.54
C ALA A 383 114.66 3.33 -142.98
N GLY A 384 113.46 3.71 -142.55
CA GLY A 384 112.26 2.98 -142.90
C GLY A 384 111.96 1.77 -142.05
N TYR A 385 112.65 1.61 -140.92
CA TYR A 385 112.41 0.49 -140.01
C TYR A 385 111.53 0.96 -138.87
N THR A 386 110.37 0.33 -138.72
CA THR A 386 109.43 0.62 -137.64
C THR A 386 109.45 -0.54 -136.65
N LEU A 387 109.62 -0.20 -135.37
CA LEU A 387 109.67 -1.19 -134.30
C LEU A 387 108.58 -0.82 -133.30
N ALA A 388 107.58 -1.69 -133.17
CA ALA A 388 106.47 -1.48 -132.25
C ALA A 388 106.62 -2.42 -131.06
N LEU A 389 106.34 -1.89 -129.87
CA LEU A 389 106.47 -2.68 -128.64
C LEU A 389 105.51 -2.13 -127.60
N ALA A 390 104.76 -3.02 -126.95
CA ALA A 390 103.82 -2.62 -125.92
C ALA A 390 103.71 -3.75 -124.90
N LYS A 391 103.13 -3.44 -123.75
CA LYS A 391 102.94 -4.40 -122.69
C LYS A 391 101.53 -4.96 -122.73
N THR A 392 101.41 -6.29 -122.68
CA THR A 392 100.10 -6.92 -122.75
C THR A 392 99.31 -6.68 -121.47
N THR A 393 99.94 -6.86 -120.31
CA THR A 393 99.25 -6.68 -119.05
C THR A 393 98.91 -5.20 -118.83
N ALA A 394 97.68 -4.93 -118.42
CA ALA A 394 97.21 -3.57 -118.22
C ALA A 394 96.94 -3.22 -116.76
N ASP A 395 96.63 -4.20 -115.92
CA ASP A 395 96.41 -3.95 -114.52
C ASP A 395 97.71 -3.57 -113.83
N PRO A 396 97.63 -2.92 -112.65
CA PRO A 396 98.86 -2.59 -111.91
C PRO A 396 99.77 -3.80 -111.72
N VAL A 397 100.95 -3.74 -112.33
CA VAL A 397 101.84 -4.89 -112.40
C VAL A 397 102.53 -5.05 -111.05
N THR A 398 102.52 -6.27 -110.53
CA THR A 398 103.18 -6.63 -109.28
C THR A 398 104.39 -7.49 -109.58
N THR A 399 105.33 -7.50 -108.62
CA THR A 399 106.54 -8.31 -108.79
C THR A 399 106.25 -9.80 -108.79
N ASP A 400 105.08 -10.22 -108.29
CA ASP A 400 104.76 -11.65 -108.27
C ASP A 400 104.42 -12.16 -109.66
N ASP A 401 103.64 -11.40 -110.43
CA ASP A 401 103.20 -11.84 -111.74
C ASP A 401 104.31 -11.65 -112.78
N THR A 402 104.10 -12.24 -113.95
CA THR A 402 105.01 -12.12 -115.07
C THR A 402 104.43 -11.16 -116.10
N ILE A 403 105.20 -10.14 -116.46
CA ILE A 403 104.75 -9.13 -117.41
C ILE A 403 105.16 -9.54 -118.81
N ALA A 404 104.21 -9.51 -119.74
CA ALA A 404 104.42 -9.95 -121.11
C ALA A 404 104.26 -8.77 -122.05
N PHE A 405 104.96 -8.85 -123.19
CA PHE A 405 104.98 -7.79 -124.19
C PHE A 405 104.60 -8.33 -125.55
N SER A 406 103.99 -7.47 -126.36
CA SER A 406 103.74 -7.72 -127.76
C SER A 406 104.61 -6.79 -128.58
N ALA A 407 105.40 -7.36 -129.49
CA ALA A 407 106.37 -6.59 -130.27
C ALA A 407 106.33 -7.02 -131.73
N GLY A 408 106.70 -6.09 -132.60
CA GLY A 408 106.71 -6.34 -134.02
C GLY A 408 107.70 -5.45 -134.73
N ALA A 409 108.16 -5.93 -135.88
CA ALA A 409 109.13 -5.22 -136.71
C ALA A 409 108.62 -5.15 -138.15
N LYS A 410 108.81 -4.00 -138.78
CA LYS A 410 108.32 -3.80 -140.14
C LYS A 410 109.28 -2.87 -140.88
N HIS A 411 109.36 -3.04 -142.20
CA HIS A 411 110.12 -2.14 -143.04
C HIS A 411 109.26 -1.68 -144.21
N LEU A 412 109.63 -0.54 -144.78
CA LEU A 412 108.81 0.07 -145.82
C LEU A 412 108.76 -0.81 -147.06
N SER A 413 109.93 -1.25 -147.55
CA SER A 413 109.95 -2.07 -148.76
C SER A 413 110.99 -3.20 -148.75
N SER A 414 111.71 -3.41 -147.65
CA SER A 414 112.76 -4.40 -147.61
C SER A 414 112.28 -5.66 -146.90
N THR A 415 112.43 -6.81 -147.57
CA THR A 415 112.10 -8.11 -147.01
C THR A 415 113.39 -8.91 -146.89
N SER A 416 114.10 -8.70 -145.80
CA SER A 416 115.37 -9.36 -145.55
C SER A 416 115.47 -9.73 -144.07
N GLN A 417 115.98 -10.92 -143.79
CA GLN A 417 116.06 -11.40 -142.42
C GLN A 417 116.94 -10.49 -141.59
N VAL A 418 116.45 -10.14 -140.40
CA VAL A 418 117.18 -9.26 -139.48
C VAL A 418 117.38 -10.00 -138.18
N TRP A 419 117.99 -9.35 -137.19
CA TRP A 419 118.18 -9.96 -135.88
C TRP A 419 117.64 -9.02 -134.82
N TRP A 420 117.15 -9.59 -133.71
CA TRP A 420 116.57 -8.79 -132.66
C TRP A 420 117.06 -9.26 -131.30
N THR A 421 117.10 -8.31 -130.36
CA THR A 421 117.44 -8.56 -128.97
C THR A 421 116.52 -7.74 -128.09
N ILE A 422 116.38 -8.20 -126.85
CA ILE A 422 115.48 -7.58 -125.87
C ILE A 422 116.26 -7.34 -124.58
N ASP A 423 116.04 -6.18 -123.97
CA ASP A 423 116.67 -5.80 -122.71
C ASP A 423 115.58 -5.43 -121.72
N TYR A 424 115.64 -6.03 -120.53
CA TYR A 424 114.69 -5.74 -119.46
C TYR A 424 115.32 -4.87 -118.37
N GLY A 425 116.44 -4.22 -118.67
CA GLY A 425 117.18 -3.46 -117.70
C GLY A 425 118.42 -4.15 -117.16
N ALA A 426 118.54 -5.46 -117.37
CA ALA A 426 119.69 -6.22 -116.91
C ALA A 426 120.66 -6.56 -118.03
N GLY A 427 120.33 -6.24 -119.28
CA GLY A 427 121.18 -6.51 -120.41
C GLY A 427 120.42 -7.17 -121.53
N GLU A 428 121.15 -7.45 -122.61
CA GLU A 428 120.58 -8.04 -123.82
C GLU A 428 120.81 -9.54 -123.84
N SER A 429 119.89 -10.26 -124.48
CA SER A 429 120.07 -11.69 -124.67
C SER A 429 121.31 -11.96 -125.52
N SER A 430 122.14 -12.88 -125.05
CA SER A 430 123.43 -13.11 -125.72
C SER A 430 123.28 -13.58 -127.16
N PRO A 431 122.41 -14.55 -127.50
CA PRO A 431 122.24 -14.88 -128.92
C PRO A 431 121.17 -14.01 -129.57
N ARG A 432 121.57 -13.22 -130.57
CA ARG A 432 120.59 -12.45 -131.33
C ARG A 432 119.62 -13.39 -132.04
N THR A 433 118.34 -13.10 -131.94
CA THR A 433 117.32 -14.00 -132.47
C THR A 433 116.93 -13.56 -133.87
N ALA A 434 116.96 -14.51 -134.81
CA ALA A 434 116.65 -14.20 -136.20
C ALA A 434 115.17 -13.87 -136.35
N LEU A 435 114.88 -12.96 -137.29
CA LEU A 435 113.52 -12.55 -137.61
C LEU A 435 113.37 -12.52 -139.12
N THR A 436 112.36 -13.22 -139.62
CA THR A 436 112.07 -13.25 -141.04
C THR A 436 111.15 -12.09 -141.39
N MET A 437 111.56 -11.29 -142.38
CA MET A 437 110.82 -10.09 -142.74
C MET A 437 109.87 -10.37 -143.91
N THR A 438 108.98 -11.34 -143.68
CA THR A 438 108.04 -11.74 -144.72
C THR A 438 107.09 -10.60 -145.10
N ASN A 439 106.57 -9.88 -144.11
CA ASN A 439 105.63 -8.81 -144.35
C ASN A 439 106.35 -7.48 -144.44
N VAL A 440 105.96 -6.67 -145.42
CA VAL A 440 106.55 -5.36 -145.67
C VAL A 440 105.43 -4.36 -145.91
N GLY A 441 105.82 -3.12 -146.21
CA GLY A 441 104.83 -2.09 -146.50
C GLY A 441 104.14 -1.62 -145.25
N ALA A 442 102.82 -1.55 -145.30
CA ALA A 442 102.01 -1.10 -144.17
C ALA A 442 100.89 -2.08 -143.84
N ALA A 443 101.10 -3.36 -144.12
CA ALA A 443 100.06 -4.35 -143.87
C ALA A 443 100.03 -4.76 -142.40
N ALA A 444 101.11 -5.36 -141.92
CA ALA A 444 101.21 -5.76 -140.52
C ALA A 444 102.67 -6.09 -140.18
N PRO A 445 103.21 -5.52 -139.10
CA PRO A 445 104.59 -5.87 -138.72
C PRO A 445 104.69 -7.33 -138.31
N ASN A 446 105.83 -7.94 -138.66
CA ASN A 446 106.09 -9.30 -138.22
C ASN A 446 106.20 -9.35 -136.71
N ALA A 447 105.49 -10.29 -136.10
CA ALA A 447 105.37 -10.36 -134.66
C ALA A 447 106.56 -11.12 -134.05
N ILE A 448 106.82 -10.83 -132.78
CA ILE A 448 107.83 -11.53 -131.99
C ILE A 448 107.14 -12.20 -130.83
N ALA A 449 107.29 -13.52 -130.72
CA ALA A 449 106.59 -14.30 -129.73
C ALA A 449 107.48 -14.57 -128.53
N SER A 450 106.83 -15.00 -127.43
CA SER A 450 107.51 -15.40 -126.20
C SER A 450 108.37 -14.26 -125.65
N LEU A 451 107.71 -13.13 -125.42
CA LEU A 451 108.34 -11.96 -124.80
C LEU A 451 107.67 -11.75 -123.44
N SER A 452 108.35 -12.18 -122.38
CA SER A 452 107.81 -12.02 -121.04
C SER A 452 108.97 -12.08 -120.04
N ASN A 453 108.74 -11.52 -118.87
CA ASN A 453 109.77 -11.53 -117.83
C ASN A 453 109.11 -11.35 -116.46
N GLN A 454 109.81 -11.84 -115.44
CA GLN A 454 109.41 -11.67 -114.04
C GLN A 454 110.36 -10.68 -113.39
N TYR A 455 109.82 -9.59 -112.87
CA TYR A 455 110.62 -8.51 -112.28
C TYR A 455 110.69 -8.73 -110.77
N THR A 456 111.89 -9.04 -110.27
CA THR A 456 112.05 -9.30 -108.84
C THR A 456 111.80 -8.06 -108.01
N SER A 457 112.33 -6.92 -108.43
CA SER A 457 112.20 -5.68 -107.69
C SER A 457 111.07 -4.83 -108.25
N GLY A 458 110.77 -3.75 -107.53
CA GLY A 458 109.74 -2.81 -107.92
C GLY A 458 110.32 -1.48 -108.36
N GLY A 459 109.41 -0.57 -108.73
CA GLY A 459 109.80 0.75 -109.18
C GLY A 459 109.59 0.96 -110.67
N THR A 460 110.36 1.86 -111.26
CA THR A 460 110.24 2.15 -112.68
C THR A 460 111.16 1.22 -113.47
N LYS A 461 110.57 0.42 -114.35
CA LYS A 461 111.30 -0.52 -115.18
C LYS A 461 111.04 -0.23 -116.65
N LEU A 462 112.08 -0.33 -117.46
CA LEU A 462 112.00 -0.07 -118.89
C LEU A 462 112.40 -1.32 -119.66
N ALA A 463 111.74 -1.53 -120.79
CA ALA A 463 112.02 -2.64 -121.69
C ALA A 463 112.39 -2.06 -123.05
N THR A 464 113.53 -2.47 -123.59
CA THR A 464 114.05 -1.96 -124.85
C THR A 464 114.21 -3.09 -125.85
N LEU A 465 113.60 -2.94 -127.01
CA LEU A 465 113.73 -3.90 -128.10
C LEU A 465 114.58 -3.29 -129.20
N ARG A 466 115.60 -4.02 -129.63
CA ARG A 466 116.53 -3.53 -130.65
C ARG A 466 116.61 -4.53 -131.79
N ILE A 467 116.78 -4.01 -133.00
CA ILE A 467 116.94 -4.82 -134.19
C ILE A 467 118.21 -4.37 -134.92
N TYR A 468 119.04 -5.35 -135.28
CA TYR A 468 120.30 -5.18 -135.99
C TYR A 468 120.23 -5.86 -137.34
N ASP A 469 121.08 -5.38 -138.25
CA ASP A 469 121.15 -5.95 -139.59
C ASP A 469 121.92 -7.27 -139.62
N ARG A 470 122.98 -7.39 -138.82
CA ARG A 470 123.85 -8.54 -138.85
C ARG A 470 123.88 -9.23 -137.49
N ASP A 471 124.03 -10.55 -137.52
CA ASP A 471 124.10 -11.33 -136.30
C ASP A 471 125.38 -11.04 -135.54
N GLY A 472 125.29 -11.05 -134.22
CA GLY A 472 126.44 -10.82 -133.37
C GLY A 472 127.10 -12.11 -132.93
N VAL A 473 126.82 -13.20 -133.64
CA VAL A 473 127.36 -14.50 -133.25
C VAL A 473 128.88 -14.49 -133.28
N GLY A 474 129.46 -13.93 -134.35
CA GLY A 474 130.88 -13.78 -134.48
C GLY A 474 131.35 -12.40 -134.06
N ALA A 475 132.55 -12.05 -134.53
CA ALA A 475 133.06 -10.70 -134.29
C ALA A 475 132.25 -9.64 -135.03
N ASN A 476 131.49 -10.04 -136.06
CA ASN A 476 130.67 -9.09 -136.78
C ASN A 476 129.52 -8.60 -135.92
N THR A 477 129.33 -7.29 -135.87
CA THR A 477 128.22 -6.67 -135.14
C THR A 477 127.69 -5.55 -136.02
N GLY A 478 126.62 -5.83 -136.76
CA GLY A 478 126.10 -4.88 -137.71
C GLY A 478 125.52 -3.65 -137.04
N LEU A 479 125.19 -2.67 -137.89
CA LEU A 479 124.62 -1.42 -137.40
C LEU A 479 123.28 -1.68 -136.72
N LEU A 480 123.01 -0.92 -135.67
CA LEU A 480 121.73 -1.00 -134.97
C LEU A 480 120.65 -0.46 -135.90
N LEU A 481 119.88 -1.37 -136.51
CA LEU A 481 118.86 -0.94 -137.47
C LEU A 481 117.83 -0.04 -136.81
N ALA A 482 117.33 -0.45 -135.65
CA ALA A 482 116.35 0.37 -134.94
C ALA A 482 116.28 -0.07 -133.49
N SER A 483 115.63 0.76 -132.67
CA SER A 483 115.45 0.47 -131.26
C SER A 483 114.22 1.21 -130.75
N THR A 484 113.65 0.67 -129.67
CA THR A 484 112.51 1.30 -129.02
C THR A 484 112.52 0.93 -127.55
N THR A 485 111.88 1.76 -126.74
CA THR A 485 111.87 1.58 -125.29
C THR A 485 110.50 1.96 -124.74
N VAL A 486 109.96 1.11 -123.86
CA VAL A 486 108.71 1.37 -123.18
C VAL A 486 108.93 1.26 -121.68
N THR A 487 108.48 2.26 -120.93
CA THR A 487 108.68 2.33 -119.49
C THR A 487 107.36 2.16 -118.76
N PHE A 488 107.43 1.53 -117.59
CA PHE A 488 106.23 1.33 -116.78
C PHE A 488 106.66 1.09 -115.34
N THR A 489 105.72 1.28 -114.42
CA THR A 489 105.98 1.08 -113.00
C THR A 489 105.42 -0.25 -112.54
N VAL A 490 106.13 -0.89 -111.61
CA VAL A 490 105.71 -2.14 -111.00
C VAL A 490 105.66 -1.93 -109.49
N THR A 491 104.52 -2.25 -108.89
CA THR A 491 104.37 -2.05 -107.45
C THR A 491 105.07 -3.17 -106.70
N PRO A 492 106.03 -2.87 -105.85
CA PRO A 492 106.69 -3.92 -105.06
C PRO A 492 105.75 -4.47 -104.01
N VAL A 493 106.02 -5.69 -103.58
CA VAL A 493 105.25 -6.37 -102.54
C VAL A 493 105.97 -6.16 -101.23
N LEU A 494 105.29 -5.53 -100.27
CA LEU A 494 105.87 -5.21 -98.98
C LEU A 494 105.43 -6.23 -97.94
N TYR A 495 106.29 -6.43 -96.94
CA TYR A 495 106.08 -7.43 -95.92
C TYR A 495 106.00 -6.78 -94.55
N ALA A 496 104.93 -7.07 -93.82
CA ALA A 496 104.76 -6.59 -92.46
C ALA A 496 105.01 -7.72 -91.47
N LEU A 497 105.37 -7.34 -90.24
CA LEU A 497 105.80 -8.30 -89.23
C LEU A 497 104.95 -8.14 -87.98
N GLU A 498 104.57 -9.27 -87.41
CA GLU A 498 103.93 -9.32 -86.10
C GLU A 498 104.82 -10.12 -85.16
N SER A 499 105.11 -9.57 -83.99
CA SER A 499 106.06 -10.15 -83.06
C SER A 499 105.46 -10.23 -81.67
N ALA A 500 105.85 -11.27 -80.94
CA ALA A 500 105.42 -11.45 -79.56
C ALA A 500 106.45 -12.28 -78.82
N VAL A 501 106.40 -12.21 -77.50
CA VAL A 501 107.24 -13.04 -76.63
C VAL A 501 106.32 -13.84 -75.72
N GLU A 502 106.56 -15.14 -75.62
CA GLU A 502 105.69 -15.99 -74.82
C GLU A 502 105.61 -15.52 -73.37
N PRO A 503 106.72 -15.23 -72.68
CA PRO A 503 106.62 -14.37 -71.50
C PRO A 503 106.80 -12.92 -71.91
N PHE A 504 105.87 -12.04 -71.54
CA PHE A 504 105.92 -10.67 -72.03
C PHE A 504 107.19 -9.96 -71.57
N SER A 505 107.69 -10.30 -70.38
CA SER A 505 108.97 -9.80 -69.89
C SER A 505 109.87 -10.99 -69.62
N PRO A 506 110.84 -11.28 -70.50
CA PRO A 506 111.71 -12.45 -70.29
C PRO A 506 112.49 -12.34 -69.00
N ILE A 507 112.26 -13.29 -68.10
CA ILE A 507 112.98 -13.34 -66.83
C ILE A 507 114.44 -13.67 -67.10
N ALA A 508 115.34 -12.99 -66.37
CA ALA A 508 116.75 -13.24 -66.53
C ALA A 508 117.08 -14.71 -66.24
N THR A 509 117.96 -15.29 -67.06
CA THR A 509 118.34 -16.69 -66.98
C THR A 509 117.13 -17.61 -67.13
N VAL A 510 116.15 -17.19 -67.94
CA VAL A 510 114.97 -18.00 -68.23
C VAL A 510 114.69 -17.88 -69.73
N ALA A 511 114.45 -19.02 -70.37
CA ALA A 511 114.22 -19.04 -71.80
C ALA A 511 112.91 -18.35 -72.15
N ALA A 512 112.90 -17.65 -73.28
CA ALA A 512 111.72 -16.96 -73.79
C ALA A 512 111.55 -17.29 -75.26
N LYS A 513 110.30 -17.41 -75.69
CA LYS A 513 109.96 -17.83 -77.05
C LYS A 513 109.45 -16.63 -77.83
N TRP A 514 110.27 -16.14 -78.75
CA TRP A 514 109.86 -15.12 -79.69
C TRP A 514 109.06 -15.76 -80.82
N SER A 515 107.85 -15.25 -81.04
CA SER A 515 106.96 -15.72 -82.09
C SER A 515 106.79 -14.62 -83.12
N PHE A 516 106.95 -14.98 -84.39
CA PHE A 516 106.90 -14.04 -85.51
C PHE A 516 105.96 -14.54 -86.58
N ARG A 517 105.22 -13.61 -87.17
CA ARG A 517 104.33 -13.90 -88.29
C ARG A 517 104.52 -12.84 -89.36
N ILE A 518 104.42 -13.25 -90.62
CA ILE A 518 104.70 -12.39 -91.76
C ILE A 518 103.42 -12.19 -92.55
N GLN A 519 103.06 -10.93 -92.80
CA GLN A 519 101.91 -10.56 -93.62
C GLN A 519 102.41 -10.01 -94.95
N ARG A 520 101.83 -10.48 -96.05
CA ARG A 520 102.18 -10.01 -97.37
C ARG A 520 101.17 -8.98 -97.84
N SER A 521 101.67 -7.85 -98.36
CA SER A 521 100.76 -6.80 -98.83
C SER A 521 99.88 -7.28 -99.96
N LYS A 522 100.35 -8.24 -100.75
CA LYS A 522 99.57 -8.82 -101.84
C LYS A 522 99.54 -10.33 -101.66
N ALA A 523 98.36 -10.91 -101.88
CA ALA A 523 98.23 -12.36 -101.78
C ALA A 523 99.07 -13.05 -102.83
N THR A 524 99.80 -14.08 -102.41
CA THR A 524 100.66 -14.81 -103.33
C THR A 524 99.83 -15.51 -104.39
N PRO A 525 100.29 -15.58 -105.63
CA PRO A 525 99.51 -16.25 -106.67
C PRO A 525 99.44 -17.76 -106.43
N ALA A 526 98.37 -18.35 -106.94
CA ALA A 526 98.15 -19.78 -106.74
C ALA A 526 99.28 -20.59 -107.38
N GLY A 527 99.64 -21.69 -106.74
CA GLY A 527 100.73 -22.53 -107.19
C GLY A 527 102.10 -22.05 -106.80
N VAL A 528 102.21 -20.94 -106.06
CA VAL A 528 103.49 -20.39 -105.64
C VAL A 528 103.52 -20.37 -104.11
N THR A 529 104.43 -21.14 -103.53
CA THR A 529 104.64 -21.17 -102.09
C THR A 529 105.93 -20.43 -101.78
N GLU A 530 105.87 -19.50 -100.83
CA GLU A 530 107.02 -18.66 -100.50
C GLU A 530 107.68 -19.19 -99.24
N SER A 531 108.97 -19.52 -99.35
CA SER A 531 109.77 -20.00 -98.23
C SER A 531 110.84 -18.94 -97.93
N ILE A 532 110.67 -18.22 -96.82
CA ILE A 532 111.55 -17.12 -96.46
C ILE A 532 112.40 -17.55 -95.26
N LYS A 533 113.72 -17.42 -95.40
CA LYS A 533 114.63 -17.82 -94.35
C LYS A 533 114.97 -16.59 -93.50
N CYS A 534 114.59 -16.64 -92.22
CA CYS A 534 114.74 -15.50 -91.33
C CYS A 534 115.73 -15.81 -90.22
N ALA A 535 116.51 -14.80 -89.83
CA ALA A 535 117.45 -14.87 -88.73
C ALA A 535 117.14 -13.76 -87.74
N PHE A 536 117.10 -14.12 -86.46
CA PHE A 536 116.75 -13.20 -85.39
C PHE A 536 117.97 -12.97 -84.50
N PHE A 537 118.11 -11.74 -84.01
CA PHE A 537 119.14 -11.37 -83.07
C PHE A 537 118.49 -10.75 -81.84
N GLY A 538 118.69 -11.38 -80.69
CA GLY A 538 118.24 -10.83 -79.43
C GLY A 538 119.37 -10.12 -78.71
N ALA A 539 119.00 -9.29 -77.74
CA ALA A 539 120.01 -8.53 -77.02
C ALA A 539 120.81 -9.38 -76.04
N ASP A 540 120.59 -10.70 -76.01
CA ASP A 540 121.32 -11.55 -75.07
C ASP A 540 122.78 -11.66 -75.46
N THR A 541 123.07 -11.94 -76.73
CA THR A 541 124.44 -12.16 -77.16
C THR A 541 125.25 -10.88 -77.14
N GLY A 542 124.63 -9.75 -77.46
CA GLY A 542 125.33 -8.48 -77.54
C GLY A 542 126.05 -8.21 -78.84
N THR A 543 126.01 -9.15 -79.79
CA THR A 543 126.63 -8.96 -81.09
C THR A 543 125.62 -9.31 -82.18
N ALA A 544 125.49 -8.44 -83.17
CA ALA A 544 124.55 -8.63 -84.26
C ALA A 544 125.26 -8.56 -85.60
N PRO A 545 124.77 -9.28 -86.60
CA PRO A 545 125.37 -9.19 -87.94
C PRO A 545 125.24 -7.80 -88.54
N ALA A 546 126.36 -7.11 -88.71
CA ALA A 546 126.38 -5.77 -89.26
C ALA A 546 126.49 -5.76 -90.77
N ASP A 547 126.50 -6.91 -91.42
CA ASP A 547 126.65 -7.01 -92.87
C ASP A 547 125.49 -7.81 -93.44
N LEU A 548 125.05 -7.41 -94.63
CA LEU A 548 123.92 -8.08 -95.27
C LEU A 548 124.24 -9.54 -95.57
N ALA A 549 125.45 -9.81 -96.07
CA ALA A 549 125.85 -11.18 -96.32
C ALA A 549 125.92 -11.99 -95.02
N ALA A 550 126.34 -11.34 -93.94
CA ALA A 550 126.33 -12.00 -92.63
C ALA A 550 124.91 -12.36 -92.21
N TRP A 551 123.96 -11.46 -92.44
CA TRP A 551 122.56 -11.76 -92.14
C TRP A 551 122.05 -12.92 -92.99
N LEU A 552 122.42 -12.93 -94.27
CA LEU A 552 122.01 -14.03 -95.14
C LEU A 552 122.59 -15.36 -94.67
N THR A 553 123.85 -15.37 -94.27
CA THR A 553 124.47 -16.59 -93.75
C THR A 553 123.79 -17.04 -92.47
N ALA A 554 123.46 -16.09 -91.59
CA ALA A 554 122.75 -16.44 -90.36
C ALA A 554 121.38 -17.03 -90.66
N ALA A 555 120.68 -16.46 -91.64
CA ALA A 555 119.38 -17.01 -92.03
C ALA A 555 119.52 -18.41 -92.59
N ASN A 556 120.53 -18.64 -93.41
CA ASN A 556 120.80 -19.98 -93.94
C ASN A 556 121.57 -20.85 -92.96
N GLY A 557 122.04 -20.29 -91.86
CA GLY A 557 122.80 -21.05 -90.89
C GLY A 557 121.92 -21.81 -89.91
N ALA A 558 122.56 -22.37 -88.89
CA ALA A 558 121.83 -23.13 -87.88
C ALA A 558 120.88 -22.24 -87.09
N GLY A 559 121.32 -21.02 -86.77
CA GLY A 559 120.51 -20.12 -85.98
C GLY A 559 119.45 -19.37 -86.78
N GLY A 560 118.97 -19.98 -87.86
CA GLY A 560 117.94 -19.39 -88.66
C GLY A 560 116.81 -20.37 -88.88
N LEU A 561 115.64 -19.83 -89.20
CA LEU A 561 114.44 -20.64 -89.38
C LEU A 561 113.80 -20.29 -90.72
N THR A 562 112.75 -21.04 -91.07
CA THR A 562 112.09 -20.88 -92.36
C THR A 562 110.59 -20.68 -92.13
N ALA A 563 110.04 -19.66 -92.76
CA ALA A 563 108.61 -19.40 -92.75
C ALA A 563 108.04 -19.74 -94.13
N THR A 564 107.02 -20.59 -94.14
CA THR A 564 106.38 -21.04 -95.37
C THR A 564 104.98 -20.44 -95.45
N ILE A 565 104.72 -19.69 -96.53
CA ILE A 565 103.39 -19.14 -96.79
C ILE A 565 102.84 -19.84 -98.03
N LEU A 566 101.66 -20.44 -97.88
CA LEU A 566 101.05 -21.25 -98.91
C LEU A 566 100.48 -20.36 -100.01
N PRO A 567 100.26 -20.91 -101.21
CA PRO A 567 99.70 -20.12 -102.30
C PRO A 567 98.30 -19.60 -101.96
N SER A 568 97.99 -18.42 -102.51
CA SER A 568 96.69 -17.77 -102.30
C SER A 568 96.41 -17.54 -100.82
N SER A 569 97.43 -17.13 -100.08
CA SER A 569 97.28 -16.84 -98.66
C SER A 569 98.10 -15.61 -98.31
N ILE A 570 97.52 -14.73 -97.49
CA ILE A 570 98.23 -13.55 -97.00
C ILE A 570 99.20 -13.90 -95.88
N PRO A 571 98.78 -14.56 -94.80
CA PRO A 571 99.66 -14.72 -93.64
C PRO A 571 100.70 -15.81 -93.87
N SER A 572 101.48 -16.07 -92.83
CA SER A 572 102.55 -17.06 -92.86
C SER A 572 102.48 -17.90 -91.58
N ASP A 573 103.28 -18.96 -91.55
CA ASP A 573 103.34 -19.81 -90.37
C ASP A 573 104.13 -19.13 -89.27
N ILE A 574 103.82 -19.51 -88.03
CA ILE A 574 104.48 -18.92 -86.88
C ILE A 574 105.91 -19.41 -86.78
N ILE A 575 106.84 -18.49 -86.50
CA ILE A 575 108.26 -18.81 -86.35
C ILE A 575 108.65 -18.55 -84.91
N SER A 576 109.30 -19.52 -84.28
CA SER A 576 109.57 -19.47 -82.85
C SER A 576 111.07 -19.61 -82.60
N PHE A 577 111.68 -18.57 -82.06
CA PHE A 577 113.07 -18.59 -81.62
C PHE A 577 113.13 -18.62 -80.10
N THR A 578 113.90 -19.54 -79.54
CA THR A 578 114.08 -19.63 -78.11
C THR A 578 115.38 -18.94 -77.73
N ARG A 579 115.30 -17.95 -76.86
CA ARG A 579 116.47 -17.18 -76.46
C ARG A 579 116.49 -17.00 -74.95
N THR A 580 117.70 -17.00 -74.38
CA THR A 580 117.87 -16.88 -72.93
C THR A 580 118.68 -15.62 -72.64
N TYR A 581 118.19 -14.81 -71.71
CA TYR A 581 118.83 -13.55 -71.35
C TYR A 581 119.34 -13.63 -69.92
N ALA A 582 120.49 -13.01 -69.67
CA ALA A 582 121.15 -13.06 -68.36
C ALA A 582 121.08 -11.73 -67.62
N ALA A 583 121.54 -10.65 -68.23
CA ALA A 583 121.51 -9.36 -67.57
C ALA A 583 120.09 -8.80 -67.54
N ALA A 584 119.85 -7.91 -66.57
CA ALA A 584 118.57 -7.25 -66.43
C ALA A 584 118.67 -5.83 -66.99
N ALA A 585 117.71 -5.45 -67.83
CA ALA A 585 117.73 -4.16 -68.49
C ALA A 585 116.30 -3.64 -68.62
N ALA A 586 116.19 -2.33 -68.87
CA ALA A 586 114.89 -1.68 -69.01
C ALA A 586 114.38 -1.75 -70.45
N SER A 587 115.16 -1.23 -71.39
CA SER A 587 114.78 -1.20 -72.80
C SER A 587 115.74 -2.05 -73.60
N LEU A 588 115.20 -2.97 -74.41
CA LEU A 588 116.00 -3.84 -75.24
C LEU A 588 115.31 -3.98 -76.60
N GLN A 589 116.12 -3.97 -77.66
CA GLN A 589 115.61 -4.06 -79.03
C GLN A 589 116.30 -5.20 -79.76
N GLY A 590 115.50 -6.05 -80.40
CA GLY A 590 116.03 -7.10 -81.24
C GLY A 590 116.14 -6.67 -82.70
N LYS A 591 116.58 -7.60 -83.53
CA LYS A 591 116.72 -7.33 -84.97
C LYS A 591 116.40 -8.59 -85.74
N LEU A 592 115.31 -8.56 -86.50
CA LEU A 592 114.89 -9.69 -87.33
C LEU A 592 115.15 -9.34 -88.79
N GLN A 593 115.88 -10.20 -89.49
CA GLN A 593 116.17 -10.00 -90.90
C GLN A 593 115.85 -11.27 -91.65
N CYS A 594 114.98 -11.18 -92.65
CA CYS A 594 114.54 -12.35 -93.38
C CYS A 594 114.80 -12.15 -94.87
N PHE A 595 115.06 -13.26 -95.57
CA PHE A 595 115.41 -13.24 -96.97
C PHE A 595 114.49 -14.18 -97.75
N ILE A 596 113.94 -13.69 -98.85
CA ILE A 596 113.31 -14.52 -99.87
C ILE A 596 114.30 -14.67 -101.01
N GLY A 597 114.65 -15.91 -101.33
CA GLY A 597 115.75 -16.13 -102.24
C GLY A 597 117.03 -15.57 -101.67
N SER A 598 117.50 -14.45 -102.23
CA SER A 598 118.64 -13.73 -101.67
C SER A 598 118.30 -12.31 -101.25
N THR A 599 117.19 -11.75 -101.71
CA THR A 599 116.82 -10.38 -101.37
C THR A 599 116.24 -10.34 -99.95
N PRO A 600 116.56 -9.30 -99.17
CA PRO A 600 115.96 -9.14 -97.85
C PRO A 600 114.66 -8.35 -97.89
N LEU A 601 113.74 -8.74 -97.01
CA LEU A 601 112.46 -8.04 -96.94
C LEU A 601 112.65 -6.60 -96.45
N TRP A 602 113.53 -6.39 -95.48
CA TRP A 602 113.78 -5.07 -94.92
C TRP A 602 115.27 -4.81 -94.88
N ASP A 603 115.64 -3.54 -95.04
CA ASP A 603 117.04 -3.13 -95.04
C ASP A 603 117.23 -2.00 -94.03
N PRO A 604 118.21 -2.10 -93.13
CA PRO A 604 119.16 -3.22 -92.96
C PRO A 604 118.52 -4.35 -92.18
N TYR A 605 117.45 -4.07 -91.44
CA TYR A 605 116.76 -5.07 -90.64
C TYR A 605 115.42 -4.47 -90.21
N TYR A 606 114.56 -5.34 -89.67
CA TYR A 606 113.30 -4.88 -89.12
C TYR A 606 113.40 -4.84 -87.60
N PRO A 607 113.45 -3.66 -86.99
CA PRO A 607 113.51 -3.60 -85.53
C PRO A 607 112.24 -4.17 -84.90
N THR A 608 112.42 -4.82 -83.76
CA THR A 608 111.34 -5.43 -83.00
C THR A 608 110.93 -4.52 -81.85
N PRO A 609 109.69 -4.65 -81.36
CA PRO A 609 109.24 -3.78 -80.26
C PRO A 609 110.07 -3.97 -79.01
N VAL A 610 110.17 -2.90 -78.23
CA VAL A 610 110.97 -2.92 -77.02
C VAL A 610 110.40 -3.92 -76.02
N PHE A 611 111.27 -4.76 -75.45
CA PHE A 611 110.88 -5.73 -74.45
C PHE A 611 111.72 -5.52 -73.19
N GLN A 612 111.05 -5.58 -72.04
CA GLN A 612 111.71 -5.38 -70.76
C GLN A 612 112.16 -6.71 -70.18
N VAL A 613 113.37 -6.73 -69.63
CA VAL A 613 113.92 -7.89 -68.95
C VAL A 613 113.80 -7.68 -67.46
N LEU A 614 113.19 -8.63 -66.76
CA LEU A 614 112.93 -8.52 -65.34
C LEU A 614 113.82 -9.48 -64.57
N ALA A 615 114.32 -9.03 -63.41
CA ALA A 615 115.13 -9.88 -62.56
C ALA A 615 114.29 -10.92 -61.83
N ALA A 616 112.98 -10.74 -61.77
CA ALA A 616 112.10 -11.68 -61.09
C ALA A 616 110.75 -11.67 -61.77
N ALA A 617 109.98 -12.73 -61.55
CA ALA A 617 108.66 -12.84 -62.16
C ALA A 617 107.73 -11.77 -61.60
N PRO A 618 107.05 -11.01 -62.45
CA PRO A 618 106.10 -10.01 -61.94
C PRO A 618 104.90 -10.66 -61.28
N THR A 619 104.36 -9.98 -60.27
CA THR A 619 103.17 -10.45 -59.57
C THR A 619 101.95 -9.68 -60.05
N TYR A 620 100.80 -10.34 -59.99
CA TYR A 620 99.55 -9.80 -60.52
C TYR A 620 98.52 -9.77 -59.39
N THR A 621 98.45 -8.64 -58.69
CA THR A 621 97.41 -8.50 -57.69
C THR A 621 96.07 -8.27 -58.37
N LEU A 622 95.00 -8.59 -57.65
CA LEU A 622 93.69 -8.61 -58.30
C LEU A 622 92.59 -8.37 -57.28
N SER A 623 91.53 -7.70 -57.73
CA SER A 623 90.38 -7.39 -56.89
C SER A 623 89.12 -7.64 -57.69
N ALA A 624 88.03 -7.95 -56.98
CA ALA A 624 86.77 -8.32 -57.61
C ALA A 624 85.62 -7.52 -57.04
N SER A 625 84.64 -7.23 -57.89
CA SER A 625 83.44 -6.51 -57.49
C SER A 625 82.24 -7.11 -58.21
N VAL A 626 81.08 -7.02 -57.58
CA VAL A 626 79.86 -7.66 -58.05
C VAL A 626 78.77 -6.61 -58.19
N THR A 627 77.88 -6.81 -59.17
CA THR A 627 76.69 -5.95 -59.27
C THR A 627 75.57 -6.69 -59.96
N PRO A 628 74.44 -6.95 -59.27
CA PRO A 628 74.16 -6.67 -57.86
C PRO A 628 74.75 -7.76 -56.97
N ALA A 629 74.95 -7.48 -55.67
CA ALA A 629 75.47 -8.52 -54.77
C ALA A 629 74.48 -9.67 -54.63
N VAL A 630 73.18 -9.38 -54.69
CA VAL A 630 72.14 -10.40 -54.68
C VAL A 630 71.38 -10.30 -55.99
N VAL A 631 71.33 -11.40 -56.72
CA VAL A 631 70.75 -11.40 -58.07
C VAL A 631 69.72 -12.52 -58.18
N PRO A 632 68.56 -12.26 -58.76
CA PRO A 632 67.59 -13.35 -58.98
C PRO A 632 68.12 -14.36 -59.98
N VAL A 633 67.60 -15.59 -59.85
CA VAL A 633 68.04 -16.68 -60.72
C VAL A 633 67.72 -16.34 -62.18
N ASP A 634 68.57 -16.82 -63.09
CA ASP A 634 68.43 -16.57 -64.52
C ASP A 634 68.45 -15.08 -64.85
N THR A 635 69.32 -14.34 -64.16
CA THR A 635 69.51 -12.92 -64.43
C THR A 635 71.00 -12.62 -64.49
N ALA A 636 71.35 -11.67 -65.35
CA ALA A 636 72.75 -11.32 -65.56
C ALA A 636 73.32 -10.63 -64.34
N THR A 637 74.60 -10.90 -64.06
CA THR A 637 75.32 -10.25 -62.98
C THR A 637 76.66 -9.78 -63.50
N LEU A 638 77.04 -8.55 -63.19
CA LEU A 638 78.28 -7.97 -63.67
C LEU A 638 79.39 -8.24 -62.65
N TRP A 639 80.38 -9.02 -63.06
CA TRP A 639 81.60 -9.25 -62.29
C TRP A 639 82.72 -8.42 -62.90
N THR A 640 83.38 -7.62 -62.06
CA THR A 640 84.44 -6.73 -62.51
C THR A 640 85.72 -7.09 -61.78
N TYR A 641 86.77 -7.41 -62.52
CA TYR A 641 88.08 -7.72 -61.97
C TYR A 641 89.06 -6.63 -62.34
N ASN A 642 89.72 -6.07 -61.33
CA ASN A 642 90.79 -5.10 -61.52
C ASN A 642 92.12 -5.80 -61.30
N ILE A 643 93.01 -5.72 -62.29
CA ILE A 643 94.31 -6.38 -62.26
C ILE A 643 95.38 -5.31 -62.13
N ILE A 644 96.30 -5.49 -61.18
CA ILE A 644 97.38 -4.56 -60.93
C ILE A 644 98.70 -5.32 -61.06
N ARG A 645 99.58 -4.81 -61.91
CA ARG A 645 100.88 -5.44 -62.17
C ARG A 645 101.95 -4.77 -61.32
N SER A 646 102.82 -5.60 -60.74
CA SER A 646 103.87 -5.07 -59.88
C SER A 646 104.84 -4.17 -60.65
N VAL A 647 105.22 -4.59 -61.85
CA VAL A 647 106.16 -3.85 -62.68
C VAL A 647 105.39 -3.24 -63.85
N PRO A 648 105.50 -1.94 -64.09
CA PRO A 648 104.75 -1.33 -65.19
C PRO A 648 105.24 -1.82 -66.55
N VAL A 649 104.33 -1.82 -67.51
CA VAL A 649 104.66 -2.21 -68.88
C VAL A 649 105.65 -1.20 -69.46
N PRO A 650 106.64 -1.64 -70.25
CA PRO A 650 107.59 -0.69 -70.84
C PRO A 650 106.88 0.38 -71.65
N ALA A 651 107.39 1.61 -71.56
CA ALA A 651 106.73 2.74 -72.22
C ALA A 651 106.76 2.61 -73.74
N GLY A 652 107.91 2.24 -74.30
CA GLY A 652 108.04 2.16 -75.74
C GLY A 652 107.52 0.89 -76.37
N GLY A 653 107.25 -0.15 -75.57
CA GLY A 653 106.78 -1.39 -76.11
C GLY A 653 105.29 -1.38 -76.38
N PRO A 654 104.80 -2.48 -76.95
CA PRO A 654 103.37 -2.60 -77.22
C PRO A 654 102.58 -2.93 -75.97
N SER A 655 101.28 -2.65 -76.04
CA SER A 655 100.39 -2.97 -74.94
C SER A 655 100.34 -4.47 -74.72
N LEU A 656 100.36 -4.88 -73.45
CA LEU A 656 100.38 -6.29 -73.13
C LEU A 656 98.98 -6.88 -73.26
N PRO A 657 98.75 -7.85 -74.12
CA PRO A 657 97.42 -8.47 -74.20
C PRO A 657 97.20 -9.42 -73.03
N ILE A 658 95.99 -9.40 -72.50
CA ILE A 658 95.62 -10.20 -71.33
C ILE A 658 94.32 -10.91 -71.64
N LEU A 659 94.27 -12.21 -71.32
CA LEU A 659 93.11 -13.06 -71.57
C LEU A 659 92.57 -13.50 -70.22
N CYS A 660 91.41 -12.97 -69.84
CA CYS A 660 90.78 -13.32 -68.58
C CYS A 660 89.84 -14.50 -68.82
N SER A 661 90.21 -15.67 -68.33
CA SER A 661 89.36 -16.85 -68.36
C SER A 661 88.70 -17.00 -67.00
N PHE A 662 87.37 -16.93 -66.98
CA PHE A 662 86.63 -16.77 -65.74
C PHE A 662 85.54 -17.83 -65.65
N TRP A 663 85.44 -18.48 -64.49
CA TRP A 663 84.43 -19.48 -64.20
C TRP A 663 83.52 -18.92 -63.11
N ASP A 664 82.22 -18.88 -63.38
CA ASP A 664 81.27 -18.23 -62.50
C ASP A 664 81.15 -18.91 -61.14
N GLY A 665 81.63 -20.13 -61.00
CA GLY A 665 81.60 -20.82 -59.74
C GLY A 665 80.34 -21.59 -59.44
N LYS A 666 79.34 -21.52 -60.31
CA LYS A 666 78.08 -22.21 -60.08
C LYS A 666 77.73 -23.25 -61.13
N THR A 667 78.24 -23.11 -62.35
CA THR A 667 77.94 -24.03 -63.44
C THR A 667 79.19 -24.81 -63.82
N GLY A 668 79.07 -26.14 -63.87
CA GLY A 668 80.20 -26.97 -64.24
C GLY A 668 81.31 -26.92 -63.21
N ALA A 669 82.53 -27.14 -63.68
CA ALA A 669 83.73 -27.09 -62.85
C ALA A 669 84.80 -26.28 -63.54
N ALA A 670 85.62 -25.61 -62.74
CA ALA A 670 86.70 -24.81 -63.28
C ALA A 670 87.72 -25.69 -63.99
N PRO A 671 88.32 -25.20 -65.08
CA PRO A 671 89.37 -25.98 -65.76
C PRO A 671 90.54 -26.24 -64.83
N THR A 672 91.09 -27.45 -64.92
CA THR A 672 92.18 -27.85 -64.05
C THR A 672 93.55 -27.48 -64.59
N THR A 673 93.70 -27.42 -65.91
CA THR A 673 94.96 -27.07 -66.55
C THR A 673 94.81 -25.75 -67.30
N ASP A 674 95.96 -25.09 -67.51
CA ASP A 674 95.95 -23.84 -68.26
C ASP A 674 95.40 -24.02 -69.67
N ALA A 675 95.57 -25.21 -70.24
CA ALA A 675 94.95 -25.50 -71.53
C ALA A 675 93.44 -25.41 -71.45
N GLY A 676 92.86 -25.87 -70.33
CA GLY A 676 91.43 -25.73 -70.15
C GLY A 676 90.98 -24.29 -70.10
N TRP A 677 91.73 -23.45 -69.39
CA TRP A 677 91.40 -22.02 -69.35
C TRP A 677 91.50 -21.40 -70.73
N ALA A 678 92.54 -21.75 -71.48
CA ALA A 678 92.69 -21.20 -72.83
C ALA A 678 91.55 -21.63 -73.73
N ALA A 679 91.14 -22.90 -73.64
CA ALA A 679 90.02 -23.38 -74.45
C ALA A 679 88.72 -22.68 -74.06
N LEU A 680 88.49 -22.51 -72.76
CA LEU A 680 87.27 -21.85 -72.30
C LEU A 680 87.24 -20.38 -72.71
N ALA A 681 88.40 -19.73 -72.75
CA ALA A 681 88.43 -18.30 -73.01
C ALA A 681 88.05 -17.94 -74.44
N GLY A 682 88.02 -18.90 -75.36
CA GLY A 682 87.60 -18.61 -76.72
C GLY A 682 86.16 -18.14 -76.78
N SER A 683 85.30 -18.71 -75.94
CA SER A 683 83.88 -18.37 -75.94
C SER A 683 83.66 -17.08 -75.17
N ALA A 684 82.39 -16.77 -74.88
CA ALA A 684 82.05 -15.54 -74.18
C ALA A 684 82.52 -15.53 -72.74
N ASN A 685 82.81 -16.70 -72.16
CA ASN A 685 83.30 -16.75 -70.79
C ASN A 685 84.72 -16.22 -70.65
N GLY A 686 85.42 -15.98 -71.75
CA GLY A 686 86.75 -15.42 -71.70
C GLY A 686 86.85 -14.07 -72.37
N LYS A 687 87.30 -13.07 -71.62
CA LYS A 687 87.42 -11.71 -72.13
C LYS A 687 88.87 -11.41 -72.52
N GLY A 688 89.02 -10.41 -73.38
CA GLY A 688 90.33 -9.97 -73.79
C GLY A 688 90.57 -8.49 -73.58
N THR A 689 91.50 -8.15 -72.72
CA THR A 689 91.84 -6.76 -72.42
C THR A 689 93.30 -6.49 -72.80
N SER A 690 93.73 -5.25 -72.61
CA SER A 690 95.07 -4.84 -72.97
C SER A 690 95.60 -3.87 -71.94
N MET A 691 96.73 -4.21 -71.33
CA MET A 691 97.43 -3.32 -70.42
C MET A 691 98.21 -2.30 -71.26
N ALA A 692 97.82 -1.04 -71.17
CA ALA A 692 98.44 -0.01 -71.97
C ALA A 692 99.90 0.18 -71.56
N PRO A 693 100.76 0.58 -72.50
CA PRO A 693 102.16 0.82 -72.15
C PRO A 693 102.29 1.87 -71.06
N GLY A 694 103.21 1.65 -70.13
CA GLY A 694 103.37 2.55 -69.01
C GLY A 694 102.16 2.61 -68.10
N SER A 695 101.53 1.47 -67.87
CA SER A 695 100.36 1.40 -67.00
C SER A 695 100.47 0.17 -66.11
N THR A 696 99.78 0.22 -64.97
CA THR A 696 99.80 -0.87 -64.00
C THR A 696 98.39 -1.28 -63.60
N THR A 697 97.43 -1.18 -64.51
CA THR A 697 96.05 -1.55 -64.17
C THR A 697 95.32 -1.99 -65.43
N ALA A 698 94.39 -2.93 -65.24
CA ALA A 698 93.54 -3.42 -66.31
C ALA A 698 92.22 -3.88 -65.73
N THR A 699 91.21 -4.00 -66.60
CA THR A 699 89.86 -4.35 -66.18
C THR A 699 89.31 -5.47 -67.03
N CYS A 700 88.61 -6.41 -66.39
CA CYS A 700 87.94 -7.51 -67.07
C CYS A 700 86.53 -7.65 -66.52
N SER A 701 85.53 -7.51 -67.37
CA SER A 701 84.14 -7.53 -66.95
C SER A 701 83.40 -8.68 -67.63
N PHE A 702 82.64 -9.43 -66.84
CA PHE A 702 81.84 -10.54 -67.34
C PHE A 702 80.41 -10.38 -66.86
N THR A 703 79.48 -11.03 -67.58
CA THR A 703 78.06 -11.01 -67.24
C THR A 703 77.50 -12.42 -67.23
N PRO A 704 77.88 -13.24 -66.25
CA PRO A 704 77.26 -14.56 -66.13
C PRO A 704 75.83 -14.49 -65.64
N SER A 705 75.05 -15.50 -66.00
CA SER A 705 73.66 -15.63 -65.55
C SER A 705 73.52 -17.00 -64.90
N TYR A 706 73.47 -17.02 -63.57
CA TYR A 706 73.39 -18.28 -62.83
C TYR A 706 72.02 -18.92 -63.01
N SER A 707 71.97 -20.23 -62.76
CA SER A 707 70.75 -21.01 -62.95
C SER A 707 70.25 -21.69 -61.69
N THR A 708 71.05 -21.77 -60.63
CA THR A 708 70.65 -22.40 -59.38
C THR A 708 70.86 -21.43 -58.23
N THR A 709 70.02 -21.56 -57.21
CA THR A 709 70.09 -20.69 -56.05
C THR A 709 71.26 -21.08 -55.16
N GLY A 710 71.81 -20.08 -54.45
CA GLY A 710 72.87 -20.30 -53.51
C GLY A 710 74.03 -19.35 -53.74
N THR A 711 75.16 -19.65 -53.12
CA THR A 711 76.34 -18.81 -53.24
C THR A 711 77.19 -19.24 -54.43
N ALA A 712 77.83 -18.26 -55.06
CA ALA A 712 78.70 -18.50 -56.21
C ALA A 712 80.00 -17.75 -56.01
N THR A 713 81.11 -18.47 -56.05
CA THR A 713 82.45 -17.87 -55.95
C THR A 713 83.24 -18.16 -57.20
N PRO A 714 83.52 -17.17 -58.04
CA PRO A 714 84.18 -17.42 -59.31
C PRO A 714 85.67 -17.66 -59.15
N THR A 715 86.28 -18.19 -60.22
CA THR A 715 87.71 -18.39 -60.29
C THR A 715 88.21 -17.84 -61.63
N LEU A 716 89.26 -17.03 -61.59
CA LEU A 716 89.74 -16.33 -62.77
C LEU A 716 91.23 -16.58 -62.96
N GLN A 717 91.64 -16.68 -64.23
CA GLN A 717 93.03 -16.93 -64.57
C GLN A 717 93.41 -16.08 -65.77
N LEU A 718 94.63 -15.56 -65.77
CA LEU A 718 95.11 -14.67 -66.82
C LEU A 718 96.09 -15.39 -67.73
N ILE A 719 95.86 -15.31 -69.03
CA ILE A 719 96.76 -15.82 -70.05
C ILE A 719 97.23 -14.64 -70.90
N GLN A 720 98.17 -14.91 -71.81
CA GLN A 720 98.69 -13.89 -72.70
C GLN A 720 98.10 -14.07 -74.09
N ASN A 721 97.50 -13.01 -74.62
CA ASN A 721 96.87 -13.06 -75.94
C ASN A 721 97.84 -12.65 -77.04
N SER A 722 98.94 -13.38 -77.13
CA SER A 722 99.82 -13.25 -78.27
C SER A 722 99.10 -13.72 -79.53
N PHE A 723 99.50 -13.17 -80.67
CA PHE A 723 98.86 -13.56 -81.93
C PHE A 723 99.01 -15.04 -82.19
N ALA A 724 100.06 -15.66 -81.67
CA ALA A 724 100.28 -17.09 -81.73
C ALA A 724 100.29 -17.62 -80.30
N LEU A 725 99.11 -17.92 -79.77
CA LEU A 725 98.95 -18.46 -78.43
C LEU A 725 98.62 -19.94 -78.54
N ASP A 726 99.55 -20.78 -78.08
CA ASP A 726 99.34 -22.22 -78.07
C ASP A 726 98.69 -22.62 -76.75
N ALA A 727 97.50 -23.21 -76.83
CA ALA A 727 96.76 -23.55 -75.62
C ALA A 727 97.50 -24.58 -74.77
N ALA A 728 98.34 -25.41 -75.38
CA ALA A 728 98.98 -26.50 -74.66
C ALA A 728 100.10 -26.00 -73.75
N THR A 729 101.11 -25.36 -74.32
CA THR A 729 102.32 -25.01 -73.58
C THR A 729 102.20 -23.68 -72.84
N THR A 730 101.12 -22.93 -73.02
CA THR A 730 101.00 -21.64 -72.36
C THR A 730 100.90 -21.80 -70.85
N VAL A 731 101.45 -20.83 -70.13
CA VAL A 731 101.43 -20.80 -68.67
C VAL A 731 100.81 -19.49 -68.23
N GLY A 732 99.77 -19.58 -67.40
CA GLY A 732 99.13 -18.38 -66.88
C GLY A 732 100.01 -17.70 -65.84
N PHE A 733 100.01 -16.37 -65.86
CA PHE A 733 100.81 -15.62 -64.90
C PHE A 733 100.30 -15.77 -63.47
N LEU A 734 99.06 -16.22 -63.31
CA LEU A 734 98.43 -16.29 -61.99
C LEU A 734 98.53 -17.72 -61.47
N SER A 735 99.12 -17.88 -60.29
CA SER A 735 99.27 -19.18 -59.66
C SER A 735 99.34 -19.01 -58.14
N PRO A 736 98.39 -19.58 -57.39
CA PRO A 736 97.25 -20.40 -57.83
C PRO A 736 96.15 -19.56 -58.45
N VAL A 737 95.11 -20.20 -58.98
CA VAL A 737 94.03 -19.48 -59.63
C VAL A 737 93.32 -18.60 -58.61
N TYR A 738 93.18 -17.32 -58.94
CA TYR A 738 92.51 -16.38 -58.04
C TYR A 738 91.06 -16.77 -57.84
N THR A 739 90.62 -16.76 -56.59
CA THR A 739 89.22 -16.96 -56.25
C THR A 739 88.68 -15.69 -55.59
N ALA A 740 87.59 -15.17 -56.12
CA ALA A 740 87.03 -13.93 -55.60
C ALA A 740 86.46 -14.15 -54.21
N PRO A 741 86.94 -13.44 -53.19
CA PRO A 741 86.42 -13.59 -51.82
C PRO A 741 85.14 -12.79 -51.57
N ALA A 742 84.20 -12.86 -52.53
CA ALA A 742 82.92 -12.18 -52.40
C ALA A 742 81.92 -12.99 -53.22
N PHE A 743 81.18 -13.87 -52.54
CA PHE A 743 80.24 -14.74 -53.23
C PHE A 743 78.99 -13.97 -53.61
N ALA A 744 78.45 -14.28 -54.79
CA ALA A 744 77.17 -13.74 -55.22
C ALA A 744 76.05 -14.67 -54.77
N THR A 745 74.98 -14.08 -54.25
CA THR A 745 73.84 -14.82 -53.73
C THR A 745 72.76 -14.86 -54.80
N VAL A 746 72.53 -16.03 -55.39
CA VAL A 746 71.50 -16.22 -56.40
C VAL A 746 70.23 -16.66 -55.70
N THR A 747 69.25 -15.77 -55.65
CA THR A 747 67.98 -16.06 -55.00
C THR A 747 67.05 -16.81 -55.94
N ALA A 748 66.01 -17.41 -55.36
CA ALA A 748 65.05 -18.16 -56.15
C ALA A 748 64.15 -17.21 -56.94
N ALA A 749 63.47 -17.76 -57.93
CA ALA A 749 62.57 -16.97 -58.77
C ALA A 749 61.30 -16.62 -58.02
N SER A 750 60.67 -15.53 -58.43
CA SER A 750 59.41 -15.08 -57.86
C SER A 750 58.31 -15.20 -58.93
N TYR A 751 57.07 -14.97 -58.49
CA TYR A 751 55.93 -15.09 -59.38
C TYR A 751 54.88 -14.06 -59.02
N THR A 752 54.45 -13.28 -60.02
CA THR A 752 53.34 -12.36 -59.89
C THR A 752 52.12 -12.97 -60.56
N ILE A 753 51.01 -13.05 -59.83
CA ILE A 753 49.84 -13.79 -60.26
C ILE A 753 48.68 -12.80 -60.43
N SER A 754 48.15 -12.74 -61.64
CA SER A 754 46.92 -12.01 -61.93
C SER A 754 45.87 -13.02 -62.40
N SER A 755 44.62 -12.59 -62.46
CA SER A 755 43.57 -13.52 -62.85
C SER A 755 42.38 -12.75 -63.41
N TYR A 756 41.60 -13.44 -64.24
CA TYR A 756 40.32 -12.92 -64.70
C TYR A 756 39.41 -14.10 -64.99
N LEU A 757 38.12 -13.79 -65.20
CA LEU A 757 37.10 -14.81 -65.30
C LEU A 757 36.23 -14.56 -66.52
N ASN A 758 35.85 -15.64 -67.21
CA ASN A 758 34.98 -15.57 -68.37
C ASN A 758 33.88 -16.61 -68.23
N PRO A 759 32.61 -16.21 -68.21
CA PRO A 759 32.09 -14.83 -68.26
C PRO A 759 32.31 -14.13 -66.92
N VAL A 760 32.37 -12.79 -66.92
CA VAL A 760 32.69 -12.06 -65.70
C VAL A 760 31.60 -12.23 -64.65
N THR A 761 30.39 -12.61 -65.05
CA THR A 761 29.29 -12.89 -64.12
C THR A 761 28.68 -14.23 -64.51
N PRO A 762 29.26 -15.33 -64.03
CA PRO A 762 28.74 -16.65 -64.39
C PRO A 762 27.32 -16.87 -63.89
N VAL A 763 26.56 -17.64 -64.66
CA VAL A 763 25.19 -17.99 -64.32
C VAL A 763 25.17 -19.41 -63.76
N ALA A 764 24.55 -19.57 -62.61
CA ALA A 764 24.51 -20.88 -61.94
C ALA A 764 23.84 -21.91 -62.84
N GLY A 765 24.47 -23.08 -62.94
CA GLY A 765 23.94 -24.16 -63.74
C GLY A 765 23.93 -23.92 -65.24
N GLY A 766 24.60 -22.87 -65.71
CA GLY A 766 24.63 -22.57 -67.11
C GLY A 766 25.98 -22.85 -67.75
N ALA A 767 26.50 -21.87 -68.49
CA ALA A 767 27.82 -22.02 -69.11
C ALA A 767 28.90 -22.13 -68.05
N ALA A 768 29.86 -23.03 -68.28
CA ALA A 768 30.92 -23.26 -67.31
C ALA A 768 31.85 -22.05 -67.25
N ALA A 769 32.15 -21.60 -66.04
CA ALA A 769 33.07 -20.49 -65.86
C ALA A 769 34.50 -20.93 -66.09
N VAL A 770 35.32 -20.01 -66.61
CA VAL A 770 36.72 -20.26 -66.87
C VAL A 770 37.54 -19.19 -66.18
N TRP A 771 38.37 -19.61 -65.22
CA TRP A 771 39.32 -18.73 -64.58
C TRP A 771 40.64 -18.81 -65.34
N ARG A 772 41.06 -17.70 -65.91
CA ARG A 772 42.35 -17.62 -66.58
C ARG A 772 43.32 -16.92 -65.63
N ILE A 773 44.43 -17.58 -65.33
CA ILE A 773 45.37 -17.13 -64.32
C ILE A 773 46.71 -16.87 -65.00
N VAL A 774 47.13 -15.61 -65.01
CA VAL A 774 48.37 -15.21 -65.65
C VAL A 774 49.47 -15.21 -64.60
N ILE A 775 50.49 -16.05 -64.81
CA ILE A 775 51.62 -16.18 -63.90
C ILE A 775 52.84 -15.61 -64.60
N THR A 776 53.48 -14.63 -63.98
CA THR A 776 54.63 -13.94 -64.56
C THR A 776 55.86 -14.18 -63.69
N ARG A 777 56.95 -14.57 -64.32
CA ARG A 777 58.21 -14.81 -63.64
C ARG A 777 59.09 -13.58 -63.70
N ASN A 778 59.86 -13.35 -62.63
CA ASN A 778 60.73 -12.18 -62.58
C ASN A 778 61.94 -12.32 -63.50
N ALA A 779 62.18 -13.50 -64.07
CA ALA A 779 63.27 -13.69 -65.00
C ALA A 779 62.92 -14.83 -65.95
N ALA A 780 63.31 -14.68 -67.21
CA ALA A 780 63.00 -15.69 -68.22
C ALA A 780 63.76 -16.98 -67.94
N VAL A 781 63.08 -18.11 -68.16
CA VAL A 781 63.73 -19.40 -67.98
C VAL A 781 64.71 -19.63 -69.13
N THR A 782 65.75 -20.40 -68.86
CA THR A 782 66.80 -20.61 -69.86
C THR A 782 67.10 -22.07 -70.13
N ALA A 783 67.07 -22.92 -69.11
CA ALA A 783 67.45 -24.32 -69.31
C ALA A 783 66.45 -25.04 -70.19
N SER A 784 65.17 -24.94 -69.87
CA SER A 784 64.10 -25.60 -70.62
C SER A 784 62.77 -25.06 -70.13
N ALA A 785 61.69 -25.62 -70.66
CA ALA A 785 60.36 -25.23 -70.21
C ALA A 785 60.15 -25.66 -68.76
N LYS A 786 59.47 -24.81 -68.00
CA LYS A 786 59.21 -25.07 -66.58
C LYS A 786 57.74 -25.33 -66.36
N THR A 787 57.44 -26.23 -65.42
CA THR A 787 56.07 -26.69 -65.16
C THR A 787 55.59 -26.10 -63.83
N LEU A 788 54.85 -25.01 -63.91
CA LEU A 788 54.18 -24.47 -62.74
C LEU A 788 52.98 -25.34 -62.41
N THR A 789 52.68 -25.48 -61.12
CA THR A 789 51.53 -26.27 -60.69
C THR A 789 50.58 -25.34 -59.94
N CYS A 790 49.40 -25.12 -60.53
CA CYS A 790 48.41 -24.21 -59.98
C CYS A 790 47.26 -25.01 -59.38
N GLN A 791 46.95 -24.73 -58.12
CA GLN A 791 45.80 -25.34 -57.44
C GLN A 791 44.91 -24.23 -56.90
N MET A 792 43.62 -24.53 -56.79
CA MET A 792 42.65 -23.59 -56.24
C MET A 792 41.98 -24.25 -55.04
N PRO A 793 42.41 -23.94 -53.82
CA PRO A 793 41.74 -24.53 -52.65
C PRO A 793 40.29 -24.15 -52.53
N ASP A 794 39.92 -22.93 -52.92
CA ASP A 794 38.55 -22.46 -52.77
C ASP A 794 38.21 -21.55 -53.94
N ASN A 795 37.09 -21.85 -54.60
CA ASN A 795 36.57 -21.03 -55.69
C ASN A 795 35.51 -20.05 -55.21
N GLY A 796 35.55 -19.68 -53.94
CA GLY A 796 34.53 -18.83 -53.35
C GLY A 796 33.34 -19.59 -52.82
N GLN A 797 32.99 -20.70 -53.47
CA GLN A 797 31.88 -21.55 -53.05
C GLN A 797 32.32 -22.66 -52.10
N GLY A 798 33.60 -22.74 -51.76
CA GLY A 798 34.12 -23.79 -50.93
C GLY A 798 34.60 -25.02 -51.68
N GLY A 799 34.36 -25.10 -52.98
CA GLY A 799 34.84 -26.23 -53.74
C GLY A 799 36.31 -26.14 -54.07
N SER A 800 36.89 -27.27 -54.46
CA SER A 800 38.29 -27.37 -54.82
C SER A 800 38.42 -28.10 -56.15
N PRO A 801 38.63 -27.37 -57.25
CA PRO A 801 38.78 -28.04 -58.55
C PRO A 801 40.08 -28.82 -58.63
N ALA A 802 40.14 -29.69 -59.63
CA ALA A 802 41.31 -30.53 -59.82
C ALA A 802 42.55 -29.68 -60.09
N ASP A 803 43.68 -30.13 -59.56
CA ASP A 803 44.94 -29.39 -59.73
C ASP A 803 45.33 -29.33 -61.20
N VAL A 804 45.83 -28.19 -61.63
CA VAL A 804 46.19 -27.96 -63.02
C VAL A 804 47.69 -27.71 -63.11
N THR A 805 48.28 -28.07 -64.25
CA THR A 805 49.68 -27.82 -64.51
C THR A 805 49.81 -26.93 -65.74
N ALA A 806 50.54 -25.83 -65.59
CA ALA A 806 50.80 -24.90 -66.67
C ALA A 806 52.28 -24.94 -67.04
N ASP A 807 52.58 -24.59 -68.29
CA ASP A 807 53.93 -24.66 -68.80
C ASP A 807 54.39 -23.29 -69.27
N ILE A 808 55.64 -22.96 -68.96
CA ILE A 808 56.29 -21.73 -69.44
C ILE A 808 57.45 -22.13 -70.32
N ALA A 809 57.49 -21.57 -71.53
CA ALA A 809 58.45 -21.98 -72.54
C ALA A 809 59.79 -21.29 -72.35
N VAL A 810 60.78 -21.77 -73.10
CA VAL A 810 62.14 -21.23 -72.99
C VAL A 810 62.16 -19.77 -73.42
N GLY A 811 62.77 -18.93 -72.60
CA GLY A 811 62.85 -17.51 -72.89
C GLY A 811 61.61 -16.72 -72.56
N GLY A 812 60.53 -17.38 -72.13
CA GLY A 812 59.32 -16.68 -71.78
C GLY A 812 59.23 -16.38 -70.30
N THR A 813 58.47 -15.34 -69.97
CA THR A 813 58.28 -14.92 -68.59
C THR A 813 56.81 -14.98 -68.17
N THR A 814 55.95 -15.61 -68.97
CA THR A 814 54.52 -15.62 -68.69
C THR A 814 53.92 -16.96 -69.07
N THR A 815 52.98 -17.43 -68.25
CA THR A 815 52.22 -18.63 -68.54
C THR A 815 50.78 -18.41 -68.09
N VAL A 816 49.89 -19.26 -68.60
CA VAL A 816 48.46 -19.16 -68.33
C VAL A 816 47.96 -20.49 -67.78
N CYS A 817 47.25 -20.44 -66.67
CA CYS A 817 46.61 -21.60 -66.07
C CYS A 817 45.10 -21.46 -66.19
N VAL A 818 44.45 -22.48 -66.73
CA VAL A 818 43.02 -22.44 -67.01
C VAL A 818 42.30 -23.36 -66.03
N PHE A 819 41.33 -22.80 -65.32
CA PHE A 819 40.50 -23.56 -64.39
C PHE A 819 39.06 -23.53 -64.90
N SER A 820 38.56 -24.67 -65.34
CA SER A 820 37.19 -24.77 -65.84
C SER A 820 36.30 -25.25 -64.69
N ILE A 821 35.55 -24.34 -64.10
CA ILE A 821 34.69 -24.65 -62.96
C ILE A 821 33.24 -24.55 -63.42
N ALA A 822 32.49 -25.63 -63.21
CA ALA A 822 31.06 -25.66 -63.49
C ALA A 822 30.33 -26.09 -62.22
N GLY A 823 29.37 -25.30 -61.79
CA GLY A 823 28.64 -25.62 -60.57
C GLY A 823 28.63 -24.51 -59.56
N TYR A 824 28.89 -23.28 -59.99
CA TYR A 824 28.77 -22.13 -59.11
C TYR A 824 27.34 -21.97 -58.64
N THR A 825 27.16 -21.61 -57.38
CA THR A 825 25.84 -21.48 -56.78
C THR A 825 25.72 -20.15 -56.07
N THR A 826 24.48 -19.66 -55.98
CA THR A 826 24.19 -18.35 -55.41
C THR A 826 23.63 -18.45 -53.99
N ALA A 827 23.77 -19.60 -53.34
CA ALA A 827 23.26 -19.74 -51.98
C ALA A 827 23.96 -18.79 -51.03
N THR A 828 25.28 -18.68 -51.14
CA THR A 828 26.03 -17.72 -50.34
C THR A 828 25.76 -16.31 -50.85
N PRO A 829 25.87 -15.29 -49.99
CA PRO A 829 25.69 -13.90 -50.44
C PRO A 829 26.52 -13.52 -51.66
N GLY A 830 26.16 -12.40 -52.28
CA GLY A 830 26.64 -12.03 -53.59
C GLY A 830 28.13 -12.11 -53.82
N PRO A 831 28.90 -11.24 -53.16
CA PRO A 831 30.34 -11.18 -53.43
C PRO A 831 31.04 -12.51 -53.14
N TYR A 832 31.99 -12.86 -54.00
CA TYR A 832 32.81 -14.03 -53.83
C TYR A 832 34.25 -13.69 -54.21
N PHE A 833 35.17 -14.51 -53.73
CA PHE A 833 36.58 -14.37 -54.09
C PHE A 833 37.27 -15.73 -53.93
N ALA A 834 38.19 -16.02 -54.85
CA ALA A 834 38.81 -17.33 -54.93
C ALA A 834 40.30 -17.23 -54.66
N THR A 835 40.84 -18.24 -53.99
CA THR A 835 42.26 -18.32 -53.66
C THR A 835 42.92 -19.35 -54.55
N VAL A 836 44.07 -19.01 -55.12
CA VAL A 836 44.83 -19.89 -55.99
C VAL A 836 46.30 -19.84 -55.58
N ASN A 837 46.90 -21.00 -55.39
CA ASN A 837 48.32 -21.09 -55.06
C ASN A 837 49.07 -21.77 -56.20
N VAL A 838 50.17 -21.16 -56.61
CA VAL A 838 51.01 -21.67 -57.69
C VAL A 838 52.36 -22.05 -57.11
N VAL A 839 52.81 -23.27 -57.40
CA VAL A 839 54.05 -23.79 -56.85
C VAL A 839 55.01 -24.12 -57.98
N ASP A 840 56.28 -23.78 -57.77
CA ASP A 840 57.40 -24.21 -58.60
C ASP A 840 58.40 -24.86 -57.65
N GLY A 841 58.36 -26.19 -57.57
CA GLY A 841 59.19 -26.92 -56.63
C GLY A 841 58.99 -26.46 -55.19
N ALA A 842 60.02 -25.83 -54.62
CA ALA A 842 59.92 -25.32 -53.26
C ALA A 842 59.13 -24.02 -53.18
N VAL A 843 59.20 -23.19 -54.21
CA VAL A 843 58.59 -21.86 -54.15
C VAL A 843 57.07 -21.99 -54.24
N THR A 844 56.37 -21.32 -53.34
CA THR A 844 54.91 -21.29 -53.33
C THR A 844 54.45 -19.84 -53.27
N THR A 845 53.56 -19.46 -54.17
CA THR A 845 53.01 -18.10 -54.21
C THR A 845 51.49 -18.18 -54.21
N SER A 846 50.86 -17.50 -53.25
CA SER A 846 49.41 -17.50 -53.13
C SER A 846 48.85 -16.20 -53.66
N HIS A 847 47.62 -16.27 -54.18
CA HIS A 847 46.95 -15.11 -54.73
C HIS A 847 45.46 -15.24 -54.46
N ILE A 848 44.78 -14.10 -54.34
CA ILE A 848 43.35 -14.06 -54.09
C ILE A 848 42.71 -13.19 -55.16
N THR A 849 41.74 -13.75 -55.88
CA THR A 849 41.01 -12.99 -56.88
C THR A 849 40.20 -11.89 -56.20
N LYS A 850 40.03 -10.77 -56.91
CA LYS A 850 39.47 -9.58 -56.28
C LYS A 850 38.06 -9.81 -55.77
N ASN A 851 37.11 -9.96 -56.70
CA ASN A 851 35.69 -10.09 -56.37
C ASN A 851 34.96 -10.52 -57.63
N PHE A 852 33.83 -11.21 -57.45
CA PHE A 852 32.96 -11.56 -58.56
C PHE A 852 31.62 -12.00 -57.99
N THR A 853 30.61 -12.03 -58.85
CA THR A 853 29.25 -12.37 -58.47
C THR A 853 28.70 -13.44 -59.39
N VAL A 854 27.99 -14.40 -58.82
CA VAL A 854 27.36 -15.48 -59.57
C VAL A 854 25.88 -15.15 -59.73
N LEU A 855 25.41 -15.12 -60.97
CA LEU A 855 24.02 -14.82 -61.25
C LEU A 855 23.13 -16.01 -60.90
N ALA A 856 21.87 -15.71 -60.58
CA ALA A 856 20.92 -16.75 -60.21
C ALA A 856 20.68 -17.70 -61.38
N SER A 857 20.49 -18.98 -61.05
CA SER A 857 20.28 -19.98 -62.08
C SER A 857 18.98 -19.70 -62.85
N GLY A 858 19.03 -19.93 -64.16
CA GLY A 858 17.89 -19.71 -65.01
C GLY A 858 17.79 -18.33 -65.62
N THR A 859 18.52 -17.36 -65.09
CA THR A 859 18.50 -16.02 -65.64
C THR A 859 19.23 -15.99 -66.98
N THR A 860 18.89 -14.99 -67.79
CA THR A 860 19.51 -14.85 -69.10
C THR A 860 20.93 -14.33 -68.94
N ALA A 861 21.87 -14.98 -69.60
CA ALA A 861 23.26 -14.56 -69.52
C ALA A 861 23.42 -13.21 -70.19
N PRO A 862 24.24 -12.32 -69.62
CA PRO A 862 24.47 -11.01 -70.27
C PRO A 862 25.08 -11.18 -71.65
N THR A 863 24.65 -10.32 -72.57
CA THR A 863 25.05 -10.41 -73.97
C THR A 863 25.67 -9.10 -74.41
N TYR A 864 26.74 -9.20 -75.20
CA TYR A 864 27.48 -8.05 -75.68
C TYR A 864 27.06 -7.70 -77.10
N ALA A 865 27.00 -6.40 -77.38
CA ALA A 865 26.66 -5.89 -78.70
C ALA A 865 27.67 -4.85 -79.12
N VAL A 866 27.72 -4.58 -80.42
CA VAL A 866 28.70 -3.64 -80.97
C VAL A 866 27.97 -2.66 -81.89
N THR A 867 28.25 -1.37 -81.71
CA THR A 867 27.83 -0.34 -82.65
C THR A 867 29.06 0.24 -83.33
N SER A 868 28.90 0.66 -84.58
CA SER A 868 30.06 1.05 -85.39
C SER A 868 29.83 2.40 -86.04
N VAL A 869 30.86 3.24 -86.01
CA VAL A 869 30.87 4.53 -86.70
C VAL A 869 32.15 4.63 -87.50
N VAL A 870 32.10 5.40 -88.59
CA VAL A 870 33.24 5.55 -89.49
C VAL A 870 33.49 7.04 -89.72
N SER A 871 34.74 7.34 -90.08
CA SER A 871 35.12 8.72 -90.39
C SER A 871 36.27 8.74 -91.40
N PRO A 872 36.11 9.43 -92.53
CA PRO A 872 34.93 10.17 -92.98
C PRO A 872 33.87 9.25 -93.56
N ALA A 873 32.84 9.82 -94.20
CA ALA A 873 31.73 9.04 -94.71
C ALA A 873 32.01 8.51 -96.11
N THR A 874 31.16 7.60 -96.54
CA THR A 874 31.26 7.05 -97.90
C THR A 874 31.00 8.16 -98.91
N PRO A 875 31.81 8.26 -99.98
CA PRO A 875 32.99 7.44 -100.30
C PRO A 875 34.30 8.08 -99.88
N VAL A 876 35.38 7.30 -99.87
CA VAL A 876 36.72 7.78 -99.56
C VAL A 876 37.66 7.32 -100.67
N LYS A 877 38.82 7.95 -100.73
CA LYS A 877 39.81 7.64 -101.74
C LYS A 877 40.87 6.68 -101.20
N VAL A 878 41.66 6.13 -102.13
CA VAL A 878 42.72 5.21 -101.74
C VAL A 878 43.75 5.93 -100.89
N SER A 879 44.24 5.24 -99.86
CA SER A 879 45.26 5.71 -98.93
C SER A 879 44.77 6.84 -98.04
N THR A 880 43.48 7.15 -98.07
CA THR A 880 42.93 8.12 -97.14
C THR A 880 42.75 7.48 -95.76
N PRO A 881 43.30 8.07 -94.70
CA PRO A 881 43.14 7.49 -93.37
C PRO A 881 41.68 7.40 -92.96
N VAL A 882 41.20 6.18 -92.79
CA VAL A 882 39.82 5.90 -92.40
C VAL A 882 39.82 5.40 -90.97
N THR A 883 39.02 6.03 -90.11
CA THR A 883 38.96 5.71 -88.70
C THR A 883 37.64 5.05 -88.38
N TYR A 884 37.70 3.84 -87.85
CA TYR A 884 36.52 3.13 -87.36
C TYR A 884 36.49 3.21 -85.83
N THR A 885 35.32 3.49 -85.29
CA THR A 885 35.13 3.53 -83.84
C THR A 885 33.99 2.59 -83.48
N PHE A 886 34.29 1.59 -82.67
CA PHE A 886 33.32 0.58 -82.27
C PHE A 886 33.03 0.74 -80.78
N THR A 887 31.75 0.88 -80.44
CA THR A 887 31.30 0.93 -79.07
C THR A 887 30.77 -0.44 -78.69
N ILE A 888 31.41 -1.08 -77.71
CA ILE A 888 30.97 -2.36 -77.19
C ILE A 888 30.09 -2.09 -75.97
N THR A 889 28.87 -2.61 -76.01
CA THR A 889 27.87 -2.36 -74.98
C THR A 889 27.44 -3.69 -74.36
N ARG A 890 27.43 -3.73 -73.03
CA ARG A 890 26.95 -4.89 -72.31
C ARG A 890 25.52 -4.66 -71.83
N THR A 891 24.76 -5.75 -71.75
CA THR A 891 23.37 -5.63 -71.34
C THR A 891 23.24 -5.07 -69.94
N THR A 892 24.06 -5.55 -69.01
CA THR A 892 24.08 -5.05 -67.64
C THR A 892 25.50 -4.64 -67.27
N ALA A 893 25.60 -3.67 -66.37
CA ALA A 893 26.90 -3.16 -65.96
C ALA A 893 27.68 -4.20 -65.17
N VAL A 894 29.00 -4.14 -65.29
CA VAL A 894 29.88 -5.03 -64.51
C VAL A 894 29.74 -4.69 -63.04
N PRO A 895 29.81 -5.67 -62.14
CA PRO A 895 29.76 -5.36 -60.71
C PRO A 895 30.85 -4.37 -60.30
N ALA A 896 30.49 -3.47 -59.38
CA ALA A 896 31.37 -2.35 -59.05
C ALA A 896 32.68 -2.84 -58.42
N GLY A 897 32.62 -3.84 -57.56
CA GLY A 897 33.81 -4.32 -56.91
C GLY A 897 34.50 -5.49 -57.57
N GLY A 898 33.95 -6.01 -58.66
CA GLY A 898 34.47 -7.20 -59.28
C GLY A 898 35.69 -6.93 -60.16
N ILE A 899 36.09 -7.97 -60.88
CA ILE A 899 37.26 -7.90 -61.74
C ILE A 899 36.87 -7.23 -63.05
N PRO A 900 37.60 -6.19 -63.49
CA PRO A 900 37.30 -5.59 -64.79
C PRO A 900 37.51 -6.58 -65.92
N GLN A 901 36.74 -6.41 -66.99
CA GLN A 901 36.79 -7.36 -68.10
C GLN A 901 37.78 -6.90 -69.16
N PRO A 902 38.82 -7.68 -69.45
CA PRO A 902 39.69 -7.32 -70.57
C PRO A 902 38.97 -7.49 -71.90
N ILE A 903 39.41 -6.72 -72.89
CA ILE A 903 38.79 -6.70 -74.20
C ILE A 903 39.90 -6.71 -75.25
N ILE A 904 39.83 -7.67 -76.18
CA ILE A 904 40.72 -7.74 -77.32
C ILE A 904 39.87 -7.57 -78.56
N CYS A 905 40.07 -6.47 -79.27
CA CYS A 905 39.34 -6.16 -80.49
C CYS A 905 40.23 -6.49 -81.68
N GLU A 906 39.79 -7.42 -82.51
CA GLU A 906 40.45 -7.75 -83.77
C GLU A 906 39.58 -7.24 -84.90
N PHE A 907 40.11 -6.34 -85.71
CA PHE A 907 39.34 -5.64 -86.73
C PHE A 907 39.95 -5.92 -88.10
N PHE A 908 39.08 -6.27 -89.06
CA PHE A 908 39.48 -6.56 -90.42
C PHE A 908 38.82 -5.55 -91.34
N ASN A 909 39.64 -4.76 -92.05
CA ASN A 909 39.12 -3.63 -92.81
C ASN A 909 38.26 -4.03 -94.00
N GLY A 910 38.27 -5.31 -94.38
CA GLY A 910 37.44 -5.79 -95.47
C GLY A 910 38.16 -6.00 -96.77
N GLU A 911 39.37 -5.47 -96.92
CA GLU A 911 40.15 -5.63 -98.14
C GLU A 911 41.00 -6.89 -98.03
N GLY A 912 40.84 -7.78 -98.99
CA GLY A 912 41.60 -9.02 -99.01
C GLY A 912 40.78 -10.21 -98.56
N THR A 913 41.51 -11.26 -98.18
CA THR A 913 40.88 -12.51 -97.75
C THR A 913 40.42 -12.38 -96.30
N ALA A 914 39.11 -12.55 -96.09
CA ALA A 914 38.57 -12.47 -94.74
C ALA A 914 38.98 -13.70 -93.93
N PRO A 915 39.02 -13.58 -92.60
CA PRO A 915 39.28 -14.76 -91.77
C PRO A 915 38.18 -15.80 -91.94
N ALA A 916 38.57 -17.07 -91.74
CA ALA A 916 37.66 -18.18 -92.04
C ALA A 916 36.39 -18.12 -91.20
N SER A 917 36.54 -17.83 -89.91
CA SER A 917 35.40 -17.82 -89.00
C SER A 917 35.72 -16.87 -87.84
N ALA A 918 34.85 -16.89 -86.83
CA ALA A 918 35.04 -16.02 -85.67
C ALA A 918 36.34 -16.36 -84.93
N ALA A 919 36.62 -17.65 -84.75
CA ALA A 919 37.85 -18.04 -84.07
C ALA A 919 39.08 -17.71 -84.92
N ALA A 920 38.93 -17.71 -86.24
CA ALA A 920 40.06 -17.40 -87.12
C ALA A 920 40.51 -15.95 -86.98
N TYR A 921 39.70 -15.07 -86.38
CA TYR A 921 40.11 -13.70 -86.17
C TYR A 921 41.20 -13.54 -85.12
N TRP A 922 41.52 -14.59 -84.38
CA TRP A 922 42.60 -14.53 -83.39
C TRP A 922 43.95 -14.59 -84.12
N ARG A 923 44.21 -13.52 -84.86
CA ARG A 923 45.43 -13.47 -85.67
C ARG A 923 46.66 -13.36 -84.79
N VAL A 924 47.76 -13.95 -85.26
CA VAL A 924 49.03 -13.87 -84.53
C VAL A 924 49.60 -12.48 -84.68
N SER A 925 49.70 -11.75 -83.57
CA SER A 925 50.20 -10.39 -83.56
C SER A 925 51.55 -10.35 -82.85
N THR A 926 52.53 -9.71 -83.49
CA THR A 926 53.85 -9.59 -82.87
C THR A 926 53.78 -8.79 -81.57
N THR A 927 53.05 -7.68 -81.58
CA THR A 927 52.83 -6.88 -80.39
C THR A 927 51.35 -6.54 -80.27
N ILE A 928 50.89 -6.36 -79.03
CA ILE A 928 49.45 -6.21 -78.80
C ILE A 928 48.84 -4.96 -79.43
N PRO A 929 49.47 -3.74 -79.38
CA PRO A 929 48.80 -2.54 -79.89
C PRO A 929 49.07 -2.28 -81.37
N ASP A 930 48.89 -3.30 -82.20
CA ASP A 930 49.10 -3.14 -83.63
C ASP A 930 47.84 -2.57 -84.28
N ALA A 931 47.92 -2.37 -85.60
CA ALA A 931 46.81 -1.77 -86.34
C ALA A 931 45.58 -2.66 -86.40
N ASP A 932 45.68 -3.94 -86.06
CA ASP A 932 44.56 -4.85 -86.12
C ASP A 932 44.04 -5.27 -84.75
N THR A 933 44.86 -5.21 -83.70
CA THR A 933 44.46 -5.62 -82.37
C THR A 933 44.51 -4.43 -81.43
N VAL A 934 43.44 -4.25 -80.67
CA VAL A 934 43.33 -3.16 -79.70
C VAL A 934 42.92 -3.74 -78.36
N VAL A 935 43.62 -3.35 -77.30
CA VAL A 935 43.34 -3.83 -75.96
C VAL A 935 42.60 -2.75 -75.19
N ALA A 936 41.40 -3.07 -74.73
CA ALA A 936 40.60 -2.18 -73.90
C ALA A 936 40.22 -2.90 -72.62
N VAL A 937 39.59 -2.16 -71.70
CA VAL A 937 39.17 -2.73 -70.43
C VAL A 937 37.79 -2.18 -70.10
N MET A 938 36.81 -3.07 -69.97
CA MET A 938 35.51 -2.70 -69.42
C MET A 938 35.66 -2.60 -67.90
N ALA A 939 35.68 -1.37 -67.40
CA ALA A 939 35.90 -1.14 -65.99
C ALA A 939 34.71 -1.61 -65.17
N PRO A 940 34.93 -1.99 -63.91
CA PRO A 940 33.80 -2.38 -63.06
C PRO A 940 32.83 -1.21 -62.89
N GLY A 941 31.55 -1.53 -62.88
CA GLY A 941 30.54 -0.50 -62.83
C GLY A 941 30.29 0.22 -64.14
N GLU A 942 30.86 -0.28 -65.25
CA GLU A 942 30.72 0.34 -66.54
C GLU A 942 30.10 -0.65 -67.52
N THR A 943 29.47 -0.11 -68.56
CA THR A 943 28.77 -0.90 -69.55
C THR A 943 29.39 -0.85 -70.94
N THR A 944 29.82 0.32 -71.39
CA THR A 944 30.32 0.49 -72.75
C THR A 944 31.81 0.81 -72.74
N THR A 945 32.51 0.29 -73.74
CA THR A 945 33.91 0.61 -74.01
C THR A 945 34.06 0.94 -75.49
N THR A 946 35.22 1.46 -75.86
CA THR A 946 35.46 1.91 -77.22
C THR A 946 36.74 1.32 -77.77
N CYS A 947 36.67 0.75 -78.97
CA CYS A 947 37.82 0.28 -79.72
C CYS A 947 37.96 1.12 -80.98
N THR A 948 39.12 1.74 -81.16
CA THR A 948 39.36 2.64 -82.28
C THR A 948 40.44 2.05 -83.19
N PHE A 949 40.18 2.06 -84.49
CA PHE A 949 41.11 1.54 -85.48
C PHE A 949 41.31 2.56 -86.59
N THR A 950 42.54 2.66 -87.08
CA THR A 950 42.88 3.52 -88.21
C THR A 950 43.46 2.66 -89.31
N THR A 951 42.86 2.70 -90.49
CA THR A 951 43.26 1.84 -91.59
C THR A 951 43.34 2.64 -92.87
N TYR A 952 44.17 2.16 -93.79
CA TYR A 952 44.33 2.74 -95.12
C TYR A 952 43.88 1.71 -96.14
N TYR A 953 43.11 2.14 -97.12
CA TYR A 953 42.58 1.26 -98.16
C TYR A 953 43.43 1.40 -99.41
N THR A 954 43.97 0.28 -99.90
CA THR A 954 44.91 0.29 -101.00
C THR A 954 44.22 0.10 -102.35
N THR A 955 43.44 -0.96 -102.50
CA THR A 955 42.80 -1.24 -103.77
C THR A 955 41.57 -0.37 -103.97
N VAL A 956 41.00 -0.43 -105.16
CA VAL A 956 39.82 0.33 -105.53
C VAL A 956 38.66 -0.64 -105.69
N SER A 957 37.55 -0.36 -105.01
CA SER A 957 36.37 -1.20 -105.09
C SER A 957 35.13 -0.32 -104.98
N ALA A 958 34.45 -0.11 -106.11
CA ALA A 958 33.22 0.65 -106.11
C ALA A 958 32.08 -0.09 -105.40
N GLY A 959 32.18 -1.42 -105.30
CA GLY A 959 31.16 -2.17 -104.58
C GLY A 959 31.12 -1.83 -103.10
N GLY A 960 32.26 -1.51 -102.52
CA GLY A 960 32.32 -1.14 -101.11
C GLY A 960 32.90 -2.25 -100.26
N PHE A 961 33.57 -1.85 -99.18
CA PHE A 961 34.17 -2.78 -98.23
C PHE A 961 33.39 -2.75 -96.94
N THR A 962 33.06 -3.93 -96.42
CA THR A 962 32.31 -4.08 -95.17
C THR A 962 33.30 -4.56 -94.10
N ALA A 963 33.88 -3.61 -93.38
CA ALA A 963 34.82 -3.94 -92.33
C ALA A 963 34.10 -4.67 -91.20
N LYS A 964 34.82 -5.59 -90.56
CA LYS A 964 34.25 -6.43 -89.51
C LYS A 964 35.11 -6.34 -88.26
N LEU A 965 34.49 -6.62 -87.12
CA LEU A 965 35.16 -6.60 -85.83
C LEU A 965 34.76 -7.82 -85.03
N MET A 966 35.72 -8.38 -84.30
CA MET A 966 35.47 -9.48 -83.38
C MET A 966 36.09 -9.16 -82.04
N VAL A 967 35.44 -9.57 -80.97
CA VAL A 967 35.83 -9.22 -79.60
C VAL A 967 36.07 -10.50 -78.81
N PHE A 968 37.18 -10.54 -78.09
CA PHE A 968 37.48 -11.61 -77.14
C PHE A 968 37.69 -11.02 -75.76
N GLY A 969 37.48 -11.83 -74.73
CA GLY A 969 37.86 -11.40 -73.40
C GLY A 969 39.15 -12.06 -72.95
N GLU A 970 40.27 -11.35 -73.10
CA GLU A 970 41.59 -11.84 -72.71
C GLU A 970 42.45 -10.65 -72.33
N SER A 971 43.31 -10.85 -71.34
CA SER A 971 44.20 -9.79 -70.90
C SER A 971 45.30 -9.55 -71.93
N ALA A 972 45.90 -8.36 -71.89
CA ALA A 972 46.98 -8.02 -72.81
C ALA A 972 48.18 -8.92 -72.60
N THR A 973 48.52 -9.19 -71.33
CA THR A 973 49.70 -10.01 -71.04
C THR A 973 49.52 -11.43 -71.55
N ALA A 974 48.34 -12.02 -71.37
CA ALA A 974 48.12 -13.40 -71.74
C ALA A 974 47.74 -13.57 -73.22
N ALA A 975 47.48 -12.48 -73.93
CA ALA A 975 47.05 -12.59 -75.32
C ALA A 975 48.09 -13.23 -76.22
N PRO A 976 49.36 -12.80 -76.24
CA PRO A 976 50.30 -13.36 -77.24
C PRO A 976 50.53 -14.86 -77.10
N LEU A 977 50.53 -15.39 -75.88
CA LEU A 977 50.94 -16.77 -75.65
C LEU A 977 49.77 -17.73 -75.51
N LEU A 978 48.54 -17.27 -75.74
CA LEU A 978 47.40 -18.16 -75.65
C LEU A 978 47.45 -19.24 -76.72
N THR A 979 47.90 -18.88 -77.92
CA THR A 979 48.02 -19.87 -78.99
C THR A 979 49.08 -20.91 -78.66
N SER A 980 50.20 -20.49 -78.07
CA SER A 980 51.27 -21.42 -77.74
C SER A 980 50.81 -22.45 -76.72
N LEU A 981 49.99 -22.05 -75.76
CA LEU A 981 49.51 -22.95 -74.71
C LEU A 981 48.30 -23.77 -75.15
N SER A 982 47.83 -23.60 -76.38
CA SER A 982 46.69 -24.36 -76.91
C SER A 982 45.46 -24.18 -76.04
N VAL A 983 45.09 -22.92 -75.81
CA VAL A 983 43.88 -22.56 -75.08
C VAL A 983 43.02 -21.70 -75.98
N THR A 984 41.77 -22.09 -76.16
CA THR A 984 40.85 -21.35 -77.02
C THR A 984 40.55 -19.99 -76.41
N PRO A 985 40.77 -18.89 -77.11
CA PRO A 985 40.42 -17.58 -76.56
C PRO A 985 38.93 -17.47 -76.32
N SER A 986 38.56 -16.71 -75.30
CA SER A 986 37.16 -16.58 -74.91
C SER A 986 36.41 -15.83 -76.02
N GLN A 987 35.49 -16.54 -76.68
CA GLN A 987 34.69 -15.93 -77.74
C GLN A 987 33.62 -15.09 -77.07
N LEU A 988 33.80 -13.77 -77.09
CA LEU A 988 32.97 -12.86 -76.33
C LEU A 988 31.74 -12.39 -77.10
N LEU A 989 31.61 -12.77 -78.36
CA LEU A 989 30.50 -12.33 -79.20
C LEU A 989 29.83 -13.54 -79.85
N ALA A 990 28.51 -13.44 -80.04
CA ALA A 990 27.78 -14.50 -80.70
C ALA A 990 28.24 -14.67 -82.15
N ALA A 991 28.43 -13.55 -82.85
CA ALA A 991 28.89 -13.58 -84.23
C ALA A 991 29.68 -12.31 -84.51
N VAL A 992 30.46 -12.35 -85.58
CA VAL A 992 31.27 -11.20 -85.94
C VAL A 992 30.36 -10.01 -86.27
N HIS A 993 30.79 -8.82 -85.86
CA HIS A 993 30.05 -7.61 -86.16
C HIS A 993 30.48 -7.05 -87.50
N SER A 994 29.53 -6.82 -88.39
CA SER A 994 29.79 -6.30 -89.72
C SER A 994 29.29 -4.87 -89.81
N PHE A 995 30.12 -3.98 -90.37
CA PHE A 995 29.72 -2.59 -90.52
C PHE A 995 28.52 -2.49 -91.43
N ALA A 996 27.59 -1.60 -91.08
CA ALA A 996 26.31 -1.52 -91.78
C ALA A 996 26.49 -1.03 -93.21
N THR A 997 27.21 0.07 -93.40
CA THR A 997 27.34 0.70 -94.71
C THR A 997 28.69 0.37 -95.30
N PRO A 998 28.76 -0.35 -96.43
CA PRO A 998 30.05 -0.65 -97.04
C PRO A 998 30.79 0.62 -97.44
N MET A 999 32.12 0.58 -97.32
CA MET A 999 32.97 1.72 -97.61
C MET A 999 33.36 1.68 -99.08
N VAL A 1000 32.75 2.55 -99.89
CA VAL A 1000 33.09 2.65 -101.30
C VAL A 1000 34.38 3.43 -101.43
N VAL A 1001 35.37 2.83 -102.09
CA VAL A 1001 36.71 3.40 -102.20
C VAL A 1001 36.99 3.70 -103.68
N ALA A 1002 37.35 4.94 -103.96
CA ALA A 1002 37.71 5.37 -105.31
C ALA A 1002 39.22 5.55 -105.41
N ALA A 1003 39.72 5.45 -106.63
CA ALA A 1003 41.15 5.56 -106.87
C ALA A 1003 41.65 6.97 -106.56
N ALA A 1004 42.92 7.05 -106.19
CA ALA A 1004 43.52 8.34 -105.86
C ALA A 1004 43.66 9.19 -107.12
N VAL A 1005 43.79 10.50 -106.91
CA VAL A 1005 43.90 11.47 -108.00
C VAL A 1005 45.37 11.88 -108.12
N VAL A 1006 45.93 11.67 -109.31
CA VAL A 1006 47.31 12.04 -109.61
C VAL A 1006 47.31 12.96 -110.83
N ALA A 1007 48.06 14.05 -110.73
CA ALA A 1007 48.14 15.03 -111.80
C ALA A 1007 49.60 15.39 -112.06
N VAL A 1008 49.89 15.81 -113.28
CA VAL A 1008 51.24 16.20 -113.69
C VAL A 1008 51.40 17.66 -113.31
N GLU A 1009 52.13 17.90 -112.20
CA GLU A 1009 52.25 19.26 -111.69
C GLU A 1009 53.05 20.15 -112.63
N SER A 1010 54.23 19.69 -113.05
CA SER A 1010 55.11 20.54 -113.84
C SER A 1010 55.98 19.67 -114.75
N THR A 1011 56.40 20.27 -115.87
CA THR A 1011 57.26 19.62 -116.85
C THR A 1011 58.42 20.58 -117.13
N THR A 1012 59.49 20.46 -116.35
CA THR A 1012 60.63 21.35 -116.47
C THR A 1012 61.62 20.81 -117.49
N ILE A 1013 62.35 21.73 -118.13
CA ILE A 1013 63.34 21.40 -119.15
C ILE A 1013 64.69 21.94 -118.70
N SER A 1014 65.72 21.10 -118.74
CA SER A 1014 67.06 21.52 -118.35
C SER A 1014 68.06 21.06 -119.39
N PRO A 1015 68.79 21.96 -120.06
CA PRO A 1015 68.67 23.42 -120.00
C PRO A 1015 67.58 23.90 -120.95
N ASN A 1016 67.34 25.21 -121.03
CA ASN A 1016 66.28 25.71 -121.89
C ASN A 1016 66.50 27.20 -122.17
N TYR A 1017 66.27 27.60 -123.42
CA TYR A 1017 66.31 29.02 -123.75
C TYR A 1017 65.23 29.78 -123.00
N ASN A 1018 64.02 29.23 -122.94
CA ASN A 1018 62.94 29.71 -122.10
C ASN A 1018 62.26 28.50 -121.49
N PRO A 1019 61.44 28.68 -120.46
CA PRO A 1019 60.80 27.52 -119.82
C PRO A 1019 59.97 26.65 -120.75
N THR A 1020 59.84 27.03 -122.02
CA THR A 1020 59.02 26.27 -122.96
C THR A 1020 59.83 25.50 -123.99
N THR A 1021 60.95 26.04 -124.49
CA THR A 1021 61.66 25.29 -125.52
C THR A 1021 63.10 25.02 -125.11
N PRO A 1022 63.65 23.86 -125.46
CA PRO A 1022 65.06 23.59 -125.22
C PRO A 1022 65.94 23.98 -126.41
N TYR A 1023 67.25 23.85 -126.26
CA TYR A 1023 68.17 24.12 -127.34
C TYR A 1023 68.19 22.94 -128.31
N THR A 1024 69.09 22.99 -129.30
CA THR A 1024 69.20 21.94 -130.30
C THR A 1024 70.58 21.29 -130.24
N ASN A 1025 70.61 20.00 -130.59
CA ASN A 1025 71.84 19.23 -130.72
C ASN A 1025 72.61 19.10 -129.42
N ILE A 1026 71.96 19.38 -128.28
CA ILE A 1026 72.55 19.13 -126.96
C ILE A 1026 71.56 18.31 -126.15
N PRO A 1027 72.04 17.51 -125.19
CA PRO A 1027 71.11 16.69 -124.40
C PRO A 1027 70.26 17.56 -123.49
N THR A 1028 68.94 17.43 -123.61
CA THR A 1028 67.99 18.16 -122.78
C THR A 1028 67.16 17.16 -121.99
N TYR A 1029 66.96 17.45 -120.71
CA TYR A 1029 66.29 16.54 -119.80
C TYR A 1029 64.95 17.13 -119.39
N PHE A 1030 63.89 16.34 -119.54
CA PHE A 1030 62.54 16.72 -119.15
C PHE A 1030 62.22 16.06 -117.82
N THR A 1031 61.97 16.88 -116.80
CA THR A 1031 61.58 16.38 -115.49
C THR A 1031 60.10 16.62 -115.29
N PHE A 1032 59.33 15.54 -115.17
CA PHE A 1032 57.90 15.60 -114.96
C PHE A 1032 57.60 15.27 -113.51
N THR A 1033 56.84 16.13 -112.84
CA THR A 1033 56.47 15.93 -111.44
C THR A 1033 55.02 15.49 -111.36
N LEU A 1034 54.79 14.36 -110.70
CA LEU A 1034 53.45 13.82 -110.52
C LEU A 1034 53.10 13.85 -109.04
N LEU A 1035 51.96 14.44 -108.70
CA LEU A 1035 51.50 14.58 -107.33
C LEU A 1035 50.23 13.78 -107.13
N ARG A 1036 50.23 12.93 -106.12
CA ARG A 1036 49.05 12.15 -105.73
C ARG A 1036 48.34 12.90 -104.61
N ASP A 1037 47.05 13.18 -104.81
CA ASP A 1037 46.32 13.99 -103.84
C ASP A 1037 46.30 13.34 -102.45
N PRO A 1038 45.95 12.07 -102.30
CA PRO A 1038 46.27 11.39 -101.04
C PRO A 1038 47.67 10.83 -101.09
N PRO A 1039 48.58 11.36 -100.28
CA PRO A 1039 49.95 10.87 -100.30
C PRO A 1039 50.04 9.42 -99.85
N VAL A 1040 51.06 8.72 -100.35
CA VAL A 1040 51.30 7.33 -99.97
C VAL A 1040 51.53 7.31 -98.46
N PRO A 1041 50.75 6.55 -97.69
CA PRO A 1041 50.81 6.67 -96.24
C PRO A 1041 52.13 6.12 -95.72
N PRO A 1042 52.65 6.69 -94.63
CA PRO A 1042 53.78 6.06 -93.96
C PRO A 1042 53.39 4.73 -93.36
N SER A 1043 54.37 3.86 -93.20
CA SER A 1043 54.21 2.48 -92.75
C SER A 1043 53.47 1.61 -93.75
N ALA A 1044 53.32 2.08 -94.98
CA ALA A 1044 52.75 1.24 -96.04
C ALA A 1044 53.74 0.13 -96.41
N SER A 1045 53.19 -0.98 -96.88
CA SER A 1045 54.03 -2.13 -97.21
C SER A 1045 55.03 -1.80 -98.31
N SER A 1046 54.58 -1.09 -99.35
CA SER A 1046 55.48 -0.69 -100.43
C SER A 1046 54.94 0.58 -101.06
N GLY A 1047 55.84 1.31 -101.73
CA GLY A 1047 55.44 2.49 -102.44
C GLY A 1047 54.67 2.16 -103.70
N VAL A 1048 54.03 3.18 -104.25
CA VAL A 1048 53.26 3.02 -105.48
C VAL A 1048 54.22 3.17 -106.66
N GLN A 1049 53.87 2.59 -107.80
CA GLN A 1049 54.73 2.61 -108.97
C GLN A 1049 53.98 3.18 -110.16
N PHE A 1050 54.62 4.12 -110.86
CA PHE A 1050 54.04 4.77 -112.02
C PHE A 1050 54.97 4.59 -113.22
N ALA A 1051 54.40 4.15 -114.33
CA ALA A 1051 55.12 4.07 -115.60
C ALA A 1051 54.78 5.31 -116.43
N CYS A 1052 55.78 6.14 -116.67
CA CYS A 1052 55.62 7.35 -117.43
C CYS A 1052 56.20 7.16 -118.83
N ALA A 1053 55.38 7.41 -119.84
CA ALA A 1053 55.77 7.24 -121.24
C ALA A 1053 55.79 8.60 -121.93
N LEU A 1054 56.79 8.79 -122.79
CA LEU A 1054 56.96 10.06 -123.48
C LEU A 1054 57.31 9.81 -124.94
N TYR A 1055 56.76 10.66 -125.81
CA TYR A 1055 57.10 10.67 -127.23
C TYR A 1055 57.44 12.10 -127.62
N THR A 1056 58.74 12.42 -127.67
CA THR A 1056 59.17 13.77 -127.99
C THR A 1056 58.80 14.14 -129.43
N GLY A 1057 59.02 13.22 -130.37
CA GLY A 1057 58.84 13.52 -131.77
C GLY A 1057 60.11 13.25 -132.55
N GLN A 1058 60.25 13.92 -133.70
CA GLN A 1058 61.47 13.94 -134.51
C GLN A 1058 61.77 12.59 -135.17
N ASN A 1059 61.02 11.56 -134.80
CA ASN A 1059 61.01 10.25 -135.46
C ASN A 1059 62.39 9.82 -135.96
N VAL A 1060 63.34 9.75 -135.02
CA VAL A 1060 64.72 9.41 -135.34
C VAL A 1060 65.09 8.03 -134.82
N ASN A 1061 65.04 7.82 -133.50
CA ASN A 1061 65.47 6.54 -132.96
C ASN A 1061 64.44 5.45 -133.21
N PRO A 1062 63.14 5.63 -132.92
CA PRO A 1062 62.15 4.65 -133.38
C PRO A 1062 61.95 4.67 -134.88
N ALA A 1063 62.42 5.72 -135.57
CA ALA A 1063 62.33 5.88 -137.02
C ALA A 1063 60.89 5.98 -137.53
N SER A 1064 59.92 6.06 -136.64
CA SER A 1064 58.52 6.17 -137.04
C SER A 1064 57.72 6.75 -135.89
N ALA A 1065 56.63 7.43 -136.25
CA ALA A 1065 55.73 7.97 -135.26
C ALA A 1065 54.92 6.83 -134.62
N PRO A 1066 54.40 7.05 -133.40
CA PRO A 1066 53.47 6.07 -132.83
C PRO A 1066 52.24 5.93 -133.71
N SER A 1067 51.73 4.70 -133.81
CA SER A 1067 50.61 4.42 -134.70
C SER A 1067 49.37 5.22 -134.31
N ALA A 1068 49.11 5.35 -133.01
CA ALA A 1068 47.96 6.09 -132.55
C ALA A 1068 48.25 6.68 -131.17
N ILE A 1069 47.47 7.70 -130.81
CA ILE A 1069 47.60 8.34 -129.51
C ILE A 1069 46.95 7.55 -128.39
N THR A 1070 46.43 6.36 -128.69
CA THR A 1070 45.71 5.58 -127.70
C THR A 1070 46.66 5.11 -126.59
N ASP A 1071 46.05 4.65 -125.49
CA ASP A 1071 46.83 4.27 -124.31
C ASP A 1071 47.71 3.06 -124.58
N ALA A 1072 47.21 2.09 -125.34
CA ALA A 1072 47.95 0.85 -125.55
C ALA A 1072 49.25 1.10 -126.31
N VAL A 1073 49.21 1.94 -127.35
CA VAL A 1073 50.39 2.17 -128.18
C VAL A 1073 51.51 2.77 -127.35
N TYR A 1074 51.20 3.80 -126.56
CA TYR A 1074 52.21 4.39 -125.68
C TYR A 1074 52.60 3.44 -124.55
N LYS A 1075 51.69 2.55 -124.15
CA LYS A 1075 52.02 1.55 -123.14
C LYS A 1075 53.08 0.59 -123.66
N THR A 1076 53.02 0.24 -124.95
CA THR A 1076 53.97 -0.70 -125.54
C THR A 1076 55.37 -0.12 -125.70
N PHE A 1077 55.66 1.08 -125.20
CA PHE A 1077 56.97 1.68 -125.37
C PHE A 1077 58.04 0.89 -124.61
N THR A 1078 59.27 0.98 -125.12
CA THR A 1078 60.37 0.23 -124.53
C THR A 1078 60.75 0.81 -123.17
N ASP A 1079 61.31 -0.04 -122.32
CA ASP A 1079 61.70 0.35 -120.95
C ASP A 1079 63.16 0.73 -120.95
N VAL A 1080 63.46 1.94 -120.47
CA VAL A 1080 64.83 2.45 -120.44
C VAL A 1080 65.15 2.99 -119.06
N THR A 1081 64.52 2.44 -118.03
CA THR A 1081 64.73 2.93 -116.67
C THR A 1081 66.18 2.78 -116.24
N THR A 1082 66.87 1.76 -116.71
CA THR A 1082 68.26 1.51 -116.37
C THR A 1082 69.21 1.82 -117.52
N ALA A 1083 68.74 2.54 -118.54
CA ALA A 1083 69.59 2.87 -119.67
C ALA A 1083 70.68 3.84 -119.26
N VAL A 1084 71.86 3.68 -119.86
CA VAL A 1084 72.99 4.56 -119.60
C VAL A 1084 73.29 5.36 -120.86
N ALA A 1085 74.28 6.25 -120.80
CA ALA A 1085 74.61 7.07 -121.94
C ALA A 1085 75.31 6.30 -123.05
N THR A 1086 75.84 5.12 -122.74
CA THR A 1086 76.62 4.38 -123.73
C THR A 1086 75.72 3.81 -124.83
N ASP A 1087 74.61 3.18 -124.45
CA ASP A 1087 73.78 2.50 -125.42
C ASP A 1087 72.98 3.50 -126.26
N ALA A 1088 72.41 3.00 -127.36
CA ALA A 1088 71.70 3.85 -128.30
C ALA A 1088 70.28 4.18 -127.87
N ASN A 1089 69.80 3.59 -126.78
CA ASN A 1089 68.44 3.86 -126.30
C ASN A 1089 68.38 5.03 -125.32
N TYR A 1090 69.53 5.64 -124.98
CA TYR A 1090 69.52 6.74 -124.04
C TYR A 1090 68.73 7.92 -124.58
N PHE A 1091 68.92 8.26 -125.85
CA PHE A 1091 68.19 9.33 -126.50
C PHE A 1091 67.25 8.69 -127.51
N ALA A 1092 66.08 8.28 -127.04
CA ALA A 1092 65.05 7.68 -127.88
C ALA A 1092 63.81 8.57 -127.87
N ASP A 1093 63.22 8.77 -129.04
CA ASP A 1093 62.05 9.62 -129.13
C ASP A 1093 60.88 9.06 -128.33
N GLN A 1094 60.79 7.74 -128.24
CA GLN A 1094 59.76 7.07 -127.45
C GLN A 1094 60.42 6.37 -126.27
N GLN A 1095 60.02 6.74 -125.07
CA GLN A 1095 60.63 6.18 -123.86
C GLN A 1095 59.54 5.85 -122.85
N LEU A 1096 59.86 4.89 -121.97
CA LEU A 1096 58.97 4.51 -120.88
C LEU A 1096 59.83 4.21 -119.67
N ARG A 1097 59.54 4.88 -118.56
CA ARG A 1097 60.32 4.75 -117.33
C ARG A 1097 59.40 4.43 -116.18
N VAL A 1098 59.99 3.93 -115.09
CA VAL A 1098 59.26 3.52 -113.90
C VAL A 1098 59.77 4.32 -112.71
N VAL A 1099 58.86 4.92 -111.97
CA VAL A 1099 59.19 5.73 -110.80
C VAL A 1099 58.35 5.28 -109.62
N THR A 1100 58.98 5.16 -108.46
CA THR A 1100 58.34 4.64 -107.26
C THR A 1100 58.10 5.78 -106.27
N MET A 1101 56.84 6.09 -106.01
CA MET A 1101 56.47 6.96 -104.92
C MET A 1101 56.66 6.21 -103.61
N ALA A 1102 57.62 6.65 -102.81
CA ALA A 1102 57.95 5.98 -101.57
C ALA A 1102 56.87 6.24 -100.52
N PRO A 1103 56.73 5.34 -99.55
CA PRO A 1103 55.78 5.60 -98.46
C PRO A 1103 56.13 6.88 -97.72
N GLY A 1104 55.09 7.61 -97.32
CA GLY A 1104 55.28 8.88 -96.65
C GLY A 1104 55.67 10.02 -97.57
N THR A 1105 55.41 9.91 -98.86
CA THR A 1105 55.70 10.96 -99.82
C THR A 1105 54.45 11.27 -100.62
N GLY A 1106 54.41 12.49 -101.15
CA GLY A 1106 53.23 12.95 -101.85
C GLY A 1106 53.39 13.11 -103.35
N ARG A 1107 54.64 13.18 -103.81
CA ARG A 1107 54.88 13.40 -105.23
C ARG A 1107 56.22 12.80 -105.62
N VAL A 1108 56.36 12.53 -106.92
CA VAL A 1108 57.55 11.92 -107.47
C VAL A 1108 57.92 12.66 -108.76
N SER A 1109 59.16 12.44 -109.22
CA SER A 1109 59.66 13.07 -110.43
C SER A 1109 60.32 12.04 -111.33
N CYS A 1110 60.10 12.18 -112.62
CA CYS A 1110 60.70 11.32 -113.63
C CYS A 1110 61.49 12.18 -114.61
N THR A 1111 62.76 11.82 -114.82
CA THR A 1111 63.67 12.57 -115.68
C THR A 1111 63.93 11.77 -116.95
N PHE A 1112 63.62 12.38 -118.10
CA PHE A 1112 63.74 11.72 -119.40
C PHE A 1112 64.78 12.46 -120.22
N PRO A 1113 65.82 11.78 -120.72
CA PRO A 1113 66.81 12.46 -121.57
C PRO A 1113 66.43 12.40 -123.04
N THR A 1114 66.59 13.53 -123.73
CA THR A 1114 66.26 13.64 -125.14
C THR A 1114 67.36 14.43 -125.84
N LEU A 1115 67.39 14.30 -127.17
CA LEU A 1115 68.36 15.00 -128.00
C LEU A 1115 67.67 15.39 -129.30
N TYR A 1116 67.45 16.68 -129.49
CA TYR A 1116 66.75 17.19 -130.68
C TYR A 1116 67.78 17.51 -131.75
N ALA A 1117 67.99 16.56 -132.67
CA ALA A 1117 69.01 16.74 -133.70
C ALA A 1117 68.68 17.90 -134.64
N ALA A 1118 67.41 18.02 -135.04
CA ALA A 1118 67.00 19.03 -136.01
C ALA A 1118 66.02 19.99 -135.37
N ALA A 1119 66.06 21.23 -135.85
CA ALA A 1119 65.18 22.29 -135.33
C ALA A 1119 63.89 22.32 -136.14
N GLY A 1120 62.76 22.40 -135.43
CA GLY A 1120 61.47 22.46 -136.06
C GLY A 1120 60.35 22.37 -135.05
N PRO A 1121 59.10 22.46 -135.52
CA PRO A 1121 57.97 22.28 -134.61
C PRO A 1121 57.94 20.88 -134.02
N PHE A 1122 57.53 20.78 -132.76
CA PHE A 1122 57.49 19.51 -132.07
C PHE A 1122 56.32 19.50 -131.10
N SER A 1123 55.71 18.33 -130.94
CA SER A 1123 54.57 18.15 -130.04
C SER A 1123 54.82 16.92 -129.17
N PRO A 1124 55.62 17.05 -128.12
CA PRO A 1124 55.84 15.92 -127.22
C PRO A 1124 54.54 15.48 -126.54
N LYS A 1125 54.41 14.17 -126.34
CA LYS A 1125 53.23 13.57 -125.75
C LYS A 1125 53.62 12.80 -124.51
N PHE A 1126 52.79 12.89 -123.47
CA PHE A 1126 53.09 12.30 -122.17
C PHE A 1126 51.92 11.47 -121.68
N PHE A 1127 52.23 10.31 -121.10
CA PHE A 1127 51.22 9.41 -120.54
C PHE A 1127 51.71 8.88 -119.21
N VAL A 1128 50.76 8.65 -118.30
CA VAL A 1128 51.03 8.08 -116.98
C VAL A 1128 50.17 6.84 -116.81
N PHE A 1129 50.78 5.75 -116.34
CA PHE A 1129 50.06 4.51 -116.08
C PHE A 1129 50.43 3.99 -114.72
N GLU A 1130 49.51 3.26 -114.10
CA GLU A 1130 49.83 2.54 -112.87
C GLU A 1130 50.71 1.35 -113.19
N TYR A 1131 51.50 0.91 -112.21
CA TYR A 1131 52.45 -0.16 -112.39
C TYR A 1131 52.32 -1.15 -111.24
N ALA A 1132 52.31 -2.45 -111.58
CA ALA A 1132 52.20 -3.49 -110.58
C ALA A 1132 52.76 -4.78 -111.14
N SER A 1133 53.63 -5.43 -110.37
CA SER A 1133 54.24 -6.70 -110.76
C SER A 1133 54.93 -6.59 -112.13
N SER A 1134 55.64 -5.49 -112.32
CA SER A 1134 56.36 -5.21 -113.57
C SER A 1134 55.45 -5.33 -114.79
N THR A 1135 54.22 -4.82 -114.66
CA THR A 1135 53.27 -4.80 -115.77
C THR A 1135 52.60 -3.44 -115.81
N VAL A 1136 52.49 -2.88 -117.00
CA VAL A 1136 51.89 -1.56 -117.17
C VAL A 1136 50.38 -1.70 -117.10
N GLY A 1137 49.76 -0.93 -116.20
CA GLY A 1137 48.32 -0.95 -116.01
C GLY A 1137 47.60 0.06 -116.86
N ALA A 1138 46.44 0.49 -116.38
CA ALA A 1138 45.63 1.47 -117.09
C ALA A 1138 46.19 2.88 -116.87
N ASN A 1139 45.58 3.86 -117.53
CA ASN A 1139 46.01 5.24 -117.39
C ASN A 1139 45.82 5.72 -115.95
N ALA A 1140 46.80 6.46 -115.45
CA ALA A 1140 46.74 6.96 -114.08
C ALA A 1140 45.84 8.18 -113.93
N LEU A 1141 45.52 8.85 -115.02
CA LEU A 1141 44.72 10.08 -114.97
C LEU A 1141 43.22 9.80 -114.86
N ALA A 1142 42.84 8.56 -114.56
CA ALA A 1142 41.47 8.12 -114.27
C ALA A 1142 40.57 8.15 -115.49
N VAL A 1143 41.05 8.62 -116.64
CA VAL A 1143 40.27 8.64 -117.88
C VAL A 1143 41.04 7.90 -118.95
N ALA A 1144 40.37 7.01 -119.66
CA ALA A 1144 41.01 6.26 -120.73
C ALA A 1144 41.50 7.19 -121.82
N ASP A 1145 42.73 6.95 -122.28
CA ASP A 1145 43.36 7.75 -123.34
C ASP A 1145 43.41 9.22 -122.97
N THR A 1146 44.11 9.51 -121.88
CA THR A 1146 44.35 10.88 -121.43
C THR A 1146 45.79 11.26 -121.76
N VAL A 1147 45.97 12.40 -122.42
CA VAL A 1147 47.25 12.81 -122.95
C VAL A 1147 47.65 14.13 -122.29
N THR A 1148 48.88 14.18 -121.78
CA THR A 1148 49.46 15.43 -121.28
C THR A 1148 50.35 15.97 -122.39
N SER A 1149 49.80 16.88 -123.19
CA SER A 1149 50.48 17.41 -124.36
C SER A 1149 51.28 18.65 -123.96
N LEU A 1150 52.60 18.57 -124.10
CA LEU A 1150 53.44 19.72 -123.84
C LEU A 1150 53.22 20.79 -124.91
N THR A 1151 53.46 22.04 -124.52
CA THR A 1151 53.34 23.14 -125.46
C THR A 1151 54.32 22.97 -126.60
N SER A 1152 53.83 23.16 -127.83
CA SER A 1152 54.67 22.98 -129.00
C SER A 1152 55.78 24.02 -129.02
N PHE A 1153 56.94 23.62 -129.55
CA PHE A 1153 58.10 24.50 -129.54
C PHE A 1153 58.99 24.19 -130.73
N THR A 1154 59.84 25.16 -131.05
CA THR A 1154 60.87 25.01 -132.08
C THR A 1154 62.23 25.25 -131.43
N THR A 1155 63.09 24.24 -131.47
CA THR A 1155 64.40 24.35 -130.84
C THR A 1155 65.25 25.40 -131.55
N GLN A 1156 65.96 26.19 -130.76
CA GLN A 1156 66.84 27.23 -131.28
C GLN A 1156 68.29 26.90 -130.92
N ALA A 1157 69.21 27.64 -131.55
CA ALA A 1157 70.63 27.34 -131.42
C ALA A 1157 71.10 27.50 -129.98
N ALA A 1158 72.03 26.64 -129.58
CA ALA A 1158 72.56 26.64 -128.23
C ALA A 1158 73.68 27.67 -128.10
N PRO A 1159 73.87 28.22 -126.90
CA PRO A 1159 74.98 29.14 -126.67
C PRO A 1159 76.30 28.39 -126.47
N THR A 1160 77.39 29.14 -126.50
CA THR A 1160 78.72 28.57 -126.35
C THR A 1160 79.49 29.15 -125.17
N PHE A 1161 78.88 30.04 -124.39
CA PHE A 1161 79.55 30.59 -123.22
C PHE A 1161 79.73 29.51 -122.17
N ILE A 1162 80.88 29.53 -121.49
CA ILE A 1162 81.20 28.57 -120.44
C ILE A 1162 81.27 29.33 -119.13
N THR A 1163 80.42 28.95 -118.18
CA THR A 1163 80.42 29.59 -116.87
C THR A 1163 81.68 29.23 -116.09
N GLY A 1164 82.21 30.21 -115.37
CA GLY A 1164 83.40 30.01 -114.58
C GLY A 1164 84.08 31.32 -114.25
N PRO A 1165 85.17 31.26 -113.49
CA PRO A 1165 85.88 32.48 -113.13
C PRO A 1165 86.93 32.86 -114.16
N THR A 1166 87.60 33.99 -113.94
CA THR A 1166 88.66 34.43 -114.85
C THR A 1166 89.82 33.45 -114.80
N ASN A 1167 90.46 33.25 -115.95
CA ASN A 1167 91.61 32.36 -116.07
C ASN A 1167 92.86 33.19 -116.35
N VAL A 1168 93.87 33.02 -115.53
CA VAL A 1168 95.12 33.77 -115.69
C VAL A 1168 95.79 33.35 -116.99
N PRO A 1169 96.15 34.29 -117.87
CA PRO A 1169 96.79 33.92 -119.13
C PRO A 1169 98.24 33.50 -118.94
N GLN A 1170 98.76 32.81 -119.94
CA GLN A 1170 100.14 32.34 -119.92
C GLN A 1170 101.09 33.52 -120.10
N ARG A 1171 102.39 33.23 -120.01
CA ARG A 1171 103.42 34.27 -120.05
C ARG A 1171 103.67 34.75 -121.48
N VAL A 1172 102.62 35.34 -122.05
CA VAL A 1172 102.76 36.00 -123.36
C VAL A 1172 103.66 37.22 -123.21
N PRO A 1173 104.52 37.52 -124.18
CA PRO A 1173 105.33 38.74 -124.09
C PRO A 1173 104.47 39.98 -123.99
N LEU A 1174 104.88 40.91 -123.13
CA LEU A 1174 104.11 42.10 -122.83
C LEU A 1174 105.04 43.30 -122.74
N PRO A 1175 104.52 44.50 -123.01
CA PRO A 1175 105.33 45.70 -122.83
C PRO A 1175 105.59 45.97 -121.35
N LYS A 1176 106.59 46.82 -121.11
CA LYS A 1176 106.96 47.15 -119.74
C LYS A 1176 105.81 47.85 -119.03
N GLY A 1177 105.53 47.39 -117.80
CA GLY A 1177 104.46 47.96 -117.01
C GLY A 1177 103.08 47.42 -117.31
N PHE A 1178 102.96 46.41 -118.17
CA PHE A 1178 101.66 45.85 -118.53
C PHE A 1178 101.30 44.78 -117.51
N ARG A 1179 100.73 45.23 -116.39
CA ARG A 1179 100.32 44.33 -115.34
C ARG A 1179 99.11 43.51 -115.78
N THR A 1180 99.18 42.19 -115.59
CA THR A 1180 98.06 41.31 -115.86
C THR A 1180 97.50 40.63 -114.62
N THR A 1181 98.20 40.70 -113.49
CA THR A 1181 97.73 40.15 -112.21
C THR A 1181 97.97 41.24 -111.17
N CYS A 1182 96.90 41.93 -110.77
CA CYS A 1182 97.04 43.03 -109.84
C CYS A 1182 97.37 42.53 -108.43
N PHE A 1183 98.00 43.40 -107.65
CA PHE A 1183 98.37 43.06 -106.30
C PHE A 1183 97.13 42.94 -105.42
N ASP A 1184 97.33 42.38 -104.23
CA ASP A 1184 96.23 42.24 -103.28
C ASP A 1184 95.77 43.61 -102.82
N GLY A 1185 94.47 43.87 -102.96
CA GLY A 1185 93.89 45.14 -102.58
C GLY A 1185 93.59 46.06 -103.73
N TYR A 1186 94.15 45.81 -104.91
CA TYR A 1186 93.91 46.62 -106.10
C TYR A 1186 93.02 45.87 -107.08
N GLU A 1187 92.70 46.54 -108.18
CA GLU A 1187 91.92 45.94 -109.26
C GLU A 1187 92.55 46.32 -110.60
N LEU A 1188 92.27 45.47 -111.60
CA LEU A 1188 92.81 45.67 -112.94
C LEU A 1188 91.99 46.71 -113.70
N ILE A 1189 92.69 47.64 -114.35
CA ILE A 1189 92.07 48.62 -115.23
C ILE A 1189 92.86 48.64 -116.53
N PHE A 1190 92.33 49.37 -117.51
CA PHE A 1190 92.86 49.38 -118.87
C PHE A 1190 93.02 50.83 -119.32
N SER A 1191 94.21 51.38 -119.13
CA SER A 1191 94.45 52.78 -119.45
C SER A 1191 95.91 52.98 -119.84
N ASN A 1192 96.17 54.06 -120.56
CA ASN A 1192 97.53 54.40 -120.99
C ASN A 1192 98.20 55.40 -120.06
N ASP A 1193 97.50 55.88 -119.03
CA ASP A 1193 98.08 56.83 -118.09
C ASP A 1193 98.99 56.12 -117.10
N ASN A 1194 99.80 56.91 -116.41
CA ASN A 1194 100.73 56.38 -115.41
C ASN A 1194 99.98 56.10 -114.11
N TYR A 1195 100.12 54.89 -113.60
CA TYR A 1195 99.48 54.49 -112.34
C TYR A 1195 100.51 53.81 -111.46
N THR A 1196 100.82 54.42 -110.32
CA THR A 1196 101.72 53.85 -109.33
C THR A 1196 101.00 53.80 -108.00
N ASN A 1197 101.07 52.64 -107.33
CA ASN A 1197 100.40 52.42 -106.05
C ASN A 1197 98.91 52.72 -106.13
N GLY A 1198 98.31 52.47 -107.29
CA GLY A 1198 96.88 52.60 -107.47
C GLY A 1198 96.37 54.00 -107.67
N VAL A 1199 97.24 55.01 -107.71
CA VAL A 1199 96.84 56.39 -107.93
C VAL A 1199 97.66 56.95 -109.08
N ARG A 1200 96.98 57.66 -109.98
CA ARG A 1200 97.66 58.18 -111.16
C ARG A 1200 98.59 59.33 -110.78
N VAL A 1201 99.76 59.35 -111.41
CA VAL A 1201 100.73 60.42 -111.22
C VAL A 1201 101.05 61.15 -112.51
N ALA A 1202 100.64 60.63 -113.67
CA ALA A 1202 100.86 61.28 -114.94
C ALA A 1202 99.78 60.81 -115.90
N VAL A 1203 99.44 61.66 -116.87
CA VAL A 1203 98.36 61.39 -117.81
C VAL A 1203 98.97 61.04 -119.15
N ASP A 1204 98.52 59.92 -119.72
CA ASP A 1204 98.93 59.46 -121.05
C ASP A 1204 100.45 59.29 -121.13
N ALA A 1205 100.95 58.37 -120.29
CA ALA A 1205 102.37 58.07 -120.24
C ALA A 1205 102.76 56.86 -121.07
N TYR A 1206 101.81 56.28 -121.81
CA TYR A 1206 102.09 55.13 -122.65
C TYR A 1206 101.56 55.39 -124.06
N PRO A 1207 102.25 54.90 -125.09
CA PRO A 1207 101.75 55.08 -126.45
C PRO A 1207 100.42 54.42 -126.70
N TYR A 1208 100.10 53.35 -125.98
CA TYR A 1208 98.89 52.57 -126.17
C TYR A 1208 98.32 52.22 -124.80
N PRO A 1209 97.03 51.93 -124.73
CA PRO A 1209 96.44 51.53 -123.44
C PRO A 1209 97.11 50.28 -122.90
N VAL A 1210 97.19 50.21 -121.58
CA VAL A 1210 97.93 49.15 -120.89
C VAL A 1210 97.13 48.70 -119.68
N GLY A 1211 97.18 47.40 -119.39
CA GLY A 1211 96.56 46.88 -118.19
C GLY A 1211 97.37 47.27 -116.97
N GLN A 1212 96.75 47.97 -116.02
CA GLN A 1212 97.43 48.48 -114.84
C GLN A 1212 96.57 48.22 -113.61
N CYS A 1213 97.04 48.70 -112.47
CA CYS A 1213 96.42 48.42 -111.18
C CYS A 1213 95.98 49.71 -110.51
N ARG A 1214 94.78 49.69 -109.92
CA ARG A 1214 94.24 50.85 -109.22
C ARG A 1214 93.67 50.42 -107.88
N LYS A 1215 93.87 51.26 -106.87
CA LYS A 1215 93.41 50.94 -105.52
C LYS A 1215 91.89 50.76 -105.50
N CYS A 1216 91.44 49.85 -104.65
CA CYS A 1216 90.01 49.71 -104.41
C CYS A 1216 89.47 50.99 -103.78
N PRO A 1217 88.24 51.38 -104.11
CA PRO A 1217 87.78 52.73 -103.79
C PRO A 1217 87.48 52.97 -102.31
N GLY A 1218 87.80 52.00 -101.46
CA GLY A 1218 87.45 52.11 -100.06
C GLY A 1218 86.02 51.65 -99.83
N GLY A 1219 85.81 50.82 -98.81
CA GLY A 1219 84.54 50.15 -98.66
C GLY A 1219 84.41 48.90 -99.50
N THR A 1220 85.44 48.54 -100.25
CA THR A 1220 85.47 47.31 -101.05
C THR A 1220 86.78 46.59 -100.79
N ALA A 1221 86.79 45.29 -101.03
CA ALA A 1221 87.97 44.48 -100.80
C ALA A 1221 88.07 43.41 -101.88
N THR A 1222 89.28 42.88 -102.06
CA THR A 1222 89.51 41.85 -103.04
C THR A 1222 90.78 41.08 -102.67
N MET A 1223 90.80 39.80 -103.04
CA MET A 1223 92.01 38.98 -103.00
C MET A 1223 92.53 38.63 -104.37
N ASP A 1224 91.63 38.32 -105.30
CA ASP A 1224 92.06 38.01 -106.67
C ASP A 1224 92.69 39.22 -107.34
N GLY A 1225 92.14 40.41 -107.11
CA GLY A 1225 92.62 41.61 -107.75
C GLY A 1225 92.01 41.89 -109.11
N TYR A 1226 91.00 41.14 -109.53
CA TYR A 1226 90.33 41.37 -110.80
C TYR A 1226 89.02 42.13 -110.65
N ARG A 1227 88.59 42.40 -109.42
CA ARG A 1227 87.34 43.12 -109.17
C ARG A 1227 87.29 43.60 -107.72
N CYS A 1228 86.99 44.88 -107.51
CA CYS A 1228 86.80 45.41 -106.16
C CYS A 1228 85.43 44.98 -105.68
N ILE A 1229 85.38 43.86 -104.97
CA ILE A 1229 84.11 43.35 -104.45
C ILE A 1229 83.61 44.27 -103.35
N PRO A 1230 82.38 44.78 -103.44
CA PRO A 1230 81.85 45.61 -102.35
C PRO A 1230 81.77 44.80 -101.07
N CYS A 1231 82.04 45.47 -99.95
CA CYS A 1231 82.08 44.79 -98.67
C CYS A 1231 80.69 44.27 -98.32
N PRO A 1232 80.58 43.04 -97.81
CA PRO A 1232 79.27 42.51 -97.44
C PRO A 1232 78.64 43.32 -96.34
N SER A 1233 77.30 43.34 -96.33
CA SER A 1233 76.57 44.11 -95.34
C SER A 1233 76.97 43.69 -93.93
N GLY A 1234 77.25 44.67 -93.09
CA GLY A 1234 77.76 44.42 -91.75
C GLY A 1234 79.25 44.59 -91.61
N TYR A 1235 79.96 44.89 -92.69
CA TYR A 1235 81.40 45.06 -92.69
C TYR A 1235 81.77 46.44 -93.22
N TRP A 1236 83.07 46.73 -93.21
CA TRP A 1236 83.59 47.98 -93.74
C TRP A 1236 85.07 47.78 -94.06
N SER A 1237 85.61 48.68 -94.87
CA SER A 1237 87.02 48.61 -95.23
C SER A 1237 87.48 49.96 -95.70
N ASN A 1238 88.79 50.18 -95.63
CA ASN A 1238 89.42 51.39 -96.13
C ASN A 1238 89.87 51.17 -97.58
N GLU A 1239 90.64 52.10 -98.11
CA GLU A 1239 91.13 51.98 -99.48
C GLU A 1239 92.20 50.90 -99.57
N GLY A 1240 92.12 50.09 -100.61
CA GLY A 1240 93.11 49.05 -100.84
C GLY A 1240 93.16 47.99 -99.76
N ALA A 1241 92.01 47.50 -99.33
CA ALA A 1241 91.93 46.47 -98.30
C ALA A 1241 91.79 45.10 -98.94
N ARG A 1242 92.55 44.14 -98.43
CA ARG A 1242 92.45 42.77 -98.93
C ARG A 1242 91.27 42.00 -98.33
N GLU A 1243 90.71 42.49 -97.22
CA GLU A 1243 89.53 41.85 -96.63
C GLU A 1243 88.80 42.87 -95.78
N CYS A 1244 87.48 42.80 -95.79
CA CYS A 1244 86.68 43.70 -94.96
C CYS A 1244 86.83 43.37 -93.49
N THR A 1245 86.58 44.37 -92.65
CA THR A 1245 86.62 44.22 -91.20
C THR A 1245 85.22 44.43 -90.64
N ALA A 1246 84.80 43.52 -89.77
CA ALA A 1246 83.44 43.55 -89.27
C ALA A 1246 83.23 44.69 -88.28
N CYS A 1247 82.05 45.28 -88.31
CA CYS A 1247 81.68 46.26 -87.30
C CYS A 1247 81.61 45.58 -85.93
N PRO A 1248 82.02 46.25 -84.86
CA PRO A 1248 81.99 45.61 -83.54
C PRO A 1248 80.57 45.42 -83.04
N ALA A 1249 80.46 44.68 -81.95
CA ALA A 1249 79.15 44.42 -81.36
C ALA A 1249 78.52 45.71 -80.87
N GLY A 1250 77.20 45.80 -81.03
CA GLY A 1250 76.48 47.01 -80.68
C GLY A 1250 76.46 48.07 -81.76
N THR A 1251 77.00 47.79 -82.94
CA THR A 1251 77.04 48.75 -84.03
C THR A 1251 76.55 48.09 -85.31
N ILE A 1252 76.11 48.92 -86.24
CA ILE A 1252 75.65 48.49 -87.55
C ILE A 1252 76.46 49.22 -88.61
N ALA A 1253 76.84 48.49 -89.65
CA ALA A 1253 77.57 49.08 -90.77
C ALA A 1253 76.57 49.78 -91.69
N LYS A 1254 76.48 51.10 -91.57
CA LYS A 1254 75.58 51.88 -92.41
C LYS A 1254 76.35 52.34 -93.63
N PRO A 1255 76.02 51.86 -94.83
CA PRO A 1255 76.76 52.29 -96.01
C PRO A 1255 76.43 53.73 -96.38
N ALA A 1256 77.46 54.48 -96.74
CA ALA A 1256 77.28 55.86 -97.15
C ALA A 1256 76.77 55.92 -98.59
N ALA A 1257 75.73 56.72 -98.81
CA ALA A 1257 75.17 56.84 -100.15
C ALA A 1257 76.14 57.55 -101.07
N LEU A 1258 76.27 57.05 -102.28
CA LEU A 1258 77.16 57.62 -103.28
C LEU A 1258 76.37 58.41 -104.32
N THR A 1259 77.07 59.28 -105.04
CA THR A 1259 76.50 60.06 -106.12
C THR A 1259 77.12 59.60 -107.44
N ALA A 1260 76.25 59.28 -108.40
CA ALA A 1260 76.73 58.80 -109.69
C ALA A 1260 77.47 59.91 -110.44
N ARG A 1261 78.29 59.51 -111.39
CA ARG A 1261 79.05 60.46 -112.18
C ARG A 1261 78.13 61.42 -112.93
N ALA A 1262 78.39 62.72 -112.78
CA ALA A 1262 77.65 63.71 -113.55
C ALA A 1262 78.01 63.61 -115.03
N LYS A 1263 79.27 63.38 -115.33
CA LYS A 1263 79.75 63.29 -116.70
C LYS A 1263 80.67 62.08 -116.83
N TYR A 1264 80.78 61.57 -118.05
CA TYR A 1264 81.69 60.48 -118.34
C TYR A 1264 83.14 60.93 -118.44
N SER A 1265 83.39 62.24 -118.40
CA SER A 1265 84.75 62.78 -118.36
C SER A 1265 85.31 62.83 -116.95
N ILE A 1266 84.53 62.42 -115.94
CA ILE A 1266 84.94 62.45 -114.54
C ILE A 1266 85.43 61.07 -114.16
N ASP A 1267 86.53 61.03 -113.42
CA ASP A 1267 87.07 59.75 -112.96
C ASP A 1267 86.05 59.04 -112.07
N PRO A 1268 85.72 57.79 -112.35
CA PRO A 1268 84.68 57.11 -111.57
C PRO A 1268 85.21 56.63 -110.23
N THR A 1269 84.27 56.43 -109.31
CA THR A 1269 84.59 55.86 -108.00
C THR A 1269 84.50 54.34 -108.04
N THR A 1270 83.33 53.81 -108.38
CA THR A 1270 83.11 52.37 -108.45
C THR A 1270 82.21 52.08 -109.65
N TYR A 1271 81.74 50.84 -109.73
CA TYR A 1271 80.89 50.44 -110.84
C TYR A 1271 79.53 51.13 -110.75
N HIS A 1272 78.85 51.19 -111.90
CA HIS A 1272 77.61 51.95 -111.97
C HIS A 1272 76.51 51.33 -111.11
N PHE A 1273 76.50 50.01 -110.95
CA PHE A 1273 75.46 49.37 -110.18
C PHE A 1273 75.66 49.48 -108.68
N VAL A 1274 76.83 49.92 -108.22
CA VAL A 1274 77.11 50.07 -106.80
C VAL A 1274 76.72 51.48 -106.39
N THR A 1275 75.75 51.58 -105.48
CA THR A 1275 75.26 52.87 -105.03
C THR A 1275 75.57 53.19 -103.58
N HIS A 1276 75.92 52.19 -102.77
CA HIS A 1276 76.19 52.38 -101.36
C HIS A 1276 77.50 51.70 -100.99
N LEU A 1277 78.24 52.32 -100.06
CA LEU A 1277 79.53 51.81 -99.65
C LEU A 1277 79.79 52.16 -98.19
N ALA A 1278 80.43 51.24 -97.46
CA ALA A 1278 80.86 51.49 -96.09
C ALA A 1278 82.27 52.04 -96.14
N MET A 1279 82.36 53.36 -96.32
CA MET A 1279 83.63 53.98 -96.69
C MET A 1279 84.67 53.84 -95.60
N GLY A 1280 84.29 54.07 -94.34
CA GLY A 1280 85.28 54.14 -93.28
C GLY A 1280 84.86 53.48 -91.97
N PRO A 1281 85.77 53.49 -91.00
CA PRO A 1281 85.44 52.93 -89.68
C PRO A 1281 84.29 53.65 -89.00
N GLU A 1282 84.12 54.95 -89.25
CA GLU A 1282 83.03 55.70 -88.65
C GLU A 1282 81.66 55.24 -89.15
N SER A 1283 81.61 54.45 -90.21
CA SER A 1283 80.33 53.93 -90.67
C SER A 1283 79.69 52.98 -89.67
N CYS A 1284 80.49 52.38 -88.78
CA CYS A 1284 79.95 51.59 -87.69
C CYS A 1284 79.21 52.53 -86.75
N LYS A 1285 77.88 52.52 -86.82
CA LYS A 1285 77.06 53.44 -86.04
C LYS A 1285 76.30 52.67 -84.95
N LYS A 1286 76.29 53.23 -83.75
CA LYS A 1286 75.75 52.53 -82.60
C LYS A 1286 74.24 52.39 -82.70
N CYS A 1287 73.73 51.26 -82.22
CA CYS A 1287 72.29 51.07 -82.16
C CYS A 1287 71.67 52.05 -81.18
N PRO A 1288 70.51 52.62 -81.50
CA PRO A 1288 69.88 53.60 -80.59
C PRO A 1288 69.38 52.93 -79.33
N LYS A 1289 69.07 53.77 -78.34
CA LYS A 1289 68.50 53.26 -77.09
C LYS A 1289 67.19 52.54 -77.36
N GLY A 1290 67.02 51.38 -76.75
CA GLY A 1290 65.89 50.53 -77.00
C GLY A 1290 66.18 49.38 -77.96
N TYR A 1291 67.27 49.47 -78.71
CA TYR A 1291 67.71 48.39 -79.58
C TYR A 1291 68.95 47.73 -78.98
N PHE A 1292 69.43 46.69 -79.66
CA PHE A 1292 70.65 46.02 -79.25
C PHE A 1292 71.17 45.17 -80.40
N GLN A 1293 72.47 45.23 -80.64
CA GLN A 1293 73.13 44.41 -81.65
C GLN A 1293 74.01 43.40 -80.94
N PRO A 1294 73.59 42.13 -80.84
CA PRO A 1294 74.21 41.19 -79.90
C PRO A 1294 75.44 40.44 -80.41
N ASN A 1295 75.81 40.57 -81.67
CA ASN A 1295 76.91 39.78 -82.21
C ASN A 1295 77.75 40.62 -83.16
N ILE A 1296 78.97 40.14 -83.41
CA ILE A 1296 79.87 40.81 -84.34
C ILE A 1296 79.33 40.71 -85.75
N ALA A 1297 79.72 41.68 -86.59
CA ALA A 1297 79.26 41.74 -87.98
C ALA A 1297 77.74 41.79 -88.06
N GLY A 1298 77.12 42.51 -87.14
CA GLY A 1298 75.68 42.64 -87.16
C GLY A 1298 75.18 43.45 -88.34
N THR A 1299 73.93 43.22 -88.69
CA THR A 1299 73.33 43.86 -89.85
C THR A 1299 72.07 44.66 -89.54
N VAL A 1300 71.40 44.39 -88.43
CA VAL A 1300 70.15 45.06 -88.08
C VAL A 1300 70.15 45.37 -86.60
N CYS A 1301 69.63 46.55 -86.24
CA CYS A 1301 69.45 46.91 -84.84
C CYS A 1301 68.22 46.14 -84.34
N LEU A 1302 68.45 45.09 -83.57
CA LEU A 1302 67.35 44.26 -83.12
C LEU A 1302 66.55 44.99 -82.04
N PRO A 1303 65.23 45.15 -82.20
CA PRO A 1303 64.43 45.71 -81.11
C PRO A 1303 64.52 44.85 -79.86
N CYS A 1304 64.63 45.51 -78.72
CA CYS A 1304 64.78 44.80 -77.46
C CYS A 1304 63.46 44.13 -77.08
N PRO A 1305 63.50 42.92 -76.52
CA PRO A 1305 62.26 42.23 -76.16
C PRO A 1305 61.46 43.02 -75.12
N SER A 1306 60.14 42.84 -75.18
CA SER A 1306 59.26 43.53 -74.24
C SER A 1306 59.59 43.13 -72.81
N GLY A 1307 59.72 44.14 -71.94
CA GLY A 1307 60.09 43.93 -70.56
C GLY A 1307 61.54 44.23 -70.25
N PHE A 1308 62.39 44.39 -71.26
CA PHE A 1308 63.80 44.67 -71.07
C PHE A 1308 64.12 46.07 -71.59
N VAL A 1309 65.23 46.62 -71.12
CA VAL A 1309 65.64 47.97 -71.47
C VAL A 1309 67.12 47.99 -71.79
N SER A 1310 67.51 48.79 -72.78
CA SER A 1310 68.88 48.85 -73.26
C SER A 1310 69.38 50.28 -73.28
N THR A 1311 70.70 50.42 -73.30
CA THR A 1311 71.36 51.70 -73.46
C THR A 1311 71.86 51.85 -74.89
N SER A 1312 72.61 52.92 -75.16
CA SER A 1312 73.10 53.19 -76.50
C SER A 1312 74.17 52.17 -76.88
N GLY A 1313 74.00 51.54 -78.03
CA GLY A 1313 74.97 50.58 -78.52
C GLY A 1313 75.22 49.41 -77.60
N ALA A 1314 74.14 48.86 -77.02
CA ALA A 1314 74.26 47.79 -76.05
C ALA A 1314 74.26 46.43 -76.75
N THR A 1315 75.04 45.51 -76.20
CA THR A 1315 75.08 44.13 -76.68
C THR A 1315 74.15 43.26 -75.82
N GLY A 1316 72.87 43.58 -75.88
CA GLY A 1316 71.87 42.92 -75.07
C GLY A 1316 71.27 43.89 -74.06
N CYS A 1317 70.02 43.64 -73.69
CA CYS A 1317 69.31 44.50 -72.78
C CYS A 1317 68.88 43.73 -71.54
N THR A 1318 68.80 44.44 -70.42
CA THR A 1318 68.42 43.86 -69.13
C THR A 1318 66.96 44.15 -68.83
N ALA A 1319 66.33 43.23 -68.12
CA ALA A 1319 64.91 43.36 -67.81
C ALA A 1319 64.68 44.42 -66.73
N CYS A 1320 63.47 44.97 -66.73
CA CYS A 1320 63.08 45.90 -65.68
C CYS A 1320 62.98 45.16 -64.34
N SER A 1321 63.05 45.92 -63.26
CA SER A 1321 63.04 45.32 -61.93
C SER A 1321 61.65 44.77 -61.61
N GLU A 1322 61.52 44.20 -60.41
CA GLU A 1322 60.26 43.59 -60.01
C GLU A 1322 59.14 44.60 -59.96
N GLY A 1323 59.35 45.71 -59.25
CA GLY A 1323 58.29 46.68 -59.05
C GLY A 1323 57.98 47.56 -60.24
N THR A 1324 58.77 47.49 -61.30
CA THR A 1324 58.60 48.35 -62.46
C THR A 1324 58.22 47.51 -63.68
N TYR A 1325 57.67 48.20 -64.67
CA TYR A 1325 57.27 47.58 -65.92
C TYR A 1325 57.75 48.44 -67.09
N HIS A 1326 57.96 47.79 -68.23
CA HIS A 1326 58.53 48.44 -69.40
C HIS A 1326 57.47 49.26 -70.12
N THR A 1327 57.77 50.54 -70.35
CA THR A 1327 56.87 51.46 -71.05
C THR A 1327 57.68 52.71 -71.41
N ASP A 1328 57.00 53.72 -71.93
CA ASP A 1328 57.63 54.98 -72.25
C ASP A 1328 57.89 55.79 -70.99
N GLY A 1329 58.90 56.65 -71.06
CA GLY A 1329 59.29 57.45 -69.91
C GLY A 1329 59.30 58.93 -70.16
N VAL A 1330 58.29 59.43 -70.87
CA VAL A 1330 58.26 60.85 -71.23
C VAL A 1330 58.20 61.71 -69.98
N GLY A 1331 57.35 61.34 -69.02
CA GLY A 1331 57.17 62.14 -67.83
C GLY A 1331 58.13 61.89 -66.70
N THR A 1332 58.94 60.84 -66.77
CA THR A 1332 59.84 60.51 -65.68
C THR A 1332 61.04 61.44 -65.66
N THR A 1333 61.83 61.34 -64.59
CA THR A 1333 62.98 62.21 -64.42
C THR A 1333 64.07 61.91 -65.44
N THR A 1334 64.31 60.63 -65.73
CA THR A 1334 65.39 60.20 -66.63
C THR A 1334 64.78 59.37 -67.75
N PRO A 1335 64.31 60.01 -68.83
CA PRO A 1335 63.75 59.26 -69.95
C PRO A 1335 64.85 58.49 -70.69
N GLY A 1336 64.67 57.17 -70.77
CA GLY A 1336 65.61 56.34 -71.49
C GLY A 1336 65.42 56.29 -72.98
N GLU A 1337 64.42 57.01 -73.50
CA GLU A 1337 64.13 56.96 -74.92
C GLU A 1337 65.25 57.60 -75.72
N ALA A 1338 65.57 57.00 -76.86
CA ALA A 1338 66.61 57.54 -77.73
C ALA A 1338 66.15 58.85 -78.36
N THR A 1339 67.10 59.75 -78.56
CA THR A 1339 66.80 61.04 -79.15
C THR A 1339 66.56 60.91 -80.65
N SER A 1340 66.06 61.99 -81.25
CA SER A 1340 65.85 62.00 -82.69
C SER A 1340 67.18 62.05 -83.45
N LEU A 1341 68.24 62.55 -82.81
CA LEU A 1341 69.52 62.66 -83.50
C LEU A 1341 70.08 61.29 -83.86
N ASP A 1342 69.97 60.31 -82.97
CA ASP A 1342 70.53 58.99 -83.19
C ASP A 1342 69.52 57.99 -83.73
N THR A 1343 68.33 58.45 -84.13
CA THR A 1343 67.34 57.58 -84.74
C THR A 1343 67.01 57.97 -86.16
N THR A 1344 66.64 59.23 -86.39
CA THR A 1344 66.22 59.68 -87.71
C THR A 1344 67.26 60.51 -88.43
N ASP A 1345 68.43 60.69 -87.82
CA ASP A 1345 69.53 61.40 -88.48
C ASP A 1345 70.73 60.48 -88.71
N THR A 1346 71.13 59.71 -87.70
CA THR A 1346 72.14 58.68 -87.92
C THR A 1346 71.64 57.63 -88.91
N PHE A 1347 70.40 57.18 -88.74
CA PHE A 1347 69.75 56.27 -89.67
C PHE A 1347 68.65 57.02 -90.41
N GLY A 1348 67.92 56.27 -91.24
CA GLY A 1348 66.77 56.84 -91.91
C GLY A 1348 65.52 56.73 -91.07
N SER A 1349 64.44 56.23 -91.66
CA SER A 1349 63.23 55.91 -90.92
C SER A 1349 63.15 54.44 -90.54
N ILE A 1350 64.24 53.70 -90.73
CA ILE A 1350 64.22 52.27 -90.48
C ILE A 1350 64.04 51.98 -89.00
N TYR A 1351 64.66 52.78 -88.13
CA TYR A 1351 64.63 52.54 -86.69
C TYR A 1351 63.98 53.72 -85.98
N PRO A 1352 62.69 53.64 -85.65
CA PRO A 1352 62.02 54.73 -84.93
C PRO A 1352 62.34 54.66 -83.44
N ILE A 1353 61.76 55.59 -82.70
CA ILE A 1353 61.98 55.66 -81.26
C ILE A 1353 61.15 54.58 -80.57
N ILE A 1354 61.79 53.81 -79.70
CA ILE A 1354 61.13 52.70 -79.01
C ILE A 1354 61.12 52.99 -77.51
N PRO A 1355 60.01 52.76 -76.82
CA PRO A 1355 59.98 52.99 -75.37
C PRO A 1355 60.87 51.99 -74.64
N ASN A 1356 61.82 52.50 -73.86
CA ASN A 1356 62.75 51.66 -73.11
C ASN A 1356 62.92 52.20 -71.70
N THR A 1357 61.81 52.51 -71.02
CA THR A 1357 61.85 52.97 -69.65
C THR A 1357 61.14 51.98 -68.74
N CYS A 1358 61.51 52.00 -67.46
CA CYS A 1358 60.86 51.18 -66.44
C CYS A 1358 60.13 52.12 -65.49
N ARG A 1359 58.79 52.04 -65.51
CA ARG A 1359 57.96 52.84 -64.62
C ARG A 1359 57.46 51.98 -63.46
N GLN A 1360 57.46 52.56 -62.27
CA GLN A 1360 56.96 51.86 -61.10
C GLN A 1360 55.45 51.69 -61.17
N CYS A 1361 54.97 50.57 -60.64
CA CYS A 1361 53.53 50.35 -60.55
C CYS A 1361 52.91 51.36 -59.60
N PRO A 1362 51.66 51.78 -59.86
CA PRO A 1362 51.03 52.79 -59.01
C PRO A 1362 50.70 52.27 -57.62
N ALA A 1363 50.12 53.11 -56.78
CA ALA A 1363 49.81 52.74 -55.42
C ALA A 1363 48.75 51.64 -55.37
N ASN A 1364 48.83 50.82 -54.33
CA ASN A 1364 47.91 49.71 -54.08
C ASN A 1364 47.94 48.67 -55.18
N THR A 1365 48.99 48.65 -55.99
CA THR A 1365 49.19 47.65 -57.03
C THR A 1365 50.60 47.11 -56.94
N TYR A 1366 50.76 45.83 -57.27
CA TYR A 1366 52.05 45.16 -57.14
C TYR A 1366 52.33 44.35 -58.40
N LEU A 1367 53.61 44.13 -58.65
CA LEU A 1367 54.07 43.39 -59.83
C LEU A 1367 55.18 42.44 -59.39
N PRO A 1368 54.88 41.15 -59.25
CA PRO A 1368 55.90 40.18 -58.81
C PRO A 1368 56.69 39.52 -59.93
N LEU A 1369 56.41 39.84 -61.19
CA LEU A 1369 57.16 39.28 -62.30
C LEU A 1369 58.34 40.18 -62.66
N ARG A 1370 59.39 39.57 -63.19
CA ARG A 1370 60.61 40.31 -63.49
C ARG A 1370 60.46 41.13 -64.77
N GLY A 1371 60.22 40.46 -65.89
CA GLY A 1371 60.11 41.16 -67.16
C GLY A 1371 58.69 41.39 -67.59
N GLN A 1372 58.18 42.61 -67.39
CA GLN A 1372 56.81 42.95 -67.74
C GLN A 1372 56.80 44.25 -68.52
N ALA A 1373 55.92 44.32 -69.53
CA ALA A 1373 55.77 45.51 -70.35
C ALA A 1373 54.29 45.85 -70.46
N ALA A 1374 54.01 47.14 -70.59
CA ALA A 1374 52.64 47.61 -70.70
C ALA A 1374 52.09 47.24 -72.07
N ILE A 1375 51.08 46.37 -72.09
CA ILE A 1375 50.48 45.94 -73.35
C ILE A 1375 49.81 47.12 -74.01
N ALA A 1376 50.14 47.35 -75.28
CA ALA A 1376 49.64 48.49 -76.02
C ALA A 1376 48.86 48.01 -77.23
N SER A 1377 47.64 48.51 -77.38
CA SER A 1377 46.79 48.22 -78.52
C SER A 1377 46.90 49.35 -79.54
N MET A 1378 47.14 49.00 -80.79
CA MET A 1378 47.31 50.01 -81.83
C MET A 1378 45.98 50.68 -82.18
N ASN A 1379 44.85 50.08 -81.84
CA ASN A 1379 43.53 50.67 -82.09
C ASN A 1379 43.03 51.27 -80.78
N LEU A 1380 43.47 52.50 -80.52
CA LEU A 1380 43.13 53.15 -79.25
C LEU A 1380 41.64 53.43 -79.13
N ALA A 1381 40.94 53.57 -80.26
CA ALA A 1381 39.52 53.93 -80.21
C ALA A 1381 38.70 52.85 -79.53
N ALA A 1382 38.96 51.59 -79.85
CA ALA A 1382 38.18 50.49 -79.29
C ALA A 1382 38.76 49.97 -77.98
N VAL A 1383 40.03 49.57 -78.01
CA VAL A 1383 40.70 48.99 -76.86
C VAL A 1383 41.84 49.91 -76.45
N SER A 1384 41.87 50.30 -75.19
CA SER A 1384 42.92 51.17 -74.68
C SER A 1384 44.06 50.33 -74.13
N SER A 1385 45.26 50.89 -74.20
CA SER A 1385 46.44 50.20 -73.67
C SER A 1385 46.32 50.03 -72.17
N ALA A 1386 46.80 48.89 -71.67
CA ALA A 1386 46.70 48.56 -70.26
C ALA A 1386 48.05 48.08 -69.75
N THR A 1387 48.29 48.32 -68.48
CA THR A 1387 49.50 47.95 -67.78
C THR A 1387 49.30 46.62 -67.05
N PRO A 1388 50.37 45.85 -66.85
CA PRO A 1388 50.25 44.56 -66.16
C PRO A 1388 50.32 44.65 -64.64
N CYS A 1389 50.19 45.84 -64.07
CA CYS A 1389 50.24 46.02 -62.62
C CYS A 1389 49.07 45.30 -61.97
N ARG A 1390 49.33 44.21 -61.27
CA ARG A 1390 48.26 43.46 -60.66
C ARG A 1390 47.70 44.19 -59.45
N PRO A 1391 46.39 44.24 -59.30
CA PRO A 1391 45.81 44.83 -58.08
C PRO A 1391 46.10 43.99 -56.86
N CYS A 1392 46.18 44.66 -55.71
CA CYS A 1392 46.46 43.96 -54.47
C CYS A 1392 45.19 43.30 -53.94
N GLU A 1393 45.35 42.10 -53.40
CA GLU A 1393 44.21 41.37 -52.87
C GLU A 1393 43.55 42.17 -51.75
N ASP A 1394 42.22 42.11 -51.70
CA ASP A 1394 41.47 42.87 -50.72
C ASP A 1394 41.90 42.49 -49.31
N GLY A 1395 42.05 43.51 -48.46
CA GLY A 1395 42.63 43.35 -47.16
C GLY A 1395 44.12 43.66 -47.09
N THR A 1396 44.79 43.72 -48.23
CA THR A 1396 46.21 44.04 -48.29
C THR A 1396 46.42 45.34 -49.06
N TRP A 1397 47.46 46.06 -48.68
CA TRP A 1397 47.81 47.33 -49.30
C TRP A 1397 49.28 47.32 -49.69
N SER A 1398 49.63 48.17 -50.64
CA SER A 1398 51.01 48.28 -51.09
C SER A 1398 51.29 49.72 -51.49
N LYS A 1399 52.47 50.21 -51.12
CA LYS A 1399 52.91 51.52 -51.57
C LYS A 1399 53.24 51.47 -53.06
N ALA A 1400 53.32 52.65 -53.68
CA ALA A 1400 53.66 52.73 -55.09
C ALA A 1400 55.11 52.29 -55.29
N GLY A 1401 55.30 51.09 -55.83
CA GLY A 1401 56.62 50.55 -55.96
C GLY A 1401 56.68 49.05 -56.14
N ALA A 1402 57.44 48.38 -55.28
CA ALA A 1402 57.74 46.97 -55.45
C ALA A 1402 56.50 46.11 -55.21
N ALA A 1403 56.68 44.80 -55.36
CA ALA A 1403 55.60 43.83 -55.22
C ALA A 1403 55.37 43.52 -53.73
N GLY A 1404 54.57 42.50 -53.47
CA GLY A 1404 54.36 42.05 -52.11
C GLY A 1404 53.54 43.00 -51.25
N CYS A 1405 52.24 43.12 -51.55
CA CYS A 1405 51.36 43.95 -50.74
C CYS A 1405 51.38 43.48 -49.29
N GLN A 1406 51.45 44.44 -48.38
CA GLN A 1406 51.44 44.14 -46.96
C GLN A 1406 50.02 44.16 -46.43
N LYS A 1407 49.77 43.38 -45.38
CA LYS A 1407 48.45 43.30 -44.80
C LYS A 1407 48.09 44.60 -44.08
N CYS A 1408 46.81 44.93 -44.12
CA CYS A 1408 46.33 46.13 -43.42
C CYS A 1408 46.49 45.95 -41.92
N PRO A 1409 46.81 47.02 -41.19
CA PRO A 1409 46.98 46.90 -39.75
C PRO A 1409 45.65 46.58 -39.08
N PRO A 1410 45.68 45.95 -37.90
CA PRO A 1410 44.43 45.66 -37.19
C PRO A 1410 43.68 46.94 -36.88
N GLY A 1411 42.35 46.85 -36.92
CA GLY A 1411 41.49 48.01 -36.80
C GLY A 1411 41.14 48.67 -38.11
N THR A 1412 41.69 48.19 -39.22
CA THR A 1412 41.42 48.73 -40.55
C THR A 1412 41.00 47.59 -41.47
N TYR A 1413 40.47 47.96 -42.63
CA TYR A 1413 40.06 46.99 -43.63
C TYR A 1413 40.14 47.63 -45.01
N ARG A 1414 40.51 46.83 -46.00
CA ARG A 1414 40.52 47.28 -47.38
C ARG A 1414 39.71 46.31 -48.22
N ASN A 1415 38.76 46.84 -48.99
CA ASN A 1415 37.93 46.04 -49.86
C ASN A 1415 37.65 46.82 -51.13
N THR A 1416 37.65 46.11 -52.26
CA THR A 1416 37.49 46.77 -53.55
C THR A 1416 36.09 47.37 -53.69
N TRP A 1417 35.06 46.65 -53.26
CA TRP A 1417 33.70 47.04 -53.58
C TRP A 1417 33.14 48.11 -52.66
N PHE A 1418 33.75 48.35 -51.51
CA PHE A 1418 33.24 49.37 -50.60
C PHE A 1418 34.36 49.75 -49.63
N SER A 1419 34.16 50.89 -48.98
CA SER A 1419 35.15 51.43 -48.05
C SER A 1419 34.45 52.45 -47.15
N GLY A 1420 35.24 53.16 -46.35
CA GLY A 1420 34.69 54.17 -45.47
C GLY A 1420 34.01 53.59 -44.25
N GLN A 1421 33.38 54.47 -43.49
CA GLN A 1421 32.68 54.11 -42.27
C GLN A 1421 31.25 54.62 -42.33
N LEU A 1422 30.32 53.80 -41.83
CA LEU A 1422 28.92 54.20 -41.68
C LEU A 1422 28.67 54.40 -40.20
N GLY A 1423 28.51 55.66 -39.79
CA GLY A 1423 28.43 56.01 -38.39
C GLY A 1423 27.18 55.47 -37.72
N SER A 1424 27.12 55.70 -36.41
CA SER A 1424 26.00 55.23 -35.61
C SER A 1424 24.78 56.11 -35.87
N PRO A 1425 23.65 55.56 -36.29
CA PRO A 1425 22.47 56.40 -36.53
C PRO A 1425 21.75 56.84 -35.26
N PHE A 1426 21.94 56.15 -34.15
CA PHE A 1426 21.21 56.42 -32.93
C PHE A 1426 21.83 57.52 -32.08
N ILE A 1427 22.98 58.06 -32.49
CA ILE A 1427 23.57 59.21 -31.80
C ILE A 1427 23.28 60.52 -32.52
N THR A 1428 22.51 60.48 -33.60
CA THR A 1428 22.17 61.67 -34.36
C THR A 1428 20.68 61.94 -34.27
N ALA A 1429 20.31 63.21 -34.10
CA ALA A 1429 18.90 63.56 -34.04
C ALA A 1429 18.18 63.26 -35.35
N ASP A 1430 18.89 63.33 -36.48
CA ASP A 1430 18.27 63.02 -37.76
C ASP A 1430 17.88 61.55 -37.83
N GLY A 1431 18.73 60.66 -37.34
CA GLY A 1431 18.50 59.23 -37.45
C GLY A 1431 19.13 58.58 -38.66
N VAL A 1432 19.63 59.37 -39.61
CA VAL A 1432 20.32 58.85 -40.79
C VAL A 1432 21.79 58.68 -40.46
N PRO A 1433 22.37 57.49 -40.65
CA PRO A 1433 23.78 57.28 -40.31
C PRO A 1433 24.69 58.10 -41.22
N VAL A 1434 25.55 58.91 -40.61
CA VAL A 1434 26.48 59.75 -41.35
C VAL A 1434 27.65 58.89 -41.81
N ALA A 1435 28.02 59.02 -43.07
CA ALA A 1435 29.10 58.24 -43.66
C ALA A 1435 30.38 59.05 -43.65
N THR A 1436 31.45 58.46 -43.13
CA THR A 1436 32.76 59.09 -43.08
C THR A 1436 33.75 58.25 -43.87
N THR A 1437 34.98 58.77 -43.98
CA THR A 1437 36.05 58.11 -44.73
C THR A 1437 37.35 58.14 -43.94
N LEU A 1438 37.27 57.87 -42.64
CA LEU A 1438 38.47 57.83 -41.81
C LEU A 1438 39.35 56.65 -42.22
N THR A 1439 40.63 56.92 -42.47
CA THR A 1439 41.56 55.90 -42.91
C THR A 1439 42.84 55.98 -42.08
N GLU A 1440 43.54 54.86 -41.98
CA GLU A 1440 44.84 54.85 -41.34
C GLU A 1440 45.82 55.70 -42.13
N LEU A 1441 46.71 56.40 -41.42
CA LEU A 1441 47.57 57.38 -42.07
C LEU A 1441 48.63 56.70 -42.93
N GLY A 1442 49.48 55.87 -42.31
CA GLY A 1442 50.58 55.28 -43.04
C GLY A 1442 50.13 54.29 -44.10
N SER A 1443 49.19 53.41 -43.75
CA SER A 1443 48.78 52.37 -44.68
C SER A 1443 47.85 52.91 -45.76
N GLY A 1444 46.72 53.47 -45.36
CA GLY A 1444 45.70 53.93 -46.27
C GLY A 1444 44.42 53.12 -46.26
N CYS A 1445 44.40 51.99 -45.56
CA CYS A 1445 43.18 51.21 -45.45
C CYS A 1445 42.14 51.99 -44.65
N SER A 1446 40.88 51.81 -45.03
CA SER A 1446 39.79 52.46 -44.34
C SER A 1446 39.66 51.91 -42.93
N GLN A 1447 39.41 52.81 -41.97
CA GLN A 1447 39.26 52.40 -40.59
C GLN A 1447 37.94 51.64 -40.40
N CYS A 1448 37.96 50.74 -39.43
CA CYS A 1448 36.80 49.88 -39.18
C CYS A 1448 35.64 50.72 -38.66
N PRO A 1449 34.43 50.52 -39.17
CA PRO A 1449 33.30 51.35 -38.76
C PRO A 1449 32.91 51.10 -37.32
N PRO A 1450 32.23 52.05 -36.67
CA PRO A 1450 31.81 51.84 -35.28
C PRO A 1450 30.85 50.67 -35.16
N GLY A 1451 30.94 49.97 -34.04
CA GLY A 1451 30.17 48.77 -33.82
C GLY A 1451 30.83 47.51 -34.32
N THR A 1452 31.90 47.63 -35.10
CA THR A 1452 32.64 46.49 -35.63
C THR A 1452 34.12 46.65 -35.29
N TYR A 1453 34.79 45.51 -35.15
CA TYR A 1453 36.20 45.49 -34.78
C TYR A 1453 36.97 44.62 -35.75
N ALA A 1454 38.22 45.02 -36.01
CA ALA A 1454 39.11 44.29 -36.92
C ALA A 1454 40.31 43.81 -36.12
N PRO A 1455 40.26 42.60 -35.59
CA PRO A 1455 41.30 42.16 -34.65
C PRO A 1455 42.58 41.68 -35.31
N THR A 1456 42.47 41.06 -36.48
CA THR A 1456 43.61 40.40 -37.10
C THR A 1456 44.27 41.34 -38.11
N PHE A 1457 45.33 40.84 -38.73
CA PHE A 1457 46.10 41.61 -39.71
C PHE A 1457 45.51 41.42 -41.10
N GLY A 1458 45.15 42.52 -41.75
CA GLY A 1458 44.75 42.48 -43.14
C GLY A 1458 43.52 41.66 -43.47
N MET A 1459 42.36 42.11 -43.00
CA MET A 1459 41.10 41.45 -43.28
C MET A 1459 40.26 42.31 -44.20
N SER A 1460 39.48 41.67 -45.07
CA SER A 1460 38.71 42.40 -46.07
C SER A 1460 37.56 43.17 -45.42
N VAL A 1461 36.79 42.52 -44.56
CA VAL A 1461 35.63 43.14 -43.95
C VAL A 1461 35.84 43.22 -42.43
N CYS A 1462 34.92 43.91 -41.78
CA CYS A 1462 34.96 44.10 -40.33
C CYS A 1462 33.94 43.20 -39.65
N LEU A 1463 34.40 42.49 -38.62
CA LEU A 1463 33.53 41.59 -37.88
C LEU A 1463 32.62 42.39 -36.96
N PRO A 1464 31.30 42.25 -37.07
CA PRO A 1464 30.41 42.90 -36.10
C PRO A 1464 30.63 42.34 -34.71
N CYS A 1465 30.48 43.20 -33.71
CA CYS A 1465 30.75 42.81 -32.35
C CYS A 1465 29.71 41.80 -31.87
N PRO A 1466 30.10 40.83 -31.05
CA PRO A 1466 29.12 39.87 -30.53
C PRO A 1466 28.12 40.55 -29.61
N ALA A 1467 26.94 39.94 -29.53
CA ALA A 1467 25.91 40.44 -28.63
C ALA A 1467 26.43 40.46 -27.20
N GLY A 1468 26.20 41.57 -26.51
CA GLY A 1468 26.78 41.80 -25.20
C GLY A 1468 28.08 42.56 -25.21
N THR A 1469 28.53 43.01 -26.37
CA THR A 1469 29.75 43.81 -26.50
C THR A 1469 29.46 45.00 -27.42
N PHE A 1470 30.25 46.05 -27.26
CA PHE A 1470 30.02 47.30 -27.98
C PHE A 1470 31.33 47.92 -28.41
N ALA A 1471 31.34 48.49 -29.61
CA ALA A 1471 32.46 49.28 -30.11
C ALA A 1471 31.93 50.64 -30.52
N SER A 1472 32.59 51.70 -30.06
CA SER A 1472 32.10 53.05 -30.27
C SER A 1472 33.07 53.96 -31.02
N ALA A 1473 34.23 53.46 -31.41
CA ALA A 1473 35.22 54.30 -32.09
C ALA A 1473 35.64 53.65 -33.40
N PRO A 1474 35.92 54.46 -34.42
CA PRO A 1474 36.36 53.88 -35.70
C PRO A 1474 37.74 53.26 -35.60
N GLY A 1475 37.79 51.94 -35.62
CA GLY A 1475 39.04 51.21 -35.46
C GLY A 1475 39.21 50.74 -34.03
N ALA A 1476 38.95 49.47 -33.78
CA ALA A 1476 38.91 48.95 -32.42
C ALA A 1476 39.91 47.84 -32.17
N THR A 1477 39.99 46.86 -33.07
CA THR A 1477 40.79 45.64 -32.94
C THR A 1477 40.19 44.72 -31.88
N ALA A 1478 39.22 45.23 -31.12
CA ALA A 1478 38.46 44.48 -30.13
C ALA A 1478 37.41 45.40 -29.54
N CYS A 1479 36.30 44.85 -29.08
CA CYS A 1479 35.28 45.65 -28.40
C CYS A 1479 35.02 45.10 -27.01
N GLN A 1480 34.88 46.02 -26.05
CA GLN A 1480 34.71 45.67 -24.65
C GLN A 1480 33.30 45.17 -24.39
N GLN A 1481 33.12 44.55 -23.24
CA GLN A 1481 31.84 43.99 -22.84
C GLN A 1481 31.01 45.05 -22.12
N CYS A 1482 29.69 44.97 -22.29
CA CYS A 1482 28.81 45.92 -21.64
C CYS A 1482 28.90 45.78 -20.12
N LYS A 1483 28.96 46.93 -19.45
CA LYS A 1483 29.03 46.93 -18.00
C LYS A 1483 27.76 46.30 -17.42
N PRO A 1484 27.84 45.72 -16.23
CA PRO A 1484 26.64 45.15 -15.62
C PRO A 1484 25.57 46.21 -15.43
N GLY A 1485 24.33 45.84 -15.68
CA GLY A 1485 23.24 46.79 -15.72
C GLY A 1485 23.00 47.42 -17.08
N THR A 1486 23.81 47.08 -18.08
CA THR A 1486 23.64 47.59 -19.43
C THR A 1486 23.62 46.42 -20.41
N ASN A 1487 23.00 46.66 -21.57
CA ASN A 1487 22.86 45.63 -22.58
C ASN A 1487 23.41 46.09 -23.92
N SER A 1488 23.17 45.33 -24.97
CA SER A 1488 23.59 45.67 -26.32
C SER A 1488 22.36 45.65 -27.22
N LEU A 1489 21.63 46.76 -27.24
CA LEU A 1489 20.44 46.92 -28.07
C LEU A 1489 20.54 48.21 -28.86
N MET A 1490 19.88 48.21 -30.03
CA MET A 1490 19.90 49.39 -30.88
C MET A 1490 19.30 50.58 -30.15
N GLY A 1491 20.00 51.71 -30.16
CA GLY A 1491 19.54 52.90 -29.48
C GLY A 1491 19.73 52.79 -27.98
N ASP A 1492 19.57 53.93 -27.31
CA ASP A 1492 19.65 53.96 -25.85
C ASP A 1492 18.32 53.50 -25.26
N ARG A 1493 18.21 53.58 -23.94
CA ARG A 1493 17.00 53.10 -23.26
C ARG A 1493 15.79 53.94 -23.63
N THR A 1494 15.99 55.26 -23.80
CA THR A 1494 14.87 56.12 -24.14
C THR A 1494 14.29 55.80 -25.51
N GLN A 1495 15.16 55.55 -26.50
CA GLN A 1495 14.68 55.33 -27.86
C GLN A 1495 13.94 54.00 -27.98
N GLN A 1496 14.52 52.92 -27.46
CA GLN A 1496 13.87 51.63 -27.58
C GLN A 1496 12.62 51.50 -26.73
N MET A 1497 12.38 52.45 -25.81
CA MET A 1497 11.15 52.50 -25.05
C MET A 1497 10.17 53.52 -25.58
N ALA A 1498 10.52 54.23 -26.65
CA ALA A 1498 9.70 55.32 -27.16
C ALA A 1498 8.66 54.82 -28.15
N LEU A 1499 7.63 55.64 -28.35
CA LEU A 1499 6.57 55.35 -29.31
C LEU A 1499 6.28 56.50 -30.27
N VAL A 1500 6.58 57.74 -29.91
CA VAL A 1500 6.33 58.89 -30.76
C VAL A 1500 7.39 58.97 -31.84
N VAL A 1501 7.14 59.76 -32.88
CA VAL A 1501 8.05 59.93 -33.99
C VAL A 1501 8.43 61.40 -34.10
N THR A 1502 9.70 61.65 -34.41
CA THR A 1502 10.20 63.00 -34.65
C THR A 1502 10.53 63.24 -36.12
N ASN A 1503 11.35 62.38 -36.71
CA ASN A 1503 11.66 62.45 -38.14
C ASN A 1503 10.64 61.60 -38.88
N ALA A 1504 9.67 62.25 -39.51
CA ALA A 1504 8.60 61.54 -40.21
C ALA A 1504 9.10 60.77 -41.42
N ALA A 1505 10.31 61.05 -41.90
CA ALA A 1505 10.83 60.36 -43.07
C ALA A 1505 11.07 58.87 -42.78
N ASN A 1506 11.56 58.55 -41.58
CA ASN A 1506 11.93 57.17 -41.28
C ASN A 1506 11.45 56.73 -39.90
N ASP A 1507 10.45 57.38 -39.33
CA ASP A 1507 9.84 57.00 -38.05
C ASP A 1507 10.84 57.03 -36.89
N PHE A 1508 11.95 57.74 -37.05
CA PHE A 1508 12.90 57.87 -35.96
C PHE A 1508 12.32 58.76 -34.87
N PRO A 1509 12.52 58.43 -33.58
CA PRO A 1509 13.19 57.25 -33.05
C PRO A 1509 12.21 56.24 -32.44
N ALA A 1510 11.08 55.98 -33.09
CA ALA A 1510 10.06 55.09 -32.55
C ALA A 1510 10.52 53.63 -32.69
N LEU A 1511 11.54 53.29 -31.91
CA LEU A 1511 12.04 51.92 -31.85
C LEU A 1511 11.17 51.15 -30.85
N ARG A 1512 10.01 50.72 -31.33
CA ARG A 1512 9.03 50.04 -30.47
C ARG A 1512 9.53 48.63 -30.19
N ALA A 1513 10.47 48.54 -29.25
CA ALA A 1513 11.08 47.27 -28.89
C ALA A 1513 10.68 46.77 -27.51
N TYR A 1514 10.14 47.64 -26.65
CA TYR A 1514 9.71 47.25 -25.31
C TYR A 1514 8.18 47.21 -25.28
N THR A 1515 7.63 46.00 -25.21
CA THR A 1515 6.20 45.79 -25.09
C THR A 1515 5.94 44.94 -23.86
N ILE A 1516 5.13 45.45 -22.94
CA ILE A 1516 4.81 44.75 -21.69
C ILE A 1516 3.31 44.67 -21.54
N SER A 1517 2.81 43.49 -21.21
CA SER A 1517 1.38 43.25 -21.11
C SER A 1517 0.93 43.49 -19.68
N GLY A 1518 -0.01 44.40 -19.49
CA GLY A 1518 -0.53 44.69 -18.17
C GLY A 1518 -1.77 45.56 -18.27
N MET A 1519 -2.28 45.94 -17.10
CA MET A 1519 -3.45 46.81 -17.06
C MET A 1519 -3.10 48.20 -17.58
N VAL A 1520 -4.03 48.77 -18.33
CA VAL A 1520 -3.81 50.07 -18.98
C VAL A 1520 -4.80 51.07 -18.44
N ALA A 1521 -4.75 52.30 -18.95
CA ALA A 1521 -5.73 53.30 -18.58
C ALA A 1521 -7.13 52.80 -18.89
N GLY A 1522 -8.03 52.94 -17.93
CA GLY A 1522 -9.35 52.35 -18.03
C GLY A 1522 -9.34 50.93 -17.50
N PRO A 1523 -10.52 50.38 -17.23
CA PRO A 1523 -10.60 49.02 -16.67
C PRO A 1523 -10.07 47.95 -17.61
N ALA A 1524 -9.92 48.24 -18.90
CA ALA A 1524 -9.49 47.22 -19.85
C ALA A 1524 -8.05 46.78 -19.57
N TYR A 1525 -7.79 45.51 -19.87
CA TYR A 1525 -6.48 44.89 -19.67
C TYR A 1525 -5.94 44.49 -21.04
N ALA A 1526 -4.91 45.18 -21.51
CA ALA A 1526 -4.36 44.96 -22.85
C ALA A 1526 -3.13 44.07 -22.77
N LYS A 1527 -3.01 43.17 -23.73
CA LYS A 1527 -1.87 42.26 -23.81
C LYS A 1527 -1.48 42.03 -25.27
N PRO A 1528 -0.32 42.52 -25.70
CA PRO A 1528 0.61 43.42 -24.99
C PRO A 1528 0.17 44.87 -25.13
N ILE A 1529 0.73 45.80 -24.35
CA ILE A 1529 0.33 47.19 -24.45
C ILE A 1529 0.81 47.82 -25.75
N VAL A 1530 1.84 47.25 -26.37
CA VAL A 1530 2.35 47.73 -27.66
C VAL A 1530 2.34 46.55 -28.61
N THR A 1531 1.65 46.70 -29.72
CA THR A 1531 1.47 45.62 -30.69
C THR A 1531 2.13 45.98 -32.01
N GLY A 1532 2.26 44.99 -32.88
CA GLY A 1532 2.84 45.18 -34.18
C GLY A 1532 4.06 44.30 -34.40
N PRO A 1533 4.48 44.17 -35.65
CA PRO A 1533 5.68 43.38 -35.95
C PRO A 1533 6.93 44.09 -35.46
N ASP A 1534 7.58 43.52 -34.44
CA ASP A 1534 8.78 44.15 -33.89
C ASP A 1534 9.91 44.08 -34.88
N THR A 1535 10.57 45.21 -35.12
CA THR A 1535 11.60 45.35 -36.13
C THR A 1535 12.99 45.57 -35.56
N ASN A 1536 13.16 46.58 -34.72
CA ASN A 1536 14.48 46.91 -34.17
C ASN A 1536 14.76 45.97 -33.01
N PHE A 1537 15.38 44.82 -33.33
CA PHE A 1537 15.68 43.81 -32.34
C PHE A 1537 17.15 43.41 -32.33
N PHE A 1538 17.99 44.04 -33.15
CA PHE A 1538 19.36 43.59 -33.33
C PHE A 1538 20.16 43.78 -32.05
N MET A 1539 21.04 42.82 -31.77
CA MET A 1539 21.88 42.86 -30.59
C MET A 1539 23.37 42.79 -30.90
N ALA A 1540 23.76 42.55 -32.15
CA ALA A 1540 25.16 42.37 -32.48
C ALA A 1540 25.90 43.69 -32.57
N GLY A 1541 25.47 44.56 -33.47
CA GLY A 1541 26.18 45.81 -33.68
C GLY A 1541 25.73 46.91 -32.74
N LYS A 1542 26.49 47.12 -31.67
CA LYS A 1542 26.22 48.16 -30.69
C LYS A 1542 27.26 49.25 -30.93
N SER A 1543 26.91 50.20 -31.80
CA SER A 1543 27.85 51.22 -32.25
C SER A 1543 28.02 52.37 -31.27
N GLU A 1544 27.15 52.48 -30.27
CA GLU A 1544 27.20 53.58 -29.32
C GLU A 1544 27.38 53.03 -27.92
N THR A 1545 27.26 53.92 -26.93
CA THR A 1545 27.34 53.50 -25.54
C THR A 1545 26.19 52.55 -25.21
N CYS A 1546 26.47 51.58 -24.34
CA CYS A 1546 25.48 50.56 -24.02
C CYS A 1546 24.24 51.18 -23.41
N SER A 1547 23.08 50.68 -23.84
CA SER A 1547 21.81 51.16 -23.32
C SER A 1547 21.55 50.59 -21.93
N THR A 1548 20.73 51.30 -21.17
CA THR A 1548 20.30 50.80 -19.87
C THR A 1548 19.24 49.73 -20.06
N ASN A 1549 19.20 48.78 -19.13
CA ASN A 1549 18.24 47.69 -19.22
C ASN A 1549 16.82 48.22 -19.10
N LEU A 1550 15.92 47.62 -19.87
CA LEU A 1550 14.52 47.98 -19.80
C LEU A 1550 13.93 47.57 -18.45
N PRO A 1551 12.84 48.20 -18.03
CA PRO A 1551 12.19 47.77 -16.79
C PRO A 1551 11.80 46.30 -16.87
N GLY A 1552 12.10 45.56 -15.80
CA GLY A 1552 11.83 44.15 -15.77
C GLY A 1552 12.97 43.26 -16.22
N TYR A 1553 14.16 43.80 -16.43
CA TYR A 1553 15.30 42.99 -16.84
C TYR A 1553 16.52 43.45 -16.06
N TYR A 1554 17.50 42.55 -15.96
CA TYR A 1554 18.71 42.81 -15.20
C TYR A 1554 19.90 42.17 -15.89
N THR A 1555 21.09 42.68 -15.59
CA THR A 1555 22.35 42.16 -16.12
C THR A 1555 23.37 42.22 -14.98
N ASP A 1556 23.51 41.10 -14.26
CA ASP A 1556 24.35 41.08 -13.07
C ASP A 1556 25.83 41.07 -13.42
N VAL A 1557 26.21 40.27 -14.42
CA VAL A 1557 27.61 40.08 -14.78
C VAL A 1557 27.84 40.72 -16.14
N ASP A 1558 28.92 41.49 -16.25
CA ASP A 1558 29.23 42.17 -17.50
C ASP A 1558 29.47 41.17 -18.63
N GLY A 1559 29.03 41.55 -19.84
CA GLY A 1559 29.23 40.73 -21.01
C GLY A 1559 28.09 39.79 -21.35
N LEU A 1560 26.98 39.85 -20.63
CA LEU A 1560 25.85 38.99 -20.94
C LEU A 1560 25.28 39.35 -22.31
N PRO A 1561 24.94 38.37 -23.14
CA PRO A 1561 24.42 38.67 -24.47
C PRO A 1561 23.08 39.37 -24.44
N ILE A 1562 22.14 38.83 -23.68
CA ILE A 1562 20.78 39.36 -23.60
C ILE A 1562 20.43 39.59 -22.14
N GLN A 1563 19.78 40.72 -21.85
CA GLN A 1563 19.34 41.00 -20.50
C GLN A 1563 18.37 39.92 -20.02
N LEU A 1564 18.61 39.42 -18.85
CA LEU A 1564 17.75 38.32 -18.42
C LEU A 1564 16.52 38.86 -17.71
N PRO A 1565 15.39 38.16 -17.80
CA PRO A 1565 14.18 38.62 -17.12
C PRO A 1565 14.21 38.26 -15.64
N CYS A 1566 13.45 39.03 -14.87
CA CYS A 1566 13.33 38.79 -13.44
C CYS A 1566 12.43 37.58 -13.19
N LYS A 1567 12.87 36.69 -12.31
CA LYS A 1567 12.10 35.50 -12.01
C LYS A 1567 10.79 35.87 -11.31
N PRO A 1568 9.79 35.01 -11.39
CA PRO A 1568 8.53 35.27 -10.68
C PRO A 1568 8.78 35.41 -9.18
N GLY A 1569 8.04 36.33 -8.56
CA GLY A 1569 8.27 36.71 -7.19
C GLY A 1569 9.19 37.89 -7.02
N THR A 1570 9.94 38.26 -8.05
CA THR A 1570 10.81 39.43 -8.03
C THR A 1570 10.40 40.38 -9.15
N PHE A 1571 10.73 41.65 -8.97
CA PHE A 1571 10.37 42.68 -9.92
C PHE A 1571 11.53 43.66 -10.07
N MET A 1572 11.48 44.45 -11.13
CA MET A 1572 12.51 45.47 -11.34
C MET A 1572 11.89 46.71 -11.96
N PRO A 1573 11.82 47.81 -11.23
CA PRO A 1573 11.15 49.01 -11.73
C PRO A 1573 12.04 49.79 -12.69
N PHE A 1574 11.41 50.75 -13.37
CA PHE A 1574 12.13 51.60 -14.32
C PHE A 1574 13.21 52.42 -13.63
N ASP A 1575 12.89 52.99 -12.47
CA ASP A 1575 13.83 53.84 -11.75
C ASP A 1575 13.39 53.90 -10.30
N THR A 1576 14.33 54.29 -9.43
CA THR A 1576 14.02 54.42 -8.01
C THR A 1576 12.96 55.48 -7.77
N ALA A 1577 13.04 56.59 -8.50
CA ALA A 1577 12.06 57.65 -8.32
C ALA A 1577 10.66 57.20 -8.70
N THR A 1578 10.54 56.42 -9.78
CA THR A 1578 9.25 55.94 -10.25
C THR A 1578 8.88 54.57 -9.68
N ALA A 1579 9.71 53.98 -8.83
CA ALA A 1579 9.37 52.71 -8.19
C ALA A 1579 8.26 52.97 -7.18
N ASN A 1580 7.06 52.47 -7.48
CA ASN A 1580 5.90 52.80 -6.66
C ASN A 1580 5.95 52.09 -5.31
N LEU A 1581 6.30 50.82 -5.29
CA LEU A 1581 6.36 50.04 -4.05
C LEU A 1581 7.78 49.49 -3.89
N LEU A 1582 8.66 50.28 -3.29
CA LEU A 1582 10.02 49.86 -3.01
C LEU A 1582 10.44 50.50 -1.68
N ASP A 1583 11.26 49.78 -0.93
CA ASP A 1583 11.69 50.28 0.36
C ASP A 1583 12.57 51.51 0.20
N THR A 1584 12.68 52.30 1.28
CA THR A 1584 13.37 53.57 1.20
C THR A 1584 14.84 53.41 0.89
N GLY A 1585 15.50 52.43 1.51
CA GLY A 1585 16.93 52.28 1.38
C GLY A 1585 17.42 51.58 0.15
N LEU A 1586 16.53 51.13 -0.73
CA LEU A 1586 16.92 50.36 -1.90
C LEU A 1586 16.91 51.23 -3.14
N THR A 1587 17.91 51.06 -3.99
CA THR A 1587 18.03 51.78 -5.25
C THR A 1587 18.27 50.79 -6.37
N VAL A 1588 17.77 51.12 -7.56
CA VAL A 1588 17.89 50.25 -8.73
C VAL A 1588 18.98 50.80 -9.64
N ASP A 1589 19.71 49.89 -10.28
CA ASP A 1589 20.75 50.26 -11.23
C ASP A 1589 20.75 49.45 -12.50
N GLY A 1590 20.18 48.26 -12.52
CA GLY A 1590 20.24 47.36 -13.67
C GLY A 1590 20.81 45.99 -13.36
N THR A 1591 21.27 45.75 -12.14
CA THR A 1591 21.92 44.49 -11.80
C THR A 1591 21.23 43.74 -10.66
N GLN A 1592 20.10 44.24 -10.16
CA GLN A 1592 19.45 43.66 -9.01
C GLN A 1592 18.00 43.32 -9.33
N CYS A 1593 17.48 42.31 -8.64
CA CYS A 1593 16.08 41.90 -8.76
C CYS A 1593 15.48 41.88 -7.36
N TYR A 1594 14.58 42.81 -7.10
CA TYR A 1594 14.03 42.99 -5.76
C TYR A 1594 12.80 42.11 -5.57
N THR A 1595 12.71 41.48 -4.39
CA THR A 1595 11.58 40.64 -4.07
C THR A 1595 10.31 41.47 -3.95
N CYS A 1596 9.17 40.85 -4.25
CA CYS A 1596 7.90 41.53 -4.13
C CYS A 1596 7.63 41.87 -2.67
N GLN A 1597 7.09 43.06 -2.44
CA GLN A 1597 6.78 43.51 -1.09
C GLN A 1597 5.75 42.60 -0.45
N THR A 1598 5.87 42.43 0.88
CA THR A 1598 4.90 41.64 1.61
C THR A 1598 3.50 42.21 1.43
N GLY A 1599 2.54 41.32 1.20
CA GLY A 1599 1.20 41.72 0.83
C GLY A 1599 0.98 41.84 -0.67
N THR A 1600 2.02 41.67 -1.47
CA THR A 1600 1.92 41.68 -2.93
C THR A 1600 2.61 40.43 -3.47
N PHE A 1601 2.44 40.20 -4.77
CA PHE A 1601 3.00 39.01 -5.40
C PHE A 1601 3.25 39.28 -6.87
N ASN A 1602 3.86 38.31 -7.53
CA ASN A 1602 4.14 38.39 -8.96
C ASN A 1602 4.43 36.99 -9.47
N ASP A 1603 3.79 36.61 -10.57
CA ASP A 1603 3.94 35.28 -11.14
C ASP A 1603 4.37 35.30 -12.60
N GLU A 1604 4.77 36.45 -13.13
CA GLU A 1604 5.18 36.57 -14.51
C GLU A 1604 6.62 37.09 -14.59
N PHE A 1605 7.38 36.51 -15.51
CA PHE A 1605 8.75 36.98 -15.72
C PHE A 1605 8.76 38.41 -16.24
N SER A 1606 9.76 39.18 -15.81
CA SER A 1606 10.02 40.52 -16.33
C SER A 1606 8.82 41.44 -16.11
N GLN A 1607 8.52 41.68 -14.84
CA GLN A 1607 7.46 42.62 -14.48
C GLN A 1607 8.07 43.86 -13.84
N PRO A 1608 7.70 45.06 -14.27
CA PRO A 1608 8.25 46.28 -13.67
C PRO A 1608 7.57 46.68 -12.37
N VAL A 1609 6.62 45.90 -11.87
CA VAL A 1609 5.87 46.26 -10.68
C VAL A 1609 5.22 45.00 -10.13
N CYS A 1610 5.15 44.91 -8.81
CA CYS A 1610 4.46 43.79 -8.18
C CYS A 1610 2.95 43.96 -8.34
N LYS A 1611 2.24 42.87 -8.09
CA LYS A 1611 0.78 42.84 -8.21
C LYS A 1611 0.15 42.77 -6.83
N ALA A 1612 -0.83 43.64 -6.60
CA ALA A 1612 -1.53 43.65 -5.32
C ALA A 1612 -2.36 42.38 -5.17
N CYS A 1613 -2.34 41.80 -3.98
CA CYS A 1613 -3.10 40.60 -3.70
C CYS A 1613 -4.57 40.97 -3.51
N TRP A 1614 -5.45 40.30 -4.25
CA TRP A 1614 -6.86 40.64 -4.24
C TRP A 1614 -7.48 40.33 -2.88
N SER A 1615 -8.57 41.04 -2.59
CA SER A 1615 -9.29 40.81 -1.34
C SER A 1615 -9.81 39.38 -1.28
N GLY A 1616 -9.76 38.80 -0.09
CA GLY A 1616 -10.00 37.38 0.07
C GLY A 1616 -8.75 36.53 0.03
N SER A 1617 -7.59 37.12 -0.22
CA SER A 1617 -6.32 36.41 -0.21
C SER A 1617 -5.29 37.27 0.52
N PHE A 1618 -4.09 36.74 0.66
CA PHE A 1618 -3.04 37.45 1.39
C PHE A 1618 -1.68 36.93 0.98
N ALA A 1619 -0.66 37.74 1.21
CA ALA A 1619 0.73 37.41 0.92
C ALA A 1619 1.55 37.72 2.15
N SER A 1620 1.83 36.71 2.96
CA SER A 1620 2.50 36.89 4.24
C SER A 1620 4.01 36.75 4.16
N LYS A 1621 4.57 36.50 2.99
CA LYS A 1621 6.01 36.31 2.83
C LYS A 1621 6.52 37.16 1.68
N ARG A 1622 7.78 37.57 1.80
CA ARG A 1622 8.40 38.37 0.76
C ARG A 1622 8.64 37.54 -0.49
N GLY A 1623 8.42 38.16 -1.65
CA GLY A 1623 8.69 37.50 -2.92
C GLY A 1623 7.86 36.26 -3.18
N LEU A 1624 6.57 36.32 -2.91
CA LEU A 1624 5.70 35.17 -3.11
C LEU A 1624 5.35 35.03 -4.58
N PRO A 1625 5.66 33.90 -5.22
CA PRO A 1625 5.22 33.71 -6.61
C PRO A 1625 3.72 33.74 -6.78
N THR A 1626 2.95 33.25 -5.80
CA THR A 1626 1.51 33.21 -5.90
C THR A 1626 0.91 33.61 -4.56
N CYS A 1627 -0.22 34.33 -4.61
CA CYS A 1627 -0.90 34.73 -3.39
C CYS A 1627 -1.50 33.51 -2.70
N GLU A 1628 -1.74 33.66 -1.40
CA GLU A 1628 -2.27 32.58 -0.57
C GLU A 1628 -3.76 32.80 -0.33
N ILE A 1629 -4.55 31.74 -0.53
CA ILE A 1629 -5.99 31.82 -0.35
C ILE A 1629 -6.30 31.79 1.14
N ALA A 1630 -7.14 32.71 1.59
CA ALA A 1630 -7.52 32.77 3.00
C ALA A 1630 -8.28 31.51 3.39
N GLN A 1631 -7.86 30.88 4.48
CA GLN A 1631 -8.46 29.63 4.91
C GLN A 1631 -9.84 29.88 5.53
N PRO A 1632 -10.67 28.84 5.61
CA PRO A 1632 -11.99 29.01 6.25
C PRO A 1632 -11.84 29.46 7.69
N GLY A 1633 -12.77 30.33 8.11
CA GLY A 1633 -12.69 30.95 9.41
C GLY A 1633 -11.96 32.28 9.43
N THR A 1634 -11.30 32.66 8.34
CA THR A 1634 -10.58 33.91 8.23
C THR A 1634 -11.03 34.63 6.96
N PHE A 1635 -10.65 35.90 6.85
CA PHE A 1635 -11.03 36.69 5.69
C PHE A 1635 -10.10 37.88 5.59
N THR A 1636 -10.01 38.44 4.38
CA THR A 1636 -9.27 39.66 4.12
C THR A 1636 -10.02 40.49 3.10
N ASN A 1637 -10.19 41.78 3.37
CA ASN A 1637 -10.76 42.69 2.39
C ASN A 1637 -10.19 44.08 2.63
N VAL A 1638 -9.40 44.57 1.68
CA VAL A 1638 -8.83 45.91 1.72
C VAL A 1638 -9.28 46.64 0.46
N ALA A 1639 -10.04 47.72 0.65
CA ALA A 1639 -10.61 48.43 -0.50
C ALA A 1639 -9.52 49.08 -1.34
N ALA A 1640 -8.49 49.64 -0.70
CA ALA A 1640 -7.46 50.37 -1.43
C ALA A 1640 -6.57 49.50 -2.29
N ALA A 1641 -6.60 48.19 -2.10
CA ALA A 1641 -5.72 47.30 -2.86
C ALA A 1641 -6.14 47.28 -4.33
N ALA A 1642 -5.17 47.51 -5.21
CA ALA A 1642 -5.44 47.51 -6.64
C ALA A 1642 -4.13 47.34 -7.40
N ASN A 1643 -4.22 46.73 -8.58
CA ASN A 1643 -3.04 46.58 -9.41
C ASN A 1643 -2.53 47.95 -9.85
N ALA A 1644 -1.33 47.95 -10.43
CA ALA A 1644 -0.72 49.16 -10.95
C ALA A 1644 -1.06 49.31 -12.43
N THR A 1645 -1.59 50.47 -12.80
CA THR A 1645 -1.95 50.76 -14.18
C THR A 1645 -0.75 51.34 -14.92
N PHE A 1646 -0.66 51.02 -16.21
CA PHE A 1646 0.44 51.46 -17.05
C PHE A 1646 0.04 52.69 -17.84
N ASN A 1647 0.84 53.74 -17.75
CA ASN A 1647 0.66 54.91 -18.61
C ASN A 1647 1.02 54.53 -20.03
N THR A 1648 0.01 54.54 -20.91
CA THR A 1648 0.22 54.07 -22.28
C THR A 1648 1.27 54.91 -23.00
N ALA A 1649 1.32 56.21 -22.71
CA ALA A 1649 2.25 57.08 -23.40
C ALA A 1649 3.70 56.71 -23.10
N THR A 1650 4.02 56.40 -21.85
CA THR A 1650 5.39 56.17 -21.44
C THR A 1650 5.67 54.77 -20.91
N LEU A 1651 4.67 53.88 -20.89
CA LEU A 1651 4.85 52.50 -20.44
C LEU A 1651 5.43 52.44 -19.03
N ILE A 1652 4.94 53.31 -18.16
CA ILE A 1652 5.38 53.39 -16.77
C ILE A 1652 4.25 52.93 -15.87
N PRO A 1653 4.46 51.95 -15.01
CA PRO A 1653 3.41 51.56 -14.06
C PRO A 1653 3.31 52.54 -12.90
N THR A 1654 2.11 52.65 -12.35
CA THR A 1654 1.88 53.51 -11.20
C THR A 1654 0.58 53.09 -10.51
N GLY A 1655 0.42 53.57 -9.28
CA GLY A 1655 -0.82 53.36 -8.55
C GLY A 1655 -0.95 52.06 -7.80
N LEU A 1656 0.15 51.32 -7.61
CA LEU A 1656 0.07 50.06 -6.88
C LEU A 1656 -0.12 50.33 -5.39
N VAL A 1657 -1.06 49.60 -4.77
CA VAL A 1657 -1.30 49.67 -3.34
C VAL A 1657 -1.23 48.26 -2.77
N LYS A 1658 -0.43 48.09 -1.71
CA LYS A 1658 -0.18 46.76 -1.17
C LYS A 1658 -1.46 46.16 -0.59
N GLY A 1659 -1.62 44.85 -0.75
CA GLY A 1659 -2.78 44.14 -0.26
C GLY A 1659 -2.76 43.84 1.22
N ALA A 1660 -3.19 42.64 1.59
CA ALA A 1660 -3.32 42.25 2.99
C ALA A 1660 -2.17 41.32 3.37
N GLN A 1661 -1.47 41.66 4.46
CA GLN A 1661 -0.34 40.85 4.88
C GLN A 1661 -0.77 39.51 5.44
N ALA A 1662 -1.74 39.51 6.35
CA ALA A 1662 -2.14 38.30 7.05
C ALA A 1662 -3.66 38.27 7.17
N PRO A 1663 -4.25 37.08 7.24
CA PRO A 1663 -5.70 36.98 7.41
C PRO A 1663 -6.14 37.50 8.77
N THR A 1664 -7.35 38.04 8.80
CA THR A 1664 -7.96 38.50 10.04
C THR A 1664 -9.07 37.55 10.43
N PRO A 1665 -8.96 36.81 11.51
CA PRO A 1665 -10.00 35.84 11.87
C PRO A 1665 -11.31 36.53 12.22
N CYS A 1666 -12.41 35.84 11.95
CA CYS A 1666 -13.72 36.35 12.31
C CYS A 1666 -13.83 36.48 13.82
N GLY A 1667 -14.28 37.65 14.27
CA GLY A 1667 -14.53 37.83 15.70
C GLY A 1667 -15.64 36.90 16.17
N MET A 1668 -15.52 36.43 17.41
CA MET A 1668 -16.47 35.46 17.91
C MET A 1668 -17.87 36.05 17.92
N GLY A 1669 -18.85 35.20 17.62
CA GLY A 1669 -20.17 35.63 17.21
C GLY A 1669 -20.41 35.54 15.72
N TYR A 1670 -19.35 35.39 14.93
CA TYR A 1670 -19.43 35.20 13.49
C TYR A 1670 -18.64 33.96 13.12
N PHE A 1671 -18.76 33.54 11.86
CA PHE A 1671 -18.04 32.40 11.37
C PHE A 1671 -17.88 32.52 9.85
N GLN A 1672 -16.98 31.72 9.31
CA GLN A 1672 -16.70 31.73 7.87
C GLN A 1672 -16.43 30.29 7.45
N SER A 1673 -17.44 29.64 6.88
CA SER A 1673 -17.30 28.23 6.52
C SER A 1673 -16.45 28.05 5.26
N SER A 1674 -16.60 28.94 4.29
CA SER A 1674 -15.94 28.81 3.00
C SER A 1674 -14.68 29.66 2.95
N ALA A 1675 -13.70 29.19 2.19
CA ALA A 1675 -12.45 29.90 2.00
C ALA A 1675 -12.64 31.04 1.01
N GLU A 1676 -11.53 31.69 0.64
CA GLU A 1676 -11.48 32.73 -0.41
C GLU A 1676 -12.53 33.82 -0.21
N THR A 1677 -13.00 34.00 1.03
CA THR A 1677 -14.08 34.93 1.33
C THR A 1677 -13.54 36.19 1.98
N THR A 1678 -14.30 37.28 1.81
CA THR A 1678 -13.90 38.59 2.31
C THR A 1678 -14.83 39.10 3.39
N THR A 1679 -15.68 38.25 3.97
CA THR A 1679 -16.62 38.68 4.98
C THR A 1679 -16.97 37.52 5.89
N CYS A 1680 -17.50 37.85 7.06
CA CYS A 1680 -17.91 36.86 8.05
C CYS A 1680 -19.43 36.90 8.20
N THR A 1681 -20.05 35.73 8.23
CA THR A 1681 -21.48 35.60 8.42
C THR A 1681 -21.80 35.37 9.88
N ALA A 1682 -22.92 35.93 10.35
CA ALA A 1682 -23.33 35.74 11.72
C ALA A 1682 -23.77 34.30 11.95
N CYS A 1683 -23.63 33.84 13.19
CA CYS A 1683 -24.04 32.49 13.54
C CYS A 1683 -25.54 32.35 13.37
N ALA A 1684 -25.97 31.20 12.86
CA ALA A 1684 -27.39 30.96 12.66
C ALA A 1684 -28.10 30.83 14.01
N VAL A 1685 -29.42 31.02 13.98
CA VAL A 1685 -30.22 30.95 15.19
C VAL A 1685 -30.17 29.53 15.74
N GLY A 1686 -29.86 29.40 17.03
CA GLY A 1686 -29.64 28.11 17.62
C GLY A 1686 -28.20 27.67 17.68
N THR A 1687 -27.26 28.52 17.28
CA THR A 1687 -25.84 28.24 17.31
C THR A 1687 -25.11 29.39 17.97
N TYR A 1688 -23.81 29.24 18.16
CA TYR A 1688 -23.00 30.27 18.79
C TYR A 1688 -21.55 30.06 18.38
N ALA A 1689 -20.76 31.12 18.52
CA ALA A 1689 -19.32 31.09 18.23
C ALA A 1689 -18.62 31.93 19.29
N ASP A 1690 -17.98 31.27 20.25
CA ASP A 1690 -17.31 31.94 21.34
C ASP A 1690 -15.80 32.05 21.13
N GLN A 1691 -15.30 31.67 19.96
CA GLN A 1691 -13.89 31.74 19.65
C GLN A 1691 -13.68 32.54 18.37
N ALA A 1692 -12.56 33.25 18.31
CA ALA A 1692 -12.23 34.01 17.12
C ALA A 1692 -11.86 33.08 15.97
N GLY A 1693 -12.38 33.38 14.79
CA GLY A 1693 -12.05 32.61 13.60
C GLY A 1693 -12.51 31.18 13.63
N LEU A 1694 -13.73 30.93 14.06
CA LEU A 1694 -14.27 29.57 14.04
C LEU A 1694 -14.61 29.16 12.62
N ALA A 1695 -14.25 27.92 12.27
CA ALA A 1695 -14.58 27.41 10.94
C ALA A 1695 -16.08 27.32 10.74
N ALA A 1696 -16.81 26.87 11.75
CA ALA A 1696 -18.26 26.74 11.66
C ALA A 1696 -18.87 27.00 13.03
N CYS A 1697 -20.11 27.47 13.02
CA CYS A 1697 -20.82 27.72 14.27
C CYS A 1697 -21.05 26.41 15.02
N LYS A 1698 -20.93 26.47 16.35
CA LYS A 1698 -21.28 25.22 17.00
C LYS A 1698 -22.72 25.27 17.50
N PRO A 1699 -23.44 24.16 17.46
CA PRO A 1699 -24.81 24.16 17.97
C PRO A 1699 -24.85 24.20 19.49
N CYS A 1700 -25.87 24.84 20.02
CA CYS A 1700 -26.06 24.89 21.46
C CYS A 1700 -26.37 23.48 21.97
N GLN A 1701 -25.52 22.96 22.85
CA GLN A 1701 -25.69 21.61 23.36
C GLN A 1701 -26.94 21.54 24.23
N PRO A 1702 -27.50 20.33 24.42
CA PRO A 1702 -28.82 20.23 25.04
C PRO A 1702 -28.85 20.87 26.43
N GLY A 1703 -29.99 21.47 26.74
CA GLY A 1703 -30.15 22.26 27.94
C GLY A 1703 -30.07 23.76 27.71
N ARG A 1704 -29.53 24.19 26.57
CA ARG A 1704 -29.39 25.60 26.24
C ARG A 1704 -30.18 25.92 24.98
N TYR A 1705 -30.24 27.20 24.66
CA TYR A 1705 -30.90 27.68 23.46
C TYR A 1705 -30.34 29.04 23.11
N GLN A 1706 -30.61 29.48 21.88
CA GLN A 1706 -30.12 30.78 21.42
C GLN A 1706 -31.06 31.27 20.32
N ASN A 1707 -31.97 32.18 20.69
CA ASN A 1707 -32.93 32.76 19.74
C ASN A 1707 -32.44 34.12 19.24
N SER A 1708 -31.31 34.12 18.55
CA SER A 1708 -30.77 35.34 17.97
C SER A 1708 -29.72 34.97 16.94
N ILE A 1709 -29.15 36.00 16.30
CA ILE A 1709 -28.11 35.83 15.30
C ILE A 1709 -26.87 36.58 15.76
N GLY A 1710 -25.72 35.92 15.71
CA GLY A 1710 -24.47 36.54 16.08
C GLY A 1710 -24.09 36.43 17.54
N GLN A 1711 -24.93 35.81 18.36
CA GLN A 1711 -24.59 35.65 19.77
C GLN A 1711 -23.45 34.66 19.94
N ARG A 1712 -22.58 34.94 20.91
CA ARG A 1712 -21.44 34.10 21.21
C ARG A 1712 -21.68 33.20 22.41
N VAL A 1713 -22.90 33.17 22.94
CA VAL A 1713 -23.24 32.34 24.09
C VAL A 1713 -24.61 31.73 23.88
N CYS A 1714 -24.87 30.65 24.61
CA CYS A 1714 -26.16 29.98 24.60
C CYS A 1714 -26.82 30.19 25.96
N LYS A 1715 -28.02 30.75 25.95
CA LYS A 1715 -28.75 30.95 27.18
C LYS A 1715 -29.31 29.62 27.70
N PRO A 1716 -29.35 29.44 29.02
CA PRO A 1716 -29.87 28.18 29.56
C PRO A 1716 -31.39 28.16 29.59
N CYS A 1717 -31.94 26.96 29.41
CA CYS A 1717 -33.38 26.78 29.42
C CYS A 1717 -33.95 27.02 30.82
N ASP A 1718 -35.20 27.47 30.86
CA ASP A 1718 -35.86 27.75 32.11
C ASP A 1718 -36.37 26.47 32.76
N MET A 1719 -36.83 26.60 34.00
CA MET A 1719 -37.39 25.46 34.72
C MET A 1719 -38.65 24.96 34.02
N GLY A 1720 -38.78 23.64 33.92
CA GLY A 1720 -39.92 23.05 33.26
C GLY A 1720 -39.83 22.95 31.76
N THR A 1721 -38.71 23.31 31.17
CA THR A 1721 -38.52 23.23 29.72
C THR A 1721 -37.25 22.45 29.42
N TYR A 1722 -37.21 21.87 28.23
CA TYR A 1722 -36.08 21.05 27.82
C TYR A 1722 -35.73 21.36 26.37
N SER A 1723 -34.48 21.08 26.01
CA SER A 1723 -34.00 21.31 24.65
C SER A 1723 -32.93 20.29 24.32
N ARG A 1724 -32.87 19.93 23.04
CA ARG A 1724 -31.86 19.02 22.54
C ARG A 1724 -30.78 19.81 21.81
N TYR A 1725 -29.90 19.11 21.10
CA TYR A 1725 -28.80 19.76 20.41
C TYR A 1725 -29.32 20.80 19.42
N GLY A 1726 -28.63 21.93 19.35
CA GLY A 1726 -29.14 23.04 18.57
C GLY A 1726 -30.39 23.61 19.20
N GLY A 1727 -31.39 23.90 18.36
CA GLY A 1727 -32.66 24.37 18.85
C GLY A 1727 -32.70 25.88 19.01
N GLU A 1728 -33.65 26.52 18.33
CA GLU A 1728 -33.77 27.97 18.37
C GLU A 1728 -34.49 28.46 19.62
N LEU A 1729 -35.20 27.58 20.32
CA LEU A 1729 -35.97 27.99 21.49
C LEU A 1729 -36.22 26.78 22.36
N CYS A 1730 -36.38 27.03 23.66
CA CYS A 1730 -36.68 25.95 24.59
C CYS A 1730 -38.07 25.41 24.34
N THR A 1731 -38.20 24.09 24.42
CA THR A 1731 -39.48 23.42 24.19
C THR A 1731 -40.19 23.20 25.52
N LYS A 1732 -41.44 23.67 25.61
CA LYS A 1732 -42.24 23.40 26.79
C LYS A 1732 -42.46 21.91 26.94
N CYS A 1733 -42.17 21.38 28.12
CA CYS A 1733 -42.22 19.94 28.33
C CYS A 1733 -43.65 19.45 28.22
N PRO A 1734 -43.91 18.38 27.45
CA PRO A 1734 -45.30 17.97 27.21
C PRO A 1734 -46.00 17.43 28.44
N ALA A 1735 -47.29 17.13 28.29
CA ALA A 1735 -48.08 16.64 29.41
C ALA A 1735 -47.59 15.27 29.87
N GLY A 1736 -47.59 15.07 31.18
CA GLY A 1736 -47.16 13.81 31.76
C GLY A 1736 -45.67 13.66 31.96
N THR A 1737 -44.88 14.65 31.57
CA THR A 1737 -43.44 14.62 31.75
C THR A 1737 -43.00 15.85 32.52
N VAL A 1738 -41.86 15.74 33.21
CA VAL A 1738 -41.42 16.76 34.15
C VAL A 1738 -39.97 17.11 33.88
N ALA A 1739 -39.65 18.39 33.89
CA ALA A 1739 -38.29 18.90 33.88
C ALA A 1739 -37.99 19.48 35.26
N SER A 1740 -36.93 18.99 35.90
CA SER A 1740 -36.72 19.29 37.31
C SER A 1740 -35.83 20.50 37.54
N LYS A 1741 -34.81 20.70 36.72
CA LYS A 1741 -33.83 21.76 36.95
C LYS A 1741 -33.71 22.63 35.70
N THR A 1742 -33.02 23.76 35.87
CA THR A 1742 -32.73 24.62 34.74
C THR A 1742 -31.77 23.95 33.78
N GLY A 1743 -31.97 24.17 32.49
CA GLY A 1743 -31.14 23.55 31.48
C GLY A 1743 -31.27 22.05 31.41
N SER A 1744 -32.49 21.52 31.51
CA SER A 1744 -32.70 20.09 31.44
C SER A 1744 -32.53 19.60 30.01
N SER A 1745 -31.67 18.58 29.83
CA SER A 1745 -31.46 18.02 28.51
C SER A 1745 -32.74 17.39 27.97
N GLN A 1746 -33.47 16.67 28.82
CA GLN A 1746 -34.74 16.07 28.45
C GLN A 1746 -35.60 15.96 29.70
N CYS A 1747 -36.91 15.92 29.51
CA CYS A 1747 -37.84 15.80 30.61
C CYS A 1747 -38.51 14.43 30.57
N THR A 1748 -38.35 13.67 31.66
CA THR A 1748 -38.76 12.28 31.84
C THR A 1748 -40.24 12.18 32.21
N PRO A 1749 -40.90 11.12 31.77
CA PRO A 1749 -42.31 10.91 32.15
C PRO A 1749 -42.44 10.64 33.63
N CYS A 1750 -43.59 11.02 34.17
CA CYS A 1750 -43.91 10.76 35.57
C CYS A 1750 -44.27 9.29 35.76
N ALA A 1751 -43.67 8.68 36.78
CA ALA A 1751 -43.87 7.26 37.01
C ALA A 1751 -45.27 6.97 37.56
N ALA A 1752 -45.62 5.69 37.59
CA ALA A 1752 -46.92 5.29 38.11
C ALA A 1752 -47.06 5.68 39.57
N GLY A 1753 -48.25 6.13 39.95
CA GLY A 1753 -48.50 6.61 41.29
C GLY A 1753 -48.07 8.05 41.53
N PHE A 1754 -47.52 8.72 40.52
CA PHE A 1754 -47.12 10.11 40.63
C PHE A 1754 -47.77 10.90 39.51
N TYR A 1755 -47.94 12.20 39.74
CA TYR A 1755 -48.52 13.10 38.75
C TYR A 1755 -47.65 14.33 38.61
N ALA A 1756 -47.58 14.84 37.37
CA ALA A 1756 -46.89 16.10 37.12
C ALA A 1756 -47.67 17.25 37.74
N ASN A 1757 -46.93 18.22 38.30
CA ASN A 1757 -47.58 19.30 39.04
C ASN A 1757 -48.30 20.29 38.14
N ALA A 1758 -48.11 20.22 36.83
CA ALA A 1758 -48.73 21.15 35.90
C ALA A 1758 -49.21 20.39 34.67
N PRO A 1759 -50.25 20.89 34.00
CA PRO A 1759 -50.68 20.23 32.75
C PRO A 1759 -49.59 20.18 31.71
N ASP A 1760 -48.75 21.19 31.62
CA ASP A 1760 -47.60 21.18 30.72
C ASP A 1760 -46.46 21.97 31.37
N SER A 1761 -45.24 21.62 30.98
CA SER A 1761 -44.03 22.24 31.52
C SER A 1761 -43.99 22.15 33.06
N ALA A 1762 -44.36 20.98 33.58
CA ALA A 1762 -44.38 20.78 35.01
C ALA A 1762 -42.95 20.71 35.56
N THR A 1763 -42.82 21.02 36.85
CA THR A 1763 -41.52 21.10 37.48
C THR A 1763 -41.32 20.08 38.59
N SER A 1764 -42.33 19.29 38.94
CA SER A 1764 -42.18 18.29 39.98
C SER A 1764 -43.17 17.17 39.76
N CYS A 1765 -42.81 15.97 40.19
CA CYS A 1765 -43.67 14.80 40.15
C CYS A 1765 -44.08 14.46 41.59
N ARG A 1766 -45.33 14.72 41.93
CA ARG A 1766 -45.83 14.54 43.29
C ARG A 1766 -46.59 13.22 43.40
N ALA A 1767 -46.40 12.53 44.51
CA ALA A 1767 -47.07 11.26 44.73
C ALA A 1767 -48.57 11.47 44.92
N CYS A 1768 -49.33 10.48 44.48
CA CYS A 1768 -50.79 10.52 44.66
C CYS A 1768 -51.11 10.47 46.14
N PRO A 1769 -51.94 11.38 46.65
CA PRO A 1769 -52.25 11.37 48.08
C PRO A 1769 -53.05 10.15 48.49
N ARG A 1770 -53.03 9.86 49.78
CA ARG A 1770 -53.77 8.72 50.32
C ARG A 1770 -55.26 8.87 50.00
N GLY A 1771 -55.86 7.79 49.51
CA GLY A 1771 -57.20 7.81 48.98
C GLY A 1771 -57.26 7.91 47.47
N TYR A 1772 -56.19 8.35 46.83
CA TYR A 1772 -56.10 8.41 45.38
C TYR A 1772 -55.16 7.32 44.88
N TYR A 1773 -55.17 7.11 43.57
CA TYR A 1773 -54.26 6.15 42.97
C TYR A 1773 -54.06 6.50 41.50
N GLY A 1774 -52.87 6.17 40.99
CA GLY A 1774 -52.58 6.36 39.59
C GLY A 1774 -52.08 5.08 38.95
N PRO A 1775 -52.87 4.53 38.04
CA PRO A 1775 -52.49 3.26 37.41
C PRO A 1775 -51.63 3.46 36.16
N TYR A 1776 -51.64 4.66 35.60
CA TYR A 1776 -50.95 4.96 34.37
C TYR A 1776 -49.69 5.76 34.64
N SER A 1777 -48.61 5.41 33.94
CA SER A 1777 -47.42 6.25 33.95
C SER A 1777 -47.67 7.50 33.12
N GLY A 1778 -46.92 8.56 33.43
CA GLY A 1778 -47.15 9.80 32.74
C GLY A 1778 -48.38 10.55 33.18
N ALA A 1779 -48.87 10.29 34.40
CA ALA A 1779 -50.01 11.03 34.91
C ALA A 1779 -49.65 12.49 35.11
N TYR A 1780 -50.61 13.37 34.84
CA TYR A 1780 -50.38 14.80 34.95
C TYR A 1780 -51.62 15.47 35.54
N ALA A 1781 -51.39 16.40 36.46
CA ALA A 1781 -52.49 17.15 37.06
C ALA A 1781 -53.13 18.08 36.04
N ASP A 1782 -54.43 18.26 36.19
CA ASP A 1782 -55.20 19.20 35.36
C ASP A 1782 -55.79 20.26 36.27
N ASN A 1783 -55.65 21.52 35.86
CA ASN A 1783 -56.04 22.63 36.72
C ASN A 1783 -57.54 22.62 37.00
N LEU A 1784 -58.35 22.32 35.99
CA LEU A 1784 -59.79 22.29 36.18
C LEU A 1784 -60.18 21.18 37.15
N GLY A 1785 -61.23 21.44 37.93
CA GLY A 1785 -61.64 20.49 38.94
C GLY A 1785 -60.62 20.40 40.07
N ASP A 1786 -60.63 19.25 40.74
CA ASP A 1786 -59.67 19.01 41.80
C ASP A 1786 -58.24 18.94 41.24
N GLU A 1787 -57.30 19.48 41.99
CA GLU A 1787 -55.93 19.58 41.50
C GLU A 1787 -55.21 18.23 41.49
N PHE A 1788 -55.63 17.28 42.34
CA PHE A 1788 -54.98 15.98 42.35
C PHE A 1788 -55.37 15.15 41.13
N GLU A 1789 -56.64 15.22 40.72
CA GLU A 1789 -57.11 14.39 39.64
C GLU A 1789 -56.67 14.95 38.29
N GLY A 1790 -56.67 14.07 37.29
CA GLY A 1790 -56.35 14.44 35.93
C GLY A 1790 -56.95 13.46 34.95
N PRO A 1791 -56.85 13.77 33.65
CA PRO A 1791 -57.35 12.81 32.64
C PRO A 1791 -56.69 11.44 32.76
N ARG A 1792 -55.40 11.41 33.07
CA ARG A 1792 -54.71 10.19 33.46
C ARG A 1792 -54.12 10.30 34.86
N GLY A 1793 -54.41 11.38 35.57
CA GLY A 1793 -53.83 11.63 36.87
C GLY A 1793 -54.38 10.71 37.94
N CYS A 1794 -54.07 11.09 39.19
CA CYS A 1794 -54.49 10.29 40.33
C CYS A 1794 -56.01 10.26 40.42
N TYR A 1795 -56.59 9.07 40.26
CA TYR A 1795 -58.02 8.88 40.41
C TYR A 1795 -58.36 8.57 41.86
N LYS A 1796 -59.56 8.97 42.27
CA LYS A 1796 -60.03 8.60 43.60
C LYS A 1796 -60.28 7.10 43.65
N CYS A 1797 -60.01 6.51 44.81
CA CYS A 1797 -60.36 5.11 45.01
C CYS A 1797 -61.88 4.99 44.99
N PRO A 1798 -62.45 4.03 44.26
CA PRO A 1798 -63.91 3.94 44.16
C PRO A 1798 -64.55 3.45 45.45
N TYR A 1799 -65.88 3.29 45.44
CA TYR A 1799 -66.58 2.80 46.61
C TYR A 1799 -66.12 1.40 46.96
N ASP A 1800 -66.07 1.11 48.27
CA ASP A 1800 -65.62 -0.17 48.82
C ASP A 1800 -64.16 -0.45 48.47
N PHE A 1801 -63.40 0.57 48.12
CA PHE A 1801 -61.97 0.45 47.85
C PHE A 1801 -61.24 1.55 48.60
N PHE A 1802 -60.05 1.23 49.11
CA PHE A 1802 -59.29 2.17 49.92
C PHE A 1802 -57.81 2.04 49.59
N ALA A 1803 -57.08 3.12 49.86
CA ALA A 1803 -55.63 3.17 49.66
C ALA A 1803 -55.00 3.99 50.77
N ASP A 1804 -53.99 3.41 51.44
CA ASP A 1804 -53.36 4.05 52.58
C ASP A 1804 -51.98 4.62 52.24
N ARG A 1805 -51.09 3.81 51.71
CA ARG A 1805 -49.77 4.31 51.35
C ARG A 1805 -49.87 5.20 50.11
N PRO A 1806 -49.35 6.42 50.16
CA PRO A 1806 -49.48 7.32 49.01
C PRO A 1806 -48.69 6.82 47.82
N GLY A 1807 -49.10 7.27 46.64
CA GLY A 1807 -48.45 6.82 45.41
C GLY A 1807 -48.64 5.35 45.13
N VAL A 1808 -49.82 4.82 45.37
CA VAL A 1808 -50.12 3.41 45.19
C VAL A 1808 -50.66 3.19 43.78
N ARG A 1809 -50.19 2.14 43.13
CA ARG A 1809 -50.55 1.90 41.73
C ARG A 1809 -52.02 1.57 41.57
N GLN A 1810 -52.55 0.67 42.41
CA GLN A 1810 -53.92 0.19 42.27
C GLN A 1810 -54.63 0.24 43.62
N CYS A 1811 -55.91 0.61 43.59
CA CYS A 1811 -56.71 0.59 44.81
C CYS A 1811 -56.91 -0.84 45.28
N THR A 1812 -57.12 -0.99 46.59
CA THR A 1812 -57.35 -2.29 47.21
C THR A 1812 -58.74 -2.34 47.81
N ALA A 1813 -59.43 -3.46 47.62
CA ALA A 1813 -60.75 -3.62 48.19
C ALA A 1813 -60.69 -3.80 49.69
N CYS A 1814 -61.69 -3.30 50.38
CA CYS A 1814 -61.75 -3.42 51.83
C CYS A 1814 -61.90 -4.89 52.21
N PRO A 1815 -60.99 -5.45 53.01
CA PRO A 1815 -61.12 -6.86 53.37
C PRO A 1815 -62.25 -7.05 54.37
N PRO A 1816 -62.83 -8.24 54.43
CA PRO A 1816 -63.86 -8.51 55.46
C PRO A 1816 -63.26 -8.41 56.85
N LEU A 1817 -64.03 -7.85 57.78
CA LEU A 1817 -63.59 -7.70 59.16
C LEU A 1817 -63.99 -8.94 59.95
N ASP A 1818 -63.01 -9.67 60.45
CA ASP A 1818 -63.27 -10.86 61.26
C ASP A 1818 -63.59 -10.42 62.68
N LEU A 1819 -64.81 -10.71 63.13
CA LEU A 1819 -65.20 -10.38 64.49
C LEU A 1819 -64.80 -11.45 65.50
N GLY A 1820 -64.18 -12.53 65.05
CA GLY A 1820 -63.79 -13.60 65.93
C GLY A 1820 -64.75 -14.77 65.85
N GLY A 1821 -64.21 -15.98 66.04
CA GLY A 1821 -65.01 -17.17 65.95
C GLY A 1821 -65.39 -17.61 64.55
N GLY A 1822 -64.71 -17.07 63.54
CA GLY A 1822 -64.98 -17.45 62.16
C GLY A 1822 -66.07 -16.68 61.46
N ASN A 1823 -66.58 -15.62 62.07
CA ASN A 1823 -67.60 -14.78 61.45
C ASN A 1823 -66.96 -13.49 60.95
N LEU A 1824 -67.25 -13.14 59.70
CA LEU A 1824 -66.67 -11.99 59.03
C LEU A 1824 -67.76 -11.09 58.50
N VAL A 1825 -67.71 -9.82 58.86
CA VAL A 1825 -68.61 -8.80 58.35
C VAL A 1825 -67.81 -7.91 57.39
N GLU A 1826 -68.20 -7.92 56.12
CA GLU A 1826 -67.49 -7.17 55.11
C GLU A 1826 -67.62 -5.66 55.36
N GLN A 1827 -66.62 -4.91 54.90
CA GLN A 1827 -66.53 -3.48 55.15
C GLN A 1827 -66.70 -2.70 53.85
N CYS A 1828 -67.45 -1.61 53.93
CA CYS A 1828 -67.74 -0.75 52.78
C CYS A 1828 -67.25 0.65 53.07
N THR A 1829 -66.55 1.26 52.12
CA THR A 1829 -66.11 2.64 52.28
C THR A 1829 -67.30 3.58 52.31
N GLU A 1830 -67.13 4.71 52.99
CA GLU A 1830 -68.22 5.69 53.11
C GLU A 1830 -68.38 6.48 51.82
N ASP A 1831 -67.33 7.18 51.40
CA ASP A 1831 -67.36 7.98 50.18
C ASP A 1831 -66.12 7.68 49.34
N LEU A 1832 -66.05 8.33 48.18
CA LEU A 1832 -64.94 8.13 47.28
C LEU A 1832 -63.64 8.65 47.88
N GLY A 1833 -62.54 7.98 47.54
CA GLY A 1833 -61.22 8.42 47.95
C GLY A 1833 -60.99 8.42 49.45
N SER A 1834 -61.38 7.35 50.12
CA SER A 1834 -61.22 7.22 51.56
C SER A 1834 -60.38 5.98 51.87
N GLN A 1835 -59.55 6.09 52.90
CA GLN A 1835 -58.70 4.99 53.33
C GLN A 1835 -59.23 4.28 54.57
N ARG A 1836 -60.48 4.52 54.94
CA ARG A 1836 -61.09 3.93 56.12
C ARG A 1836 -62.13 2.89 55.69
N CYS A 1837 -62.00 1.67 56.20
CA CYS A 1837 -62.91 0.58 55.84
C CYS A 1837 -63.92 0.40 56.98
N LYS A 1838 -64.97 1.21 56.93
CA LYS A 1838 -66.05 1.08 57.89
C LYS A 1838 -66.92 -0.13 57.53
N PRO A 1839 -67.42 -0.86 58.53
CA PRO A 1839 -68.33 -1.99 58.22
C PRO A 1839 -69.58 -1.52 57.50
N CYS A 1840 -70.05 -2.35 56.58
CA CYS A 1840 -71.18 -1.97 55.72
C CYS A 1840 -72.47 -1.82 56.50
N SER A 1841 -72.55 -2.36 57.71
CA SER A 1841 -73.77 -2.23 58.51
C SER A 1841 -73.89 -0.84 59.14
N LEU A 1842 -72.77 -0.18 59.44
CA LEU A 1842 -72.77 1.05 60.21
C LEU A 1842 -72.48 2.30 59.38
N LEU A 1843 -72.50 2.19 58.06
CA LEU A 1843 -72.23 3.37 57.24
C LEU A 1843 -73.38 4.36 57.32
N SER A 1844 -73.06 5.63 57.51
CA SER A 1844 -74.09 6.66 57.59
C SER A 1844 -74.84 6.79 56.26
N LYS A 1845 -74.11 6.74 55.14
CA LYS A 1845 -74.72 6.82 53.83
C LYS A 1845 -74.93 5.43 53.26
N PRO A 1846 -76.17 5.00 53.05
CA PRO A 1846 -76.39 3.66 52.50
C PRO A 1846 -75.95 3.58 51.04
N LYS A 1847 -75.77 2.34 50.58
CA LYS A 1847 -75.37 2.12 49.19
C LYS A 1847 -76.36 2.72 48.22
N THR A 1848 -77.65 2.69 48.57
CA THR A 1848 -78.67 3.29 47.70
C THR A 1848 -78.53 4.81 47.64
N ALA A 1849 -78.05 5.44 48.71
CA ALA A 1849 -77.94 6.88 48.76
C ALA A 1849 -76.82 7.42 47.87
N ARG A 1850 -75.90 6.57 47.42
CA ARG A 1850 -74.83 7.01 46.54
C ARG A 1850 -75.42 7.55 45.24
N THR A 1851 -74.95 8.71 44.82
CA THR A 1851 -75.48 9.45 43.67
C THR A 1851 -74.36 9.92 42.77
N GLU A 1852 -73.40 9.03 42.48
CA GLU A 1852 -72.30 9.32 41.59
C GLU A 1852 -72.41 8.43 40.35
N GLN A 1853 -72.44 9.06 39.18
CA GLN A 1853 -72.43 8.32 37.93
C GLN A 1853 -71.10 7.59 37.77
N SER A 1854 -71.15 6.27 37.72
CA SER A 1854 -69.95 5.45 37.64
C SER A 1854 -69.09 5.84 36.45
N HYP A 1855 -67.83 6.16 36.73
CA HYP A 1855 -66.90 6.65 35.70
C HYP A 1855 -66.75 5.76 34.48
O HYP A 1855 -66.77 4.54 34.61
CB HYP A 1855 -65.56 6.80 36.46
CG HYP A 1855 -65.79 6.32 37.89
CD HYP A 1855 -67.01 5.42 37.71
OD1 HYP A 1855 -66.00 7.37 38.81
N HYP A 1856 -66.62 6.36 33.31
CA HYP A 1856 -66.48 5.61 32.06
C HYP A 1856 -65.29 4.64 32.04
O HYP A 1856 -64.25 4.96 32.59
CB HYP A 1856 -66.34 6.70 30.99
CG HYP A 1856 -65.46 7.69 31.73
CD HYP A 1856 -66.17 7.75 33.08
OD1 HYP A 1856 -65.37 8.96 31.09
N HYP A 1857 -65.47 3.48 31.42
CA HYP A 1857 -64.39 2.48 31.36
C HYP A 1857 -63.12 2.97 30.66
O HYP A 1857 -63.17 3.98 29.97
CB HYP A 1857 -65.03 1.29 30.61
CG HYP A 1857 -66.34 1.79 30.03
CD HYP A 1857 -66.25 3.30 30.19
OD1 HYP A 1857 -67.47 1.24 30.69
N HYP A 1858 -62.01 2.26 30.85
CA HYP A 1858 -60.74 2.64 30.22
C HYP A 1858 -60.81 2.78 28.70
O HYP A 1858 -61.39 1.92 28.03
CB HYP A 1858 -59.78 1.53 30.61
CG HYP A 1858 -60.23 1.23 32.04
CD HYP A 1858 -61.75 1.22 31.87
OD1 HYP A 1858 -59.76 2.19 32.96
N SER A 1859 -60.24 3.85 28.17
CA SER A 1859 -60.08 3.99 26.73
C SER A 1859 -59.03 3.00 26.24
N HYP A 1860 -59.19 2.53 25.00
CA HYP A 1860 -58.30 1.50 24.46
C HYP A 1860 -56.80 1.82 24.55
O HYP A 1860 -56.43 2.99 24.59
CB HYP A 1860 -58.76 1.34 23.01
CG HYP A 1860 -60.23 1.71 23.05
CD HYP A 1860 -60.14 2.94 23.96
OD1 HYP A 1860 -61.05 0.69 23.58
N SER A 1861 -55.97 0.79 24.58
CA SER A 1861 -54.52 0.98 24.63
C SER A 1861 -53.97 1.33 23.26
N HYP A 1862 -52.96 2.20 23.23
CA HYP A 1862 -52.39 2.67 21.96
C HYP A 1862 -51.84 1.56 21.06
O HYP A 1862 -51.63 0.44 21.52
CB HYP A 1862 -51.29 3.65 22.36
CG HYP A 1862 -51.52 3.96 23.83
CD HYP A 1862 -52.07 2.62 24.32
OD1 HYP A 1862 -52.40 5.05 24.05
N HYP A 1863 -51.61 1.88 19.79
CA HYP A 1863 -51.07 0.89 18.85
C HYP A 1863 -49.57 0.63 18.99
O HYP A 1863 -48.90 1.33 19.74
CB HYP A 1863 -51.43 1.46 17.47
CG HYP A 1863 -52.80 2.05 17.76
CD HYP A 1863 -52.45 2.82 19.03
OD1 HYP A 1863 -53.77 1.05 18.00
N HYP A 1864 -49.08 -0.36 18.26
CA HYP A 1864 -47.64 -0.70 18.30
C HYP A 1864 -46.76 0.13 17.38
O HYP A 1864 -47.23 0.62 16.36
CB HYP A 1864 -47.59 -2.18 17.94
CG HYP A 1864 -48.81 -2.67 18.72
CD HYP A 1864 -49.83 -1.63 18.25
OD1 HYP A 1864 -48.60 -2.63 20.11
N HYP A 1865 -45.50 0.27 17.75
CA HYP A 1865 -44.53 1.00 16.91
C HYP A 1865 -44.06 0.20 15.71
O HYP A 1865 -43.57 -0.92 15.88
CB HYP A 1865 -43.38 1.35 17.86
CG HYP A 1865 -43.81 0.88 19.25
CD HYP A 1865 -44.73 -0.28 18.88
OD1 HYP A 1865 -44.48 1.88 19.99
N HYP A 1866 -44.22 0.76 14.51
CA HYP A 1866 -43.82 0.07 13.27
C HYP A 1866 -42.40 -0.49 13.25
O HYP A 1866 -41.51 0.10 13.88
CB HYP A 1866 -44.00 1.14 12.19
CG HYP A 1866 -44.28 2.47 12.90
CD HYP A 1866 -43.86 2.17 14.35
OD1 HYP A 1866 -45.62 2.89 12.81
N HYP A 1867 -42.20 -1.61 12.57
CA HYP A 1867 -40.87 -2.20 12.45
C HYP A 1867 -39.84 -1.28 11.80
O HYP A 1867 -40.23 -0.35 11.09
CB HYP A 1867 -41.09 -3.47 11.60
CG HYP A 1867 -42.60 -3.69 11.54
CD HYP A 1867 -43.08 -2.23 11.56
OD1 HYP A 1867 -43.09 -4.45 12.63
N HYP A 1868 -38.56 -1.52 12.05
CA HYP A 1868 -37.50 -0.73 11.42
C HYP A 1868 -37.56 -0.71 9.90
O HYP A 1868 -37.45 -1.76 9.27
CB HYP A 1868 -36.21 -1.36 11.93
CG HYP A 1868 -36.60 -1.82 13.33
CD HYP A 1868 -37.95 -2.46 13.01
OD1 HYP A 1868 -36.70 -0.76 14.26
N SER A 1869 -37.73 0.48 9.33
CA SER A 1869 -37.79 0.65 7.89
C SER A 1869 -36.54 0.10 7.21
N HYP A 1870 -36.69 -0.39 5.99
CA HYP A 1870 -35.59 -1.07 5.29
C HYP A 1870 -34.40 -0.15 5.04
O HYP A 1870 -34.51 1.06 5.17
CB HYP A 1870 -36.22 -1.58 3.99
CG HYP A 1870 -37.67 -1.82 4.38
CD HYP A 1870 -37.92 -0.55 5.18
OD1 HYP A 1870 -37.87 -2.99 5.12
N ARG A 1871 -33.26 -0.73 4.66
CA ARG A 1871 -32.06 0.06 4.41
C ARG A 1871 -31.94 0.40 2.94
N HYP A 1872 -31.38 1.58 2.65
CA HYP A 1872 -31.12 1.98 1.26
C HYP A 1872 -30.26 0.98 0.50
O HYP A 1872 -29.35 0.40 1.11
CB HYP A 1872 -30.45 3.34 1.38
CG HYP A 1872 -31.06 3.93 2.64
CD HYP A 1872 -31.10 2.71 3.56
OD1 HYP A 1872 -32.32 4.53 2.44
N HYP A 1873 -30.54 0.76 -0.78
CA HYP A 1873 -29.76 -0.19 -1.58
C HYP A 1873 -28.25 0.01 -1.51
O HYP A 1873 -27.78 1.15 -1.54
CB HYP A 1873 -30.29 0.00 -3.00
CG HYP A 1873 -31.69 0.56 -2.81
CD HYP A 1873 -31.43 1.52 -1.67
OD1 HYP A 1873 -32.66 -0.42 -2.51
N SER A 1874 -27.50 -1.08 -1.41
CA SER A 1874 -26.05 -1.02 -1.35
C SER A 1874 -25.46 -0.47 -2.65
N HYP A 1875 -24.43 0.36 -2.52
CA HYP A 1875 -23.75 0.93 -3.69
C HYP A 1875 -23.16 -0.13 -4.62
O HYP A 1875 -22.76 -1.20 -4.17
CB HYP A 1875 -22.66 1.83 -3.09
CG HYP A 1875 -22.96 1.95 -1.60
CD HYP A 1875 -23.56 0.56 -1.34
OD1 HYP A 1875 -23.84 3.00 -1.28
N ASN A 1876 -23.09 0.19 -5.91
CA ASN A 1876 -22.59 -0.75 -6.90
C ASN A 1876 -21.07 -0.63 -7.08
N HYP A 1877 -20.44 -1.73 -7.48
CA HYP A 1877 -18.99 -1.76 -7.70
C HYP A 1877 -18.46 -0.78 -8.75
O HYP A 1877 -19.22 -0.36 -9.63
CB HYP A 1877 -18.72 -3.21 -8.10
CG HYP A 1877 -19.67 -3.94 -7.16
CD HYP A 1877 -20.94 -3.11 -7.39
OD1 HYP A 1877 -19.22 -3.91 -5.82
N HYP A 1878 -17.19 -0.42 -8.65
CA HYP A 1878 -16.56 0.42 -9.68
C HYP A 1878 -16.58 -0.20 -11.08
O HYP A 1878 -16.16 -1.34 -11.24
CB HYP A 1878 -15.13 0.65 -9.17
CG HYP A 1878 -15.11 0.18 -7.72
CD HYP A 1878 -16.11 -0.98 -7.83
OD1 HYP A 1878 -15.52 1.16 -6.79
N SER A 1879 -17.08 0.55 -12.05
CA SER A 1879 -17.21 0.08 -13.42
C SER A 1879 -15.86 -0.33 -14.01
N HYP A 1880 -15.89 -1.24 -14.98
CA HYP A 1880 -14.66 -1.76 -15.58
C HYP A 1880 -13.81 -0.70 -16.26
O HYP A 1880 -14.34 0.16 -16.97
CB HYP A 1880 -15.13 -2.84 -16.56
CG HYP A 1880 -16.42 -3.34 -15.94
CD HYP A 1880 -17.04 -2.01 -15.51
OD1 HYP A 1880 -16.21 -4.23 -14.86
N ARG A 1881 -12.50 -0.75 -16.05
CA ARG A 1881 -11.57 0.20 -16.67
C ARG A 1881 -11.62 0.11 -18.18
N HYP A 1882 -11.40 1.22 -18.87
CA HYP A 1882 -11.38 1.23 -20.34
C HYP A 1882 -10.18 0.51 -20.92
O HYP A 1882 -9.16 0.37 -20.23
CB HYP A 1882 -11.41 2.71 -20.72
CG HYP A 1882 -11.44 3.51 -19.42
CD HYP A 1882 -10.81 2.51 -18.45
OD1 HYP A 1882 -12.73 3.92 -19.02
N HYP A 1883 -10.28 0.06 -22.17
CA HYP A 1883 -9.17 -0.64 -22.83
C HYP A 1883 -7.83 0.11 -22.80
O HYP A 1883 -7.80 1.33 -22.98
CB HYP A 1883 -9.66 -0.87 -24.25
CG HYP A 1883 -11.13 -1.15 -24.01
CD HYP A 1883 -11.48 -0.04 -23.02
OD1 HYP A 1883 -11.37 -2.45 -23.50
N SER A 1884 -6.74 -0.63 -22.58
CA SER A 1884 -5.41 -0.03 -22.59
C SER A 1884 -4.95 0.24 -24.02
N HYP A 1885 -4.01 1.17 -24.17
CA HYP A 1885 -3.55 1.58 -25.50
C HYP A 1885 -2.67 0.56 -26.22
O HYP A 1885 -1.72 0.03 -25.63
CB HYP A 1885 -2.81 2.89 -25.25
CG HYP A 1885 -3.73 3.51 -24.21
CD HYP A 1885 -3.83 2.32 -23.26
OD1 HYP A 1885 -4.98 3.87 -24.75
N ALA A 1886 -2.99 0.29 -27.47
CA ALA A 1886 -2.21 -0.63 -28.31
C ALA A 1886 -0.77 -0.11 -28.48
N HYP A 1887 0.19 -1.03 -28.45
CA HYP A 1887 1.60 -0.66 -28.64
C HYP A 1887 1.87 0.05 -29.96
O HYP A 1887 1.17 -0.22 -30.94
CB HYP A 1887 2.36 -1.99 -28.53
CG HYP A 1887 1.33 -3.06 -28.18
CD HYP A 1887 0.08 -2.45 -28.80
OD1 HYP A 1887 1.20 -3.29 -26.79
N HYP A 1888 2.85 0.94 -29.99
CA HYP A 1888 3.17 1.68 -31.22
C HYP A 1888 3.44 0.81 -32.45
O HYP A 1888 4.18 -0.16 -32.36
CB HYP A 1888 4.40 2.52 -30.85
CG HYP A 1888 4.55 2.45 -29.34
CD HYP A 1888 4.02 1.04 -29.09
OD1 HYP A 1888 3.81 3.44 -28.65
N SER A 1889 2.84 1.17 -33.57
CA SER A 1889 3.01 0.43 -34.81
C SER A 1889 4.47 0.44 -35.27
N HYP A 1890 4.86 -0.59 -36.01
CA HYP A 1890 6.26 -0.71 -36.45
C HYP A 1890 6.70 0.39 -37.43
O HYP A 1890 5.86 1.15 -37.91
CB HYP A 1890 6.34 -2.10 -37.08
CG HYP A 1890 5.22 -2.88 -36.40
CD HYP A 1890 4.13 -1.81 -36.39
OD1 HYP A 1890 5.56 -3.33 -35.10
N ASN A 1891 7.99 0.45 -37.71
CA ASN A 1891 8.52 1.48 -38.59
C ASN A 1891 8.57 1.02 -40.04
N HYP A 1892 8.68 1.98 -40.96
CA HYP A 1892 8.83 1.67 -42.39
C HYP A 1892 10.22 1.22 -42.79
O HYP A 1892 11.20 1.62 -42.15
CB HYP A 1892 8.42 2.97 -43.09
CG HYP A 1892 7.38 3.55 -42.17
CD HYP A 1892 8.01 3.28 -40.80
OD1 HYP A 1892 6.11 2.93 -42.32
N HYP A 1893 10.33 0.40 -43.84
CA HYP A 1893 11.64 0.04 -44.37
C HYP A 1893 12.39 1.25 -44.91
O HYP A 1893 11.76 2.19 -45.39
CB HYP A 1893 11.35 -0.98 -45.47
CG HYP A 1893 9.84 -1.20 -45.49
CD HYP A 1893 9.34 0.12 -44.89
OD1 HYP A 1893 9.41 -2.33 -44.74
N HYP A 1894 13.72 1.23 -44.83
CA HYP A 1894 14.53 2.36 -45.30
C HYP A 1894 14.26 2.77 -46.74
O HYP A 1894 14.40 1.97 -47.66
CB HYP A 1894 15.97 1.89 -45.11
CG HYP A 1894 15.83 1.20 -43.77
CD HYP A 1894 14.59 0.33 -44.05
OD1 HYP A 1894 15.61 2.10 -42.72
N THR A 1895 13.85 4.03 -46.92
CA THR A 1895 13.49 4.56 -48.23
C THR A 1895 14.61 4.36 -49.25
N SER A 1896 14.22 4.00 -50.47
CA SER A 1896 15.17 3.71 -51.54
C SER A 1896 15.99 4.94 -51.92
N HYP A 1897 17.25 4.72 -52.26
CA HYP A 1897 18.15 5.82 -52.64
C HYP A 1897 17.73 6.56 -53.91
O HYP A 1897 17.11 5.94 -54.78
CB HYP A 1897 19.52 5.15 -52.81
CG HYP A 1897 19.37 3.71 -52.31
CD HYP A 1897 17.91 3.46 -52.68
OD1 HYP A 1897 19.63 3.56 -50.93
N HYP A 1898 18.03 7.84 -54.00
CA HYP A 1898 17.73 8.60 -55.23
C HYP A 1898 18.42 8.04 -56.47
O HYP A 1898 19.43 7.34 -56.33
CB HYP A 1898 18.19 10.02 -54.92
CG HYP A 1898 18.80 10.02 -53.51
CD HYP A 1898 19.16 8.54 -53.35
OD1 HYP A 1898 17.93 10.49 -52.51
N HYP A 1899 17.88 8.31 -57.65
CA HYP A 1899 18.47 7.82 -58.90
C HYP A 1899 19.96 8.17 -59.06
O HYP A 1899 20.39 9.23 -58.62
CB HYP A 1899 17.63 8.44 -60.01
CG HYP A 1899 16.26 8.59 -59.36
CD HYP A 1899 16.67 9.09 -57.98
OD1 HYP A 1899 15.54 7.37 -59.32
N SER A 1900 20.71 7.27 -59.69
CA SER A 1900 22.13 7.50 -59.93
C SER A 1900 22.35 8.43 -61.11
N HYP A 1901 23.34 9.31 -61.00
CA HYP A 1901 23.59 10.29 -62.07
C HYP A 1901 24.07 9.65 -63.38
O HYP A 1901 24.76 8.65 -63.33
CB HYP A 1901 24.66 11.23 -61.47
CG HYP A 1901 24.99 10.69 -60.08
CD HYP A 1901 24.57 9.24 -60.20
OD1 HYP A 1901 24.33 11.39 -59.04
N HYP A 1902 23.69 10.24 -64.51
CA HYP A 1902 24.20 9.77 -65.80
C HYP A 1902 25.72 9.79 -65.90
O HYP A 1902 26.36 10.58 -65.20
CB HYP A 1902 23.55 10.70 -66.83
CG HYP A 1902 22.66 11.67 -66.06
CD HYP A 1902 23.30 11.65 -64.67
OD1 HYP A 1902 21.30 11.30 -66.05
N HYP A 1903 26.30 8.92 -66.73
CA HYP A 1903 27.76 8.87 -66.89
C HYP A 1903 28.42 10.21 -67.20
O HYP A 1903 27.90 10.97 -68.01
CB HYP A 1903 27.98 7.85 -68.01
CG HYP A 1903 26.77 6.94 -67.91
CD HYP A 1903 25.69 7.99 -67.70
OD1 HYP A 1903 26.87 6.00 -66.86
N SER A 1904 29.54 10.49 -66.55
CA SER A 1904 30.29 11.72 -66.78
C SER A 1904 30.81 11.79 -68.22
N HYP A 1905 31.08 13.00 -68.69
CA HYP A 1905 31.53 13.20 -70.07
C HYP A 1905 33.02 12.93 -70.29
O HYP A 1905 33.81 13.17 -69.38
CB HYP A 1905 31.17 14.66 -70.37
CG HYP A 1905 30.26 15.14 -69.24
CD HYP A 1905 29.88 13.84 -68.53
OD1 HYP A 1905 29.13 15.86 -69.69
N HYP A 1906 33.40 12.44 -71.46
CA HYP A 1906 34.81 12.17 -71.77
C HYP A 1906 35.70 13.41 -71.76
O HYP A 1906 35.27 14.47 -72.22
CB HYP A 1906 34.77 11.50 -73.15
CG HYP A 1906 33.32 11.51 -73.63
CD HYP A 1906 32.70 12.60 -72.76
OD1 HYP A 1906 32.68 10.26 -73.49
N HYP A 1907 36.92 13.28 -71.25
CA HYP A 1907 37.88 14.39 -71.27
C HYP A 1907 38.18 14.93 -72.67
O HYP A 1907 37.98 14.22 -73.65
CB HYP A 1907 39.13 13.81 -70.60
CG HYP A 1907 38.85 12.34 -70.29
CD HYP A 1907 37.71 12.03 -71.27
OD1 HYP A 1907 38.50 12.11 -68.95
N HYP A 1908 38.65 16.18 -72.76
CA HYP A 1908 38.96 16.78 -74.06
C HYP A 1908 39.96 15.98 -74.89
O HYP A 1908 40.97 15.52 -74.37
CB HYP A 1908 39.51 18.17 -73.71
CG HYP A 1908 38.86 18.49 -72.38
CD HYP A 1908 39.00 17.14 -71.69
OD1 HYP A 1908 37.52 18.92 -72.49
N ARG A 1909 39.67 15.81 -76.17
CA ARG A 1909 40.50 15.03 -77.06
C ARG A 1909 41.82 15.74 -77.39
N HYP A 1910 42.90 14.97 -77.48
CA HYP A 1910 44.25 15.51 -77.69
C HYP A 1910 44.42 16.44 -78.89
O HYP A 1910 43.63 16.40 -79.82
CB HYP A 1910 45.13 14.25 -77.84
CG HYP A 1910 44.36 13.15 -77.14
CD HYP A 1910 42.95 13.50 -77.61
OD1 HYP A 1910 44.49 13.19 -75.74
N HYP A 1911 45.45 17.28 -78.84
CA HYP A 1911 45.76 18.17 -79.96
C HYP A 1911 46.31 17.44 -81.18
O HYP A 1911 46.58 16.24 -81.09
CB HYP A 1911 46.77 19.17 -79.39
CG HYP A 1911 46.80 18.96 -77.88
CD HYP A 1911 46.50 17.46 -77.81
OD1 HYP A 1911 45.85 19.74 -77.17
N HYP A 1912 46.48 18.13 -82.30
CA HYP A 1912 46.99 17.51 -83.51
C HYP A 1912 48.50 17.53 -83.67
O HYP A 1912 49.17 18.42 -83.14
CB HYP A 1912 46.30 18.25 -84.66
CG HYP A 1912 44.95 18.57 -84.03
CD HYP A 1912 45.46 19.12 -82.71
OD1 HYP A 1912 44.14 17.43 -83.86
N HYP A 1913 49.04 16.55 -84.39
CA HYP A 1913 50.49 16.49 -84.65
C HYP A 1913 51.03 17.67 -85.45
O HYP A 1913 50.26 18.49 -85.94
CB HYP A 1913 50.68 15.16 -85.40
CG HYP A 1913 49.47 14.33 -85.01
CD HYP A 1913 48.40 15.41 -85.06
OD1 HYP A 1913 49.59 13.72 -83.74
N HYP A 1914 52.35 17.76 -85.57
CA HYP A 1914 52.98 18.85 -86.32
C HYP A 1914 53.44 18.47 -87.71
O HYP A 1914 53.91 17.35 -87.92
CB HYP A 1914 54.16 19.28 -85.44
CG HYP A 1914 53.56 19.09 -84.05
CD HYP A 1914 52.99 17.69 -84.24
OD1 HYP A 1914 52.54 20.04 -83.78
N HYP A 1915 53.30 19.39 -88.66
CA HYP A 1915 53.72 19.13 -90.05
C HYP A 1915 55.19 18.72 -90.16
O HYP A 1915 56.05 19.36 -89.58
CB HYP A 1915 53.44 20.45 -90.79
CG HYP A 1915 52.68 21.35 -89.81
CD HYP A 1915 53.23 20.85 -88.47
OD1 HYP A 1915 51.28 21.23 -89.90
N HYP A 1916 55.45 17.64 -90.89
CA HYP A 1916 56.82 17.15 -91.08
C HYP A 1916 57.78 18.20 -91.61
O HYP A 1916 57.39 19.05 -92.41
CB HYP A 1916 56.68 15.98 -92.06
CG HYP A 1916 55.20 15.91 -92.47
CD HYP A 1916 54.71 17.31 -92.13
OD1 HYP A 1916 54.49 14.90 -91.78
N HYP A 1917 59.04 18.15 -91.16
CA HYP A 1917 60.07 19.05 -91.68
C HYP A 1917 60.22 18.98 -93.20
O HYP A 1917 59.88 17.96 -93.78
CB HYP A 1917 61.35 18.61 -90.97
CG HYP A 1917 60.94 17.65 -89.86
CD HYP A 1917 59.72 17.01 -90.50
OD1 HYP A 1917 60.65 18.31 -88.64
N HYP A 1918 60.68 20.06 -93.81
CA HYP A 1918 60.88 20.11 -95.26
C HYP A 1918 61.64 18.91 -95.84
O HYP A 1918 62.69 18.53 -95.32
CB HYP A 1918 61.63 21.41 -95.51
CG HYP A 1918 61.04 22.31 -94.44
CD HYP A 1918 61.13 21.36 -93.25
OD1 HYP A 1918 59.71 22.71 -94.72
N SER A 1919 61.09 18.32 -96.90
CA SER A 1919 61.71 17.18 -97.55
C SER A 1919 63.05 17.55 -98.17
N HYP A 1920 64.02 16.64 -98.04
CA HYP A 1920 65.38 16.91 -98.51
C HYP A 1920 65.48 17.14 -100.02
O HYP A 1920 64.79 16.46 -100.76
CB HYP A 1920 66.17 15.67 -98.07
CG HYP A 1920 65.30 14.94 -97.07
CD HYP A 1920 63.93 15.22 -97.71
OD1 HYP A 1920 65.39 15.45 -95.76
N HYP A 1921 66.31 18.10 -100.45
CA HYP A 1921 66.45 18.37 -101.87
C HYP A 1921 66.89 17.19 -102.76
O HYP A 1921 67.35 16.17 -102.24
CB HYP A 1921 67.47 19.51 -101.91
CG HYP A 1921 68.39 19.20 -100.74
CD HYP A 1921 67.69 18.10 -99.93
OD1 HYP A 1921 68.75 20.33 -99.96
N HYP A 1922 66.72 17.32 -104.06
CA HYP A 1922 67.16 16.27 -104.99
C HYP A 1922 68.67 16.07 -105.01
O HYP A 1922 69.40 16.96 -104.60
CB HYP A 1922 66.61 16.70 -106.34
CG HYP A 1922 65.35 17.45 -105.98
CD HYP A 1922 65.89 18.29 -104.82
OD1 HYP A 1922 64.29 16.59 -105.60
N HYP A 1923 69.12 14.92 -105.48
CA HYP A 1923 70.56 14.67 -105.63
C HYP A 1923 71.22 15.53 -106.71
O HYP A 1923 70.65 15.68 -107.78
CB HYP A 1923 70.67 13.18 -105.91
CG HYP A 1923 69.41 12.60 -105.30
CD HYP A 1923 68.42 13.66 -105.77
OD1 HYP A 1923 69.47 12.53 -103.90
N ASN A 1924 72.40 16.06 -106.41
CA ASN A 1924 73.11 16.88 -107.38
C ASN A 1924 73.48 16.08 -108.61
N ARG A 1925 72.83 16.39 -109.74
CA ARG A 1925 73.08 15.67 -110.98
C ARG A 1925 74.50 15.94 -111.46
N SER A 1926 75.17 14.87 -111.90
CA SER A 1926 76.57 14.95 -112.31
C SER A 1926 76.75 15.73 -113.62
N HYP A 1927 77.92 16.30 -113.82
CA HYP A 1927 78.21 17.08 -115.04
C HYP A 1927 78.36 16.24 -116.30
O HYP A 1927 78.68 15.05 -116.21
CB HYP A 1927 79.49 17.85 -114.70
CG HYP A 1927 79.53 17.90 -113.19
CD HYP A 1927 79.05 16.48 -112.89
OD1 HYP A 1927 78.69 18.89 -112.65
N HYP A 1928 78.16 16.85 -117.46
CA HYP A 1928 78.38 16.16 -118.74
C HYP A 1928 79.83 15.73 -118.96
O HYP A 1928 80.72 16.21 -118.26
CB HYP A 1928 77.91 17.16 -119.80
CG HYP A 1928 76.95 18.08 -119.06
CD HYP A 1928 77.71 18.22 -117.74
OD1 HYP A 1928 75.66 17.53 -118.91
N HYP A 1929 80.07 14.87 -119.94
CA HYP A 1929 81.43 14.49 -120.30
C HYP A 1929 82.09 15.45 -121.28
O HYP A 1929 81.40 16.00 -122.13
CB HYP A 1929 81.31 13.08 -120.88
CG HYP A 1929 79.87 12.64 -120.63
CD HYP A 1929 79.16 13.98 -120.69
OD1 HYP A 1929 79.71 11.97 -119.39
N HYP A 1930 83.40 15.64 -121.16
CA HYP A 1930 84.15 16.48 -122.12
C HYP A 1930 83.98 16.05 -123.57
O HYP A 1930 83.87 14.86 -123.84
CB HYP A 1930 85.60 16.35 -121.67
CG HYP A 1930 85.56 15.86 -120.23
CD HYP A 1930 84.34 14.93 -120.28
OD1 HYP A 1930 85.43 16.91 -119.30
N HYP A 1931 83.95 17.00 -124.49
CA HYP A 1931 83.92 16.66 -125.92
C HYP A 1931 85.15 15.89 -126.35
O HYP A 1931 86.21 16.04 -125.73
CB HYP A 1931 83.80 18.01 -126.63
CG HYP A 1931 83.76 19.10 -125.55
CD HYP A 1931 84.46 18.39 -124.40
OD1 HYP A 1931 82.45 19.52 -125.24
N HYP A 1932 85.04 15.07 -127.39
CA HYP A 1932 86.17 14.31 -127.91
C HYP A 1932 87.39 15.18 -128.25
O HYP A 1932 87.22 16.37 -128.52
CB HYP A 1932 85.62 13.60 -129.14
CG HYP A 1932 84.18 13.33 -128.75
CD HYP A 1932 83.82 14.69 -128.14
OD1 HYP A 1932 84.03 12.26 -127.83
N ALA A 1933 88.57 14.58 -128.22
CA ALA A 1933 89.79 15.31 -128.54
C ALA A 1933 89.70 15.95 -129.91
N SER A 1934 89.72 17.27 -129.95
CA SER A 1934 89.54 18.00 -131.20
C SER A 1934 90.75 17.80 -132.11
N SER A 1935 90.55 18.07 -133.39
CA SER A 1935 91.58 17.88 -134.40
C SER A 1935 92.58 19.04 -134.33
N ALA A 1936 93.47 19.10 -135.32
CA ALA A 1936 94.50 20.13 -135.35
C ALA A 1936 94.00 21.39 -136.04
N ILE A 1937 94.58 22.52 -135.66
CA ILE A 1937 94.23 23.80 -136.27
C ILE A 1937 94.70 23.79 -137.72
N ASN A 1938 93.97 24.52 -138.57
CA ASN A 1938 94.32 24.59 -139.98
C ASN A 1938 95.73 25.15 -140.14
N PRO A 1939 96.50 24.66 -141.11
CA PRO A 1939 97.86 25.15 -141.29
C PRO A 1939 97.87 26.63 -141.65
N GLY A 1940 98.90 27.33 -141.21
CA GLY A 1940 99.00 28.76 -141.41
C GLY A 1940 98.26 29.50 -140.32
N GLY A 1941 97.37 30.41 -140.71
CA GLY A 1941 96.56 31.14 -139.76
C GLY A 1941 97.29 32.18 -138.95
N GLY A 1942 98.58 32.40 -139.20
CA GLY A 1942 99.32 33.42 -138.49
C GLY A 1942 100.32 34.13 -139.36
N VAL A 1943 100.20 33.94 -140.67
CA VAL A 1943 101.13 34.50 -141.64
C VAL A 1943 100.39 35.54 -142.46
N ASN A 1944 100.96 36.75 -142.53
CA ASN A 1944 100.34 37.82 -143.31
C ASN A 1944 100.40 37.49 -144.80
N GLN A 1945 101.61 37.37 -145.34
CA GLN A 1945 101.77 36.82 -146.67
C GLN A 1945 101.40 35.35 -146.67
N ASN A 1946 100.75 34.91 -147.75
CA ASN A 1946 100.16 33.57 -147.76
C ASN A 1946 101.21 32.49 -147.57
N GLY A 1947 102.34 32.61 -148.25
CA GLY A 1947 103.40 31.63 -148.11
C GLY A 1947 103.09 30.33 -148.83
N ASP A 1948 104.15 29.56 -149.08
CA ASP A 1948 103.99 28.30 -149.78
C ASP A 1948 103.23 27.30 -148.92
N PRO A 1949 102.39 26.46 -149.52
CA PRO A 1949 101.62 25.49 -148.73
C PRO A 1949 102.51 24.40 -148.17
N VAL A 1950 102.03 23.78 -147.10
CA VAL A 1950 102.75 22.70 -146.43
C VAL A 1950 102.94 21.52 -147.38
N HYP B 1453 -174.81 -12.08 185.62
CA HYP B 1453 -175.44 -12.38 184.33
C HYP B 1453 -174.48 -12.65 183.18
O HYP B 1453 -174.73 -12.20 182.06
CB HYP B 1453 -176.31 -11.16 184.06
CG HYP B 1453 -176.68 -10.66 185.45
CD HYP B 1453 -175.32 -10.81 186.14
OD1 HYP B 1453 -177.69 -11.41 186.08
N HYP B 1454 -173.38 -13.36 183.46
CA HYP B 1454 -172.36 -13.70 182.46
C HYP B 1454 -171.82 -12.55 181.61
O HYP B 1454 -172.44 -12.17 180.62
CB HYP B 1454 -173.04 -14.77 181.60
CG HYP B 1454 -174.17 -15.34 182.44
CD HYP B 1454 -174.03 -14.64 183.79
OD1 HYP B 1454 -174.14 -16.75 182.55
N HYP B 1455 -170.66 -12.01 182.00
CA HYP B 1455 -170.01 -10.91 181.28
C HYP B 1455 -169.74 -11.18 179.80
O HYP B 1455 -169.51 -12.34 179.43
CB HYP B 1455 -168.71 -10.67 182.06
CG HYP B 1455 -168.69 -11.64 183.23
CD HYP B 1455 -169.60 -12.74 182.70
OD1 HYP B 1455 -169.18 -11.07 184.44
N HYP B 1456 -169.77 -10.15 178.97
CA HYP B 1456 -169.55 -10.31 177.53
C HYP B 1456 -168.14 -10.73 177.14
O HYP B 1456 -167.19 -10.43 177.85
CB HYP B 1456 -169.91 -8.93 176.94
CG HYP B 1456 -170.39 -8.06 178.09
CD HYP B 1456 -169.66 -8.71 179.26
OD1 HYP B 1456 -171.80 -8.05 178.26
N HYP B 1457 -168.02 -11.43 176.00
CA HYP B 1457 -166.70 -11.89 175.53
C HYP B 1457 -165.77 -10.78 175.07
O HYP B 1457 -166.24 -9.77 174.54
CB HYP B 1457 -167.04 -12.86 174.39
CG HYP B 1457 -168.54 -13.14 174.49
CD HYP B 1457 -169.02 -11.79 174.99
OD1 HYP B 1457 -168.86 -14.21 175.36
N HYP B 1458 -164.46 -10.96 175.25
CA HYP B 1458 -163.48 -9.95 174.84
C HYP B 1458 -163.34 -9.79 173.33
O HYP B 1458 -163.42 -10.77 172.59
CB HYP B 1458 -162.17 -10.43 175.48
CG HYP B 1458 -162.48 -11.70 176.26
CD HYP B 1458 -163.71 -12.21 175.52
OD1 HYP B 1458 -162.69 -11.49 177.64
N HYP B 1459 -163.12 -8.55 172.88
CA HYP B 1459 -162.98 -8.27 171.44
C HYP B 1459 -161.78 -8.95 170.77
O HYP B 1459 -160.72 -9.05 171.39
CB HYP B 1459 -162.87 -6.74 171.37
CG HYP B 1459 -163.04 -6.21 172.79
CD HYP B 1459 -162.55 -7.40 173.60
OD1 HYP B 1459 -164.38 -5.84 173.10
N HYP B 1460 -161.95 -9.40 169.53
CA HYP B 1460 -160.89 -10.09 168.80
C HYP B 1460 -159.63 -9.26 168.56
O HYP B 1460 -159.74 -8.04 168.38
CB HYP B 1460 -161.56 -10.51 167.48
CG HYP B 1460 -163.00 -10.01 167.52
CD HYP B 1460 -162.89 -8.86 168.52
OD1 HYP B 1460 -163.92 -11.00 167.92
N HYP B 1461 -158.47 -9.90 168.55
CA HYP B 1461 -157.20 -9.19 168.33
C HYP B 1461 -157.05 -8.56 166.95
O HYP B 1461 -157.73 -8.97 166.01
CB HYP B 1461 -156.12 -10.26 168.58
CG HYP B 1461 -156.85 -11.54 168.97
CD HYP B 1461 -158.20 -11.33 168.30
OD1 HYP B 1461 -156.93 -11.74 170.37
N HYP B 1462 -156.18 -7.56 166.83
CA HYP B 1462 -155.99 -6.83 165.57
C HYP B 1462 -155.15 -7.57 164.53
O HYP B 1462 -154.21 -8.27 164.90
CB HYP B 1462 -155.34 -5.51 165.99
CG HYP B 1462 -155.27 -5.51 167.52
CD HYP B 1462 -156.31 -6.55 167.90
OD1 HYP B 1462 -155.52 -4.24 168.09
N HYP B 1463 -155.48 -7.40 163.26
CA HYP B 1463 -154.73 -8.04 162.17
C HYP B 1463 -153.29 -7.56 162.02
O HYP B 1463 -153.01 -6.39 162.23
CB HYP B 1463 -155.56 -7.73 160.91
CG HYP B 1463 -156.85 -7.07 161.38
CD HYP B 1463 -156.36 -6.39 162.65
OD1 HYP B 1463 -157.90 -7.99 161.62
N HYP B 1464 -152.39 -8.47 161.67
CA HYP B 1464 -150.96 -8.14 161.52
C HYP B 1464 -150.64 -7.20 160.37
O HYP B 1464 -151.40 -7.14 159.40
CB HYP B 1464 -150.27 -9.51 161.36
CG HYP B 1464 -151.36 -10.57 161.41
CD HYP B 1464 -152.59 -9.76 160.99
OD1 HYP B 1464 -151.51 -11.17 162.67
N HYP B 1465 -149.53 -6.48 160.47
CA HYP B 1465 -149.10 -5.58 159.39
C HYP B 1465 -148.33 -6.27 158.27
O HYP B 1465 -148.22 -7.50 158.27
CB HYP B 1465 -148.24 -4.53 160.11
CG HYP B 1465 -148.12 -4.95 161.56
CD HYP B 1465 -148.47 -6.43 161.49
OD1 HYP B 1465 -148.96 -4.22 162.44
N HIS B 1466 -147.79 -5.51 157.34
CA HIS B 1466 -147.05 -6.07 156.21
C HIS B 1466 -146.12 -5.04 155.56
N ALA B 1467 -145.00 -5.52 155.03
CA ALA B 1467 -144.06 -4.67 154.31
C ALA B 1467 -143.92 -5.14 152.86
N HYP B 1468 -144.28 -4.26 151.92
CA HYP B 1468 -144.20 -4.58 150.49
C HYP B 1468 -142.78 -4.72 149.94
O HYP B 1468 -141.83 -4.31 150.60
CB HYP B 1468 -144.97 -3.43 149.81
CG HYP B 1468 -145.63 -2.62 150.93
CD HYP B 1468 -144.60 -2.82 152.04
OD1 HYP B 1468 -146.91 -3.11 151.27
N HYP B 1469 -142.65 -5.31 148.75
CA HYP B 1469 -141.35 -5.47 148.12
C HYP B 1469 -140.97 -4.37 147.13
O HYP B 1469 -140.46 -4.69 146.05
CB HYP B 1469 -141.44 -6.84 147.44
CG HYP B 1469 -142.89 -6.88 146.99
CD HYP B 1469 -143.59 -6.32 148.24
OD1 HYP B 1469 -143.34 -8.17 146.63
N HYP B 1480 -123.23 -1.97 131.37
CA HYP B 1480 -122.59 -0.92 130.55
C HYP B 1480 -122.03 -1.42 129.22
O HYP B 1480 -121.50 -2.53 129.15
CB HYP B 1480 -121.50 -0.34 131.45
CG HYP B 1480 -121.78 -0.88 132.86
CD HYP B 1480 -122.33 -2.25 132.50
OD1 HYP B 1480 -122.70 -0.08 133.59
N HYP B 1481 -122.15 -0.59 128.18
CA HYP B 1481 -121.66 -0.95 126.84
C HYP B 1481 -120.14 -1.15 126.76
O HYP B 1481 -119.40 -0.60 127.58
CB HYP B 1481 -122.14 0.19 125.94
CG HYP B 1481 -123.22 0.91 126.74
CD HYP B 1481 -122.63 0.79 128.14
OD1 HYP B 1481 -124.50 0.30 126.63
N HYP B 1482 -119.69 -1.92 125.78
CA HYP B 1482 -118.26 -2.19 125.60
C HYP B 1482 -117.49 -1.06 124.91
O HYP B 1482 -118.04 -0.38 124.04
CB HYP B 1482 -118.21 -3.49 124.79
CG HYP B 1482 -119.65 -4.01 124.71
CD HYP B 1482 -120.41 -2.69 124.74
OD1 HYP B 1482 -119.99 -4.87 125.78
N HYP B 1483 -116.23 -0.88 125.30
CA HYP B 1483 -115.40 0.19 124.72
C HYP B 1483 -115.12 0.05 123.22
O HYP B 1483 -114.93 -1.07 122.73
CB HYP B 1483 -114.10 0.13 125.54
CG HYP B 1483 -114.37 -0.77 126.73
CD HYP B 1483 -115.35 -1.75 126.09
OD1 HYP B 1483 -114.92 -0.09 127.84
N HYP B 1484 -115.12 1.16 122.50
CA HYP B 1484 -114.88 1.16 121.05
C HYP B 1484 -113.50 0.64 120.65
O HYP B 1484 -112.53 0.84 121.38
CB HYP B 1484 -115.08 2.63 120.64
CG HYP B 1484 -115.57 3.37 121.87
CD HYP B 1484 -114.92 2.55 122.98
OD1 HYP B 1484 -116.98 3.44 121.97
N HYP B 1485 -113.43 -0.03 119.50
CA HYP B 1485 -112.15 -0.59 119.03
C HYP B 1485 -111.06 0.44 118.73
O HYP B 1485 -111.37 1.58 118.41
CB HYP B 1485 -112.53 -1.39 117.78
CG HYP B 1485 -114.05 -1.30 117.64
CD HYP B 1485 -114.31 0.03 118.34
OD1 HYP B 1485 -114.74 -2.38 118.23
N HYP B 1486 -109.80 0.02 118.83
CA HYP B 1486 -108.67 0.91 118.57
C HYP B 1486 -108.43 1.22 117.10
O HYP B 1486 -108.59 0.34 116.26
CB HYP B 1486 -107.47 0.19 119.21
CG HYP B 1486 -108.03 -1.00 119.99
CD HYP B 1486 -109.52 -0.66 120.09
OD1 HYP B 1486 -107.41 -1.16 121.26
N HYP B 1487 -108.04 2.46 116.79
CA HYP B 1487 -107.79 2.87 115.41
C HYP B 1487 -106.70 2.06 114.69
O HYP B 1487 -105.78 1.58 115.34
CB HYP B 1487 -107.43 4.36 115.50
CG HYP B 1487 -107.54 4.75 116.98
CD HYP B 1487 -107.30 3.40 117.65
OD1 HYP B 1487 -108.79 5.32 117.31
N HYP B 1488 -106.80 1.95 113.37
CA HYP B 1488 -105.83 1.19 112.58
C HYP B 1488 -104.43 1.81 112.52
O HYP B 1488 -104.30 3.01 112.75
CB HYP B 1488 -106.46 1.08 111.19
CG HYP B 1488 -107.94 1.39 111.39
CD HYP B 1488 -107.82 2.49 112.45
OD1 HYP B 1488 -108.69 0.28 111.82
N HYP B 1489 -103.42 1.00 112.23
CA HYP B 1489 -102.05 1.51 112.07
C HYP B 1489 -101.90 2.56 110.97
O HYP B 1489 -102.73 2.62 110.08
CB HYP B 1489 -101.21 0.26 111.79
CG HYP B 1489 -101.97 -0.84 112.52
CD HYP B 1489 -103.41 -0.47 112.14
OD1 HYP B 1489 -101.75 -0.85 113.92
N HYP B 1490 -100.84 3.36 111.03
CA HYP B 1490 -100.62 4.43 110.05
C HYP B 1490 -100.54 3.96 108.61
O HYP B 1490 -101.51 4.09 107.85
CB HYP B 1490 -99.33 5.11 110.50
CG HYP B 1490 -99.39 4.96 112.01
CD HYP B 1490 -99.83 3.50 112.11
OD1 HYP B 1490 -100.30 5.85 112.63
N GLY B 1491 -99.39 3.43 108.20
CA GLY B 1491 -99.19 2.96 106.84
C GLY B 1491 -97.79 2.48 106.57
N THR B 1492 -97.67 1.48 105.71
CA THR B 1492 -96.38 0.89 105.38
C THR B 1492 -95.49 1.88 104.63
N HYP B 1493 -94.20 1.86 104.93
CA HYP B 1493 -93.24 2.73 104.24
C HYP B 1493 -92.95 2.32 102.80
O HYP B 1493 -93.17 1.16 102.45
CB HYP B 1493 -91.98 2.68 105.11
CG HYP B 1493 -92.41 2.06 106.44
CD HYP B 1493 -93.46 1.08 105.94
OD1 HYP B 1493 -92.93 2.99 107.37
N THR B 1494 -92.47 3.26 101.99
CA THR B 1494 -92.18 2.98 100.59
C THR B 1494 -90.92 2.14 100.45
N GLN B 1495 -90.74 1.54 99.28
CA GLN B 1495 -89.54 0.76 98.98
C GLN B 1495 -88.35 1.71 98.88
N HYP B 1496 -87.19 1.27 99.34
CA HYP B 1496 -85.97 2.08 99.27
C HYP B 1496 -85.63 2.61 97.87
O HYP B 1496 -86.00 1.99 96.88
CB HYP B 1496 -84.88 1.17 99.81
CG HYP B 1496 -85.62 0.40 100.90
CD HYP B 1496 -86.93 0.07 100.17
OD1 HYP B 1496 -85.82 1.16 102.08
N SER B 1497 -84.95 3.75 97.82
CA SER B 1497 -84.59 4.38 96.56
C SER B 1497 -83.67 3.50 95.73
N ALA B 1498 -83.83 3.56 94.41
CA ALA B 1498 -83.01 2.76 93.50
C ALA B 1498 -81.68 3.45 93.22
N HYP B 1499 -80.58 2.75 93.49
CA HYP B 1499 -79.24 3.29 93.26
C HYP B 1499 -78.90 3.57 91.80
O HYP B 1499 -79.11 4.69 91.33
CB HYP B 1499 -78.30 2.25 93.88
CG HYP B 1499 -79.16 1.10 94.39
CD HYP B 1499 -80.43 1.29 93.56
OD1 HYP B 1499 -79.40 1.16 95.78
N HYP B 1520 -41.52 4.22 52.24
CA HYP B 1520 -40.77 3.51 51.20
C HYP B 1520 -39.76 4.36 50.45
O HYP B 1520 -40.14 5.28 49.74
CB HYP B 1520 -41.86 2.97 50.26
CG HYP B 1520 -43.19 3.16 50.98
CD HYP B 1520 -42.89 4.44 51.74
OD1 HYP B 1520 -43.54 2.08 51.83
N HYP B 1521 -38.48 4.05 50.61
CA HYP B 1521 -37.40 4.80 49.95
C HYP B 1521 -37.40 4.68 48.43
O HYP B 1521 -37.56 3.59 47.89
CB HYP B 1521 -36.12 4.24 50.56
CG HYP B 1521 -36.53 3.35 51.72
CD HYP B 1521 -37.87 2.84 51.20
OD1 HYP B 1521 -36.65 4.05 52.95
N HYP B 1522 -37.20 5.81 47.74
CA HYP B 1522 -37.22 5.84 46.27
C HYP B 1522 -36.00 5.20 45.61
O HYP B 1522 -34.89 5.30 46.14
CB HYP B 1522 -37.34 7.34 45.93
CG HYP B 1522 -37.36 8.10 47.25
CD HYP B 1522 -37.85 7.04 48.23
OD1 HYP B 1522 -38.21 9.24 47.22
N HYP B 1523 -36.21 4.56 44.46
CA HYP B 1523 -35.12 3.89 43.75
C HYP B 1523 -34.02 4.82 43.22
O HYP B 1523 -34.33 5.93 42.79
CB HYP B 1523 -35.82 3.14 42.61
CG HYP B 1523 -37.31 3.43 42.73
CD HYP B 1523 -37.29 4.75 43.49
OD1 HYP B 1523 -38.03 2.40 43.39
N HYP B 1524 -32.78 4.37 43.25
CA HYP B 1524 -31.64 5.17 42.78
C HYP B 1524 -31.69 5.53 41.30
O HYP B 1524 -32.23 4.77 40.50
CB HYP B 1524 -30.41 4.32 43.12
CG HYP B 1524 -30.91 3.11 43.89
CD HYP B 1524 -32.31 2.96 43.31
OD1 HYP B 1524 -30.89 3.27 45.29
N HYP B 1525 -31.11 6.68 40.93
CA HYP B 1525 -31.12 7.13 39.54
C HYP B 1525 -30.27 6.29 38.59
O HYP B 1525 -29.33 5.63 39.04
CB HYP B 1525 -30.61 8.59 39.61
CG HYP B 1525 -30.45 8.92 41.09
CD HYP B 1525 -30.17 7.53 41.66
OD1 HYP B 1525 -31.58 9.55 41.66
N HYP B 1526 -30.58 6.31 37.30
CA HYP B 1526 -29.82 5.54 36.31
C HYP B 1526 -28.44 6.10 35.98
O HYP B 1526 -28.28 7.32 35.93
CB HYP B 1526 -30.74 5.53 35.07
CG HYP B 1526 -32.10 6.00 35.54
CD HYP B 1526 -31.67 7.01 36.60
OD1 HYP B 1526 -32.92 4.96 36.07
N HYP B 1527 -27.47 5.22 35.75
CA HYP B 1527 -26.10 5.64 35.46
C HYP B 1527 -25.94 6.44 34.16
O HYP B 1527 -26.61 6.14 33.18
CB HYP B 1527 -25.30 4.33 35.42
CG HYP B 1527 -26.28 3.20 35.72
CD HYP B 1527 -27.60 3.83 35.28
OD1 HYP B 1527 -26.28 2.79 37.08
N HYP B 1528 -25.05 7.43 34.16
CA HYP B 1528 -24.83 8.27 32.98
C HYP B 1528 -24.26 7.53 31.76
O HYP B 1528 -23.49 6.59 31.93
CB HYP B 1528 -23.88 9.37 33.47
CG HYP B 1528 -23.57 9.07 34.93
CD HYP B 1528 -23.85 7.57 35.00
OD1 HYP B 1528 -24.33 9.82 35.85
N HYP B 1529 -24.64 7.97 30.57
CA HYP B 1529 -24.17 7.33 29.33
C HYP B 1529 -22.67 7.47 29.07
O HYP B 1529 -22.07 8.46 29.47
CB HYP B 1529 -24.99 8.00 28.22
CG HYP B 1529 -26.02 8.89 28.91
CD HYP B 1529 -25.26 9.25 30.18
OD1 HYP B 1529 -27.25 8.25 29.15
N HYP B 1530 -22.07 6.46 28.44
CA HYP B 1530 -20.64 6.49 28.12
C HYP B 1530 -20.22 7.63 27.19
O HYP B 1530 -21.00 8.02 26.33
CB HYP B 1530 -20.36 5.11 27.51
CG HYP B 1530 -21.56 4.24 27.86
CD HYP B 1530 -22.67 5.29 27.77
OD1 HYP B 1530 -21.45 3.64 29.14
N HYP B 1531 -19.00 8.12 27.36
CA HYP B 1531 -18.51 9.25 26.55
C HYP B 1531 -18.43 8.97 25.04
O HYP B 1531 -18.49 7.81 24.64
CB HYP B 1531 -17.12 9.57 27.14
CG HYP B 1531 -17.03 8.80 28.45
CD HYP B 1531 -17.85 7.56 28.08
OD1 HYP B 1531 -17.56 9.51 29.56
N HYP B 1532 -18.30 10.03 24.24
CA HYP B 1532 -18.15 9.87 22.79
C HYP B 1532 -16.91 9.11 22.35
O HYP B 1532 -16.02 8.84 23.16
CB HYP B 1532 -18.15 11.29 22.26
CG HYP B 1532 -19.19 11.95 23.18
CD HYP B 1532 -18.73 11.40 24.53
OD1 HYP B 1532 -20.52 11.59 22.86
N ARG B 1533 -16.85 8.75 21.07
CA ARG B 1533 -15.80 7.89 20.55
C ARG B 1533 -14.97 8.64 19.51
N THR B 1534 -13.65 8.60 19.66
CA THR B 1534 -12.73 9.29 18.76
C THR B 1534 -12.75 8.67 17.37
N HYP B 1546 7.95 13.51 -4.99
CA HYP B 1546 8.04 13.40 -6.46
C HYP B 1546 9.43 13.01 -6.97
O HYP B 1546 10.43 13.36 -6.35
CB HYP B 1546 7.62 14.78 -6.97
CG HYP B 1546 6.89 15.44 -5.80
CD HYP B 1546 7.75 14.92 -4.65
OD1 HYP B 1546 5.53 15.06 -5.69
N HYP B 1547 9.47 12.29 -8.09
CA HYP B 1547 10.75 11.85 -8.67
C HYP B 1547 11.63 12.99 -9.18
O HYP B 1547 11.12 14.07 -9.51
CB HYP B 1547 10.33 10.90 -9.80
CG HYP B 1547 8.88 10.55 -9.53
CD HYP B 1547 8.39 11.89 -8.99
OD1 HYP B 1547 8.71 9.48 -8.60
N HYP B 1548 12.93 12.76 -9.25
CA HYP B 1548 13.88 13.77 -9.72
C HYP B 1548 13.99 13.90 -11.23
O HYP B 1548 13.87 12.90 -11.94
CB HYP B 1548 15.22 13.36 -9.09
CG HYP B 1548 14.88 12.32 -8.03
CD HYP B 1548 13.72 11.63 -8.73
OD1 HYP B 1548 14.52 12.87 -6.78
N HYP B 1549 14.20 15.12 -11.72
CA HYP B 1549 14.29 15.38 -13.16
C HYP B 1549 15.43 14.66 -13.87
O HYP B 1549 16.44 14.34 -13.25
CB HYP B 1549 14.45 16.91 -13.25
CG HYP B 1549 13.96 17.44 -11.91
CD HYP B 1549 14.52 16.36 -10.99
OD1 HYP B 1549 12.56 17.58 -11.81
N HYP B 1550 15.26 14.40 -15.17
CA HYP B 1550 16.28 13.71 -15.97
C HYP B 1550 17.56 14.51 -16.20
O HYP B 1550 17.58 15.71 -15.93
CB HYP B 1550 15.56 13.38 -17.29
CG HYP B 1550 14.08 13.56 -17.01
CD HYP B 1550 14.15 14.75 -16.06
OD1 HYP B 1550 13.45 12.43 -16.45
N HYP B 1551 18.60 13.85 -16.70
CA HYP B 1551 19.86 14.55 -17.02
C HYP B 1551 19.92 15.13 -18.43
O HYP B 1551 19.47 14.48 -19.38
CB HYP B 1551 20.94 13.49 -16.80
CG HYP B 1551 20.27 12.34 -16.04
CD HYP B 1551 18.89 12.41 -16.68
OD1 HYP B 1551 20.24 12.53 -14.64
N HYP B 1552 20.48 16.34 -18.55
CA HYP B 1552 20.56 17.01 -19.86
C HYP B 1552 21.40 16.27 -20.91
O HYP B 1552 22.40 15.65 -20.57
CB HYP B 1552 21.17 18.38 -19.53
CG HYP B 1552 21.29 18.46 -18.00
CD HYP B 1552 21.44 16.99 -17.66
OD1 HYP B 1552 20.17 19.06 -17.39
N HYP B 1553 20.98 16.36 -22.18
CA HYP B 1553 21.71 15.70 -23.27
C HYP B 1553 23.13 16.24 -23.51
O HYP B 1553 23.34 17.45 -23.40
CB HYP B 1553 20.82 15.92 -24.49
CG HYP B 1553 19.57 16.67 -24.02
CD HYP B 1553 20.11 17.38 -22.79
OD1 HYP B 1553 18.47 15.82 -23.74
N HYP B 1554 24.07 15.36 -23.82
CA HYP B 1554 25.46 15.77 -24.05
C HYP B 1554 25.64 16.76 -25.20
O HYP B 1554 24.90 16.69 -26.18
CB HYP B 1554 26.20 14.45 -24.32
CG HYP B 1554 25.17 13.33 -24.19
CD HYP B 1554 23.88 14.07 -24.50
OD1 HYP B 1554 25.17 12.72 -22.92
N HYP B 1555 26.61 17.66 -25.09
CA HYP B 1555 26.88 18.65 -26.13
C HYP B 1555 27.19 18.05 -27.50
O HYP B 1555 27.65 16.92 -27.57
CB HYP B 1555 28.06 19.47 -25.59
CG HYP B 1555 28.23 19.09 -24.14
CD HYP B 1555 27.79 17.63 -24.19
OD1 HYP B 1555 27.46 19.87 -23.24
N HYP B 1556 26.92 18.80 -28.57
CA HYP B 1556 27.20 18.32 -29.93
C HYP B 1556 28.66 17.96 -30.19
O HYP B 1556 29.52 18.29 -29.38
CB HYP B 1556 26.73 19.46 -30.83
CG HYP B 1556 25.65 20.16 -30.02
CD HYP B 1556 26.32 20.15 -28.64
OD1 HYP B 1556 24.39 19.51 -30.04
N GLY B 1557 28.91 17.27 -31.30
CA GLY B 1557 30.24 16.85 -31.64
C GLY B 1557 31.25 17.98 -31.76
N THR B 1558 32.49 17.70 -31.37
CA THR B 1558 33.55 18.70 -31.42
C THR B 1558 33.84 19.11 -32.87
N HYP B 1559 34.24 20.37 -33.06
CA HYP B 1559 34.56 20.87 -34.40
C HYP B 1559 35.71 20.13 -35.07
O HYP B 1559 36.51 19.49 -34.39
CB HYP B 1559 34.87 22.34 -34.18
CG HYP B 1559 33.96 22.72 -33.03
CD HYP B 1559 34.17 21.51 -32.12
OD1 HYP B 1559 32.60 22.89 -33.41
N SER B 1560 35.79 20.21 -36.39
CA SER B 1560 36.81 19.50 -37.15
C SER B 1560 38.17 20.18 -37.04
N THR B 1561 38.97 20.08 -38.09
CA THR B 1561 40.31 20.67 -38.09
C THR B 1561 40.53 21.48 -39.37
N HYP B 1562 41.39 22.49 -39.28
CA HYP B 1562 41.68 23.35 -40.45
C HYP B 1562 42.31 22.63 -41.64
O HYP B 1562 42.62 21.44 -41.56
CB HYP B 1562 42.60 24.43 -39.88
CG HYP B 1562 42.17 24.54 -38.43
CD HYP B 1562 42.04 23.05 -38.09
OD1 HYP B 1562 40.97 25.26 -38.23
N ASP B 1563 42.50 23.35 -42.74
CA ASP B 1563 43.02 22.77 -43.96
C ASP B 1563 44.54 22.94 -44.06
N ALA B 1564 45.07 22.73 -45.26
CA ALA B 1564 46.50 22.87 -45.50
C ALA B 1564 46.92 24.33 -45.54
N ALA B 1585 86.90 29.63 -81.64
CA ALA B 1585 87.01 29.61 -83.10
C ALA B 1585 88.12 30.54 -83.58
N HYP B 1586 89.36 30.13 -83.34
CA HYP B 1586 90.52 30.94 -83.73
C HYP B 1586 90.62 31.26 -85.22
O HYP B 1586 90.08 30.51 -86.04
CB HYP B 1586 91.73 30.10 -83.26
CG HYP B 1586 91.17 28.98 -82.39
CD HYP B 1586 89.82 28.76 -83.09
OD1 HYP B 1586 91.02 29.32 -81.03
N HYP B 1587 91.30 32.34 -85.56
CA HYP B 1587 91.45 32.75 -86.96
C HYP B 1587 92.53 31.98 -87.73
O HYP B 1587 93.63 31.81 -87.21
CB HYP B 1587 91.76 34.25 -86.88
CG HYP B 1587 91.74 34.64 -85.42
CD HYP B 1587 92.08 33.31 -84.77
OD1 HYP B 1587 90.51 35.18 -84.98
N HYP B 1588 92.21 31.53 -88.93
CA HYP B 1588 93.13 30.74 -89.75
C HYP B 1588 94.47 31.41 -90.04
O HYP B 1588 94.52 32.62 -90.29
CB HYP B 1588 92.35 30.46 -91.04
CG HYP B 1588 90.97 31.09 -90.88
CD HYP B 1588 91.27 32.19 -89.86
OD1 HYP B 1588 89.98 30.19 -90.44
N HYP B 1589 95.55 30.64 -90.01
CA HYP B 1589 96.90 31.16 -90.27
C HYP B 1589 97.11 31.73 -91.67
O HYP B 1589 96.41 31.34 -92.60
CB HYP B 1589 97.83 29.96 -90.00
CG HYP B 1589 96.95 28.79 -89.58
CD HYP B 1589 95.62 29.18 -90.22
OD1 HYP B 1589 96.86 28.63 -88.17
N HYP B 1590 98.06 32.65 -91.81
CA HYP B 1590 98.33 33.27 -93.12
C HYP B 1590 98.95 32.33 -94.14
O HYP B 1590 99.73 31.46 -93.78
CB HYP B 1590 99.27 34.45 -92.78
CG HYP B 1590 99.23 34.61 -91.26
CD HYP B 1590 99.06 33.15 -90.86
OD1 HYP B 1590 98.19 35.45 -90.81
N HYP B 1591 98.61 32.51 -95.41
CA HYP B 1591 99.14 31.67 -96.48
C HYP B 1591 100.63 31.84 -96.76
O HYP B 1591 101.16 32.94 -96.59
CB HYP B 1591 98.29 32.03 -97.72
CG HYP B 1591 97.35 33.15 -97.30
CD HYP B 1591 98.06 33.71 -96.07
OD1 HYP B 1591 96.03 32.71 -97.03
N HYP B 1592 101.30 30.77 -97.18
CA HYP B 1592 102.75 30.82 -97.48
C HYP B 1592 103.14 31.82 -98.56
O HYP B 1592 102.30 32.17 -99.38
CB HYP B 1592 103.10 29.38 -97.87
CG HYP B 1592 101.97 28.52 -97.32
CD HYP B 1592 100.78 29.44 -97.56
OD1 HYP B 1592 102.13 28.18 -95.95
N HYP B 1593 104.38 32.27 -98.55
CA HYP B 1593 104.86 33.24 -99.54
C HYP B 1593 104.98 32.69 -100.96
O HYP B 1593 104.77 31.50 -101.17
CB HYP B 1593 106.22 33.70 -98.99
CG HYP B 1593 106.24 33.31 -97.52
CD HYP B 1593 105.49 31.98 -97.62
OD1 HYP B 1593 105.59 34.24 -96.69
N HYP B 1594 105.32 33.55 -101.92
CA HYP B 1594 105.49 33.12 -103.30
C HYP B 1594 106.94 32.86 -103.71
O HYP B 1594 107.83 33.60 -103.32
CB HYP B 1594 104.87 34.26 -104.12
CG HYP B 1594 103.93 35.01 -103.16
CD HYP B 1594 103.99 34.20 -101.87
OD1 HYP B 1594 102.61 35.13 -103.66
N HYP B 1595 107.15 31.80 -104.49
CA HYP B 1595 108.50 31.40 -104.91
C HYP B 1595 109.24 32.42 -105.78
O HYP B 1595 108.60 33.21 -106.48
CB HYP B 1595 108.27 30.08 -105.65
CG HYP B 1595 106.85 29.62 -105.33
CD HYP B 1595 106.43 30.56 -104.18
OD1 HYP B 1595 106.76 28.25 -104.96
N HYP B 1596 110.57 32.39 -105.74
CA HYP B 1596 111.40 33.32 -106.51
C HYP B 1596 111.25 33.22 -108.03
O HYP B 1596 110.66 32.26 -108.51
CB HYP B 1596 112.83 33.00 -106.06
CG HYP B 1596 112.66 32.44 -104.65
CD HYP B 1596 111.44 31.55 -104.89
OD1 HYP B 1596 112.44 33.44 -103.67
N HYP B 1597 111.75 34.21 -108.75
CA HYP B 1597 111.59 34.26 -110.21
C HYP B 1597 112.73 33.61 -111.01
O HYP B 1597 113.54 34.34 -111.59
CB HYP B 1597 111.46 35.75 -110.54
CG HYP B 1597 111.03 36.40 -109.22
CD HYP B 1597 111.90 35.60 -108.26
OD1 HYP B 1597 109.64 36.28 -108.96
N HYP B 1598 112.76 32.28 -111.08
CA HYP B 1598 113.80 31.54 -111.81
C HYP B 1598 115.22 32.06 -111.70
O HYP B 1598 115.83 32.00 -110.62
CB HYP B 1598 113.30 31.57 -113.25
CG HYP B 1598 111.81 31.35 -113.04
CD HYP B 1598 111.54 32.36 -111.91
OD1 HYP B 1598 111.47 30.02 -112.70
N GLY B 1599 115.76 32.57 -112.80
CA GLY B 1599 117.12 33.09 -112.83
C GLY B 1599 117.52 33.67 -114.17
N MET B 1600 118.55 34.51 -114.16
CA MET B 1600 119.03 35.17 -115.37
C MET B 1600 119.72 34.19 -116.32
N HYP B 1601 119.92 34.61 -117.57
CA HYP B 1601 120.62 33.78 -118.55
C HYP B 1601 122.03 34.26 -118.90
O HYP B 1601 122.18 35.19 -119.70
CB HYP B 1601 119.69 33.79 -119.78
CG HYP B 1601 118.36 34.31 -119.27
CD HYP B 1601 118.85 35.34 -118.26
OD1 HYP B 1601 117.54 33.32 -118.70
N HYP B 1602 123.03 33.64 -118.30
CA HYP B 1602 124.43 34.04 -118.52
C HYP B 1602 124.92 33.94 -119.96
O HYP B 1602 124.65 32.94 -120.63
CB HYP B 1602 125.23 33.14 -117.58
CG HYP B 1602 124.23 32.21 -116.89
CD HYP B 1602 123.06 32.24 -117.87
OD1 HYP B 1602 123.89 32.63 -115.58
N THR B 1603 125.64 34.96 -120.43
CA THR B 1603 126.17 34.96 -121.79
C THR B 1603 127.66 35.24 -121.78
N HYP B 1610 140.12 36.13 -139.51
CA HYP B 1610 141.12 35.40 -140.31
C HYP B 1610 142.28 36.27 -140.81
O HYP B 1610 142.14 37.47 -140.95
CB HYP B 1610 140.31 34.81 -141.47
CG HYP B 1610 138.86 34.81 -140.99
CD HYP B 1610 138.85 36.15 -140.25
OD1 HYP B 1610 138.55 33.72 -140.16
N HYP B 1611 143.42 35.64 -141.07
CA HYP B 1611 144.61 36.35 -141.55
C HYP B 1611 144.59 36.70 -143.03
O HYP B 1611 143.89 36.05 -143.81
CB HYP B 1611 145.77 35.41 -141.20
CG HYP B 1611 145.22 34.43 -140.16
CD HYP B 1611 143.82 34.26 -140.73
OD1 HYP B 1611 145.24 34.94 -138.84
N HYP B 1612 145.34 37.72 -143.42
CA HYP B 1612 145.40 38.15 -144.83
C HYP B 1612 146.21 37.22 -145.73
O HYP B 1612 147.15 36.58 -145.26
CB HYP B 1612 146.00 39.56 -144.77
CG HYP B 1612 145.91 39.99 -143.31
CD HYP B 1612 146.17 38.66 -142.64
OD1 HYP B 1612 144.66 40.56 -142.96
N HYP B 1613 145.85 37.17 -147.01
CA HYP B 1613 146.57 36.34 -147.98
C HYP B 1613 147.97 36.81 -148.32
O HYP B 1613 148.20 38.02 -148.41
CB HYP B 1613 145.66 36.31 -149.22
CG HYP B 1613 144.32 36.89 -148.77
CD HYP B 1613 144.81 37.91 -147.75
OD1 HYP B 1613 143.45 35.92 -148.20
N HYP B 1614 148.91 35.89 -148.51
CA HYP B 1614 150.29 36.23 -148.83
C HYP B 1614 150.48 36.97 -150.16
O HYP B 1614 149.65 36.84 -151.05
CB HYP B 1614 151.03 34.88 -148.81
CG HYP B 1614 150.03 33.84 -148.33
CD HYP B 1614 148.72 34.46 -148.81
OD1 HYP B 1614 150.08 33.64 -146.93
N HYP B 1615 151.57 37.73 -150.28
CA HYP B 1615 151.85 38.47 -151.51
C HYP B 1615 152.34 37.60 -152.66
O HYP B 1615 153.14 36.69 -152.45
CB HYP B 1615 152.90 39.51 -151.09
CG HYP B 1615 152.82 39.59 -149.57
CD HYP B 1615 152.57 38.11 -149.26
OD1 HYP B 1615 151.79 40.44 -149.11
N HYP B 1616 151.88 37.90 -153.88
CA HYP B 1616 152.27 37.13 -155.06
C HYP B 1616 153.76 37.19 -155.40
O HYP B 1616 154.37 38.25 -155.26
CB HYP B 1616 151.41 37.72 -156.19
CG HYP B 1616 150.48 38.75 -155.55
CD HYP B 1616 151.31 39.17 -154.35
OD1 HYP B 1616 149.21 38.23 -155.20
N HYP B 1617 154.33 36.08 -155.85
CA HYP B 1617 155.76 36.02 -156.19
C HYP B 1617 156.18 36.98 -157.30
O HYP B 1617 155.43 37.18 -158.26
CB HYP B 1617 155.99 34.56 -156.59
CG HYP B 1617 154.68 33.82 -156.34
CD HYP B 1617 153.67 34.94 -156.53
OD1 HYP B 1617 154.60 33.19 -155.07
N HYP B 1618 157.37 37.56 -157.17
CA HYP B 1618 157.88 38.52 -158.15
C HYP B 1618 158.05 37.96 -159.56
O HYP B 1618 158.33 36.77 -159.71
CB HYP B 1618 159.21 39.00 -157.56
CG HYP B 1618 159.31 38.40 -156.17
CD HYP B 1618 158.52 37.12 -156.36
OD1 HYP B 1618 158.77 39.24 -155.15
N HYP B 1619 157.89 38.80 -160.58
CA HYP B 1619 158.05 38.38 -161.97
C HYP B 1619 159.43 37.81 -162.30
O HYP B 1619 160.38 38.09 -161.58
CB HYP B 1619 157.74 39.64 -162.79
CG HYP B 1619 156.99 40.57 -161.85
CD HYP B 1619 157.75 40.27 -160.55
OD1 HYP B 1619 155.60 40.30 -161.76
N HYP B 1620 159.52 37.04 -163.38
CA HYP B 1620 160.81 36.48 -163.80
C HYP B 1620 161.87 37.51 -164.21
O HYP B 1620 161.60 38.70 -164.16
CB HYP B 1620 160.46 35.54 -164.96
CG HYP B 1620 159.02 35.12 -164.67
CD HYP B 1620 158.46 36.48 -164.23
OD1 HYP B 1620 158.91 34.12 -163.68
N GLY B 1621 163.04 37.03 -164.61
CA GLY B 1621 164.13 37.90 -164.99
C GLY B 1621 163.85 38.73 -166.24
N SER B 1622 164.81 39.58 -166.60
CA SER B 1622 164.66 40.44 -167.77
C SER B 1622 165.29 39.78 -169.00
N HYP B 1623 164.87 40.22 -170.18
CA HYP B 1623 165.44 39.71 -171.43
C HYP B 1623 166.79 40.34 -171.80
O HYP B 1623 166.98 41.55 -171.61
CB HYP B 1623 164.37 40.01 -172.49
CG HYP B 1623 163.08 40.00 -171.70
CD HYP B 1623 163.53 40.77 -170.46
OD1 HYP B 1623 162.61 38.69 -171.39
N ASP B 1624 167.70 39.53 -172.32
CA ASP B 1624 169.03 40.01 -172.69
C ASP B 1624 168.97 40.89 -173.94
N GLN B 1625 169.97 41.75 -174.10
CA GLN B 1625 170.05 42.62 -175.27
C GLN B 1625 170.35 41.76 -176.49
N HYP B 1626 169.91 42.22 -177.67
CA HYP B 1626 170.12 41.46 -178.91
C HYP B 1626 171.57 41.16 -179.29
O HYP B 1626 172.49 41.49 -178.55
CB HYP B 1626 169.42 42.31 -179.97
CG HYP B 1626 168.17 42.73 -179.21
CD HYP B 1626 168.74 43.10 -177.84
OD1 HYP B 1626 167.18 41.73 -179.14
N SER B 1627 171.75 40.52 -180.45
CA SER B 1627 173.07 40.09 -180.88
C SER B 1627 173.93 41.26 -181.38
N ALA B 1628 174.36 41.18 -182.63
CA ALA B 1628 175.20 42.21 -183.21
C ALA B 1628 174.71 42.63 -184.59
N ALA C 43 -168.73 -57.21 216.14
CA ALA C 43 -169.99 -57.24 215.42
C ALA C 43 -169.81 -56.78 213.97
N THR C 44 -168.67 -56.14 213.71
CA THR C 44 -168.37 -55.68 212.36
C THR C 44 -168.28 -56.86 211.40
N TYR C 45 -168.95 -56.73 210.25
CA TYR C 45 -168.99 -57.78 209.25
C TYR C 45 -168.53 -57.21 207.91
N THR C 46 -167.36 -57.64 207.46
CA THR C 46 -166.89 -57.28 206.14
C THR C 46 -167.65 -58.08 205.09
N LEU C 47 -168.19 -57.38 204.09
CA LEU C 47 -169.00 -58.00 203.06
C LEU C 47 -168.34 -57.82 201.70
N THR C 48 -168.55 -58.81 200.83
CA THR C 48 -168.07 -58.76 199.47
C THR C 48 -169.13 -59.35 198.55
N LEU C 49 -169.50 -58.60 197.52
CA LEU C 49 -170.49 -59.05 196.55
C LEU C 49 -170.05 -58.63 195.16
N ASP C 50 -170.19 -59.54 194.20
CA ASP C 50 -169.74 -59.27 192.83
C ASP C 50 -170.52 -60.16 191.87
N LYS C 51 -170.40 -59.83 190.59
CA LYS C 51 -171.04 -60.58 189.52
C LYS C 51 -170.08 -61.67 189.05
N LEU C 52 -170.37 -62.92 189.40
CA LEU C 52 -169.48 -64.01 189.04
C LEU C 52 -169.53 -64.32 187.55
N GLY C 53 -170.74 -64.39 186.98
CA GLY C 53 -170.90 -64.70 185.59
C GLY C 53 -172.13 -64.05 184.99
N PRO C 54 -172.06 -63.70 183.70
CA PRO C 54 -170.92 -63.85 182.79
C PRO C 54 -169.84 -62.81 183.04
N THR C 55 -168.62 -63.03 182.56
CA THR C 55 -167.53 -62.08 182.80
C THR C 55 -167.84 -60.73 182.19
N VAL C 56 -168.34 -60.71 180.95
CA VAL C 56 -168.79 -59.48 180.33
C VAL C 56 -170.12 -59.07 180.95
N ASN C 57 -170.53 -57.82 180.74
CA ASN C 57 -171.78 -57.36 181.29
C ASN C 57 -172.95 -58.15 180.71
N PRO C 58 -173.82 -58.71 181.54
CA PRO C 58 -174.93 -59.51 181.03
C PRO C 58 -175.93 -58.66 180.26
N THR C 59 -176.58 -59.29 179.29
CA THR C 59 -177.61 -58.65 178.50
C THR C 59 -178.99 -59.08 179.00
N THR C 60 -180.03 -58.72 178.24
CA THR C 60 -181.40 -59.04 178.64
C THR C 60 -181.66 -60.55 178.66
N SER C 61 -180.85 -61.34 177.96
CA SER C 61 -181.10 -62.77 177.81
C SER C 61 -180.30 -63.64 178.77
N ASP C 62 -178.99 -63.41 178.86
CA ASP C 62 -178.14 -64.31 179.64
C ASP C 62 -178.43 -64.21 181.13
N ALA C 63 -178.32 -65.34 181.81
CA ALA C 63 -178.51 -65.39 183.25
C ALA C 63 -177.30 -64.82 183.97
N VAL C 64 -177.54 -64.29 185.16
CA VAL C 64 -176.51 -63.62 185.95
C VAL C 64 -176.32 -64.39 187.24
N THR C 65 -175.06 -64.70 187.57
CA THR C 65 -174.71 -65.39 188.80
C THR C 65 -173.83 -64.48 189.65
N PHE C 66 -173.95 -64.61 190.96
CA PHE C 66 -173.29 -63.72 191.91
C PHE C 66 -172.38 -64.51 192.84
N THR C 67 -171.31 -63.85 193.27
CA THR C 67 -170.38 -64.40 194.26
C THR C 67 -170.40 -63.48 195.47
N ALA C 68 -170.76 -64.04 196.63
CA ALA C 68 -170.84 -63.26 197.85
C ALA C 68 -170.17 -63.99 198.99
N THR C 69 -169.49 -63.25 199.85
CA THR C 69 -168.82 -63.83 201.01
C THR C 69 -168.82 -62.80 202.13
N VAL C 70 -168.71 -63.29 203.36
CA VAL C 70 -168.69 -62.45 204.55
C VAL C 70 -167.59 -62.93 205.48
N ALA C 71 -166.82 -61.98 206.01
CA ALA C 71 -165.78 -62.28 207.00
C ALA C 71 -165.99 -61.39 208.22
N SER C 72 -166.02 -61.99 209.39
CA SER C 72 -166.27 -61.26 210.63
C SER C 72 -164.99 -61.17 211.44
N PRO C 73 -164.34 -60.00 211.50
CA PRO C 73 -163.13 -59.88 212.32
C PRO C 73 -163.38 -60.11 213.80
N ASP C 74 -164.57 -59.81 214.31
CA ASP C 74 -164.84 -59.85 215.74
C ASP C 74 -165.67 -61.06 216.15
N SER C 75 -166.83 -61.27 215.52
CA SER C 75 -167.74 -62.31 215.95
C SER C 75 -167.50 -63.61 215.17
N THR C 76 -168.08 -64.69 215.68
CA THR C 76 -168.03 -65.98 215.02
C THR C 76 -169.37 -66.69 214.94
N THR C 77 -170.39 -66.19 215.62
CA THR C 77 -171.70 -66.83 215.58
C THR C 77 -172.30 -66.68 214.18
N ALA C 78 -172.84 -67.79 213.66
CA ALA C 78 -173.41 -67.76 212.32
C ALA C 78 -174.56 -66.78 212.23
N VAL C 79 -174.66 -66.09 211.10
CA VAL C 79 -175.72 -65.11 210.87
C VAL C 79 -176.51 -65.54 209.65
N PHE C 80 -177.51 -64.75 209.27
CA PHE C 80 -178.35 -65.06 208.14
C PHE C 80 -178.23 -63.97 207.08
N PHE C 81 -178.36 -64.36 205.82
CA PHE C 81 -178.16 -63.45 204.71
C PHE C 81 -179.31 -63.53 203.73
N THR C 82 -179.62 -62.39 203.11
CA THR C 82 -180.65 -62.28 202.10
C THR C 82 -180.09 -61.55 200.89
N LEU C 83 -180.59 -61.89 199.70
CA LEU C 83 -180.10 -61.33 198.45
C LEU C 83 -181.27 -60.84 197.63
N ASP C 84 -181.28 -59.55 197.30
CA ASP C 84 -182.30 -58.96 196.46
C ASP C 84 -181.69 -58.58 195.12
N TYR C 85 -182.30 -59.05 194.03
CA TYR C 85 -181.75 -58.84 192.70
C TYR C 85 -182.08 -57.47 192.13
N GLY C 86 -183.02 -56.74 192.74
CA GLY C 86 -183.31 -55.38 192.33
C GLY C 86 -184.10 -55.24 191.05
N ASP C 87 -184.58 -56.35 190.48
CA ASP C 87 -185.39 -56.26 189.26
C ASP C 87 -186.81 -55.80 189.51
N GLY C 88 -187.26 -55.80 190.76
CA GLY C 88 -188.62 -55.41 191.09
C GLY C 88 -189.62 -56.54 190.95
N VAL C 89 -189.48 -57.35 189.89
CA VAL C 89 -190.40 -58.45 189.67
C VAL C 89 -190.22 -59.52 190.75
N THR C 90 -188.97 -59.90 191.02
CA THR C 90 -188.68 -60.95 191.98
C THR C 90 -188.54 -60.37 193.38
N ALA C 91 -189.23 -60.98 194.33
CA ALA C 91 -189.16 -60.53 195.71
C ALA C 91 -187.84 -60.93 196.35
N GLU C 92 -187.61 -60.43 197.55
CA GLU C 92 -186.40 -60.76 198.30
C GLU C 92 -186.35 -62.26 198.57
N THR C 93 -185.18 -62.85 198.35
CA THR C 93 -185.01 -64.28 198.55
C THR C 93 -185.16 -64.65 200.02
N THR C 94 -185.48 -65.92 200.26
CA THR C 94 -185.68 -66.40 201.63
C THR C 94 -184.38 -66.31 202.42
N ARG C 95 -184.53 -66.04 203.71
CA ARG C 95 -183.37 -65.93 204.59
C ARG C 95 -182.68 -67.28 204.74
N THR C 96 -181.35 -67.26 204.66
CA THR C 96 -180.57 -68.48 204.69
C THR C 96 -179.38 -68.30 205.62
N THR C 97 -178.95 -69.40 206.25
CA THR C 97 -177.84 -69.36 207.18
C THR C 97 -176.53 -69.14 206.44
N THR C 98 -175.48 -68.83 207.21
CA THR C 98 -174.16 -68.58 206.68
C THR C 98 -173.13 -69.59 207.15
N GLY C 99 -173.11 -69.89 208.45
CA GLY C 99 -172.12 -70.78 209.02
C GLY C 99 -171.14 -70.03 209.90
N ALA C 100 -170.25 -70.80 210.53
CA ALA C 100 -169.25 -70.25 211.41
C ALA C 100 -168.29 -69.33 210.65
N LEU C 101 -168.36 -68.03 210.92
CA LEU C 101 -167.51 -67.06 210.25
C LEU C 101 -166.19 -66.91 210.99
N SER C 102 -165.25 -66.23 210.33
CA SER C 102 -163.93 -66.01 210.89
C SER C 102 -163.32 -64.82 210.16
N THR C 103 -162.04 -64.55 210.43
CA THR C 103 -161.33 -63.52 209.68
C THR C 103 -161.22 -63.90 208.20
N THR C 104 -160.95 -65.17 207.93
CA THR C 104 -160.93 -65.65 206.55
C THR C 104 -162.35 -65.67 206.00
N PRO C 105 -162.61 -65.05 204.85
CA PRO C 105 -163.97 -65.04 204.31
C PRO C 105 -164.45 -66.44 203.96
N THR C 106 -165.76 -66.65 204.12
CA THR C 106 -166.35 -67.92 203.74
C THR C 106 -166.34 -68.09 202.23
N ALA C 107 -166.52 -69.34 201.79
CA ALA C 107 -166.36 -69.69 200.38
C ALA C 107 -167.70 -69.58 199.66
N ASN C 108 -167.98 -68.39 199.13
CA ASN C 108 -169.06 -68.18 198.17
C ASN C 108 -170.41 -68.60 198.75
N LEU C 109 -170.87 -67.82 199.74
CA LEU C 109 -172.16 -68.07 200.35
C LEU C 109 -173.26 -68.21 199.31
N VAL C 110 -173.25 -67.36 198.29
CA VAL C 110 -174.18 -67.48 197.17
C VAL C 110 -173.61 -68.55 196.24
N SER C 111 -174.07 -69.78 196.40
CA SER C 111 -173.65 -70.88 195.55
C SER C 111 -174.45 -70.84 194.25
N ALA C 112 -174.32 -71.89 193.43
CA ALA C 112 -175.06 -71.95 192.19
C ALA C 112 -176.56 -71.95 192.46
N GLY C 113 -177.05 -72.97 193.15
CA GLY C 113 -178.43 -73.08 193.59
C GLY C 113 -179.48 -72.54 192.64
N THR C 114 -180.42 -71.76 193.17
CA THR C 114 -181.38 -71.02 192.37
C THR C 114 -181.22 -69.52 192.58
N TYR C 115 -180.00 -69.10 192.91
CA TYR C 115 -179.72 -67.70 193.22
C TYR C 115 -179.48 -66.86 191.98
N THR C 116 -179.48 -67.45 190.79
CA THR C 116 -179.31 -66.69 189.57
C THR C 116 -180.58 -65.89 189.26
N VAL C 117 -180.45 -64.95 188.31
CA VAL C 117 -181.56 -64.12 187.92
C VAL C 117 -181.32 -63.64 186.49
N THR C 118 -182.41 -63.33 185.79
CA THR C 118 -182.36 -62.80 184.44
C THR C 118 -183.25 -61.56 184.39
N TYR C 119 -182.71 -60.46 183.87
CA TYR C 119 -183.42 -59.19 183.85
C TYR C 119 -184.20 -59.03 182.55
N ALA C 120 -185.03 -57.99 182.51
CA ALA C 120 -185.86 -57.70 181.34
C ALA C 120 -185.83 -56.23 180.96
N SER C 121 -184.84 -55.48 181.44
CA SER C 121 -184.71 -54.06 181.14
C SER C 121 -183.25 -53.74 180.89
N ILE C 122 -182.99 -52.49 180.51
CA ILE C 122 -181.66 -52.02 180.17
C ILE C 122 -181.27 -50.92 181.15
N GLY C 123 -180.10 -51.05 181.74
CA GLY C 123 -179.57 -50.04 182.63
C GLY C 123 -178.86 -50.68 183.79
N THR C 124 -178.79 -49.93 184.90
CA THR C 124 -178.11 -50.37 186.10
C THR C 124 -179.10 -50.97 187.07
N LYS C 125 -178.79 -52.17 187.56
CA LYS C 125 -179.62 -52.86 188.55
C LYS C 125 -178.82 -53.01 189.83
N PHE C 126 -179.43 -52.64 190.95
CA PHE C 126 -178.74 -52.63 192.25
C PHE C 126 -179.02 -53.94 192.96
N VAL C 127 -178.03 -54.82 192.96
CA VAL C 127 -178.11 -56.10 193.68
C VAL C 127 -177.57 -55.88 195.08
N THR C 128 -178.40 -56.12 196.09
CA THR C 128 -178.03 -55.85 197.47
C THR C 128 -178.02 -57.14 198.28
N LEU C 129 -177.10 -57.20 199.24
CA LEU C 129 -176.97 -58.32 200.16
C LEU C 129 -177.11 -57.79 201.58
N ARG C 130 -178.03 -58.37 202.33
CA ARG C 130 -178.31 -57.95 203.70
C ARG C 130 -178.01 -59.09 204.66
N LEU C 131 -177.54 -58.73 205.85
CA LEU C 131 -177.19 -59.70 206.89
C LEU C 131 -178.03 -59.43 208.12
N TYR C 132 -178.85 -60.41 208.50
CA TYR C 132 -179.65 -60.35 209.71
C TYR C 132 -179.12 -61.33 210.74
N ASP C 133 -179.64 -61.21 211.96
CA ASP C 133 -179.19 -62.04 213.07
C ASP C 133 -180.03 -63.31 213.21
N SER C 134 -181.34 -63.22 212.98
CA SER C 134 -182.25 -64.32 213.23
C SER C 134 -182.97 -64.71 211.93
N ALA C 135 -183.23 -66.01 211.78
CA ALA C 135 -183.86 -66.50 210.56
C ALA C 135 -185.29 -65.97 210.42
N VAL C 136 -186.04 -65.94 211.51
CA VAL C 136 -187.44 -65.54 211.44
C VAL C 136 -187.53 -64.02 211.31
N ALA C 137 -188.26 -63.57 210.30
CA ALA C 137 -188.43 -62.15 210.05
C ALA C 137 -189.44 -61.55 211.03
N PRO C 138 -189.27 -60.28 211.40
CA PRO C 138 -188.17 -59.38 211.04
C PRO C 138 -187.04 -59.39 212.06
N GLY C 139 -185.84 -59.83 211.67
CA GLY C 139 -184.71 -59.83 212.56
C GLY C 139 -184.01 -58.49 212.61
N VAL C 140 -182.93 -58.44 213.38
CA VAL C 140 -182.11 -57.23 213.49
C VAL C 140 -181.15 -57.17 212.31
N LEU C 141 -181.20 -56.08 211.57
CA LEU C 141 -180.32 -55.92 210.42
C LEU C 141 -178.91 -55.62 210.90
N LEU C 142 -177.97 -56.50 210.54
CA LEU C 142 -176.58 -56.34 210.99
C LEU C 142 -175.73 -55.56 210.00
N ALA C 143 -175.87 -55.84 208.69
CA ALA C 143 -175.04 -55.19 207.69
C ALA C 143 -175.76 -55.25 206.36
N SER C 144 -175.24 -54.48 205.41
CA SER C 144 -175.80 -54.45 204.06
C SER C 144 -174.70 -54.03 203.09
N LYS C 145 -174.89 -54.39 201.81
CA LYS C 145 -173.94 -54.04 200.77
C LYS C 145 -174.66 -54.12 199.43
N THR C 146 -174.58 -53.03 198.66
CA THR C 146 -175.21 -52.94 197.35
C THR C 146 -174.15 -52.93 196.27
N VAL C 147 -174.45 -53.55 195.14
CA VAL C 147 -173.51 -53.64 194.03
C VAL C 147 -174.26 -53.34 192.74
N PRO C 148 -173.72 -52.49 191.86
CA PRO C 148 -174.39 -52.22 190.59
C PRO C 148 -174.09 -53.30 189.56
N ILE C 149 -175.11 -53.62 188.76
CA ILE C 149 -174.98 -54.57 187.66
C ILE C 149 -175.50 -53.88 186.41
N TYR C 150 -174.68 -53.85 185.36
CA TYR C 150 -175.01 -53.17 184.12
C TYR C 150 -175.59 -54.18 183.15
N VAL C 151 -176.81 -53.93 182.68
CA VAL C 151 -177.49 -54.79 181.73
C VAL C 151 -177.62 -54.02 180.42
N GLU C 152 -176.95 -54.51 179.38
CA GLU C 152 -177.00 -53.93 178.05
C GLU C 152 -178.01 -54.65 177.19
N ASP C 153 -178.28 -54.09 176.02
CA ASP C 153 -179.26 -54.63 175.09
C ASP C 153 -178.56 -55.29 173.91
N SER C 154 -178.97 -56.52 173.60
CA SER C 154 -178.44 -57.21 172.42
C SER C 154 -178.86 -56.55 171.12
N THR C 155 -179.85 -55.65 171.15
CA THR C 155 -180.31 -54.97 169.95
C THR C 155 -179.24 -54.07 169.35
N LEU C 156 -178.28 -53.62 170.14
CA LEU C 156 -177.24 -52.72 169.68
C LEU C 156 -175.90 -53.45 169.64
N THR C 157 -175.25 -53.42 168.47
CA THR C 157 -173.93 -54.00 168.29
C THR C 157 -172.95 -52.90 167.94
N ALA C 158 -171.85 -52.82 168.70
CA ALA C 158 -170.83 -51.80 168.52
C ALA C 158 -169.51 -52.48 168.21
N THR C 159 -168.80 -51.95 167.22
CA THR C 159 -167.52 -52.51 166.79
C THR C 159 -166.50 -51.38 166.65
N LEU C 160 -165.26 -51.68 167.01
CA LEU C 160 -164.16 -50.74 166.93
C LEU C 160 -163.19 -51.18 165.84
N LEU C 161 -162.86 -50.27 164.93
CA LEU C 161 -162.02 -50.56 163.78
C LEU C 161 -160.78 -49.68 163.81
N GLN C 162 -159.61 -50.29 163.71
CA GLN C 162 -158.35 -49.58 163.66
C GLN C 162 -157.72 -49.78 162.28
N SER C 163 -157.45 -48.68 161.58
CA SER C 163 -156.89 -48.78 160.24
C SER C 163 -155.45 -49.27 160.28
N GLY C 164 -154.63 -48.69 161.17
CA GLY C 164 -153.25 -49.07 161.30
C GLY C 164 -152.90 -49.37 162.75
N VAL C 165 -151.61 -49.64 162.97
CA VAL C 165 -151.12 -49.94 164.31
C VAL C 165 -150.67 -48.64 164.98
N PRO C 166 -151.19 -48.33 166.17
CA PRO C 166 -150.77 -47.12 166.86
C PRO C 166 -149.30 -47.18 167.27
N ARG C 167 -148.66 -46.02 167.31
CA ARG C 167 -147.26 -45.89 167.70
C ARG C 167 -147.15 -45.25 169.08
N LEU C 168 -146.07 -45.60 169.77
CA LEU C 168 -145.87 -45.11 171.13
C LEU C 168 -145.70 -43.60 171.15
N ASN C 169 -146.42 -42.94 172.05
CA ASN C 169 -146.32 -41.50 172.28
C ASN C 169 -146.64 -40.69 171.03
N LEU C 170 -147.29 -41.29 170.04
CA LEU C 170 -147.66 -40.61 168.81
C LEU C 170 -149.17 -40.65 168.63
N ALA C 171 -149.71 -39.59 168.05
CA ALA C 171 -151.15 -39.52 167.81
C ALA C 171 -151.57 -40.62 166.85
N PHE C 172 -152.65 -41.32 167.20
CA PHE C 172 -153.19 -42.40 166.39
C PHE C 172 -154.64 -42.08 166.06
N SER C 173 -154.94 -41.94 164.78
CA SER C 173 -156.26 -41.53 164.33
C SER C 173 -156.98 -42.62 163.54
N GLY C 174 -156.53 -43.86 163.66
CA GLY C 174 -157.15 -44.95 162.93
C GLY C 174 -158.38 -45.54 163.57
N PHE C 175 -158.80 -45.03 164.72
CA PHE C 175 -159.94 -45.61 165.44
C PHE C 175 -161.25 -45.06 164.88
N LYS C 176 -162.21 -45.96 164.67
CA LYS C 176 -163.56 -45.57 164.32
C LYS C 176 -164.53 -46.62 164.87
N GLY C 177 -165.79 -46.23 164.97
CA GLY C 177 -166.81 -47.07 165.57
C GLY C 177 -167.98 -47.29 164.63
N ARG C 178 -168.43 -48.54 164.57
CA ARG C 178 -169.62 -48.92 163.81
C ARG C 178 -170.69 -49.37 164.78
N VAL C 179 -171.92 -48.89 164.58
CA VAL C 179 -173.05 -49.23 165.43
C VAL C 179 -174.18 -49.76 164.55
N SER C 180 -174.79 -50.85 164.98
CA SER C 180 -175.91 -51.46 164.27
C SER C 180 -177.01 -51.78 165.27
N SER C 181 -178.22 -51.29 164.99
CA SER C 181 -179.37 -51.50 165.86
C SER C 181 -180.39 -52.37 165.14
N SER C 182 -180.78 -53.47 165.77
CA SER C 182 -181.82 -54.32 165.20
C SER C 182 -183.14 -53.57 165.10
N THR C 183 -183.49 -52.80 166.12
CA THR C 183 -184.66 -51.95 166.05
C THR C 183 -184.36 -50.68 165.26
N ALA C 184 -185.41 -49.96 164.91
CA ALA C 184 -185.30 -48.74 164.13
C ALA C 184 -185.33 -47.51 165.02
N ASN C 185 -184.95 -46.38 164.44
CA ASN C 185 -184.92 -45.06 165.07
C ASN C 185 -184.40 -45.14 166.51
N ARG C 186 -183.17 -45.63 166.64
CA ARG C 186 -182.50 -45.64 167.93
C ARG C 186 -182.26 -44.21 168.38
N ALA C 187 -182.37 -43.99 169.69
CA ALA C 187 -182.22 -42.65 170.25
C ALA C 187 -180.77 -42.17 170.10
N ASP C 188 -180.53 -40.94 170.52
CA ASP C 188 -179.21 -40.36 170.42
C ASP C 188 -178.22 -41.12 171.31
N MET C 189 -176.96 -41.14 170.88
CA MET C 189 -175.95 -41.96 171.54
C MET C 189 -174.69 -41.13 171.75
N TRP C 190 -173.91 -41.52 172.76
CA TRP C 190 -172.58 -40.97 172.99
C TRP C 190 -171.62 -42.13 173.21
N ALA C 191 -170.38 -41.93 172.78
CA ALA C 191 -169.38 -42.99 172.80
C ALA C 191 -168.14 -42.54 173.54
N THR C 192 -167.58 -43.45 174.34
CA THR C 192 -166.33 -43.23 175.02
C THR C 192 -165.40 -44.39 174.71
N ILE C 193 -164.10 -44.12 174.72
CA ILE C 193 -163.07 -45.14 174.48
C ILE C 193 -162.06 -45.08 175.60
N GLN C 194 -161.73 -46.24 176.16
CA GLN C 194 -160.75 -46.36 177.23
C GLN C 194 -159.59 -47.19 176.70
N LEU C 195 -158.38 -46.62 176.74
CA LEU C 195 -157.25 -47.25 176.07
C LEU C 195 -156.79 -48.51 176.76
N ASP C 196 -156.79 -48.53 178.10
CA ASP C 196 -156.26 -49.65 178.83
C ASP C 196 -156.96 -49.76 180.17
N THR C 197 -156.84 -50.93 180.79
CA THR C 197 -157.39 -51.19 182.12
C THR C 197 -156.38 -50.91 183.23
N ALA C 198 -155.24 -50.31 182.90
CA ALA C 198 -154.27 -49.96 183.93
C ALA C 198 -154.86 -48.91 184.86
N PRO C 199 -154.41 -48.85 186.12
CA PRO C 199 -155.01 -47.90 187.07
C PRO C 199 -154.94 -46.45 186.62
N GLY C 200 -153.85 -46.06 185.96
CA GLY C 200 -153.71 -44.68 185.53
C GLY C 200 -154.71 -44.29 184.46
N VAL C 201 -155.02 -45.22 183.55
CA VAL C 201 -155.84 -44.90 182.39
C VAL C 201 -157.26 -44.58 182.82
N PHE C 202 -157.84 -43.55 182.21
CA PHE C 202 -159.20 -43.12 182.47
C PHE C 202 -160.00 -43.12 181.18
N GLU C 203 -161.33 -43.10 181.33
CA GLU C 203 -162.20 -43.02 180.17
C GLU C 203 -162.04 -41.69 179.45
N SER C 204 -162.14 -41.73 178.13
CA SER C 204 -162.15 -40.51 177.35
C SER C 204 -163.48 -39.79 177.50
N SER C 205 -163.48 -38.50 177.21
CA SER C 205 -164.70 -37.71 177.25
C SER C 205 -165.69 -38.20 176.19
N ARG C 206 -166.97 -38.12 176.52
CA ARG C 206 -168.00 -38.60 175.62
C ARG C 206 -168.01 -37.81 174.32
N ILE C 207 -168.19 -38.51 173.21
CA ILE C 207 -168.26 -37.90 171.88
C ILE C 207 -169.64 -38.20 171.30
N PHE C 208 -170.24 -37.18 170.68
CA PHE C 208 -171.59 -37.33 170.15
C PHE C 208 -171.60 -38.31 168.98
N ILE C 209 -172.69 -39.07 168.88
CA ILE C 209 -172.95 -39.95 167.75
C ILE C 209 -174.29 -39.56 167.15
N GLY C 210 -174.38 -39.63 165.83
CA GLY C 210 -175.62 -39.31 165.16
C GLY C 210 -176.70 -40.34 165.45
N ILE C 211 -177.94 -39.94 165.11
CA ILE C 211 -179.07 -40.84 165.26
C ILE C 211 -178.91 -42.03 164.32
N ALA C 212 -179.64 -43.11 164.63
CA ALA C 212 -179.64 -44.33 163.81
C ALA C 212 -181.07 -44.65 163.42
N PRO C 213 -181.64 -43.91 162.47
CA PRO C 213 -183.05 -44.12 162.11
C PRO C 213 -183.32 -45.50 161.52
N THR C 214 -182.60 -45.84 160.45
CA THR C 214 -182.82 -47.13 159.80
C THR C 214 -182.30 -48.27 160.67
N ALA C 215 -182.98 -49.41 160.58
CA ALA C 215 -182.64 -50.59 161.36
C ALA C 215 -181.75 -51.53 160.56
N SER C 216 -180.98 -52.34 161.28
CA SER C 216 -180.05 -53.33 160.74
C SER C 216 -179.00 -52.72 159.82
N THR C 217 -178.89 -51.40 159.79
CA THR C 217 -177.87 -50.73 159.00
C THR C 217 -176.56 -50.68 159.77
N ASN C 218 -175.52 -50.12 159.14
CA ASN C 218 -174.19 -50.02 159.73
C ASN C 218 -173.78 -48.55 159.75
N TYR C 219 -174.17 -47.84 160.81
CA TYR C 219 -173.77 -46.46 160.97
C TYR C 219 -172.34 -46.38 161.50
N ASP C 220 -171.65 -45.30 161.16
CA ASP C 220 -170.25 -45.14 161.48
C ASP C 220 -169.97 -43.78 162.08
N PHE C 221 -168.93 -43.71 162.90
CA PHE C 221 -168.49 -42.45 163.48
C PHE C 221 -166.99 -42.50 163.69
N VAL C 222 -166.38 -41.33 163.81
CA VAL C 222 -164.93 -41.19 163.92
C VAL C 222 -164.58 -40.84 165.35
N ILE C 223 -163.62 -41.58 165.91
CA ILE C 223 -163.14 -41.35 167.27
C ILE C 223 -161.97 -40.39 167.21
N PRO C 224 -161.91 -39.38 168.09
CA PRO C 224 -160.76 -38.47 168.09
C PRO C 224 -159.47 -39.21 168.43
N ASP C 225 -158.37 -38.68 167.90
CA ASP C 225 -157.09 -39.37 168.02
C ASP C 225 -156.68 -39.55 169.48
N GLN C 226 -156.09 -40.70 169.77
CA GLN C 226 -155.67 -41.07 171.12
C GLN C 226 -154.16 -41.30 171.15
N VAL C 227 -153.57 -41.12 172.32
CA VAL C 227 -152.14 -41.28 172.52
C VAL C 227 -151.90 -42.36 173.56
N TYR C 228 -151.01 -43.29 173.24
CA TYR C 228 -150.66 -44.40 174.13
C TYR C 228 -149.34 -44.10 174.83
N ASN C 229 -149.29 -44.38 176.13
CA ASN C 229 -148.12 -44.03 176.93
C ASN C 229 -147.13 -45.17 177.06
N LEU C 230 -147.58 -46.42 177.08
CA LEU C 230 -146.71 -47.57 177.29
C LEU C 230 -146.78 -48.50 176.09
N GLU C 231 -145.64 -49.11 175.77
CA GLU C 231 -145.56 -50.06 174.67
C GLU C 231 -145.95 -51.45 175.15
N GLY C 232 -146.76 -52.14 174.35
CA GLY C 232 -147.20 -53.48 174.69
C GLY C 232 -148.63 -53.74 174.26
N ALA C 233 -149.10 -54.96 174.48
CA ALA C 233 -150.48 -55.29 174.17
C ALA C 233 -151.42 -54.53 175.09
N LYS C 234 -152.50 -53.99 174.52
CA LYS C 234 -153.44 -53.17 175.25
C LYS C 234 -154.84 -53.73 175.10
N THR C 235 -155.67 -53.51 176.12
CA THR C 235 -157.06 -53.92 176.13
C THR C 235 -157.91 -52.65 176.08
N THR C 236 -158.25 -52.22 174.85
CA THR C 236 -159.01 -51.00 174.63
C THR C 236 -160.48 -51.34 174.48
N VAL C 237 -161.33 -50.71 175.28
CA VAL C 237 -162.75 -50.96 175.27
C VAL C 237 -163.48 -49.74 174.74
N LEU C 238 -164.65 -49.97 174.16
CA LEU C 238 -165.49 -48.91 173.60
C LEU C 238 -166.86 -49.00 174.24
N ARG C 239 -167.33 -47.89 174.81
CA ARG C 239 -168.60 -47.82 175.51
C ARG C 239 -169.53 -46.87 174.79
N ILE C 240 -170.80 -47.25 174.70
CA ILE C 240 -171.85 -46.41 174.13
C ILE C 240 -172.91 -46.18 175.20
N TYR C 241 -173.25 -44.91 175.44
CA TYR C 241 -174.28 -44.53 176.38
C TYR C 241 -175.37 -43.75 175.67
N ASP C 242 -176.52 -43.62 176.34
CA ASP C 242 -177.64 -42.88 175.82
C ASP C 242 -177.66 -41.42 176.28
N ALA C 243 -176.74 -41.02 177.15
CA ALA C 243 -176.75 -39.69 177.72
C ALA C 243 -175.37 -39.05 177.59
N PRO C 244 -175.31 -37.72 177.50
CA PRO C 244 -174.00 -37.07 177.38
C PRO C 244 -173.26 -36.93 178.69
N VAL C 245 -173.96 -36.96 179.82
CA VAL C 245 -173.34 -36.81 181.12
C VAL C 245 -173.43 -38.09 181.94
N GLY C 246 -174.57 -38.74 181.96
CA GLY C 246 -174.73 -39.98 182.70
C GLY C 246 -176.06 -40.65 182.45
N GLY C 247 -176.05 -41.95 182.20
CA GLY C 247 -177.27 -42.66 181.90
C GLY C 247 -177.01 -44.14 181.75
N THR C 248 -177.98 -44.82 181.13
CA THR C 248 -177.87 -46.26 180.94
C THR C 248 -176.76 -46.60 179.96
N LEU C 249 -175.91 -47.54 180.35
CA LEU C 249 -174.83 -48.01 179.48
C LEU C 249 -175.42 -48.89 178.39
N LEU C 250 -175.39 -48.40 177.15
CA LEU C 250 -176.04 -49.12 176.06
C LEU C 250 -175.26 -50.38 175.68
N ARG C 251 -173.93 -50.26 175.54
CA ARG C 251 -173.15 -51.40 175.06
C ARG C 251 -171.67 -51.17 175.32
N THR C 252 -170.98 -52.24 175.69
CA THR C 252 -169.53 -52.25 175.79
C THR C 252 -168.97 -53.26 174.79
N PHE C 253 -167.89 -52.88 174.11
CA PHE C 253 -167.24 -53.78 173.15
C PHE C 253 -165.74 -53.75 173.36
N THR C 254 -165.13 -54.94 173.33
CA THR C 254 -163.69 -55.09 173.36
C THR C 254 -163.24 -56.05 172.26
N PRO C 255 -162.13 -55.76 171.60
CA PRO C 255 -161.68 -56.64 170.52
C PRO C 255 -161.22 -57.99 171.05
N ALA C 256 -161.34 -59.00 170.19
CA ALA C 256 -160.86 -60.32 170.53
C ALA C 256 -159.33 -60.34 170.59
N ALA C 257 -158.80 -61.31 171.33
CA ALA C 257 -157.36 -61.42 171.46
C ALA C 257 -156.66 -61.70 170.13
N ALA C 258 -157.40 -62.22 169.14
CA ALA C 258 -156.81 -62.44 167.83
C ALA C 258 -156.37 -61.13 167.19
N ASN C 259 -157.19 -60.09 167.31
CA ASN C 259 -156.87 -58.75 166.80
C ASN C 259 -157.08 -57.76 167.94
N ALA C 260 -156.04 -57.57 168.76
CA ALA C 260 -156.06 -56.60 169.84
C ALA C 260 -155.01 -55.54 169.58
N VAL C 261 -155.26 -54.33 170.11
CA VAL C 261 -154.36 -53.22 169.85
C VAL C 261 -153.00 -53.49 170.49
N TYR C 262 -151.95 -53.38 169.68
CA TYR C 262 -150.57 -53.58 170.12
C TYR C 262 -149.76 -52.40 169.61
N VAL C 263 -149.58 -51.39 170.47
CA VAL C 263 -148.79 -50.24 170.09
C VAL C 263 -147.31 -50.65 169.98
N VAL C 264 -146.61 -50.03 169.05
CA VAL C 264 -145.21 -50.35 168.79
C VAL C 264 -144.45 -49.04 168.65
N ASP C 265 -143.30 -48.96 169.33
CA ASP C 265 -142.48 -47.77 169.17
C ASP C 265 -141.54 -47.95 167.99
N PRO C 266 -141.52 -47.00 167.04
CA PRO C 266 -140.70 -47.19 165.84
C PRO C 266 -139.21 -47.30 166.11
N SER C 267 -138.74 -46.83 167.27
CA SER C 267 -137.30 -46.86 167.55
C SER C 267 -136.78 -48.30 167.60
N LYS C 268 -137.54 -49.21 168.20
CA LYS C 268 -137.07 -50.58 168.38
C LYS C 268 -136.94 -51.33 167.06
N TYR C 269 -137.58 -50.87 166.00
CA TYR C 269 -137.46 -51.54 164.72
C TYR C 269 -136.02 -51.45 164.22
N VAL C 270 -135.49 -52.59 163.78
CA VAL C 270 -134.12 -52.67 163.28
C VAL C 270 -134.19 -52.93 161.79
N LEU C 271 -133.61 -52.03 161.01
CA LEU C 271 -133.63 -52.09 159.55
C LEU C 271 -132.20 -52.07 159.03
N THR C 272 -131.88 -53.01 158.14
CA THR C 272 -130.58 -53.04 157.47
C THR C 272 -130.83 -53.10 155.97
N LEU C 273 -130.50 -52.01 155.28
CA LEU C 273 -130.68 -51.93 153.83
C LEU C 273 -129.32 -52.12 153.16
N THR C 274 -129.25 -53.08 152.25
CA THR C 274 -128.01 -53.47 151.60
C THR C 274 -128.16 -53.28 150.09
N VAL C 275 -127.84 -52.08 149.61
CA VAL C 275 -127.75 -51.81 148.19
C VAL C 275 -126.36 -51.24 147.92
N GLY C 276 -125.88 -51.45 146.69
CA GLY C 276 -124.55 -51.00 146.35
C GLY C 276 -124.24 -51.16 144.87
N PRO C 277 -123.12 -50.57 144.44
CA PRO C 277 -122.19 -49.75 145.23
C PRO C 277 -122.74 -48.35 145.48
N THR C 278 -122.20 -47.64 146.47
CA THR C 278 -122.79 -46.37 146.89
C THR C 278 -122.62 -45.30 145.82
N SER C 279 -121.42 -45.16 145.27
CA SER C 279 -121.13 -44.14 144.27
C SER C 279 -121.00 -44.80 142.91
N VAL C 280 -121.89 -44.42 141.98
CA VAL C 280 -121.93 -44.97 140.64
C VAL C 280 -122.13 -43.83 139.65
N THR C 281 -122.16 -44.18 138.37
CA THR C 281 -122.58 -43.30 137.29
C THR C 281 -123.87 -43.85 136.70
N THR C 282 -124.41 -43.11 135.71
CA THR C 282 -125.63 -43.56 135.06
C THR C 282 -125.42 -44.84 134.26
N ALA C 283 -124.18 -45.21 133.98
CA ALA C 283 -123.90 -46.42 133.21
C ALA C 283 -123.74 -47.65 134.08
N ASP C 284 -123.43 -47.49 135.37
CA ASP C 284 -123.22 -48.63 136.24
C ASP C 284 -124.56 -49.25 136.65
N GLN C 285 -124.49 -50.25 137.52
CA GLN C 285 -125.67 -50.98 137.97
C GLN C 285 -125.73 -50.98 139.49
N VAL C 286 -126.91 -50.68 140.03
CA VAL C 286 -127.16 -50.73 141.46
C VAL C 286 -128.03 -51.94 141.75
N THR C 287 -127.60 -52.76 142.70
CA THR C 287 -128.26 -54.02 143.00
C THR C 287 -128.93 -53.96 144.36
N PHE C 288 -130.17 -54.44 144.43
CA PHE C 288 -130.95 -54.51 145.66
C PHE C 288 -131.05 -55.99 146.04
N THR C 289 -130.36 -56.38 147.10
CA THR C 289 -130.31 -57.78 147.52
C THR C 289 -131.37 -58.03 148.58
N GLN C 290 -132.40 -58.79 148.22
CA GLN C 290 -133.47 -59.10 149.16
C GLN C 290 -132.95 -59.92 150.34
N THR C 291 -132.07 -60.90 150.05
CA THR C 291 -131.61 -61.80 151.10
C THR C 291 -130.81 -61.07 152.17
N THR C 292 -129.95 -60.14 151.76
CA THR C 292 -129.07 -59.50 152.72
C THR C 292 -129.82 -58.48 153.58
N THR C 293 -130.79 -57.78 153.00
CA THR C 293 -131.58 -56.83 153.77
C THR C 293 -132.40 -57.56 154.82
N GLU C 294 -132.45 -57.00 156.03
CA GLU C 294 -133.12 -57.64 157.15
C GLU C 294 -134.02 -56.64 157.86
N VAL C 295 -135.14 -57.13 158.36
CA VAL C 295 -136.05 -56.36 159.19
C VAL C 295 -136.31 -57.15 160.47
N SER C 296 -136.47 -56.44 161.57
CA SER C 296 -136.74 -57.08 162.85
C SER C 296 -137.35 -56.08 163.82
N TYR C 297 -137.97 -56.61 164.87
CA TYR C 297 -138.54 -55.82 165.95
C TYR C 297 -137.89 -56.31 167.24
N SER C 298 -136.93 -55.54 167.75
CA SER C 298 -136.11 -56.00 168.87
C SER C 298 -136.84 -55.93 170.21
N ALA C 299 -137.97 -55.21 170.29
CA ALA C 299 -138.63 -55.05 171.58
C ALA C 299 -139.19 -56.37 172.10
N SER C 300 -139.94 -57.08 171.27
CA SER C 300 -140.59 -58.32 171.66
C SER C 300 -141.19 -58.97 170.43
N ALA C 301 -141.79 -60.13 170.62
CA ALA C 301 -142.49 -60.83 169.55
C ALA C 301 -143.96 -60.40 169.54
N THR C 302 -144.79 -61.11 168.78
CA THR C 302 -146.22 -60.91 168.66
C THR C 302 -146.58 -59.53 168.10
N SER C 303 -145.61 -58.77 167.61
CA SER C 303 -145.91 -57.48 167.00
C SER C 303 -146.67 -57.70 165.70
N PRO C 304 -147.62 -56.81 165.38
CA PRO C 304 -148.39 -56.98 164.14
C PRO C 304 -147.49 -56.90 162.91
N ILE C 305 -147.84 -57.71 161.91
CA ILE C 305 -147.03 -57.76 160.69
C ILE C 305 -147.23 -56.47 159.89
N LEU C 306 -146.18 -56.06 159.20
CA LEU C 306 -146.20 -54.85 158.37
C LEU C 306 -145.60 -55.16 157.01
N GLN C 307 -146.18 -54.58 155.97
CA GLN C 307 -145.64 -54.74 154.64
C GLN C 307 -144.35 -53.92 154.50
N TRP C 308 -143.48 -54.38 153.60
CA TRP C 308 -142.24 -53.67 153.31
C TRP C 308 -142.28 -53.17 151.88
N ARG C 309 -141.81 -51.94 151.68
CA ARG C 309 -141.87 -51.28 150.38
C ARG C 309 -140.54 -50.60 150.10
N PHE C 310 -140.07 -50.72 148.85
CA PHE C 310 -138.78 -50.19 148.44
C PHE C 310 -138.96 -49.33 147.20
N ASN C 311 -138.23 -48.22 147.15
CA ASN C 311 -138.21 -47.37 145.97
C ASN C 311 -136.79 -46.91 145.70
N TRP C 312 -136.47 -46.77 144.41
CA TRP C 312 -135.15 -46.39 143.96
C TRP C 312 -134.92 -44.89 143.97
N ASP C 313 -135.93 -44.11 144.32
CA ASP C 313 -135.85 -42.64 144.29
C ASP C 313 -135.55 -42.13 142.88
N ASP C 314 -136.07 -42.82 141.87
CA ASP C 314 -135.91 -42.44 140.48
C ASP C 314 -137.29 -42.29 139.85
N PRO C 315 -137.55 -41.19 139.14
CA PRO C 315 -138.89 -40.99 138.57
C PRO C 315 -139.29 -42.04 137.55
N SER C 316 -138.33 -42.61 136.83
CA SER C 316 -138.67 -43.54 135.76
C SER C 316 -139.35 -44.80 136.29
N VAL C 317 -138.83 -45.34 137.39
CA VAL C 317 -139.32 -46.61 137.94
C VAL C 317 -140.17 -46.33 139.16
N VAL C 318 -141.37 -46.92 139.20
CA VAL C 318 -142.24 -46.76 140.34
C VAL C 318 -141.74 -47.60 141.52
N GLU C 319 -142.23 -47.28 142.70
CA GLU C 319 -141.84 -48.01 143.90
C GLU C 319 -142.43 -49.42 143.88
N THR C 320 -141.79 -50.32 144.61
CA THR C 320 -142.24 -51.69 144.68
C THR C 320 -143.58 -51.78 145.40
N PRO C 321 -144.44 -52.70 145.01
CA PRO C 321 -145.74 -52.84 145.68
C PRO C 321 -145.58 -53.43 147.08
N LEU C 322 -146.63 -53.25 147.88
CA LEU C 322 -146.62 -53.75 149.24
C LEU C 322 -146.42 -55.25 149.26
N ALA C 323 -145.52 -55.72 150.13
CA ALA C 323 -145.21 -57.14 150.21
C ALA C 323 -144.83 -57.49 151.64
N TYR C 324 -145.20 -58.70 152.04
CA TYR C 324 -144.83 -59.20 153.35
C TYR C 324 -143.36 -59.58 153.39
N PRO C 325 -142.78 -59.68 154.58
CA PRO C 325 -141.44 -60.27 154.71
C PRO C 325 -141.44 -61.72 154.22
N ASP C 326 -140.22 -62.27 154.10
CA ASP C 326 -140.06 -63.59 153.52
C ASP C 326 -140.77 -64.65 154.36
N ALA C 327 -141.52 -65.52 153.67
CA ALA C 327 -142.22 -66.64 154.30
C ALA C 327 -143.13 -66.18 155.44
N LEU C 328 -143.86 -65.09 155.21
CA LEU C 328 -144.75 -64.53 156.21
C LEU C 328 -146.06 -64.12 155.55
N THR C 329 -147.17 -64.33 156.25
CA THR C 329 -148.50 -64.02 155.75
C THR C 329 -149.19 -63.04 156.71
N ALA C 330 -150.46 -62.76 156.43
CA ALA C 330 -151.21 -61.82 157.25
C ALA C 330 -151.39 -62.34 158.67
N ALA C 331 -151.69 -63.63 158.82
CA ALA C 331 -151.92 -64.19 160.14
C ALA C 331 -150.65 -64.14 161.00
N SER C 332 -149.50 -64.42 160.41
CA SER C 332 -148.25 -64.42 161.15
C SER C 332 -147.90 -63.03 161.64
N ASN C 333 -147.30 -62.97 162.83
CA ASN C 333 -146.90 -61.71 163.43
C ASN C 333 -145.46 -61.37 163.05
N PHE C 334 -145.03 -60.18 163.46
CA PHE C 334 -143.70 -59.71 163.09
C PHE C 334 -142.63 -60.56 163.75
N PRO C 335 -141.52 -60.82 163.05
CA PRO C 335 -140.44 -61.63 163.65
C PRO C 335 -139.47 -60.80 164.47
N THR C 336 -139.14 -61.33 165.65
CA THR C 336 -138.18 -60.65 166.52
C THR C 336 -136.77 -60.73 165.94
N THR C 337 -136.35 -61.91 165.48
CA THR C 337 -135.04 -62.06 164.90
C THR C 337 -134.99 -61.45 163.51
N ALA C 338 -133.77 -61.23 163.01
CA ALA C 338 -133.59 -60.65 161.70
C ALA C 338 -134.18 -61.56 160.63
N THR C 339 -134.91 -60.96 159.70
CA THR C 339 -135.58 -61.71 158.63
C THR C 339 -135.42 -60.96 157.32
N ALA C 340 -135.09 -61.70 156.26
CA ALA C 340 -134.98 -61.11 154.94
C ALA C 340 -136.33 -60.61 154.46
N VAL C 341 -136.30 -59.51 153.69
CA VAL C 341 -137.54 -58.94 153.18
C VAL C 341 -138.22 -59.90 152.21
N SER C 342 -137.45 -60.65 151.44
CA SER C 342 -138.00 -61.65 150.53
C SER C 342 -136.87 -62.57 150.10
N SER C 343 -137.25 -63.69 149.49
CA SER C 343 -136.31 -64.67 148.95
C SER C 343 -136.41 -64.63 147.43
N ALA C 344 -135.64 -63.72 146.82
CA ALA C 344 -135.67 -63.56 145.38
C ALA C 344 -134.34 -62.98 144.92
N ALA C 345 -134.09 -63.06 143.61
CA ALA C 345 -132.86 -62.57 143.05
C ALA C 345 -132.75 -61.06 143.21
N ALA C 346 -131.53 -60.57 143.32
CA ALA C 346 -131.28 -59.14 143.46
C ALA C 346 -131.78 -58.38 142.24
N SER C 347 -132.43 -57.24 142.49
CA SER C 347 -132.97 -56.41 141.42
C SER C 347 -131.95 -55.38 140.99
N THR C 348 -131.69 -55.32 139.69
CA THR C 348 -130.71 -54.39 139.12
C THR C 348 -131.40 -53.17 138.56
N PHE C 349 -130.77 -52.01 138.72
CA PHE C 349 -131.32 -50.77 138.18
C PHE C 349 -130.17 -49.85 137.78
N ARG C 350 -130.43 -49.02 136.76
CA ARG C 350 -129.50 -48.00 136.31
C ARG C 350 -130.20 -46.66 136.37
N TYR C 351 -129.60 -45.72 137.10
CA TYR C 351 -130.23 -44.42 137.31
C TYR C 351 -130.21 -43.60 136.02
N THR C 352 -131.31 -42.89 135.77
CA THR C 352 -131.46 -42.08 134.57
C THR C 352 -131.06 -40.63 134.77
N SER C 353 -130.64 -40.25 135.96
CA SER C 353 -130.27 -38.86 136.23
C SER C 353 -129.14 -38.83 137.25
N THR C 354 -128.39 -37.73 137.24
CA THR C 354 -127.28 -37.56 138.16
C THR C 354 -127.78 -37.00 139.49
N GLY C 355 -126.84 -36.79 140.42
CA GLY C 355 -127.16 -36.22 141.70
C GLY C 355 -127.08 -37.20 142.86
N SER C 356 -127.92 -36.99 143.86
CA SER C 356 -127.99 -37.86 145.03
C SER C 356 -129.37 -38.49 145.12
N LYS C 357 -129.41 -39.82 145.23
CA LYS C 357 -130.66 -40.56 145.31
C LYS C 357 -130.76 -41.23 146.69
N ASN C 358 -131.98 -41.25 147.23
CA ASN C 358 -132.25 -41.80 148.55
C ASN C 358 -133.01 -43.11 148.38
N ALA C 359 -132.27 -44.21 148.26
CA ALA C 359 -132.88 -45.53 148.27
C ALA C 359 -133.64 -45.74 149.57
N ARG C 360 -134.96 -45.90 149.46
CA ARG C 360 -135.84 -45.88 150.61
C ARG C 360 -136.43 -47.26 150.86
N LEU C 361 -136.35 -47.72 152.10
CA LEU C 361 -137.02 -48.93 152.54
C LEU C 361 -137.92 -48.58 153.72
N ARG C 362 -139.23 -48.70 153.54
CA ARG C 362 -140.19 -48.29 154.56
C ARG C 362 -141.06 -49.47 154.95
N LEU C 363 -141.59 -49.41 156.17
CA LEU C 363 -142.51 -50.40 156.70
C LEU C 363 -143.89 -49.77 156.78
N TYR C 364 -144.82 -50.24 155.97
CA TYR C 364 -146.18 -49.73 155.94
C TYR C 364 -147.09 -50.60 156.79
N ASP C 365 -147.98 -49.96 157.55
CA ASP C 365 -148.78 -50.63 158.56
C ASP C 365 -150.14 -51.09 158.04
N GLY C 366 -150.42 -50.90 156.76
CA GLY C 366 -151.72 -51.19 156.21
C GLY C 366 -152.64 -49.99 156.10
N ALA C 367 -152.35 -48.93 156.85
CA ALA C 367 -153.01 -47.65 156.69
C ALA C 367 -152.15 -46.66 155.92
N ASN C 368 -151.06 -47.14 155.32
CA ASN C 368 -150.13 -46.31 154.55
C ASN C 368 -149.52 -45.22 155.43
N ASN C 369 -149.09 -45.61 156.62
CA ASN C 369 -148.31 -44.76 157.51
C ASN C 369 -146.90 -45.34 157.62
N VAL C 370 -145.90 -44.50 157.34
CA VAL C 370 -144.51 -44.94 157.39
C VAL C 370 -144.13 -45.14 158.85
N ILE C 371 -144.06 -46.39 159.29
CA ILE C 371 -143.76 -46.70 160.68
C ILE C 371 -142.27 -46.89 160.93
N ALA C 372 -141.49 -47.16 159.88
CA ALA C 372 -140.05 -47.31 160.02
C ALA C 372 -139.42 -47.07 158.66
N GLU C 373 -138.32 -46.33 158.64
CA GLU C 373 -137.74 -45.88 157.39
C GLU C 373 -136.22 -45.97 157.46
N LYS C 374 -135.61 -46.50 156.40
CA LYS C 374 -134.16 -46.59 156.29
C LYS C 374 -133.74 -45.99 154.96
N ILE C 375 -132.71 -45.14 155.00
CA ILE C 375 -132.24 -44.41 153.83
C ILE C 375 -130.82 -44.87 153.51
N VAL C 376 -130.55 -45.05 152.22
CA VAL C 376 -129.20 -45.25 151.71
C VAL C 376 -128.96 -44.21 150.62
N VAL C 377 -127.87 -43.46 150.75
CA VAL C 377 -127.56 -42.37 149.84
C VAL C 377 -126.71 -42.93 148.71
N ILE C 378 -127.16 -42.71 147.47
CA ILE C 378 -126.45 -43.13 146.28
C ILE C 378 -126.06 -41.88 145.50
N THR C 379 -124.77 -41.73 145.23
CA THR C 379 -124.25 -40.59 144.51
C THR C 379 -124.04 -40.99 143.05
N VAL C 380 -124.91 -40.50 142.17
CA VAL C 380 -124.84 -40.83 140.74
C VAL C 380 -124.14 -39.64 140.08
N SER C 381 -122.84 -39.76 139.90
CA SER C 381 -122.03 -38.74 139.25
C SER C 381 -121.51 -39.28 137.93
N ASN C 382 -121.70 -38.51 136.86
CA ASN C 382 -121.30 -38.93 135.52
C ASN C 382 -119.94 -38.37 135.11
N ALA C 383 -119.21 -37.76 136.04
CA ALA C 383 -117.89 -37.23 135.74
C ALA C 383 -116.87 -38.35 135.65
N GLY C 384 -115.63 -37.99 135.31
CA GLY C 384 -114.56 -38.95 135.20
C GLY C 384 -114.44 -39.63 133.84
N TYR C 385 -115.32 -39.31 132.90
CA TYR C 385 -115.25 -39.88 131.56
C TYR C 385 -114.33 -39.01 130.71
N THR C 386 -113.28 -39.61 130.17
CA THR C 386 -112.34 -38.91 129.30
C THR C 386 -112.38 -39.54 127.91
N LEU C 387 -112.39 -38.69 126.89
CA LEU C 387 -112.45 -39.12 125.50
C LEU C 387 -111.28 -38.54 124.74
N ALA C 388 -110.55 -39.39 124.03
CA ALA C 388 -109.42 -38.96 123.21
C ALA C 388 -109.72 -39.27 121.75
N LEU C 389 -109.50 -38.29 120.88
CA LEU C 389 -109.75 -38.44 119.45
C LEU C 389 -108.64 -37.74 118.68
N ALA C 390 -108.14 -38.40 117.64
CA ALA C 390 -107.08 -37.83 116.83
C ALA C 390 -107.15 -38.41 115.43
N LYS C 391 -106.48 -37.73 114.50
CA LYS C 391 -106.41 -38.17 113.10
C LYS C 391 -105.11 -38.94 112.88
N THR C 392 -105.23 -40.15 112.34
CA THR C 392 -104.08 -41.01 112.19
C THR C 392 -103.18 -40.59 111.02
N THR C 393 -103.78 -40.12 109.93
CA THR C 393 -102.99 -39.82 108.74
C THR C 393 -102.17 -38.55 108.93
N ALA C 394 -101.32 -38.28 107.94
CA ALA C 394 -100.40 -37.17 108.00
C ALA C 394 -101.12 -35.84 107.74
N ASP C 395 -100.37 -34.75 107.84
CA ASP C 395 -100.96 -33.42 107.64
C ASP C 395 -101.50 -33.22 106.23
N PRO C 396 -100.78 -33.53 105.14
CA PRO C 396 -101.36 -33.30 103.81
C PRO C 396 -102.48 -34.28 103.50
N VAL C 397 -103.71 -33.79 103.54
CA VAL C 397 -104.90 -34.61 103.33
C VAL C 397 -105.80 -33.92 102.32
N THR C 398 -106.19 -34.64 101.27
CA THR C 398 -107.09 -34.12 100.25
C THR C 398 -108.38 -34.92 100.25
N THR C 399 -109.35 -34.44 99.48
CA THR C 399 -110.66 -35.08 99.43
C THR C 399 -110.58 -36.49 98.86
N ASP C 400 -109.60 -36.76 97.98
CA ASP C 400 -109.50 -38.08 97.37
C ASP C 400 -109.19 -39.15 98.40
N ASP C 401 -108.25 -38.89 99.31
CA ASP C 401 -107.84 -39.88 100.28
C ASP C 401 -108.88 -40.03 101.38
N THR C 402 -108.78 -41.14 102.12
CA THR C 402 -109.67 -41.42 103.24
C THR C 402 -108.90 -41.19 104.54
N ILE C 403 -109.42 -40.30 105.37
CA ILE C 403 -108.78 -39.95 106.64
C ILE C 403 -109.29 -40.91 107.72
N ALA C 404 -108.37 -41.56 108.41
CA ALA C 404 -108.68 -42.50 109.47
C ALA C 404 -108.41 -41.85 110.83
N PHE C 405 -109.24 -42.20 111.81
CA PHE C 405 -109.16 -41.61 113.14
C PHE C 405 -108.84 -42.68 114.17
N SER C 406 -108.12 -42.26 115.21
CA SER C 406 -107.87 -43.09 116.39
C SER C 406 -108.62 -42.49 117.56
N ALA C 407 -109.47 -43.29 118.19
CA ALA C 407 -110.31 -42.82 119.29
C ALA C 407 -110.23 -43.80 120.45
N GLY C 408 -110.24 -43.27 121.66
CA GLY C 408 -110.19 -44.10 122.86
C GLY C 408 -111.08 -43.53 123.94
N ALA C 409 -111.63 -44.43 124.74
CA ALA C 409 -112.52 -44.07 125.84
C ALA C 409 -112.01 -44.70 127.13
N LYS C 410 -112.13 -43.97 128.23
CA LYS C 410 -111.79 -44.52 129.53
C LYS C 410 -112.56 -43.77 130.61
N HIS C 411 -112.61 -44.39 131.80
CA HIS C 411 -113.23 -43.79 132.97
C HIS C 411 -112.34 -44.09 134.17
N LEU C 412 -112.56 -43.31 135.24
CA LEU C 412 -111.73 -43.45 136.43
C LEU C 412 -111.90 -44.84 137.06
N SER C 413 -113.14 -45.24 137.32
CA SER C 413 -113.38 -46.50 138.00
C SER C 413 -114.58 -47.29 137.50
N SER C 414 -115.27 -46.85 136.44
CA SER C 414 -116.49 -47.49 135.98
C SER C 414 -116.17 -48.42 134.83
N THR C 415 -116.15 -49.73 135.11
CA THR C 415 -115.98 -50.75 134.07
C THR C 415 -117.32 -51.25 133.57
N SER C 416 -118.18 -50.33 133.15
CA SER C 416 -119.52 -50.65 132.69
C SER C 416 -119.64 -50.34 131.21
N GLN C 417 -120.33 -51.21 130.48
CA GLN C 417 -120.44 -51.07 129.03
C GLN C 417 -121.19 -49.79 128.68
N VAL C 418 -120.65 -49.05 127.72
CA VAL C 418 -121.24 -47.79 127.27
C VAL C 418 -121.51 -47.88 125.77
N TRP C 419 -121.99 -46.79 125.18
CA TRP C 419 -122.23 -46.73 123.75
C TRP C 419 -121.57 -45.46 123.21
N TRP C 420 -121.23 -45.51 121.91
CA TRP C 420 -120.56 -44.39 121.26
C TRP C 420 -121.14 -44.17 119.87
N THR C 421 -121.01 -42.93 119.40
CA THR C 421 -121.41 -42.56 118.05
C THR C 421 -120.43 -41.52 117.52
N ILE C 422 -120.37 -41.41 116.20
CA ILE C 422 -119.42 -40.55 115.53
C ILE C 422 -120.15 -39.69 114.51
N ASP C 423 -119.78 -38.41 114.44
CA ASP C 423 -120.34 -37.46 113.50
C ASP C 423 -119.21 -36.84 112.70
N TYR C 424 -119.31 -36.91 111.37
CA TYR C 424 -118.31 -36.35 110.48
C TYR C 424 -118.76 -35.01 109.89
N GLY C 425 -119.81 -34.41 110.44
CA GLY C 425 -120.39 -33.21 109.89
C GLY C 425 -121.67 -33.45 109.09
N ALA C 426 -121.96 -34.70 108.74
CA ALA C 426 -123.18 -35.05 108.03
C ALA C 426 -124.23 -35.65 108.96
N GLY C 427 -123.99 -35.64 110.26
CA GLY C 427 -124.91 -36.22 111.23
C GLY C 427 -124.32 -37.43 111.94
N GLU C 428 -124.98 -37.80 113.03
CA GLU C 428 -124.54 -38.93 113.82
C GLU C 428 -124.79 -40.24 113.08
N SER C 429 -124.02 -41.26 113.46
CA SER C 429 -124.30 -42.61 113.00
C SER C 429 -125.59 -43.11 113.64
N SER C 430 -126.50 -43.64 112.83
CA SER C 430 -127.81 -44.01 113.34
C SER C 430 -127.76 -45.09 114.42
N PRO C 431 -127.01 -46.20 114.27
CA PRO C 431 -126.97 -47.17 115.37
C PRO C 431 -125.85 -46.89 116.35
N ARG C 432 -126.19 -46.72 117.62
CA ARG C 432 -125.17 -46.57 118.65
C ARG C 432 -124.40 -47.87 118.80
N THR C 433 -123.06 -47.77 118.82
CA THR C 433 -122.20 -48.93 118.86
C THR C 433 -121.74 -49.19 120.30
N ALA C 434 -121.86 -50.43 120.75
CA ALA C 434 -121.50 -50.78 122.10
C ALA C 434 -120.00 -50.68 122.32
N LEU C 435 -119.61 -50.45 123.57
CA LEU C 435 -118.21 -50.34 123.93
C LEU C 435 -118.02 -50.93 125.32
N THR C 436 -117.09 -51.86 125.45
CA THR C 436 -116.79 -52.52 126.72
C THR C 436 -115.73 -51.73 127.46
N MET C 437 -116.06 -51.27 128.66
CA MET C 437 -115.13 -50.48 129.49
C MET C 437 -114.18 -51.43 130.25
N THR C 438 -113.41 -52.19 129.47
CA THR C 438 -112.56 -53.23 130.06
C THR C 438 -111.38 -52.64 130.84
N ASN C 439 -111.02 -51.39 130.59
CA ASN C 439 -109.90 -50.76 131.28
C ASN C 439 -110.38 -49.49 131.96
N VAL C 440 -109.94 -49.29 133.20
CA VAL C 440 -110.29 -48.11 133.99
C VAL C 440 -109.00 -47.50 134.53
N GLY C 441 -109.15 -46.43 135.31
CA GLY C 441 -108.00 -45.79 135.89
C GLY C 441 -107.19 -45.05 134.83
N ALA C 442 -105.93 -44.78 135.17
CA ALA C 442 -105.01 -44.07 134.30
C ALA C 442 -104.10 -45.01 133.51
N ALA C 443 -104.57 -46.23 133.24
CA ALA C 443 -103.74 -47.19 132.53
C ALA C 443 -103.75 -46.96 131.02
N ALA C 444 -104.93 -47.09 130.40
CA ALA C 444 -105.07 -46.93 128.96
C ALA C 444 -106.54 -46.90 128.57
N PRO C 445 -106.92 -46.07 127.61
CA PRO C 445 -108.31 -46.06 127.14
C PRO C 445 -108.55 -47.11 126.06
N ASN C 446 -109.69 -47.78 126.14
CA ASN C 446 -110.05 -48.74 125.12
C ASN C 446 -110.25 -48.04 123.78
N ALA C 447 -109.68 -48.62 122.74
CA ALA C 447 -109.69 -47.99 121.42
C ALA C 447 -110.95 -48.40 120.65
N ILE C 448 -111.27 -47.60 119.64
CA ILE C 448 -112.38 -47.88 118.73
C ILE C 448 -111.79 -48.13 117.35
N ALA C 449 -112.06 -49.30 116.79
CA ALA C 449 -111.51 -49.69 115.51
C ALA C 449 -112.39 -49.23 114.36
N SER C 450 -111.79 -49.12 113.18
CA SER C 450 -112.48 -48.77 111.94
C SER C 450 -113.21 -47.43 112.06
N LEU C 451 -112.41 -46.38 112.28
CA LEU C 451 -112.91 -45.00 112.33
C LEU C 451 -112.24 -44.23 111.21
N SER C 452 -112.90 -44.17 110.06
CA SER C 452 -112.34 -43.50 108.89
C SER C 452 -113.49 -42.96 108.04
N ASN C 453 -113.16 -41.97 107.21
CA ASN C 453 -114.13 -41.40 106.29
C ASN C 453 -113.39 -40.72 105.15
N GLN C 454 -114.10 -40.51 104.05
CA GLN C 454 -113.57 -39.83 102.87
C GLN C 454 -114.44 -38.61 102.61
N TYR C 455 -113.91 -37.43 102.92
CA TYR C 455 -114.66 -36.19 102.77
C TYR C 455 -114.72 -35.79 101.29
N THR C 456 -115.93 -35.51 100.82
CA THR C 456 -116.10 -35.15 99.40
C THR C 456 -115.55 -33.76 99.11
N SER C 457 -115.86 -32.79 99.97
CA SER C 457 -115.48 -31.41 99.74
C SER C 457 -114.24 -31.05 100.56
N GLY C 458 -113.76 -29.83 100.38
CA GLY C 458 -112.61 -29.33 101.08
C GLY C 458 -112.97 -28.29 102.13
N GLY C 459 -111.92 -27.69 102.69
CA GLY C 459 -112.09 -26.68 103.71
C GLY C 459 -111.85 -27.23 105.11
N THR C 460 -112.44 -26.54 106.09
CA THR C 460 -112.33 -26.93 107.48
C THR C 460 -113.42 -27.94 107.80
N LYS C 461 -113.02 -29.12 108.25
CA LYS C 461 -113.96 -30.19 108.59
C LYS C 461 -113.65 -30.71 109.98
N LEU C 462 -114.71 -31.13 110.68
CA LEU C 462 -114.61 -31.59 112.06
C LEU C 462 -115.21 -32.98 112.21
N ALA C 463 -114.69 -33.72 113.18
CA ALA C 463 -115.20 -35.03 113.55
C ALA C 463 -115.46 -35.04 115.04
N THR C 464 -116.67 -35.45 115.43
CA THR C 464 -117.10 -35.42 116.82
C THR C 464 -117.50 -36.82 117.26
N LEU C 465 -116.88 -37.28 118.34
CA LEU C 465 -117.18 -38.59 118.93
C LEU C 465 -117.91 -38.38 120.24
N ARG C 466 -119.09 -38.99 120.38
CA ARG C 466 -119.95 -38.82 121.54
C ARG C 466 -120.25 -40.18 122.14
N ILE C 467 -120.07 -40.30 123.46
CA ILE C 467 -120.34 -41.52 124.20
C ILE C 467 -121.58 -41.33 125.05
N TYR C 468 -122.54 -42.25 124.92
CA TYR C 468 -123.76 -42.26 125.72
C TYR C 468 -123.75 -43.47 126.64
N ASP C 469 -124.69 -43.46 127.59
CA ASP C 469 -124.80 -44.54 128.56
C ASP C 469 -125.77 -45.63 128.12
N ARG C 470 -126.80 -45.28 127.35
CA ARG C 470 -127.81 -46.24 126.91
C ARG C 470 -127.87 -46.27 125.40
N ASP C 471 -128.26 -47.43 124.87
CA ASP C 471 -128.36 -47.60 123.42
C ASP C 471 -129.41 -46.66 122.84
N GLY C 472 -129.14 -46.16 121.64
CA GLY C 472 -130.05 -45.22 121.01
C GLY C 472 -131.33 -45.84 120.48
N VAL C 473 -131.41 -47.17 120.43
CA VAL C 473 -132.63 -47.82 119.95
C VAL C 473 -133.77 -47.55 120.92
N GLY C 474 -134.91 -47.14 120.38
CA GLY C 474 -136.05 -46.82 121.20
C GLY C 474 -135.95 -45.44 121.81
N ALA C 475 -136.94 -45.11 122.64
CA ALA C 475 -136.98 -43.82 123.31
C ALA C 475 -135.94 -43.70 124.42
N ASN C 476 -135.30 -44.80 124.82
CA ASN C 476 -134.28 -44.78 125.87
C ASN C 476 -132.94 -44.29 125.31
N THR C 477 -132.95 -43.05 124.82
CA THR C 477 -131.74 -42.46 124.26
C THR C 477 -130.66 -42.24 125.30
N GLY C 478 -131.01 -42.25 126.59
CA GLY C 478 -130.02 -41.98 127.62
C GLY C 478 -129.63 -40.51 127.63
N LEU C 479 -128.48 -40.25 128.23
CA LEU C 479 -127.93 -38.90 128.31
C LEU C 479 -126.47 -38.93 127.88
N LEU C 480 -126.03 -37.81 127.28
CA LEU C 480 -124.68 -37.71 126.73
C LEU C 480 -123.66 -37.75 127.86
N LEU C 481 -122.96 -38.88 127.98
CA LEU C 481 -121.93 -39.00 129.01
C LEU C 481 -120.79 -38.01 128.76
N ALA C 482 -120.24 -38.01 127.55
CA ALA C 482 -119.15 -37.11 127.20
C ALA C 482 -119.08 -36.99 125.69
N SER C 483 -118.27 -36.03 125.23
CA SER C 483 -118.10 -35.81 123.80
C SER C 483 -116.78 -35.09 123.57
N THR C 484 -116.15 -35.41 122.45
CA THR C 484 -114.93 -34.73 122.02
C THR C 484 -115.03 -34.41 120.54
N THR C 485 -114.28 -33.40 120.12
CA THR C 485 -114.32 -32.92 118.74
C THR C 485 -112.93 -32.52 118.30
N VAL C 486 -112.55 -32.94 117.10
CA VAL C 486 -111.29 -32.55 116.49
C VAL C 486 -111.61 -31.82 115.19
N THR C 487 -110.76 -30.87 114.83
CA THR C 487 -110.93 -30.07 113.63
C THR C 487 -109.65 -30.07 112.82
N PHE C 488 -109.80 -30.07 111.50
CA PHE C 488 -108.65 -30.07 110.60
C PHE C 488 -109.09 -29.57 109.24
N THR C 489 -108.11 -29.10 108.46
CA THR C 489 -108.36 -28.60 107.12
C THR C 489 -108.03 -29.67 106.09
N VAL C 490 -108.88 -29.78 105.07
CA VAL C 490 -108.65 -30.70 103.96
C VAL C 490 -108.54 -29.88 102.69
N THR C 491 -107.41 -30.01 102.01
CA THR C 491 -107.18 -29.27 100.78
C THR C 491 -108.00 -29.89 99.64
N PRO C 492 -108.85 -29.13 98.97
CA PRO C 492 -109.66 -29.70 97.89
C PRO C 492 -108.82 -29.95 96.65
N VAL C 493 -109.44 -30.60 95.67
CA VAL C 493 -108.83 -30.85 94.38
C VAL C 493 -109.50 -29.92 93.38
N LEU C 494 -108.74 -28.96 92.86
CA LEU C 494 -109.27 -28.01 91.90
C LEU C 494 -109.03 -28.50 90.48
N TYR C 495 -109.82 -27.98 89.55
CA TYR C 495 -109.77 -28.38 88.16
C TYR C 495 -109.56 -27.16 87.29
N ALA C 496 -108.52 -27.18 86.46
CA ALA C 496 -108.25 -26.11 85.51
C ALA C 496 -108.64 -26.55 84.11
N LEU C 497 -109.01 -25.58 83.28
CA LEU C 497 -109.48 -25.84 81.94
C LEU C 497 -108.65 -25.05 80.93
N GLU C 498 -108.17 -25.74 79.90
CA GLU C 498 -107.51 -25.11 78.77
C GLU C 498 -108.47 -25.14 77.59
N SER C 499 -108.60 -24.00 76.92
CA SER C 499 -109.60 -23.84 75.87
C SER C 499 -108.96 -23.34 74.59
N ALA C 500 -109.54 -23.72 73.47
CA ALA C 500 -109.14 -23.22 72.17
C ALA C 500 -110.31 -23.37 71.21
N VAL C 501 -110.20 -22.68 70.08
CA VAL C 501 -111.17 -22.78 68.99
C VAL C 501 -110.38 -22.94 67.69
N GLU C 502 -110.80 -23.87 66.84
CA GLU C 502 -110.00 -24.20 65.65
C GLU C 502 -109.77 -22.98 64.76
N PRO C 503 -110.79 -22.19 64.38
CA PRO C 503 -110.49 -20.84 63.90
C PRO C 503 -110.43 -19.87 65.07
N PHE C 504 -109.26 -19.25 65.30
CA PHE C 504 -109.09 -18.43 66.48
C PHE C 504 -110.12 -17.31 66.55
N SER C 505 -110.43 -16.70 65.41
CA SER C 505 -111.57 -15.80 65.30
C SER C 505 -112.65 -16.49 64.48
N PRO C 506 -113.71 -16.97 65.10
CA PRO C 506 -114.73 -17.74 64.35
C PRO C 506 -115.38 -16.92 63.24
N ILE C 507 -115.14 -17.32 62.00
CA ILE C 507 -115.73 -16.64 60.85
C ILE C 507 -117.24 -16.84 60.87
N ALA C 508 -117.97 -15.77 60.55
CA ALA C 508 -119.42 -15.79 60.66
C ALA C 508 -120.04 -16.84 59.74
N THR C 509 -121.10 -17.48 60.22
CA THR C 509 -121.88 -18.46 59.46
C THR C 509 -121.05 -19.64 59.00
N VAL C 510 -119.92 -19.90 59.65
CA VAL C 510 -119.07 -21.05 59.36
C VAL C 510 -118.82 -21.79 60.67
N ALA C 511 -119.02 -23.10 60.66
CA ALA C 511 -118.90 -23.90 61.88
C ALA C 511 -117.50 -23.81 62.46
N ALA C 512 -117.43 -23.55 63.76
CA ALA C 512 -116.17 -23.51 64.50
C ALA C 512 -116.27 -24.46 65.68
N LYS C 513 -115.22 -25.24 65.90
CA LYS C 513 -115.21 -26.27 66.95
C LYS C 513 -114.30 -25.81 68.08
N TRP C 514 -114.87 -25.69 69.28
CA TRP C 514 -114.09 -25.44 70.47
C TRP C 514 -113.48 -26.74 70.98
N SER C 515 -112.23 -26.66 71.43
CA SER C 515 -111.54 -27.78 72.04
C SER C 515 -111.23 -27.45 73.49
N PHE C 516 -111.57 -28.37 74.39
CA PHE C 516 -111.39 -28.17 75.81
C PHE C 516 -110.60 -29.33 76.40
N ARG C 517 -109.78 -29.02 77.41
CA ARG C 517 -109.06 -30.03 78.17
C ARG C 517 -109.10 -29.66 79.65
N ILE C 518 -109.07 -30.68 80.50
CA ILE C 518 -109.23 -30.51 81.94
C ILE C 518 -107.98 -31.05 82.63
N GLN C 519 -107.46 -30.27 83.58
CA GLN C 519 -106.31 -30.67 84.37
C GLN C 519 -106.67 -30.66 85.85
N ARG C 520 -106.22 -31.68 86.58
CA ARG C 520 -106.47 -31.80 87.99
C ARG C 520 -105.34 -31.15 88.78
N SER C 521 -105.70 -30.45 89.86
CA SER C 521 -104.68 -29.86 90.73
C SER C 521 -103.83 -30.95 91.38
N LYS C 522 -104.45 -32.04 91.79
CA LYS C 522 -103.77 -33.18 92.38
C LYS C 522 -103.97 -34.40 91.49
N ALA C 523 -102.89 -35.15 91.27
CA ALA C 523 -102.98 -36.36 90.47
C ALA C 523 -103.97 -37.34 91.08
N THR C 524 -104.90 -37.83 90.27
CA THR C 524 -105.90 -38.75 90.78
C THR C 524 -105.24 -40.06 91.22
N PRO C 525 -105.74 -40.69 92.29
CA PRO C 525 -105.12 -41.93 92.76
C PRO C 525 -105.41 -43.08 91.81
N ALA C 526 -104.58 -44.12 91.92
CA ALA C 526 -104.78 -45.31 91.13
C ALA C 526 -106.03 -46.06 91.57
N GLY C 527 -106.69 -46.68 90.60
CA GLY C 527 -107.88 -47.48 90.87
C GLY C 527 -109.19 -46.75 90.79
N VAL C 528 -109.19 -45.44 90.56
CA VAL C 528 -110.41 -44.66 90.42
C VAL C 528 -110.36 -43.90 89.11
N THR C 529 -111.42 -44.02 88.31
CA THR C 529 -111.55 -43.32 87.04
C THR C 529 -112.68 -42.32 87.15
N GLU C 530 -112.45 -41.09 86.68
CA GLU C 530 -113.40 -40.00 86.83
C GLU C 530 -114.06 -39.72 85.48
N SER C 531 -115.38 -39.65 85.48
CA SER C 531 -116.17 -39.31 84.30
C SER C 531 -116.88 -37.99 84.57
N ILE C 532 -116.54 -36.96 83.81
CA ILE C 532 -117.07 -35.62 84.02
C ILE C 532 -117.91 -35.23 82.81
N LYS C 533 -119.17 -34.90 83.06
CA LYS C 533 -120.09 -34.45 82.03
C LYS C 533 -120.10 -32.93 81.99
N CYS C 534 -119.86 -32.37 80.81
CA CYS C 534 -119.68 -30.93 80.66
C CYS C 534 -120.66 -30.40 79.61
N ALA C 535 -121.19 -29.21 79.88
CA ALA C 535 -122.09 -28.52 78.96
C ALA C 535 -121.52 -27.14 78.70
N PHE C 536 -121.44 -26.76 77.42
CA PHE C 536 -120.86 -25.49 77.01
C PHE C 536 -121.88 -24.68 76.25
N PHE C 537 -122.18 -23.49 76.74
CA PHE C 537 -123.04 -22.54 76.04
C PHE C 537 -122.14 -21.46 75.44
N GLY C 538 -122.08 -21.41 74.11
CA GLY C 538 -121.29 -20.43 73.42
C GLY C 538 -122.00 -19.10 73.34
N ALA C 539 -121.50 -18.25 72.45
CA ALA C 539 -122.11 -16.95 72.20
C ALA C 539 -123.19 -17.01 71.12
N ASP C 540 -123.53 -18.21 70.65
CA ASP C 540 -124.54 -18.36 69.62
C ASP C 540 -125.92 -18.03 70.18
N THR C 541 -126.93 -18.16 69.33
CA THR C 541 -128.30 -17.83 69.71
C THR C 541 -128.76 -18.67 70.89
N GLY C 542 -129.38 -18.01 71.86
CA GLY C 542 -129.87 -18.62 73.08
C GLY C 542 -129.46 -17.81 74.28
N THR C 543 -129.50 -18.45 75.44
CA THR C 543 -129.10 -17.81 76.69
C THR C 543 -128.47 -18.84 77.61
N ALA C 544 -127.59 -18.36 78.48
CA ALA C 544 -126.94 -19.24 79.43
C ALA C 544 -127.94 -19.75 80.46
N PRO C 545 -127.89 -21.04 80.80
CA PRO C 545 -128.78 -21.56 81.85
C PRO C 545 -128.48 -20.92 83.20
N ALA C 546 -129.42 -20.12 83.70
CA ALA C 546 -129.18 -19.39 84.95
C ALA C 546 -129.03 -20.34 86.13
N ASP C 547 -129.88 -21.35 86.21
CA ASP C 547 -129.88 -22.25 87.35
C ASP C 547 -128.76 -23.27 87.22
N LEU C 548 -128.15 -23.62 88.36
CA LEU C 548 -127.16 -24.69 88.37
C LEU C 548 -127.80 -26.02 88.01
N ALA C 549 -129.04 -26.24 88.46
CA ALA C 549 -129.78 -27.43 88.05
C ALA C 549 -130.01 -27.43 86.55
N ALA C 550 -130.24 -26.25 85.96
CA ALA C 550 -130.36 -26.16 84.51
C ALA C 550 -129.06 -26.57 83.83
N TRP C 551 -127.92 -26.16 84.39
CA TRP C 551 -126.64 -26.61 83.87
C TRP C 551 -126.50 -28.12 83.97
N LEU C 552 -126.96 -28.70 85.08
CA LEU C 552 -126.91 -30.15 85.24
C LEU C 552 -127.75 -30.86 84.19
N THR C 553 -128.95 -30.34 83.92
CA THR C 553 -129.80 -30.94 82.89
C THR C 553 -129.15 -30.84 81.52
N ALA C 554 -128.53 -29.71 81.21
CA ALA C 554 -127.85 -29.55 79.94
C ALA C 554 -126.67 -30.53 79.82
N ALA C 555 -125.91 -30.69 80.90
CA ALA C 555 -124.76 -31.60 80.86
C ALA C 555 -125.20 -33.04 80.68
N ASN C 556 -126.24 -33.46 81.40
CA ASN C 556 -126.69 -34.85 81.31
C ASN C 556 -127.47 -35.13 80.04
N GLY C 557 -127.95 -34.09 79.35
CA GLY C 557 -128.73 -34.27 78.14
C GLY C 557 -127.86 -34.56 76.93
N ALA C 558 -128.44 -34.32 75.75
CA ALA C 558 -127.74 -34.57 74.51
C ALA C 558 -126.68 -33.49 74.22
N GLY C 559 -126.89 -32.27 74.69
CA GLY C 559 -125.98 -31.19 74.43
C GLY C 559 -124.77 -31.15 75.35
N GLY C 560 -124.36 -32.32 75.84
CA GLY C 560 -123.20 -32.41 76.69
C GLY C 560 -122.29 -33.54 76.25
N LEU C 561 -121.05 -33.47 76.72
CA LEU C 561 -120.03 -34.46 76.40
C LEU C 561 -119.33 -34.91 77.67
N THR C 562 -118.86 -36.16 77.65
CA THR C 562 -118.26 -36.80 78.81
C THR C 562 -116.75 -36.84 78.64
N ALA C 563 -116.03 -36.33 79.62
CA ALA C 563 -114.57 -36.39 79.65
C ALA C 563 -114.13 -37.42 80.68
N THR C 564 -113.05 -38.13 80.35
CA THR C 564 -112.57 -39.25 81.17
C THR C 564 -111.18 -38.92 81.70
N ILE C 565 -110.98 -39.13 83.00
CA ILE C 565 -109.69 -38.98 83.64
C ILE C 565 -109.26 -40.37 84.11
N LEU C 566 -108.20 -40.89 83.50
CA LEU C 566 -107.72 -42.21 83.85
C LEU C 566 -107.00 -42.16 85.20
N PRO C 567 -106.96 -43.28 85.93
CA PRO C 567 -106.27 -43.29 87.22
C PRO C 567 -104.78 -42.98 87.05
N SER C 568 -104.23 -42.27 88.04
CA SER C 568 -102.83 -41.84 88.05
C SER C 568 -102.48 -41.05 86.78
N SER C 569 -103.36 -40.12 86.42
CA SER C 569 -103.15 -39.29 85.23
C SER C 569 -103.76 -37.92 85.49
N ILE C 570 -102.90 -36.90 85.55
CA ILE C 570 -103.39 -35.53 85.75
C ILE C 570 -104.27 -35.06 84.60
N PRO C 571 -103.85 -35.12 83.34
CA PRO C 571 -104.67 -34.54 82.27
C PRO C 571 -105.88 -35.40 81.95
N SER C 572 -106.89 -34.74 81.37
CA SER C 572 -108.11 -35.39 80.93
C SER C 572 -108.14 -35.49 79.42
N ASP C 573 -109.17 -36.17 78.92
CA ASP C 573 -109.37 -36.25 77.49
C ASP C 573 -109.83 -34.91 76.93
N ILE C 574 -109.63 -34.73 75.64
CA ILE C 574 -109.97 -33.48 74.96
C ILE C 574 -111.36 -33.60 74.38
N ILE C 575 -112.21 -32.64 74.70
CA ILE C 575 -113.60 -32.62 74.24
C ILE C 575 -113.75 -31.52 73.20
N SER C 576 -114.81 -31.64 72.39
CA SER C 576 -115.04 -30.73 71.28
C SER C 576 -116.46 -30.20 71.33
N PHE C 577 -116.65 -29.02 70.74
CA PHE C 577 -117.95 -28.34 70.74
C PHE C 577 -118.08 -27.58 69.42
N THR C 578 -118.88 -28.12 68.50
CA THR C 578 -119.08 -27.51 67.20
C THR C 578 -120.21 -26.49 67.31
N ARG C 579 -119.86 -25.21 67.25
CA ARG C 579 -120.82 -24.12 67.36
C ARG C 579 -120.70 -23.21 66.14
N THR C 580 -121.80 -22.51 65.84
CA THR C 580 -121.87 -21.62 64.69
C THR C 580 -122.41 -20.27 65.13
N TYR C 581 -121.76 -19.20 64.69
CA TYR C 581 -122.17 -17.85 65.00
C TYR C 581 -122.58 -17.15 63.72
N ALA C 582 -123.80 -16.61 63.69
CA ALA C 582 -124.32 -16.00 62.47
C ALA C 582 -123.81 -14.57 62.30
N ALA C 583 -124.14 -13.70 63.25
CA ALA C 583 -123.73 -12.31 63.16
C ALA C 583 -122.28 -12.14 63.60
N ALA C 584 -121.71 -11.00 63.25
CA ALA C 584 -120.33 -10.66 63.61
C ALA C 584 -120.36 -9.73 64.82
N ALA C 585 -119.69 -10.15 65.90
CA ALA C 585 -119.63 -9.37 67.12
C ALA C 585 -118.18 -9.27 67.59
N ALA C 586 -117.86 -8.14 68.21
CA ALA C 586 -116.48 -7.89 68.64
C ALA C 586 -116.13 -8.70 69.87
N SER C 587 -116.84 -8.49 70.96
CA SER C 587 -116.56 -9.16 72.23
C SER C 587 -117.62 -10.22 72.48
N LEU C 588 -117.20 -11.49 72.47
CA LEU C 588 -118.09 -12.61 72.76
C LEU C 588 -117.36 -13.54 73.71
N GLN C 589 -118.02 -13.89 74.82
CA GLN C 589 -117.41 -14.73 75.84
C GLN C 589 -118.34 -15.88 76.18
N GLY C 590 -117.90 -17.11 75.93
CA GLY C 590 -118.72 -18.26 76.23
C GLY C 590 -118.64 -18.68 77.68
N LYS C 591 -119.50 -19.62 78.04
CA LYS C 591 -119.56 -20.14 79.40
C LYS C 591 -119.53 -21.67 79.35
N LEU C 592 -118.82 -22.27 80.30
CA LEU C 592 -118.64 -23.70 80.35
C LEU C 592 -118.84 -24.19 81.78
N GLN C 593 -119.54 -25.31 81.93
CA GLN C 593 -119.75 -25.94 83.22
C GLN C 593 -119.51 -27.44 83.09
N CYS C 594 -119.06 -28.04 84.19
CA CYS C 594 -118.77 -29.46 84.23
C CYS C 594 -119.30 -30.03 85.54
N PHE C 595 -119.64 -31.32 85.51
CA PHE C 595 -120.14 -32.01 86.70
C PHE C 595 -119.50 -33.37 86.80
N ILE C 596 -118.89 -33.66 87.96
CA ILE C 596 -118.45 -35.00 88.30
C ILE C 596 -119.49 -35.56 89.27
N GLY C 597 -120.19 -36.60 88.85
CA GLY C 597 -121.39 -37.01 89.58
C GLY C 597 -122.44 -35.94 89.49
N SER C 598 -122.67 -35.24 90.59
CA SER C 598 -123.57 -34.08 90.61
C SER C 598 -122.91 -32.80 91.08
N THR C 599 -121.70 -32.87 91.61
CA THR C 599 -121.02 -31.68 92.12
C THR C 599 -120.46 -30.86 90.97
N PRO C 600 -120.79 -29.57 90.88
CA PRO C 600 -120.20 -28.73 89.83
C PRO C 600 -118.71 -28.55 90.04
N LEU C 601 -117.99 -28.37 88.92
CA LEU C 601 -116.55 -28.16 88.99
C LEU C 601 -116.19 -26.72 89.28
N TRP C 602 -117.03 -25.78 88.86
CA TRP C 602 -116.81 -24.37 89.11
C TRP C 602 -118.12 -23.72 89.54
N ASP C 603 -118.02 -22.64 90.31
CA ASP C 603 -119.18 -21.92 90.81
C ASP C 603 -119.10 -20.46 90.41
N PRO C 604 -119.99 -19.96 89.55
CA PRO C 604 -121.10 -20.69 88.90
C PRO C 604 -120.64 -21.43 87.65
N TYR C 605 -119.60 -20.94 86.98
CA TYR C 605 -119.11 -21.57 85.75
C TYR C 605 -117.72 -21.03 85.46
N TYR C 606 -117.09 -21.57 84.43
CA TYR C 606 -115.80 -21.07 83.97
C TYR C 606 -116.01 -20.29 82.68
N PRO C 607 -115.86 -18.96 82.70
CA PRO C 607 -116.05 -18.17 81.47
C PRO C 607 -114.94 -18.45 80.48
N THR C 608 -115.31 -18.96 79.31
CA THR C 608 -114.36 -19.18 78.25
C THR C 608 -113.77 -17.84 77.80
N PRO C 609 -112.47 -17.77 77.52
CA PRO C 609 -111.86 -16.48 77.16
C PRO C 609 -112.53 -15.87 75.94
N VAL C 610 -112.62 -14.53 75.96
CA VAL C 610 -113.41 -13.81 74.97
C VAL C 610 -112.83 -14.02 73.57
N PHE C 611 -113.72 -14.22 72.61
CA PHE C 611 -113.35 -14.42 71.22
C PHE C 611 -114.13 -13.44 70.35
N GLN C 612 -113.60 -13.15 69.17
CA GLN C 612 -114.18 -12.20 68.24
C GLN C 612 -114.63 -12.92 66.98
N VAL C 613 -115.87 -12.69 66.57
CA VAL C 613 -116.41 -13.26 65.35
C VAL C 613 -116.19 -12.26 64.22
N LEU C 614 -115.49 -12.69 63.18
CA LEU C 614 -115.14 -11.82 62.06
C LEU C 614 -116.11 -12.02 60.90
N ALA C 615 -116.54 -10.92 60.30
CA ALA C 615 -117.39 -10.99 59.13
C ALA C 615 -116.68 -11.66 57.95
N ALA C 616 -115.40 -11.36 57.77
CA ALA C 616 -114.59 -11.94 56.71
C ALA C 616 -113.33 -12.54 57.31
N ALA C 617 -112.79 -13.55 56.62
CA ALA C 617 -111.60 -14.21 57.12
C ALA C 617 -110.43 -13.25 57.14
N PRO C 618 -109.62 -13.24 58.20
CA PRO C 618 -108.48 -12.33 58.26
C PRO C 618 -107.40 -12.73 57.27
N THR C 619 -106.59 -11.74 56.90
CA THR C 619 -105.48 -11.94 55.98
C THR C 619 -104.17 -11.65 56.70
N TYR C 620 -103.11 -12.34 56.28
CA TYR C 620 -101.81 -12.24 56.92
C TYR C 620 -100.76 -11.85 55.88
N THR C 621 -100.16 -10.68 56.06
CA THR C 621 -99.11 -10.21 55.17
C THR C 621 -97.77 -10.46 55.85
N LEU C 622 -96.85 -11.10 55.13
CA LEU C 622 -95.59 -11.56 55.70
C LEU C 622 -94.41 -10.97 54.93
N SER C 623 -93.34 -10.69 55.68
CA SER C 623 -92.10 -10.18 55.11
C SER C 623 -90.94 -10.99 55.68
N ALA C 624 -90.00 -11.35 54.82
CA ALA C 624 -88.88 -12.21 55.21
C ALA C 624 -87.56 -11.49 55.00
N SER C 625 -86.60 -11.80 55.87
CA SER C 625 -85.26 -11.26 55.78
C SER C 625 -84.26 -12.37 56.10
N VAL C 626 -83.07 -12.27 55.50
CA VAL C 626 -82.04 -13.28 55.63
C VAL C 626 -80.72 -12.61 56.01
N THR C 627 -80.01 -13.19 56.96
CA THR C 627 -78.71 -12.69 57.39
C THR C 627 -77.79 -13.84 57.76
N PRO C 628 -76.60 -13.93 57.14
CA PRO C 628 -76.07 -13.09 56.06
C PRO C 628 -76.61 -13.52 54.69
N ALA C 629 -76.52 -12.65 53.69
CA ALA C 629 -77.00 -13.02 52.35
C ALA C 629 -76.17 -14.15 51.77
N VAL C 630 -74.86 -14.09 51.92
CA VAL C 630 -73.94 -15.07 51.36
C VAL C 630 -73.33 -15.88 52.50
N VAL C 631 -73.41 -17.20 52.40
CA VAL C 631 -72.89 -18.08 53.44
C VAL C 631 -72.16 -19.24 52.80
N PRO C 632 -71.15 -19.78 53.50
CA PRO C 632 -70.53 -21.02 53.05
C PRO C 632 -71.46 -22.20 53.25
N VAL C 633 -71.19 -23.28 52.52
CA VAL C 633 -71.99 -24.48 52.67
C VAL C 633 -71.84 -25.02 54.09
N ASP C 634 -72.91 -25.65 54.59
CA ASP C 634 -72.96 -26.19 55.95
C ASP C 634 -72.70 -25.10 56.98
N THR C 635 -73.58 -24.10 57.00
CA THR C 635 -73.45 -22.97 57.89
C THR C 635 -74.83 -22.37 58.14
N ALA C 636 -75.10 -22.03 59.40
CA ALA C 636 -76.40 -21.48 59.76
C ALA C 636 -76.59 -20.09 59.16
N THR C 637 -77.81 -19.82 58.71
CA THR C 637 -78.17 -18.54 58.11
C THR C 637 -79.51 -18.10 58.68
N LEU C 638 -79.50 -17.03 59.46
CA LEU C 638 -80.71 -16.61 60.16
C LEU C 638 -81.77 -16.14 59.17
N TRP C 639 -83.00 -16.62 59.37
CA TRP C 639 -84.17 -16.19 58.62
C TRP C 639 -85.19 -15.61 59.58
N THR C 640 -85.64 -14.38 59.31
CA THR C 640 -86.60 -13.69 60.16
C THR C 640 -87.86 -13.41 59.37
N TYR C 641 -89.00 -13.85 59.91
CA TYR C 641 -90.31 -13.64 59.28
C TYR C 641 -91.14 -12.73 60.17
N ASN C 642 -91.67 -11.66 59.58
CA ASN C 642 -92.56 -10.74 60.26
C ASN C 642 -93.97 -10.91 59.68
N ILE C 643 -94.94 -11.13 60.56
CA ILE C 643 -96.31 -11.42 60.17
C ILE C 643 -97.21 -10.30 60.68
N ILE C 644 -98.06 -9.78 59.80
CA ILE C 644 -99.01 -8.74 60.15
C ILE C 644 -100.42 -9.26 59.87
N ARG C 645 -101.27 -9.24 60.89
CA ARG C 645 -102.65 -9.68 60.75
C ARG C 645 -103.53 -8.51 60.32
N SER C 646 -104.51 -8.79 59.47
CA SER C 646 -105.38 -7.73 58.96
C SER C 646 -106.21 -7.12 60.09
N VAL C 647 -106.70 -7.95 61.01
CA VAL C 647 -107.52 -7.52 62.13
C VAL C 647 -106.75 -7.78 63.41
N PRO C 648 -106.64 -6.81 64.33
CA PRO C 648 -105.89 -7.05 65.57
C PRO C 648 -106.54 -8.15 66.40
N VAL C 649 -105.69 -8.87 67.13
CA VAL C 649 -106.17 -9.90 68.05
C VAL C 649 -107.01 -9.24 69.13
N PRO C 650 -108.11 -9.85 69.59
CA PRO C 650 -108.96 -9.20 70.60
C PRO C 650 -108.17 -8.84 71.85
N ALA C 651 -108.51 -7.68 72.42
CA ALA C 651 -107.74 -7.14 73.54
C ALA C 651 -107.79 -8.06 74.75
N GLY C 652 -108.98 -8.50 75.12
CA GLY C 652 -109.11 -9.38 76.27
C GLY C 652 -108.91 -10.85 75.98
N GLY C 653 -108.87 -11.22 74.71
CA GLY C 653 -108.74 -12.62 74.34
C GLY C 653 -107.33 -13.13 74.54
N PRO C 654 -107.19 -14.45 74.45
CA PRO C 654 -105.86 -15.04 74.59
C PRO C 654 -104.98 -14.68 73.40
N SER C 655 -103.67 -14.68 73.66
CA SER C 655 -102.71 -14.46 72.57
C SER C 655 -102.83 -15.56 71.54
N LEU C 656 -102.86 -15.19 70.28
CA LEU C 656 -103.08 -16.16 69.21
C LEU C 656 -101.84 -17.02 69.04
N PRO C 657 -101.93 -18.34 69.22
CA PRO C 657 -100.77 -19.20 69.04
C PRO C 657 -100.61 -19.58 67.57
N ILE C 658 -99.51 -19.12 66.97
CA ILE C 658 -99.23 -19.39 65.57
C ILE C 658 -98.07 -20.38 65.51
N LEU C 659 -98.00 -21.11 64.39
CA LEU C 659 -96.98 -22.12 64.17
C LEU C 659 -96.42 -21.92 62.77
N CYS C 660 -95.16 -21.50 62.69
CA CYS C 660 -94.51 -21.24 61.41
C CYS C 660 -93.76 -22.49 60.99
N SER C 661 -94.21 -23.12 59.90
CA SER C 661 -93.52 -24.25 59.31
C SER C 661 -92.56 -23.74 58.23
N PHE C 662 -91.35 -24.26 58.25
CA PHE C 662 -90.25 -23.72 57.44
C PHE C 662 -89.66 -24.82 56.58
N TRP C 663 -89.35 -24.47 55.33
CA TRP C 663 -88.62 -25.32 54.40
C TRP C 663 -87.49 -24.50 53.79
N ASP C 664 -86.25 -24.95 53.98
CA ASP C 664 -85.10 -24.16 53.60
C ASP C 664 -84.96 -23.94 52.10
N GLY C 665 -85.70 -24.69 51.28
CA GLY C 665 -85.62 -24.53 49.85
C GLY C 665 -84.44 -25.23 49.19
N LYS C 666 -83.65 -25.97 49.95
CA LYS C 666 -82.52 -26.72 49.40
C LYS C 666 -82.47 -28.17 49.85
N THR C 667 -83.25 -28.56 50.85
CA THR C 667 -83.23 -29.92 51.38
C THR C 667 -84.57 -30.58 51.10
N GLY C 668 -84.52 -31.74 50.45
CA GLY C 668 -85.73 -32.50 50.17
C GLY C 668 -86.72 -31.70 49.34
N ALA C 669 -87.99 -31.79 49.72
CA ALA C 669 -89.07 -31.07 49.04
C ALA C 669 -90.01 -30.48 50.07
N ALA C 670 -90.67 -29.39 49.68
CA ALA C 670 -91.64 -28.76 50.56
C ALA C 670 -92.85 -29.68 50.76
N PRO C 671 -93.45 -29.66 51.95
CA PRO C 671 -94.65 -30.48 52.17
C PRO C 671 -95.77 -30.08 51.22
N THR C 672 -96.49 -31.09 50.73
CA THR C 672 -97.52 -30.85 49.72
C THR C 672 -98.76 -30.20 50.34
N THR C 673 -99.21 -30.71 51.47
CA THR C 673 -100.46 -30.29 52.09
C THR C 673 -100.21 -29.74 53.48
N ASP C 674 -101.29 -29.29 54.12
CA ASP C 674 -101.19 -28.73 55.47
C ASP C 674 -100.76 -29.79 56.48
N ALA C 675 -101.14 -31.06 56.24
CA ALA C 675 -100.71 -32.14 57.12
C ALA C 675 -99.18 -32.27 57.12
N GLY C 676 -98.56 -32.16 55.95
CA GLY C 676 -97.11 -32.17 55.89
C GLY C 676 -96.48 -31.00 56.62
N TRP C 677 -97.11 -29.82 56.52
CA TRP C 677 -96.59 -28.65 57.23
C TRP C 677 -96.62 -28.86 58.73
N ALA C 678 -97.72 -29.42 59.26
CA ALA C 678 -97.79 -29.69 60.69
C ALA C 678 -96.76 -30.72 61.12
N ALA C 679 -96.60 -31.78 60.33
CA ALA C 679 -95.61 -32.81 60.65
C ALA C 679 -94.20 -32.24 60.68
N LEU C 680 -93.87 -31.39 59.71
CA LEU C 680 -92.58 -30.71 59.70
C LEU C 680 -92.43 -29.80 60.92
N ALA C 681 -93.51 -29.12 61.31
CA ALA C 681 -93.47 -28.27 62.48
C ALA C 681 -93.19 -29.05 63.76
N GLY C 682 -93.51 -30.35 63.79
CA GLY C 682 -93.18 -31.16 64.94
C GLY C 682 -91.69 -31.19 65.24
N SER C 683 -90.87 -31.20 64.19
CA SER C 683 -89.42 -31.23 64.35
C SER C 683 -88.90 -29.81 64.56
N ALA C 684 -87.57 -29.66 64.50
CA ALA C 684 -86.94 -28.36 64.75
C ALA C 684 -87.17 -27.35 63.64
N ASN C 685 -87.72 -27.77 62.50
CA ASN C 685 -87.99 -26.85 61.41
C ASN C 685 -89.24 -26.01 61.62
N GLY C 686 -90.02 -26.29 62.65
CA GLY C 686 -91.22 -25.52 62.97
C GLY C 686 -91.05 -24.78 64.28
N LYS C 687 -91.54 -23.54 64.29
CA LYS C 687 -91.41 -22.65 65.46
C LYS C 687 -92.79 -22.19 65.90
N GLY C 688 -93.05 -22.29 67.19
CA GLY C 688 -94.29 -21.78 67.76
C GLY C 688 -94.11 -20.36 68.25
N THR C 689 -95.03 -19.48 67.87
CA THR C 689 -94.99 -18.09 68.29
C THR C 689 -96.39 -17.66 68.71
N SER C 690 -96.48 -16.42 69.20
CA SER C 690 -97.73 -15.88 69.70
C SER C 690 -97.89 -14.44 69.23
N MET C 691 -99.09 -14.11 68.77
CA MET C 691 -99.46 -12.73 68.49
C MET C 691 -100.15 -12.16 69.71
N ALA C 692 -99.61 -11.06 70.24
CA ALA C 692 -100.08 -10.53 71.51
C ALA C 692 -101.49 -9.96 71.36
N PRO C 693 -102.28 -9.97 72.44
CA PRO C 693 -103.61 -9.35 72.39
C PRO C 693 -103.50 -7.86 72.09
N GLY C 694 -104.43 -7.37 71.27
CA GLY C 694 -104.39 -5.99 70.84
C GLY C 694 -103.24 -5.64 69.93
N SER C 695 -102.50 -6.64 69.45
CA SER C 695 -101.36 -6.44 68.57
C SER C 695 -101.58 -7.18 67.27
N THR C 696 -101.15 -6.57 66.16
CA THR C 696 -101.35 -7.12 64.84
C THR C 696 -100.09 -7.75 64.27
N THR C 697 -99.03 -7.92 65.06
CA THR C 697 -97.75 -8.37 64.55
C THR C 697 -97.24 -9.57 65.33
N ALA C 698 -96.40 -10.35 64.67
CA ALA C 698 -95.77 -11.53 65.25
C ALA C 698 -94.49 -11.81 64.47
N THR C 699 -93.63 -12.65 65.03
CA THR C 699 -92.34 -12.92 64.43
C THR C 699 -91.95 -14.38 64.59
N CYS C 700 -91.34 -14.93 63.54
CA CYS C 700 -90.70 -16.24 63.58
C CYS C 700 -89.23 -16.09 63.19
N SER C 701 -88.40 -17.01 63.68
CA SER C 701 -86.99 -17.04 63.34
C SER C 701 -86.55 -18.47 63.11
N PHE C 702 -85.64 -18.66 62.16
CA PHE C 702 -85.14 -19.99 61.82
C PHE C 702 -83.65 -19.90 61.50
N THR C 703 -82.95 -21.01 61.72
CA THR C 703 -81.51 -21.10 61.48
C THR C 703 -81.19 -22.39 60.72
N PRO C 704 -81.41 -22.41 59.41
CA PRO C 704 -81.05 -23.59 58.62
C PRO C 704 -79.62 -23.53 58.12
N SER C 705 -79.05 -24.72 57.92
CA SER C 705 -77.71 -24.88 57.38
C SER C 705 -77.80 -25.72 56.11
N TYR C 706 -77.62 -25.07 54.97
CA TYR C 706 -77.80 -25.74 53.69
C TYR C 706 -76.68 -26.74 53.42
N SER C 707 -77.04 -27.85 52.78
CA SER C 707 -76.14 -28.96 52.55
C SER C 707 -75.41 -28.92 51.21
N THR C 708 -76.02 -28.30 50.20
CA THR C 708 -75.43 -28.25 48.87
C THR C 708 -75.44 -26.82 48.36
N THR C 709 -74.49 -26.53 47.46
CA THR C 709 -74.31 -25.17 46.98
C THR C 709 -75.47 -24.74 46.09
N GLY C 710 -75.61 -23.43 45.93
CA GLY C 710 -76.65 -22.85 45.11
C GLY C 710 -77.63 -21.98 45.89
N THR C 711 -78.23 -21.02 45.20
CA THR C 711 -79.18 -20.13 45.85
C THR C 711 -80.43 -20.88 46.28
N ALA C 712 -81.04 -20.43 47.37
CA ALA C 712 -82.22 -21.08 47.92
C ALA C 712 -83.24 -20.03 48.35
N THR C 713 -84.51 -20.32 48.11
CA THR C 713 -85.61 -19.47 48.53
C THR C 713 -86.57 -20.28 49.39
N PRO C 714 -86.70 -19.98 50.68
CA PRO C 714 -87.54 -20.80 51.55
C PRO C 714 -89.02 -20.59 51.30
N THR C 715 -89.80 -21.57 51.76
CA THR C 715 -91.25 -21.51 51.75
C THR C 715 -91.74 -21.70 53.17
N LEU C 716 -92.66 -20.84 53.61
CA LEU C 716 -93.12 -20.84 54.99
C LEU C 716 -94.64 -20.91 55.04
N GLN C 717 -95.16 -21.66 56.00
CA GLN C 717 -96.60 -21.83 56.19
C GLN C 717 -96.94 -21.52 57.64
N LEU C 718 -98.17 -21.04 57.85
CA LEU C 718 -98.66 -20.70 59.18
C LEU C 718 -99.85 -21.59 59.52
N ILE C 719 -99.81 -22.20 60.70
CA ILE C 719 -100.85 -23.09 61.18
C ILE C 719 -101.20 -22.70 62.62
N GLN C 720 -102.48 -22.71 62.95
CA GLN C 720 -102.91 -22.40 64.31
C GLN C 720 -102.32 -23.41 65.27
N ASN C 721 -101.76 -22.93 66.37
CA ASN C 721 -100.98 -23.73 67.30
C ASN C 721 -101.74 -24.08 68.56
N SER C 722 -103.04 -24.37 68.46
CA SER C 722 -103.81 -24.79 69.62
C SER C 722 -103.28 -26.09 70.19
N PHE C 723 -103.62 -26.35 71.45
CA PHE C 723 -103.10 -27.53 72.13
C PHE C 723 -103.58 -28.82 71.49
N ALA C 724 -104.78 -28.82 70.93
CA ALA C 724 -105.33 -30.00 70.26
C ALA C 724 -105.07 -30.01 68.76
N LEU C 725 -103.98 -29.40 68.31
CA LEU C 725 -103.67 -29.32 66.89
C LEU C 725 -103.34 -30.71 66.37
N ASP C 726 -104.23 -31.28 65.56
CA ASP C 726 -104.00 -32.56 64.90
C ASP C 726 -103.61 -32.32 63.46
N ALA C 727 -102.56 -32.99 63.01
CA ALA C 727 -102.05 -32.78 61.66
C ALA C 727 -103.01 -33.25 60.59
N ALA C 728 -103.93 -34.15 60.92
CA ALA C 728 -104.81 -34.73 59.91
C ALA C 728 -105.72 -33.67 59.28
N THR C 729 -106.40 -32.89 60.11
CA THR C 729 -107.35 -31.88 59.65
C THR C 729 -106.97 -30.53 60.24
N THR C 730 -106.26 -29.72 59.46
CA THR C 730 -105.93 -28.36 59.85
C THR C 730 -105.83 -27.50 58.61
N VAL C 731 -106.17 -26.23 58.76
CA VAL C 731 -106.19 -25.27 57.66
C VAL C 731 -105.10 -24.24 57.90
N GLY C 732 -104.19 -24.11 56.94
CA GLY C 732 -103.15 -23.11 57.06
C GLY C 732 -103.68 -21.71 56.80
N PHE C 733 -103.07 -20.73 57.48
CA PHE C 733 -103.49 -19.34 57.29
C PHE C 733 -103.22 -18.85 55.88
N LEU C 734 -102.09 -19.24 55.30
CA LEU C 734 -101.63 -18.71 54.03
C LEU C 734 -101.95 -19.66 52.90
N SER C 735 -102.38 -19.10 51.77
CA SER C 735 -102.65 -19.86 50.55
C SER C 735 -102.42 -18.97 49.34
N PRO C 736 -101.41 -19.26 48.51
CA PRO C 736 -100.47 -20.39 48.58
C PRO C 736 -99.37 -20.20 49.62
N VAL C 737 -98.40 -21.12 49.66
CA VAL C 737 -97.31 -21.01 50.62
C VAL C 737 -96.51 -19.74 50.34
N TYR C 738 -96.18 -19.03 51.41
CA TYR C 738 -95.50 -17.74 51.30
C TYR C 738 -94.02 -17.98 50.99
N THR C 739 -93.68 -17.96 49.70
CA THR C 739 -92.28 -18.03 49.30
C THR C 739 -91.58 -16.75 49.73
N ALA C 740 -90.43 -16.90 50.38
CA ALA C 740 -89.70 -15.74 50.87
C ALA C 740 -89.22 -14.88 49.71
N PRO C 741 -89.34 -13.56 49.81
CA PRO C 741 -88.86 -12.70 48.71
C PRO C 741 -87.36 -12.78 48.51
N ALA C 742 -86.58 -12.56 49.56
CA ALA C 742 -85.14 -12.59 49.45
C ALA C 742 -84.65 -14.02 49.25
N PHE C 743 -83.40 -14.14 48.80
CA PHE C 743 -82.77 -15.43 48.56
C PHE C 743 -81.44 -15.49 49.31
N ALA C 744 -81.08 -16.69 49.72
CA ALA C 744 -79.82 -16.95 50.39
C ALA C 744 -78.90 -17.71 49.44
N THR C 745 -77.75 -17.13 49.12
CA THR C 745 -76.79 -17.74 48.21
C THR C 745 -75.73 -18.46 49.04
N VAL C 746 -75.62 -19.77 48.84
CA VAL C 746 -74.67 -20.59 49.58
C VAL C 746 -73.62 -21.11 48.61
N THR C 747 -72.35 -21.06 49.04
CA THR C 747 -71.23 -21.42 48.20
C THR C 747 -70.52 -22.65 48.76
N ALA C 748 -69.73 -23.29 47.91
CA ALA C 748 -68.99 -24.47 48.31
C ALA C 748 -67.88 -24.10 49.30
N ALA C 749 -67.48 -25.08 50.11
CA ALA C 749 -66.47 -24.87 51.12
C ALA C 749 -65.08 -24.85 50.49
N SER C 750 -64.28 -23.86 50.87
CA SER C 750 -62.90 -23.74 50.40
C SER C 750 -61.95 -24.31 51.42
N TYR C 751 -60.83 -24.84 50.95
CA TYR C 751 -59.84 -25.50 51.79
C TYR C 751 -58.54 -24.71 51.81
N THR C 752 -58.06 -24.40 53.01
CA THR C 752 -56.73 -23.84 53.18
C THR C 752 -55.74 -24.97 53.42
N ILE C 753 -54.59 -24.88 52.76
CA ILE C 753 -53.63 -25.99 52.73
C ILE C 753 -52.31 -25.51 53.32
N SER C 754 -51.79 -26.28 54.29
CA SER C 754 -50.43 -26.13 54.77
C SER C 754 -49.66 -27.40 54.47
N SER C 755 -48.33 -27.30 54.49
CA SER C 755 -47.50 -28.46 54.16
C SER C 755 -46.20 -28.38 54.94
N TYR C 756 -45.63 -29.57 55.21
CA TYR C 756 -44.29 -29.67 55.76
C TYR C 756 -43.73 -31.04 55.39
N LEU C 757 -42.43 -31.21 55.63
CA LEU C 757 -41.71 -32.39 55.20
C LEU C 757 -40.92 -32.96 56.37
N ASN C 758 -40.82 -34.29 56.42
CA ASN C 758 -40.06 -34.97 57.47
C ASN C 758 -39.18 -36.02 56.81
N PRO C 759 -37.85 -35.90 56.88
CA PRO C 759 -37.08 -34.80 57.48
C PRO C 759 -37.12 -33.55 56.63
N VAL C 760 -36.73 -32.40 57.18
CA VAL C 760 -36.79 -31.14 56.44
C VAL C 760 -35.84 -31.19 55.23
N THR C 761 -34.63 -31.71 55.42
CA THR C 761 -33.65 -31.86 54.35
C THR C 761 -33.39 -33.33 54.13
N PRO C 762 -34.10 -33.97 53.20
CA PRO C 762 -33.91 -35.41 52.97
C PRO C 762 -32.54 -35.69 52.38
N VAL C 763 -32.05 -36.89 52.65
CA VAL C 763 -30.76 -37.36 52.13
C VAL C 763 -31.04 -38.33 51.00
N ALA C 764 -30.37 -38.12 49.86
CA ALA C 764 -30.57 -38.97 48.71
C ALA C 764 -30.17 -40.41 49.04
N GLY C 765 -31.11 -41.33 48.86
CA GLY C 765 -30.89 -42.72 49.18
C GLY C 765 -31.07 -43.07 50.65
N GLY C 766 -31.40 -42.10 51.49
CA GLY C 766 -31.62 -42.32 52.90
C GLY C 766 -33.05 -42.68 53.22
N ALA C 767 -33.49 -42.27 54.41
CA ALA C 767 -34.86 -42.52 54.82
C ALA C 767 -35.84 -41.81 53.88
N ALA C 768 -36.92 -42.50 53.55
CA ALA C 768 -37.90 -41.96 52.61
C ALA C 768 -38.54 -40.70 53.17
N ALA C 769 -38.59 -39.66 52.35
CA ALA C 769 -39.23 -38.42 52.75
C ALA C 769 -40.74 -38.62 52.87
N VAL C 770 -41.33 -37.93 53.83
CA VAL C 770 -42.77 -37.99 54.06
C VAL C 770 -43.33 -36.59 53.97
N TRP C 771 -44.21 -36.37 53.00
CA TRP C 771 -44.92 -35.11 52.85
C TRP C 771 -46.22 -35.18 53.64
N ARG C 772 -46.50 -34.15 54.42
CA ARG C 772 -47.74 -34.02 55.16
C ARG C 772 -48.48 -32.79 54.68
N ILE C 773 -49.74 -32.97 54.30
CA ILE C 773 -50.58 -31.90 53.79
C ILE C 773 -51.75 -31.73 54.75
N VAL C 774 -51.92 -30.51 55.26
CA VAL C 774 -53.01 -30.17 56.16
C VAL C 774 -54.10 -29.47 55.37
N ILE C 775 -55.31 -30.01 55.40
CA ILE C 775 -56.45 -29.44 54.69
C ILE C 775 -57.46 -28.97 55.74
N THR C 776 -57.77 -27.68 55.72
CA THR C 776 -58.72 -27.09 56.65
C THR C 776 -59.90 -26.53 55.89
N ARG C 777 -61.10 -26.95 56.28
CA ARG C 777 -62.31 -26.54 55.59
C ARG C 777 -62.84 -25.21 56.13
N ASN C 778 -63.63 -24.53 55.31
CA ASN C 778 -64.27 -23.30 55.76
C ASN C 778 -65.25 -23.57 56.88
N ALA C 779 -66.03 -24.65 56.77
CA ALA C 779 -67.00 -25.01 57.78
C ALA C 779 -66.90 -26.51 58.04
N ALA C 780 -67.22 -26.91 59.27
CA ALA C 780 -67.17 -28.31 59.64
C ALA C 780 -68.24 -29.12 58.91
N VAL C 781 -67.93 -30.37 58.62
CA VAL C 781 -68.87 -31.26 57.96
C VAL C 781 -69.80 -31.87 59.00
N THR C 782 -71.04 -32.14 58.60
CA THR C 782 -72.02 -32.76 59.47
C THR C 782 -72.81 -33.90 58.84
N ALA C 783 -72.87 -34.00 57.52
CA ALA C 783 -73.63 -35.07 56.88
C ALA C 783 -72.95 -36.42 57.09
N SER C 784 -71.72 -36.55 56.61
CA SER C 784 -70.97 -37.79 56.75
C SER C 784 -69.49 -37.49 56.57
N ALA C 785 -68.66 -38.48 56.90
CA ALA C 785 -67.23 -38.33 56.72
C ALA C 785 -66.90 -38.12 55.24
N LYS C 786 -66.08 -37.12 54.97
CA LYS C 786 -65.78 -36.69 53.61
C LYS C 786 -64.40 -37.20 53.20
N THR C 787 -64.30 -37.76 52.01
CA THR C 787 -63.07 -38.38 51.53
C THR C 787 -62.41 -37.44 50.53
N LEU C 788 -61.53 -36.58 51.04
CA LEU C 788 -60.70 -35.77 50.17
C LEU C 788 -59.66 -36.63 49.46
N THR C 789 -59.31 -36.24 48.24
CA THR C 789 -58.30 -36.93 47.44
C THR C 789 -57.19 -35.95 47.11
N CYS C 790 -55.98 -36.29 47.53
CA CYS C 790 -54.81 -35.46 47.27
C CYS C 790 -54.11 -35.93 46.00
N GLN C 791 -53.98 -35.04 45.03
CA GLN C 791 -53.11 -35.28 43.90
C GLN C 791 -51.88 -34.40 43.98
N MET C 792 -50.76 -34.89 43.46
CA MET C 792 -49.57 -34.06 43.42
C MET C 792 -48.82 -34.32 42.12
N PRO C 793 -48.79 -33.34 41.21
CA PRO C 793 -48.12 -33.59 39.92
C PRO C 793 -46.61 -33.56 40.02
N ASP C 794 -46.06 -32.61 40.77
CA ASP C 794 -44.62 -32.43 40.89
C ASP C 794 -44.19 -32.65 42.33
N ASN C 795 -43.21 -33.54 42.52
CA ASN C 795 -42.57 -33.72 43.81
C ASN C 795 -41.30 -32.88 43.96
N GLY C 796 -41.01 -32.04 42.98
CA GLY C 796 -39.77 -31.28 42.96
C GLY C 796 -38.78 -31.87 41.98
N GLN C 797 -38.71 -33.20 41.93
CA GLN C 797 -37.86 -33.90 40.99
C GLN C 797 -38.54 -34.14 39.65
N GLY C 798 -39.82 -33.80 39.51
CA GLY C 798 -40.59 -34.04 38.32
C GLY C 798 -41.46 -35.28 38.37
N GLY C 799 -41.19 -36.20 39.30
CA GLY C 799 -42.00 -37.39 39.43
C GLY C 799 -43.30 -37.13 40.15
N SER C 800 -44.14 -38.15 40.19
CA SER C 800 -45.43 -38.06 40.85
C SER C 800 -45.83 -39.41 41.43
N PRO C 801 -46.12 -39.48 42.74
CA PRO C 801 -46.59 -40.75 43.31
C PRO C 801 -48.10 -40.89 43.19
N ALA C 802 -48.63 -42.02 43.63
CA ALA C 802 -50.06 -42.26 43.53
C ALA C 802 -50.83 -41.31 44.44
N ASP C 803 -52.01 -40.90 43.97
CA ASP C 803 -52.87 -40.03 44.77
C ASP C 803 -53.37 -40.75 46.01
N VAL C 804 -53.60 -39.99 47.07
CA VAL C 804 -53.96 -40.53 48.37
C VAL C 804 -55.35 -40.01 48.72
N THR C 805 -56.05 -40.77 49.57
CA THR C 805 -57.37 -40.39 50.06
C THR C 805 -57.27 -40.12 51.56
N ALA C 806 -57.67 -38.91 51.95
CA ALA C 806 -57.70 -38.50 53.35
C ALA C 806 -59.12 -38.20 53.75
N ASP C 807 -59.56 -38.80 54.85
CA ASP C 807 -60.94 -38.71 55.31
C ASP C 807 -61.03 -37.76 56.50
N ILE C 808 -61.90 -36.77 56.39
CA ILE C 808 -62.22 -35.85 57.48
C ILE C 808 -63.49 -36.34 58.16
N ALA C 809 -63.42 -36.53 59.48
CA ALA C 809 -64.52 -37.13 60.21
C ALA C 809 -65.66 -36.13 60.40
N VAL C 810 -66.82 -36.65 60.79
CA VAL C 810 -67.99 -35.82 61.01
C VAL C 810 -67.76 -34.89 62.18
N GLY C 811 -68.10 -33.62 62.01
CA GLY C 811 -67.89 -32.64 63.04
C GLY C 811 -66.50 -32.03 63.07
N GLY C 812 -65.59 -32.49 62.22
CA GLY C 812 -64.25 -31.96 62.16
C GLY C 812 -64.10 -30.90 61.09
N THR C 813 -62.94 -30.26 61.10
CA THR C 813 -62.63 -29.19 60.15
C THR C 813 -61.25 -29.33 59.51
N THR C 814 -60.38 -30.19 60.05
CA THR C 814 -59.03 -30.35 59.55
C THR C 814 -58.74 -31.83 59.31
N THR C 815 -58.01 -32.11 58.24
CA THR C 815 -57.56 -33.45 57.94
C THR C 815 -56.11 -33.40 57.48
N VAL C 816 -55.42 -34.52 57.59
CA VAL C 816 -54.01 -34.63 57.22
C VAL C 816 -53.87 -35.67 56.12
N CYS C 817 -53.00 -35.38 55.15
CA CYS C 817 -52.82 -36.23 53.99
C CYS C 817 -51.34 -36.56 53.87
N VAL C 818 -51.03 -37.85 53.68
CA VAL C 818 -49.67 -38.35 53.81
C VAL C 818 -49.17 -38.82 52.45
N PHE C 819 -47.94 -38.44 52.13
CA PHE C 819 -47.24 -38.88 50.93
C PHE C 819 -45.89 -39.45 51.34
N SER C 820 -45.54 -40.62 50.79
CA SER C 820 -44.27 -41.27 51.07
C SER C 820 -43.49 -41.41 49.77
N ILE C 821 -42.44 -40.62 49.62
CA ILE C 821 -41.63 -40.60 48.41
C ILE C 821 -40.21 -40.98 48.77
N ALA C 822 -39.68 -42.01 48.10
CA ALA C 822 -38.29 -42.43 48.25
C ALA C 822 -37.63 -42.34 46.89
N GLY C 823 -36.53 -41.59 46.81
CA GLY C 823 -35.82 -41.45 45.55
C GLY C 823 -35.42 -40.04 45.19
N TYR C 824 -35.54 -39.11 46.13
CA TYR C 824 -35.05 -37.76 45.90
C TYR C 824 -33.55 -37.78 45.62
N THR C 825 -33.12 -37.01 44.63
CA THR C 825 -31.73 -36.98 44.22
C THR C 825 -31.30 -35.54 43.98
N THR C 826 -29.99 -35.32 44.04
CA THR C 826 -29.40 -33.99 43.90
C THR C 826 -28.77 -33.76 42.54
N ALA C 827 -29.10 -34.60 41.55
CA ALA C 827 -28.54 -34.42 40.21
C ALA C 827 -28.99 -33.10 39.61
N THR C 828 -30.25 -32.74 39.79
CA THR C 828 -30.80 -31.48 39.32
C THR C 828 -30.32 -30.34 40.23
N PRO C 829 -30.60 -29.07 39.84
CA PRO C 829 -30.27 -27.95 40.72
C PRO C 829 -30.80 -28.10 42.15
N GLY C 830 -30.27 -27.29 43.06
CA GLY C 830 -30.47 -27.51 44.48
C GLY C 830 -31.90 -27.32 44.96
N PRO C 831 -32.40 -26.09 44.93
CA PRO C 831 -33.73 -25.83 45.50
C PRO C 831 -34.82 -26.60 44.77
N TYR C 832 -35.83 -27.03 45.55
CA TYR C 832 -36.97 -27.74 45.01
C TYR C 832 -38.24 -27.26 45.69
N PHE C 833 -39.36 -27.45 45.00
CA PHE C 833 -40.67 -27.22 45.58
C PHE C 833 -41.66 -28.16 44.89
N ALA C 834 -42.75 -28.46 45.60
CA ALA C 834 -43.76 -29.38 45.13
C ALA C 834 -45.11 -28.68 45.03
N THR C 835 -45.96 -29.20 44.15
CA THR C 835 -47.31 -28.70 43.98
C THR C 835 -48.30 -29.81 44.32
N VAL C 836 -49.32 -29.47 45.09
CA VAL C 836 -50.34 -30.41 45.51
C VAL C 836 -51.71 -29.80 45.26
N ASN C 837 -52.59 -30.56 44.61
CA ASN C 837 -53.97 -30.14 44.38
C ASN C 837 -54.90 -31.15 45.03
N VAL C 838 -55.81 -30.66 45.85
CA VAL C 838 -56.80 -31.51 46.52
C VAL C 838 -58.13 -31.38 45.79
N VAL C 839 -58.79 -32.51 45.58
CA VAL C 839 -60.07 -32.54 44.89
C VAL C 839 -61.13 -33.09 45.83
N ASP C 840 -62.29 -32.43 45.86
CA ASP C 840 -63.46 -32.92 46.57
C ASP C 840 -64.64 -32.81 45.61
N GLY C 841 -65.11 -33.95 45.12
CA GLY C 841 -66.16 -33.93 44.12
C GLY C 841 -65.74 -33.19 42.87
N ALA C 842 -66.29 -31.99 42.66
CA ALA C 842 -65.92 -31.16 41.53
C ALA C 842 -64.95 -30.04 41.87
N VAL C 843 -64.78 -29.71 43.14
CA VAL C 843 -63.93 -28.59 43.53
C VAL C 843 -62.48 -29.06 43.61
N THR C 844 -61.55 -28.17 43.24
CA THR C 844 -60.14 -28.48 43.23
C THR C 844 -59.35 -27.26 43.70
N THR C 845 -58.46 -27.47 44.68
CA THR C 845 -57.64 -26.40 45.23
C THR C 845 -56.17 -26.80 45.12
N SER C 846 -55.36 -25.90 44.55
CA SER C 846 -53.95 -26.15 44.33
C SER C 846 -53.11 -25.39 45.36
N HIS C 847 -51.91 -25.91 45.63
CA HIS C 847 -51.03 -25.31 46.61
C HIS C 847 -49.58 -25.60 46.22
N ILE C 848 -48.71 -24.64 46.54
CA ILE C 848 -47.29 -24.73 46.22
C ILE C 848 -46.52 -24.84 47.53
N THR C 849 -45.76 -25.92 47.69
CA THR C 849 -44.85 -26.01 48.83
C THR C 849 -43.77 -24.95 48.71
N LYS C 850 -43.38 -24.37 49.84
CA LYS C 850 -42.53 -23.19 49.82
C LYS C 850 -41.20 -23.46 49.11
N ASN C 851 -40.35 -24.30 49.70
CA ASN C 851 -39.10 -24.72 49.09
C ASN C 851 -38.44 -25.74 50.01
N PHE C 852 -37.49 -26.48 49.46
CA PHE C 852 -36.70 -27.42 50.23
C PHE C 852 -35.52 -27.87 49.37
N THR C 853 -34.57 -28.55 50.02
CA THR C 853 -33.38 -29.06 49.34
C THR C 853 -33.11 -30.47 49.80
N VAL C 854 -32.38 -31.21 48.97
CA VAL C 854 -32.03 -32.61 49.24
C VAL C 854 -30.53 -32.68 49.47
N LEU C 855 -30.15 -33.28 50.59
CA LEU C 855 -28.73 -33.47 50.90
C LEU C 855 -28.13 -34.49 49.96
N ALA C 856 -26.84 -34.29 49.64
CA ALA C 856 -26.14 -35.20 48.75
C ALA C 856 -26.04 -36.59 49.38
N SER C 857 -26.04 -37.61 48.53
CA SER C 857 -25.98 -38.98 49.01
C SER C 857 -24.69 -39.25 49.76
N GLY C 858 -24.79 -40.02 50.84
CA GLY C 858 -23.66 -40.33 51.68
C GLY C 858 -23.49 -39.41 52.87
N THR C 859 -24.11 -38.24 52.85
CA THR C 859 -24.03 -37.31 53.97
C THR C 859 -24.93 -37.79 55.11
N THR C 860 -24.40 -37.71 56.32
CA THR C 860 -25.18 -38.08 57.49
C THR C 860 -26.32 -37.10 57.71
N ALA C 861 -27.48 -37.62 58.11
CA ALA C 861 -28.63 -36.77 58.36
C ALA C 861 -28.36 -35.87 59.56
N PRO C 862 -28.75 -34.59 59.51
CA PRO C 862 -28.50 -33.71 60.64
C PRO C 862 -29.32 -34.08 61.86
N THR C 863 -28.65 -34.58 62.89
CA THR C 863 -29.34 -35.05 64.09
C THR C 863 -29.77 -33.87 64.96
N TYR C 864 -30.64 -34.16 65.93
CA TYR C 864 -31.17 -33.17 66.83
C TYR C 864 -30.73 -33.48 68.25
N ALA C 865 -30.44 -32.43 69.02
CA ALA C 865 -30.03 -32.58 70.40
C ALA C 865 -30.92 -31.72 71.29
N VAL C 866 -31.00 -32.10 72.56
CA VAL C 866 -31.85 -31.41 73.53
C VAL C 866 -31.03 -31.16 74.79
N THR C 867 -31.03 -29.91 75.25
CA THR C 867 -30.42 -29.53 76.51
C THR C 867 -31.48 -29.01 77.45
N SER C 868 -31.28 -29.21 78.75
CA SER C 868 -32.31 -28.94 79.74
C SER C 868 -31.81 -27.95 80.78
N VAL C 869 -32.74 -27.10 81.23
CA VAL C 869 -32.48 -26.14 82.31
C VAL C 869 -33.73 -26.06 83.16
N VAL C 870 -33.56 -25.93 84.47
CA VAL C 870 -34.69 -25.90 85.40
C VAL C 870 -34.60 -24.64 86.23
N SER C 871 -35.77 -24.18 86.72
CA SER C 871 -35.86 -23.01 87.58
C SER C 871 -37.11 -23.14 88.44
N PRO C 872 -37.00 -23.03 89.76
CA PRO C 872 -35.77 -22.85 90.55
C PRO C 872 -34.95 -24.12 90.65
N ALA C 873 -33.72 -24.02 91.13
CA ALA C 873 -32.82 -25.17 91.14
C ALA C 873 -33.22 -26.18 92.23
N THR C 874 -32.65 -27.36 92.13
CA THR C 874 -32.86 -28.39 93.13
C THR C 874 -32.32 -27.93 94.47
N PRO C 875 -33.03 -28.14 95.58
CA PRO C 875 -34.33 -28.80 95.73
C PRO C 875 -35.50 -27.82 95.81
N VAL C 876 -36.72 -28.30 95.55
CA VAL C 876 -37.93 -27.50 95.69
C VAL C 876 -38.93 -28.29 96.53
N LYS C 877 -39.91 -27.58 97.06
CA LYS C 877 -40.93 -28.19 97.88
C LYS C 877 -42.12 -28.63 97.02
N VAL C 878 -43.00 -29.44 97.63
CA VAL C 878 -44.16 -29.94 96.91
C VAL C 878 -45.05 -28.79 96.49
N SER C 879 -45.57 -28.86 95.26
CA SER C 879 -46.46 -27.88 94.64
C SER C 879 -45.77 -26.56 94.33
N THR C 880 -44.44 -26.50 94.43
CA THR C 880 -43.72 -25.32 93.99
C THR C 880 -43.71 -25.26 92.47
N PRO C 881 -44.11 -24.13 91.87
CA PRO C 881 -44.10 -24.05 90.40
C PRO C 881 -42.70 -24.18 89.84
N VAL C 882 -42.45 -25.27 89.12
CA VAL C 882 -41.14 -25.60 88.58
C VAL C 882 -41.18 -25.46 87.07
N THR C 883 -40.25 -24.70 86.53
CA THR C 883 -40.21 -24.41 85.10
C THR C 883 -39.05 -25.15 84.46
N TYR C 884 -39.33 -25.94 83.44
CA TYR C 884 -38.32 -26.61 82.64
C TYR C 884 -38.19 -25.90 81.30
N THR C 885 -36.95 -25.60 80.91
CA THR C 885 -36.65 -25.00 79.61
C THR C 885 -35.77 -25.95 78.83
N PHE C 886 -36.25 -26.41 77.68
CA PHE C 886 -35.52 -27.34 76.83
C PHE C 886 -35.12 -26.65 75.54
N THR C 887 -33.83 -26.66 75.24
CA THR C 887 -33.30 -26.11 74.00
C THR C 887 -33.10 -27.25 73.01
N ILE C 888 -33.82 -27.20 71.89
CA ILE C 888 -33.70 -28.18 70.82
C ILE C 888 -32.79 -27.60 69.76
N THR C 889 -31.72 -28.30 69.43
CA THR C 889 -30.69 -27.80 68.54
C THR C 889 -30.49 -28.73 67.36
N ARG C 890 -30.49 -28.17 66.16
CA ARG C 890 -30.17 -28.90 64.94
C ARG C 890 -28.72 -28.63 64.55
N THR C 891 -28.03 -29.67 64.10
CA THR C 891 -26.61 -29.55 63.80
C THR C 891 -26.36 -28.54 62.68
N THR C 892 -27.18 -28.57 61.64
CA THR C 892 -27.07 -27.63 60.54
C THR C 892 -28.33 -26.78 60.46
N ALA C 893 -28.15 -25.53 60.00
CA ALA C 893 -29.26 -24.59 59.95
C ALA C 893 -30.31 -25.02 58.94
N VAL C 894 -31.56 -24.75 59.27
CA VAL C 894 -32.65 -24.98 58.30
C VAL C 894 -32.46 -24.03 57.12
N PRO C 895 -32.71 -24.46 55.88
CA PRO C 895 -32.49 -23.56 54.74
C PRO C 895 -33.32 -22.29 54.85
N ALA C 896 -32.76 -21.20 54.32
CA ALA C 896 -33.36 -19.88 54.51
C ALA C 896 -34.76 -19.79 53.92
N GLY C 897 -34.95 -20.35 52.73
CA GLY C 897 -36.25 -20.35 52.09
C GLY C 897 -37.01 -21.65 52.20
N GLY C 898 -36.54 -22.61 52.99
CA GLY C 898 -37.15 -23.91 53.06
C GLY C 898 -38.35 -23.97 53.98
N ILE C 899 -38.87 -25.17 54.15
CA ILE C 899 -40.02 -25.38 55.02
C ILE C 899 -39.59 -25.26 56.47
N PRO C 900 -40.23 -24.41 57.27
CA PRO C 900 -39.95 -24.41 58.71
C PRO C 900 -40.32 -25.74 59.32
N GLN C 901 -39.56 -26.14 60.33
CA GLN C 901 -39.73 -27.45 60.94
C GLN C 901 -40.67 -27.32 62.13
N PRO C 902 -41.89 -27.83 62.05
CA PRO C 902 -42.77 -27.82 63.22
C PRO C 902 -42.24 -28.73 64.30
N ILE C 903 -42.50 -28.34 65.54
CA ILE C 903 -41.95 -29.05 66.71
C ILE C 903 -43.08 -29.24 67.70
N ILE C 904 -43.22 -30.47 68.19
CA ILE C 904 -44.17 -30.81 69.24
C ILE C 904 -43.36 -31.41 70.38
N CYS C 905 -43.18 -30.64 71.45
CA CYS C 905 -42.44 -31.10 72.62
C CYS C 905 -43.43 -31.78 73.57
N GLU C 906 -43.25 -33.09 73.76
CA GLU C 906 -44.03 -33.85 74.72
C GLU C 906 -43.17 -34.05 75.96
N PHE C 907 -43.67 -33.61 77.11
CA PHE C 907 -42.89 -33.53 78.33
C PHE C 907 -43.51 -34.39 79.42
N PHE C 908 -42.66 -35.10 80.15
CA PHE C 908 -43.08 -35.92 81.27
C PHE C 908 -42.31 -35.47 82.51
N ASN C 909 -43.03 -35.08 83.56
CA ASN C 909 -42.39 -34.49 84.73
C ASN C 909 -41.69 -35.51 85.61
N GLY C 910 -41.86 -36.80 85.35
CA GLY C 910 -41.21 -37.85 86.11
C GLY C 910 -42.06 -38.47 87.20
N GLU C 911 -43.13 -37.81 87.61
CA GLU C 911 -44.01 -38.36 88.63
C GLU C 911 -44.90 -39.44 88.05
N GLY C 912 -45.14 -40.49 88.83
CA GLY C 912 -46.00 -41.56 88.38
C GLY C 912 -45.33 -42.46 87.35
N THR C 913 -46.15 -43.23 86.65
CA THR C 913 -45.64 -44.17 85.67
C THR C 913 -45.18 -43.44 84.42
N ALA C 914 -43.99 -43.78 83.94
CA ALA C 914 -43.45 -43.20 82.73
C ALA C 914 -44.08 -43.86 81.50
N PRO C 915 -44.13 -43.14 80.38
CA PRO C 915 -44.59 -43.76 79.13
C PRO C 915 -43.72 -44.94 78.76
N ALA C 916 -44.35 -45.97 78.19
CA ALA C 916 -43.65 -47.22 77.93
C ALA C 916 -42.51 -47.05 76.93
N SER C 917 -42.76 -46.32 75.85
CA SER C 917 -41.78 -46.17 74.78
C SER C 917 -41.69 -44.71 74.37
N ALA C 918 -40.67 -44.40 73.57
CA ALA C 918 -40.52 -43.05 73.05
C ALA C 918 -41.69 -42.66 72.17
N ALA C 919 -42.14 -43.57 71.30
CA ALA C 919 -43.32 -43.31 70.48
C ALA C 919 -44.60 -43.23 71.31
N ALA C 920 -44.59 -43.83 72.50
CA ALA C 920 -45.77 -43.76 73.37
C ALA C 920 -45.98 -42.39 73.99
N TYR C 921 -45.01 -41.48 73.84
CA TYR C 921 -45.15 -40.14 74.41
C TYR C 921 -46.19 -39.29 73.69
N TRP C 922 -46.72 -39.75 72.56
CA TRP C 922 -47.76 -39.02 71.83
C TRP C 922 -49.09 -39.20 72.56
N ARG C 923 -49.17 -38.57 73.73
CA ARG C 923 -50.37 -38.65 74.55
C ARG C 923 -51.50 -37.84 73.92
N VAL C 924 -52.73 -38.22 74.25
CA VAL C 924 -53.90 -37.55 73.69
C VAL C 924 -54.16 -36.28 74.48
N SER C 925 -54.19 -35.14 73.79
CA SER C 925 -54.46 -33.84 74.39
C SER C 925 -55.61 -33.17 73.65
N THR C 926 -56.58 -32.68 74.41
CA THR C 926 -57.70 -31.97 73.79
C THR C 926 -57.23 -30.70 73.09
N THR C 927 -56.36 -29.94 73.74
CA THR C 927 -55.77 -28.74 73.17
C THR C 927 -54.26 -28.91 73.15
N ILE C 928 -53.65 -28.62 72.00
CA ILE C 928 -52.21 -28.84 71.84
C ILE C 928 -51.40 -28.03 72.84
N PRO C 929 -51.62 -26.72 73.03
CA PRO C 929 -50.89 -26.00 74.09
C PRO C 929 -51.49 -26.30 75.46
N ASP C 930 -50.78 -27.10 76.24
CA ASP C 930 -51.17 -27.39 77.62
C ASP C 930 -49.91 -27.63 78.43
N ALA C 931 -50.08 -28.19 79.63
CA ALA C 931 -48.95 -28.39 80.52
C ALA C 931 -47.98 -29.43 79.96
N ASP C 932 -48.50 -30.56 79.50
CA ASP C 932 -47.63 -31.65 79.06
C ASP C 932 -47.05 -31.38 77.67
N THR C 933 -47.84 -30.81 76.77
CA THR C 933 -47.46 -30.65 75.38
C THR C 933 -47.35 -29.18 75.03
N VAL C 934 -46.26 -28.81 74.35
CA VAL C 934 -46.02 -27.44 73.92
C VAL C 934 -45.64 -27.47 72.44
N VAL C 935 -46.23 -26.58 71.67
CA VAL C 935 -45.95 -26.44 70.25
C VAL C 935 -44.87 -25.40 70.06
N ALA C 936 -44.08 -25.57 69.00
CA ALA C 936 -43.01 -24.63 68.67
C ALA C 936 -42.65 -24.82 67.20
N VAL C 937 -41.84 -23.90 66.69
CA VAL C 937 -41.38 -23.95 65.31
C VAL C 937 -39.88 -23.65 65.26
N MET C 938 -39.17 -24.42 64.45
CA MET C 938 -37.78 -24.10 64.09
C MET C 938 -37.84 -23.31 62.79
N ALA C 939 -37.69 -22.00 62.90
CA ALA C 939 -37.85 -21.13 61.74
C ALA C 939 -36.71 -21.34 60.74
N PRO C 940 -36.94 -21.06 59.47
CA PRO C 940 -35.87 -21.16 58.48
C PRO C 940 -34.70 -20.25 58.83
N GLY C 941 -33.50 -20.76 58.60
CA GLY C 941 -32.29 -20.03 58.95
C GLY C 941 -31.88 -20.16 60.40
N GLU C 942 -32.59 -20.95 61.20
CA GLU C 942 -32.30 -21.13 62.60
C GLU C 942 -31.78 -22.54 62.87
N THR C 943 -31.17 -22.71 64.05
CA THR C 943 -30.71 -24.01 64.49
C THR C 943 -31.26 -24.43 65.83
N THR C 944 -31.71 -23.49 66.66
CA THR C 944 -32.14 -23.79 68.02
C THR C 944 -33.54 -23.24 68.27
N THR C 945 -34.26 -23.88 69.17
CA THR C 945 -35.58 -23.44 69.59
C THR C 945 -35.76 -23.85 71.04
N THR C 946 -36.78 -23.27 71.69
CA THR C 946 -36.99 -23.48 73.11
C THR C 946 -38.40 -23.98 73.37
N CYS C 947 -38.50 -24.95 74.28
CA CYS C 947 -39.77 -25.45 74.79
C CYS C 947 -39.78 -25.31 76.29
N THR C 948 -40.78 -24.60 76.83
CA THR C 948 -40.86 -24.30 78.25
C THR C 948 -42.11 -24.93 78.83
N PHE C 949 -41.95 -25.64 79.95
CA PHE C 949 -43.06 -26.26 80.66
C PHE C 949 -43.03 -25.82 82.12
N THR C 950 -44.21 -25.74 82.72
CA THR C 950 -44.35 -25.41 84.13
C THR C 950 -45.20 -26.50 84.78
N THR C 951 -44.59 -27.26 85.68
CA THR C 951 -45.25 -28.38 86.32
C THR C 951 -45.09 -28.28 87.83
N TYR C 952 -46.02 -28.89 88.55
CA TYR C 952 -46.00 -28.95 90.01
C TYR C 952 -45.97 -30.41 90.43
N TYR C 953 -45.00 -30.76 91.27
CA TYR C 953 -44.91 -32.12 91.78
C TYR C 953 -45.83 -32.28 92.99
N THR C 954 -46.60 -33.36 93.00
CA THR C 954 -47.57 -33.61 94.04
C THR C 954 -47.05 -34.50 95.16
N THR C 955 -46.23 -35.50 94.85
CA THR C 955 -45.70 -36.39 95.85
C THR C 955 -44.32 -35.92 96.31
N VAL C 956 -43.76 -36.63 97.29
CA VAL C 956 -42.47 -36.31 97.87
C VAL C 956 -41.48 -37.39 97.44
N SER C 957 -40.33 -36.97 96.94
CA SER C 957 -39.30 -37.90 96.46
C SER C 957 -37.94 -37.31 96.78
N ALA C 958 -37.31 -37.81 97.85
CA ALA C 958 -35.96 -37.38 98.19
C ALA C 958 -34.93 -37.93 97.21
N GLY C 959 -35.23 -39.06 96.56
CA GLY C 959 -34.30 -39.61 95.60
C GLY C 959 -34.12 -38.72 94.38
N GLY C 960 -35.21 -38.15 93.88
CA GLY C 960 -35.15 -37.27 92.73
C GLY C 960 -36.04 -37.71 91.59
N PHE C 961 -36.50 -36.75 90.80
CA PHE C 961 -37.35 -37.02 89.65
C PHE C 961 -36.61 -36.65 88.37
N THR C 962 -36.58 -37.57 87.41
CA THR C 962 -35.87 -37.38 86.15
C THR C 962 -36.90 -37.00 85.09
N ALA C 963 -37.05 -35.70 84.88
CA ALA C 963 -37.96 -35.23 83.85
C ALA C 963 -37.48 -35.66 82.48
N LYS C 964 -38.42 -36.05 81.63
CA LYS C 964 -38.09 -36.58 80.31
C LYS C 964 -38.86 -35.80 79.25
N LEU C 965 -38.26 -35.69 78.08
CA LEU C 965 -38.86 -34.96 76.97
C LEU C 965 -38.67 -35.73 75.67
N MET C 966 -39.71 -35.76 74.85
CA MET C 966 -39.64 -36.34 73.53
C MET C 966 -40.23 -35.33 72.54
N VAL C 967 -39.49 -35.04 71.47
CA VAL C 967 -39.86 -34.01 70.52
C VAL C 967 -40.27 -34.69 69.21
N PHE C 968 -41.50 -34.40 68.77
CA PHE C 968 -42.01 -34.90 67.51
C PHE C 968 -42.08 -33.75 66.51
N GLY C 969 -41.93 -34.07 65.23
CA GLY C 969 -42.09 -33.06 64.21
C GLY C 969 -43.42 -33.15 63.48
N GLU C 970 -44.39 -32.33 63.92
CA GLU C 970 -45.70 -32.28 63.29
C GLU C 970 -46.27 -30.89 63.55
N SER C 971 -47.13 -30.45 62.63
CA SER C 971 -47.77 -29.15 62.79
C SER C 971 -48.80 -29.21 63.93
N ALA C 972 -49.17 -28.02 64.41
CA ALA C 972 -50.14 -27.93 65.50
C ALA C 972 -51.49 -28.48 65.08
N THR C 973 -51.95 -28.12 63.88
CA THR C 973 -53.25 -28.59 63.42
C THR C 973 -53.24 -30.11 63.16
N ALA C 974 -52.14 -30.62 62.61
CA ALA C 974 -52.05 -32.04 62.29
C ALA C 974 -51.86 -32.91 63.52
N ALA C 975 -51.60 -32.33 64.69
CA ALA C 975 -51.30 -33.15 65.86
C ALA C 975 -52.53 -33.83 66.45
N PRO C 976 -53.62 -33.14 66.80
CA PRO C 976 -54.72 -33.81 67.51
C PRO C 976 -55.35 -34.95 66.74
N LEU C 977 -55.44 -34.85 65.42
CA LEU C 977 -56.11 -35.85 64.60
C LEU C 977 -55.16 -36.86 63.98
N LEU C 978 -53.88 -36.80 64.34
CA LEU C 978 -52.91 -37.73 63.77
C LEU C 978 -53.22 -39.17 64.17
N THR C 979 -53.56 -39.39 65.44
CA THR C 979 -53.85 -40.75 65.90
C THR C 979 -55.10 -41.30 65.23
N SER C 980 -56.12 -40.46 65.05
CA SER C 980 -57.38 -40.92 64.47
C SER C 980 -57.18 -41.43 63.04
N LEU C 981 -56.37 -40.72 62.25
CA LEU C 981 -56.13 -41.09 60.87
C LEU C 981 -55.07 -42.18 60.72
N SER C 982 -54.62 -42.78 61.81
CA SER C 982 -53.65 -43.88 61.79
C SER C 982 -52.35 -43.46 61.12
N VAL C 983 -51.83 -42.31 61.54
CA VAL C 983 -50.57 -41.78 61.05
C VAL C 983 -49.57 -41.81 62.19
N THR C 984 -48.45 -42.49 61.98
CA THR C 984 -47.43 -42.58 63.01
C THR C 984 -46.71 -41.24 63.15
N PRO C 985 -46.69 -40.63 64.33
CA PRO C 985 -46.02 -39.34 64.47
C PRO C 985 -44.53 -39.44 64.17
N SER C 986 -44.01 -38.42 63.50
CA SER C 986 -42.59 -38.39 63.19
C SER C 986 -41.77 -38.09 64.44
N GLN C 987 -40.52 -38.54 64.42
CA GLN C 987 -39.62 -38.41 65.55
C GLN C 987 -38.35 -37.71 65.12
N LEU C 988 -37.87 -36.78 65.96
CA LEU C 988 -36.62 -36.09 65.70
C LEU C 988 -35.52 -36.45 66.69
N LEU C 989 -35.84 -37.19 67.74
CA LEU C 989 -34.87 -37.61 68.75
C LEU C 989 -34.70 -39.12 68.66
N ALA C 990 -33.44 -39.58 68.63
CA ALA C 990 -33.19 -41.01 68.58
C ALA C 990 -33.73 -41.71 69.82
N ALA C 991 -33.53 -41.11 70.99
CA ALA C 991 -34.07 -41.63 72.23
C ALA C 991 -34.68 -40.48 73.03
N VAL C 992 -35.60 -40.83 73.92
CA VAL C 992 -36.25 -39.81 74.75
C VAL C 992 -35.21 -39.17 75.66
N HIS C 993 -35.07 -37.86 75.55
CA HIS C 993 -34.10 -37.13 76.36
C HIS C 993 -34.52 -37.15 77.82
N SER C 994 -33.53 -37.18 78.70
CA SER C 994 -33.76 -37.19 80.15
C SER C 994 -32.98 -36.06 80.79
N PHE C 995 -33.55 -35.47 81.83
CA PHE C 995 -32.87 -34.40 82.55
C PHE C 995 -31.62 -34.95 83.22
N ALA C 996 -30.55 -34.15 83.21
CA ALA C 996 -29.28 -34.62 83.74
C ALA C 996 -29.34 -34.85 85.24
N THR C 997 -29.85 -33.87 85.99
CA THR C 997 -29.87 -33.96 87.45
C THR C 997 -31.29 -34.18 87.93
N PRO C 998 -31.58 -35.28 88.62
CA PRO C 998 -32.95 -35.49 89.13
C PRO C 998 -33.33 -34.41 90.12
N MET C 999 -34.61 -34.03 90.10
CA MET C 999 -35.13 -32.96 90.94
C MET C 999 -35.64 -33.56 92.25
N VAL C 1000 -35.13 -33.06 93.36
CA VAL C 1000 -35.54 -33.50 94.70
C VAL C 1000 -36.72 -32.66 95.14
N VAL C 1001 -37.80 -33.33 95.54
CA VAL C 1001 -39.02 -32.67 95.99
C VAL C 1001 -39.18 -32.93 97.48
N ALA C 1002 -39.29 -31.87 98.26
CA ALA C 1002 -39.53 -31.96 99.69
C ALA C 1002 -40.99 -31.69 100.00
N ALA C 1003 -41.47 -32.28 101.09
CA ALA C 1003 -42.87 -32.12 101.46
C ALA C 1003 -43.16 -30.65 101.79
N ALA C 1004 -44.35 -30.21 101.41
CA ALA C 1004 -44.76 -28.83 101.67
C ALA C 1004 -44.92 -28.61 103.18
N VAL C 1005 -44.67 -27.38 103.61
CA VAL C 1005 -44.71 -27.02 105.02
C VAL C 1005 -46.08 -26.42 105.31
N VAL C 1006 -46.79 -27.01 106.27
CA VAL C 1006 -48.07 -26.50 106.72
C VAL C 1006 -47.98 -26.25 108.23
N ALA C 1007 -48.37 -25.05 108.66
CA ALA C 1007 -48.31 -24.68 110.06
C ALA C 1007 -49.61 -24.00 110.47
N VAL C 1008 -50.07 -24.27 111.69
CA VAL C 1008 -51.28 -23.66 112.19
C VAL C 1008 -51.07 -22.16 112.34
N GLU C 1009 -52.06 -21.38 111.90
CA GLU C 1009 -51.96 -19.93 111.93
C GLU C 1009 -52.71 -19.31 113.11
N SER C 1010 -54.01 -19.58 113.22
CA SER C 1010 -54.83 -18.95 114.25
C SER C 1010 -55.85 -19.94 114.79
N THR C 1011 -56.24 -19.74 116.05
CA THR C 1011 -57.28 -20.53 116.70
C THR C 1011 -58.28 -19.56 117.30
N THR C 1012 -59.53 -19.63 116.84
CA THR C 1012 -60.58 -18.71 117.29
C THR C 1012 -61.66 -19.49 118.01
N ILE C 1013 -62.04 -19.02 119.19
CA ILE C 1013 -63.07 -19.63 120.02
C ILE C 1013 -64.29 -18.73 120.00
N SER C 1014 -65.44 -19.28 119.61
CA SER C 1014 -66.67 -18.51 119.50
C SER C 1014 -67.77 -19.26 120.24
N PRO C 1015 -68.42 -18.64 121.23
CA PRO C 1015 -68.14 -17.32 121.82
C PRO C 1015 -67.04 -17.43 122.87
N ASN C 1016 -66.35 -16.34 123.18
CA ASN C 1016 -65.22 -16.40 124.10
C ASN C 1016 -65.28 -15.24 125.07
N TYR C 1017 -65.05 -15.54 126.35
CA TYR C 1017 -64.91 -14.47 127.35
C TYR C 1017 -63.68 -13.62 127.05
N ASN C 1018 -62.58 -14.27 126.72
CA ASN C 1018 -61.33 -13.65 126.28
C ASN C 1018 -60.88 -14.35 125.02
N PRO C 1019 -60.03 -13.71 124.20
CA PRO C 1019 -59.59 -14.34 122.95
C PRO C 1019 -58.99 -15.73 123.11
N THR C 1020 -58.72 -16.15 124.36
CA THR C 1020 -58.24 -17.49 124.63
C THR C 1020 -59.12 -18.28 125.59
N THR C 1021 -60.10 -17.65 126.24
CA THR C 1021 -60.88 -18.29 127.29
C THR C 1021 -62.32 -18.46 126.86
N PRO C 1022 -62.85 -19.69 126.84
CA PRO C 1022 -64.26 -19.89 126.48
C PRO C 1022 -65.19 -19.84 127.69
N TYR C 1023 -66.48 -20.00 127.45
CA TYR C 1023 -67.48 -20.03 128.51
C TYR C 1023 -67.76 -21.47 128.94
N THR C 1024 -68.49 -21.61 130.04
CA THR C 1024 -68.85 -22.91 130.57
C THR C 1024 -70.32 -23.23 130.27
N ASN C 1025 -70.60 -24.51 130.08
CA ASN C 1025 -71.95 -25.00 129.80
C ASN C 1025 -72.55 -24.35 128.57
N ILE C 1026 -71.70 -23.91 127.65
CA ILE C 1026 -72.13 -23.27 126.41
C ILE C 1026 -71.38 -23.93 125.26
N PRO C 1027 -72.04 -24.29 124.17
CA PRO C 1027 -71.32 -24.88 123.04
C PRO C 1027 -70.33 -23.91 122.43
N THR C 1028 -69.05 -24.19 122.58
CA THR C 1028 -67.98 -23.34 122.08
C THR C 1028 -67.30 -24.03 120.90
N TYR C 1029 -67.08 -23.29 119.83
CA TYR C 1029 -66.51 -23.83 118.60
C TYR C 1029 -65.09 -23.34 118.43
N PHE C 1030 -64.16 -24.29 118.25
CA PHE C 1030 -62.76 -23.99 118.01
C PHE C 1030 -62.51 -24.11 116.51
N THR C 1031 -62.15 -22.99 115.89
CA THR C 1031 -61.81 -22.96 114.47
C THR C 1031 -60.30 -22.84 114.34
N PHE C 1032 -59.67 -23.85 113.76
CA PHE C 1032 -58.23 -23.86 113.53
C PHE C 1032 -57.94 -23.60 112.05
N THR C 1033 -56.95 -22.76 111.79
CA THR C 1033 -56.56 -22.40 110.44
C THR C 1033 -55.19 -22.99 110.15
N LEU C 1034 -55.12 -23.80 109.09
CA LEU C 1034 -53.87 -24.39 108.64
C LEU C 1034 -53.40 -23.68 107.38
N LEU C 1035 -52.14 -23.25 107.38
CA LEU C 1035 -51.58 -22.50 106.27
C LEU C 1035 -50.41 -23.26 105.67
N ARG C 1036 -50.45 -23.47 104.37
CA ARG C 1036 -49.37 -24.09 103.61
C ARG C 1036 -48.72 -23.04 102.72
N ASP C 1037 -47.45 -22.76 102.96
CA ASP C 1037 -46.81 -21.66 102.23
C ASP C 1037 -46.81 -21.86 100.71
N PRO C 1038 -46.55 -23.03 100.15
CA PRO C 1038 -46.89 -23.23 98.74
C PRO C 1038 -48.34 -23.66 98.61
N PRO C 1039 -49.21 -22.78 98.12
CA PRO C 1039 -50.63 -23.10 98.07
C PRO C 1039 -50.91 -24.20 97.06
N VAL C 1040 -52.02 -24.91 97.28
CA VAL C 1040 -52.49 -25.92 96.35
C VAL C 1040 -52.70 -25.25 95.00
N PRO C 1041 -51.90 -25.59 93.97
CA PRO C 1041 -51.97 -24.83 92.73
C PRO C 1041 -53.31 -25.01 92.05
N PRO C 1042 -53.80 -23.99 91.35
CA PRO C 1042 -55.03 -24.16 90.56
C PRO C 1042 -54.82 -25.18 89.46
N SER C 1043 -55.88 -25.92 89.14
CA SER C 1043 -55.84 -27.00 88.16
C SER C 1043 -54.79 -28.03 88.54
N ALA C 1044 -54.97 -28.61 89.72
CA ALA C 1044 -54.09 -29.65 90.25
C ALA C 1044 -54.91 -30.86 90.70
N SER C 1045 -55.82 -31.29 89.83
CA SER C 1045 -56.71 -32.43 90.07
C SER C 1045 -57.54 -32.12 91.31
N SER C 1046 -57.44 -32.89 92.39
CA SER C 1046 -58.22 -32.63 93.59
C SER C 1046 -57.38 -31.88 94.62
N GLY C 1047 -58.05 -31.42 95.67
CA GLY C 1047 -57.39 -30.72 96.73
C GLY C 1047 -56.58 -31.66 97.62
N VAL C 1048 -56.05 -31.08 98.70
CA VAL C 1048 -55.22 -31.78 99.65
C VAL C 1048 -56.01 -31.95 100.94
N GLN C 1049 -56.08 -33.19 101.43
CA GLN C 1049 -56.93 -33.53 102.56
C GLN C 1049 -56.10 -33.57 103.83
N PHE C 1050 -56.62 -32.95 104.89
CA PHE C 1050 -55.97 -32.93 106.19
C PHE C 1050 -56.90 -33.48 107.27
N ALA C 1051 -56.34 -34.29 108.15
CA ALA C 1051 -57.06 -34.82 109.31
C ALA C 1051 -56.60 -34.05 110.55
N CYS C 1052 -57.52 -33.33 111.17
CA CYS C 1052 -57.24 -32.55 112.36
C CYS C 1052 -57.83 -33.25 113.58
N ALA C 1053 -56.98 -33.51 114.58
CA ALA C 1053 -57.38 -34.18 115.80
C ALA C 1053 -57.29 -33.22 116.97
N LEU C 1054 -58.31 -33.20 117.81
CA LEU C 1054 -58.38 -32.28 118.94
C LEU C 1054 -58.76 -33.05 120.20
N TYR C 1055 -58.10 -32.70 121.31
CA TYR C 1055 -58.44 -33.24 122.63
C TYR C 1055 -58.61 -32.05 123.58
N THR C 1056 -59.86 -31.68 123.85
CA THR C 1056 -60.12 -30.54 124.72
C THR C 1056 -59.78 -30.86 126.17
N GLY C 1057 -60.09 -32.07 126.62
CA GLY C 1057 -59.93 -32.44 128.01
C GLY C 1057 -61.24 -32.81 128.65
N GLN C 1058 -61.30 -32.69 129.99
CA GLN C 1058 -62.52 -32.81 130.79
C GLN C 1058 -63.09 -34.22 130.80
N ASN C 1059 -62.55 -35.11 129.97
CA ASN C 1059 -62.80 -36.55 130.01
C ASN C 1059 -64.28 -36.87 130.29
N VAL C 1060 -65.15 -36.38 129.43
CA VAL C 1060 -66.59 -36.58 129.62
C VAL C 1060 -67.11 -37.64 128.67
N ASN C 1061 -67.00 -37.38 127.37
CA ASN C 1061 -67.55 -38.32 126.39
C ASN C 1061 -66.66 -39.55 126.24
N PRO C 1062 -65.33 -39.40 126.05
CA PRO C 1062 -64.47 -40.60 126.09
C PRO C 1062 -64.26 -41.13 127.49
N ALA C 1063 -64.51 -40.32 128.51
CA ALA C 1063 -64.38 -40.67 129.93
C ALA C 1063 -62.96 -41.09 130.30
N SER C 1064 -61.98 -40.83 129.44
CA SER C 1064 -60.60 -41.19 129.74
C SER C 1064 -59.67 -40.35 128.86
N ALA C 1065 -58.57 -39.91 129.45
CA ALA C 1065 -57.58 -39.14 128.72
C ALA C 1065 -56.87 -40.03 127.69
N PRO C 1066 -56.36 -39.45 126.61
CA PRO C 1066 -55.52 -40.23 125.69
C PRO C 1066 -54.29 -40.76 126.40
N SER C 1067 -53.86 -41.96 125.99
CA SER C 1067 -52.77 -42.64 126.68
C SER C 1067 -51.50 -41.79 126.71
N ALA C 1068 -51.25 -41.05 125.64
CA ALA C 1068 -50.09 -40.18 125.57
C ALA C 1068 -50.36 -39.10 124.53
N ILE C 1069 -49.40 -38.19 124.39
CA ILE C 1069 -49.50 -37.11 123.41
C ILE C 1069 -48.79 -37.48 122.11
N THR C 1070 -48.51 -38.76 121.90
CA THR C 1070 -47.86 -39.21 120.69
C THR C 1070 -48.84 -39.23 119.52
N ASP C 1071 -48.28 -39.40 118.32
CA ASP C 1071 -49.11 -39.40 117.11
C ASP C 1071 -50.03 -40.60 117.05
N ALA C 1072 -49.60 -41.75 117.55
CA ALA C 1072 -50.39 -42.97 117.41
C ALA C 1072 -51.74 -42.86 118.12
N VAL C 1073 -51.74 -42.30 119.33
CA VAL C 1073 -52.98 -42.20 120.09
C VAL C 1073 -53.96 -41.24 119.43
N TYR C 1074 -53.47 -40.06 119.05
CA TYR C 1074 -54.36 -39.06 118.47
C TYR C 1074 -54.79 -39.40 117.05
N LYS C 1075 -54.05 -40.26 116.36
CA LYS C 1075 -54.43 -40.65 115.01
C LYS C 1075 -55.69 -41.50 114.99
N THR C 1076 -55.94 -42.24 116.07
CA THR C 1076 -57.03 -43.21 116.11
C THR C 1076 -58.33 -42.62 116.65
N PHE C 1077 -58.43 -41.29 116.76
CA PHE C 1077 -59.66 -40.68 117.23
C PHE C 1077 -60.80 -40.91 116.25
N THR C 1078 -62.02 -40.92 116.77
CA THR C 1078 -63.20 -41.17 115.96
C THR C 1078 -63.42 -40.05 114.96
N ASP C 1079 -63.98 -40.41 113.81
CA ASP C 1079 -64.28 -39.45 112.76
C ASP C 1079 -65.65 -38.84 113.00
N VAL C 1080 -65.70 -37.51 113.09
CA VAL C 1080 -66.95 -36.80 113.39
C VAL C 1080 -67.18 -35.71 112.36
N THR C 1081 -66.64 -35.89 111.15
CA THR C 1081 -66.78 -34.87 110.12
C THR C 1081 -68.23 -34.68 109.69
N THR C 1082 -69.09 -35.68 109.88
CA THR C 1082 -70.48 -35.61 109.49
C THR C 1082 -71.42 -35.65 110.70
N ALA C 1083 -70.89 -35.43 111.90
CA ALA C 1083 -71.71 -35.48 113.10
C ALA C 1083 -72.69 -34.32 113.13
N VAL C 1084 -73.90 -34.60 113.61
CA VAL C 1084 -74.93 -33.59 113.77
C VAL C 1084 -75.14 -33.34 115.26
N ALA C 1085 -75.94 -32.33 115.58
CA ALA C 1085 -76.18 -31.97 116.97
C ALA C 1085 -77.02 -33.01 117.71
N THR C 1086 -77.73 -33.87 116.98
CA THR C 1086 -78.66 -34.79 117.63
C THR C 1086 -77.94 -35.92 118.34
N ASP C 1087 -76.93 -36.51 117.72
CA ASP C 1087 -76.30 -37.70 118.28
C ASP C 1087 -75.37 -37.33 119.43
N ALA C 1088 -74.94 -38.35 120.17
CA ALA C 1088 -74.14 -38.16 121.36
C ALA C 1088 -72.65 -37.93 121.06
N ASN C 1089 -72.23 -38.09 119.81
CA ASN C 1089 -70.83 -37.92 119.44
C ASN C 1089 -70.50 -36.50 119.00
N TYR C 1090 -71.48 -35.59 119.01
CA TYR C 1090 -71.24 -34.24 118.54
C TYR C 1090 -70.23 -33.51 119.42
N PHE C 1091 -70.36 -33.63 120.74
CA PHE C 1091 -69.54 -32.90 121.68
C PHE C 1091 -68.47 -33.77 122.32
N ALA C 1092 -67.93 -34.74 121.57
CA ALA C 1092 -66.90 -35.60 122.11
C ALA C 1092 -65.64 -34.80 122.42
N ASP C 1093 -64.95 -35.21 123.48
CA ASP C 1093 -63.71 -34.55 123.87
C ASP C 1093 -62.51 -35.01 123.07
N GLN C 1094 -62.68 -36.02 122.20
CA GLN C 1094 -61.62 -36.49 121.32
C GLN C 1094 -62.22 -36.61 119.92
N GLN C 1095 -61.90 -35.64 119.06
CA GLN C 1095 -62.50 -35.55 117.74
C GLN C 1095 -61.43 -35.63 116.66
N LEU C 1096 -61.84 -36.13 115.49
CA LEU C 1096 -60.99 -36.15 114.30
C LEU C 1096 -61.84 -35.73 113.12
N ARG C 1097 -61.44 -34.66 112.44
CA ARG C 1097 -62.19 -34.13 111.32
C ARG C 1097 -61.30 -34.06 110.09
N VAL C 1098 -61.93 -34.10 108.92
CA VAL C 1098 -61.24 -34.11 107.64
C VAL C 1098 -61.62 -32.85 106.88
N VAL C 1099 -60.61 -32.09 106.47
CA VAL C 1099 -60.81 -30.85 105.72
C VAL C 1099 -59.97 -30.91 104.46
N THR C 1100 -60.58 -30.57 103.33
CA THR C 1100 -59.94 -30.63 102.02
C THR C 1100 -59.65 -29.20 101.57
N MET C 1101 -58.38 -28.82 101.59
CA MET C 1101 -57.96 -27.54 101.02
C MET C 1101 -58.15 -27.59 99.51
N ALA C 1102 -59.05 -26.76 99.00
CA ALA C 1102 -59.40 -26.80 97.59
C ALA C 1102 -58.26 -26.27 96.73
N PRO C 1103 -58.21 -26.66 95.46
CA PRO C 1103 -57.21 -26.10 94.55
C PRO C 1103 -57.36 -24.59 94.41
N GLY C 1104 -56.22 -23.90 94.32
CA GLY C 1104 -56.21 -22.46 94.22
C GLY C 1104 -56.29 -21.74 95.54
N THR C 1105 -56.42 -22.46 96.65
CA THR C 1105 -56.49 -21.87 97.98
C THR C 1105 -55.20 -22.16 98.74
N GLY C 1106 -54.94 -21.35 99.75
CA GLY C 1106 -53.70 -21.48 100.49
C GLY C 1106 -53.89 -21.97 101.92
N ARG C 1107 -55.05 -21.67 102.51
CA ARG C 1107 -55.31 -22.05 103.89
C ARG C 1107 -56.72 -22.62 104.00
N VAL C 1108 -56.91 -23.46 105.03
CA VAL C 1108 -58.18 -24.11 105.29
C VAL C 1108 -58.52 -23.92 106.76
N SER C 1109 -59.79 -24.11 107.10
CA SER C 1109 -60.28 -23.93 108.46
C SER C 1109 -61.12 -25.13 108.86
N CYS C 1110 -60.83 -25.67 110.03
CA CYS C 1110 -61.57 -26.79 110.60
C CYS C 1110 -62.23 -26.36 111.90
N THR C 1111 -63.50 -26.73 112.05
CA THR C 1111 -64.31 -26.31 113.20
C THR C 1111 -64.59 -27.51 114.10
N PHE C 1112 -64.35 -27.32 115.39
CA PHE C 1112 -64.58 -28.35 116.39
C PHE C 1112 -65.62 -27.85 117.39
N PRO C 1113 -66.79 -28.47 117.48
CA PRO C 1113 -67.75 -28.09 118.52
C PRO C 1113 -67.43 -28.78 119.84
N THR C 1114 -67.40 -28.01 120.92
CA THR C 1114 -67.05 -28.52 122.23
C THR C 1114 -68.03 -27.98 123.27
N LEU C 1115 -68.09 -28.66 124.40
CA LEU C 1115 -68.95 -28.25 125.51
C LEU C 1115 -68.19 -28.46 126.81
N TYR C 1116 -67.85 -27.37 127.50
CA TYR C 1116 -67.13 -27.44 128.77
C TYR C 1116 -68.15 -27.44 129.89
N ALA C 1117 -68.55 -28.63 130.33
CA ALA C 1117 -69.60 -28.76 131.32
C ALA C 1117 -69.20 -28.13 132.65
N ALA C 1118 -67.97 -28.37 133.08
CA ALA C 1118 -67.47 -27.87 134.35
C ALA C 1118 -66.45 -26.76 134.13
N ALA C 1119 -65.96 -26.21 135.23
CA ALA C 1119 -64.97 -25.14 135.20
C ALA C 1119 -63.68 -25.64 135.83
N GLY C 1120 -62.56 -25.41 135.14
CA GLY C 1120 -61.27 -25.83 135.63
C GLY C 1120 -60.17 -25.56 134.63
N PRO C 1121 -58.94 -25.88 134.99
CA PRO C 1121 -57.80 -25.67 134.08
C PRO C 1121 -57.75 -26.77 133.03
N PHE C 1122 -57.89 -26.39 131.77
CA PHE C 1122 -57.88 -27.32 130.65
C PHE C 1122 -56.76 -26.96 129.70
N SER C 1123 -56.16 -27.97 129.09
CA SER C 1123 -55.05 -27.80 128.16
C SER C 1123 -55.38 -28.55 126.86
N PRO C 1124 -56.12 -27.91 125.96
CA PRO C 1124 -56.47 -28.58 124.70
C PRO C 1124 -55.24 -28.92 123.88
N LYS C 1125 -55.34 -30.05 123.17
CA LYS C 1125 -54.26 -30.56 122.34
C LYS C 1125 -54.74 -30.67 120.90
N PHE C 1126 -53.86 -30.33 119.96
CA PHE C 1126 -54.22 -30.28 118.55
C PHE C 1126 -53.18 -31.03 117.72
N PHE C 1127 -53.64 -31.66 116.64
CA PHE C 1127 -52.78 -32.40 115.74
C PHE C 1127 -53.29 -32.26 114.32
N VAL C 1128 -52.36 -32.29 113.37
CA VAL C 1128 -52.68 -32.22 111.94
C VAL C 1128 -51.93 -33.34 111.23
N PHE C 1129 -52.64 -34.05 110.34
CA PHE C 1129 -52.05 -35.15 109.59
C PHE C 1129 -52.48 -35.05 108.14
N GLU C 1130 -51.67 -35.62 107.26
CA GLU C 1130 -52.08 -35.77 105.87
C GLU C 1130 -53.11 -36.87 105.75
N TYR C 1131 -54.03 -36.70 104.80
CA TYR C 1131 -55.11 -37.66 104.58
C TYR C 1131 -55.13 -38.05 103.12
N ALA C 1132 -55.15 -39.35 102.85
CA ALA C 1132 -55.17 -39.85 101.48
C ALA C 1132 -55.81 -41.23 101.46
N SER C 1133 -56.73 -41.44 100.53
CA SER C 1133 -57.44 -42.71 100.38
C SER C 1133 -58.11 -43.13 101.69
N SER C 1134 -58.70 -42.16 102.39
CA SER C 1134 -59.42 -42.40 103.64
C SER C 1134 -58.52 -43.04 104.70
N THR C 1135 -57.23 -42.71 104.67
CA THR C 1135 -56.26 -43.23 105.63
C THR C 1135 -55.46 -42.08 106.20
N VAL C 1136 -55.33 -42.06 107.52
CA VAL C 1136 -54.58 -41.00 108.20
C VAL C 1136 -53.09 -41.24 108.02
N GLY C 1137 -52.38 -40.22 107.55
CA GLY C 1137 -50.96 -40.31 107.33
C GLY C 1137 -50.15 -39.88 108.53
N ALA C 1138 -48.90 -39.48 108.26
CA ALA C 1138 -48.00 -39.03 109.30
C ALA C 1138 -48.35 -37.60 109.71
N ASN C 1139 -47.56 -37.04 110.62
CA ASN C 1139 -47.80 -35.69 111.09
C ASN C 1139 -47.53 -34.69 109.97
N ALA C 1140 -48.39 -33.67 109.88
CA ALA C 1140 -48.25 -32.65 108.85
C ALA C 1140 -47.27 -31.55 109.23
N LEU C 1141 -46.86 -31.47 110.49
CA LEU C 1141 -45.95 -30.43 110.94
C LEU C 1141 -44.49 -30.74 110.63
N ALA C 1142 -44.24 -31.78 109.84
CA ALA C 1142 -42.92 -32.19 109.35
C ALA C 1142 -42.00 -32.71 110.44
N VAL C 1143 -42.43 -32.70 111.71
CA VAL C 1143 -41.66 -33.24 112.82
C VAL C 1143 -42.51 -34.28 113.52
N ALA C 1144 -41.93 -35.45 113.77
CA ALA C 1144 -42.68 -36.56 114.36
C ALA C 1144 -43.20 -36.17 115.74
N ASP C 1145 -44.49 -36.44 115.96
CA ASP C 1145 -45.15 -36.19 117.25
C ASP C 1145 -45.02 -34.74 117.68
N THR C 1146 -45.59 -33.86 116.86
CA THR C 1146 -45.62 -32.43 117.14
C THR C 1146 -47.06 -32.01 117.43
N VAL C 1147 -47.26 -31.31 118.54
CA VAL C 1147 -48.59 -30.92 118.99
C VAL C 1147 -48.60 -29.41 119.20
N THR C 1148 -49.61 -28.75 118.64
CA THR C 1148 -49.84 -27.33 118.89
C THR C 1148 -50.76 -27.23 120.10
N SER C 1149 -50.19 -26.90 121.25
CA SER C 1149 -50.93 -26.92 122.51
C SER C 1149 -51.53 -25.54 122.77
N LEU C 1150 -52.85 -25.49 122.89
CA LEU C 1150 -53.53 -24.24 123.21
C LEU C 1150 -53.20 -23.80 124.63
N THR C 1151 -53.29 -22.50 124.87
CA THR C 1151 -53.03 -21.96 126.19
C THR C 1151 -54.07 -22.45 127.19
N SER C 1152 -53.61 -22.81 128.38
CA SER C 1152 -54.52 -23.29 129.41
C SER C 1152 -55.44 -22.17 129.89
N PHE C 1153 -56.65 -22.55 130.28
CA PHE C 1153 -57.65 -21.57 130.67
C PHE C 1153 -58.62 -22.19 131.66
N THR C 1154 -59.38 -21.32 132.34
CA THR C 1154 -60.47 -21.73 133.20
C THR C 1154 -61.73 -21.01 132.73
N THR C 1155 -62.81 -21.76 132.54
CA THR C 1155 -64.02 -21.21 131.95
C THR C 1155 -64.72 -20.25 132.92
N GLN C 1156 -65.56 -19.40 132.36
CA GLN C 1156 -66.35 -18.44 133.13
C GLN C 1156 -67.81 -18.58 132.75
N ALA C 1157 -68.68 -18.16 133.68
CA ALA C 1157 -70.11 -18.26 133.45
C ALA C 1157 -70.53 -17.39 132.28
N ALA C 1158 -71.39 -17.94 131.43
CA ALA C 1158 -71.83 -17.22 130.24
C ALA C 1158 -72.73 -16.05 130.63
N PRO C 1159 -72.65 -14.93 129.91
CA PRO C 1159 -73.58 -13.83 130.17
C PRO C 1159 -74.95 -14.11 129.55
N THR C 1160 -75.99 -13.72 130.27
CA THR C 1160 -77.36 -13.98 129.85
C THR C 1160 -77.97 -12.85 129.04
N PHE C 1161 -77.19 -11.82 128.72
CA PHE C 1161 -77.72 -10.69 127.95
C PHE C 1161 -78.07 -11.14 126.54
N ILE C 1162 -79.22 -10.68 126.05
CA ILE C 1162 -79.70 -11.00 124.72
C ILE C 1162 -79.57 -9.76 123.85
N THR C 1163 -78.80 -9.87 122.77
CA THR C 1163 -78.61 -8.76 121.85
C THR C 1163 -79.82 -8.62 120.93
N GLY C 1164 -80.26 -7.38 120.74
CA GLY C 1164 -81.39 -7.11 119.87
C GLY C 1164 -81.90 -5.70 120.05
N PRO C 1165 -82.98 -5.37 119.34
CA PRO C 1165 -83.54 -4.02 119.45
C PRO C 1165 -84.55 -3.90 120.57
N THR C 1166 -85.13 -2.71 120.73
CA THR C 1166 -86.16 -2.50 121.74
C THR C 1166 -87.40 -3.31 121.42
N ASN C 1167 -88.03 -3.86 122.46
CA ASN C 1167 -89.28 -4.59 122.33
C ASN C 1167 -90.38 -3.79 123.01
N VAL C 1168 -91.43 -3.48 122.26
CA VAL C 1168 -92.52 -2.64 122.80
C VAL C 1168 -93.29 -3.43 123.84
N PRO C 1169 -93.57 -2.86 125.01
CA PRO C 1169 -94.33 -3.59 126.02
C PRO C 1169 -95.77 -3.80 125.60
N GLN C 1170 -96.39 -4.83 126.18
CA GLN C 1170 -97.79 -5.11 125.90
C GLN C 1170 -98.67 -4.11 126.65
N ARG C 1171 -99.97 -4.20 126.39
CA ARG C 1171 -100.93 -3.28 127.00
C ARG C 1171 -100.97 -3.51 128.51
N VAL C 1172 -100.58 -2.49 129.27
CA VAL C 1172 -100.58 -2.55 130.73
C VAL C 1172 -101.26 -1.29 131.25
N PRO C 1173 -101.90 -1.32 132.42
CA PRO C 1173 -102.50 -0.09 132.96
C PRO C 1173 -101.44 0.98 133.20
N LEU C 1174 -101.74 2.20 132.79
CA LEU C 1174 -100.81 3.31 132.87
C LEU C 1174 -101.56 4.57 133.27
N PRO C 1175 -100.90 5.50 133.95
CA PRO C 1175 -101.51 6.79 134.24
C PRO C 1175 -101.72 7.58 132.94
N LYS C 1176 -102.68 8.51 133.01
CA LYS C 1176 -102.99 9.33 131.86
C LYS C 1176 -101.77 10.14 131.42
N GLY C 1177 -101.51 10.14 130.12
CA GLY C 1177 -100.37 10.86 129.57
C GLY C 1177 -99.06 10.11 129.60
N PHE C 1178 -99.04 8.87 130.10
CA PHE C 1178 -97.81 8.09 130.16
C PHE C 1178 -97.56 7.46 128.79
N ARG C 1179 -96.83 8.18 127.95
CA ARG C 1179 -96.50 7.67 126.63
C ARG C 1179 -95.42 6.62 126.74
N THR C 1180 -95.64 5.47 126.09
CA THR C 1180 -94.64 4.40 126.05
C THR C 1180 -94.10 4.15 124.66
N THR C 1181 -94.82 4.55 123.61
CA THR C 1181 -94.35 4.43 122.23
C THR C 1181 -94.33 5.83 121.62
N CYS C 1182 -93.14 6.44 121.58
CA CYS C 1182 -93.02 7.79 121.05
C CYS C 1182 -93.32 7.84 119.56
N PHE C 1183 -93.87 8.97 119.13
CA PHE C 1183 -94.25 9.16 117.74
C PHE C 1183 -93.02 9.34 116.87
N ASP C 1184 -93.23 9.20 115.57
CA ASP C 1184 -92.15 9.40 114.61
C ASP C 1184 -91.66 10.85 114.65
N GLY C 1185 -90.35 11.02 114.73
CA GLY C 1185 -89.74 12.32 114.82
C GLY C 1185 -89.38 12.77 116.23
N TYR C 1186 -89.93 12.12 117.24
CA TYR C 1186 -89.64 12.45 118.63
C TYR C 1186 -88.91 11.29 119.29
N GLU C 1187 -88.49 11.49 120.54
CA GLU C 1187 -87.79 10.48 121.31
C GLU C 1187 -88.39 10.40 122.71
N LEU C 1188 -88.28 9.22 123.32
CA LEU C 1188 -88.86 8.98 124.63
C LEU C 1188 -87.95 9.56 125.73
N ILE C 1189 -88.58 10.17 126.73
CA ILE C 1189 -87.88 10.68 127.91
C ILE C 1189 -88.68 10.29 129.15
N PHE C 1190 -88.00 10.35 130.29
CA PHE C 1190 -88.56 9.91 131.57
C PHE C 1190 -88.49 11.09 132.54
N SER C 1191 -89.53 11.89 132.56
CA SER C 1191 -89.56 13.11 133.37
C SER C 1191 -90.96 13.32 133.94
N ASN C 1192 -91.03 14.11 135.00
CA ASN C 1192 -92.30 14.45 135.63
C ASN C 1192 -92.90 15.76 135.11
N ASP C 1193 -92.22 16.44 134.19
CA ASP C 1193 -92.72 17.71 133.66
C ASP C 1193 -93.78 17.46 132.61
N ASN C 1194 -94.30 18.55 132.05
CA ASN C 1194 -95.33 18.51 131.01
C ASN C 1194 -94.66 18.73 129.66
N TYR C 1195 -94.71 17.71 128.81
CA TYR C 1195 -94.08 17.76 127.48
C TYR C 1195 -95.15 17.57 126.41
N THR C 1196 -95.54 18.65 125.76
CA THR C 1196 -96.51 18.62 124.68
C THR C 1196 -95.81 19.02 123.39
N ASN C 1197 -95.99 18.22 122.34
CA ASN C 1197 -95.36 18.45 121.04
C ASN C 1197 -93.85 18.51 121.16
N GLY C 1198 -93.28 17.82 122.14
CA GLY C 1198 -91.85 17.72 122.29
C GLY C 1198 -91.17 18.92 122.92
N VAL C 1199 -91.93 19.90 123.40
CA VAL C 1199 -91.37 21.07 124.06
C VAL C 1199 -91.99 21.17 125.45
N ARG C 1200 -91.14 21.36 126.46
CA ARG C 1200 -91.62 21.49 127.83
C ARG C 1200 -92.42 22.77 127.99
N VAL C 1201 -93.58 22.66 128.64
CA VAL C 1201 -94.46 23.81 128.83
C VAL C 1201 -94.75 24.11 130.29
N ALA C 1202 -94.50 23.18 131.20
CA ALA C 1202 -94.73 23.41 132.62
C ALA C 1202 -93.91 22.41 133.42
N VAL C 1203 -93.17 22.91 134.39
CA VAL C 1203 -92.26 22.06 135.17
C VAL C 1203 -93.04 21.38 136.29
N ASP C 1204 -92.78 20.09 136.49
CA ASP C 1204 -93.34 19.30 137.58
C ASP C 1204 -94.87 19.32 137.55
N ALA C 1205 -95.42 18.79 136.47
CA ALA C 1205 -96.86 18.68 136.29
C ALA C 1205 -97.39 17.28 136.60
N TYR C 1206 -96.54 16.38 137.06
CA TYR C 1206 -96.95 15.02 137.36
C TYR C 1206 -96.44 14.63 138.74
N PRO C 1207 -97.27 13.96 139.55
CA PRO C 1207 -96.82 13.56 140.89
C PRO C 1207 -95.66 12.58 140.87
N TYR C 1208 -95.48 11.85 139.78
CA TYR C 1208 -94.44 10.85 139.64
C TYR C 1208 -93.83 10.97 138.25
N PRO C 1209 -92.59 10.52 138.08
CA PRO C 1209 -91.98 10.56 136.74
C PRO C 1209 -92.78 9.74 135.75
N VAL C 1210 -92.84 10.22 134.52
CA VAL C 1210 -93.71 9.65 133.49
C VAL C 1210 -92.96 9.63 132.17
N GLY C 1211 -93.20 8.60 131.37
CA GLY C 1211 -92.63 8.54 130.03
C GLY C 1211 -93.37 9.45 129.07
N GLN C 1212 -92.64 10.38 128.46
CA GLN C 1212 -93.21 11.35 127.54
C GLN C 1212 -92.35 11.43 126.29
N CYS C 1213 -92.75 12.29 125.37
CA CYS C 1213 -92.10 12.45 124.07
C CYS C 1213 -91.44 13.81 123.98
N ARG C 1214 -90.23 13.83 123.42
CA ARG C 1214 -89.45 15.05 123.24
C ARG C 1214 -88.98 15.15 121.80
N LYS C 1215 -89.06 16.35 121.24
CA LYS C 1215 -88.65 16.55 119.86
C LYS C 1215 -87.15 16.34 119.72
N CYS C 1216 -86.76 15.57 118.71
CA CYS C 1216 -85.35 15.38 118.45
C CYS C 1216 -84.71 16.71 118.07
N PRO C 1217 -83.51 17.02 118.54
CA PRO C 1217 -82.87 18.29 118.18
C PRO C 1217 -82.57 18.39 116.69
N GLY C 1218 -82.06 19.55 116.26
CA GLY C 1218 -81.96 19.83 114.84
C GLY C 1218 -81.05 18.87 114.11
N GLY C 1219 -79.90 18.55 114.68
CA GLY C 1219 -78.89 17.78 113.96
C GLY C 1219 -79.28 16.34 113.68
N THR C 1220 -80.26 15.81 114.38
CA THR C 1220 -80.61 14.40 114.31
C THR C 1220 -81.97 14.21 113.66
N ALA C 1221 -82.35 12.94 113.52
CA ALA C 1221 -83.64 12.54 112.97
C ALA C 1221 -83.86 11.09 113.34
N THR C 1222 -85.11 10.74 113.64
CA THR C 1222 -85.46 9.40 114.08
C THR C 1222 -86.68 8.90 113.35
N MET C 1223 -86.82 7.59 113.32
CA MET C 1223 -88.01 6.94 112.75
C MET C 1223 -88.69 5.99 113.73
N ASP C 1224 -87.91 5.27 114.54
CA ASP C 1224 -88.52 4.38 115.52
C ASP C 1224 -89.11 5.16 116.69
N GLY C 1225 -88.39 6.18 117.17
CA GLY C 1225 -88.86 6.99 118.26
C GLY C 1225 -88.23 6.70 119.61
N TYR C 1226 -87.24 5.82 119.68
CA TYR C 1226 -86.58 5.49 120.93
C TYR C 1226 -85.17 6.04 121.04
N ARG C 1227 -84.69 6.76 120.02
CA ARG C 1227 -83.34 7.31 120.03
C ARG C 1227 -83.23 8.36 118.96
N CYS C 1228 -82.63 9.51 119.31
CA CYS C 1228 -82.36 10.55 118.33
C CYS C 1228 -81.10 10.17 117.57
N ILE C 1229 -81.27 9.45 116.47
CA ILE C 1229 -80.14 9.01 115.66
C ILE C 1229 -79.52 10.22 114.98
N PRO C 1230 -78.24 10.51 115.23
CA PRO C 1230 -77.60 11.62 114.53
C PRO C 1230 -77.51 11.35 113.04
N CYS C 1231 -77.62 12.41 112.25
CA CYS C 1231 -77.64 12.26 110.81
C CYS C 1231 -76.28 11.78 110.32
N PRO C 1232 -76.24 10.93 109.29
CA PRO C 1232 -74.94 10.49 108.75
C PRO C 1232 -74.21 11.63 108.09
N SER C 1233 -72.95 11.35 107.74
CA SER C 1233 -72.14 12.33 107.06
C SER C 1233 -72.75 12.68 105.70
N GLY C 1234 -72.63 13.95 105.32
CA GLY C 1234 -73.25 14.40 104.09
C GLY C 1234 -74.75 14.57 104.15
N TYR C 1235 -75.31 14.67 105.35
CA TYR C 1235 -76.74 14.83 105.54
C TYR C 1235 -77.01 15.94 106.56
N TRP C 1236 -78.17 16.57 106.42
CA TRP C 1236 -78.61 17.58 107.36
C TRP C 1236 -80.08 17.39 107.67
N SER C 1237 -80.48 17.77 108.88
CA SER C 1237 -81.87 17.68 109.29
C SER C 1237 -82.26 18.96 110.01
N ASN C 1238 -83.56 19.25 110.01
CA ASN C 1238 -84.10 20.36 110.77
C ASN C 1238 -84.54 19.88 112.14
N GLU C 1239 -85.13 20.78 112.92
CA GLU C 1239 -85.53 20.43 114.28
C GLU C 1239 -86.72 19.47 114.23
N GLY C 1240 -86.56 18.33 114.90
CA GLY C 1240 -87.64 17.36 114.96
C GLY C 1240 -88.00 16.71 113.64
N ALA C 1241 -87.02 16.53 112.75
CA ALA C 1241 -87.27 15.86 111.48
C ALA C 1241 -87.28 14.34 111.67
N ARG C 1242 -88.06 13.67 110.82
CA ARG C 1242 -88.19 12.22 110.90
C ARG C 1242 -87.23 11.49 109.97
N GLU C 1243 -86.42 12.22 109.19
CA GLU C 1243 -85.42 11.61 108.33
C GLU C 1243 -84.47 12.70 107.85
N CYS C 1244 -83.22 12.33 107.66
CA CYS C 1244 -82.22 13.28 107.18
C CYS C 1244 -82.43 13.58 105.69
N THR C 1245 -82.06 14.80 105.30
CA THR C 1245 -82.10 15.22 103.92
C THR C 1245 -80.67 15.48 103.44
N ALA C 1246 -80.32 14.91 102.30
CA ALA C 1246 -78.95 15.01 101.82
C ALA C 1246 -78.65 16.40 101.28
N CYS C 1247 -77.42 16.86 101.52
CA CYS C 1247 -76.98 18.12 100.92
C CYS C 1247 -76.91 17.96 99.41
N PRO C 1248 -77.22 19.01 98.65
CA PRO C 1248 -77.20 18.90 97.19
C PRO C 1248 -75.79 18.71 96.67
N ALA C 1249 -75.69 18.32 95.41
CA ALA C 1249 -74.41 18.12 94.77
C ALA C 1249 -73.64 19.44 94.71
N GLY C 1250 -72.32 19.35 94.91
CA GLY C 1250 -71.50 20.54 95.01
C GLY C 1250 -71.42 21.16 96.38
N THR C 1251 -72.00 20.52 97.40
CA THR C 1251 -71.99 21.04 98.76
C THR C 1251 -71.60 19.92 99.72
N ILE C 1252 -71.05 20.32 100.86
CA ILE C 1252 -70.64 19.39 101.91
C ILE C 1252 -71.34 19.78 103.19
N ALA C 1253 -71.88 18.79 103.90
CA ALA C 1253 -72.52 19.01 105.19
C ALA C 1253 -71.45 19.14 106.26
N LYS C 1254 -71.29 20.34 106.81
CA LYS C 1254 -70.33 20.58 107.87
C LYS C 1254 -71.07 20.66 109.19
N PRO C 1255 -70.93 19.69 110.08
CA PRO C 1255 -71.62 19.77 111.37
C PRO C 1255 -71.06 20.89 112.24
N ALA C 1256 -71.93 21.46 113.05
CA ALA C 1256 -71.56 22.54 113.95
C ALA C 1256 -71.15 21.95 115.29
N ALA C 1257 -69.97 22.34 115.76
CA ALA C 1257 -69.44 21.80 117.02
C ALA C 1257 -70.30 22.28 118.18
N LEU C 1258 -70.87 21.34 118.93
CA LEU C 1258 -71.69 21.66 120.08
C LEU C 1258 -70.81 22.02 121.27
N THR C 1259 -71.46 22.46 122.34
CA THR C 1259 -70.81 22.74 123.61
C THR C 1259 -71.44 21.89 124.70
N ALA C 1260 -70.61 21.16 125.44
CA ALA C 1260 -71.12 20.30 126.49
C ALA C 1260 -71.72 21.11 127.61
N ARG C 1261 -72.68 20.52 128.31
CA ARG C 1261 -73.33 21.18 129.44
C ARG C 1261 -72.31 21.42 130.55
N ALA C 1262 -72.16 22.69 130.94
CA ALA C 1262 -71.20 23.02 132.00
C ALA C 1262 -71.60 22.36 133.31
N LYS C 1263 -72.88 22.39 133.64
CA LYS C 1263 -73.42 21.73 134.81
C LYS C 1263 -74.51 20.75 134.38
N TYR C 1264 -74.84 19.82 135.27
CA TYR C 1264 -75.91 18.87 134.97
C TYR C 1264 -77.30 19.44 135.22
N SER C 1265 -77.40 20.68 135.72
CA SER C 1265 -78.69 21.34 135.84
C SER C 1265 -79.22 21.82 134.51
N ILE C 1266 -78.33 22.27 133.61
CA ILE C 1266 -78.77 22.76 132.32
C ILE C 1266 -79.38 21.63 131.50
N ASP C 1267 -80.47 21.94 130.82
CA ASP C 1267 -81.11 20.96 129.95
C ASP C 1267 -80.16 20.59 128.82
N PRO C 1268 -79.97 19.31 128.52
CA PRO C 1268 -79.03 18.91 127.47
C PRO C 1268 -79.63 19.06 126.09
N THR C 1269 -78.74 19.16 125.10
CA THR C 1269 -79.13 19.18 123.71
C THR C 1269 -79.23 17.77 123.13
N THR C 1270 -78.23 16.94 123.39
CA THR C 1270 -78.23 15.55 122.94
C THR C 1270 -77.40 14.74 123.93
N TYR C 1271 -77.01 13.54 123.53
CA TYR C 1271 -76.26 12.66 124.40
C TYR C 1271 -74.83 13.19 124.60
N HIS C 1272 -74.15 12.63 125.59
CA HIS C 1272 -72.82 13.12 125.95
C HIS C 1272 -71.79 12.82 124.87
N PHE C 1273 -71.91 11.68 124.19
CA PHE C 1273 -70.91 11.28 123.21
C PHE C 1273 -71.06 11.99 121.87
N VAL C 1274 -72.12 12.78 121.69
CA VAL C 1274 -72.32 13.53 120.47
C VAL C 1274 -71.70 14.92 120.63
N THR C 1275 -70.82 15.27 119.70
CA THR C 1275 -70.14 16.57 119.74
C THR C 1275 -70.46 17.46 118.55
N HIS C 1276 -70.80 16.89 117.40
CA HIS C 1276 -71.12 17.67 116.21
C HIS C 1276 -72.40 17.15 115.58
N LEU C 1277 -73.17 18.06 114.99
CA LEU C 1277 -74.35 17.69 114.24
C LEU C 1277 -74.74 18.84 113.31
N ALA C 1278 -75.39 18.51 112.21
CA ALA C 1278 -75.82 19.49 111.22
C ALA C 1278 -77.16 20.07 111.66
N MET C 1279 -77.12 21.22 112.35
CA MET C 1279 -78.32 21.76 112.97
C MET C 1279 -79.37 22.15 111.94
N GLY C 1280 -78.96 22.75 110.82
CA GLY C 1280 -79.90 23.24 109.85
C GLY C 1280 -79.41 23.17 108.42
N PRO C 1281 -80.22 23.66 107.49
CA PRO C 1281 -79.80 23.64 106.07
C PRO C 1281 -78.57 24.47 105.78
N GLU C 1282 -78.21 25.41 106.65
CA GLU C 1282 -76.99 26.19 106.47
C GLU C 1282 -75.74 25.34 106.58
N SER C 1283 -75.85 24.11 107.10
CA SER C 1283 -74.68 23.23 107.18
C SER C 1283 -74.13 22.89 105.81
N CYS C 1284 -74.99 22.78 104.80
CA CYS C 1284 -74.52 22.55 103.43
C CYS C 1284 -73.66 23.72 102.99
N LYS C 1285 -72.35 23.51 102.85
CA LYS C 1285 -71.43 24.55 102.45
C LYS C 1285 -70.72 24.13 101.17
N LYS C 1286 -70.56 25.09 100.25
CA LYS C 1286 -70.05 24.79 98.92
C LYS C 1286 -68.57 24.44 98.97
N CYS C 1287 -68.17 23.52 98.10
CA CYS C 1287 -66.77 23.19 97.96
C CYS C 1287 -66.01 24.40 97.41
N PRO C 1288 -64.80 24.65 97.87
CA PRO C 1288 -64.06 25.82 97.40
C PRO C 1288 -63.62 25.65 95.95
N LYS C 1289 -63.13 26.75 95.38
CA LYS C 1289 -62.61 26.72 94.03
C LYS C 1289 -61.40 25.78 93.97
N GLY C 1290 -61.36 24.98 92.91
CA GLY C 1290 -60.35 23.95 92.76
C GLY C 1290 -60.80 22.56 93.15
N TYR C 1291 -61.91 22.46 93.87
CA TYR C 1291 -62.50 21.18 94.23
C TYR C 1291 -63.80 20.97 93.46
N PHE C 1292 -64.39 19.80 93.65
CA PHE C 1292 -65.67 19.49 93.00
C PHE C 1292 -66.33 18.35 93.76
N GLN C 1293 -67.62 18.50 94.05
CA GLN C 1293 -68.40 17.47 94.72
C GLN C 1293 -69.41 16.90 93.74
N PRO C 1294 -69.20 15.69 93.22
CA PRO C 1294 -69.98 15.25 92.04
C PRO C 1294 -71.38 14.74 92.34
N ASN C 1295 -71.58 14.04 93.45
CA ASN C 1295 -72.81 13.30 93.67
C ASN C 1295 -73.55 13.83 94.89
N ILE C 1296 -74.84 13.47 94.97
CA ILE C 1296 -75.67 13.87 96.10
C ILE C 1296 -75.17 13.22 97.37
N ALA C 1297 -75.49 13.83 98.51
CA ALA C 1297 -75.05 13.38 99.83
C ALA C 1297 -73.53 13.29 99.89
N GLY C 1298 -72.87 14.27 99.29
CA GLY C 1298 -71.41 14.28 99.28
C GLY C 1298 -70.85 14.43 100.68
N THR C 1299 -69.70 13.80 100.90
CA THR C 1299 -69.04 13.79 102.20
C THR C 1299 -67.76 14.61 102.23
N VAL C 1300 -66.97 14.57 101.17
CA VAL C 1300 -65.70 15.27 101.12
C VAL C 1300 -65.63 16.08 99.83
N CYS C 1301 -64.82 17.13 99.85
CA CYS C 1301 -64.57 17.96 98.68
C CYS C 1301 -63.44 17.30 97.89
N LEU C 1302 -63.79 16.65 96.80
CA LEU C 1302 -62.78 15.96 96.00
C LEU C 1302 -61.93 16.98 95.26
N PRO C 1303 -60.60 16.93 95.39
CA PRO C 1303 -59.75 17.79 94.56
C PRO C 1303 -59.94 17.48 93.08
N CYS C 1304 -59.95 18.54 92.28
CA CYS C 1304 -60.16 18.36 90.85
C CYS C 1304 -58.92 17.75 90.22
N PRO C 1305 -59.09 16.85 89.24
CA PRO C 1305 -57.93 16.20 88.64
C PRO C 1305 -57.03 17.19 87.92
N SER C 1306 -55.75 16.87 87.86
CA SER C 1306 -54.77 17.73 87.20
C SER C 1306 -55.13 17.92 85.74
N GLY C 1307 -55.07 19.17 85.27
CA GLY C 1307 -55.45 19.52 83.92
C GLY C 1307 -56.84 20.09 83.80
N PHE C 1308 -57.64 20.05 84.86
CA PHE C 1308 -58.99 20.59 84.86
C PHE C 1308 -59.09 21.66 85.94
N VAL C 1309 -60.00 22.62 85.72
CA VAL C 1309 -60.24 23.68 86.70
C VAL C 1309 -61.73 23.75 86.99
N SER C 1310 -62.06 24.20 88.20
CA SER C 1310 -63.43 24.18 88.68
C SER C 1310 -63.82 25.53 89.24
N THR C 1311 -65.13 25.79 89.24
CA THR C 1311 -65.70 26.98 89.85
C THR C 1311 -66.02 26.67 91.32
N SER C 1312 -66.76 27.57 91.97
CA SER C 1312 -67.12 27.39 93.37
C SER C 1312 -68.30 26.44 93.48
N GLY C 1313 -68.09 25.33 94.19
CA GLY C 1313 -69.17 24.38 94.42
C GLY C 1313 -69.71 23.75 93.16
N ALA C 1314 -68.85 23.42 92.21
CA ALA C 1314 -69.26 22.83 90.94
C ALA C 1314 -69.26 21.31 91.03
N THR C 1315 -70.11 20.69 90.22
CA THR C 1315 -70.20 19.24 90.11
C THR C 1315 -69.44 18.83 88.86
N GLY C 1316 -68.15 18.56 89.03
CA GLY C 1316 -67.29 18.28 87.89
C GLY C 1316 -66.56 19.51 87.40
N CYS C 1317 -65.33 19.34 86.94
CA CYS C 1317 -64.51 20.46 86.50
C CYS C 1317 -64.10 20.28 85.05
N THR C 1318 -64.00 21.41 84.34
CA THR C 1318 -63.66 21.41 82.93
C THR C 1318 -62.14 21.53 82.75
N ALA C 1319 -61.65 20.87 81.70
CA ALA C 1319 -60.22 20.90 81.41
C ALA C 1319 -59.79 22.25 80.87
N CYS C 1320 -58.50 22.54 81.04
CA CYS C 1320 -57.93 23.74 80.45
C CYS C 1320 -57.91 23.62 78.92
N SER C 1321 -57.80 24.76 78.25
CA SER C 1321 -57.84 24.77 76.80
C SER C 1321 -56.58 24.13 76.23
N GLU C 1322 -56.53 24.04 74.89
CA GLU C 1322 -55.38 23.44 74.23
C GLU C 1322 -54.11 24.23 74.53
N GLY C 1323 -54.17 25.54 74.41
CA GLY C 1323 -53.00 26.38 74.60
C GLY C 1323 -52.66 26.71 76.03
N THR C 1324 -53.42 26.19 76.99
CA THR C 1324 -53.22 26.53 78.40
C THR C 1324 -52.96 25.27 79.20
N TYR C 1325 -52.32 25.47 80.36
CA TYR C 1325 -52.03 24.39 81.29
C TYR C 1325 -52.45 24.81 82.69
N HIS C 1326 -52.73 23.82 83.53
CA HIS C 1326 -53.29 24.05 84.85
C HIS C 1326 -52.16 24.36 85.84
N THR C 1327 -52.28 25.51 86.51
CA THR C 1327 -51.27 25.95 87.48
C THR C 1327 -51.88 27.09 88.29
N ASP C 1328 -51.06 27.73 89.11
CA ASP C 1328 -51.50 28.88 89.89
C ASP C 1328 -51.62 30.12 89.00
N GLY C 1329 -52.55 31.00 89.37
CA GLY C 1329 -52.81 32.18 88.58
C GLY C 1329 -52.70 33.48 89.36
N VAL C 1330 -51.67 33.57 90.20
CA VAL C 1330 -51.50 34.77 91.04
C VAL C 1330 -51.30 36.01 90.17
N GLY C 1331 -50.45 35.90 89.14
CA GLY C 1331 -50.14 37.03 88.30
C GLY C 1331 -51.14 37.35 87.22
N THR C 1332 -52.06 36.43 86.92
CA THR C 1332 -53.00 36.65 85.83
C THR C 1332 -54.06 37.67 86.22
N THR C 1333 -54.83 38.11 85.22
CA THR C 1333 -55.82 39.16 85.44
C THR C 1333 -56.95 38.68 86.35
N THR C 1334 -57.42 37.45 86.17
CA THR C 1334 -58.56 36.90 86.91
C THR C 1334 -58.14 35.59 87.55
N PRO C 1335 -57.49 35.65 88.72
CA PRO C 1335 -57.11 34.42 89.41
C PRO C 1335 -58.32 33.59 89.78
N GLY C 1336 -58.18 32.27 89.67
CA GLY C 1336 -59.22 31.34 90.05
C GLY C 1336 -59.05 30.70 91.40
N GLU C 1337 -57.97 31.00 92.11
CA GLU C 1337 -57.72 30.37 93.40
C GLU C 1337 -58.80 30.75 94.41
N ALA C 1338 -59.19 29.78 95.23
CA ALA C 1338 -60.17 30.03 96.27
C ALA C 1338 -59.58 30.94 97.34
N THR C 1339 -60.39 31.86 97.84
CA THR C 1339 -59.93 32.82 98.82
C THR C 1339 -59.74 32.16 100.18
N SER C 1340 -59.19 32.93 101.12
CA SER C 1340 -59.08 32.46 102.50
C SER C 1340 -60.45 32.28 103.14
N LEU C 1341 -61.43 33.09 102.75
CA LEU C 1341 -62.73 33.06 103.41
C LEU C 1341 -63.43 31.73 103.22
N ASP C 1342 -63.40 31.18 102.00
CA ASP C 1342 -64.11 29.96 101.70
C ASP C 1342 -63.25 28.71 101.84
N THR C 1343 -62.04 28.83 102.36
CA THR C 1343 -61.18 27.67 102.57
C THR C 1343 -60.86 27.43 104.03
N THR C 1344 -60.34 28.43 104.74
CA THR C 1344 -59.90 28.24 106.11
C THR C 1344 -60.86 28.85 107.14
N ASP C 1345 -62.03 29.32 106.70
CA ASP C 1345 -63.05 29.79 107.62
C ASP C 1345 -64.30 28.93 107.59
N THR C 1346 -64.86 28.68 106.41
CA THR C 1346 -66.00 27.76 106.31
C THR C 1346 -65.60 26.36 106.75
N PHE C 1347 -64.44 25.90 106.31
CA PHE C 1347 -63.83 24.67 106.79
C PHE C 1347 -62.62 25.00 107.65
N GLY C 1348 -62.05 23.97 108.26
CA GLY C 1348 -60.83 24.15 109.03
C GLY C 1348 -59.61 24.16 108.14
N SER C 1349 -58.57 23.44 108.56
CA SER C 1349 -57.39 23.25 107.73
C SER C 1349 -57.52 22.05 106.80
N ILE C 1350 -58.70 21.44 106.74
CA ILE C 1350 -58.90 20.24 105.94
C ILE C 1350 -58.69 20.54 104.46
N TYR C 1351 -59.25 21.65 103.98
CA TYR C 1351 -59.23 21.99 102.56
C TYR C 1351 -58.42 23.25 102.33
N PRO C 1352 -57.17 23.14 101.90
CA PRO C 1352 -56.35 24.33 101.65
C PRO C 1352 -56.62 24.88 100.26
N ILE C 1353 -55.87 25.91 99.91
CA ILE C 1353 -56.00 26.56 98.61
C ILE C 1353 -55.31 25.71 97.55
N ILE C 1354 -56.02 25.41 96.47
CA ILE C 1354 -55.54 24.56 95.41
C ILE C 1354 -55.48 25.40 94.13
N PRO C 1355 -54.38 25.37 93.38
CA PRO C 1355 -54.33 26.14 92.12
C PRO C 1355 -55.28 25.56 91.09
N ASN C 1356 -56.15 26.41 90.55
CA ASN C 1356 -57.12 26.00 89.54
C ASN C 1356 -57.22 27.05 88.44
N THR C 1357 -56.08 27.52 87.96
CA THR C 1357 -56.02 28.50 86.89
C THR C 1357 -55.41 27.87 85.64
N CYS C 1358 -55.81 28.39 84.48
CA CYS C 1358 -55.22 28.00 83.21
C CYS C 1358 -54.31 29.13 82.72
N ARG C 1359 -53.05 28.80 82.45
CA ARG C 1359 -52.07 29.75 81.97
C ARG C 1359 -51.66 29.41 80.55
N GLN C 1360 -51.56 30.42 79.70
CA GLN C 1360 -51.13 30.19 78.32
C GLN C 1360 -49.66 29.82 78.28
N CYS C 1361 -49.32 28.92 77.35
CA CYS C 1361 -47.93 28.57 77.14
C CYS C 1361 -47.18 29.77 76.59
N PRO C 1362 -45.90 29.95 76.98
CA PRO C 1362 -45.16 31.13 76.53
C PRO C 1362 -44.84 31.10 75.03
N ALA C 1363 -44.19 32.15 74.54
CA ALA C 1363 -43.90 32.26 73.12
C ALA C 1363 -42.94 31.15 72.68
N ASN C 1364 -43.05 30.78 71.40
CA ASN C 1364 -42.23 29.75 70.78
C ASN C 1364 -42.43 28.38 71.42
N THR C 1365 -43.54 28.19 72.14
CA THR C 1365 -43.91 26.91 72.72
C THR C 1365 -45.38 26.64 72.45
N TYR C 1366 -45.72 25.37 72.30
CA TYR C 1366 -47.07 24.97 71.96
C TYR C 1366 -47.48 23.77 72.80
N LEU C 1367 -48.79 23.61 72.97
CA LEU C 1367 -49.36 22.49 73.71
C LEU C 1367 -50.53 21.92 72.93
N PRO C 1368 -50.37 20.75 72.32
CA PRO C 1368 -51.47 20.17 71.54
C PRO C 1368 -52.53 19.49 72.40
N LEU C 1369 -52.11 18.90 73.51
CA LEU C 1369 -53.03 18.14 74.35
C LEU C 1369 -53.99 19.08 75.08
N ARG C 1370 -55.12 18.51 75.50
CA ARG C 1370 -56.19 19.32 76.07
C ARG C 1370 -55.92 19.63 77.54
N GLY C 1371 -55.85 18.59 78.38
CA GLY C 1371 -55.67 18.81 79.80
C GLY C 1371 -54.26 18.57 80.29
N GLN C 1372 -53.56 19.64 80.66
CA GLN C 1372 -52.20 19.55 81.15
C GLN C 1372 -52.04 20.43 82.38
N ALA C 1373 -51.10 20.07 83.23
CA ALA C 1373 -50.85 20.80 84.46
C ALA C 1373 -49.35 20.90 84.70
N ALA C 1374 -48.92 22.05 85.19
CA ALA C 1374 -47.51 22.23 85.55
C ALA C 1374 -47.14 21.25 86.67
N ILE C 1375 -46.20 20.37 86.38
CA ILE C 1375 -45.87 19.29 87.30
C ILE C 1375 -45.16 19.86 88.52
N ALA C 1376 -45.86 19.94 89.63
CA ALA C 1376 -45.26 20.42 90.87
C ALA C 1376 -44.26 19.38 91.38
N SER C 1377 -43.35 19.85 92.23
CA SER C 1377 -42.30 18.99 92.75
C SER C 1377 -41.85 19.52 94.10
N MET C 1378 -42.01 18.71 95.15
CA MET C 1378 -41.42 19.05 96.43
C MET C 1378 -39.91 18.92 96.36
N ASN C 1379 -39.23 19.34 97.43
CA ASN C 1379 -37.78 19.43 97.45
C ASN C 1379 -37.28 20.25 96.27
N LEU C 1380 -37.71 21.52 96.25
CA LEU C 1380 -37.43 22.38 95.12
C LEU C 1380 -35.94 22.60 94.91
N ALA C 1381 -35.14 22.51 95.98
CA ALA C 1381 -33.71 22.70 95.84
C ALA C 1381 -33.10 21.63 94.94
N ALA C 1382 -33.48 20.38 95.12
CA ALA C 1382 -32.94 19.31 94.29
C ALA C 1382 -33.49 19.39 92.87
N VAL C 1383 -34.80 19.52 92.72
CA VAL C 1383 -35.45 19.54 91.42
C VAL C 1383 -36.48 20.65 91.41
N SER C 1384 -36.45 21.48 90.37
CA SER C 1384 -37.40 22.57 90.23
C SER C 1384 -38.65 22.11 89.49
N SER C 1385 -39.74 22.84 89.69
CA SER C 1385 -40.97 22.55 88.98
C SER C 1385 -40.82 22.82 87.49
N ALA C 1386 -41.60 22.11 86.69
CA ALA C 1386 -41.51 22.21 85.24
C ALA C 1386 -42.92 22.33 84.65
N THR C 1387 -42.98 22.91 83.46
CA THR C 1387 -44.22 23.05 82.73
C THR C 1387 -44.25 22.12 81.53
N PRO C 1388 -45.44 21.62 81.15
CA PRO C 1388 -45.53 20.71 80.00
C PRO C 1388 -45.60 21.40 78.65
N CYS C 1389 -45.29 22.69 78.57
CA CYS C 1389 -45.32 23.40 77.30
C CYS C 1389 -44.22 22.86 76.40
N ARG C 1390 -44.61 22.13 75.36
CA ARG C 1390 -43.64 21.55 74.45
C ARG C 1390 -42.90 22.65 73.69
N PRO C 1391 -41.57 22.63 73.66
CA PRO C 1391 -40.85 23.56 72.80
C PRO C 1391 -41.15 23.28 71.35
N CYS C 1392 -41.41 24.34 70.58
CA CYS C 1392 -41.79 24.18 69.20
C CYS C 1392 -40.63 23.67 68.37
N GLU C 1393 -40.95 22.91 67.33
CA GLU C 1393 -39.95 22.23 66.53
C GLU C 1393 -39.00 23.23 65.87
N ASP C 1394 -37.83 22.73 65.47
CA ASP C 1394 -36.85 23.56 64.79
C ASP C 1394 -37.40 24.09 63.48
N GLY C 1395 -37.12 25.35 63.19
CA GLY C 1395 -37.59 25.97 61.98
C GLY C 1395 -38.99 26.52 62.03
N THR C 1396 -39.68 26.40 63.15
CA THR C 1396 -41.06 26.86 63.28
C THR C 1396 -41.18 27.78 64.49
N TRP C 1397 -42.15 28.69 64.43
CA TRP C 1397 -42.34 29.70 65.46
C TRP C 1397 -43.80 29.72 65.90
N SER C 1398 -44.01 30.09 67.16
CA SER C 1398 -45.35 30.19 67.71
C SER C 1398 -45.47 31.44 68.57
N LYS C 1399 -46.66 32.03 68.57
CA LYS C 1399 -46.99 33.08 69.51
C LYS C 1399 -47.40 32.47 70.84
N ALA C 1400 -47.55 33.33 71.85
CA ALA C 1400 -47.91 32.86 73.18
C ALA C 1400 -49.28 32.20 73.17
N GLY C 1401 -49.39 31.03 73.79
CA GLY C 1401 -50.65 30.33 73.90
C GLY C 1401 -51.20 29.81 72.60
N ALA C 1402 -50.53 28.82 72.01
CA ALA C 1402 -50.97 28.23 70.76
C ALA C 1402 -50.90 26.71 70.84
N ALA C 1403 -51.72 26.06 70.04
CA ALA C 1403 -51.77 24.60 69.97
C ALA C 1403 -50.87 24.03 68.89
N GLY C 1404 -50.12 24.88 68.19
CA GLY C 1404 -49.25 24.43 67.11
C GLY C 1404 -48.58 25.62 66.45
N CYS C 1405 -47.32 25.46 66.04
CA CYS C 1405 -46.53 26.59 65.55
C CYS C 1405 -46.46 26.57 64.03
N GLN C 1406 -46.56 27.76 63.44
CA GLN C 1406 -46.43 27.92 62.00
C GLN C 1406 -44.96 27.86 61.59
N LYS C 1407 -44.75 27.57 60.31
CA LYS C 1407 -43.39 27.52 59.78
C LYS C 1407 -42.80 28.91 59.66
N CYS C 1408 -41.48 28.99 59.76
CA CYS C 1408 -40.80 30.26 59.58
C CYS C 1408 -40.94 30.73 58.13
N PRO C 1409 -41.15 32.02 57.91
CA PRO C 1409 -41.36 32.52 56.55
C PRO C 1409 -40.08 32.42 55.73
N PRO C 1410 -40.19 32.42 54.41
CA PRO C 1410 -38.99 32.34 53.57
C PRO C 1410 -38.08 33.53 53.79
N GLY C 1411 -36.78 33.29 53.64
CA GLY C 1411 -35.78 34.29 53.97
C GLY C 1411 -35.41 34.35 55.43
N THR C 1412 -35.93 33.45 56.26
CA THR C 1412 -35.63 33.41 57.67
C THR C 1412 -35.42 31.97 58.09
N TYR C 1413 -35.02 31.80 59.35
CA TYR C 1413 -34.76 30.48 59.89
C TYR C 1413 -34.74 30.58 61.41
N ARG C 1414 -35.10 29.48 62.07
CA ARG C 1414 -35.02 29.39 63.53
C ARG C 1414 -34.40 28.06 63.90
N ASN C 1415 -33.27 28.08 64.58
CA ASN C 1415 -32.62 26.88 65.05
C ASN C 1415 -32.39 26.98 66.55
N THR C 1416 -32.48 25.83 67.23
CA THR C 1416 -32.37 25.82 68.68
C THR C 1416 -30.98 26.21 69.15
N TRP C 1417 -29.94 25.90 68.38
CA TRP C 1417 -28.58 26.03 68.87
C TRP C 1417 -27.94 27.36 68.50
N PHE C 1418 -28.16 27.85 67.28
CA PHE C 1418 -27.58 29.10 66.85
C PHE C 1418 -28.64 30.00 66.24
N SER C 1419 -28.43 31.30 66.36
CA SER C 1419 -29.36 32.29 65.84
C SER C 1419 -28.59 33.55 65.46
N GLY C 1420 -29.24 34.40 64.69
CA GLY C 1420 -28.58 35.59 64.20
C GLY C 1420 -27.77 35.32 62.95
N GLN C 1421 -27.02 36.35 62.54
CA GLN C 1421 -26.23 36.29 61.31
C GLN C 1421 -24.83 36.80 61.58
N LEU C 1422 -23.90 36.35 60.73
CA LEU C 1422 -22.52 36.83 60.74
C LEU C 1422 -22.24 37.48 59.39
N GLY C 1423 -21.99 38.79 59.41
CA GLY C 1423 -21.80 39.52 58.18
C GLY C 1423 -20.55 39.11 57.43
N SER C 1424 -20.40 39.68 56.25
CA SER C 1424 -19.27 39.35 55.39
C SER C 1424 -17.98 39.91 55.99
N PRO C 1425 -16.97 39.07 56.24
CA PRO C 1425 -15.70 39.58 56.76
C PRO C 1425 -14.90 40.37 55.73
N PHE C 1426 -15.24 40.28 54.45
CA PHE C 1426 -14.43 40.88 53.39
C PHE C 1426 -14.81 42.32 53.08
N ILE C 1427 -15.77 42.89 53.79
CA ILE C 1427 -16.06 44.32 53.66
C ILE C 1427 -15.56 45.13 54.85
N THR C 1428 -15.33 44.49 56.00
CA THR C 1428 -14.77 45.20 57.14
C THR C 1428 -13.28 45.46 56.93
N ALA C 1429 -12.79 46.49 57.62
CA ALA C 1429 -11.37 46.84 57.49
C ALA C 1429 -10.49 45.84 58.23
N ASP C 1430 -10.88 45.43 59.43
CA ASP C 1430 -10.05 44.53 60.22
C ASP C 1430 -10.12 43.10 59.72
N GLY C 1431 -11.26 42.69 59.15
CA GLY C 1431 -11.44 41.35 58.65
C GLY C 1431 -12.24 40.43 59.55
N VAL C 1432 -12.60 40.87 60.75
CA VAL C 1432 -13.43 40.07 61.65
C VAL C 1432 -14.89 40.27 61.28
N PRO C 1433 -15.61 39.20 60.95
CA PRO C 1433 -17.04 39.36 60.61
C PRO C 1433 -17.83 39.88 61.81
N VAL C 1434 -18.82 40.71 61.50
CA VAL C 1434 -19.65 41.33 62.53
C VAL C 1434 -20.86 40.45 62.78
N ALA C 1435 -21.17 40.23 64.05
CA ALA C 1435 -22.31 39.40 64.43
C ALA C 1435 -23.52 40.29 64.68
N THR C 1436 -24.58 40.07 63.92
CA THR C 1436 -25.80 40.84 64.04
C THR C 1436 -26.94 39.92 64.48
N THR C 1437 -28.09 40.54 64.77
CA THR C 1437 -29.27 39.82 65.23
C THR C 1437 -30.51 40.30 64.49
N LEU C 1438 -30.39 40.54 63.19
CA LEU C 1438 -31.55 40.95 62.40
C LEU C 1438 -32.57 39.82 62.36
N THR C 1439 -33.83 40.17 62.64
CA THR C 1439 -34.89 39.18 62.71
C THR C 1439 -36.12 39.70 61.98
N GLU C 1440 -36.95 38.77 61.55
CA GLU C 1440 -38.25 39.12 60.98
C GLU C 1440 -39.13 39.72 62.07
N LEU C 1441 -40.07 40.59 61.65
CA LEU C 1441 -40.86 41.32 62.62
C LEU C 1441 -42.08 40.50 63.07
N GLY C 1442 -42.86 39.99 62.12
CA GLY C 1442 -44.06 39.26 62.48
C GLY C 1442 -43.77 38.01 63.29
N SER C 1443 -42.77 37.24 62.86
CA SER C 1443 -42.34 36.06 63.58
C SER C 1443 -41.09 36.37 64.40
N GLY C 1444 -40.61 35.34 65.10
CA GLY C 1444 -39.37 35.44 65.85
C GLY C 1444 -38.16 34.88 65.15
N CYS C 1445 -38.31 34.38 63.93
CA CYS C 1445 -37.20 33.75 63.22
C CYS C 1445 -36.14 34.78 62.89
N SER C 1446 -34.88 34.36 62.95
CA SER C 1446 -33.78 35.21 62.57
C SER C 1446 -33.63 35.25 61.05
N GLN C 1447 -33.17 36.38 60.54
CA GLN C 1447 -33.00 36.52 59.10
C GLN C 1447 -31.84 35.66 58.61
N CYS C 1448 -31.92 35.27 57.36
CA CYS C 1448 -30.89 34.44 56.76
C CYS C 1448 -29.58 35.22 56.70
N PRO C 1449 -28.45 34.63 57.10
CA PRO C 1449 -27.19 35.36 57.05
C PRO C 1449 -26.78 35.65 55.62
N PRO C 1450 -26.04 36.73 55.37
CA PRO C 1450 -25.61 37.03 54.00
C PRO C 1450 -24.76 35.91 53.44
N GLY C 1451 -24.93 35.66 52.14
CA GLY C 1451 -24.30 34.53 51.50
C GLY C 1451 -25.15 33.28 51.48
N THR C 1452 -26.30 33.29 52.14
CA THR C 1452 -27.20 32.15 52.19
C THR C 1452 -28.61 32.64 51.90
N TYR C 1453 -29.45 31.71 51.44
CA TYR C 1453 -30.83 32.02 51.10
C TYR C 1453 -31.75 30.96 51.69
N ALA C 1454 -32.99 31.35 51.95
CA ALA C 1454 -34.01 30.48 52.54
C ALA C 1454 -35.22 30.48 51.63
N PRO C 1455 -35.26 29.60 50.64
CA PRO C 1455 -36.34 29.66 49.65
C PRO C 1455 -37.67 29.15 50.17
N THR C 1456 -37.67 28.04 50.89
CA THR C 1456 -38.91 27.38 51.29
C THR C 1456 -39.37 27.90 52.65
N PHE C 1457 -40.37 27.24 53.21
CA PHE C 1457 -40.98 27.66 54.47
C PHE C 1457 -40.41 26.85 55.63
N GLY C 1458 -39.93 27.55 56.65
CA GLY C 1458 -39.56 26.93 57.90
C GLY C 1458 -38.41 25.94 57.87
N MET C 1459 -37.31 26.31 57.21
CA MET C 1459 -36.11 25.50 57.23
C MET C 1459 -35.28 25.85 58.45
N SER C 1460 -34.66 24.82 59.06
CA SER C 1460 -33.91 25.05 60.29
C SER C 1460 -32.58 25.76 60.02
N VAL C 1461 -31.98 25.52 58.85
CA VAL C 1461 -30.69 26.13 58.52
C VAL C 1461 -30.83 26.83 57.17
N CYS C 1462 -29.91 27.77 56.94
CA CYS C 1462 -29.91 28.56 55.72
C CYS C 1462 -29.00 27.91 54.68
N LEU C 1463 -29.54 27.67 53.51
CA LEU C 1463 -28.79 27.02 52.44
C LEU C 1463 -27.72 27.97 51.89
N PRO C 1464 -26.45 27.57 51.88
CA PRO C 1464 -25.43 28.42 51.24
C PRO C 1464 -25.70 28.58 49.76
N CYS C 1465 -25.50 29.79 49.27
CA CYS C 1465 -25.73 30.07 47.86
C CYS C 1465 -24.76 29.27 47.00
N PRO C 1466 -25.21 28.63 45.94
CA PRO C 1466 -24.31 27.77 45.16
C PRO C 1466 -23.23 28.57 44.45
N ALA C 1467 -22.15 27.88 44.12
CA ALA C 1467 -21.05 28.50 43.39
C ALA C 1467 -21.54 29.06 42.07
N GLY C 1468 -21.05 30.24 41.72
CA GLY C 1468 -21.50 30.93 40.53
C GLY C 1468 -22.65 31.88 40.74
N THR C 1469 -23.14 32.01 41.98
CA THR C 1469 -24.20 32.95 42.33
C THR C 1469 -23.80 33.63 43.63
N PHE C 1470 -24.61 34.58 44.09
CA PHE C 1470 -24.26 35.34 45.28
C PHE C 1470 -25.52 35.88 45.93
N ALA C 1471 -25.37 36.30 47.19
CA ALA C 1471 -26.45 36.91 47.95
C ALA C 1471 -25.82 37.80 49.01
N SER C 1472 -26.00 39.11 48.89
CA SER C 1472 -25.34 40.08 49.75
C SER C 1472 -26.28 40.79 50.71
N ALA C 1473 -27.51 40.29 50.88
CA ALA C 1473 -28.45 40.93 51.78
C ALA C 1473 -29.01 39.91 52.77
N PRO C 1474 -29.16 40.29 54.04
CA PRO C 1474 -29.73 39.36 55.03
C PRO C 1474 -31.18 39.00 54.70
N GLY C 1475 -31.41 37.76 54.30
CA GLY C 1475 -32.75 37.32 53.93
C GLY C 1475 -32.94 37.44 52.44
N ALA C 1476 -32.89 36.32 51.72
CA ALA C 1476 -32.88 36.36 50.27
C ALA C 1476 -34.04 35.63 49.63
N THR C 1477 -34.33 34.40 50.06
CA THR C 1477 -35.31 33.49 49.46
C THR C 1477 -34.83 33.03 48.09
N ALA C 1478 -33.73 33.60 47.61
CA ALA C 1478 -33.11 33.24 46.34
C ALA C 1478 -31.81 34.05 46.20
N CYS C 1479 -30.79 33.47 45.58
CA CYS C 1479 -29.53 34.16 45.40
C CYS C 1479 -29.24 34.30 43.91
N GLN C 1480 -28.88 35.51 43.49
CA GLN C 1480 -28.83 35.87 42.09
C GLN C 1480 -27.50 35.45 41.46
N GLN C 1481 -27.54 35.24 40.15
CA GLN C 1481 -26.35 34.85 39.40
C GLN C 1481 -25.43 36.04 39.19
N CYS C 1482 -24.13 35.77 39.20
CA CYS C 1482 -23.14 36.82 38.97
C CYS C 1482 -23.23 37.32 37.54
N LYS C 1483 -23.10 38.63 37.37
CA LYS C 1483 -23.09 39.21 36.04
C LYS C 1483 -21.85 38.73 35.28
N PRO C 1484 -21.93 38.63 33.95
CA PRO C 1484 -20.77 38.20 33.17
C PRO C 1484 -19.60 39.15 33.38
N GLY C 1485 -18.40 38.58 33.45
CA GLY C 1485 -17.22 39.32 33.83
C GLY C 1485 -16.90 39.28 35.31
N THR C 1486 -17.76 38.65 36.12
CA THR C 1486 -17.54 38.54 37.55
C THR C 1486 -17.78 37.10 37.99
N ASN C 1487 -17.06 36.68 39.01
CA ASN C 1487 -17.13 35.32 39.53
C ASN C 1487 -17.71 35.33 40.95
N SER C 1488 -17.74 34.15 41.57
CA SER C 1488 -18.28 33.99 42.92
C SER C 1488 -17.21 33.72 43.96
N LEU C 1489 -15.93 33.88 43.61
CA LEU C 1489 -14.86 33.67 44.57
C LEU C 1489 -14.91 34.71 45.68
N MET C 1490 -14.43 34.33 46.86
CA MET C 1490 -14.51 35.20 48.02
C MET C 1490 -13.65 36.45 47.81
N GLY C 1491 -14.19 37.59 48.25
CA GLY C 1491 -13.44 38.83 48.26
C GLY C 1491 -13.24 39.43 46.89
N ASP C 1492 -13.17 40.76 46.82
CA ASP C 1492 -12.95 41.43 45.55
C ASP C 1492 -11.56 41.13 45.01
N ARG C 1493 -11.32 41.57 43.77
CA ARG C 1493 -10.07 41.22 43.09
C ARG C 1493 -8.86 41.75 43.83
N THR C 1494 -8.95 42.98 44.34
CA THR C 1494 -7.81 43.57 45.03
C THR C 1494 -7.41 42.75 46.24
N GLN C 1495 -8.38 42.30 47.04
CA GLN C 1495 -8.06 41.52 48.22
C GLN C 1495 -7.49 40.16 47.86
N GLN C 1496 -8.06 39.50 46.85
CA GLN C 1496 -7.60 38.16 46.50
C GLN C 1496 -6.34 38.17 45.64
N MET C 1497 -5.87 39.34 45.22
CA MET C 1497 -4.58 39.45 44.56
C MET C 1497 -3.49 40.04 45.44
N ALA C 1498 -3.85 40.65 46.56
CA ALA C 1498 -2.87 41.27 47.43
C ALA C 1498 -2.09 40.22 48.22
N LEU C 1499 -0.86 40.58 48.57
CA LEU C 1499 0.00 39.72 49.39
C LEU C 1499 0.39 40.32 50.72
N VAL C 1500 0.35 41.65 50.87
CA VAL C 1500 0.72 42.31 52.12
C VAL C 1500 -0.42 42.17 53.11
N VAL C 1501 -0.14 42.45 54.38
CA VAL C 1501 -1.12 42.32 55.45
C VAL C 1501 -1.30 43.68 56.13
N THR C 1502 -2.55 44.03 56.42
CA THR C 1502 -2.86 45.22 57.18
C THR C 1502 -3.20 44.93 58.63
N ASN C 1503 -3.70 43.73 58.92
CA ASN C 1503 -3.94 43.27 60.28
C ASN C 1503 -2.96 42.14 60.56
N ALA C 1504 -2.01 42.37 61.47
CA ALA C 1504 -0.98 41.39 61.74
C ALA C 1504 -1.57 40.10 62.31
N ALA C 1505 -2.55 40.23 63.21
CA ALA C 1505 -3.10 39.03 63.85
C ALA C 1505 -3.98 38.23 62.90
N ASN C 1506 -4.59 38.88 61.91
CA ASN C 1506 -5.56 38.23 61.03
C ASN C 1506 -5.04 37.96 59.63
N ASP C 1507 -4.11 38.78 59.12
CA ASP C 1507 -3.68 38.71 57.73
C ASP C 1507 -4.88 38.82 56.79
N PHE C 1508 -5.79 39.73 57.11
CA PHE C 1508 -7.07 39.81 56.39
C PHE C 1508 -6.91 40.13 54.91
N PRO C 1509 -6.22 41.20 54.51
CA PRO C 1509 -6.19 41.54 53.07
C PRO C 1509 -5.35 40.60 52.24
N ALA C 1510 -4.51 39.77 52.86
CA ALA C 1510 -3.64 38.86 52.11
C ALA C 1510 -4.37 37.55 51.87
N LEU C 1511 -5.09 37.50 50.75
CA LEU C 1511 -5.72 36.28 50.28
C LEU C 1511 -4.92 35.84 49.05
N ARG C 1512 -3.86 35.06 49.28
CA ARG C 1512 -2.98 34.65 48.19
C ARG C 1512 -3.66 33.56 47.36
N ALA C 1513 -4.71 33.98 46.65
CA ALA C 1513 -5.48 33.06 45.85
C ALA C 1513 -5.11 33.05 44.38
N TYR C 1514 -4.50 34.12 43.88
CA TYR C 1514 -4.11 34.22 42.48
C TYR C 1514 -2.61 34.05 42.38
N THR C 1515 -2.17 33.00 41.69
CA THR C 1515 -0.76 32.78 41.42
C THR C 1515 -0.58 32.43 39.95
N ILE C 1516 0.42 33.03 39.32
CA ILE C 1516 0.69 32.84 37.91
C ILE C 1516 2.19 32.65 37.72
N SER C 1517 2.56 31.68 36.88
CA SER C 1517 3.96 31.36 36.64
C SER C 1517 4.47 32.14 35.44
N GLY C 1518 5.61 32.80 35.60
CA GLY C 1518 6.18 33.58 34.53
C GLY C 1518 7.50 34.18 34.96
N MET C 1519 8.07 34.98 34.07
CA MET C 1519 9.34 35.64 34.38
C MET C 1519 9.14 36.69 35.47
N VAL C 1520 10.16 36.85 36.31
CA VAL C 1520 10.10 37.77 37.43
C VAL C 1520 11.23 38.78 37.31
N ALA C 1521 11.39 39.65 38.30
CA ALA C 1521 12.48 40.60 38.30
C ALA C 1521 13.81 39.87 38.20
N GLY C 1522 14.69 40.38 37.34
CA GLY C 1522 15.92 39.70 37.02
C GLY C 1522 15.69 38.64 35.96
N PRO C 1523 16.76 37.98 35.52
CA PRO C 1523 16.62 36.94 34.48
C PRO C 1523 15.94 35.68 34.97
N ALA C 1524 15.67 35.55 36.27
CA ALA C 1524 15.12 34.31 36.81
C ALA C 1524 13.71 34.08 36.32
N TYR C 1525 13.34 32.80 36.24
CA TYR C 1525 12.00 32.37 35.87
C TYR C 1525 11.37 31.66 37.06
N ALA C 1526 10.20 32.12 37.47
CA ALA C 1526 9.53 31.59 38.65
C ALA C 1526 8.28 30.81 38.25
N LYS C 1527 8.06 29.68 38.91
CA LYS C 1527 6.89 28.84 38.66
C LYS C 1527 6.55 28.11 39.95
N PRO C 1528 5.50 28.54 40.67
CA PRO C 1528 4.69 29.74 40.42
C PRO C 1528 5.19 30.94 41.21
N ILE C 1529 4.68 32.13 40.94
CA ILE C 1529 5.16 33.32 41.63
C ILE C 1529 4.76 33.29 43.10
N VAL C 1530 3.50 33.00 43.38
CA VAL C 1530 2.99 32.96 44.74
C VAL C 1530 2.88 31.49 45.15
N THR C 1531 3.84 31.03 45.94
CA THR C 1531 3.87 29.65 46.40
C THR C 1531 3.08 29.55 47.69
N GLY C 1532 3.19 28.40 48.36
CA GLY C 1532 2.53 28.19 49.62
C GLY C 1532 1.18 27.53 49.47
N PRO C 1533 0.69 26.89 50.53
CA PRO C 1533 -0.63 26.26 50.49
C PRO C 1533 -1.72 27.31 50.35
N ASP C 1534 -2.47 27.22 49.25
CA ASP C 1534 -3.55 28.15 48.99
C ASP C 1534 -4.77 27.76 49.82
N THR C 1535 -5.21 28.67 50.68
CA THR C 1535 -6.27 28.38 51.65
C THR C 1535 -7.59 29.05 51.31
N ASN C 1536 -7.58 30.29 50.87
CA ASN C 1536 -8.81 31.03 50.59
C ASN C 1536 -9.24 30.71 49.16
N PHE C 1537 -10.10 29.69 49.01
CA PHE C 1537 -10.49 29.20 47.71
C PHE C 1537 -11.99 28.96 47.57
N PHE C 1538 -12.78 29.17 48.62
CA PHE C 1538 -14.18 28.80 48.58
C PHE C 1538 -14.92 29.60 47.52
N MET C 1539 -15.69 28.90 46.70
CA MET C 1539 -16.50 29.53 45.66
C MET C 1539 -17.99 29.51 45.97
N ALA C 1540 -18.42 28.72 46.96
CA ALA C 1540 -19.85 28.61 47.23
C ALA C 1540 -20.37 29.81 48.01
N GLY C 1541 -19.85 30.03 49.21
CA GLY C 1541 -20.36 31.10 50.04
C GLY C 1541 -19.86 32.47 49.61
N LYS C 1542 -20.75 33.24 48.97
CA LYS C 1542 -20.43 34.59 48.53
C LYS C 1542 -21.47 35.53 49.14
N SER C 1543 -21.01 36.46 49.96
CA SER C 1543 -21.89 37.35 50.71
C SER C 1543 -21.63 38.82 50.43
N GLU C 1544 -20.85 39.14 49.40
CA GLU C 1544 -20.62 40.53 49.03
C GLU C 1544 -20.80 40.71 47.53
N THR C 1545 -20.46 41.88 47.01
CA THR C 1545 -20.52 42.10 45.57
C THR C 1545 -19.55 41.17 44.86
N CYS C 1546 -19.97 40.64 43.72
CA CYS C 1546 -19.18 39.64 43.01
C CYS C 1546 -17.86 40.23 42.55
N SER C 1547 -16.78 39.49 42.76
CA SER C 1547 -15.46 39.96 42.42
C SER C 1547 -15.24 39.93 40.91
N THR C 1548 -14.45 40.88 40.42
CA THR C 1548 -14.06 40.88 39.02
C THR C 1548 -13.16 39.68 38.74
N ASN C 1549 -13.25 39.17 37.51
CA ASN C 1549 -12.47 37.99 37.14
C ASN C 1549 -10.98 38.29 37.23
N LEU C 1550 -10.21 37.30 37.68
CA LEU C 1550 -8.77 37.44 37.72
C LEU C 1550 -8.20 37.50 36.30
N PRO C 1551 -7.04 38.11 36.13
CA PRO C 1551 -6.44 38.18 34.79
C PRO C 1551 -6.23 36.78 34.22
N GLY C 1552 -6.53 36.64 32.93
CA GLY C 1552 -6.44 35.37 32.26
C GLY C 1552 -7.71 34.54 32.29
N TYR C 1553 -8.73 34.97 33.01
CA TYR C 1553 -9.96 34.21 33.14
C TYR C 1553 -11.15 35.07 32.70
N TYR C 1554 -12.25 34.40 32.37
CA TYR C 1554 -13.42 35.09 31.83
C TYR C 1554 -14.68 34.33 32.20
N THR C 1555 -15.80 35.05 32.16
CA THR C 1555 -17.13 34.48 32.39
C THR C 1555 -18.06 35.09 31.34
N ASP C 1556 -18.19 34.41 30.20
CA ASP C 1556 -18.96 34.97 29.09
C ASP C 1556 -20.42 35.11 29.43
N VAL C 1557 -21.00 34.12 30.10
CA VAL C 1557 -22.42 34.13 30.44
C VAL C 1557 -22.57 34.22 31.95
N ASP C 1558 -23.69 34.80 32.38
CA ASP C 1558 -23.92 34.99 33.80
C ASP C 1558 -24.22 33.65 34.48
N GLY C 1559 -23.79 33.53 35.73
CA GLY C 1559 -24.05 32.34 36.51
C GLY C 1559 -23.06 31.21 36.34
N LEU C 1560 -21.91 31.47 35.75
CA LEU C 1560 -20.92 30.41 35.57
C LEU C 1560 -20.33 30.02 36.93
N PRO C 1561 -20.27 28.74 37.25
CA PRO C 1561 -19.78 28.35 38.59
C PRO C 1561 -18.35 28.78 38.86
N ILE C 1562 -17.48 28.75 37.85
CA ILE C 1562 -16.08 29.12 37.99
C ILE C 1562 -15.66 29.90 36.77
N GLN C 1563 -14.62 30.72 36.92
CA GLN C 1563 -14.11 31.48 35.79
C GLN C 1563 -13.32 30.55 34.88
N LEU C 1564 -13.71 30.48 33.62
CA LEU C 1564 -13.01 29.61 32.70
C LEU C 1564 -11.69 30.25 32.25
N PRO C 1565 -10.67 29.44 32.03
CA PRO C 1565 -9.39 29.98 31.57
C PRO C 1565 -9.40 30.27 30.08
N CYS C 1566 -8.58 31.25 29.69
CA CYS C 1566 -8.45 31.59 28.29
C CYS C 1566 -7.68 30.50 27.55
N LYS C 1567 -8.18 30.13 26.38
CA LYS C 1567 -7.56 29.08 25.58
C LYS C 1567 -6.20 29.54 25.07
N PRO C 1568 -5.30 28.60 24.76
CA PRO C 1568 -4.00 28.98 24.19
C PRO C 1568 -4.17 29.79 22.91
N GLY C 1569 -3.33 30.80 22.76
CA GLY C 1569 -3.43 31.74 21.67
C GLY C 1569 -4.15 33.03 22.02
N THR C 1570 -4.89 33.04 23.12
CA THR C 1570 -5.60 34.21 23.59
C THR C 1570 -5.08 34.61 24.96
N PHE C 1571 -5.51 35.78 25.43
CA PHE C 1571 -5.11 36.26 26.74
C PHE C 1571 -6.14 37.25 27.25
N MET C 1572 -6.15 37.42 28.57
CA MET C 1572 -7.06 38.36 29.24
C MET C 1572 -6.25 39.22 30.19
N PRO C 1573 -5.91 40.44 29.79
CA PRO C 1573 -5.09 41.29 30.65
C PRO C 1573 -5.86 41.79 31.87
N PHE C 1574 -5.11 42.27 32.85
CA PHE C 1574 -5.72 42.78 34.07
C PHE C 1574 -6.64 43.96 33.79
N ASP C 1575 -6.20 44.88 32.93
CA ASP C 1575 -6.98 46.06 32.62
C ASP C 1575 -6.50 46.62 31.28
N THR C 1576 -7.33 47.47 30.69
CA THR C 1576 -6.95 48.11 29.43
C THR C 1576 -5.73 49.00 29.62
N ALA C 1577 -5.66 49.71 30.74
CA ALA C 1577 -4.52 50.59 30.99
C ALA C 1577 -3.21 49.82 31.08
N THR C 1578 -3.24 48.66 31.72
CA THR C 1578 -2.05 47.84 31.87
C THR C 1578 -1.90 46.78 30.79
N ALA C 1579 -2.78 46.77 29.80
CA ALA C 1579 -2.65 45.85 28.67
C ALA C 1579 -1.48 46.28 27.81
N ASN C 1580 -0.43 45.47 27.76
CA ASN C 1580 0.80 45.88 27.09
C ASN C 1580 0.64 45.88 25.58
N LEU C 1581 0.00 44.86 25.02
CA LEU C 1581 -0.16 44.73 23.57
C LEU C 1581 -1.65 44.58 23.26
N LEU C 1582 -2.33 45.71 23.09
CA LEU C 1582 -3.74 45.72 22.73
C LEU C 1582 -3.98 46.87 21.76
N ASP C 1583 -4.83 46.64 20.76
CA ASP C 1583 -5.15 47.69 19.80
C ASP C 1583 -5.90 48.82 20.49
N THR C 1584 -5.99 49.95 19.78
CA THR C 1584 -6.54 51.16 20.38
C THR C 1584 -8.00 51.00 20.77
N GLY C 1585 -8.80 50.40 19.90
CA GLY C 1585 -10.23 50.32 20.11
C GLY C 1585 -10.71 49.19 20.98
N LEU C 1586 -9.83 48.37 21.52
CA LEU C 1586 -10.20 47.19 22.30
C LEU C 1586 -10.17 47.50 23.79
N THR C 1587 -11.21 47.09 24.49
CA THR C 1587 -11.29 47.22 25.94
C THR C 1587 -11.63 45.88 26.56
N VAL C 1588 -11.17 45.67 27.79
CA VAL C 1588 -11.36 44.41 28.49
C VAL C 1588 -12.32 44.64 29.65
N ASP C 1589 -13.25 43.69 29.83
CA ASP C 1589 -14.19 43.74 30.94
C ASP C 1589 -14.29 42.43 31.71
N GLY C 1590 -13.61 41.38 31.27
CA GLY C 1590 -13.68 40.09 31.92
C GLY C 1590 -14.59 39.08 31.25
N THR C 1591 -15.17 39.42 30.10
CA THR C 1591 -16.01 38.49 29.35
C THR C 1591 -15.50 38.29 27.93
N GLN C 1592 -14.26 38.66 27.65
CA GLN C 1592 -13.72 38.66 26.30
C GLN C 1592 -12.28 38.19 26.33
N CYS C 1593 -11.97 37.16 25.56
CA CYS C 1593 -10.61 36.67 25.41
C CYS C 1593 -10.05 37.20 24.10
N TYR C 1594 -8.92 37.89 24.18
CA TYR C 1594 -8.33 38.56 23.03
C TYR C 1594 -7.17 37.75 22.49
N THR C 1595 -7.17 37.52 21.18
CA THR C 1595 -6.12 36.72 20.56
C THR C 1595 -4.79 37.45 20.60
N CYS C 1596 -3.70 36.68 20.58
CA CYS C 1596 -2.37 37.24 20.58
C CYS C 1596 -2.10 37.99 19.28
N GLN C 1597 -1.29 39.04 19.37
CA GLN C 1597 -0.95 39.83 18.21
C GLN C 1597 -0.06 39.04 17.26
N THR C 1598 0.07 39.56 16.04
CA THR C 1598 0.99 38.96 15.08
C THR C 1598 2.42 39.22 15.53
N GLY C 1599 3.23 38.16 15.51
CA GLY C 1599 4.58 38.21 16.06
C GLY C 1599 4.68 37.73 17.49
N THR C 1600 3.56 37.60 18.19
CA THR C 1600 3.52 37.04 19.54
C THR C 1600 2.69 35.76 19.51
N PHE C 1601 2.71 35.04 20.62
CA PHE C 1601 1.99 33.77 20.72
C PHE C 1601 1.80 33.42 22.17
N ASN C 1602 1.01 32.37 22.41
CA ASN C 1602 0.77 31.85 23.75
C ASN C 1602 0.32 30.41 23.63
N ASP C 1603 0.75 29.57 24.57
CA ASP C 1603 0.36 28.17 24.59
C ASP C 1603 -0.17 27.70 25.93
N GLU C 1604 -0.08 28.51 26.98
CA GLU C 1604 -0.58 28.13 28.29
C GLU C 1604 -1.95 28.76 28.54
N PHE C 1605 -2.83 28.00 29.19
CA PHE C 1605 -4.15 28.50 29.51
C PHE C 1605 -4.08 29.62 30.53
N SER C 1606 -4.98 30.59 30.40
CA SER C 1606 -5.17 31.65 31.38
C SER C 1606 -3.89 32.46 31.58
N GLN C 1607 -3.47 33.14 30.53
CA GLN C 1607 -2.30 33.98 30.67
C GLN C 1607 -2.68 35.45 30.57
N PRO C 1608 -2.12 36.30 31.43
CA PRO C 1608 -2.42 37.73 31.36
C PRO C 1608 -1.69 38.46 30.25
N VAL C 1609 -0.81 37.80 29.52
CA VAL C 1609 -0.01 38.45 28.49
C VAL C 1609 0.53 37.37 27.57
N CYS C 1610 0.63 37.70 26.29
CA CYS C 1610 1.26 36.80 25.33
C CYS C 1610 2.77 36.84 25.48
N LYS C 1611 3.45 35.98 24.74
CA LYS C 1611 4.90 35.89 24.76
C LYS C 1611 5.44 36.17 23.37
N ALA C 1612 6.46 37.02 23.29
CA ALA C 1612 7.06 37.36 22.01
C ALA C 1612 7.80 36.15 21.44
N CYS C 1613 7.75 36.02 20.11
CA CYS C 1613 8.47 34.94 19.45
C CYS C 1613 9.96 35.21 19.48
N TRP C 1614 10.73 34.20 19.85
CA TRP C 1614 12.17 34.36 19.99
C TRP C 1614 12.83 34.55 18.62
N SER C 1615 14.05 35.08 18.65
CA SER C 1615 14.80 35.26 17.42
C SER C 1615 15.04 33.91 16.76
N GLY C 1616 14.78 33.85 15.46
CA GLY C 1616 14.79 32.59 14.75
C GLY C 1616 13.43 32.00 14.47
N SER C 1617 12.36 32.70 14.84
CA SER C 1617 11.01 32.23 14.58
C SER C 1617 10.09 33.43 14.39
N PHE C 1618 8.85 33.15 14.00
CA PHE C 1618 7.91 34.21 13.70
C PHE C 1618 6.49 33.72 13.97
N ALA C 1619 5.58 34.66 14.12
CA ALA C 1619 4.15 34.38 14.31
C ALA C 1619 3.38 35.21 13.30
N SER C 1620 3.04 34.61 12.15
CA SER C 1620 2.45 35.34 11.04
C SER C 1620 0.93 35.46 11.14
N LYS C 1621 0.31 34.81 12.12
CA LYS C 1621 -1.15 34.86 12.26
C LYS C 1621 -1.52 35.14 13.70
N ARG C 1622 -2.69 35.76 13.88
CA ARG C 1622 -3.17 36.09 15.21
C ARG C 1622 -3.56 34.82 15.97
N GLY C 1623 -3.33 34.86 17.29
CA GLY C 1623 -3.73 33.75 18.14
C GLY C 1623 -3.04 32.45 17.84
N LEU C 1624 -1.73 32.49 17.59
CA LEU C 1624 -0.99 31.29 17.26
C LEU C 1624 -0.71 30.48 18.53
N PRO C 1625 -1.18 29.24 18.61
CA PRO C 1625 -0.85 28.43 19.80
C PRO C 1625 0.64 28.19 19.97
N THR C 1626 1.37 28.02 18.87
CA THR C 1626 2.81 27.77 18.92
C THR C 1626 3.50 28.60 17.86
N CYS C 1627 4.60 29.24 18.23
CA CYS C 1627 5.39 29.98 17.26
C CYS C 1627 5.98 29.02 16.22
N GLU C 1628 6.01 29.45 14.97
CA GLU C 1628 6.52 28.64 13.87
C GLU C 1628 7.94 29.07 13.54
N ILE C 1629 8.83 28.09 13.39
CA ILE C 1629 10.24 28.37 13.18
C ILE C 1629 10.48 28.80 11.73
N ALA C 1630 11.56 29.54 11.52
CA ALA C 1630 11.90 30.02 10.19
C ALA C 1630 12.43 28.88 9.33
N GLN C 1631 11.93 28.79 8.09
CA GLN C 1631 12.35 27.75 7.18
C GLN C 1631 13.75 28.03 6.66
N PRO C 1632 14.44 27.00 6.14
CA PRO C 1632 15.78 27.23 5.59
C PRO C 1632 15.77 28.26 4.48
N GLY C 1633 16.83 29.07 4.43
CA GLY C 1633 16.93 30.18 3.52
C GLY C 1633 16.38 31.47 4.06
N THR C 1634 15.76 31.46 5.22
CA THR C 1634 15.19 32.65 5.84
C THR C 1634 15.67 32.75 7.28
N PHE C 1635 15.71 33.98 7.79
CA PHE C 1635 16.14 34.23 9.16
C PHE C 1635 15.29 35.35 9.75
N THR C 1636 15.06 35.26 11.06
CA THR C 1636 14.34 36.30 11.79
C THR C 1636 15.12 36.61 13.06
N ASN C 1637 15.34 37.90 13.32
CA ASN C 1637 15.95 38.32 14.57
C ASN C 1637 15.52 39.74 14.89
N VAL C 1638 15.02 39.94 16.11
CA VAL C 1638 14.64 41.26 16.60
C VAL C 1638 15.29 41.39 17.99
N ALA C 1639 16.37 42.16 18.07
CA ALA C 1639 17.08 42.30 19.33
C ALA C 1639 16.24 42.96 20.41
N ALA C 1640 15.21 43.71 20.03
CA ALA C 1640 14.37 44.42 20.99
C ALA C 1640 13.24 43.56 21.54
N ALA C 1641 13.19 42.28 21.15
CA ALA C 1641 12.05 41.38 21.45
C ALA C 1641 11.99 40.82 22.87
N ALA C 1642 11.42 41.57 23.80
CA ALA C 1642 11.25 41.12 25.19
C ALA C 1642 10.04 40.24 25.44
N ASN C 1643 10.04 39.53 26.56
CA ASN C 1643 8.89 38.74 27.01
C ASN C 1643 8.53 39.44 28.30
N ALA C 1644 7.26 39.61 28.64
CA ALA C 1644 6.91 40.46 29.79
C ALA C 1644 7.46 39.95 31.11
N THR C 1645 7.88 40.86 31.98
CA THR C 1645 8.36 40.47 33.31
C THR C 1645 7.30 40.80 34.30
N PHE C 1646 7.02 39.90 35.23
CA PHE C 1646 5.95 40.12 36.19
C PHE C 1646 6.46 40.90 37.39
N ASN C 1647 5.79 42.01 37.70
CA ASN C 1647 6.06 42.75 38.92
C ASN C 1647 5.61 41.92 40.11
N THR C 1648 6.57 41.46 40.92
CA THR C 1648 6.24 40.55 42.02
C THR C 1648 5.29 41.20 43.01
N ALA C 1649 5.45 42.50 43.25
CA ALA C 1649 4.60 43.18 44.23
C ALA C 1649 3.13 43.18 43.83
N THR C 1650 2.85 43.42 42.54
CA THR C 1650 1.49 43.57 42.07
C THR C 1650 1.04 42.48 41.11
N LEU C 1651 1.91 41.56 40.74
CA LEU C 1651 1.59 40.48 39.80
C LEU C 1651 1.01 41.04 38.50
N ILE C 1652 1.63 42.10 38.01
CA ILE C 1652 1.26 42.75 36.75
C ILE C 1652 2.37 42.52 35.75
N PRO C 1653 2.09 41.96 34.58
CA PRO C 1653 3.14 41.80 33.56
C PRO C 1653 3.36 43.08 32.79
N THR C 1654 4.63 43.33 32.45
CA THR C 1654 5.00 44.52 31.70
C THR C 1654 6.25 44.21 30.88
N GLY C 1655 6.46 45.03 29.85
CA GLY C 1655 7.68 44.97 29.08
C GLY C 1655 7.65 44.12 27.83
N LEU C 1656 6.49 43.62 27.45
CA LEU C 1656 6.40 42.77 26.26
C LEU C 1656 6.61 43.60 25.01
N VAL C 1657 7.50 43.13 24.13
CA VAL C 1657 7.77 43.78 22.85
C VAL C 1657 7.60 42.75 21.75
N LYS C 1658 6.77 43.07 20.77
CA LYS C 1658 6.41 42.11 19.72
C LYS C 1658 7.64 41.66 18.96
N GLY C 1659 7.69 40.36 18.67
CA GLY C 1659 8.81 39.77 17.94
C GLY C 1659 8.63 39.84 16.44
N ALA C 1660 9.33 38.94 15.76
CA ALA C 1660 9.31 38.92 14.30
C ALA C 1660 7.94 38.49 13.79
N GLN C 1661 7.48 39.14 12.74
CA GLN C 1661 6.17 38.86 12.14
C GLN C 1661 6.26 38.03 10.87
N ALA C 1662 7.24 38.29 10.02
CA ALA C 1662 7.43 37.56 8.78
C ALA C 1662 8.91 37.26 8.60
N PRO C 1663 9.25 36.13 7.98
CA PRO C 1663 10.66 35.80 7.78
C PRO C 1663 11.34 36.79 6.85
N THR C 1664 12.62 37.00 7.09
CA THR C 1664 13.43 37.86 6.23
C THR C 1664 14.26 36.99 5.31
N PRO C 1665 13.96 36.94 4.01
CA PRO C 1665 14.79 36.14 3.10
C PRO C 1665 16.20 36.70 3.03
N CYS C 1666 17.17 35.79 2.89
CA CYS C 1666 18.56 36.19 2.89
C CYS C 1666 18.92 36.87 1.57
N GLY C 1667 19.63 37.98 1.66
CA GLY C 1667 19.97 38.78 0.50
C GLY C 1667 20.83 38.06 -0.52
N MET C 1668 21.09 38.73 -1.64
CA MET C 1668 21.92 38.14 -2.68
C MET C 1668 23.32 37.87 -2.16
N GLY C 1669 23.88 36.74 -2.56
CA GLY C 1669 25.20 36.35 -2.11
C GLY C 1669 25.24 35.68 -0.76
N TYR C 1670 24.10 35.43 -0.13
CA TYR C 1670 24.04 34.78 1.17
C TYR C 1670 23.09 33.59 1.10
N PHE C 1671 23.41 32.55 1.85
CA PHE C 1671 22.60 31.35 1.91
C PHE C 1671 22.44 30.92 3.36
N GLN C 1672 21.40 30.12 3.62
CA GLN C 1672 21.13 29.63 4.97
C GLN C 1672 20.71 28.17 4.88
N SER C 1673 21.63 27.27 5.25
CA SER C 1673 21.38 25.84 5.10
C SER C 1673 20.43 25.30 6.16
N SER C 1674 20.46 25.85 7.37
CA SER C 1674 19.72 25.30 8.50
C SER C 1674 18.57 26.22 8.90
N ALA C 1675 17.55 25.62 9.50
CA ALA C 1675 16.41 26.36 10.01
C ALA C 1675 16.77 26.94 11.38
N GLU C 1676 15.75 27.44 12.10
CA GLU C 1676 15.86 27.87 13.51
C GLU C 1676 16.99 28.88 13.72
N THR C 1677 17.40 29.57 12.67
CA THR C 1677 18.58 30.42 12.68
C THR C 1677 18.21 31.88 12.84
N THR C 1678 19.22 32.69 13.20
CA THR C 1678 19.05 34.12 13.34
C THR C 1678 19.85 34.94 12.34
N THR C 1679 20.71 34.30 11.55
CA THR C 1679 21.47 34.99 10.51
C THR C 1679 21.99 33.95 9.53
N CYS C 1680 22.34 34.42 8.34
CA CYS C 1680 22.87 33.55 7.30
C CYS C 1680 24.27 34.01 6.88
N THR C 1681 25.09 33.03 6.54
CA THR C 1681 26.50 33.26 6.22
C THR C 1681 26.68 33.55 4.74
N ALA C 1682 27.77 34.26 4.45
CA ALA C 1682 28.15 34.47 3.06
C ALA C 1682 28.50 33.14 2.41
N CYS C 1683 28.18 33.02 1.12
CA CYS C 1683 28.37 31.76 0.43
C CYS C 1683 29.86 31.42 0.32
N ALA C 1684 30.16 30.13 0.50
CA ALA C 1684 31.54 29.68 0.47
C ALA C 1684 32.18 29.96 -0.88
N VAL C 1685 33.47 30.29 -0.85
CA VAL C 1685 34.20 30.61 -2.07
C VAL C 1685 34.14 29.43 -3.03
N GLY C 1686 33.88 29.73 -4.30
CA GLY C 1686 33.59 28.70 -5.28
C GLY C 1686 32.11 28.50 -5.55
N THR C 1687 31.24 29.16 -4.78
CA THR C 1687 29.81 29.07 -4.94
C THR C 1687 29.22 30.48 -4.92
N TYR C 1688 28.02 30.61 -5.48
CA TYR C 1688 27.37 31.91 -5.59
C TYR C 1688 25.89 31.77 -5.30
N ALA C 1689 25.30 32.87 -4.83
CA ALA C 1689 23.86 32.95 -4.55
C ALA C 1689 23.30 34.12 -5.35
N ASP C 1690 22.68 33.81 -6.49
CA ASP C 1690 22.16 34.83 -7.38
C ASP C 1690 20.68 35.13 -7.14
N GLN C 1691 20.13 34.66 -6.02
CA GLN C 1691 18.73 34.91 -5.70
C GLN C 1691 18.60 35.38 -4.26
N ALA C 1692 17.37 35.50 -3.78
CA ALA C 1692 17.10 35.91 -2.40
C ALA C 1692 16.42 34.76 -1.67
N GLY C 1693 16.92 34.45 -0.49
CA GLY C 1693 16.37 33.36 0.29
C GLY C 1693 16.68 32.00 -0.31
N LEU C 1694 17.95 31.63 -0.33
CA LEU C 1694 18.40 30.38 -0.92
C LEU C 1694 18.71 29.37 0.17
N ALA C 1695 18.21 28.14 0.02
CA ALA C 1695 18.49 27.10 1.00
C ALA C 1695 19.97 26.77 1.03
N ALA C 1696 20.56 26.51 -0.13
CA ALA C 1696 21.99 26.26 -0.24
C ALA C 1696 22.44 26.72 -1.60
N CYS C 1697 23.31 27.73 -1.64
CA CYS C 1697 23.64 28.38 -2.89
C CYS C 1697 24.39 27.45 -3.83
N LYS C 1698 24.07 27.57 -5.12
CA LYS C 1698 24.56 26.66 -6.13
C LYS C 1698 26.05 26.83 -6.38
N PRO C 1699 26.75 25.77 -6.75
CA PRO C 1699 28.15 25.92 -7.17
C PRO C 1699 28.23 26.53 -8.56
N CYS C 1700 29.36 27.16 -8.83
CA CYS C 1700 29.58 27.77 -10.14
C CYS C 1700 29.58 26.70 -11.22
N GLN C 1701 28.90 26.99 -12.33
CA GLN C 1701 28.81 26.05 -13.43
C GLN C 1701 30.18 25.82 -14.05
N PRO C 1702 30.39 24.69 -14.70
CA PRO C 1702 31.68 24.44 -15.34
C PRO C 1702 32.00 25.50 -16.37
N GLY C 1703 33.28 25.89 -16.43
CA GLY C 1703 33.70 27.01 -17.24
C GLY C 1703 33.76 28.33 -16.51
N ARG C 1704 33.19 28.42 -15.31
CA ARG C 1704 33.26 29.62 -14.50
C ARG C 1704 34.05 29.35 -13.23
N TYR C 1705 34.31 30.42 -12.49
CA TYR C 1705 34.99 30.32 -11.21
C TYR C 1705 34.63 31.53 -10.37
N GLN C 1706 34.85 31.41 -9.06
CA GLN C 1706 34.53 32.49 -8.13
C GLN C 1706 35.52 32.43 -6.98
N ASN C 1707 36.55 33.28 -7.04
CA ASN C 1707 37.57 33.35 -5.99
C ASN C 1707 37.27 34.43 -4.97
N SER C 1708 36.07 34.42 -4.40
CA SER C 1708 35.71 35.37 -3.36
C SER C 1708 34.55 34.83 -2.56
N ILE C 1709 34.35 35.40 -1.38
CA ILE C 1709 33.26 35.01 -0.48
C ILE C 1709 32.09 35.96 -0.69
N GLY C 1710 30.88 35.43 -0.59
CA GLY C 1710 29.70 36.25 -0.61
C GLY C 1710 29.30 36.81 -1.96
N GLN C 1711 29.95 36.40 -3.03
CA GLN C 1711 29.62 36.91 -4.35
C GLN C 1711 28.34 36.29 -4.87
N ARG C 1712 27.63 37.04 -5.72
CA ARG C 1712 26.40 36.57 -6.33
C ARG C 1712 26.57 36.25 -7.81
N VAL C 1713 27.80 36.24 -8.31
CA VAL C 1713 28.08 35.96 -9.71
C VAL C 1713 29.36 35.13 -9.80
N CYS C 1714 29.48 34.34 -10.86
CA CYS C 1714 30.67 33.56 -11.15
C CYS C 1714 31.40 34.19 -12.33
N LYS C 1715 32.66 34.54 -12.12
CA LYS C 1715 33.46 35.07 -13.21
C LYS C 1715 33.76 33.97 -14.23
N PRO C 1716 33.88 34.32 -15.51
CA PRO C 1716 34.18 33.33 -16.53
C PRO C 1716 35.67 33.08 -16.67
N CYS C 1717 36.01 31.82 -16.96
CA CYS C 1717 37.41 31.44 -17.10
C CYS C 1717 38.02 32.08 -18.33
N ASP C 1718 39.26 32.53 -18.18
CA ASP C 1718 39.96 33.20 -19.27
C ASP C 1718 40.40 32.19 -20.32
N MET C 1719 40.99 32.69 -21.40
CA MET C 1719 41.45 31.82 -22.47
C MET C 1719 42.60 30.94 -21.99
N GLY C 1720 42.62 29.70 -22.47
CA GLY C 1720 43.65 28.76 -22.10
C GLY C 1720 43.42 28.06 -20.78
N THR C 1721 42.28 28.29 -20.12
CA THR C 1721 41.98 27.66 -18.85
C THR C 1721 40.61 26.99 -18.92
N TYR C 1722 40.35 26.12 -17.95
CA TYR C 1722 39.09 25.39 -17.88
C TYR C 1722 38.75 25.13 -16.43
N SER C 1723 37.48 24.82 -16.19
CA SER C 1723 37.03 24.54 -14.83
C SER C 1723 35.77 23.69 -14.89
N ARG C 1724 35.65 22.75 -13.96
CA ARG C 1724 34.46 21.93 -13.80
C ARG C 1724 33.53 22.60 -12.78
N TYR C 1725 32.55 21.86 -12.28
CA TYR C 1725 31.63 22.39 -11.29
C TYR C 1725 32.39 22.88 -10.06
N GLY C 1726 31.89 23.94 -9.44
CA GLY C 1726 32.65 24.58 -8.38
C GLY C 1726 33.88 25.25 -8.95
N GLY C 1727 34.97 25.22 -8.18
CA GLY C 1727 36.22 25.72 -8.68
C GLY C 1727 36.76 26.94 -7.96
N GLU C 1728 37.85 26.75 -7.21
CA GLU C 1728 38.50 27.88 -6.55
C GLU C 1728 39.07 28.85 -7.58
N LEU C 1729 39.85 28.35 -8.52
CA LEU C 1729 40.42 29.14 -9.60
C LEU C 1729 40.25 28.40 -10.91
N CYS C 1730 40.40 29.12 -12.01
CA CYS C 1730 40.43 28.48 -13.32
C CYS C 1730 41.68 27.62 -13.43
N THR C 1731 41.50 26.34 -13.70
CA THR C 1731 42.64 25.43 -13.79
C THR C 1731 43.42 25.70 -15.08
N LYS C 1732 44.74 25.87 -14.93
CA LYS C 1732 45.58 26.02 -16.10
C LYS C 1732 45.57 24.72 -16.89
N CYS C 1733 45.14 24.80 -18.14
CA CYS C 1733 44.95 23.60 -18.94
C CYS C 1733 46.27 22.86 -19.10
N PRO C 1734 46.30 21.54 -18.91
CA PRO C 1734 47.57 20.83 -18.89
C PRO C 1734 48.24 20.83 -20.26
N ALA C 1735 49.52 20.43 -20.25
CA ALA C 1735 50.31 20.42 -21.47
C ALA C 1735 49.71 19.47 -22.50
N GLY C 1736 49.73 19.87 -23.76
CA GLY C 1736 49.21 19.08 -24.84
C GLY C 1736 47.75 19.29 -25.16
N THR C 1737 47.05 20.10 -24.37
CA THR C 1737 45.64 20.38 -24.60
C THR C 1737 45.44 21.90 -24.69
N VAL C 1738 44.34 22.29 -25.32
CA VAL C 1738 44.11 23.70 -25.64
C VAL C 1738 42.67 24.07 -25.32
N ALA C 1739 42.49 25.31 -24.83
CA ALA C 1739 41.17 25.88 -24.55
C ALA C 1739 41.14 27.25 -25.22
N SER C 1740 40.62 27.29 -26.45
CA SER C 1740 40.69 28.51 -27.26
C SER C 1740 39.61 29.52 -26.94
N LYS C 1741 38.56 29.14 -26.21
CA LYS C 1741 37.46 30.03 -25.91
C LYS C 1741 37.37 30.26 -24.41
N THR C 1742 37.01 31.50 -24.03
CA THR C 1742 36.82 31.81 -22.62
C THR C 1742 35.65 31.03 -22.06
N GLY C 1743 35.78 30.63 -20.79
CA GLY C 1743 34.74 29.84 -20.17
C GLY C 1743 34.58 28.45 -20.73
N SER C 1744 35.69 27.76 -20.99
CA SER C 1744 35.64 26.41 -21.53
C SER C 1744 35.46 25.40 -20.40
N SER C 1745 34.48 24.51 -20.57
CA SER C 1745 34.27 23.47 -19.56
C SER C 1745 35.48 22.55 -19.47
N GLN C 1746 36.03 22.15 -20.61
CA GLN C 1746 37.23 21.33 -20.64
C GLN C 1746 38.05 21.69 -21.87
N CYS C 1747 39.35 21.45 -21.79
CA CYS C 1747 40.26 21.73 -22.89
C CYS C 1747 40.65 20.42 -23.56
N THR C 1748 40.46 20.38 -24.88
CA THR C 1748 40.62 19.20 -25.73
C THR C 1748 42.07 19.03 -26.16
N PRO C 1749 42.50 17.79 -26.39
CA PRO C 1749 43.87 17.56 -26.88
C PRO C 1749 44.05 18.09 -28.29
N CYS C 1750 45.27 18.54 -28.56
CA CYS C 1750 45.63 18.98 -29.90
C CYS C 1750 45.64 17.80 -30.86
N ALA C 1751 45.10 18.00 -32.05
CA ALA C 1751 44.98 16.93 -33.01
C ALA C 1751 46.35 16.48 -33.53
N ALA C 1752 46.39 15.25 -34.04
CA ALA C 1752 47.63 14.73 -34.60
C ALA C 1752 48.10 15.58 -35.77
N GLY C 1753 49.40 15.80 -35.86
CA GLY C 1753 49.95 16.73 -36.83
C GLY C 1753 49.88 18.18 -36.43
N PHE C 1754 49.37 18.47 -35.24
CA PHE C 1754 49.27 19.83 -34.73
C PHE C 1754 49.96 19.91 -33.37
N TYR C 1755 50.27 21.12 -32.95
CA TYR C 1755 50.95 21.33 -31.68
C TYR C 1755 50.35 22.54 -30.97
N ALA C 1756 50.30 22.46 -29.64
CA ALA C 1756 49.83 23.56 -28.83
C ALA C 1756 50.81 24.72 -28.88
N ASN C 1757 50.28 25.94 -28.81
CA ASN C 1757 51.12 27.13 -28.94
C ASN C 1757 51.93 27.44 -27.70
N ALA C 1758 51.58 26.86 -26.56
CA ALA C 1758 52.29 27.13 -25.31
C ALA C 1758 52.49 25.82 -24.55
N PRO C 1759 53.59 25.71 -23.79
CA PRO C 1759 53.78 24.51 -22.98
C PRO C 1759 52.70 24.28 -21.95
N ASP C 1760 52.14 25.36 -21.39
CA ASP C 1760 51.09 25.25 -20.38
C ASP C 1760 50.01 26.28 -20.68
N SER C 1761 48.76 25.86 -20.52
CA SER C 1761 47.59 26.71 -20.77
C SER C 1761 47.62 27.26 -22.20
N ALA C 1762 47.56 26.34 -23.15
CA ALA C 1762 47.59 26.71 -24.55
C ALA C 1762 46.31 27.43 -24.97
N THR C 1763 46.45 28.36 -25.90
CA THR C 1763 45.30 29.12 -26.40
C THR C 1763 44.93 28.79 -27.83
N SER C 1764 45.83 28.19 -28.61
CA SER C 1764 45.51 27.82 -29.98
C SER C 1764 46.38 26.64 -30.39
N CYS C 1765 45.91 25.89 -31.37
CA CYS C 1765 46.64 24.78 -31.95
C CYS C 1765 47.03 25.12 -33.38
N ARG C 1766 48.31 24.97 -33.69
CA ARG C 1766 48.86 25.30 -35.00
C ARG C 1766 49.37 24.05 -35.69
N ALA C 1767 49.28 24.06 -37.02
CA ALA C 1767 49.78 22.93 -37.81
C ALA C 1767 51.30 22.92 -37.82
N CYS C 1768 51.85 21.70 -37.85
CA CYS C 1768 53.30 21.56 -37.98
C CYS C 1768 53.75 22.13 -39.32
N PRO C 1769 54.83 22.90 -39.35
CA PRO C 1769 55.19 23.63 -40.57
C PRO C 1769 55.73 22.73 -41.66
N ARG C 1770 56.16 23.33 -42.77
CA ARG C 1770 56.79 22.58 -43.84
C ARG C 1770 58.07 21.92 -43.34
N GLY C 1771 58.22 20.64 -43.65
CA GLY C 1771 59.38 19.89 -43.24
C GLY C 1771 59.31 19.27 -41.86
N TYR C 1772 58.17 19.40 -41.17
CA TYR C 1772 57.98 18.82 -39.85
C TYR C 1772 56.82 17.84 -39.89
N TYR C 1773 56.67 17.08 -38.80
CA TYR C 1773 55.59 16.11 -38.71
C TYR C 1773 55.26 15.86 -37.24
N GLY C 1774 53.97 15.85 -36.92
CA GLY C 1774 53.54 15.50 -35.58
C GLY C 1774 52.88 14.15 -35.55
N PRO C 1775 53.60 13.15 -35.04
CA PRO C 1775 53.05 11.79 -34.99
C PRO C 1775 51.92 11.63 -33.97
N TYR C 1776 52.14 12.13 -32.75
CA TYR C 1776 51.17 11.94 -31.68
C TYR C 1776 50.22 13.12 -31.60
N SER C 1777 49.01 12.84 -31.13
CA SER C 1777 48.11 13.91 -30.74
C SER C 1777 48.52 14.45 -29.38
N GLY C 1778 48.04 15.66 -29.07
CA GLY C 1778 48.45 16.28 -27.83
C GLY C 1778 49.86 16.83 -27.84
N ALA C 1779 50.42 17.11 -29.01
CA ALA C 1779 51.73 17.72 -29.09
C ALA C 1779 51.68 19.16 -28.61
N TYR C 1780 52.80 19.62 -28.06
CA TYR C 1780 52.88 20.99 -27.55
C TYR C 1780 54.28 21.54 -27.78
N ALA C 1781 54.35 22.83 -28.10
CA ALA C 1781 55.63 23.50 -28.26
C ALA C 1781 56.30 23.70 -26.91
N ASP C 1782 57.62 23.88 -26.95
CA ASP C 1782 58.40 24.14 -25.75
C ASP C 1782 59.29 25.36 -25.98
N ASN C 1783 59.34 26.23 -24.99
CA ASN C 1783 60.15 27.45 -25.11
C ASN C 1783 61.62 27.11 -25.23
N LEU C 1784 62.09 26.14 -24.45
CA LEU C 1784 63.49 25.72 -24.53
C LEU C 1784 63.79 25.11 -25.89
N GLY C 1785 64.99 25.36 -26.40
CA GLY C 1785 65.34 24.90 -27.72
C GLY C 1785 64.58 25.66 -28.79
N ASP C 1786 64.40 25.01 -29.94
CA ASP C 1786 63.63 25.60 -31.02
C ASP C 1786 62.17 25.75 -30.60
N GLU C 1787 61.56 26.86 -31.02
CA GLU C 1787 60.19 27.17 -30.62
C GLU C 1787 59.15 26.37 -31.40
N PHE C 1788 59.56 25.61 -32.41
CA PHE C 1788 58.63 24.84 -33.22
C PHE C 1788 58.57 23.37 -32.85
N GLU C 1789 59.31 22.95 -31.83
CA GLU C 1789 59.39 21.55 -31.46
C GLU C 1789 59.14 21.39 -29.96
N GLY C 1790 58.79 20.17 -29.57
CA GLY C 1790 58.61 19.83 -28.18
C GLY C 1790 58.96 18.37 -27.93
N PRO C 1791 58.78 17.92 -26.68
CA PRO C 1791 59.03 16.50 -26.40
C PRO C 1791 58.18 15.57 -27.25
N ARG C 1792 56.94 15.93 -27.50
CA ARG C 1792 56.10 15.22 -28.47
C ARG C 1792 55.66 16.14 -29.61
N GLY C 1793 56.17 17.36 -29.66
CA GLY C 1793 55.79 18.32 -30.65
C GLY C 1793 56.30 17.96 -32.04
N CYS C 1794 56.15 18.91 -32.95
CA CYS C 1794 56.57 18.70 -34.33
C CYS C 1794 58.07 18.47 -34.40
N TYR C 1795 58.46 17.29 -34.85
CA TYR C 1795 59.86 16.94 -35.04
C TYR C 1795 60.30 17.33 -36.44
N LYS C 1796 61.61 17.54 -36.60
CA LYS C 1796 62.17 17.70 -37.93
C LYS C 1796 62.10 16.38 -38.68
N CYS C 1797 61.77 16.45 -39.96
CA CYS C 1797 61.77 15.25 -40.77
C CYS C 1797 63.18 14.68 -40.84
N PRO C 1798 63.38 13.40 -40.54
CA PRO C 1798 64.75 12.85 -40.53
C PRO C 1798 65.39 12.83 -41.92
N TYR C 1799 66.66 12.44 -41.97
CA TYR C 1799 67.38 12.43 -43.24
C TYR C 1799 66.72 11.47 -44.22
N ASP C 1800 66.81 11.82 -45.51
CA ASP C 1800 66.20 11.07 -46.60
C ASP C 1800 64.69 10.99 -46.49
N PHE C 1801 64.09 11.92 -45.75
CA PHE C 1801 62.64 12.02 -45.61
C PHE C 1801 62.22 13.47 -45.79
N PHE C 1802 61.00 13.68 -46.26
CA PHE C 1802 60.55 15.04 -46.54
C PHE C 1802 59.05 15.14 -46.28
N ALA C 1803 58.60 16.37 -46.09
CA ALA C 1803 57.19 16.66 -45.87
C ALA C 1803 56.90 18.06 -46.39
N ASP C 1804 56.05 18.15 -47.41
CA ASP C 1804 55.75 19.44 -48.05
C ASP C 1804 54.52 20.10 -47.42
N ARG C 1805 53.39 19.41 -47.45
CA ARG C 1805 52.17 19.97 -46.89
C ARG C 1805 52.29 20.09 -45.38
N PRO C 1806 52.04 21.26 -44.81
CA PRO C 1806 52.12 21.39 -43.35
C PRO C 1806 51.07 20.55 -42.65
N GLY C 1807 51.42 20.06 -41.46
CA GLY C 1807 50.51 19.26 -40.67
C GLY C 1807 50.34 17.85 -41.21
N VAL C 1808 51.41 17.06 -41.20
CA VAL C 1808 51.39 15.70 -41.70
C VAL C 1808 51.67 14.74 -40.55
N ARG C 1809 50.95 13.62 -40.54
CA ARG C 1809 51.11 12.65 -39.46
C ARG C 1809 52.52 12.07 -39.43
N GLN C 1810 53.12 11.84 -40.60
CA GLN C 1810 54.45 11.27 -40.66
C GLN C 1810 55.16 11.75 -41.91
N CYS C 1811 56.50 11.70 -41.86
CA CYS C 1811 57.30 12.05 -43.01
C CYS C 1811 57.15 10.98 -44.10
N THR C 1812 57.45 11.37 -45.33
CA THR C 1812 57.41 10.47 -46.47
C THR C 1812 58.83 10.26 -46.99
N ALA C 1813 59.19 9.02 -47.26
CA ALA C 1813 60.52 8.72 -47.77
C ALA C 1813 60.69 9.33 -49.15
N CYS C 1814 61.92 9.76 -49.44
CA CYS C 1814 62.22 10.33 -50.74
C CYS C 1814 62.02 9.27 -51.81
N PRO C 1815 61.16 9.50 -52.80
CA PRO C 1815 60.93 8.49 -53.82
C PRO C 1815 62.05 8.47 -54.84
N PRO C 1816 62.52 7.29 -55.23
CA PRO C 1816 63.59 7.23 -56.24
C PRO C 1816 63.13 7.84 -57.56
N LEU C 1817 64.04 8.55 -58.20
CA LEU C 1817 63.75 9.25 -59.45
C LEU C 1817 64.16 8.37 -60.63
N ASP C 1818 63.26 8.20 -61.58
CA ASP C 1818 63.50 7.39 -62.77
C ASP C 1818 63.89 8.31 -63.92
N LEU C 1819 65.04 8.04 -64.52
CA LEU C 1819 65.54 8.84 -65.63
C LEU C 1819 64.93 8.44 -66.97
N GLY C 1820 64.11 7.39 -67.00
CA GLY C 1820 63.49 6.95 -68.23
C GLY C 1820 63.98 5.59 -68.68
N GLY C 1821 63.19 4.56 -68.44
CA GLY C 1821 63.54 3.21 -68.81
C GLY C 1821 64.07 2.34 -67.69
N GLY C 1822 63.63 2.56 -66.45
CA GLY C 1822 64.09 1.76 -65.33
C GLY C 1822 65.41 2.17 -64.73
N ASN C 1823 66.04 3.23 -65.24
CA ASN C 1823 67.31 3.72 -64.70
C ASN C 1823 67.04 4.65 -63.53
N LEU C 1824 66.56 4.06 -62.44
CA LEU C 1824 66.18 4.83 -61.26
C LEU C 1824 67.41 5.16 -60.42
N VAL C 1825 67.42 6.37 -59.86
CA VAL C 1825 68.49 6.82 -58.99
C VAL C 1825 67.88 7.21 -57.66
N GLU C 1826 68.52 6.78 -56.57
CA GLU C 1826 67.99 7.04 -55.24
C GLU C 1826 68.04 8.53 -54.93
N GLN C 1827 66.97 9.03 -54.31
CA GLN C 1827 66.89 10.41 -53.88
C GLN C 1827 67.02 10.48 -52.37
N CYS C 1828 67.70 11.52 -51.89
CA CYS C 1828 67.83 11.75 -50.46
C CYS C 1828 68.32 13.17 -50.23
N THR C 1829 67.75 13.83 -49.22
CA THR C 1829 68.02 15.23 -48.95
C THR C 1829 69.38 15.39 -48.26
N GLU C 1830 69.69 16.62 -47.85
CA GLU C 1830 70.97 16.94 -47.25
C GLU C 1830 70.87 17.61 -45.89
N ASP C 1831 69.67 18.00 -45.44
CA ASP C 1831 69.52 18.61 -44.13
C ASP C 1831 68.19 18.21 -43.53
N LEU C 1832 68.13 18.25 -42.21
CA LEU C 1832 66.93 17.88 -41.49
C LEU C 1832 65.80 18.89 -41.74
N GLY C 1833 64.57 18.39 -41.75
CA GLY C 1833 63.42 19.25 -41.96
C GLY C 1833 63.36 19.87 -43.34
N SER C 1834 63.65 19.10 -44.38
CA SER C 1834 63.59 19.56 -45.75
C SER C 1834 62.42 18.92 -46.47
N GLN C 1835 61.90 19.63 -47.47
CA GLN C 1835 60.76 19.16 -48.24
C GLN C 1835 61.12 18.89 -49.71
N ARG C 1836 62.39 18.93 -50.07
CA ARG C 1836 62.84 18.72 -51.44
C ARG C 1836 63.66 17.44 -51.51
N CYS C 1837 63.29 16.56 -52.44
CA CYS C 1837 64.05 15.35 -52.69
C CYS C 1837 65.04 15.62 -53.82
N LYS C 1838 66.33 15.52 -53.51
CA LYS C 1838 67.38 15.77 -54.47
C LYS C 1838 68.21 14.51 -54.67
N PRO C 1839 68.66 14.22 -55.90
CA PRO C 1839 69.50 13.04 -56.12
C PRO C 1839 70.83 13.20 -55.41
N CYS C 1840 71.08 12.40 -54.37
CA CYS C 1840 72.31 12.57 -53.62
C CYS C 1840 73.50 11.87 -54.26
N SER C 1841 73.42 11.53 -55.55
CA SER C 1841 74.63 11.28 -56.31
C SER C 1841 75.43 12.57 -56.49
N LEU C 1842 74.78 13.72 -56.45
CA LEU C 1842 75.40 15.03 -56.50
C LEU C 1842 74.93 15.90 -55.35
N LEU C 1843 74.79 15.30 -54.17
CA LEU C 1843 74.39 16.05 -52.99
C LEU C 1843 75.40 17.12 -52.64
N SER C 1844 74.91 18.30 -52.27
CA SER C 1844 75.81 19.40 -51.89
C SER C 1844 76.60 19.02 -50.64
N LYS C 1845 75.90 18.54 -49.61
CA LYS C 1845 76.58 18.04 -48.42
C LYS C 1845 76.77 16.54 -48.57
N PRO C 1846 78.01 16.04 -48.54
CA PRO C 1846 78.22 14.59 -48.72
C PRO C 1846 77.54 13.79 -47.62
N LYS C 1847 77.09 12.59 -47.99
CA LYS C 1847 76.42 11.72 -47.02
C LYS C 1847 77.33 11.38 -45.86
N THR C 1848 78.64 11.44 -46.08
CA THR C 1848 79.62 11.21 -45.02
C THR C 1848 79.77 12.42 -44.10
N ALA C 1849 79.09 13.50 -44.46
CA ALA C 1849 79.21 14.71 -43.63
C ALA C 1849 77.92 14.94 -42.84
N ARG C 1850 77.31 13.89 -42.33
CA ARG C 1850 76.14 14.15 -41.47
C ARG C 1850 76.62 13.89 -40.03
N THR C 1851 76.59 14.91 -39.17
CA THR C 1851 77.17 14.75 -37.80
C THR C 1851 76.13 14.53 -36.72
N GLU C 1852 74.86 14.53 -37.05
CA GLU C 1852 73.83 14.44 -35.98
C GLU C 1852 73.84 13.02 -35.40
N GLN C 1853 73.39 12.82 -34.16
CA GLN C 1853 73.53 11.48 -33.53
C GLN C 1853 72.21 10.76 -33.24
N SER C 1854 71.31 10.57 -34.21
CA SER C 1854 70.04 9.86 -34.06
C SER C 1854 69.15 10.32 -32.92
N HYP C 1855 67.92 10.70 -33.24
CA HYP C 1855 66.96 11.00 -32.19
C HYP C 1855 66.48 9.72 -31.49
O HYP C 1855 65.85 8.90 -32.14
CB HYP C 1855 65.83 11.75 -32.89
CG HYP C 1855 66.05 11.61 -34.40
CD HYP C 1855 67.17 10.56 -34.50
OD1 HYP C 1855 66.27 12.84 -35.10
N HYP C 1856 66.80 9.58 -30.21
CA HYP C 1856 66.51 8.37 -29.43
C HYP C 1856 65.15 7.72 -29.68
O HYP C 1856 64.19 8.43 -29.92
CB HYP C 1856 66.65 8.84 -27.98
CG HYP C 1856 65.93 10.17 -28.08
CD HYP C 1856 66.52 10.76 -29.36
OD1 HYP C 1856 66.12 11.00 -26.94
N HYP C 1857 65.08 6.39 -29.62
CA HYP C 1857 63.83 5.67 -29.92
C HYP C 1857 62.63 6.11 -29.09
O HYP C 1857 62.80 6.74 -28.05
CB HYP C 1857 64.17 4.21 -29.69
CG HYP C 1857 65.52 4.15 -28.98
CD HYP C 1857 65.74 5.60 -28.55
OD1 HYP C 1857 66.57 3.68 -29.81
N HYP C 1858 61.43 5.80 -29.57
CA HYP C 1858 60.21 6.18 -28.87
C HYP C 1858 60.11 5.68 -27.43
O HYP C 1858 60.82 4.76 -27.05
CB HYP C 1858 59.10 5.60 -29.74
CG HYP C 1858 59.65 5.75 -31.17
CD HYP C 1858 61.18 5.88 -31.02
OD1 HYP C 1858 59.08 6.86 -31.84
N SER C 1859 59.25 6.30 -26.65
CA SER C 1859 59.01 5.87 -25.28
C SER C 1859 57.80 4.96 -25.22
N HYP C 1860 57.79 4.03 -24.28
CA HYP C 1860 56.68 3.08 -24.14
C HYP C 1860 55.30 3.71 -24.01
O HYP C 1860 55.15 4.78 -23.44
CB HYP C 1860 57.04 2.26 -22.91
CG HYP C 1860 58.55 2.22 -23.00
CD HYP C 1860 58.80 3.69 -23.27
OD1 HYP C 1860 59.00 1.39 -24.06
N SER C 1861 54.29 3.03 -24.56
CA SER C 1861 52.92 3.49 -24.44
C SER C 1861 52.46 3.45 -22.99
N HYP C 1862 51.74 4.48 -22.55
CA HYP C 1862 51.19 4.48 -21.20
C HYP C 1862 50.22 3.34 -20.91
O HYP C 1862 49.64 2.79 -21.84
CB HYP C 1862 50.50 5.85 -21.08
CG HYP C 1862 50.74 6.59 -22.39
CD HYP C 1862 50.97 5.44 -23.36
OD1 HYP C 1862 51.83 7.49 -22.33
N HYP C 1863 50.06 2.98 -19.64
CA HYP C 1863 49.19 1.87 -19.26
C HYP C 1863 47.70 2.11 -19.46
O HYP C 1863 47.30 3.22 -19.82
CB HYP C 1863 49.54 1.62 -17.80
CG HYP C 1863 51.03 1.90 -17.78
CD HYP C 1863 51.03 3.21 -18.55
OD1 HYP C 1863 51.79 0.90 -18.44
N HYP C 1864 46.89 1.09 -19.23
CA HYP C 1864 45.42 1.19 -19.37
C HYP C 1864 44.69 1.63 -18.11
O HYP C 1864 45.24 1.47 -17.01
CB HYP C 1864 45.01 -0.21 -19.81
CG HYP C 1864 46.13 -0.54 -20.77
CD HYP C 1864 47.33 -0.15 -19.90
OD1 HYP C 1864 46.06 0.19 -21.97
N HYP C 1865 43.49 2.20 -18.24
CA HYP C 1865 42.70 2.51 -17.04
C HYP C 1865 42.09 1.31 -16.31
O HYP C 1865 41.62 0.37 -16.94
CB HYP C 1865 41.64 3.46 -17.57
CG HYP C 1865 41.34 2.95 -18.98
CD HYP C 1865 42.50 1.98 -19.30
OD1 HYP C 1865 41.16 3.96 -19.95
N HYP C 1866 42.13 1.35 -14.99
CA HYP C 1866 41.57 0.25 -14.19
C HYP C 1866 40.08 0.01 -14.43
O HYP C 1866 39.36 0.97 -14.68
CB HYP C 1866 41.85 0.66 -12.73
CG HYP C 1866 42.94 1.72 -12.82
CD HYP C 1866 42.45 2.45 -14.06
OD1 HYP C 1866 44.22 1.15 -13.00
N HYP C 1867 39.65 -1.25 -14.38
CA HYP C 1867 38.22 -1.55 -14.50
C HYP C 1867 37.37 -0.86 -13.44
O HYP C 1867 37.90 -0.55 -12.37
CB HYP C 1867 38.14 -3.08 -14.39
CG HYP C 1867 39.57 -3.59 -14.40
CD HYP C 1867 40.27 -2.41 -13.73
OD1 HYP C 1867 40.06 -3.85 -15.70
N HYP C 1868 36.10 -0.59 -13.74
CA HYP C 1868 35.21 0.02 -12.76
C HYP C 1868 35.20 -0.69 -11.41
O HYP C 1868 34.89 -1.88 -11.33
CB HYP C 1868 33.83 -0.02 -13.43
CG HYP C 1868 34.18 0.11 -14.90
CD HYP C 1868 35.33 -0.91 -14.95
OD1 HYP C 1868 34.59 1.42 -15.27
N SER C 1869 35.57 0.04 -10.36
CA SER C 1869 35.67 -0.51 -9.01
C SER C 1869 34.37 -1.19 -8.57
N HYP C 1870 34.49 -2.22 -7.75
CA HYP C 1870 33.32 -2.89 -7.18
C HYP C 1870 32.35 -1.98 -6.46
O HYP C 1870 32.73 -0.92 -5.97
CB HYP C 1870 33.93 -3.94 -6.24
CG HYP C 1870 35.27 -4.27 -6.87
CD HYP C 1870 35.72 -2.84 -7.22
OD1 HYP C 1870 35.17 -5.10 -8.01
N ARG C 1871 31.08 -2.38 -6.40
CA ARG C 1871 30.04 -1.58 -5.79
C ARG C 1871 29.96 -1.87 -4.29
N HYP C 1872 29.62 -0.86 -3.49
CA HYP C 1872 29.43 -1.08 -2.05
C HYP C 1872 28.33 -2.09 -1.74
O HYP C 1872 27.34 -2.15 -2.48
CB HYP C 1872 29.12 0.31 -1.49
CG HYP C 1872 29.19 1.30 -2.64
CD HYP C 1872 28.89 0.37 -3.82
OD1 HYP C 1872 30.43 1.95 -2.75
N HYP C 1873 28.49 -2.86 -0.67
CA HYP C 1873 27.50 -3.87 -0.28
C HYP C 1873 26.06 -3.35 -0.17
O HYP C 1873 25.85 -2.23 0.28
CB HYP C 1873 28.01 -4.39 1.07
CG HYP C 1873 29.52 -4.34 0.87
CD HYP C 1873 29.69 -2.99 0.18
OD1 HYP C 1873 30.02 -5.42 0.12
N SER C 1874 25.10 -4.17 -0.60
CA SER C 1874 23.70 -3.78 -0.59
C SER C 1874 23.18 -3.62 0.83
N HYP C 1875 22.16 -2.79 1.00
CA HYP C 1875 21.44 -2.69 2.28
C HYP C 1875 20.77 -3.98 2.72
O HYP C 1875 20.05 -4.60 1.94
CB HYP C 1875 20.42 -1.57 2.07
CG HYP C 1875 21.02 -0.72 0.96
CD HYP C 1875 21.57 -1.82 0.05
OD1 HYP C 1875 22.02 0.18 1.42
N ASN C 1876 21.00 -4.38 3.97
CA ASN C 1876 20.39 -5.58 4.51
C ASN C 1876 18.91 -5.35 4.81
N HYP C 1877 18.14 -6.44 4.85
CA HYP C 1877 16.71 -6.34 5.18
C HYP C 1877 16.40 -5.80 6.56
O HYP C 1877 17.13 -6.08 7.52
CB HYP C 1877 16.21 -7.77 5.00
CG HYP C 1877 16.93 -8.12 3.71
CD HYP C 1877 18.35 -7.65 4.03
OD1 HYP C 1877 16.36 -7.43 2.60
N HYP C 1878 15.32 -5.03 6.67
CA HYP C 1878 14.85 -4.53 7.96
C HYP C 1878 14.67 -5.62 9.02
O HYP C 1878 13.98 -6.61 8.77
CB HYP C 1878 13.52 -3.83 7.64
CG HYP C 1878 13.02 -4.59 6.41
CD HYP C 1878 14.32 -4.74 5.62
OD1 HYP C 1878 12.01 -3.91 5.69
N SER C 1879 15.29 -5.43 10.18
CA SER C 1879 15.32 -6.45 11.22
C SER C 1879 13.92 -6.87 11.65
N HYP C 1880 13.78 -8.12 12.09
CA HYP C 1880 12.50 -8.63 12.58
C HYP C 1880 11.86 -7.81 13.71
O HYP C 1880 12.55 -7.06 14.41
CB HYP C 1880 12.82 -10.05 13.05
CG HYP C 1880 13.97 -10.47 12.15
CD HYP C 1880 14.79 -9.19 12.15
OD1 HYP C 1880 13.55 -10.87 10.86
N ARG C 1881 10.56 -7.95 13.88
CA ARG C 1881 9.82 -7.22 14.90
C ARG C 1881 9.89 -7.97 16.23
N HYP C 1882 9.63 -7.26 17.33
CA HYP C 1882 9.50 -7.93 18.62
C HYP C 1882 8.15 -8.62 18.82
O HYP C 1882 7.17 -8.22 18.18
CB HYP C 1882 9.73 -6.81 19.66
CG HYP C 1882 9.95 -5.52 18.88
CD HYP C 1882 9.32 -5.83 17.53
OD1 HYP C 1882 11.31 -5.14 18.78
N HYP C 1883 8.10 -9.63 19.67
CA HYP C 1883 6.84 -10.35 19.93
C HYP C 1883 5.67 -9.46 20.33
O HYP C 1883 5.86 -8.49 21.05
CB HYP C 1883 7.20 -11.35 21.03
CG HYP C 1883 8.64 -11.71 20.68
CD HYP C 1883 9.20 -10.31 20.38
OD1 HYP C 1883 8.74 -12.59 19.57
N SER C 1884 4.48 -9.81 19.88
CA SER C 1884 3.28 -9.06 20.24
C SER C 1884 2.94 -9.29 21.71
N HYP C 1885 2.30 -8.30 22.32
CA HYP C 1885 1.89 -8.41 23.73
C HYP C 1885 0.80 -9.44 24.01
O HYP C 1885 -0.22 -9.46 23.32
CB HYP C 1885 1.43 -6.99 24.09
CG HYP C 1885 2.50 -6.19 23.36
CD HYP C 1885 2.43 -6.87 22.00
OD1 HYP C 1885 3.78 -6.34 23.96
N ALA C 1886 1.06 -10.30 24.99
CA ALA C 1886 0.11 -11.33 25.37
C ALA C 1886 -1.22 -10.72 25.80
N HYP C 1887 -2.32 -11.32 25.39
CA HYP C 1887 -3.66 -10.84 25.78
C HYP C 1887 -3.85 -10.73 27.30
O HYP C 1887 -3.24 -11.49 28.03
CB HYP C 1887 -4.64 -11.84 25.15
CG HYP C 1887 -3.80 -12.89 24.41
CD HYP C 1887 -2.45 -12.77 25.13
OD1 HYP C 1887 -3.70 -12.65 23.02
N HYP C 1888 -4.68 -9.78 27.74
CA HYP C 1888 -4.90 -9.59 29.18
C HYP C 1888 -5.30 -10.84 29.94
O HYP C 1888 -6.17 -11.59 29.48
CB HYP C 1888 -5.99 -8.51 29.26
CG HYP C 1888 -6.09 -7.90 27.87
CD HYP C 1888 -5.78 -9.14 27.02
OD1 HYP C 1888 -5.17 -6.84 27.64
N SER C 1889 -4.66 -11.09 31.08
CA SER C 1889 -4.99 -12.23 31.91
C SER C 1889 -6.43 -12.17 32.39
N HYP C 1890 -7.07 -13.32 32.48
CA HYP C 1890 -8.44 -13.40 33.03
C HYP C 1890 -8.57 -12.89 34.46
O HYP C 1890 -7.57 -12.81 35.17
CB HYP C 1890 -8.82 -14.87 32.89
CG HYP C 1890 -7.49 -15.57 33.12
CD HYP C 1890 -6.51 -14.69 32.36
OD1 HYP C 1890 -7.48 -16.91 32.67
N ASN C 1891 -9.78 -12.56 34.88
CA ASN C 1891 -10.00 -11.93 36.16
C ASN C 1891 -10.04 -12.95 37.30
N HYP C 1892 -9.81 -12.48 38.52
CA HYP C 1892 -10.02 -13.29 39.72
C HYP C 1892 -11.46 -13.77 39.89
O HYP C 1892 -12.37 -13.13 39.34
CB HYP C 1892 -9.59 -12.39 40.87
CG HYP C 1892 -8.44 -11.60 40.26
CD HYP C 1892 -8.96 -11.30 38.86
OD1 HYP C 1892 -7.22 -12.31 40.29
N HYP C 1893 -11.68 -14.86 40.60
CA HYP C 1893 -13.05 -15.25 40.98
C HYP C 1893 -13.71 -14.23 41.89
O HYP C 1893 -13.01 -13.47 42.55
CB HYP C 1893 -12.89 -16.61 41.65
CG HYP C 1893 -11.41 -16.97 41.62
CD HYP C 1893 -10.76 -15.59 41.50
OD1 HYP C 1893 -11.05 -17.84 40.55
N HYP C 1894 -15.04 -14.19 41.91
CA HYP C 1894 -15.76 -13.35 42.86
C HYP C 1894 -15.35 -13.59 44.31
O HYP C 1894 -15.34 -14.74 44.76
CB HYP C 1894 -17.23 -13.69 42.63
CG HYP C 1894 -17.27 -14.00 41.14
CD HYP C 1894 -16.02 -14.88 41.04
OD1 HYP C 1894 -17.18 -12.84 40.34
N THR C 1895 -14.98 -12.53 45.01
CA THR C 1895 -14.51 -12.64 46.39
C THR C 1895 -15.58 -13.20 47.32
N SER C 1896 -15.14 -13.60 48.52
CA SER C 1896 -16.04 -14.18 49.51
C SER C 1896 -16.99 -13.13 50.08
N HYP C 1897 -18.01 -13.60 50.79
CA HYP C 1897 -18.85 -12.70 51.60
C HYP C 1897 -18.36 -12.54 53.03
O HYP C 1897 -17.84 -13.51 53.60
CB HYP C 1897 -20.25 -13.32 51.55
CG HYP C 1897 -20.19 -14.46 50.55
CD HYP C 1897 -18.73 -14.87 50.66
OD1 HYP C 1897 -20.56 -14.07 49.24
N HYP C 1898 -18.49 -11.36 53.60
CA HYP C 1898 -18.18 -11.15 55.03
C HYP C 1898 -18.94 -12.09 55.95
O HYP C 1898 -20.07 -12.45 55.64
CB HYP C 1898 -18.51 -9.67 55.28
CG HYP C 1898 -18.82 -9.05 53.93
CD HYP C 1898 -19.40 -10.26 53.19
OD1 HYP C 1898 -17.69 -8.50 53.28
N HYP C 1899 -18.32 -12.48 57.07
CA HYP C 1899 -18.98 -13.37 58.04
C HYP C 1899 -20.38 -12.94 58.45
O HYP C 1899 -20.65 -11.75 58.56
CB HYP C 1899 -18.02 -13.40 59.23
CG HYP C 1899 -16.66 -13.10 58.61
CD HYP C 1899 -17.06 -11.99 57.64
OD1 HYP C 1899 -16.08 -14.22 57.98
N SER C 1900 -21.26 -13.91 58.69
CA SER C 1900 -22.62 -13.61 59.11
C SER C 1900 -22.66 -13.21 60.58
N HYP C 1901 -23.39 -12.14 60.89
CA HYP C 1901 -23.49 -11.66 62.27
C HYP C 1901 -24.08 -12.68 63.24
O HYP C 1901 -24.88 -13.51 62.83
CB HYP C 1901 -24.35 -10.40 62.17
CG HYP C 1901 -24.97 -10.39 60.78
CD HYP C 1901 -24.66 -11.79 60.23
OD1 HYP C 1901 -24.44 -9.37 59.95
N HYP C 1902 -23.68 -12.61 64.52
CA HYP C 1902 -24.33 -13.43 65.55
C HYP C 1902 -25.83 -13.22 65.62
O HYP C 1902 -26.29 -12.12 65.31
CB HYP C 1902 -23.63 -13.03 66.84
CG HYP C 1902 -22.40 -12.22 66.44
CD HYP C 1902 -22.94 -11.53 65.19
OD1 HYP C 1902 -21.26 -13.01 66.20
N HYP C 1903 -26.60 -14.24 66.01
CA HYP C 1903 -28.05 -14.12 66.10
C HYP C 1903 -28.53 -12.95 66.98
O HYP C 1903 -27.81 -12.52 67.87
CB HYP C 1903 -28.51 -15.45 66.66
CG HYP C 1903 -27.38 -16.42 66.34
CD HYP C 1903 -26.19 -15.51 66.62
OD1 HYP C 1903 -27.43 -16.92 65.02
N SER C 1904 -29.72 -12.44 66.69
CA SER C 1904 -30.28 -11.35 67.48
C SER C 1904 -30.59 -11.79 68.91
N HYP C 1905 -30.94 -10.83 69.76
CA HYP C 1905 -31.31 -11.15 71.15
C HYP C 1905 -32.82 -11.12 71.42
O HYP C 1905 -33.51 -10.30 70.83
CB HYP C 1905 -30.57 -10.11 71.98
CG HYP C 1905 -30.52 -8.91 71.07
CD HYP C 1905 -30.17 -9.58 69.74
OD1 HYP C 1905 -29.57 -7.94 71.45
N HYP C 1906 -33.30 -12.02 72.27
CA HYP C 1906 -34.74 -12.12 72.56
C HYP C 1906 -35.40 -10.85 73.05
O HYP C 1906 -34.81 -10.12 73.85
CB HYP C 1906 -34.84 -13.24 73.60
CG HYP C 1906 -33.46 -13.89 73.69
CD HYP C 1906 -32.58 -12.67 73.37
OD1 HYP C 1906 -33.30 -14.96 72.79
N HYP C 1907 -36.60 -10.56 72.56
CA HYP C 1907 -37.37 -9.40 73.01
C HYP C 1907 -37.63 -9.39 74.53
O HYP C 1907 -37.55 -10.44 75.15
CB HYP C 1907 -38.67 -9.47 72.21
CG HYP C 1907 -38.59 -10.71 71.32
CD HYP C 1907 -37.58 -11.55 72.09
OD1 HYP C 1907 -38.18 -10.43 70.00
N HYP C 1908 -37.92 -8.22 75.08
CA HYP C 1908 -38.20 -8.12 76.53
C HYP C 1908 -39.31 -9.03 77.03
O HYP C 1908 -40.41 -9.02 76.48
CB HYP C 1908 -38.56 -6.64 76.74
CG HYP C 1908 -37.81 -5.93 75.62
CD HYP C 1908 -38.11 -6.88 74.48
OD1 HYP C 1908 -36.42 -5.79 75.89
N ARG C 1909 -39.02 -9.80 78.07
CA ARG C 1909 -39.98 -10.77 78.60
C ARG C 1909 -41.16 -10.05 79.26
N HYP C 1910 -42.36 -10.59 79.06
CA HYP C 1910 -43.60 -9.93 79.50
C HYP C 1910 -43.70 -9.62 80.99
O HYP C 1910 -43.02 -10.26 81.79
CB HYP C 1910 -44.71 -10.89 79.05
CG HYP C 1910 -44.05 -11.93 78.16
CD HYP C 1910 -42.70 -12.00 78.85
OD1 HYP C 1910 -43.97 -11.54 76.81
N HYP C 1911 -44.53 -8.64 81.35
CA HYP C 1911 -44.77 -8.32 82.76
C HYP C 1911 -45.49 -9.43 83.54
O HYP C 1911 -46.04 -10.34 82.94
CB HYP C 1911 -45.59 -7.02 82.73
CG HYP C 1911 -45.52 -6.51 81.30
CD HYP C 1911 -45.47 -7.84 80.55
OD1 HYP C 1911 -44.41 -5.68 81.05
N HYP C 1912 -45.49 -9.32 84.86
CA HYP C 1912 -46.13 -10.33 85.72
C HYP C 1912 -47.65 -10.27 85.74
O HYP C 1912 -48.24 -9.25 85.39
CB HYP C 1912 -45.54 -10.07 87.10
CG HYP C 1912 -44.11 -9.71 86.75
CD HYP C 1912 -44.38 -8.71 85.63
OD1 HYP C 1912 -43.36 -10.82 86.31
N HYP C 1913 -48.29 -11.37 86.11
CA HYP C 1913 -49.75 -11.40 86.28
C HYP C 1913 -50.25 -10.60 87.49
O HYP C 1913 -49.45 -10.25 88.36
CB HYP C 1913 -50.09 -12.88 86.40
CG HYP C 1913 -48.88 -13.64 85.90
CD HYP C 1913 -47.78 -12.73 86.42
OD1 HYP C 1913 -48.85 -13.78 84.50
N HYP C 1914 -51.54 -10.33 87.53
CA HYP C 1914 -52.13 -9.56 88.63
C HYP C 1914 -52.60 -10.40 89.80
O HYP C 1914 -53.16 -11.48 89.59
CB HYP C 1914 -53.27 -8.79 87.99
CG HYP C 1914 -52.70 -8.51 86.61
CD HYP C 1914 -52.22 -9.92 86.29
OD1 HYP C 1914 -51.64 -7.58 86.66
N HYP C 1915 -52.37 -9.93 91.02
CA HYP C 1915 -52.89 -10.61 92.21
C HYP C 1915 -54.38 -10.88 92.17
O HYP C 1915 -55.15 -9.99 91.83
CB HYP C 1915 -52.52 -9.67 93.38
CG HYP C 1915 -51.50 -8.68 92.81
CD HYP C 1915 -52.00 -8.55 91.38
OD1 HYP C 1915 -50.17 -9.15 92.89
N HYP C 1916 -54.78 -12.11 92.49
CA HYP C 1916 -56.20 -12.47 92.49
C HYP C 1916 -57.08 -11.61 93.39
O HYP C 1916 -56.57 -11.04 94.37
CB HYP C 1916 -56.21 -13.94 92.94
CG HYP C 1916 -54.75 -14.38 93.06
CD HYP C 1916 -54.10 -13.04 93.39
OD1 HYP C 1916 -54.26 -14.94 91.86
N HYP C 1917 -58.36 -11.49 93.06
CA HYP C 1917 -59.30 -10.83 93.96
C HYP C 1917 -59.37 -11.44 95.34
O HYP C 1917 -58.99 -12.60 95.51
CB HYP C 1917 -60.64 -10.94 93.23
CG HYP C 1917 -60.27 -11.04 91.76
CD HYP C 1917 -59.05 -11.97 91.86
OD1 HYP C 1917 -59.97 -9.78 91.18
N HYP C 1918 -59.84 -10.69 96.32
CA HYP C 1918 -60.04 -11.22 97.68
C HYP C 1918 -60.95 -12.45 97.72
O HYP C 1918 -62.00 -12.46 97.08
CB HYP C 1918 -60.64 -10.05 98.45
CG HYP C 1918 -59.99 -8.85 97.80
CD HYP C 1918 -60.12 -9.24 96.33
OD1 HYP C 1918 -58.66 -8.64 98.21
N SER C 1919 -60.54 -13.46 98.47
CA SER C 1919 -61.35 -14.67 98.63
C SER C 1919 -62.67 -14.34 99.34
N HYP C 1920 -63.75 -14.93 98.85
CA HYP C 1920 -65.07 -14.73 99.46
C HYP C 1920 -65.16 -15.17 100.92
O HYP C 1920 -64.59 -16.18 101.30
CB HYP C 1920 -66.02 -15.54 98.57
CG HYP C 1920 -65.22 -15.96 97.34
CD HYP C 1920 -63.84 -16.10 97.96
OD1 HYP C 1920 -65.25 -15.01 96.30
N HYP C 1921 -65.88 -14.39 101.72
CA HYP C 1921 -66.06 -14.71 103.14
C HYP C 1921 -66.83 -16.02 103.39
O HYP C 1921 -67.66 -16.38 102.57
CB HYP C 1921 -66.80 -13.50 103.70
CG HYP C 1921 -67.78 -13.22 102.57
CD HYP C 1921 -66.97 -13.48 101.29
OD1 HYP C 1921 -68.32 -11.90 102.61
N HYP C 1922 -66.55 -16.69 104.50
CA HYP C 1922 -67.24 -17.94 104.82
C HYP C 1922 -68.75 -17.83 104.92
O HYP C 1922 -69.27 -16.74 105.12
CB HYP C 1922 -66.61 -18.40 106.15
CG HYP C 1922 -65.44 -17.47 106.41
CD HYP C 1922 -65.95 -16.20 105.75
OD1 HYP C 1922 -64.23 -17.93 105.85
N HYP C 1923 -69.45 -18.95 104.78
CA HYP C 1923 -70.91 -18.97 104.96
C HYP C 1923 -71.36 -18.50 106.34
O HYP C 1923 -70.76 -18.89 107.34
CB HYP C 1923 -71.31 -20.43 104.70
CG HYP C 1923 -70.25 -20.91 103.72
CD HYP C 1923 -69.01 -20.30 104.36
OD1 HYP C 1923 -70.48 -20.47 102.40
N ASN C 1924 -72.40 -17.68 106.38
CA ASN C 1924 -72.96 -17.23 107.64
C ASN C 1924 -73.44 -18.42 108.45
N ARG C 1925 -72.85 -18.62 109.62
CA ARG C 1925 -73.16 -19.76 110.44
C ARG C 1925 -74.61 -19.67 110.95
N SER C 1926 -75.16 -20.82 111.31
CA SER C 1926 -76.54 -20.91 111.74
C SER C 1926 -76.74 -20.44 113.17
N HYP C 1927 -77.88 -19.82 113.43
CA HYP C 1927 -78.29 -19.53 114.81
C HYP C 1927 -78.60 -20.78 115.61
O HYP C 1927 -79.00 -21.79 115.05
CB HYP C 1927 -79.53 -18.63 114.66
CG HYP C 1927 -79.49 -18.11 113.24
CD HYP C 1927 -78.95 -19.35 112.53
OD1 HYP C 1927 -78.65 -16.98 113.09
N HYP C 1928 -78.39 -20.72 116.92
CA HYP C 1928 -78.65 -21.87 117.79
C HYP C 1928 -80.14 -22.20 117.93
O HYP C 1928 -80.97 -21.37 117.58
CB HYP C 1928 -78.02 -21.47 119.11
CG HYP C 1928 -76.93 -20.46 118.76
CD HYP C 1928 -77.05 -20.23 117.25
OD1 HYP C 1928 -75.63 -20.89 119.13
N HYP C 1929 -80.47 -23.39 118.42
CA HYP C 1929 -81.87 -23.72 118.71
C HYP C 1929 -82.36 -23.22 120.07
O HYP C 1929 -81.62 -23.28 121.04
CB HYP C 1929 -81.93 -25.25 118.62
CG HYP C 1929 -80.52 -25.73 118.27
CD HYP C 1929 -79.68 -24.57 118.78
OD1 HYP C 1929 -80.36 -25.98 116.89
N HYP C 1930 -83.60 -22.75 120.12
CA HYP C 1930 -84.20 -22.31 121.39
C HYP C 1930 -84.23 -23.39 122.47
O HYP C 1930 -84.47 -24.54 122.15
CB HYP C 1930 -85.61 -21.85 121.01
CG HYP C 1930 -85.74 -21.99 119.50
CD HYP C 1930 -84.70 -23.06 119.20
OD1 HYP C 1930 -85.51 -20.78 118.81
N HYP C 1931 -83.99 -23.01 123.72
CA HYP C 1931 -84.14 -23.95 124.84
C HYP C 1931 -85.53 -24.58 124.94
O HYP C 1931 -86.48 -24.02 124.41
CB HYP C 1931 -83.79 -23.12 126.09
CG HYP C 1931 -83.55 -21.69 125.62
CD HYP C 1931 -84.25 -21.67 124.27
OD1 HYP C 1931 -82.18 -21.35 125.56
N HYP C 1932 -85.63 -25.72 125.60
CA HYP C 1932 -86.95 -26.35 125.82
C HYP C 1932 -87.93 -25.43 126.54
O HYP C 1932 -87.50 -24.52 127.24
CB HYP C 1932 -86.64 -27.60 126.63
CG HYP C 1932 -85.20 -27.93 126.29
CD HYP C 1932 -84.63 -26.51 126.33
OD1 HYP C 1932 -85.04 -28.55 125.03
N ALA C 1933 -89.23 -25.67 126.35
CA ALA C 1933 -90.24 -24.90 127.05
C ALA C 1933 -90.04 -25.00 128.55
N SER C 1934 -89.97 -23.85 129.22
CA SER C 1934 -89.68 -23.84 130.64
C SER C 1934 -90.94 -24.17 131.44
N SER C 1935 -90.74 -24.45 132.73
CA SER C 1935 -91.83 -24.84 133.60
C SER C 1935 -92.66 -23.61 133.97
N ALA C 1936 -93.62 -23.80 134.86
CA ALA C 1936 -94.46 -22.71 135.32
C ALA C 1936 -93.79 -21.98 136.48
N ILE C 1937 -93.96 -20.66 136.50
CA ILE C 1937 -93.42 -19.86 137.59
C ILE C 1937 -94.02 -20.33 138.91
N ASN C 1938 -93.27 -20.15 139.99
CA ASN C 1938 -93.72 -20.62 141.29
C ASN C 1938 -95.00 -19.89 141.70
N PRO C 1939 -95.93 -20.57 142.36
CA PRO C 1939 -97.21 -19.93 142.71
C PRO C 1939 -97.00 -18.75 143.65
N GLY C 1940 -97.85 -17.75 143.49
CA GLY C 1940 -97.75 -16.52 144.26
C GLY C 1940 -96.99 -15.45 143.48
N GLY C 1941 -96.05 -14.79 144.16
CA GLY C 1941 -95.20 -13.80 143.53
C GLY C 1941 -95.81 -12.44 143.34
N GLY C 1942 -97.07 -12.24 143.72
CA GLY C 1942 -97.68 -10.93 143.66
C GLY C 1942 -98.59 -10.66 144.84
N VAL C 1943 -98.42 -11.40 145.91
CA VAL C 1943 -99.27 -11.33 147.09
C VAL C 1943 -98.43 -10.83 148.25
N ASN C 1944 -98.70 -9.59 148.70
CA ASN C 1944 -97.96 -9.03 149.82
C ASN C 1944 -98.20 -9.84 151.09
N GLN C 1945 -99.47 -10.05 151.43
CA GLN C 1945 -99.81 -11.03 152.45
C GLN C 1945 -99.54 -12.42 151.90
N ASN C 1946 -98.87 -13.27 152.70
CA ASN C 1946 -98.33 -14.50 152.16
C ASN C 1946 -99.42 -15.41 151.60
N GLY C 1947 -100.61 -15.38 152.18
CA GLY C 1947 -101.73 -16.12 151.63
C GLY C 1947 -101.67 -17.62 151.85
N ASP C 1948 -102.80 -18.29 151.70
CA ASP C 1948 -102.84 -19.73 151.89
C ASP C 1948 -102.11 -20.43 150.75
N PRO C 1949 -101.51 -21.59 151.01
CA PRO C 1949 -100.87 -22.35 149.93
C PRO C 1949 -101.91 -22.88 148.94
N VAL C 1950 -101.45 -23.08 147.70
CA VAL C 1950 -102.32 -23.59 146.65
C VAL C 1950 -102.75 -25.02 146.96
C1 NAG D . 34.73 -8.92 -52.09
C2 NAG D . 34.36 -7.54 -51.53
C3 NAG D . 34.66 -7.51 -50.04
C4 NAG D . 34.05 -8.68 -49.29
C5 NAG D . 34.38 -10.00 -50.02
C6 NAG D . 33.70 -11.22 -49.45
C7 NAG D . 34.60 -5.29 -52.51
C8 NAG D . 35.58 -4.36 -53.18
N2 NAG D . 35.09 -6.50 -52.18
O3 NAG D . 34.20 -6.28 -49.53
O4 NAG D . 34.61 -8.66 -47.99
O5 NAG D . 33.99 -9.88 -51.37
O6 NAG D . 32.32 -11.02 -49.38
O7 NAG D . 33.46 -4.94 -52.27
C1 NAG D . 33.58 -8.73 -46.97
C2 NAG D . 33.57 -7.40 -46.20
C3 NAG D . 32.49 -7.46 -45.11
C4 NAG D . 31.15 -7.86 -45.70
C5 NAG D . 31.32 -9.15 -46.53
C6 NAG D . 30.04 -9.61 -47.19
C7 NAG D . 35.51 -5.95 -45.75
C8 NAG D . 36.84 -5.88 -45.04
N2 NAG D . 34.85 -7.12 -45.62
O3 NAG D . 32.44 -6.21 -44.49
O4 NAG D . 30.26 -8.04 -44.64
O5 NAG D . 32.31 -8.94 -47.52
O6 NAG D . 29.10 -9.99 -46.22
O7 NAG D . 35.07 -5.00 -46.38
C1 NAG E . 105.39 56.55 -114.06
C2 NAG E . 106.68 56.78 -114.84
C3 NAG E . 107.85 56.16 -114.05
C4 NAG E . 107.88 56.74 -112.64
C5 NAG E . 106.52 56.59 -111.98
C6 NAG E . 106.43 57.23 -110.61
C7 NAG E . 106.40 55.02 -116.58
C8 NAG E . 106.40 54.82 -118.08
N2 NAG E . 106.63 56.29 -116.18
O3 NAG E . 109.02 56.41 -114.76
O4 NAG E . 108.88 56.06 -111.93
O5 NAG E . 105.52 57.17 -112.80
O6 NAG E . 106.67 58.60 -110.73
O7 NAG E . 106.21 54.08 -115.82
C1 NAG E . 109.97 56.97 -111.64
C2 NAG E . 110.57 56.61 -110.29
C3 NAG E . 111.78 57.50 -110.00
C4 NAG E . 112.76 57.47 -111.17
C5 NAG E . 112.02 57.80 -112.46
C6 NAG E . 112.89 57.78 -113.69
C7 NAG E . 109.09 55.71 -108.53
C8 NAG E . 108.08 56.09 -107.48
N2 NAG E . 109.60 56.74 -109.24
O3 NAG E . 112.36 57.07 -108.80
O4 NAG E . 113.78 58.40 -110.88
O5 NAG E . 110.96 56.87 -112.64
O6 NAG E . 113.51 56.52 -113.81
O7 NAG E . 109.41 54.54 -108.72
C1 NAG F . -3.82 42.02 -9.79
C2 NAG F . -5.19 41.80 -9.13
C3 NAG F . -5.40 40.30 -8.85
C4 NAG F . -5.09 39.43 -10.06
C5 NAG F . -3.75 39.85 -10.66
C6 NAG F . -3.38 39.09 -11.92
C7 NAG F . -6.37 43.32 -7.60
C8 NAG F . -6.29 43.99 -6.26
N2 NAG F . -5.32 42.54 -7.91
O3 NAG F . -6.74 40.15 -8.44
O4 NAG F . -5.01 38.11 -9.56
O5 NAG F . -3.78 41.23 -10.95
O6 NAG F . -4.38 39.29 -12.89
O7 NAG F . -7.31 43.49 -8.35
C1 NAG F . -6.15 37.34 -9.98
C2 NAG F . -5.73 35.86 -9.90
C3 NAG F . -6.93 34.93 -10.10
C4 NAG F . -8.06 35.32 -9.17
C5 NAG F . -8.40 36.79 -9.45
C6 NAG F . -9.57 37.30 -8.64
C7 NAG F . -3.45 35.23 -10.55
C8 NAG F . -2.55 34.98 -11.73
N2 NAG F . -4.71 35.58 -10.86
O3 NAG F . -6.49 33.62 -9.86
O4 NAG F . -9.14 34.46 -9.46
O5 NAG F . -7.25 37.58 -9.15
O6 NAG F . -9.75 38.68 -8.90
O7 NAG F . -3.05 35.11 -9.40
O5 FUB G . -63.02 6.77 39.40
C5 FUB G . -63.15 7.08 40.76
C4 FUB G . -64.42 7.85 41.08
O4 FUB G . -65.56 7.05 40.77
C3 FUB G . -64.61 9.16 40.33
O3 FUB G . -64.04 10.27 40.97
C2 FUB G . -66.12 9.25 40.29
O2 FUB G . -66.55 10.13 39.29
C1 FUB G . -66.50 7.79 40.03
O5 FUB G . -65.79 12.62 41.68
C5 FUB G . -67.13 12.97 41.88
C4 FUB G . -68.09 12.42 40.83
O4 FUB G . -68.07 10.99 40.85
C3 FUB G . -67.79 12.82 39.38
O3 FUB G . -68.43 14.00 38.97
C2 FUB G . -68.32 11.63 38.62
O2 FUB G . -67.72 11.53 37.36
C1 FUB G . -67.93 10.47 39.56
O5 FUB H . -65.97 9.13 28.57
C5 FUB H . -66.48 10.43 28.37
C4 FUB H . -67.71 10.76 29.20
O4 FUB H . -67.37 10.77 30.58
C3 FUB H . -68.89 9.80 29.06
O3 FUB H . -69.77 10.14 28.03
C2 FUB H . -69.55 9.93 30.41
O2 FUB H . -70.36 8.82 30.68
C1 FUB H . -68.33 10.07 31.33
O5 FUB H . -73.18 11.06 31.29
C5 FUB H . -73.38 10.57 32.59
C4 FUB H . -72.53 9.36 32.94
O4 FUB H . -71.15 9.64 32.74
C3 FUB H . -72.80 8.08 32.17
O3 FUB H . -73.83 7.29 32.70
C2 FUB H . -71.45 7.40 32.28
O2 FUB H . -71.30 6.39 31.32
C1 FUB H . -70.51 8.58 32.09
O5 FUB I . -61.66 -0.48 20.32
C5 FUB I . -63.02 -0.12 20.37
C4 FUB I . -63.52 0.15 21.77
O4 FUB I . -62.76 1.19 22.37
C3 FUB I . -63.49 -1.02 22.74
O3 FUB I . -64.64 -1.81 22.72
C2 FUB I . -63.33 -0.29 24.06
O2 FUB I . -62.80 -1.16 25.04
C1 FUB I . -62.41 0.87 23.68
O5 FUB I . -66.67 -0.19 27.49
C5 FUB I . -65.79 -1.28 27.55
C4 FUB I . -64.34 -0.89 27.78
O4 FUB I . -63.88 -0.01 26.75
C3 FUB I . -63.33 -2.03 27.82
O3 FUB I . -63.15 -2.59 29.09
C2 FUB I . -62.08 -1.33 27.34
O2 FUB I . -61.13 -2.25 26.85
C1 FUB I . -62.64 -0.41 26.26
O5 FUB I . -66.65 -1.35 28.62
C5 FUB I . -67.92 -1.92 28.79
C4 FUB I . -68.72 -1.40 29.98
O4 FUB I . -68.89 0.01 29.88
C3 FUB I . -68.13 -1.65 31.36
O3 FUB I . -68.52 -2.87 31.93
C2 FUB I . -68.68 -0.48 32.15
O2 FUB I . -67.91 -0.23 33.29
C1 FUB I . -68.64 0.64 31.10
O5 FUB I . -72.15 0.46 35.25
C5 FUB I . -70.93 0.02 35.79
C4 FUB I . -69.76 0.97 35.56
O4 FUB I . -69.56 1.19 34.18
C3 FUB I . -68.41 0.51 36.12
O3 FUB I . -68.18 0.88 37.44
C2 FUB I . -67.45 1.20 35.17
O2 FUB I . -66.20 0.59 35.18
C1 FUB I . -68.20 1.07 33.84
O5 FUB J . -56.48 -1.05 33.87
C5 FUB J . -56.64 0.32 34.15
C4 FUB J . -57.92 0.69 34.87
O4 FUB J . -59.05 0.31 34.11
C3 FUB J . -58.10 2.19 35.18
O3 FUB J . -57.62 2.55 36.44
C2 FUB J . -59.60 2.36 35.11
O2 FUB J . -59.93 3.68 34.79
C1 FUB J . -59.99 1.35 34.02
O5 FUB J . -60.98 4.47 39.23
C5 FUB J . -60.59 5.24 38.12
C4 FUB J . -61.55 5.21 36.95
O4 FUB J . -61.61 3.90 36.41
C3 FUB J . -61.21 6.15 35.79
O3 FUB J . -61.87 7.38 35.86
C2 FUB J . -61.67 5.34 34.59
O2 FUB J . -60.98 5.73 33.43
C1 FUB J . -61.33 3.91 35.04
O5 FUB K . -40.48 4.63 20.79
C5 FUB K . -40.89 4.19 22.06
C4 FUB K . -42.34 3.80 22.14
O4 FUB K . -42.63 2.70 21.28
C3 FUB K . -43.36 4.88 21.78
O3 FUB K . -43.72 5.72 22.85
C2 FUB K . -44.53 4.03 21.33
O2 FUB K . -45.42 4.78 20.53
C1 FUB K . -43.80 2.92 20.56
O5 FUB K . -46.68 6.82 23.41
C5 FUB K . -47.98 6.31 23.25
C4 FUB K . -48.17 5.46 22.01
O4 FUB K . -47.23 4.39 21.96
C3 FUB K . -48.03 6.18 20.66
O3 FUB K . -49.19 6.83 20.24
C2 FUB K . -47.70 5.00 19.77
O2 FUB K . -47.14 5.41 18.55
C1 FUB K . -46.73 4.21 20.67
O5 FUB K . -49.32 6.49 23.49
C5 FUB K . -49.46 7.22 24.68
C4 FUB K . -50.85 7.24 25.28
O4 FUB K . -51.25 5.93 25.69
C3 FUB K . -51.98 7.75 24.37
O3 FUB K . -52.16 9.13 24.42
C2 FUB K . -53.18 7.00 24.91
O2 FUB K . -54.20 6.94 23.95
C1 FUB K . -52.56 5.64 25.27
O5 FUB K . -55.83 9.72 25.62
C5 FUB K . -56.99 8.97 25.89
C4 FUB K . -57.02 7.60 25.24
O4 FUB K . -55.87 6.86 25.60
C3 FUB K . -57.07 7.57 23.72
O3 FUB K . -58.37 7.66 23.18
C2 FUB K . -56.45 6.22 23.45
O2 FUB K . -55.99 6.13 22.13
C1 FUB K . -55.32 6.21 24.48
O5 FUB L . -53.41 1.63 14.66
C5 FUB L . -54.48 1.97 13.83
C4 FUB L . -55.77 2.13 14.60
O4 FUB L . -55.75 3.34 15.35
C3 FUB L . -56.04 1.00 15.61
O3 FUB L . -56.91 0.02 15.14
C2 FUB L . -56.63 1.75 16.79
O2 FUB L . -56.37 1.05 17.97
C1 FUB L . -55.93 3.10 16.70
O5 FUB L . -60.88 1.14 16.36
C5 FUB L . -60.07 0.08 16.81
C4 FUB L . -59.47 0.27 18.19
O4 FUB L . -58.69 1.45 18.25
C3 FUB L . -58.56 -0.85 18.69
O3 FUB L . -59.23 -1.90 19.33
C2 FUB L . -57.67 -0.09 19.65
O2 FUB L . -56.47 -0.78 19.91
C1 FUB L . -57.47 1.23 18.90
O5 FUB M . -47.23 -7.06 19.69
C5 FUB M . -48.31 -7.86 20.11
C4 FUB M . -49.40 -7.10 20.85
O4 FUB M . -50.28 -6.47 19.93
C3 FUB M . -48.91 -6.01 21.79
O3 FUB M . -48.66 -6.43 23.09
C2 FUB M . -50.06 -5.02 21.75
O2 FUB M . -49.63 -3.73 22.09
C1 FUB M . -50.54 -5.15 20.30
O5 FUB M . -51.02 -5.71 25.00
C5 FUB M . -51.94 -4.69 25.28
C4 FUB M . -51.71 -3.39 24.54
O4 FUB M . -51.75 -3.61 23.13
C3 FUB M . -50.37 -2.69 24.80
O3 FUB M . -50.39 -1.85 25.92
C2 FUB M . -50.22 -1.90 23.52
O2 FUB M . -48.89 -1.52 23.33
C1 FUB M . -50.74 -2.89 22.47
O5 FUB N . -45.35 4.07 8.74
C5 FUB N . -46.27 5.09 9.02
C4 FUB N . -47.03 4.92 10.32
O4 FUB N . -46.16 5.01 11.43
C3 FUB N . -47.78 3.59 10.46
O3 FUB N . -49.11 3.64 10.04
C2 FUB N . -47.70 3.34 11.97
O2 FUB N . -47.78 1.96 12.25
C1 FUB N . -46.34 3.96 12.33
O5 FUB N . -51.96 4.10 12.48
C5 FUB N . -51.51 2.87 12.00
C4 FUB N . -50.82 1.99 13.03
O4 FUB N . -49.64 2.64 13.50
C3 FUB N . -50.38 0.60 12.56
O3 FUB N . -51.36 -0.38 12.77
C2 FUB N . -49.17 0.37 13.43
O2 FUB N . -48.34 -0.61 12.88
C1 FUB N . -48.54 1.77 13.46
O5 FUB O . -42.47 -7.53 10.47
C5 FUB O . -43.80 -7.91 10.68
C4 FUB O . -44.56 -7.02 11.66
O4 FUB O . -44.60 -5.68 11.18
C3 FUB O . -43.99 -6.93 13.07
O3 FUB O . -44.40 -7.95 13.92
C2 FUB O . -44.55 -5.59 13.50
O2 FUB O . -43.88 -5.07 14.62
C1 FUB O . -44.36 -4.77 12.22
O5 FUB O . -47.28 -7.73 16.21
C5 FUB O . -46.01 -7.41 16.71
C4 FUB O . -45.77 -5.93 16.94
O4 FUB O . -45.94 -5.20 15.73
C3 FUB O . -44.39 -5.54 17.47
O3 FUB O . -44.32 -5.47 18.87
C2 FUB O . -44.20 -4.17 16.84
O2 FUB O . -42.85 -3.80 16.79
C1 FUB O . -44.84 -4.40 15.46
O5 FUB P . -33.33 -1.46 14.95
C5 FUB P . -33.64 -1.74 16.30
C4 FUB P . -35.05 -1.35 16.70
O4 FUB P . -36.01 -2.10 15.96
C3 FUB P . -35.43 0.11 16.52
O3 FUB P . -35.11 0.93 17.61
C2 FUB P . -36.93 0.00 16.34
O2 FUB P . -37.47 1.14 15.73
C1 FUB P . -37.03 -1.27 15.49
O5 FUB P . -37.78 1.86 19.41
C5 FUB P . -39.18 2.00 19.29
C4 FUB P . -39.69 2.00 17.86
O4 FUB P . -39.29 0.82 17.18
C3 FUB P . -39.25 3.15 16.97
O3 FUB P . -40.01 4.31 17.11
C2 FUB P . -39.44 2.52 15.60
O2 FUB P . -38.74 3.22 14.60
C1 FUB P . -38.90 1.11 15.86
O5 FUB Q . -32.54 -3.13 -6.50
C5 FUB Q . -33.90 -2.77 -6.47
C4 FUB Q . -34.39 -2.34 -5.10
O4 FUB Q . -33.70 -1.19 -4.64
C3 FUB Q . -34.28 -3.37 -3.97
O3 FUB Q . -35.33 -4.29 -3.92
C2 FUB Q . -34.30 -2.44 -2.77
O2 FUB Q . -33.81 -3.08 -1.62
C1 FUB Q . -33.42 -1.28 -3.27
O5 FUB Q . -37.00 -4.97 -0.86
C5 FUB Q . -37.12 -4.33 0.38
C4 FUB Q . -35.94 -3.45 0.75
O4 FUB Q . -35.66 -2.52 -0.29
C3 FUB Q . -34.62 -4.15 1.04
O3 FUB Q . -34.49 -4.63 2.35
C2 FUB Q . -33.65 -3.01 0.78
O2 FUB Q . -32.34 -3.48 0.58
C1 FUB Q . -34.28 -2.36 -0.46
O5 FUB Q . -37.97 -4.64 1.41
C5 FUB Q . -39.32 -4.98 1.63
C4 FUB Q . -39.85 -4.68 3.02
O4 FUB Q . -39.65 -3.32 3.36
C3 FUB Q . -39.26 -5.49 4.17
O3 FUB Q . -39.91 -6.71 4.42
C2 FUB Q . -39.43 -4.54 5.33
O2 FUB Q . -38.55 -4.83 6.38
C1 FUB Q . -39.14 -3.19 4.65
O5 FUB Q . -41.75 -7.91 7.73
C5 FUB Q . -40.37 -7.83 7.97
C4 FUB Q . -39.91 -6.54 8.62
O4 FUB Q . -40.29 -5.42 7.84
C3 FUB Q . -38.41 -6.40 8.86
O3 FUB Q . -37.98 -6.88 10.10
C2 FUB Q . -38.24 -4.90 8.78
O2 FUB Q . -36.91 -4.54 8.52
C1 FUB Q . -39.21 -4.55 7.63
O5 FUB R . -31.47 7.84 0.74
C5 FUB R . -31.98 8.53 1.85
C4 FUB R . -32.80 7.66 2.80
O4 FUB R . -31.97 6.68 3.43
C3 FUB R . -33.95 6.88 2.16
O3 FUB R . -35.15 7.59 2.07
C2 FUB R . -34.07 5.72 3.14
O2 FUB R . -34.74 4.63 2.56
C1 FUB R . -32.59 5.43 3.44
O5 FUB R . -37.82 6.61 5.35
C5 FUB R . -38.03 5.86 4.18
C4 FUB R . -37.41 4.47 4.21
O4 FUB R . -36.02 4.55 4.52
C3 FUB R . -37.50 3.67 2.90
O3 FUB R . -38.65 2.88 2.79
C2 FUB R . -36.26 2.80 3.01
O2 FUB R . -35.86 2.30 1.77
C1 FUB R . -35.26 3.81 3.62
O5 FUB S . -20.28 5.67 0.83
C5 FUB S . -21.11 5.95 -0.27
C4 FUB S . -22.59 5.77 0.00
O4 FUB S . -22.87 4.42 0.39
C3 FUB S . -23.54 6.08 -1.16
O3 FUB S . -23.93 7.41 -1.23
C2 FUB S . -24.71 5.18 -0.81
O2 FUB S . -25.53 4.94 -1.93
C1 FUB S . -23.99 3.93 -0.28
O5 FUB S . -27.91 7.31 1.29
C5 FUB S . -28.05 7.37 -0.10
C4 FUB S . -28.29 6.02 -0.77
O4 FUB S . -27.29 5.08 -0.38
C3 FUB S . -28.30 6.01 -2.30
O3 FUB S . -29.55 6.26 -2.86
C2 FUB S . -27.82 4.61 -2.59
O2 FUB S . -27.29 4.51 -3.88
C1 FUB S . -26.78 4.39 -1.48
O5 FUB T . -18.07 -7.80 -6.89
C5 FUB T . -18.74 -8.78 -6.13
C4 FUB T . -19.77 -8.24 -5.17
O4 FUB T . -20.89 -7.72 -5.87
C3 FUB T . -19.28 -7.13 -4.24
O3 FUB T . -18.78 -7.57 -3.01
C2 FUB T . -20.53 -6.28 -4.05
O2 FUB T . -20.17 -4.96 -3.76
C1 FUB T . -21.25 -6.45 -5.40
O5 FUB T . -21.75 -7.00 -0.96
C5 FUB T . -22.60 -5.94 -0.61
C4 FUB T . -22.35 -4.65 -1.38
O4 FUB T . -22.33 -4.90 -2.79
C3 FUB T . -21.05 -3.91 -1.09
O3 FUB T . -21.11 -3.06 0.02
C2 FUB T . -20.88 -3.12 -2.37
O2 FUB T . -19.56 -2.69 -2.54
C1 FUB T . -21.33 -4.16 -3.43
O5 FUB U . -11.06 2.97 -4.97
C5 FUB U . -12.08 3.82 -5.43
C4 FUB U . -13.47 3.45 -4.94
O4 FUB U . -13.78 2.10 -5.29
C3 FUB U . -14.63 4.30 -5.48
O3 FUB U . -14.88 5.45 -4.74
C2 FUB U . -15.77 3.32 -5.38
O2 FUB U . -16.85 3.68 -6.20
C1 FUB U . -15.07 2.01 -5.81
O5 FUB U . -17.85 3.73 -1.75
C5 FUB U . -18.39 4.58 -2.73
C4 FUB U . -19.02 3.87 -3.91
O4 FUB U . -18.15 2.86 -4.41
C3 FUB U . -19.40 4.73 -5.10
O3 FUB U . -20.70 5.25 -5.04
C2 FUB U . -19.25 3.75 -6.25
O2 FUB U . -19.07 4.42 -7.47
C1 FUB U . -18.03 2.94 -5.81
O5 FUB V . -16.10 -6.95 -17.54
C5 FUB V . -17.10 -7.64 -16.82
C4 FUB V . -17.50 -6.98 -15.52
O4 FUB V . -17.95 -5.65 -15.72
C3 FUB V . -16.40 -6.87 -14.44
O3 FUB V . -16.25 -8.02 -13.66
C2 FUB V . -16.96 -5.71 -13.62
O2 FUB V . -15.98 -5.14 -12.80
C1 FUB V . -17.45 -4.78 -14.74
O5 FUB V . -16.65 -8.37 -11.34
C5 FUB V . -17.32 -7.80 -10.25
C4 FUB V . -17.03 -6.32 -10.04
O4 FUB V . -17.57 -5.55 -11.12
C3 FUB V . -15.55 -5.93 -9.93
O3 FUB V . -15.06 -5.96 -8.62
C2 FUB V . -15.58 -4.52 -10.49
O2 FUB V . -14.31 -4.13 -10.95
C1 FUB V . -16.63 -4.63 -11.61
O5 FUB W . -13.23 6.69 -22.67
C5 FUB W . -13.99 7.40 -21.74
C4 FUB W . -14.55 6.57 -20.60
O4 FUB W . -13.49 5.95 -19.87
C3 FUB W . -15.50 5.43 -21.00
O3 FUB W . -16.85 5.81 -21.04
C2 FUB W . -15.24 4.41 -19.92
O2 FUB W . -15.61 3.12 -20.31
C1 FUB W . -13.73 4.59 -19.69
O5 FUB W . -17.62 4.63 -16.54
C5 FUB W . -18.17 3.76 -17.52
C4 FUB W . -17.36 2.50 -17.76
O4 FUB W . -15.99 2.84 -18.01
C3 FUB W . -17.80 1.63 -18.95
O3 FUB W . -18.71 0.63 -18.59
C2 FUB W . -16.47 1.05 -19.40
O2 FUB W . -16.55 0.62 -20.74
C1 FUB W . -15.52 2.23 -19.18
O5 FUB X . -10.96 -3.90 -26.75
C5 FUB X . -12.19 -4.56 -26.63
C4 FUB X . -12.87 -4.39 -25.28
O4 FUB X . -13.07 -3.00 -24.98
C3 FUB X . -12.14 -4.96 -24.07
O3 FUB X . -12.40 -6.31 -23.81
C2 FUB X . -12.66 -4.07 -22.97
O2 FUB X . -11.83 -4.09 -21.84
C1 FUB X . -12.71 -2.71 -23.67
O5 FUB X . -15.68 -6.36 -20.92
C5 FUB X . -14.40 -6.58 -20.38
C4 FUB X . -13.77 -5.37 -19.72
O4 FUB X . -13.82 -4.24 -20.59
C3 FUB X . -12.31 -5.52 -19.29
O3 FUB X . -12.15 -5.98 -17.98
C2 FUB X . -11.81 -4.09 -19.43
O2 FUB X . -10.42 -4.04 -19.55
C1 FUB X . -12.57 -3.63 -20.69
O5 FUB Y . -2.05 8.20 -24.16
C5 FUB Y . -2.49 7.41 -23.08
C4 FUB Y . -3.99 7.45 -22.84
O4 FUB Y . -4.36 6.56 -21.80
C3 FUB Y . -4.87 7.09 -24.04
O3 FUB Y . -5.22 8.18 -24.86
C2 FUB Y . -6.09 6.49 -23.37
O2 FUB Y . -6.77 5.63 -24.24
C1 FUB Y . -5.47 5.79 -22.16
O5 FUB Y . -9.81 8.40 -22.54
C5 FUB Y . -10.03 7.71 -23.74
C4 FUB Y . -9.84 6.20 -23.65
O4 FUB Y . -8.67 5.90 -22.89
C3 FUB Y . -9.68 5.47 -24.99
O3 FUB Y . -10.89 5.00 -25.52
C2 FUB Y . -8.76 4.32 -24.60
O2 FUB Y . -8.07 3.83 -25.71
C1 FUB Y . -7.85 4.98 -23.55
O5 FUB Z . 6.39 -4.75 -22.25
C5 FUB Z . 5.39 -5.71 -22.10
C4 FUB Z . 4.00 -5.27 -22.51
O4 FUB Z . 3.90 -5.16 -23.92
C3 FUB Z . 3.55 -3.91 -21.95
O3 FUB Z . 2.92 -3.99 -20.71
C2 FUB Z . 2.60 -3.45 -23.03
O2 FUB Z . 2.43 -2.05 -23.00
C1 FUB Z . 3.29 -3.96 -24.30
O5 FUB Z . -0.25 -3.39 -21.20
C5 FUB Z . -1.23 -2.88 -22.07
C4 FUB Z . -0.70 -1.89 -23.10
O4 FUB Z . 0.30 -2.49 -23.90
C3 FUB Z . -0.08 -0.60 -22.54
O3 FUB Z . -0.99 0.44 -22.35
C2 FUB Z . 0.92 -0.28 -23.64
O2 FUB Z . 1.91 0.60 -23.18
C1 FUB Z . 1.44 -1.68 -23.98
O5 FUB AA . 5.69 7.86 -30.20
C5 FUB AA . 5.53 7.95 -28.81
C4 FUB AA . 4.48 7.01 -28.23
O4 FUB AA . 4.92 5.66 -28.27
C3 FUB AA . 3.13 7.02 -28.96
O3 FUB AA . 2.24 8.02 -28.51
C2 FUB AA . 2.61 5.64 -28.64
O2 FUB AA . 1.63 5.23 -29.56
C1 FUB AA . 3.90 4.81 -28.71
O5 FUB AA . 0.07 6.75 -25.64
C5 FUB AA . -0.59 6.86 -26.87
C4 FUB AA . -0.82 5.53 -27.58
O4 FUB AA . 0.40 4.79 -27.60
C3 FUB AA . -1.30 5.62 -29.03
O3 FUB AA . -2.68 5.58 -29.17
C2 FUB AA . -0.64 4.39 -29.64
O2 FUB AA . -0.51 4.54 -31.03
C1 FUB AA . 0.70 4.34 -28.90
O5 FUB BA . 8.55 -7.19 -35.62
C5 FUB BA . 7.32 -7.75 -35.28
C4 FUB BA . 6.39 -6.82 -34.50
O4 FUB BA . 5.93 -5.76 -35.33
C3 FUB BA . 7.01 -6.17 -33.27
O3 FUB BA . 6.84 -6.90 -32.08
C2 FUB BA . 6.28 -4.84 -33.21
O2 FUB BA . 7.04 -3.87 -32.54
C1 FUB BA . 6.09 -4.52 -34.71
O5 FUB BA . 5.87 -6.11 -30.16
C5 FUB BA . 5.23 -5.13 -29.38
C4 FUB BA . 5.46 -3.70 -29.84
O4 FUB BA . 5.13 -3.56 -31.22
C3 FUB BA . 6.90 -3.17 -29.71
O3 FUB BA . 7.18 -2.57 -28.47
C2 FUB BA . 6.93 -2.16 -30.84
O2 FUB BA . 8.25 -1.84 -31.20
C1 FUB BA . 6.16 -2.92 -31.92
O5 FUB CA . 5.11 4.04 -46.33
C5 FUB CA . 5.42 4.97 -45.32
C4 FUB CA . 4.63 4.77 -44.04
O4 FUB CA . 5.44 5.03 -42.90
C3 FUB CA . 4.02 3.39 -43.83
O3 FUB CA . 2.72 3.25 -44.34
C2 FUB CA . 4.04 3.27 -42.31
O2 FUB CA . 4.02 1.91 -41.93
C1 FUB CA . 5.34 4.00 -41.96
O5 FUB CA . -0.02 3.43 -40.38
C5 FUB CA . 0.32 2.11 -40.71
C4 FUB CA . 1.55 1.57 -40.00
O4 FUB CA . 2.64 2.48 -40.13
C3 FUB CA . 2.08 0.22 -40.49
O3 FUB CA . 1.51 -0.88 -39.83
C2 FUB CA . 3.56 0.35 -40.17
O2 FUB CA . 4.32 -0.55 -40.91
C1 FUB CA . 3.80 1.83 -40.51
O5 FUB DA . 11.46 -5.99 -46.02
C5 FUB DA . 10.06 -6.04 -46.07
C4 FUB DA . 9.36 -5.19 -45.03
O4 FUB DA . 9.68 -3.81 -45.22
C3 FUB DA . 9.70 -5.51 -43.58
O3 FUB DA . 8.79 -6.37 -42.95
C2 FUB DA . 9.70 -4.14 -42.93
O2 FUB DA . 10.53 -4.12 -41.80
C1 FUB DA . 10.20 -3.24 -44.07
O5 FUB DA . 8.47 -6.44 -40.56
C5 FUB DA . 8.10 -5.72 -39.42
C4 FUB DA . 8.85 -4.41 -39.23
O4 FUB DA . 8.73 -3.59 -40.40
C3 FUB DA . 10.35 -4.51 -38.95
O3 FUB DA . 10.67 -4.57 -37.59
C2 FUB DA . 10.85 -3.23 -39.58
O2 FUB DA . 12.23 -3.29 -39.84
C1 FUB DA . 9.99 -3.19 -40.85
O5 FUB EA . 18.56 2.52 -42.78
C5 FUB EA . 19.33 2.42 -41.61
C4 FUB EA . 18.52 2.30 -40.34
O4 FUB EA . 17.99 0.98 -40.20
C3 FUB EA . 17.32 3.26 -40.26
O3 FUB EA . 17.60 4.45 -39.56
C2 FUB EA . 16.26 2.44 -39.55
O2 FUB EA . 14.99 2.81 -40.02
C1 FUB EA . 16.63 0.99 -39.89
O5 FUB EA . 16.00 4.68 -35.82
C5 FUB EA . 15.31 5.25 -36.90
C4 FUB EA . 14.14 4.43 -37.41
O4 FUB EA . 14.56 3.10 -37.73
C3 FUB EA . 13.43 4.95 -38.65
O3 FUB EA . 12.41 5.87 -38.37
C2 FUB EA . 12.87 3.67 -39.23
O2 FUB EA . 12.57 3.81 -40.60
C1 FUB EA . 14.02 2.68 -38.96
O5 FUB FA . 22.79 3.52 -52.54
C5 FUB FA . 22.94 2.21 -52.08
C4 FUB FA . 22.00 1.81 -50.96
O4 FUB FA . 20.68 1.62 -51.46
C3 FUB FA . 21.88 2.81 -49.81
O3 FUB FA . 22.79 2.59 -48.78
C2 FUB FA . 20.46 2.60 -49.34
O2 FUB FA . 19.96 3.78 -48.76
C1 FUB FA . 19.72 2.23 -50.64
O5 FUB FA . 21.53 1.90 -44.71
C5 FUB FA . 21.31 3.24 -45.06
C4 FUB FA . 19.92 3.54 -45.59
O4 FUB FA . 19.62 2.71 -46.70
C3 FUB FA . 19.66 4.97 -46.07
O3 FUB FA . 19.25 5.84 -45.05
C2 FUB FA . 18.55 4.75 -47.07
O2 FUB FA . 18.46 5.82 -47.98
C1 FUB FA . 19.02 3.44 -47.74
O5 FUB GA . 18.20 14.70 -53.13
C5 FUB GA . 18.18 14.81 -51.73
C4 FUB GA . 17.60 13.60 -51.02
O4 FUB GA . 18.45 12.47 -51.16
C3 FUB GA . 16.22 13.14 -51.49
O3 FUB GA . 15.15 13.81 -50.88
C2 FUB GA . 16.26 11.68 -51.10
O2 FUB GA . 15.31 10.92 -51.80
C1 FUB GA . 17.72 11.32 -51.44
O5 FUB GA . 14.06 11.35 -47.49
C5 FUB GA . 13.21 11.15 -48.59
C4 FUB GA . 13.53 9.91 -49.41
O4 FUB GA . 14.92 9.88 -49.75
C3 FUB GA . 12.77 9.77 -50.73
O3 FUB GA . 11.60 9.02 -50.63
C2 FUB GA . 13.79 9.05 -51.60
O2 FUB GA . 13.54 9.28 -52.97
C1 FUB GA . 15.11 9.67 -51.11
O5 FUB HA . 13.32 7.64 -62.71
C5 FUB HA . 12.53 8.38 -61.81
C4 FUB HA . 12.57 7.89 -60.37
O4 FUB HA . 13.61 8.54 -59.65
C3 FUB HA . 12.83 6.39 -60.19
O3 FUB HA . 11.67 5.60 -60.26
C2 FUB HA . 13.43 6.37 -58.80
O2 FUB HA . 14.17 5.20 -58.59
C1 FUB HA . 14.29 7.65 -58.83
O5 FUB HA . 11.14 4.14 -57.59
C5 FUB HA . 11.53 3.81 -56.28
C4 FUB HA . 13.01 3.93 -56.01
O4 FUB HA . 13.47 5.23 -56.36
C3 FUB HA . 13.92 2.94 -56.74
O3 FUB HA . 14.18 1.77 -56.02
C2 FUB HA . 15.18 3.77 -56.92
O2 FUB HA . 15.96 3.27 -57.97
C1 FUB HA . 14.58 5.16 -57.20
O5 FUB IA . 27.09 13.65 -59.41
C5 FUB IA . 27.10 13.79 -58.01
C4 FUB IA . 25.80 13.43 -57.34
O4 FUB IA . 25.59 12.02 -57.33
C3 FUB IA . 24.54 14.04 -57.96
O3 FUB IA . 24.19 15.29 -57.44
C2 FUB IA . 23.49 13.00 -57.64
O2 FUB IA . 22.45 13.06 -58.57
C1 FUB IA . 24.29 11.69 -57.70
O5 FUB IA . 21.00 13.84 -54.31
C5 FUB IA . 20.46 14.39 -55.48
C4 FUB IA . 20.05 13.36 -56.52
O4 FUB IA . 21.11 12.43 -56.75
C3 FUB IA . 19.66 13.90 -57.89
O3 FUB IA . 18.30 14.18 -58.02
C2 FUB IA . 20.06 12.75 -58.80
O2 FUB IA . 20.27 13.22 -60.11
C1 FUB IA . 21.35 12.25 -58.12
O5 FUB JA . 20.50 11.57 -70.49
C5 FUB JA . 19.23 11.95 -70.08
C4 FUB JA . 18.87 11.54 -68.66
O4 FUB JA . 19.85 12.03 -67.74
C3 FUB JA . 18.77 10.04 -68.39
O3 FUB JA . 17.52 9.48 -68.69
C2 FUB JA . 19.05 10.02 -66.90
O2 FUB JA . 19.41 8.74 -66.45
C1 FUB JA . 20.17 11.06 -66.80
O5 FUB JA . 15.69 9.42 -64.28
C5 FUB JA . 16.22 8.13 -64.06
C4 FUB JA . 17.71 8.10 -63.77
O4 FUB JA . 18.37 9.17 -64.41
C3 FUB JA . 18.44 6.82 -64.18
O3 FUB JA . 18.50 5.85 -63.17
C2 FUB JA . 19.82 7.33 -64.53
O2 FUB JA . 20.43 6.53 -65.49
C1 FUB JA . 19.56 8.78 -65.02
O5 FUB KA . 28.63 3.82 -68.71
C5 FUB KA . 27.39 3.18 -68.93
C4 FUB KA . 26.41 3.32 -67.78
O4 FUB KA . 25.72 4.55 -67.86
C3 FUB KA . 27.04 3.25 -66.39
O3 FUB KA . 27.04 1.98 -65.82
C2 FUB KA . 26.19 4.22 -65.59
O2 FUB KA . 26.96 4.79 -64.56
C1 FUB KA . 25.74 5.24 -66.65
O5 FUB KA . 24.05 2.29 -62.41
C5 FUB KA . 25.25 2.74 -61.84
C4 FUB KA . 25.43 4.25 -61.89
O4 FUB KA . 25.07 4.75 -63.16
C3 FUB KA . 26.85 4.76 -61.61
O3 FUB KA . 27.11 5.05 -60.28
C2 FUB KA . 26.89 6.00 -62.47
O2 FUB KA . 28.21 6.36 -62.77
C1 FUB KA . 26.08 5.55 -63.70
O5 FUB LA . 29.17 18.23 -71.57
C5 FUB LA . 27.93 18.67 -71.07
C4 FUB LA . 27.15 17.61 -70.33
O4 FUB LA . 27.91 17.12 -69.22
C3 FUB LA . 26.75 16.37 -71.12
O3 FUB LA . 25.51 16.49 -71.78
C2 FUB LA . 26.70 15.31 -70.04
O2 FUB LA . 26.83 14.03 -70.58
C1 FUB LA . 27.87 15.73 -69.15
O5 FUB LA . 22.59 15.11 -69.81
C5 FUB LA . 22.89 14.12 -70.76
C4 FUB LA . 23.84 13.04 -70.27
O4 FUB LA . 24.83 13.59 -69.43
C3 FUB LA . 24.58 12.23 -71.34
O3 FUB LA . 23.89 11.11 -71.79
C2 FUB LA . 25.82 11.83 -70.57
O2 FUB LA . 26.87 11.47 -71.43
C1 FUB LA . 26.11 13.10 -69.75
O5 FUB MA . 34.60 9.81 -76.13
C5 FUB MA . 33.61 8.94 -76.60
C4 FUB MA . 32.72 8.36 -75.52
O4 FUB MA . 31.80 9.34 -75.05
C3 FUB MA . 33.44 7.83 -74.28
O3 FUB MA . 33.81 6.49 -74.37
C2 FUB MA . 32.40 8.03 -73.20
O2 FUB MA . 33.03 8.16 -71.94
C1 FUB MA . 31.69 9.32 -73.66
O5 FUB MA . 29.27 5.30 -71.53
C5 FUB MA . 30.54 5.25 -70.91
C4 FUB MA . 30.93 6.52 -70.18
O4 FUB MA . 30.92 7.62 -71.07
C3 FUB MA . 32.32 6.51 -69.53
O3 FUB MA . 32.33 6.01 -68.23
C2 FUB MA . 32.66 7.99 -69.57
O2 FUB MA . 34.05 8.18 -69.50
C1 FUB MA . 32.06 8.42 -70.92
O5 FUB NA . 42.36 11.83 -67.57
C5 FUB NA . 41.89 11.66 -66.26
C4 FUB NA . 40.39 11.54 -66.13
O4 FUB NA . 39.82 11.00 -67.32
C3 FUB NA . 39.62 12.84 -65.87
O3 FUB NA . 39.55 13.20 -64.52
C2 FUB NA . 38.25 12.46 -66.41
O2 FUB NA . 37.47 13.59 -66.68
C1 FUB NA . 38.64 11.65 -67.66
O5 FUB NA . 36.68 12.22 -63.12
C5 FUB NA . 35.33 12.04 -63.51
C4 FUB NA . 34.97 12.68 -64.83
O4 FUB NA . 35.78 12.17 -65.89
C3 FUB NA . 35.09 14.20 -64.91
O3 FUB NA . 33.99 14.89 -64.40
C2 FUB NA . 35.20 14.38 -66.42
O2 FUB NA . 35.74 15.62 -66.75
C1 FUB NA . 36.10 13.18 -66.81
O5 FUB OA . 38.43 22.60 -73.58
C5 FUB OA . 37.46 23.06 -72.67
C4 FUB OA . 36.62 21.98 -72.03
O4 FUB OA . 37.44 21.06 -71.29
C3 FUB OA . 35.77 21.11 -72.97
O3 FUB OA . 34.53 21.65 -73.27
C2 FUB OA . 35.65 19.84 -72.14
O2 FUB OA . 35.31 18.74 -72.94
C1 FUB OA . 37.04 19.75 -71.50
O5 FUB OA . 31.87 20.74 -70.76
C5 FUB OA . 31.84 20.13 -72.02
C4 FUB OA . 32.29 18.67 -72.02
O4 FUB OA . 33.55 18.54 -71.39
C3 FUB OA . 32.43 18.02 -73.40
O3 FUB OA . 31.28 17.35 -73.84
C2 FUB OA . 33.58 17.06 -73.17
O2 FUB OA . 34.22 16.73 -74.37
C1 FUB OA . 34.46 17.84 -72.19
O5 FUB PA . 47.75 11.31 -75.88
C5 FUB PA . 47.11 10.21 -75.27
C4 FUB PA . 45.74 10.54 -74.71
O4 FUB PA . 44.80 10.78 -75.75
C3 FUB PA . 45.68 11.76 -73.78
O3 FUB PA . 45.91 11.46 -72.43
C2 FUB PA . 44.24 12.22 -73.99
O2 FUB PA . 44.12 13.58 -73.67
C1 FUB PA . 44.04 11.92 -75.49
O5 FUB PA . 44.17 11.11 -69.58
C5 FUB PA . 44.59 12.45 -69.72
C4 FUB PA . 43.61 13.34 -70.44
O4 FUB PA . 43.21 12.76 -71.68
C3 FUB PA . 44.10 14.75 -70.80
O3 FUB PA . 43.93 15.69 -69.78
C2 FUB PA . 43.22 15.08 -71.99
O2 FUB PA . 43.83 16.06 -72.80
C1 FUB PA . 43.07 13.71 -72.69
O5 FUB QA . 43.93 19.86 -87.60
C5 FUB QA . 42.64 19.31 -87.76
C4 FUB QA . 41.79 19.03 -86.53
O4 FUB QA . 42.02 20.01 -85.52
C3 FUB QA . 41.97 17.67 -85.85
O3 FUB QA . 41.19 16.65 -86.39
C2 FUB QA . 41.51 18.01 -84.44
O2 FUB QA . 41.96 17.06 -83.51
C1 FUB QA . 42.11 19.41 -84.26
O5 FUB QA . 38.06 14.12 -85.05
C5 FUB QA . 38.91 13.71 -84.02
C4 FUB QA . 39.28 14.79 -83.03
O4 FUB QA . 39.95 15.87 -83.68
C3 FUB QA . 40.20 14.36 -81.88
O3 FUB QA . 39.55 14.29 -80.65
C2 FUB QA . 41.31 15.40 -81.86
O2 FUB QA . 42.54 14.83 -82.21
C1 FUB QA . 40.82 16.52 -82.81
O5 FUB RA . 51.56 10.56 -85.26
C5 FUB RA . 50.41 9.78 -85.08
C4 FUB RA . 49.30 10.49 -84.33
O4 FUB RA . 48.88 11.67 -85.00
C3 FUB RA . 49.63 10.92 -82.90
O3 FUB RA . 49.42 9.94 -81.93
C2 FUB RA . 48.67 12.09 -82.72
O2 FUB RA . 49.08 12.94 -81.69
C1 FUB RA . 48.71 12.72 -84.12
O5 FUB RA . 47.13 9.29 -79.23
C5 FUB RA . 48.21 10.17 -79.04
C4 FUB RA . 47.85 11.64 -79.08
O4 FUB RA . 47.38 12.01 -80.38
C3 FUB RA . 48.97 12.63 -78.76
O3 FUB RA . 49.11 12.93 -77.40
C2 FUB RA . 48.51 13.85 -79.54
O2 FUB RA . 49.57 14.75 -79.78
C1 FUB RA . 47.97 13.20 -80.82
O5 FUB SA . 72.48 8.87 -103.71
C5 FUB SA . 71.37 8.25 -103.15
C4 FUB SA . 70.32 9.19 -102.59
O4 FUB SA . 69.79 10.02 -103.63
C3 FUB SA . 70.80 10.14 -101.49
O3 FUB SA . 70.66 9.63 -100.20
C2 FUB SA . 69.92 11.36 -101.71
O2 FUB SA . 70.53 12.50 -101.20
C1 FUB SA . 69.78 11.36 -103.23
O5 FUB SA . 69.61 11.07 -97.61
C5 FUB SA . 68.71 12.15 -97.46
C4 FUB SA . 68.88 13.26 -98.49
O4 FUB SA . 68.66 12.78 -99.81
C3 FUB SA . 70.24 13.95 -98.54
O3 FUB SA . 70.40 14.95 -97.58
C2 FUB SA . 70.20 14.54 -99.94
O2 FUB SA . 71.48 14.84 -100.41
C1 FUB SA . 69.51 13.41 -100.73
O5 FUB SA . 67.82 12.58 -96.51
C5 FUB SA . 67.40 11.98 -95.32
C4 FUB SA . 66.51 12.83 -94.42
O4 FUB SA . 65.32 13.23 -95.10
C3 FUB SA . 67.11 14.12 -93.86
O3 FUB SA . 67.87 13.94 -92.71
C2 FUB SA . 65.84 14.90 -93.57
O2 FUB SA . 66.11 16.27 -93.43
C1 FUB SA . 65.00 14.55 -94.79
O5 FUB SA . 64.57 15.67 -88.98
C5 FUB SA . 65.16 16.91 -89.29
C4 FUB SA . 64.77 17.48 -90.64
O4 FUB SA . 64.62 16.45 -91.62
C3 FUB SA . 65.75 18.47 -91.28
O3 FUB SA . 65.67 19.76 -90.76
C2 FUB SA . 65.26 18.42 -92.72
O2 FUB SA . 66.24 18.89 -93.61
C1 FUB SA . 64.94 16.93 -92.90
O5 FUB SA . 64.21 17.37 -88.40
C5 FUB SA . 64.18 17.70 -87.04
C4 FUB SA . 62.80 17.92 -86.46
O4 FUB SA . 61.82 17.14 -87.15
C3 FUB SA . 62.26 19.36 -86.45
O3 FUB SA . 62.68 20.11 -85.36
C2 FUB SA . 60.77 19.09 -86.39
O2 FUB SA . 60.04 20.22 -86.80
C1 FUB SA . 60.64 17.89 -87.33
O5 FUB SA . 59.28 20.85 -83.05
C5 FUB SA . 57.92 20.63 -83.29
C4 FUB SA . 57.54 20.56 -84.75
O4 FUB SA . 58.27 19.53 -85.43
C3 FUB SA . 57.78 21.82 -85.59
O3 FUB SA . 56.77 22.77 -85.47
C2 FUB SA . 57.85 21.22 -86.97
O2 FUB SA . 58.47 22.09 -87.88
C1 FUB SA . 58.63 19.91 -86.72
O5 FUB SA . 56.97 20.67 -82.30
C5 FUB SA . 56.87 21.18 -80.99
C4 FUB SA . 55.45 21.23 -80.44
O4 FUB SA . 54.93 19.91 -80.30
C3 FUB SA . 54.43 22.00 -81.28
O3 FUB SA . 54.39 23.37 -81.02
C2 FUB SA . 53.14 21.31 -80.87
O2 FUB SA . 52.13 21.50 -81.82
C1 FUB SA . 53.60 19.85 -80.73
O5 FUB SA . 51.34 23.17 -77.92
C5 FUB SA . 50.55 23.73 -78.93
C4 FUB SA . 49.92 22.73 -79.89
O4 FUB SA . 50.71 21.54 -79.96
C3 FUB SA . 49.73 23.19 -81.34
O3 FUB SA . 48.52 23.86 -81.56
C2 FUB SA . 49.75 21.85 -82.05
O2 FUB SA . 50.04 22.01 -83.42
C1 FUB SA . 50.86 21.11 -81.28
O5 FUB TA . 56.08 12.51 -94.17
C5 FUB TA . 54.97 11.66 -94.00
C4 FUB TA . 53.97 12.13 -92.98
O4 FUB TA . 53.44 13.41 -93.33
C3 FUB TA . 54.49 12.27 -91.54
O3 FUB TA . 54.42 11.09 -90.79
C2 FUB TA . 53.54 13.32 -91.00
O2 FUB TA . 54.06 13.96 -89.87
C1 FUB TA . 53.37 14.24 -92.21
O5 FUB TA . 50.82 10.52 -88.89
C5 FUB TA . 52.11 10.86 -88.42
C4 FUB TA . 52.23 12.27 -87.89
O4 FUB TA . 52.03 13.22 -88.93
C3 FUB TA . 53.57 12.64 -87.25
O3 FUB TA . 53.65 12.35 -85.89
C2 FUB TA . 53.60 14.13 -87.49
O2 FUB TA . 54.90 14.65 -87.41
C1 FUB TA . 53.02 14.21 -88.92
O5 FUB UA . 61.25 25.11 -97.11
C5 FUB UA . 60.64 26.17 -96.41
C4 FUB UA . 59.71 25.77 -95.28
O4 FUB UA . 60.38 24.94 -94.33
C3 FUB UA . 58.44 25.00 -95.68
O3 FUB UA . 57.36 25.82 -96.00
C2 FUB UA . 58.18 24.20 -94.43
O2 FUB UA . 57.39 23.07 -94.72
C1 FUB UA . 59.60 23.85 -93.97
O5 FUB UA . 53.72 25.66 -93.29
C5 FUB UA . 53.83 24.57 -94.18
C4 FUB UA . 54.47 23.33 -93.59
O4 FUB UA . 55.77 23.62 -93.11
C3 FUB UA . 54.63 22.13 -94.52
O3 FUB UA . 53.50 21.29 -94.54
C2 FUB UA . 55.81 21.43 -93.89
O2 FUB UA . 56.42 20.55 -94.80
C1 FUB UA . 56.70 22.65 -93.53
O5 FUB VA . 64.13 16.33 -108.78
C5 FUB VA . 62.91 17.01 -108.82
C4 FUB VA . 62.22 17.13 -107.47
O4 FUB VA . 63.01 17.90 -106.58
C3 FUB VA . 61.94 15.82 -106.75
O3 FUB VA . 60.67 15.27 -107.05
C2 FUB VA . 62.02 16.23 -105.30
O2 FUB VA . 62.33 15.12 -104.50
C1 FUB VA . 63.13 17.29 -105.34
O5 FUB VA . 59.10 15.14 -104.13
C5 FUB VA . 59.07 15.32 -102.74
C4 FUB VA . 60.43 15.24 -102.07
O4 FUB VA . 61.31 16.18 -102.67
C3 FUB VA . 61.13 13.89 -102.13
O3 FUB VA . 60.92 13.08 -100.99
C2 FUB VA . 62.59 14.29 -102.24
O2 FUB VA . 63.35 13.28 -102.83
C1 FUB VA . 62.47 15.55 -103.12
O5 FUB WA . 82.67 20.67 -128.28
C5 FUB WA . 81.79 21.72 -127.95
C4 FUB WA . 80.90 21.44 -126.76
O4 FUB WA . 81.71 21.17 -125.61
C3 FUB WA . 79.94 20.27 -126.90
O3 FUB WA . 78.71 20.61 -127.44
C2 FUB WA . 79.80 19.83 -125.46
O2 FUB WA . 79.37 18.49 -125.36
C1 FUB WA . 81.23 20.05 -124.92
O5 FUB WA . 76.35 20.71 -122.98
C5 FUB WA . 76.08 19.39 -123.40
C4 FUB WA . 77.18 18.40 -123.09
O4 FUB WA . 78.47 18.98 -123.26
C3 FUB WA . 77.20 17.10 -123.91
O3 FUB WA . 76.41 16.08 -123.38
C2 FUB WA . 78.67 16.74 -123.86
O2 FUB WA . 79.03 15.87 -124.89
C1 FUB WA . 79.32 18.13 -123.97
O5 FUB WA . 75.23 19.35 -122.33
C5 FUB WA . 74.26 20.18 -121.75
C4 FUB WA . 73.92 19.91 -120.29
O4 FUB WA . 75.10 19.76 -119.52
C3 FUB WA . 73.08 18.67 -120.00
O3 FUB WA . 71.70 18.88 -120.09
C2 FUB WA . 73.50 18.37 -118.58
O2 FUB WA . 73.22 17.04 -118.23
C1 FUB WA . 75.00 18.70 -118.63
O5 FUB WA . 69.55 18.11 -115.53
C5 FUB WA . 69.96 16.91 -116.13
C4 FUB WA . 71.35 16.46 -115.75
O4 FUB WA . 72.31 17.44 -116.11
C3 FUB WA . 71.84 15.15 -116.39
O3 FUB WA . 71.54 14.01 -115.64
C2 FUB WA . 73.33 15.38 -116.48
O2 FUB WA . 73.91 14.58 -117.47
C1 FUB WA . 73.39 16.89 -116.81
O5 FUB XA . 84.35 10.39 -130.74
C5 FUB XA . 83.18 9.69 -130.40
C4 FUB XA . 82.66 9.96 -129.01
O4 FUB XA . 82.31 11.33 -128.85
C3 FUB XA . 83.63 9.65 -127.86
O3 FUB XA . 83.59 8.33 -127.42
C2 FUB XA . 83.10 10.60 -126.79
O2 FUB XA . 84.09 10.83 -125.82
C1 FUB XA . 82.74 11.83 -127.62
O5 FUB XA . 80.45 8.94 -123.90
C5 FUB XA . 81.50 9.01 -122.97
C4 FUB XA . 82.34 10.27 -123.05
O4 FUB XA . 82.27 10.86 -124.34
C3 FUB XA . 83.84 10.10 -122.78
O3 FUB XA . 84.19 10.09 -121.42
C2 FUB XA . 84.40 11.32 -123.48
O2 FUB XA . 85.75 11.11 -123.85
C1 FUB XA . 83.46 11.49 -124.69
O5 FUB XA . 80.81 9.17 -121.79
C5 FUB XA . 79.88 8.31 -121.19
C4 FUB XA . 79.16 8.88 -119.97
O4 FUB XA . 78.57 10.13 -120.26
C3 FUB XA . 80.01 9.11 -118.72
O3 FUB XA . 80.17 7.98 -117.91
C2 FUB XA . 79.20 10.17 -118.01
O2 FUB XA . 79.97 10.87 -117.07
C1 FUB XA . 78.73 11.03 -119.20
O5 FUB XA . 78.46 8.15 -115.26
C5 FUB XA . 77.91 8.98 -114.28
C4 FUB XA . 78.27 10.45 -114.42
O4 FUB XA . 78.03 10.89 -115.75
C3 FUB XA . 79.73 10.82 -114.14
O3 FUB XA . 79.99 11.09 -112.79
C2 FUB XA . 79.86 12.08 -114.97
O2 FUB XA . 81.21 12.39 -115.21
C1 FUB XA . 79.09 11.66 -116.24
O5 FUB YA . 88.93 17.04 -119.54
C5 FUB YA . 89.03 17.00 -118.15
C4 FUB YA . 87.70 17.02 -117.43
O4 FUB YA . 86.90 15.92 -117.82
C3 FUB YA . 86.84 18.27 -117.64
O3 FUB YA . 87.10 19.32 -116.75
C2 FUB YA . 85.44 17.71 -117.44
O2 FUB YA . 84.47 18.50 -118.04
C1 FUB YA . 85.58 16.32 -118.07
O5 FUB YA . 84.24 19.41 -113.64
C5 FUB YA . 83.89 20.21 -114.74
C4 FUB YA . 82.84 19.60 -115.65
O4 FUB YA . 83.24 18.31 -116.07
C3 FUB YA . 82.50 20.38 -116.93
O3 FUB YA . 81.43 21.26 -116.78
C2 FUB YA . 82.17 19.25 -117.89
O2 FUB YA . 82.32 19.66 -119.22
C1 FUB YA . 83.19 18.19 -117.45
C1 NAG ZA . -37.42 -21.52 45.75
C2 NAG ZA . -36.81 -20.13 45.64
C3 NAG ZA . -36.92 -19.66 44.19
C4 NAG ZA . -36.30 -20.70 43.24
C5 NAG ZA . -36.87 -22.09 43.55
C6 NAG ZA . -36.23 -23.20 42.73
C7 NAG ZA . -36.92 -18.63 47.59
C8 NAG ZA . -37.82 -17.69 48.36
N2 NAG ZA . -37.48 -19.20 46.50
O3 NAG ZA . -36.28 -18.42 44.08
O4 NAG ZA . -36.64 -20.28 41.94
O5 NAG ZA . -36.69 -22.39 44.92
O6 NAG ZA . -36.67 -24.45 43.22
O7 NAG ZA . -35.77 -18.84 47.95
C1 NAG ZA . -35.45 -20.03 41.17
C2 NAG ZA . -35.89 -19.53 39.78
C3 NAG ZA . -34.66 -19.21 38.94
C4 NAG ZA . -33.74 -18.25 39.69
C5 NAG ZA . -33.42 -18.83 41.08
C6 NAG ZA . -32.53 -17.94 41.92
C7 NAG ZA . -38.05 -20.49 39.11
C8 NAG ZA . -38.70 -21.63 38.37
N2 NAG ZA . -36.71 -20.51 39.14
O3 NAG ZA . -35.10 -18.66 37.73
O4 NAG ZA . -32.58 -18.10 38.92
O5 NAG ZA . -34.64 -19.05 41.77
O6 NAG ZA . -33.13 -16.68 42.05
O7 NAG ZA . -38.72 -19.63 39.67
C1 NAG AB . -99.91 20.00 129.93
C2 NAG AB . -101.15 20.06 130.81
C3 NAG AB . -102.40 19.96 129.95
C4 NAG AB . -102.38 21.03 128.86
C5 NAG AB . -101.05 20.95 128.09
C6 NAG AB . -100.89 22.02 127.05
C7 NAG AB . -101.12 17.71 131.66
C8 NAG AB . -101.10 16.91 132.94
N2 NAG AB . -101.14 19.04 131.84
O3 NAG AB . -103.52 20.09 130.78
O4 NAG AB . -103.47 20.79 128.01
O5 NAG AB . -99.98 21.06 129.00
O6 NAG AB . -101.03 23.28 127.64
O7 NAG AB . -101.11 17.15 130.57
C1 NAG AB . -104.40 21.90 128.13
C2 NAG AB . -105.03 22.15 126.74
C3 NAG AB . -106.05 23.27 126.84
C4 NAG AB . -107.06 22.97 127.94
C5 NAG AB . -106.32 22.68 129.24
C6 NAG AB . -107.23 22.33 130.41
C7 NAG AB . -103.72 21.72 124.70
C8 NAG AB . -102.63 22.27 123.81
N2 NAG AB . -104.02 22.47 125.77
O3 NAG AB . -106.67 23.41 125.59
O4 NAG AB . -107.91 24.09 128.05
O5 NAG AB . -105.43 21.60 129.04
O6 NAG AB . -106.45 21.96 131.52
O7 NAG AB . -104.28 20.66 124.45
C1 NAG BB . 9.17 34.00 26.25
C2 NAG BB . 10.21 33.57 25.22
C3 NAG BB . 9.81 32.24 24.60
C4 NAG BB . 9.76 31.22 25.74
C5 NAG BB . 8.97 31.78 26.95
C6 NAG BB . 9.03 30.94 28.21
C7 NAG BB . 11.66 35.15 24.06
C8 NAG BB . 11.71 36.25 23.02
N2 NAG BB . 10.45 34.60 24.26
O3 NAG BB . 10.76 31.93 23.62
O4 NAG BB . 9.23 30.01 25.21
O5 NAG BB . 9.35 33.12 27.32
O6 NAG BB . 7.79 30.98 28.87
O7 NAG BB . 12.66 34.82 24.67
C1 NAG BB . 10.28 29.08 24.82
C2 NAG BB . 9.69 28.09 23.81
C3 NAG BB . 10.77 27.10 23.35
C4 NAG BB . 11.95 27.86 22.78
C5 NAG BB . 12.45 28.86 23.82
C6 NAG BB . 13.51 29.77 23.24
C7 NAG BB . 7.40 27.23 23.70
C8 NAG BB . 6.36 26.45 24.46
N2 NAG BB . 8.57 27.38 24.36
O3 NAG BB . 10.21 26.24 22.40
O4 NAG BB . 12.93 26.89 22.47
O5 NAG BB . 11.38 29.70 24.20
O6 NAG BB . 13.99 30.63 24.24
O7 NAG BB . 7.19 27.66 22.58
C1 34V CB . 64.88 13.24 -35.91
O1 34V CB . 63.78 14.10 -35.79
C2 34V CB . 66.20 13.97 -35.90
C3 34V CB . 66.40 14.80 -34.63
O3 34V CB . 65.60 15.94 -34.69
C4 34V CB . 67.85 15.16 -34.71
O4 34V CB . 68.41 15.39 -33.44
C5 34V CB . 68.43 13.91 -35.39
O5 34V CB . 67.36 13.16 -35.92
O5 FUB CB . 67.84 18.51 -33.42
C5 FUB CB . 69.09 18.86 -33.97
C4 FUB CB . 70.20 17.90 -33.65
O4 FUB CB . 70.07 16.70 -34.42
C3 FUB CB . 70.08 17.48 -32.17
O3 FUB CB . 71.01 18.18 -31.39
C2 FUB CB . 70.39 16.01 -32.23
O2 FUB CB . 69.74 15.30 -31.22
C1 FUB CB . 69.82 15.61 -33.60
O5 FUB DB . 66.41 9.64 -24.89
C5 FUB DB . 67.52 9.87 -24.07
C4 FUB DB . 68.69 10.53 -24.77
O4 FUB DB . 68.24 11.18 -25.95
C3 FUB DB . 69.67 9.49 -25.28
O3 FUB DB . 70.69 9.28 -24.35
C2 FUB DB . 70.26 10.07 -26.55
O2 FUB DB . 70.26 9.11 -27.58
C1 FUB DB . 69.31 11.24 -26.85
O5 FUB DB . 73.72 10.43 -26.10
C5 FUB DB . 74.31 10.33 -27.37
C4 FUB DB . 73.36 9.95 -28.49
O4 FUB DB . 72.07 10.48 -28.25
C3 FUB DB . 73.12 8.43 -28.47
O3 FUB DB . 74.16 7.77 -29.12
C2 FUB DB . 71.83 8.32 -29.22
O2 FUB DB . 71.14 7.14 -28.92
C1 FUB DB . 71.08 9.56 -28.68
O5 FUB EB . 59.06 -0.83 -22.68
C5 FUB EB . 60.22 -0.70 -21.89
C4 FUB EB . 61.46 -0.32 -22.66
O4 FUB EB . 61.51 1.09 -22.83
C3 FUB EB . 61.43 -0.91 -24.06
O3 FUB EB . 62.34 -1.97 -24.21
C2 FUB EB . 61.82 0.24 -24.98
O2 FUB EB . 60.71 0.54 -25.78
C1 FUB EB . 62.19 1.36 -24.01
O5 FUB EB . 64.69 0.04 -28.05
C5 FUB EB . 63.68 0.15 -29.01
C4 FUB EB . 62.52 1.03 -28.60
O4 FUB EB . 62.46 1.18 -27.21
C3 FUB EB . 61.17 0.34 -28.90
O3 FUB EB . 60.87 0.45 -30.26
C2 FUB EB . 60.23 1.17 -28.06
O2 FUB EB . 59.07 0.48 -27.71
C1 FUB EB . 61.13 1.45 -26.83
O5 FUB EB . 64.95 0.24 -29.55
C5 FUB EB . 64.96 0.81 -30.84
C4 FUB EB . 66.25 0.60 -31.60
O4 FUB EB . 67.36 1.05 -30.79
C3 FUB EB . 66.27 1.43 -32.89
O3 FUB EB . 66.47 0.63 -34.02
C2 FUB EB . 67.44 2.37 -32.70
O2 FUB EB . 66.95 3.62 -32.29
C1 FUB EB . 68.29 1.66 -31.63
O5 FUB EB . 71.34 3.56 -34.74
C5 FUB EB . 70.17 4.05 -35.36
C4 FUB EB . 69.29 4.91 -34.47
O4 FUB EB . 69.02 4.26 -33.25
C3 FUB EB . 67.91 5.07 -35.08
O3 FUB EB . 67.93 6.11 -36.03
C2 FUB EB . 67.05 5.44 -33.90
O2 FUB EB . 65.74 4.98 -34.05
C1 FUB EB . 67.79 4.71 -32.73
O5 FUB FB . 55.38 5.71 -33.61
C5 FUB FB . 56.00 6.92 -33.25
C4 FUB FB . 57.38 7.14 -33.83
O4 FUB FB . 58.33 6.28 -33.21
C3 FUB FB . 57.87 8.54 -33.49
O3 FUB FB . 57.54 9.41 -34.54
C2 FUB FB . 59.37 8.41 -33.37
O2 FUB FB . 59.85 9.19 -32.30
C1 FUB FB . 59.57 6.91 -33.12
O5 FUB FB . 61.15 11.46 -35.46
C5 FUB FB . 61.85 12.03 -34.39
C4 FUB FB . 62.34 11.03 -33.38
O4 FUB FB . 61.71 9.78 -33.57
C3 FUB FB . 61.91 11.48 -31.98
O3 FUB FB . 62.90 12.28 -31.42
C2 FUB FB . 61.80 10.18 -31.25
O2 FUB FB . 60.89 10.23 -30.18
C1 FUB FB . 61.30 9.23 -32.36
O5 FUB GB . 40.71 6.94 -18.88
C5 FUB GB . 40.94 7.27 -20.23
C4 FUB GB . 42.36 7.07 -20.68
O4 FUB GB . 42.66 5.70 -20.82
C3 FUB GB . 43.31 7.58 -19.59
O3 FUB GB . 43.62 8.94 -19.80
C2 FUB GB . 44.52 6.72 -19.81
O2 FUB GB . 45.31 6.58 -18.67
C1 FUB GB . 43.86 5.38 -20.18
O5 FUB GB . 46.64 9.92 -20.28
C5 FUB GB . 47.96 9.49 -20.10
C4 FUB GB . 48.09 8.06 -19.62
O4 FUB GB . 47.03 7.26 -20.09
C3 FUB GB . 47.97 7.98 -18.09
O3 FUB GB . 49.20 8.27 -17.50
C2 FUB GB . 47.60 6.54 -17.90
O2 FUB GB . 46.95 6.29 -16.68
C1 FUB GB . 46.66 6.32 -19.11
O5 FUB GB . 48.87 9.27 -21.12
C5 FUB GB . 49.84 10.27 -21.01
C4 FUB GB . 50.98 10.17 -22.00
O4 FUB GB . 50.88 9.00 -22.79
C3 FUB GB . 52.32 10.02 -21.27
O3 FUB GB . 52.91 11.28 -21.09
C2 FUB GB . 53.17 9.15 -22.17
O2 FUB GB . 53.84 8.17 -21.42
C1 FUB GB . 52.16 8.55 -23.14
O5 FUB GB . 56.24 11.41 -21.68
C5 FUB GB . 57.35 10.54 -21.76
C4 FUB GB . 57.00 9.10 -22.00
O4 FUB GB . 55.72 8.97 -22.58
C3 FUB GB . 56.84 8.36 -20.66
O3 FUB GB . 58.09 7.97 -20.17
C2 FUB GB . 56.01 7.17 -21.05
O2 FUB GB . 55.29 6.63 -19.99
C1 FUB GB . 55.07 7.82 -22.10
O5 FUB HB . 51.77 0.67 -15.04
C5 FUB HB . 52.87 0.31 -14.25
C4 FUB HB . 54.14 0.22 -15.04
O4 FUB HB . 54.60 1.52 -15.40
C3 FUB HB . 53.83 -0.51 -16.36
O3 FUB HB . 54.16 -1.87 -16.25
C2 FUB HB . 54.72 0.21 -17.31
O2 FUB HB . 54.29 0.12 -18.64
C1 FUB HB . 54.58 1.66 -16.78
O5 FUB HB . 58.95 -1.41 -18.08
C5 FUB HB . 57.77 -1.78 -18.75
C4 FUB HB . 57.22 -0.74 -19.69
O4 FUB HB . 56.60 0.32 -18.99
C3 FUB HB . 56.08 -1.37 -20.52
O3 FUB HB . 56.59 -1.96 -21.68
C2 FUB HB . 55.24 -0.18 -20.84
O2 FUB HB . 53.91 -0.50 -21.12
C1 FUB HB . 55.33 0.61 -19.51
O5 FUB IB . 43.97 -3.40 -23.23
C5 FUB IB . 44.80 -4.35 -23.83
C4 FUB IB . 46.06 -3.77 -24.44
O4 FUB IB . 47.14 -3.83 -23.51
C3 FUB IB . 45.81 -2.27 -24.73
O3 FUB IB . 45.52 -2.08 -26.08
C2 FUB IB . 47.14 -1.68 -24.35
O2 FUB IB . 47.05 -0.33 -24.01
C1 FUB IB . 47.51 -2.56 -23.14
O5 FUB IB . 47.72 -1.03 -27.85
C5 FUB IB . 49.01 -0.51 -27.69
C4 FUB IB . 49.18 0.40 -26.48
O4 FUB IB . 49.04 -0.34 -25.28
C3 FUB IB . 48.01 1.40 -26.44
O3 FUB IB . 48.34 2.55 -27.17
C2 FUB IB . 47.88 1.71 -24.97
O2 FUB IB . 46.58 2.08 -24.62
C1 FUB IB . 48.28 0.36 -24.33
O5 FUB JB . 47.43 0.67 -8.56
C5 FUB JB . 46.14 1.13 -8.84
C4 FUB JB . 46.03 1.95 -10.11
O4 FUB JB . 44.74 1.86 -10.67
C3 FUB JB . 46.96 1.36 -11.17
O3 FUB JB . 48.17 2.05 -11.19
C2 FUB JB . 46.23 1.53 -12.49
O2 FUB JB . 46.23 0.32 -13.19
C1 FUB JB . 44.82 1.97 -12.06
O5 FUB JB . 50.27 0.44 -12.13
C5 FUB JB . 49.53 -0.62 -12.67
C4 FUB JB . 49.05 -0.41 -14.09
O4 FUB JB . 48.29 0.79 -14.19
C3 FUB JB . 48.13 -1.57 -14.48
O3 FUB JB . 48.80 -2.43 -15.36
C2 FUB JB . 47.00 -0.86 -15.17
O2 FUB JB . 45.78 -1.52 -15.04
C1 FUB JB . 46.96 0.50 -14.42
O5 FUB KB . 37.86 -7.17 -16.13
C5 FUB KB . 39.12 -7.59 -15.68
C4 FUB KB . 40.28 -6.80 -16.24
O4 FUB KB . 40.85 -5.94 -15.26
C3 FUB KB . 39.80 -5.86 -17.35
O3 FUB KB . 39.73 -6.54 -18.58
C2 FUB KB . 40.90 -4.84 -17.35
O2 FUB KB . 40.56 -3.62 -17.95
C1 FUB KB . 41.14 -4.69 -15.83
O5 FUB KB . 43.39 -6.08 -20.21
C5 FUB KB . 42.57 -5.11 -20.81
C4 FUB KB . 42.73 -3.72 -20.24
O4 FUB KB . 42.74 -3.75 -18.82
C3 FUB KB . 41.50 -2.88 -20.63
O3 FUB KB . 41.74 -2.21 -21.83
C2 FUB KB . 41.43 -1.94 -19.47
O2 FUB KB . 40.18 -1.35 -19.29
C1 FUB KB . 41.77 -2.90 -18.30
O5 FUB LB . 31.90 2.56 -14.79
C5 FUB LB . 31.60 2.77 -16.15
C4 FUB LB . 32.80 2.64 -17.08
O4 FUB LB . 33.40 1.37 -16.91
C3 FUB LB . 33.85 3.67 -16.68
O3 FUB LB . 33.87 4.72 -17.61
C2 FUB LB . 35.17 2.93 -16.68
O2 FUB LB . 35.94 3.27 -15.57
C1 FUB LB . 34.76 1.45 -16.63
O5 FUB LB . 36.30 6.27 -17.67
C5 FUB LB . 37.53 5.81 -18.18
C4 FUB LB . 38.26 4.85 -17.27
O4 FUB LB . 37.57 3.61 -17.22
C3 FUB LB . 38.24 5.38 -15.84
O3 FUB LB . 39.42 6.07 -15.56
C2 FUB LB . 38.11 4.14 -14.99
O2 FUB LB . 37.39 4.39 -13.81
C1 FUB LB . 37.34 3.18 -15.91
O5 FUB MB . 28.75 -9.58 1.42
C5 FUB MB . 29.65 -8.87 2.22
C4 FUB MB . 30.86 -8.34 1.50
O4 FUB MB . 31.00 -6.94 1.69
C3 FUB MB . 30.69 -8.56 -0.02
O3 FUB MB . 31.31 -9.75 -0.41
C2 FUB MB . 31.39 -7.35 -0.57
O2 FUB MB . 30.90 -6.99 -1.83
C1 FUB MB . 31.04 -6.27 0.48
O5 FUB MB . 35.05 -8.73 -2.96
C5 FUB MB . 34.17 -8.43 -4.02
C4 FUB MB . 33.45 -7.10 -3.89
O4 FUB MB . 33.13 -6.81 -2.54
C3 FUB MB . 32.09 -7.16 -4.59
O3 FUB MB . 32.24 -7.01 -5.97
C2 FUB MB . 31.41 -5.98 -3.97
O2 FUB MB . 30.02 -6.02 -4.07
C1 FUB MB . 31.88 -6.17 -2.50
O5 FUB MB . 34.92 -7.85 -5.01
C5 FUB MB . 35.43 -8.61 -6.07
C4 FUB MB . 36.40 -7.89 -6.98
O4 FUB MB . 36.53 -6.52 -6.62
C3 FUB MB . 35.84 -7.89 -8.42
O3 FUB MB . 36.29 -9.00 -9.11
C2 FUB MB . 36.40 -6.61 -8.98
O2 FUB MB . 35.61 -6.08 -10.00
C1 FUB MB . 36.38 -5.69 -7.73
O5 FUB MB . 37.95 -9.39 -13.13
C5 FUB MB . 36.95 -8.68 -12.45
C4 FUB MB . 37.01 -7.18 -12.62
O4 FUB MB . 37.41 -6.54 -11.41
C3 FUB MB . 35.61 -6.64 -12.94
O3 FUB MB . 35.42 -6.56 -14.32
C2 FUB MB . 35.64 -5.30 -12.29
O2 FUB MB . 34.36 -4.84 -11.92
C1 FUB MB . 36.48 -5.57 -11.03
O5 FUB NB . 31.59 3.93 1.49
C5 FUB NB . 31.70 4.93 0.52
C4 FUB NB . 32.14 4.43 -0.84
O4 FUB NB . 31.04 3.89 -1.56
C3 FUB NB . 33.07 3.23 -0.66
O3 FUB NB . 34.39 3.66 -0.47
C2 FUB NB . 32.92 2.49 -1.95
O2 FUB NB . 33.18 1.12 -1.82
C1 FUB NB . 31.44 2.76 -2.27
O5 FUB NB . 35.73 3.37 -4.10
C5 FUB NB . 36.28 2.10 -3.87
C4 FUB NB . 35.34 0.95 -4.15
O4 FUB NB . 33.99 1.36 -4.01
C3 FUB NB . 35.55 -0.15 -3.10
O3 FUB NB . 36.48 -1.08 -3.56
C2 FUB NB . 34.18 -0.74 -3.01
O2 FUB NB . 33.95 -1.42 -1.80
C1 FUB NB . 33.30 0.52 -3.13
O5 FUB OB . 20.30 3.92 0.43
C5 FUB OB . 21.22 3.42 1.38
C4 FUB OB . 22.43 2.74 0.79
O4 FUB OB . 22.14 1.40 0.44
C3 FUB OB . 23.53 2.64 1.86
O3 FUB OB . 24.33 3.79 1.84
C2 FUB OB . 24.31 1.43 1.42
O2 FUB OB . 24.93 0.78 2.50
C1 FUB OB . 23.20 0.55 0.81
O5 FUB OB . 26.93 4.04 1.76
C5 FUB OB . 27.99 3.41 2.41
C4 FUB OB . 28.01 1.90 2.28
O4 FUB OB . 26.92 1.47 1.48
C3 FUB OB . 27.78 1.26 3.65
O3 FUB OB . 29.00 1.01 4.27
C2 FUB OB . 27.06 -0.02 3.31
O2 FUB OB . 26.21 -0.44 4.34
C1 FUB OB . 26.25 0.38 2.06
O5 FUB PB . 14.30 -10.47 1.59
C5 FUB PB . 14.66 -11.25 0.47
C4 FUB PB . 15.80 -10.69 -0.34
O4 FUB PB . 17.05 -10.98 0.28
C3 FUB PB . 15.68 -9.16 -0.41
O3 FUB PB . 15.18 -8.75 -1.65
C2 FUB PB . 17.09 -8.70 -0.19
O2 FUB PB . 17.14 -7.46 0.46
C1 FUB PB . 17.65 -9.82 0.73
O5 FUB PB . 19.22 -8.77 -3.03
C5 FUB PB . 19.88 -7.54 -3.03
C4 FUB PB . 19.57 -6.66 -1.84
O4 FUB PB . 19.22 -7.44 -0.71
C3 FUB PB . 18.30 -5.85 -2.08
O3 FUB PB . 18.59 -4.71 -2.85
C2 FUB PB . 17.88 -5.47 -0.69
O2 FUB PB . 16.50 -5.25 -0.58
C1 FUB PB . 18.34 -6.71 0.11
O5 FUB QB . 10.51 1.62 6.41
C5 FUB QB . 11.82 2.13 6.44
C4 FUB QB . 12.80 1.37 5.57
O4 FUB QB . 12.24 0.17 5.08
C3 FUB QB . 14.01 0.96 6.42
O3 FUB QB . 15.00 1.95 6.42
C2 FUB QB . 14.46 -0.26 5.69
O2 FUB QB . 15.26 -1.13 6.45
C1 FUB QB . 13.10 -0.90 5.34
O5 FUB QB . 16.26 1.40 3.22
C5 FUB QB . 17.45 1.29 3.95
C4 FUB QB . 17.75 -0.09 4.48
O4 FUB QB . 16.57 -0.89 4.48
C3 FUB QB . 18.16 0.00 5.95
O3 FUB QB . 19.54 0.12 6.07
C2 FUB QB . 17.67 -1.30 6.52
O2 FUB QB . 17.35 -1.19 7.89
C1 FUB QB . 16.41 -1.59 5.68
O5 FUB RB . 13.49 -14.42 12.34
C5 FUB RB . 13.81 -14.86 11.04
C4 FUB RB . 14.39 -13.80 10.15
O4 FUB RB . 14.99 -12.75 10.90
C3 FUB RB . 13.26 -13.10 9.37
O3 FUB RB . 12.94 -13.83 8.22
C2 FUB RB . 13.91 -11.80 9.04
O2 FUB RB . 12.99 -10.78 8.72
C1 FUB RB . 14.66 -11.51 10.36
O5 FUB RB . 13.34 -13.18 5.79
C5 FUB RB . 14.13 -12.24 5.11
C4 FUB RB . 13.96 -10.80 5.57
O4 FUB RB . 14.45 -10.64 6.88
C3 FUB RB . 12.46 -10.48 5.66
O3 FUB RB . 12.02 -9.93 4.46
C2 FUB RB . 12.40 -9.48 6.79
O2 FUB RB . 11.18 -9.53 7.47
C1 FUB RB . 13.55 -9.93 7.70
O5 FUB SB . 13.49 -4.99 22.84
C5 FUB SB . 13.49 -3.75 22.18
C4 FUB SB . 13.91 -3.81 20.72
O4 FUB SB . 12.78 -3.68 19.87
C3 FUB SB . 14.53 -5.19 20.43
O3 FUB SB . 15.93 -5.09 20.42
C2 FUB SB . 13.98 -5.51 19.08
O2 FUB SB . 13.84 -6.89 18.86
C1 FUB SB . 12.60 -4.82 19.10
O5 FUB SB . 16.20 -4.41 16.27
C5 FUB SB . 16.59 -5.77 16.30
C4 FUB SB . 15.45 -6.74 16.09
O4 FUB SB . 14.25 -6.22 16.65
C3 FUB SB . 15.73 -8.02 16.90
O3 FUB SB . 16.48 -8.92 16.12
C2 FUB SB . 14.34 -8.51 17.12
O2 FUB SB . 14.22 -9.43 18.18
C1 FUB SB . 13.64 -7.17 17.46
O5 FUB TB . 7.61 -14.89 21.26
C5 FUB TB . 8.63 -15.78 20.91
C4 FUB TB . 9.55 -15.29 19.81
O4 FUB TB . 10.03 -13.99 20.10
C3 FUB TB . 8.74 -15.15 18.51
O3 FUB TB . 8.79 -16.33 17.77
C2 FUB TB . 9.44 -14.02 17.82
O2 FUB TB . 8.60 -13.33 16.94
C1 FUB TB . 9.86 -13.14 19.02
O5 FUB TB . 12.17 -14.86 14.86
C5 FUB TB . 10.92 -14.52 14.30
C4 FUB TB . 10.52 -13.08 14.48
O4 FUB TB . 10.58 -12.71 15.85
C3 FUB TB . 9.07 -12.89 14.04
O3 FUB TB . 9.01 -12.42 12.72
C2 FUB TB . 8.58 -11.87 15.01
O2 FUB TB . 7.20 -11.92 15.23
C1 FUB TB . 9.34 -12.27 16.29
O5 FUB UB . 2.11 -1.27 25.03
C5 FUB UB . 2.27 -2.13 23.92
C4 FUB UB . 3.70 -2.28 23.43
O4 FUB UB . 3.74 -3.02 22.23
C3 FUB UB . 4.48 -3.13 24.42
O3 FUB UB . 5.04 -2.34 25.42
C2 FUB UB . 5.57 -3.76 23.57
O2 FUB UB . 5.90 -5.04 24.03
C1 FUB UB . 4.89 -3.81 22.19
O5 FUB UB . 9.70 -2.69 23.66
C5 FUB UB . 9.85 -3.94 24.29
C4 FUB UB . 9.17 -5.09 23.57
O4 FUB UB . 7.96 -4.67 22.99
C3 FUB UB . 8.77 -6.17 24.58
O3 FUB UB . 9.80 -7.09 24.74
C2 FUB UB . 7.56 -6.79 23.95
O2 FUB UB . 6.66 -7.30 24.90
C1 FUB UB . 6.93 -5.60 23.19
O5 FUB VB . -8.68 -10.02 17.14
C5 FUB VB . -8.52 -11.01 18.12
C4 FUB VB . -7.10 -11.27 18.54
O4 FUB VB . -7.03 -12.10 19.69
C3 FUB VB . -6.46 -9.93 18.96
O3 FUB VB . -5.86 -9.31 17.85
C2 FUB VB . -5.45 -10.40 19.96
O2 FUB VB . -5.03 -9.40 20.84
C1 FUB VB . -6.26 -11.50 20.67
O5 FUB VB . -2.41 -9.71 17.97
C5 FUB VB . -1.56 -10.37 18.87
C4 FUB VB . -1.85 -10.10 20.32
O4 FUB VB . -3.07 -10.69 20.73
C3 FUB VB . -2.08 -8.59 20.51
O3 FUB VB . -0.85 -7.95 20.74
C2 FUB VB . -2.95 -8.56 21.74
O2 FUB VB . -3.74 -7.40 21.83
C1 FUB VB . -3.83 -9.82 21.52
O5 FUB WB . -5.13 -2.57 30.63
C5 FUB WB . -5.90 -2.79 29.47
C4 FUB WB . -5.21 -3.62 28.40
O4 FUB WB . -5.90 -4.85 28.19
C3 FUB WB . -3.78 -3.97 28.88
O3 FUB WB . -2.84 -3.16 28.25
C2 FUB WB . -3.68 -5.39 28.42
O2 FUB WB . -2.77 -6.17 29.15
C1 FUB WB . -5.12 -5.89 28.64
O5 FUB WB . -1.15 -3.70 26.71
C5 FUB WB . -0.02 -4.38 27.16
C4 FUB WB . -0.19 -5.88 27.28
O4 FUB WB . -1.57 -6.24 27.16
C3 FUB WB . 0.25 -6.34 28.67
O3 FUB WB . 1.56 -6.82 28.63
C2 FUB WB . -0.72 -7.43 29.00
O2 FUB WB . -0.98 -7.53 30.37
C1 FUB WB . -2.01 -6.98 28.25
O5 FUB XB . -11.46 -18.84 29.44
C5 FUB XB . -10.11 -19.01 29.78
C4 FUB XB . -9.15 -18.15 28.99
O4 FUB XB . -8.16 -17.61 29.84
C3 FUB XB . -9.87 -16.91 28.44
O3 FUB XB . -10.43 -17.20 27.20
C2 FUB XB . -8.79 -15.87 28.34
O2 FUB XB . -9.29 -14.59 28.61
C1 FUB XB . -7.78 -16.33 29.40
O5 FUB XB . -9.58 -15.08 24.95
C5 FUB XB . -8.42 -14.31 24.78
C4 FUB XB . -8.13 -13.34 25.90
O4 FUB XB . -7.63 -14.00 27.04
C3 FUB XB . -9.46 -12.69 26.36
O3 FUB XB . -9.77 -11.59 25.56
C2 FUB XB . -9.09 -12.32 27.76
O2 FUB XB . -10.19 -12.08 28.59
C1 FUB XB . -8.32 -13.60 28.19
O5 FUB YB . -6.88 -13.66 43.06
C5 FUB YB . -6.17 -12.52 43.42
C4 FUB YB . -5.32 -11.93 42.31
O4 FUB YB . -6.12 -11.17 41.42
C3 FUB YB . -4.73 -13.08 41.48
O3 FUB YB . -3.38 -13.26 41.78
C2 FUB YB . -4.93 -12.67 40.04
O2 FUB YB . -5.32 -13.76 39.25
C1 FUB YB . -6.04 -11.62 40.10
O5 FUB YB . -1.79 -13.01 38.42
C5 FUB YB . -2.21 -14.13 37.70
C4 FUB YB . -3.44 -13.91 36.84
O4 FUB YB . -4.22 -12.85 37.39
C3 FUB YB . -4.30 -15.18 36.89
O3 FUB YB . -4.16 -15.90 35.70
C2 FUB YB . -5.68 -14.61 37.02
O2 FUB YB . -6.57 -15.47 37.68
C1 FUB YB . -5.43 -13.34 37.87
O5 FUB ZB . -19.39 -11.43 41.66
C5 FUB ZB . -20.33 -11.33 40.61
C4 FUB ZB . -19.77 -10.73 39.35
O4 FUB ZB . -19.23 -11.76 38.53
C3 FUB ZB . -18.60 -9.80 39.65
O3 FUB ZB . -19.00 -8.47 39.65
C2 FUB ZB . -17.60 -10.07 38.55
O2 FUB ZB . -16.37 -10.45 39.11
C1 FUB ZB . -18.25 -11.18 37.72
O5 FUB ZB . -15.63 -6.38 35.75
C5 FUB ZB . -15.72 -7.15 36.93
C4 FUB ZB . -14.82 -8.37 36.96
O4 FUB ZB . -15.63 -9.54 37.06
C3 FUB ZB . -13.93 -8.33 38.20
O3 FUB ZB . -12.60 -8.14 37.82
C2 FUB ZB . -14.11 -9.68 38.87
O2 FUB ZB . -14.38 -9.52 40.23
C1 FUB ZB . -15.29 -10.36 38.15
O5 FUB AC . -23.89 -13.14 49.84
C5 FUB AC . -24.13 -14.46 49.44
C4 FUB AC . -23.14 -15.00 48.44
O4 FUB AC . -21.94 -15.37 49.11
C3 FUB AC . -22.74 -13.90 47.46
O3 FUB AC . -23.39 -14.06 46.24
C2 FUB AC . -21.24 -14.03 47.29
O2 FUB AC . -20.62 -12.78 47.52
C1 FUB AC . -20.82 -15.06 48.33
O5 FUB AC . -22.52 -12.62 42.90
C5 FUB AC . -22.36 -11.79 44.02
C4 FUB AC . -20.92 -11.63 44.48
O4 FUB AC . -20.48 -12.78 45.19
C3 FUB AC . -20.84 -10.49 45.49
O3 FUB AC . -20.58 -9.28 44.83
C2 FUB AC . -19.68 -10.89 46.36
O2 FUB AC . -19.79 -10.38 47.66
C1 FUB AC . -19.82 -12.43 46.37
O5 FUB BC . -16.85 -5.44 55.75
C5 FUB BC . -17.34 -4.70 54.67
C4 FUB BC . -17.06 -5.32 53.31
O4 FUB BC . -18.01 -6.35 53.02
C3 FUB BC . -15.72 -6.05 53.33
O3 FUB BC . -14.69 -5.16 53.01
C2 FUB BC . -15.88 -7.11 52.30
O2 FUB BC . -15.09 -8.23 52.54
C1 FUB BC . -17.38 -7.45 52.45
O5 FUB BC . -14.08 -6.00 49.30
C5 FUB BC . -13.10 -6.97 49.55
C4 FUB BC . -13.64 -8.38 49.71
O4 FUB BC . -14.97 -8.34 50.21
C3 FUB BC . -12.82 -9.13 50.77
O3 FUB BC . -11.84 -9.90 50.15
C2 FUB BC . -13.85 -9.99 51.43
O2 FUB BC . -13.53 -10.29 52.76
C1 FUB BC . -15.11 -9.09 51.38
O5 FUB CC . -14.12 -16.37 60.70
C5 FUB CC . -13.47 -15.16 60.42
C4 FUB CC . -13.43 -14.79 58.96
O4 FUB CC . -14.33 -13.74 58.68
C3 FUB CC . -13.92 -15.95 58.10
O3 FUB CC . -12.85 -16.77 57.76
C2 FUB CC . -14.52 -15.29 56.89
O2 FUB CC . -15.65 -15.99 56.43
C1 FUB CC . -14.87 -13.89 57.40
O5 FUB CC . -12.48 -17.09 54.74
C5 FUB CC . -13.29 -17.60 53.71
C4 FUB CC . -14.60 -16.89 53.53
O4 FUB CC . -14.67 -15.72 54.33
C3 FUB CC . -15.75 -17.79 54.04
O3 FUB CC . -16.21 -18.60 53.00
C2 FUB CC . -16.77 -16.77 54.44
O2 FUB CC . -17.68 -17.26 55.38
C1 FUB CC . -15.86 -15.67 55.04
O5 FUB DC . -26.08 -6.92 61.76
C5 FUB DC . -26.39 -6.66 60.42
C4 FUB DC . -25.26 -6.94 59.45
O4 FUB DC . -25.15 -8.32 59.17
C3 FUB DC . -23.92 -6.60 60.11
O3 FUB DC . -23.65 -5.24 59.98
C2 FUB DC . -22.93 -7.43 59.33
O2 FUB DC . -21.80 -7.79 60.08
C1 FUB DC . -23.80 -8.66 58.96
O5 FUB DC . -20.97 -5.72 56.97
C5 FUB DC . -19.79 -5.92 57.70
C4 FUB DC . -19.51 -7.36 58.05
O4 FUB DC . -20.71 -8.12 58.04
C3 FUB DC . -18.96 -7.44 59.48
O3 FUB DC . -17.56 -7.51 59.44
C2 FUB DC . -19.57 -8.72 59.96
O2 FUB DC . -19.69 -8.78 61.36
C1 FUB DC . -20.97 -8.65 59.30
O5 FUB EC . -41.69 -7.98 68.12
C5 FUB EC . -41.59 -9.15 67.33
C4 FUB EC . -40.19 -9.70 67.21
O4 FUB EC . -39.80 -10.41 68.38
C3 FUB EC . -39.19 -8.54 67.14
O3 FUB EC . -39.06 -8.08 65.83
C2 FUB EC . -37.91 -9.17 67.63
O2 FUB EC . -37.04 -8.25 68.22
C1 FUB EC . -38.47 -10.17 68.68
O5 FUB EC . -36.08 -7.34 65.23
C5 FUB EC . -35.13 -8.39 65.19
C4 FUB EC . -34.48 -8.71 66.51
O4 FUB EC . -35.33 -9.54 67.29
C3 FUB EC . -34.29 -7.40 67.31
O3 FUB EC . -32.95 -7.01 67.26
C2 FUB EC . -34.71 -7.81 68.70
O2 FUB EC . -35.26 -6.75 69.42
C1 FUB EC . -35.76 -8.90 68.44
O5 FUB FC . -37.70 -3.20 78.27
C5 FUB FC . -36.29 -3.18 78.31
C4 FUB FC . -35.63 -3.37 76.96
O4 FUB FC . -36.54 -3.90 76.01
C3 FUB FC . -34.53 -4.43 77.08
O3 FUB FC . -33.30 -3.82 77.30
C2 FUB FC . -34.52 -5.14 75.75
O2 FUB FC . -34.40 -6.53 75.91
C1 FUB FC . -35.89 -4.77 75.14
O5 FUB FC . -29.29 -5.10 74.97
C5 FUB FC . -30.64 -5.21 75.33
C4 FUB FC . -31.35 -6.43 74.79
O4 FUB FC . -32.67 -6.12 74.38
C3 FUB FC . -31.52 -7.45 75.93
O3 FUB FC . -30.39 -8.27 76.00
C2 FUB FC . -32.71 -8.21 75.45
O2 FUB FC . -33.40 -8.87 76.48
C1 FUB FC . -33.58 -7.07 74.86
O5 FUB GC . -47.12 -12.24 76.44
C5 FUB GC . -46.73 -13.29 75.59
C4 FUB GC . -45.35 -13.12 75.00
O4 FUB GC . -44.34 -13.30 75.98
C3 FUB GC . -45.19 -11.67 74.53
O3 FUB GC . -45.58 -11.55 73.19
C2 FUB GC . -43.72 -11.40 74.69
O2 FUB GC . -43.47 -10.07 75.00
C1 FUB GC . -43.35 -12.33 75.86
O5 FUB GC . -43.63 -10.93 70.44
C5 FUB GC . -43.86 -9.60 70.84
C4 FUB GC . -42.88 -9.09 71.89
O4 FUB GC . -42.57 -10.10 72.83
C3 FUB GC . -43.55 -7.99 72.73
O3 FUB GC . -43.46 -6.76 72.09
C2 FUB GC . -42.71 -8.03 73.98
O2 FUB GC . -43.37 -7.51 75.10
C1 FUB GC . -42.46 -9.55 74.12
O5 FUB HC . -44.15 -10.35 90.60
C5 FUB HC . -43.32 -11.17 89.79
C4 FUB HC . -41.90 -10.69 89.61
O4 FUB HC . -41.87 -9.55 88.75
C3 FUB HC . -41.06 -11.78 88.91
O3 FUB HC . -40.03 -12.25 89.74
C2 FUB HC . -40.48 -11.10 87.69
O2 FUB HC . -41.16 -11.59 86.57
C1 FUB HC . -40.75 -9.61 87.93
O5 FUB HC . -37.42 -14.62 84.69
C5 FUB HC . -38.56 -14.15 84.02
C4 FUB HC . -38.80 -12.66 84.16
O4 FUB HC . -39.25 -12.40 85.50
C3 FUB HC . -39.90 -12.17 83.21
O3 FUB HC . -39.56 -10.96 82.60
C2 FUB HC . -41.03 -11.93 84.17
O2 FUB HC . -41.73 -13.13 84.35
C1 FUB HC . -40.28 -11.48 85.43
O5 FUB IC . -51.94 -16.17 83.73
C5 FUB IC . -50.97 -17.19 83.70
C4 FUB IC . -49.61 -16.73 83.24
O4 FUB IC . -48.79 -16.34 84.34
C3 FUB IC . -49.79 -15.46 82.38
O3 FUB IC . -49.92 -15.81 81.03
C2 FUB IC . -48.51 -14.75 82.66
O2 FUB IC . -48.61 -13.37 82.42
C1 FUB IC . -48.37 -15.03 84.17
O5 FUB IC . -47.34 -16.16 78.99
C5 FUB IC . -47.96 -14.97 78.60
C4 FUB IC . -47.48 -13.73 79.33
O4 FUB IC . -47.17 -14.02 80.69
C3 FUB IC . -48.60 -12.70 79.43
O3 FUB IC . -48.67 -11.95 78.25
C2 FUB IC . -48.17 -11.87 80.59
O2 FUB IC . -49.23 -11.23 81.23
C1 FUB IC . -47.57 -12.96 81.51
O5 FUB JC . -56.44 -18.02 92.37
C5 FUB JC . -55.18 -18.42 92.88
C4 FUB JC . -54.00 -17.83 92.15
O4 FUB JC . -53.47 -16.71 92.84
C3 FUB JC . -54.46 -17.26 90.79
O3 FUB JC . -54.43 -18.26 89.82
C2 FUB JC . -53.42 -16.21 90.52
O2 FUB JC . -53.91 -15.18 89.69
C1 FUB JC . -53.12 -15.70 91.95
O5 FUB JC . -51.16 -18.28 87.00
C5 FUB JC . -52.37 -17.57 87.00
C4 FUB JC . -52.23 -16.08 87.13
O4 FUB JC . -51.96 -15.70 88.47
C3 FUB JC . -53.57 -15.41 86.77
O3 FUB JC . -53.64 -15.17 85.41
C2 FUB JC . -53.45 -14.14 87.56
O2 FUB JC . -54.69 -13.53 87.81
C1 FUB JC . -52.83 -14.67 88.87
O5 FUB KC . -73.31 -22.26 100.55
C5 FUB KC . -72.23 -23.09 100.16
C4 FUB KC . -70.89 -22.40 100.17
O4 FUB KC . -70.36 -22.33 101.47
C3 FUB KC . -71.06 -20.93 99.77
O3 FUB KC . -71.01 -20.78 98.38
C2 FUB KC . -69.88 -20.26 100.42
O2 FUB KC . -70.22 -18.96 100.84
C1 FUB KC . -69.60 -21.17 101.61
O5 FUB KC . -69.93 -19.04 96.37
C5 FUB KC . -69.21 -17.85 96.56
C4 FUB KC . -69.10 -17.39 98.00
O4 FUB KC . -68.97 -18.47 98.91
C3 FUB KC . -70.39 -16.75 98.49
O3 FUB KC . -70.52 -15.46 97.97
C2 FUB KC . -70.17 -16.71 99.98
O2 FUB KC . -71.36 -16.73 100.71
C1 FUB KC . -69.35 -18.01 100.18
O5 FUB KC . -68.17 -17.30 95.85
C5 FUB KC . -68.15 -16.62 94.62
C4 FUB KC . -66.77 -16.21 94.12
O4 FUB KC . -65.76 -16.55 95.05
C3 FUB KC . -66.69 -14.69 93.99
O3 FUB KC . -67.00 -14.31 92.68
C2 FUB KC . -65.26 -14.34 94.31
O2 FUB KC . -65.21 -13.17 95.09
C1 FUB KC . -64.78 -15.55 95.12
O5 FUB KC . -64.73 -11.73 90.47
C5 FUB KC . -64.82 -10.64 91.37
C4 FUB KC . -64.21 -10.90 92.73
O4 FUB KC . -64.31 -12.24 93.13
C3 FUB KC . -64.98 -10.20 93.85
O3 FUB KC . -64.70 -8.83 93.86
C2 FUB KC . -64.46 -10.88 95.08
O2 FUB KC . -65.38 -10.89 96.13
C1 FUB KC . -64.20 -12.31 94.53
O5 FUB KC . -63.80 -10.27 90.53
C5 FUB KC . -63.44 -9.20 89.69
C4 FUB KC . -62.09 -9.33 89.02
O4 FUB KC . -61.34 -10.41 89.56
C3 FUB KC . -61.25 -8.07 89.29
O3 FUB KC . -61.45 -7.14 88.26
C2 FUB KC . -59.84 -8.58 89.31
O2 FUB KC . -59.02 -7.84 90.17
C1 FUB KC . -60.03 -10.02 89.82
O5 FUB KC . -57.83 -5.96 86.62
C5 FUB KC . -56.53 -6.04 87.11
C4 FUB KC . -56.37 -6.89 88.34
O4 FUB KC . -57.41 -7.83 88.48
C3 FUB KC . -56.53 -6.03 89.61
O3 FUB KC . -55.35 -5.33 89.86
C2 FUB KC . -56.79 -7.08 90.65
O2 FUB KC . -57.48 -6.58 91.76
C1 FUB KC . -57.64 -8.08 89.84
O5 FUB LC . -60.05 -7.39 101.21
C5 FUB LC . -58.90 -6.58 101.23
C4 FUB LC . -58.17 -6.44 99.91
O4 FUB LC . -58.98 -6.83 98.82
C3 FUB LC . -56.98 -7.40 99.85
O3 FUB LC . -55.83 -6.75 100.34
C2 FUB LC . -56.82 -7.73 98.39
O2 FUB LC . -56.47 -9.08 98.20
C1 FUB LC . -58.21 -7.41 97.81
O5 FUB LC . -52.02 -6.49 97.09
C5 FUB LC . -52.83 -7.38 97.81
C4 FUB LC . -53.52 -8.42 96.98
O4 FUB LC . -54.89 -8.09 96.79
C3 FUB LC . -53.55 -9.75 97.76
O3 FUB LC . -52.38 -10.48 97.50
C2 FUB LC . -54.74 -10.42 97.16
O2 FUB LC . -55.29 -11.40 98.01
C1 FUB LC . -55.70 -9.22 96.99
O5 FUB MC . -64.34 -19.62 108.51
C5 FUB MC . -62.95 -19.49 108.66
C4 FUB MC . -62.27 -18.70 107.56
O4 FUB MC . -63.15 -17.70 107.08
C3 FUB MC . -62.03 -19.59 106.34
O3 FUB MC . -60.75 -20.14 106.44
C2 FUB MC . -62.10 -18.65 105.16
O2 FUB MC . -62.72 -19.26 104.06
C1 FUB MC . -62.93 -17.48 105.72
O5 FUB MC . -59.27 -19.46 103.51
C5 FUB MC . -59.32 -19.00 102.18
C4 FUB MC . -60.68 -18.52 101.75
O4 FUB MC . -61.35 -17.85 102.80
C3 FUB MC . -61.55 -19.74 101.42
O3 FUB MC . -61.38 -20.12 100.09
C2 FUB MC . -62.91 -19.17 101.66
O2 FUB MC . -63.90 -20.15 101.87
C1 FUB MC . -62.64 -18.35 102.94
O5 FUB NC . -81.23 -13.85 114.44
C5 FUB NC . -81.53 -14.66 113.33
C4 FUB NC . -80.44 -14.71 112.29
O4 FUB NC . -80.19 -16.05 111.89
C3 FUB NC . -79.14 -14.21 112.91
O3 FUB NC . -79.00 -12.84 112.71
C2 FUB NC . -78.10 -14.98 112.15
O2 FUB NC . -76.93 -15.17 112.90
C1 FUB NC . -78.82 -16.32 111.90
O5 FUB NC . -75.76 -11.93 109.93
C5 FUB NC . -75.39 -12.47 111.18
C4 FUB NC . -74.76 -13.84 111.11
O4 FUB NC . -75.76 -14.83 110.91
C3 FUB NC . -74.07 -14.15 112.44
O3 FUB NC . -72.68 -14.12 112.28
C2 FUB NC . -74.54 -15.54 112.77
O2 FUB NC . -74.73 -15.73 114.15
C1 FUB NC . -75.89 -15.65 112.03
O5 FUB OC . -82.30 -21.30 128.83
C5 FUB OC . -81.37 -20.25 128.84
C4 FUB OC . -80.74 -19.96 127.50
O4 FUB OC . -81.76 -19.86 126.52
C3 FUB OC . -79.93 -21.17 127.05
O3 FUB OC . -78.60 -21.02 127.45
C2 FUB OC . -80.03 -21.16 125.53
O2 FUB OC . -80.14 -22.47 125.03
C1 FUB OC . -81.29 -20.34 125.30
O5 FUB OC . -76.64 -20.85 124.59
C5 FUB OC . -76.56 -21.25 123.24
C4 FUB OC . -77.76 -22.02 122.75
O4 FUB OC . -78.95 -21.46 123.28
C3 FUB OC . -77.74 -23.43 123.36
O3 FUB OC . -76.95 -24.27 122.57
C2 FUB OC . -79.19 -23.82 123.28
O2 FUB OC . -79.53 -24.82 124.20
C1 FUB OC . -79.87 -22.46 123.62
O5 FUB OC . -75.68 -20.81 122.28
C5 FUB OC . -74.29 -20.82 122.10
C4 FUB OC . -73.80 -20.15 120.83
O4 FUB OC . -74.89 -19.77 120.02
C3 FUB OC . -73.01 -21.16 119.98
O3 FUB OC . -71.65 -21.03 120.27
C2 FUB OC . -73.29 -20.74 118.56
O2 FUB OC . -73.36 -21.85 117.71
C1 FUB OC . -74.65 -20.04 118.68
O5 FUB OC . -69.45 -20.24 115.64
C5 FUB OC . -70.46 -21.10 116.10
C4 FUB OC . -71.69 -21.16 115.24
O4 FUB OC . -72.77 -20.50 115.89
C3 FUB OC . -72.11 -22.63 115.06
O3 FUB OC . -71.92 -23.01 113.72
C2 FUB OC . -73.57 -22.61 115.41
O2 FUB OC . -73.98 -23.77 116.07
C1 FUB OC . -73.69 -21.40 116.37
O5 FUB PC . -85.88 -31.31 126.25
C5 FUB PC . -84.52 -31.64 126.22
C4 FUB PC . -83.74 -30.96 125.12
O4 FUB PC . -83.41 -29.62 125.48
C3 FUB PC . -84.63 -30.84 123.88
O3 FUB PC . -84.46 -31.95 123.05
C2 FUB PC . -84.11 -29.58 123.24
O2 FUB PC . -85.06 -28.95 122.44
C1 FUB PC . -83.79 -28.73 124.49
O5 FUB PC . -82.22 -30.67 119.55
C5 FUB PC . -82.68 -29.60 118.77
C4 FUB PC . -83.36 -28.49 119.54
O4 FUB PC . -83.29 -28.69 120.94
C3 FUB PC . -84.87 -28.48 119.29
O3 FUB PC . -85.15 -27.87 118.07
C2 FUB PC . -85.36 -27.65 120.44
O2 FUB PC . -86.69 -27.94 120.78
C1 FUB PC . -84.37 -28.04 121.55
O5 FUB PC . -82.07 -28.96 117.71
C5 FUB PC . -80.93 -29.66 117.30
C4 FUB PC . -80.05 -28.92 116.30
O4 FUB PC . -79.23 -27.97 116.96
C3 FUB PC . -80.94 -28.11 115.35
O3 FUB PC . -81.26 -28.87 114.22
C2 FUB PC . -80.06 -26.96 115.01
O2 FUB PC . -80.77 -25.81 114.62
C1 FUB PC . -79.33 -26.72 116.36
O5 FUB PC . -78.92 -27.51 111.03
C5 FUB PC . -79.05 -26.19 110.57
C4 FUB PC . -79.26 -25.16 111.66
O4 FUB PC . -79.15 -25.73 112.95
C3 FUB PC . -80.70 -24.64 111.67
O3 FUB PC . -80.86 -23.68 110.67
C2 FUB PC . -80.80 -24.01 113.03
O2 FUB PC . -82.11 -23.98 113.52
C1 FUB PC . -79.90 -24.96 113.86
O5 FUB QC . -88.49 -20.42 119.43
C5 FUB QC . -88.71 -19.83 118.17
C4 FUB QC . -87.46 -19.68 117.33
O4 FUB QC . -86.67 -20.85 117.41
C3 FUB QC . -86.59 -18.59 117.96
O3 FUB QC . -86.91 -17.34 117.41
C2 FUB QC . -85.19 -18.99 117.57
O2 FUB QC . -84.26 -18.61 118.55
C1 FUB QC . -85.32 -20.52 117.48
O5 FUB QC . -83.71 -16.57 114.91
C5 FUB QC . -83.18 -16.18 116.16
C4 FUB QC . -82.20 -17.16 116.76
O4 FUB QC . -82.76 -18.47 116.77
C3 FUB QC . -81.93 -16.77 118.21
O3 FUB QC . -80.70 -16.12 118.31
C2 FUB QC . -81.91 -18.10 118.90
O2 FUB QC . -82.31 -18.03 120.24
C1 FUB QC . -82.93 -18.91 118.07
O5 FUB RC . 48.59 21.45 -77.36
C5 FUB RC . 48.40 21.79 -76.01
C4 FUB RC . 46.99 21.60 -75.50
O4 FUB RC . 46.71 20.20 -75.35
C3 FUB RC . 45.88 22.15 -76.40
O3 FUB RC . 45.53 23.48 -76.11
C2 FUB RC . 44.72 21.21 -76.11
O2 FUB RC . 43.85 21.16 -77.20
C1 FUB RC . 45.46 19.88 -75.86
O5 FUB RC . 41.89 22.66 -73.36
C5 FUB RC . 41.48 22.97 -74.66
C4 FUB RC . 41.19 21.78 -75.55
O4 FUB RC . 42.28 20.85 -75.49
C3 FUB RC . 40.98 22.08 -77.03
O3 FUB RC . 39.65 22.32 -77.37
C2 FUB RC . 41.48 20.80 -77.68
O2 FUB RC . 41.86 21.04 -79.01
C1 FUB RC . 42.67 20.44 -76.76
O5 FUB SC . -68.77 -11.07 105.34
C5 FUB SC . -68.28 -9.77 105.16
C4 FUB SC . -67.50 -9.52 103.88
O4 FUB SC . -67.74 -10.53 102.93
C3 FUB SC . -65.99 -9.59 104.14
O3 FUB SC . -65.51 -8.32 104.46
C2 FUB SC . -65.41 -10.08 102.83
O2 FUB SC . -64.36 -10.99 103.06
C1 FUB SC . -66.60 -10.75 102.15
O5 FUB SC . -61.93 -6.61 101.39
C5 FUB SC . -62.24 -7.61 102.32
C4 FUB SC . -62.07 -9.02 101.79
O4 FUB SC . -63.33 -9.59 101.48
C3 FUB SC . -61.52 -9.91 102.91
O3 FUB SC . -60.12 -9.86 102.91
C2 FUB SC . -62.02 -11.26 102.50
O2 FUB SC . -62.09 -12.17 103.57
C1 FUB SC . -63.42 -10.90 101.96
O5 FUB TC . -51.54 -8.06 95.86
C5 FUB TC . -50.18 -7.79 96.07
C4 FUB TC . -49.35 -7.53 94.83
O4 FUB TC . -50.17 -7.24 93.72
C3 FUB TC . -48.60 -8.80 94.42
O3 FUB TC . -47.34 -8.81 95.02
C2 FUB TC . -48.46 -8.70 92.91
O2 FUB TC . -48.64 -9.94 92.30
C1 FUB TC . -49.58 -7.71 92.54
O5 FUB TC . -43.46 -9.00 91.83
C5 FUB TC . -44.59 -9.70 92.28
C4 FUB TC . -45.57 -10.09 91.19
O4 FUB TC . -46.69 -9.23 91.19
C3 FUB TC . -46.13 -11.49 91.51
O3 FUB TC . -45.31 -12.48 90.98
C2 FUB TC . -47.45 -11.44 90.80
O2 FUB TC . -48.38 -12.34 91.31
C1 FUB TC . -47.87 -9.98 91.07
O5 FUB UC . -55.63 -6.30 86.71
C5 FUB UC . -55.32 -5.28 85.78
C4 FUB UC . -54.19 -5.60 84.81
O4 FUB UC . -53.92 -6.99 84.77
C3 FUB UC . -52.88 -4.97 85.30
O3 FUB UC . -52.74 -3.70 84.75
C2 FUB UC . -51.80 -5.89 84.79
O2 FUB UC . -50.76 -6.04 85.73
C1 FUB UC . -52.55 -7.21 84.54
O5 FUB UC . -48.60 -3.03 81.97
C5 FUB UC . -49.07 -3.32 83.27
C4 FUB UC . -48.52 -4.58 83.88
O4 FUB UC . -49.48 -5.62 83.83
C3 FUB UC . -48.26 -4.36 85.37
O3 FUB UC . -46.98 -3.84 85.57
C2 FUB UC . -48.37 -5.75 85.90
O2 FUB UC . -48.68 -5.79 87.27
C1 FUB UC . -49.53 -6.32 85.04
O5 FUB VC . -47.06 -3.69 82.96
C5 FUB VC . -46.42 -2.66 82.26
C4 FUB VC . -45.57 -3.08 81.08
O4 FUB VC . -45.89 -4.39 80.65
C3 FUB VC . -44.09 -3.16 81.47
O3 FUB VC . -43.46 -1.94 81.23
C2 FUB VC . -43.52 -4.24 80.58
O2 FUB VC . -42.59 -5.04 81.27
C1 FUB VC . -44.75 -5.04 80.15
O5 FUB VC . -39.59 -2.12 78.05
C5 FUB VC . -40.05 -2.57 79.29
C4 FUB VC . -40.04 -4.07 79.47
O4 FUB VC . -41.35 -4.61 79.33
C3 FUB VC . -39.64 -4.40 80.91
O3 FUB VC . -38.25 -4.49 81.01
C2 FUB VC . -40.28 -5.74 81.10
O2 FUB VC . -40.50 -6.07 82.44
C1 FUB VC . -41.60 -5.55 80.33
O5 FUB WC . -36.72 -17.71 73.63
C5 FUB WC . -35.54 -18.06 74.31
C4 FUB WC . -34.28 -17.86 73.51
O4 FUB WC . -33.63 -16.65 73.86
C3 FUB WC . -34.63 -17.70 72.02
O3 FUB WC . -34.69 -18.95 71.40
C2 FUB WC . -33.47 -16.90 71.50
O2 FUB WC . -33.79 -16.14 70.38
C1 FUB WC . -33.14 -16.01 72.72
O5 FUB WC . -31.38 -20.20 68.93
C5 FUB WC . -32.51 -19.39 68.65
C4 FUB WC . -32.17 -17.95 68.32
O4 FUB WC . -31.91 -17.22 69.50
C3 FUB WC . -33.41 -17.28 67.70
O3 FUB WC . -33.42 -17.47 66.31
C2 FUB WC . -33.16 -15.86 68.06
O2 FUB WC . -34.32 -15.07 68.04
C1 FUB WC . -32.65 -16.03 69.52
O5 FUB XC . -30.22 -19.67 64.86
C5 FUB XC . -29.11 -20.53 65.02
C4 FUB XC . -27.83 -19.99 64.40
O4 FUB XC . -27.06 -19.26 65.34
C3 FUB XC . -28.21 -18.99 63.29
O3 FUB XC . -28.30 -19.64 62.06
C2 FUB XC . -27.05 -18.06 63.35
O2 FUB XC . -27.34 -16.80 62.82
C1 FUB XC . -26.84 -17.98 64.88
O5 FUB XC . -25.73 -20.09 60.04
C5 FUB XC . -26.51 -19.10 59.42
C4 FUB XC . -26.20 -17.69 59.84
O4 FUB XC . -25.85 -17.61 61.21
C3 FUB XC . -27.47 -16.82 59.76
O3 FUB XC . -27.66 -16.37 58.45
C2 FUB XC . -27.14 -15.70 60.69
O2 FUB XC . -28.28 -15.08 61.23
C1 FUB XC . -26.38 -16.46 61.80
O5 FUB YC . -29.12 -7.83 74.56
C5 FUB YC . -27.73 -7.61 74.57
C4 FUB YC . -27.01 -7.87 73.25
O4 FUB YC . -27.92 -7.90 72.16
C3 FUB YC . -26.38 -9.26 73.24
O3 FUB YC . -25.07 -9.18 73.72
C2 FUB YC . -26.39 -9.68 71.80
O2 FUB YC . -26.69 -11.05 71.67
C1 FUB YC . -27.49 -8.79 71.19
O5 FUB YC . -21.54 -10.77 70.52
C5 FUB YC . -22.65 -11.17 71.27
C4 FUB YC . -23.76 -11.83 70.46
O4 FUB YC . -24.83 -10.93 70.24
C3 FUB YC . -24.37 -12.97 71.27
O3 FUB YC . -23.65 -14.15 71.07
C2 FUB YC . -25.74 -13.06 70.70
O2 FUB YC . -26.67 -13.65 71.56
C1 FUB YC . -26.06 -11.56 70.48
O5 FUB ZC . -18.95 -14.81 69.76
C5 FUB ZC . -18.93 -13.44 69.46
C4 FUB ZC . -18.85 -13.12 67.99
O4 FUB ZC . -20.09 -12.66 67.49
C3 FUB ZC . -18.56 -14.39 67.18
O3 FUB ZC . -17.18 -14.57 67.05
C2 FUB ZC . -19.20 -14.14 65.84
O2 FUB ZC . -19.76 -15.30 65.30
C1 FUB ZC . -20.27 -13.09 66.17
O5 FUB ZC . -16.23 -14.70 64.15
C5 FUB ZC . -16.50 -15.57 63.08
C4 FUB ZC . -17.96 -15.61 62.66
O4 FUB ZC . -18.71 -14.62 63.34
C3 FUB ZC . -18.57 -16.95 63.10
O3 FUB ZC . -18.41 -17.90 62.08
C2 FUB ZC . -20.01 -16.57 63.26
O2 FUB ZC . -20.71 -17.44 64.12
C1 FUB ZC . -19.88 -15.16 63.88
O5 FUB AD . -14.24 -22.52 39.37
C5 FUB AD . -13.22 -21.90 40.13
C4 FUB AD . -12.40 -20.89 39.37
O4 FUB AD . -12.18 -19.74 40.17
C3 FUB AD . -13.19 -20.36 38.18
O3 FUB AD . -12.97 -21.17 37.06
C2 FUB AD . -12.65 -18.97 37.96
O2 FUB AD . -13.65 -18.09 37.51
C1 FUB AD . -12.14 -18.60 39.36
O5 FUB AD . -12.04 -19.50 34.49
C5 FUB AD . -11.30 -18.30 34.35
C4 FUB AD . -11.93 -17.10 34.99
O4 FUB AD . -11.80 -17.14 36.41
C3 FUB AD . -13.45 -17.13 34.74
O3 FUB AD . -13.75 -16.54 33.50
C2 FUB AD . -13.93 -16.30 35.89
O2 FUB AD . -15.29 -16.46 36.19
C1 FUB AD . -13.04 -16.88 37.01
O5 FUB BD . 82.22 21.04 -112.62
C5 FUB BD . 82.25 21.15 -111.21
C4 FUB BD . 81.00 20.65 -110.53
O4 FUB BD . 80.78 19.28 -110.83
C3 FUB BD . 79.70 21.37 -110.88
O3 FUB BD . 79.44 22.49 -110.08
C2 FUB BD . 78.68 20.28 -110.64
O2 FUB BD . 77.49 20.52 -111.33
C1 FUB BD . 79.43 19.04 -111.14
O5 FUB BD . 76.65 21.58 -107.04
C5 FUB BD . 76.05 22.06 -108.21
C4 FUB BD . 75.41 21.00 -109.07
O4 FUB BD . 76.36 19.97 -109.37
C3 FUB BD . 74.85 21.45 -110.44
O3 FUB BD . 73.49 21.79 -110.39
C2 FUB BD . 75.08 20.23 -111.29
O2 FUB BD . 75.12 20.55 -112.65
C1 FUB BD . 76.44 19.74 -110.74
O5 FUB CD . 69.85 23.01 -102.41
C5 FUB CD . 69.86 23.73 -101.20
C4 FUB CD . 68.78 23.33 -100.22
O4 FUB CD . 68.89 21.94 -99.89
C3 FUB CD . 67.34 23.52 -100.69
O3 FUB CD . 66.81 24.79 -100.43
C2 FUB CD . 66.62 22.45 -99.89
O2 FUB CD . 65.40 22.10 -100.49
C1 FUB CD . 67.65 21.32 -99.90
O5 FUB CD . 64.36 24.72 -96.99
C5 FUB CD . 63.65 24.50 -98.17
C4 FUB CD . 63.29 23.05 -98.42
O4 FUB CD . 64.45 22.23 -98.36
C3 FUB CD . 62.62 22.72 -99.76
O3 FUB CD . 61.23 22.74 -99.71
C2 FUB CD . 63.15 21.34 -100.04
O2 FUB CD . 63.09 21.02 -101.41
C1 FUB CD . 64.58 21.44 -99.49
O5 FUB DD . 51.70 23.64 -92.80
C5 FUB DD . 50.62 24.40 -92.33
C4 FUB DD . 49.82 23.75 -91.21
O4 FUB DD . 50.65 23.48 -90.09
C3 FUB DD . 49.14 22.42 -91.56
O3 FUB DD . 47.86 22.56 -92.11
C2 FUB DD . 49.10 21.76 -90.19
O2 FUB DD . 48.97 20.38 -90.31
C1 FUB DD . 50.43 22.22 -89.59
O5 FUB DD . 44.88 21.89 -89.19
C5 FUB DD . 45.25 20.73 -89.89
C4 FUB DD . 46.16 19.80 -89.12
O4 FUB DD . 47.31 20.51 -88.67
C3 FUB DD . 46.68 18.57 -89.88
O3 FUB DD . 45.89 17.43 -89.72
C2 FUB DD . 48.05 18.39 -89.26
O2 FUB DD . 48.91 17.67 -90.10
C1 FUB DD . 48.48 19.85 -89.05
C01 A1AIO ED . -70.36 14.76 35.53
C02 A1AIO ED . -69.18 13.77 35.43
C03 A1AIO ED . -69.64 12.34 35.11
C04 A1AIO ED . -68.33 11.40 34.72
C05 A1AIO ED . -67.77 11.11 35.85
C06 A1AIO ED . -68.96 11.13 36.90
O07 A1AIO ED . -70.16 11.79 36.18
O09 A1AIO ED . -67.18 9.79 35.79
O10 A1AIO ED . -67.45 12.11 33.93
O11 A1AIO ED . -68.35 14.18 34.40
O12 A1AIO ED . -69.95 15.86 36.31
C01 A1AIO FD . -74.39 4.16 33.55
C02 A1AIO FD . -73.39 3.94 32.39
C03 A1AIO FD . -71.95 3.72 32.89
C04 A1AIO FD . -70.92 3.55 31.61
C05 A1AIO FD . -70.73 4.73 31.16
C06 A1AIO FD . -70.91 5.68 32.42
O07 A1AIO FD . -71.54 4.80 33.52
O09 A1AIO FD . -69.38 4.86 30.63
O10 A1AIO FD . -71.52 2.77 30.63
O11 A1AIO FD . -73.76 2.80 31.70
O12 A1AIO FD . -75.36 5.08 33.12
C01 A1AIO GD . -65.54 2.46 39.66
C02 A1AIO GD . -65.07 1.46 38.55
C03 A1AIO GD . -64.32 2.18 37.42
C04 A1AIO GD . -63.52 1.06 36.49
C05 A1AIO GD . -64.43 0.56 35.75
C06 A1AIO GD . -65.50 1.71 35.54
O07 A1AIO GD . -65.18 2.77 36.62
O09 A1AIO GD . -63.86 0.17 34.46
O10 A1AIO GD . -62.95 0.09 37.30
O11 A1AIO GD . -64.20 0.55 39.13
O12 A1AIO GD . -66.27 1.74 40.60
C01 A1AIO HD . -62.57 10.78 32.90
C02 A1AIO HD . -61.43 9.88 32.37
C03 A1AIO HD . -61.97 8.69 31.56
C04 A1AIO HD . -60.72 7.89 30.83
C05 A1AIO HD . -60.21 7.15 31.74
C06 A1AIO HD . -61.43 6.80 32.70
O07 A1AIO HD . -62.52 7.83 32.36
O09 A1AIO HD . -59.70 5.92 31.14
O10 A1AIO HD . -59.76 8.81 30.40
O11 A1AIO HD . -60.65 10.65 31.51
O12 A1AIO HD . -62.16 11.35 34.12
C01 A1AIO ID . -60.29 5.62 20.69
C02 A1AIO ID . -58.84 5.87 20.20
C03 A1AIO ID . -57.98 4.59 20.25
C04 A1AIO ID . -56.43 4.94 19.76
C05 A1AIO ID . -55.88 5.50 20.77
C06 A1AIO ID . -56.62 4.90 22.04
O07 A1AIO ID . -57.87 4.18 21.49
O09 A1AIO ID . -54.45 5.15 20.81
O10 A1AIO ID . -56.46 5.80 18.69
O11 A1AIO ID . -58.90 6.28 18.88
O12 A1AIO ID . -60.72 6.76 21.37
C01 A1AIO JD . -57.19 -4.89 21.93
C02 A1AIO JD . -55.98 -4.40 21.10
C03 A1AIO JD . -55.61 -2.94 21.39
C04 A1AIO JD . -54.16 -2.59 20.69
C05 A1AIO JD . -54.40 -2.26 19.46
C06 A1AIO JD . -55.94 -1.93 19.39
O07 A1AIO JD . -56.48 -2.15 20.82
O09 A1AIO JD . -53.62 -1.07 19.12
O10 A1AIO JD . -53.35 -3.71 20.71
O11 A1AIO JD . -54.89 -5.18 21.45
O12 A1AIO JD . -57.76 -5.99 21.29
C01 A1AIO KD . -48.71 2.10 26.66
C02 A1AIO KD . -47.90 1.18 25.70
C03 A1AIO KD . -48.00 1.63 24.24
C04 A1AIO KD . -46.88 0.83 23.33
C05 A1AIO KD . -47.37 -0.33 23.12
C06 A1AIO KD . -48.94 -0.15 23.20
O07 A1AIO KD . -49.16 1.28 23.75
O09 A1AIO KD . -47.00 -0.79 21.77
O10 A1AIO KD . -45.69 0.73 24.03
O11 A1AIO KD . -46.58 1.23 26.08
O12 A1AIO KD . -48.90 1.42 27.88
C01 A1AIO LD . -51.69 -4.06 14.18
C02 A1AIO LD . -50.43 -3.66 13.38
C03 A1AIO LD . -49.19 -3.48 14.28
C04 A1AIO LD . -47.82 -3.38 13.36
C05 A1AIO LD . -47.75 -2.17 12.96
C06 A1AIO LD . -48.51 -1.32 14.06
O07 A1AIO LD . -49.27 -2.34 14.92
O09 A1AIO LD . -46.35 -1.75 12.89
O10 A1AIO LD . -47.91 -4.24 12.27
O11 A1AIO LD . -50.15 -4.67 12.47
O12 A1AIO LD . -52.80 -3.94 13.33
C01 A1AIO MD . -41.72 -3.07 21.40
C02 A1AIO MD . -40.84 -3.12 20.14
C03 A1AIO MD . -41.49 -2.40 18.94
C04 A1AIO MD . -40.38 -2.18 17.74
C05 A1AIO MD . -40.34 -3.27 17.05
C06 A1AIO MD . -41.66 -4.06 17.41
O07 A1AIO MD . -42.42 -3.17 18.41
O09 A1AIO MD . -40.33 -2.94 15.63
O10 A1AIO MD . -39.13 -1.92 18.29
O11 A1AIO MD . -39.66 -2.48 20.42
O12 A1AIO MD . -41.32 -4.11 22.26
C01 A1AIO ND . -41.86 6.61 14.64
C02 A1AIO ND . -40.57 6.01 14.03
C03 A1AIO ND . -40.87 4.90 13.01
C04 A1AIO ND . -39.50 4.50 12.17
C05 A1AIO ND . -38.83 3.75 12.97
C06 A1AIO ND . -39.91 3.05 13.90
O07 A1AIO ND . -41.23 3.81 13.64
O09 A1AIO ND . -38.10 2.73 12.21
O10 A1AIO ND . -38.78 5.64 11.87
O11 A1AIO ND . -39.91 7.02 13.36
O12 A1AIO ND . -41.52 7.24 15.85
C01 A1AIO OD . -34.56 -6.14 12.12
C02 A1AIO OD . -33.94 -5.68 10.77
C03 A1AIO OD . -34.62 -4.41 10.22
C04 A1AIO OD . -33.82 -3.90 8.86
C05 A1AIO OD . -34.25 -4.63 7.89
C06 A1AIO OD . -35.69 -5.13 8.35
O07 A1AIO OD . -35.84 -4.69 9.81
O09 A1AIO OD . -34.36 -3.83 6.68
O10 A1AIO OD . -32.45 -4.08 9.02
O11 A1AIO OD . -32.61 -5.39 10.99
O12 A1AIO OD . -34.15 -7.45 12.37
C01 A1AIO PD . -39.83 0.21 1.14
C02 A1AIO PD . -39.00 0.94 0.05
C03 A1AIO PD . -37.54 0.49 0.02
C04 A1AIO PD . -36.80 1.04 -1.36
C05 A1AIO PD . -36.40 2.24 -1.09
C06 A1AIO PD . -36.34 2.35 0.49
O07 A1AIO PD . -36.88 1.01 1.02
O09 A1AIO PD . -35.06 2.45 -1.66
O10 A1AIO PD . -37.70 1.08 -2.41
O11 A1AIO PD . -39.56 0.64 -1.18
O12 A1AIO PD . -41.01 0.94 1.36
C01 A1AIO QD . -31.65 4.11 -5.27
C02 A1AIO QD . -30.17 4.36 -5.64
C03 A1AIO QD . -29.35 3.06 -5.69
C04 A1AIO QD . -27.83 3.37 -6.30
C05 A1AIO QD . -27.15 3.84 -5.32
C06 A1AIO QD . -27.83 3.25 -4.01
O07 A1AIO QD . -29.16 2.61 -4.47
O09 A1AIO QD . -25.77 3.39 -5.41
O10 A1AIO QD . -27.91 4.30 -7.32
O11 A1AIO QD . -30.13 4.94 -6.89
O12 A1AIO QD . -32.19 5.31 -4.77
C01 A1AIO RD . -20.08 1.04 1.11
C02 A1AIO RD . -19.01 0.31 0.25
C03 A1AIO RD . -19.12 0.63 -1.24
C04 A1AIO RD . -17.78 0.07 -2.04
C05 A1AIO RD . -17.99 -1.17 -2.25
C06 A1AIO RD . -19.57 -1.33 -2.31
O07 A1AIO RD . -20.14 0.00 -1.77
O09 A1AIO RD . -17.39 -1.58 -3.51
O10 A1AIO RD . -16.65 0.24 -1.26
O11 A1AIO RD . -17.77 0.71 0.69
O12 A1AIO RD . -20.11 0.47 2.38
C01 A1AIO SD . -22.85 6.07 -8.77
C02 A1AIO SD . -21.37 5.95 -9.21
C03 A1AIO SD . -21.04 4.58 -9.80
C04 A1AIO SD . -19.45 4.50 -10.26
C05 A1AIO SD . -18.79 4.31 -9.17
C06 A1AIO SD . -19.78 3.52 -8.22
O07 A1AIO SD . -21.17 3.64 -8.89
O09 A1AIO SD . -17.61 3.49 -9.44
O10 A1AIO SD . -19.07 5.71 -10.83
O11 A1AIO SD . -21.16 6.90 -10.19
O12 A1AIO SD . -23.00 7.23 -7.99
C01 A1AIO TD . -11.65 -3.49 -6.88
C02 A1AIO TD . -11.28 -3.44 -8.38
C03 A1AIO TD . -12.36 -2.78 -9.24
C04 A1AIO TD . -11.78 -2.47 -10.76
C05 A1AIO TD . -11.97 -3.55 -11.46
C06 A1AIO TD . -13.01 -4.42 -10.66
O07 A1AIO TD . -13.37 -3.60 -9.40
O09 A1AIO TD . -12.52 -3.20 -12.76
O10 A1AIO TD . -10.43 -2.17 -10.70
O11 A1AIO TD . -10.12 -2.70 -8.52
O12 A1AIO TD . -10.91 -4.50 -6.27
C01 A1AIO UD . -20.04 -2.32 -19.85
C02 A1AIO UD . -19.07 -1.75 -20.90
C03 A1AIO UD . -17.64 -2.33 -20.77
C04 A1AIO UD . -16.72 -1.92 -22.07
C05 A1AIO UD . -16.37 -0.71 -21.84
C06 A1AIO UD . -16.22 -0.63 -20.27
O07 A1AIO UD . -17.04 -1.82 -19.72
O09 A1AIO UD . -15.09 -0.43 -22.49
O10 A1AIO UD . -17.49 -1.97 -23.23
O11 A1AIO UD . -19.54 -2.06 -22.16
O12 A1AIO UD . -21.26 -1.62 -19.94
C01 A1AIO VD . -7.30 -6.46 -15.85
C02 A1AIO VD . -7.25 -6.10 -17.36
C03 A1AIO VD . -7.38 -4.59 -17.61
C04 A1AIO VD . -7.08 -4.26 -19.21
C05 A1AIO VD . -8.18 -4.48 -19.84
C06 A1AIO VD . -9.33 -4.31 -18.76
O07 A1AIO VD . -8.61 -4.20 -17.40
O09 A1AIO VD . -8.36 -3.51 -20.91
O10 A1AIO VD . -6.08 -5.10 -19.70
O11 A1AIO VD . -6.02 -6.52 -17.86
O12 A1AIO VD . -7.37 -7.85 -15.73
C01 A1AIO WD . -11.94 2.23 -28.47
C02 A1AIO WD . -10.46 2.68 -28.34
C03 A1AIO WD . -9.59 1.62 -27.65
C04 A1AIO WD . -7.98 1.95 -27.89
C05 A1AIO WD . -7.70 2.86 -27.03
C06 A1AIO WD . -8.69 2.61 -25.82
O07 A1AIO WD . -9.77 1.65 -26.36
O09 A1AIO WD . -6.31 2.71 -26.59
O10 A1AIO WD . -7.78 2.42 -29.17
O11 A1AIO WD . -9.96 2.88 -29.61
O12 A1AIO WD . -12.70 3.32 -28.92
C01 A1AIO XD . -0.73 4.08 -21.97
C02 A1AIO XD . 0.68 3.50 -22.30
C03 A1AIO XD . 0.96 3.46 -23.81
C04 A1AIO XD . 2.58 3.30 -24.09
C05 A1AIO XD . 2.83 2.05 -23.91
C06 A1AIO XD . 1.49 1.29 -24.29
O07 A1AIO XD . 0.41 2.40 -24.34
O09 A1AIO XD . 3.91 1.62 -24.81
O10 A1AIO XD . 3.30 4.05 -23.18
O11 A1AIO XD . 1.62 4.31 -21.70
O12 A1AIO XD . -0.92 4.02 -20.58
C01 A1AIO YD . -4.95 5.06 -32.98
C02 A1AIO YD . -3.41 5.17 -33.04
C03 A1AIO YD . -2.71 3.80 -33.20
C04 A1AIO YD . -1.13 4.00 -33.64
C05 A1AIO YD . -0.51 4.27 -32.55
C06 A1AIO YD . -1.32 3.51 -31.42
O07 A1AIO YD . -2.70 3.18 -32.05
O09 A1AIO YD . 0.86 3.76 -32.63
O10 A1AIO YD . -1.01 5.06 -34.53
O11 A1AIO YD . -3.09 5.94 -34.15
O12 A1AIO YD . -5.48 6.34 -32.79
C01 A1AIO ZD . 8.20 0.75 -27.15
C02 A1AIO ZD . 9.03 0.37 -28.40
C03 A1AIO ZD . 8.52 1.06 -29.67
C04 A1AIO ZD . 9.54 0.76 -30.94
C05 A1AIO ZD . 9.23 -0.40 -31.39
C06 A1AIO ZD . 7.70 -0.59 -31.02
O07 A1AIO ZD . 7.36 0.55 -30.03
O09 A1AIO ZD . 9.40 -0.43 -32.84
O10 A1AIO ZD . 10.86 0.76 -30.49
O11 A1AIO ZD . 10.33 0.78 -28.20
O12 A1AIO ZD . 8.52 -0.15 -26.12
C01 A1AIO AE . 2.00 -4.55 -39.70
C02 A1AIO AE . 2.88 -3.96 -40.83
C03 A1AIO AE . 4.37 -3.91 -40.45
C04 A1AIO AE . 5.30 -3.54 -41.78
C05 A1AIO AE . 5.24 -2.26 -41.91
C06 A1AIO AE . 4.91 -1.70 -40.46
O07 A1AIO AE . 4.57 -2.94 -39.60
O09 A1AIO AE . 6.53 -1.76 -42.35
O10 A1AIO AE . 4.78 -4.16 -42.91
O11 A1AIO AE . 2.76 -4.79 -41.94
O12 A1AIO AE . 0.65 -4.25 -39.98
C01 A1AIO BE . 12.82 -3.02 -35.41
C02 A1AIO BE . 13.57 -3.03 -36.77
C03 A1AIO BE . 13.48 -1.67 -37.50
C04 A1AIO BE . 14.39 -1.72 -38.88
C05 A1AIO BE . 13.66 -2.34 -39.74
C06 A1AIO BE . 12.17 -2.03 -39.31
O07 A1AIO BE . 12.26 -1.45 -37.88
O09 A1AIO BE . 13.91 -1.82 -41.08
O10 A1AIO BE . 15.56 -2.43 -38.67
O11 A1AIO BE . 14.90 -3.29 -36.51
O12 A1AIO BE . 12.70 -4.35 -34.96
C01 A1AIO CE . 10.07 7.89 -39.58
C02 A1AIO CE . 10.99 7.59 -40.78
C03 A1AIO CE . 10.50 6.40 -41.62
C04 A1AIO CE . 11.38 6.28 -43.02
C05 A1AIO CE . 12.46 5.70 -42.68
C06 A1AIO CE . 12.09 4.77 -41.46
O07 A1AIO CE . 10.70 5.27 -40.97
O09 A1AIO CE . 12.96 4.89 -43.78
O10 A1AIO CE . 11.64 7.54 -43.51
O11 A1AIO CE . 11.01 8.71 -41.59
O12 A1AIO CE . 10.69 8.87 -38.77
C01 A1AIO DE . 18.71 9.19 -44.39
C02 A1AIO DE . 19.13 9.10 -45.88
C03 A1AIO DE . 17.93 9.04 -46.83
C04 A1AIO DE . 18.46 9.05 -48.40
C05 A1AIO DE . 18.74 7.83 -48.67
C06 A1AIO DE . 17.75 6.97 -47.78
O07 A1AIO DE . 17.28 7.92 -46.66
O09 A1AIO DE . 18.49 7.56 -50.09
O10 A1AIO DE . 19.60 9.83 -48.52
O11 A1AIO DE . 19.85 10.25 -46.18
O12 A1AIO DE . 19.84 9.01 -43.59
C01 A1AIO EE . 8.96 8.19 -54.38
C02 A1AIO EE . 10.28 8.89 -54.76
C03 A1AIO EE . 11.40 7.89 -55.06
C04 A1AIO EE . 12.73 8.70 -55.63
C05 A1AIO EE . 13.31 9.17 -54.59
C06 A1AIO EE . 13.00 8.11 -53.45
O07 A1AIO EE . 11.79 7.30 -53.96
O09 A1AIO EE . 14.75 9.24 -54.81
O10 A1AIO EE . 12.33 9.74 -56.45
O11 A1AIO EE . 10.07 9.64 -55.91
O12 A1AIO EE . 8.15 9.11 -53.69
C01 A1AIO FE . 17.94 0.25 -54.95
C02 A1AIO FE . 17.95 0.81 -56.39
C03 A1AIO FE . 18.63 2.19 -56.47
C04 A1AIO FE . 18.81 2.64 -58.06
C05 A1AIO FE . 17.64 3.02 -58.42
C06 A1AIO FE . 16.98 3.60 -57.10
O07 A1AIO FE . 17.88 3.10 -55.94
O09 A1AIO FE . 17.76 4.08 -59.42
O10 A1AIO FE . 19.22 1.55 -58.83
O11 A1AIO FE . 18.64 -0.06 -57.20
O12 A1AIO FE . 16.94 -0.74 -54.87
C01 A1AIO GE . 15.25 12.62 -59.79
C02 A1AIO GE . 16.45 13.17 -60.58
C03 A1AIO GE . 17.34 12.04 -61.16
C04 A1AIO GE . 18.36 12.63 -62.32
C05 A1AIO GE . 19.41 13.03 -61.71
C06 A1AIO GE . 19.50 12.12 -60.41
O07 A1AIO GE . 18.09 11.54 -60.21
O09 A1AIO GE . 20.58 12.80 -62.55
O10 A1AIO GE . 17.77 13.69 -62.98
O11 A1AIO GE . 15.97 13.91 -61.64
O12 A1AIO GE . 14.73 13.65 -58.97
C01 A1AIO HE . 19.51 2.33 -63.81
C02 A1AIO HE . 20.02 3.35 -64.86
C03 A1AIO HE . 21.42 3.88 -64.54
C04 A1AIO HE . 22.16 4.46 -65.91
C05 A1AIO HE . 21.69 5.64 -66.06
C06 A1AIO HE . 21.42 6.17 -64.60
O07 A1AIO HE . 21.33 4.90 -63.72
O09 A1AIO HE . 22.70 6.49 -66.71
O10 A1AIO HE . 21.83 3.67 -67.00
O11 A1AIO HE . 20.07 2.71 -66.08
O12 A1AIO HE . 18.20 1.97 -64.14
C01 A1AIO IE . 28.60 7.59 -58.42
C02 A1AIO IE . 29.33 7.48 -59.77
C03 A1AIO IE . 28.92 8.59 -60.74
C04 A1AIO IE . 29.84 8.51 -62.12
C05 A1AIO IE . 29.31 7.58 -62.81
C06 A1AIO IE . 27.77 7.63 -62.45
O07 A1AIO IE . 27.68 8.41 -61.13
O09 A1AIO IE . 29.49 7.86 -64.24
O10 A1AIO IE . 31.15 8.18 -61.79
O11 A1AIO IE . 30.69 7.61 -59.54
O12 A1AIO IE . 28.77 6.38 -57.73
C01 A1AIO JE . 24.76 6.99 -71.59
C02 A1AIO JE . 25.39 8.16 -72.39
C03 A1AIO JE . 26.92 8.23 -72.23
C04 A1AIO JE . 27.56 9.32 -73.29
C05 A1AIO JE . 27.47 10.48 -72.73
C06 A1AIO JE . 27.36 10.20 -71.18
O07 A1AIO JE . 27.22 8.67 -71.04
O09 A1AIO JE . 28.68 11.26 -73.01
O10 A1AIO JE . 26.82 9.33 -74.48
O11 A1AIO JE . 25.11 7.97 -73.73
O12 A1AIO JE . 23.36 7.03 -71.76
C01 A1AIO KE . 34.44 6.29 -65.21
C02 A1AIO KE . 35.00 6.98 -66.47
C03 A1AIO KE . 34.72 8.49 -66.49
C04 A1AIO KE . 35.74 9.26 -67.53
C05 A1AIO KE . 35.25 9.04 -68.69
C06 A1AIO KE . 33.69 9.00 -68.45
O07 A1AIO KE . 33.51 8.72 -66.94
O09 A1AIO KE . 35.60 10.13 -69.60
O10 A1AIO KE . 37.02 8.71 -67.44
O11 A1AIO KE . 36.37 6.81 -66.50
O12 A1AIO KE . 34.66 4.90 -65.35
C01 A1AIO LE . 32.14 18.17 -65.61
C02 A1AIO LE . 33.57 18.34 -66.18
C03 A1AIO LE . 33.69 17.81 -67.63
C04 A1AIO LE . 35.25 17.91 -68.13
C05 A1AIO LE . 35.83 16.86 -67.70
C06 A1AIO LE . 34.70 15.76 -67.63
O07 A1AIO LE . 33.37 16.53 -67.66
O09 A1AIO LE . 36.87 16.44 -68.65
O10 A1AIO LE . 35.86 19.04 -67.57
O11 A1AIO LE . 33.89 19.68 -66.20
O12 A1AIO LE . 32.20 18.37 -64.22
C01 A1AIO ME . 31.71 15.00 -78.87
C02 A1AIO ME . 33.08 15.31 -78.24
C03 A1AIO ME . 33.10 15.01 -76.72
C04 A1AIO ME . 34.66 14.72 -76.21
C05 A1AIO ME . 35.18 15.89 -76.10
C06 A1AIO ME . 33.98 16.85 -75.72
O07 A1AIO ME . 32.69 16.05 -76.05
O09 A1AIO ME . 36.18 15.88 -75.03
O10 A1AIO ME . 35.34 13.98 -77.14
O11 A1AIO ME . 34.02 14.52 -78.86
O12 A1AIO ME . 31.03 16.22 -79.06
C01 A1AIO NE . 41.84 19.63 -69.58
C02 A1AIO NE . 43.13 19.13 -70.27
C03 A1AIO NE . 43.14 19.38 -71.78
C04 A1AIO NE . 44.66 19.12 -72.38
C05 A1AIO NE . 44.77 17.85 -72.51
C06 A1AIO NE . 43.30 17.32 -72.73
O07 A1AIO NE . 42.38 18.51 -72.39
O09 A1AIO NE . 45.62 17.51 -73.65
O10 A1AIO NE . 45.62 19.60 -71.51
O11 A1AIO NE . 44.20 19.81 -69.71
O12 A1AIO NE . 41.79 19.13 -68.27
C01 A1AIO OE . 43.02 9.39 -81.21
C02 A1AIO OE . 43.47 10.40 -82.30
C03 A1AIO OE . 44.10 11.66 -81.69
C04 A1AIO OE . 44.89 12.52 -82.86
C05 A1AIO OE . 43.98 13.23 -83.44
C06 A1AIO OE . 42.91 13.51 -82.31
O07 A1AIO OE . 43.17 12.45 -81.21
O09 A1AIO OE . 44.55 14.49 -83.89
O10 A1AIO OE . 45.47 11.66 -83.78
O11 A1AIO OE . 44.42 9.79 -83.09
O12 A1AIO OE . 42.16 8.45 -81.81
C01 A1AIO PE . 50.70 16.21 -75.17
C02 A1AIO PE . 51.35 16.34 -76.57
C03 A1AIO PE . 50.34 16.74 -77.66
C04 A1AIO PE . 51.11 17.47 -78.92
C05 A1AIO PE . 51.54 16.53 -79.69
C06 A1AIO PE . 50.76 15.22 -79.29
O07 A1AIO PE . 49.79 15.66 -78.16
O09 A1AIO PE . 51.24 16.86 -81.09
O10 A1AIO PE . 52.19 18.22 -78.45
O11 A1AIO PE . 52.32 17.31 -76.50
O12 A1AIO PE . 51.57 15.49 -74.34
C01 A1AIO QE . 45.89 24.82 -83.73
C02 A1AIO QE . 47.24 24.58 -84.46
C03 A1AIO QE . 47.40 23.14 -84.96
C04 A1AIO QE . 48.82 22.98 -85.78
C05 A1AIO QE . 49.68 22.49 -84.96
C06 A1AIO QE . 48.83 21.65 -83.94
O07 A1AIO QE . 47.42 22.31 -83.94
O09 A1AIO QE . 50.61 21.62 -85.68
O10 A1AIO QE . 49.25 24.22 -86.22
O11 A1AIO QE . 47.29 25.42 -85.56
O12 A1AIO QE . 45.98 26.02 -83.01
C01 A1AIO RE . 56.21 14.33 -82.62
C02 A1AIO RE . 56.92 14.61 -83.96
C03 A1AIO RE . 56.12 15.57 -84.88
C04 A1AIO RE . 57.13 16.35 -85.93
C05 A1AIO RE . 57.30 15.56 -86.94
C06 A1AIO RE . 56.15 14.47 -86.85
O07 A1AIO RE . 55.31 14.87 -85.62
O09 A1AIO RE . 57.18 16.32 -88.18
O10 A1AIO RE . 58.36 16.61 -85.32
O11 A1AIO RE . 58.14 15.21 -83.69
O12 A1AIO RE . 56.79 13.19 -82.05
C01 A1AIO SE . 52.69 17.56 -95.41
C02 A1AIO SE . 53.72 18.25 -96.34
C03 A1AIO SE . 55.15 17.75 -96.10
C04 A1AIO SE . 56.10 18.05 -97.42
C05 A1AIO SE . 56.39 19.29 -97.34
C06 A1AIO SE . 56.41 19.62 -95.79
O07 A1AIO SE . 55.70 18.42 -95.12
O09 A1AIO SE . 57.71 19.54 -97.94
O10 A1AIO SE . 55.41 17.77 -98.60
O11 A1AIO SE . 53.38 17.97 -97.65
O12 A1AIO SE . 51.42 18.12 -95.65
C01 A1AIO TE . 62.73 10.95 -98.86
C02 A1AIO TE . 63.41 10.95 -100.25
C03 A1AIO TE . 64.68 11.82 -100.28
C04 A1AIO TE . 65.50 11.55 -101.69
C05 A1AIO TE . 64.85 12.23 -102.57
C06 A1AIO TE . 64.21 13.45 -101.78
O07 A1AIO TE . 64.35 13.08 -100.29
O09 A1AIO TE . 65.78 12.73 -103.58
O10 A1AIO TE . 65.48 10.21 -102.01
O11 A1AIO TE . 63.78 9.65 -100.55
O12 A1AIO TE . 61.41 10.49 -99.02
C01 A1AIO UE . 72.85 10.41 -114.89
C02 A1AIO UE . 73.27 10.99 -116.25
C03 A1AIO UE . 74.73 11.50 -116.25
C04 A1AIO UE . 75.20 11.84 -117.80
C05 A1AIO UE . 74.68 12.97 -118.06
C06 A1AIO UE . 74.63 13.73 -116.66
O07 A1AIO UE . 74.79 12.63 -115.60
O09 A1AIO UE . 75.53 13.71 -119.00
O10 A1AIO UE . 74.71 10.88 -118.66
O11 A1AIO UE . 73.20 9.96 -117.18
O12 A1AIO UE . 71.48 10.11 -114.94
C01 A1AIO VE . 84.65 13.95 -111.76
C02 A1AIO VE . 84.70 14.00 -113.31
C03 A1AIO VE . 83.48 14.71 -113.92
C04 A1AIO VE . 83.43 14.42 -115.55
C05 A1AIO VE . 82.62 13.45 -115.73
C06 A1AIO VE . 81.63 13.47 -114.49
O07 A1AIO VE . 82.37 14.27 -113.38
O09 A1AIO VE . 81.86 13.68 -116.97
O10 A1AIO VE . 84.69 14.05 -115.98
O11 A1AIO VE . 85.84 14.71 -113.68
O12 A1AIO VE . 85.21 12.73 -111.35
C01 A1AIO WE . 78.22 22.58 -118.48
C02 A1AIO WE . 79.54 22.46 -119.28
C03 A1AIO WE . 79.49 21.32 -120.32
C04 A1AIO WE . 80.83 21.38 -121.28
C05 A1AIO WE . 81.76 20.79 -120.62
C06 A1AIO WE . 81.03 19.77 -119.66
O07 A1AIO WE . 79.54 20.17 -119.69
O09 A1AIO WE . 82.63 20.06 -121.54
O10 A1AIO WE . 81.17 22.70 -121.54
O11 A1AIO WE . 79.76 23.64 -119.97
O12 A1AIO WE . 78.50 23.22 -117.26
C01 A1AIO XE . 37.10 20.54 -80.07
C02 A1AIO XE . 38.54 20.95 -80.45
C03 A1AIO XE . 39.48 19.75 -80.64
C04 A1AIO XE . 40.86 20.22 -81.42
C05 A1AIO XE . 41.67 20.63 -80.51
C06 A1AIO XE . 41.28 19.81 -79.22
O07 A1AIO XE . 39.85 19.29 -79.46
O09 A1AIO XE . 43.05 20.31 -80.91
O10 A1AIO XE . 40.57 21.27 -82.30
O11 A1AIO XE . 38.48 21.64 -81.65
O12 A1AIO XE . 36.44 21.66 -79.55
C01 A1AIO YE . 70.12 21.46 -112.26
C02 A1AIO YE . 71.42 21.85 -113.01
C03 A1AIO YE . 71.91 20.72 -113.94
C04 A1AIO YE . 73.15 21.28 -114.89
C05 A1AIO YE . 74.20 21.21 -114.17
C06 A1AIO YE . 73.93 20.06 -113.12
O07 A1AIO YE . 72.42 19.76 -113.22
O09 A1AIO YE . 75.35 20.86 -115.00
O10 A1AIO YE . 72.91 22.59 -115.26
O11 A1AIO YE . 71.14 22.95 -113.81
O12 A1AIO YE . 70.04 22.23 -111.10
C01 A1AIO ZE . 58.02 20.89 -100.86
C02 A1AIO ZE . 59.18 21.19 -101.85
C03 A1AIO ZE . 59.93 19.91 -102.25
C04 A1AIO ZE . 60.98 20.24 -103.50
C05 A1AIO ZE . 62.02 20.73 -102.94
C06 A1AIO ZE . 62.05 20.12 -101.48
O07 A1AIO ZE . 60.66 19.49 -101.26
O09 A1AIO ZE . 63.21 20.31 -103.67
O10 A1AIO ZE . 60.42 21.18 -104.36
O11 A1AIO ZE . 58.63 21.73 -103.00
O12 A1AIO ZE . 57.76 22.07 -100.13
C01 A1AIO AF . 45.99 13.62 -89.11
C02 A1AIO AF . 46.91 14.27 -90.16
C03 A1AIO AF . 48.38 14.28 -89.74
C04 A1AIO AF . 49.33 14.77 -91.00
C05 A1AIO AF . 49.29 16.05 -90.99
C06 A1AIO AF . 49.00 16.45 -89.49
O07 A1AIO AF . 48.57 15.14 -88.78
O09 A1AIO AF . 50.59 16.59 -91.40
O10 A1AIO AF . 48.82 14.28 -92.20
O11 A1AIO AF . 46.81 13.55 -91.34
O12 A1AIO AF . 44.69 14.12 -89.27
C01 A1AIO BF . -60.30 -2.87 31.61
C02 A1AIO BF . -60.03 -3.28 30.14
C03 A1AIO BF . -59.09 -2.29 29.41
C04 A1AIO BF . -58.52 -2.94 28.00
C05 A1AIO BF . -59.49 -2.83 27.17
C06 A1AIO BF . -60.25 -1.52 27.62
O07 A1AIO BF . -59.76 -1.23 29.05
O09 A1AIO BF . -58.96 -2.65 25.82
O10 A1AIO BF . -58.21 -4.28 28.19
O11 A1AIO BF . -59.41 -4.51 30.14
O12 A1AIO BF . -61.21 -3.77 32.17
C01 A1AIO CF . -51.41 6.98 17.61
C02 A1AIO CF . -50.03 6.61 17.02
C03 A1AIO CF . -49.88 5.09 16.81
C04 A1AIO CF . -48.52 4.78 15.91
C05 A1AIO CF . -47.54 4.91 16.71
C06 A1AIO CF . -48.13 4.55 18.14
O07 A1AIO CF . -49.66 4.51 17.96
O09 A1AIO CF . -46.48 3.96 16.36
O10 A1AIO CF . -48.42 5.71 14.88
O11 A1AIO CF . -49.93 7.21 15.77
O12 A1AIO CF . -51.31 8.25 18.19
C01 A1AIO DF . -30.33 -6.45 3.80
C02 A1AIO DF . -30.12 -6.24 2.29
C03 A1AIO DF . -30.15 -4.76 1.88
C04 A1AIO DF . -29.49 -4.56 0.38
C05 A1AIO DF . -30.40 -4.93 -0.44
C06 A1AIO DF . -31.77 -4.70 0.31
O07 A1AIO DF . -31.39 -4.35 1.77
O09 A1AIO DF . -30.35 -4.10 -1.65
O10 A1AIO DF . -28.37 -5.37 0.24
O11 A1AIO DF . -28.88 -6.75 1.96
O12 A1AIO DF . -30.60 -7.82 4.04
C01 A1AIO EF . 55.45 25.69 -88.07
C02 A1AIO EF . 56.82 25.28 -88.65
C03 A1AIO EF . 56.72 24.13 -89.66
C04 A1AIO EF . 58.23 23.68 -90.15
C05 A1AIO EF . 58.65 22.85 -89.26
C06 A1AIO EF . 57.35 22.17 -88.67
O07 A1AIO EF . 56.18 23.09 -89.07
O09 A1AIO EF . 59.51 21.84 -89.89
O10 A1AIO EF . 59.06 24.79 -90.20
O11 A1AIO EF . 57.36 26.37 -89.32
O12 A1AIO EF . 55.66 26.52 -86.95
C01 A1AIO FF . 66.15 23.60 -92.26
C02 A1AIO FF . 66.64 22.45 -93.18
C03 A1AIO FF . 65.59 22.05 -94.23
C04 A1AIO FF . 66.29 21.20 -95.46
C05 A1AIO FF . 66.43 20.01 -95.01
C06 A1AIO FF . 65.28 19.82 -93.95
O07 A1AIO FF . 64.71 21.23 -93.69
O09 A1AIO FF . 66.26 19.05 -96.11
O10 A1AIO FF . 67.53 21.74 -95.77
O11 A1AIO FF . 67.77 22.88 -93.85
O12 A1AIO FF . 67.15 23.86 -91.31
C01 A1AIO GF . 71.71 18.65 -97.95
C02 A1AIO GF . 72.41 17.68 -98.92
C03 A1AIO GF . 71.97 17.90 -100.38
C04 A1AIO GF . 72.95 17.06 -101.42
C05 A1AIO GF . 72.53 15.85 -101.38
C06 A1AIO GF . 70.99 15.95 -101.05
O07 A1AIO GF . 70.77 17.40 -100.56
O09 A1AIO GF . 72.71 15.23 -102.69
O10 A1AIO GF . 74.26 17.13 -100.98
O11 A1AIO GF . 73.77 17.91 -98.85
O12 A1AIO GF . 71.97 18.23 -96.63
C01 A1AIO HF . 76.58 12.47 -123.12
C02 A1AIO HF . 77.09 12.98 -124.49
C03 A1AIO HF . 78.58 12.66 -124.71
C04 A1AIO HF . 79.01 12.98 -126.27
C05 A1AIO HF . 79.30 14.23 -126.31
C06 A1AIO HF . 79.66 14.65 -124.82
O07 A1AIO HF . 79.31 13.43 -123.95
O09 A1AIO HF . 80.47 14.44 -127.17
O10 A1AIO HF . 77.94 12.72 -127.11
O11 A1AIO HF . 76.37 12.35 -125.47
O12 A1AIO HF . 75.23 12.85 -122.98
C01 A1AIO IF . 87.47 11.81 -119.47
C02 A1AIO IF . 87.75 11.56 -120.97
C03 A1AIO IF . 87.56 12.82 -121.82
C04 A1AIO IF . 88.14 12.57 -123.35
C05 A1AIO IF . 87.23 11.90 -123.95
C06 A1AIO IF . 85.88 12.36 -123.28
O07 A1AIO IF . 86.28 13.06 -121.97
O09 A1AIO IF . 87.23 12.24 -125.38
O10 A1AIO IF . 89.32 11.84 -123.30
O11 A1AIO IF . 89.07 11.16 -121.10
O12 A1AIO IF . 87.22 10.57 -118.86
C1 GLA JF . -70.60 2.64 39.56
C2 GLA JF . -71.87 2.05 40.22
C3 GLA JF . -72.71 3.08 40.86
C4 GLA JF . -71.92 3.96 41.79
C5 GLA JF . -70.73 4.57 41.07
C6 GLA JF . -69.93 5.39 42.03
O2 GLA JF . -72.64 1.40 39.19
O3 GLA JF . -73.76 2.41 41.61
O4 GLA JF . -71.45 3.17 42.86
O5 GLA JF . -69.85 3.55 40.48
O6 GLA JF . -69.24 6.45 41.30
C1 GLA KF . -61.90 6.46 25.45
C2 GLA KF . -61.65 7.95 25.25
C3 GLA KF . -61.99 8.76 26.49
C4 GLA KF . -63.40 8.44 26.97
C5 GLA KF . -63.56 6.93 27.18
C6 GLA KF . -64.97 6.52 27.55
O2 GLA KF . -60.30 8.17 24.85
O3 GLA KF . -61.87 10.15 26.19
O4 GLA KF . -64.38 8.91 26.03
O5 GLA KF . -63.23 6.23 25.95
O6 GLA KF . -65.01 5.19 28.06
C1 GLA LF . -53.52 -0.60 27.75
C2 GLA LF . -53.92 -1.65 28.77
C3 GLA LF . -55.38 -1.51 29.18
C4 GLA LF . -55.69 -0.09 29.63
C5 GLA LF . -55.28 0.90 28.53
C6 GLA LF . -55.45 2.34 28.94
O2 GLA LF . -53.66 -2.96 28.26
O3 GLA LF . -55.66 -2.44 30.23
O4 GLA LF . -55.01 0.22 30.85
O5 GLA LF . -53.88 0.73 28.20
O6 GLA LF . -55.38 3.22 27.82
C1 GLA MF . -40.09 3.02 6.83
C2 GLA MF . -40.48 4.35 7.49
C3 GLA MF . -41.07 4.16 8.83
C4 GLA MF . -42.20 3.17 8.81
C5 GLA MF . -41.76 1.85 8.22
C6 GLA MF . -42.94 0.93 8.13
O2 GLA MF . -39.29 5.15 7.64
O3 GLA MF . -41.57 5.44 9.32
O4 GLA MF . -43.23 3.69 8.00
O5 GLA MF . -41.19 2.02 6.86
O6 GLA MF . -42.52 -0.34 7.54
C1 GLA NF . -24.96 -2.66 1.20
C2 GLA NF . -25.38 -3.70 2.26
C3 GLA NF . -26.68 -3.38 2.88
C4 GLA NF . -26.72 -1.96 3.38
C5 GLA NF . -26.37 -0.98 2.28
C6 GLA NF . -26.36 0.41 2.85
O2 GLA NF . -25.49 -4.99 1.62
O3 GLA NF . -26.90 -4.28 4.00
O4 GLA NF . -25.78 -1.81 4.43
O5 GLA NF . -25.04 -1.27 1.70
O6 GLA NF . -26.53 1.37 1.76
C1 GLA OF . -20.27 0.95 -14.67
C2 GLA OF . -21.04 2.23 -14.26
C3 GLA OF . -21.36 2.27 -12.83
C4 GLA OF . -22.03 1.01 -12.37
C5 GLA OF . -21.23 -0.23 -12.73
C6 GLA OF . -22.02 -1.45 -12.36
O2 GLA OF . -20.22 3.38 -14.58
O3 GLA OF . -22.24 3.39 -12.59
O4 GLA OF . -23.31 0.91 -12.99
O5 GLA OF . -20.94 -0.29 -14.18
O6 GLA OF . -21.88 -2.45 -13.41
C1 GLA PF . -3.67 -0.50 -19.40
C2 GLA PF . -4.17 -1.37 -18.23
C3 GLA PF . -5.58 -1.11 -17.89
C4 GLA PF . -5.86 0.35 -17.69
C5 GLA PF . -5.40 1.17 -18.89
C6 GLA PF . -5.60 2.63 -18.57
O2 GLA PF . -4.04 -2.75 -18.60
O3 GLA PF . -5.90 -1.81 -16.66
O4 GLA PF . -5.17 0.79 -16.54
O5 GLA PF . -3.98 0.95 -19.19
O6 GLA PF . -4.56 3.41 -19.24
C1 GLA QF . 0.13 -0.63 -36.31
C2 GLA QF . -1.17 0.15 -36.55
C3 GLA QF . -1.68 0.79 -35.34
C4 GLA QF . -1.80 -0.17 -34.20
C5 GLA QF . -0.50 -0.93 -33.95
C6 GLA QF . -0.75 -1.99 -32.92
O2 GLA QF . -0.91 1.18 -37.54
O3 GLA QF . -2.99 1.38 -35.62
O4 GLA QF . -2.82 -1.12 -34.51
O5 GLA QF . 0.01 -1.57 -35.17
O6 GLA QF . 0.22 -3.06 -33.09
C1 GLA RF . 13.60 0.72 -52.80
C2 GLA RF . 12.07 0.62 -52.87
C3 GLA RF . 11.43 0.94 -51.58
C4 GLA RF . 12.00 0.14 -50.44
C5 GLA RF . 13.51 0.23 -50.38
C6 GLA RF . 14.01 -0.74 -49.36
O2 GLA RF . 11.59 1.55 -53.86
O3 GLA RF . 10.00 0.68 -51.68
O4 GLA RF . 11.63 -1.22 -50.65
O5 GLA RF . 14.15 -0.08 -51.69
O6 GLA RF . 15.34 -0.35 -48.94
C1 GLA SF . 23.54 4.47 -58.26
C2 GLA SF . 23.22 3.23 -57.39
C3 GLA SF . 22.14 3.51 -56.43
C4 GLA SF . 22.41 4.74 -55.61
C5 GLA SF . 22.65 5.95 -56.50
C6 GLA SF . 23.01 7.11 -55.64
O2 GLA SF . 22.79 2.17 -58.26
O3 GLA SF . 22.02 2.37 -55.52
O4 GLA SF . 23.57 4.52 -54.83
O5 GLA SF . 23.75 5.70 -57.46
O6 GLA SF . 23.25 8.28 -56.49
C1 GLA TF . 30.82 13.42 -64.05
C2 GLA TF . 31.02 13.24 -62.53
C3 GLA TF . 30.00 12.36 -61.94
C4 GLA TF . 28.62 12.82 -62.27
C5 GLA TF . 28.41 12.96 -63.78
C6 GLA TF . 27.07 13.55 -64.03
O2 GLA TF . 32.32 12.64 -62.31
O3 GLA TF . 30.16 12.36 -60.49
O4 GLA TF . 28.40 14.09 -61.68
O5 GLA TF . 29.44 13.84 -64.39
O6 GLA TF . 26.95 13.89 -65.45
C1 GLA UF . 60.20 14.48 -97.66
C2 GLA UF . 58.75 14.02 -97.85
C3 GLA UF . 57.84 14.64 -96.89
C4 GLA UF . 58.30 14.47 -95.48
C5 GLA UF . 59.73 14.97 -95.30
C6 GLA UF . 60.18 14.65 -93.92
O2 GLA UF . 58.32 14.37 -99.18
O3 GLA UF . 56.51 14.03 -97.02
O4 GLA UF . 58.28 13.09 -95.17
O5 GLA UF . 60.66 14.34 -96.26
O6 GLA UF . 61.65 14.66 -93.87
C1 GLA VF . 78.33 12.84 -110.49
C2 GLA VF . 77.84 11.48 -109.96
C3 GLA VF . 76.65 11.61 -109.10
C4 GLA VF . 76.85 12.62 -108.02
C5 GLA VF . 77.31 13.96 -108.57
C6 GLA VF . 77.61 14.88 -107.43
O2 GLA VF . 77.51 10.63 -111.08
O3 GLA VF . 76.37 10.32 -108.49
O4 GLA VF . 77.85 12.14 -107.14
O5 GLA VF . 78.51 13.83 -109.42
O6 GLA VF . 77.68 16.26 -107.92
C01 A1AIO WF . 73.00 16.32 -28.48
C02 A1AIO WF . 71.51 15.92 -28.61
C03 A1AIO WF . 71.32 14.43 -28.91
C04 A1AIO WF . 69.71 14.07 -28.98
C05 A1AIO WF . 69.33 14.29 -30.19
C06 A1AIO WF . 70.64 14.27 -31.08
O07 A1AIO WF . 71.82 14.14 -30.08
O09 A1AIO WF . 68.42 13.23 -30.63
O10 A1AIO WF . 69.00 14.90 -28.11
O11 A1AIO WF . 70.88 16.19 -27.40
O12 A1AIO WF . 73.42 16.88 -29.69
C01 A1AIO XF . 73.95 4.81 -31.74
C02 A1AIO XF . 72.94 4.90 -30.58
C03 A1AIO XF . 71.48 5.00 -31.06
C04 A1AIO XF . 70.45 4.74 -29.80
C05 A1AIO XF . 70.36 5.85 -29.17
C06 A1AIO XF . 70.74 6.97 -30.22
O07 A1AIO XF . 71.23 6.22 -31.48
O09 A1AIO XF . 68.99 6.05 -28.70
O10 A1AIO XF . 70.96 3.75 -28.96
O11 A1AIO XF . 73.06 3.76 -29.81
O12 A1AIO XF . 75.16 5.42 -31.34
C01 A1AIO YF . 65.65 8.70 -37.75
C02 A1AIO YF . 64.89 7.59 -36.99
C03 A1AIO YF . 64.62 7.98 -35.53
C04 A1AIO YF . 63.34 7.12 -34.93
C05 A1AIO YF . 63.84 5.97 -34.65
C06 A1AIO YF . 65.31 6.28 -34.17
O07 A1AIO YF . 65.65 7.67 -34.77
O09 A1AIO YF . 63.08 5.36 -33.56
O10 A1AIO YF . 62.37 6.98 -35.92
O11 A1AIO YF . 63.68 7.40 -37.62
O12 A1AIO YF . 66.30 8.10 -38.86
C01 A1AIO ZF . 64.13 13.60 -27.91
C02 A1AIO ZF . 62.76 13.02 -27.47
C03 A1AIO ZF . 62.70 11.49 -27.57
C04 A1AIO ZF . 61.33 10.93 -26.85
C05 A1AIO ZF . 60.39 11.09 -27.70
C06 A1AIO ZF . 61.08 11.07 -29.11
O07 A1AIO ZF . 62.60 11.12 -28.83
O09 A1AIO ZF . 59.43 9.99 -27.59
O10 A1AIO ZF . 61.07 11.69 -25.70
O11 A1AIO ZF . 62.56 13.36 -26.15
O12 A1AIO ZF . 64.14 13.67 -29.32
C01 A1AIO AG . 60.14 3.97 -19.25
C02 A1AIO AG . 58.88 4.71 -18.76
C03 A1AIO AG . 57.60 4.19 -19.44
C04 A1AIO AG . 56.27 4.32 -18.46
C05 A1AIO AG . 55.54 5.29 -18.88
C06 A1AIO AG . 55.97 5.51 -20.39
O07 A1AIO AG . 57.36 4.89 -20.54
O09 A1AIO AG . 54.13 4.92 -18.81
O10 A1AIO AG . 56.65 4.57 -17.15
O11 A1AIO AG . 58.76 4.47 -17.40
O12 A1AIO AG . 61.17 4.92 -19.39
C01 A1AIO BG . 54.69 -2.93 -24.65
C02 A1AIO BG . 53.31 -2.82 -23.97
C03 A1AIO BG . 52.93 -1.36 -23.65
C04 A1AIO BG . 51.37 -1.30 -23.10
C05 A1AIO BG . 51.43 -1.73 -21.89
C06 A1AIO BG . 52.90 -1.39 -21.39
O07 A1AIO BG . 53.65 -0.91 -22.65
O09 A1AIO BG . 50.45 -1.01 -21.08
O10 A1AIO BG . 50.59 -2.15 -23.86
O11 A1AIO BG . 52.36 -3.32 -24.83
O12 A1AIO BG . 55.22 -4.21 -24.38
C01 A1AIO CG . 47.78 6.61 -25.73
C02 A1AIO CG . 46.61 5.77 -25.19
C03 A1AIO CG . 46.82 5.31 -23.74
C04 A1AIO CG . 45.53 4.42 -23.23
C05 A1AIO CG . 45.69 3.26 -23.79
C06 A1AIO CG . 47.24 3.12 -24.03
O07 A1AIO CG . 47.84 4.50 -23.67
O09 A1AIO CG . 45.22 2.22 -22.88
O10 A1AIO CG . 44.35 5.00 -23.65
O11 A1AIO CG . 45.46 6.55 -25.23
O12 A1AIO CG . 47.83 6.46 -27.12
C01 A1AIO DG . 48.26 -4.61 -18.39
C02 A1AIO DG . 47.24 -4.58 -17.23
C03 A1AIO DG . 45.98 -3.76 -17.56
C04 A1AIO DG . 44.85 -3.98 -16.38
C05 A1AIO DG . 44.96 -2.99 -15.56
C06 A1AIO DG . 45.65 -1.82 -16.37
O07 A1AIO DG . 46.29 -2.48 -17.60
O09 A1AIO DG . 43.62 -2.57 -15.12
O10 A1AIO DG . 45.08 -5.17 -15.72
O11 A1AIO DG . 46.85 -5.88 -16.97
O12 A1AIO DG . 49.54 -4.84 -17.86
C01 A1AIO EG . 39.10 1.77 -22.13
C02 A1AIO EG . 38.08 1.16 -21.13
C03 A1AIO EG . 38.73 0.73 -19.81
C04 A1AIO EG . 37.61 -0.06 -18.87
C05 A1AIO EG . 37.74 -1.32 -19.10
C06 A1AIO EG . 39.02 -1.49 -20.02
O07 A1AIO EG . 39.70 -0.11 -20.04
O09 A1AIO EG . 37.94 -2.02 -17.84
O10 A1AIO EG . 36.34 0.35 -19.24
O11 A1AIO EG . 37.13 2.14 -20.84
O12 A1AIO EG . 40.08 0.81 -22.38
C01 A1AIO FG . 41.44 6.10 -12.03
C02 A1AIO FG . 39.93 5.85 -11.82
C03 A1AIO FG . 39.61 4.40 -11.45
C04 A1AIO FG . 38.04 4.24 -10.99
C05 A1AIO FG . 37.37 4.26 -12.08
C06 A1AIO FG . 38.35 3.64 -13.17
O07 A1AIO FG . 39.74 3.64 -12.52
O09 A1AIO FG . 36.18 3.41 -11.94
O10 A1AIO FG . 37.67 5.32 -10.19
O11 A1AIO FG . 39.50 6.65 -10.77
O12 A1AIO FG . 41.59 7.07 -13.04
C01 A1AIO GG . 31.43 -3.27 -15.34
C02 A1AIO GG . 31.21 -3.75 -13.88
C03 A1AIO GG . 32.38 -3.38 -12.95
C04 A1AIO GG . 31.94 -3.58 -11.37
C05 A1AIO GG . 32.31 -4.76 -10.99
C06 A1AIO GG . 33.13 -5.38 -12.21
O07 A1AIO GG . 33.38 -4.19 -13.16
O09 A1AIO GG . 33.18 -4.67 -9.82
O10 A1AIO GG . 30.57 -3.47 -11.24
O11 A1AIO GG . 30.07 -3.12 -13.40
O12 A1AIO GG . 30.73 -4.11 -16.20
C01 A1AIO HG . 37.51 -4.23 -3.60
C02 A1AIO HG . 37.06 -4.01 -2.14
C03 A1AIO HG . 35.56 -4.29 -1.92
C04 A1AIO HG . 35.22 -4.43 -0.31
C05 A1AIO HG . 35.14 -3.22 0.14
C06 A1AIO HG . 34.67 -2.36 -1.11
O07 A1AIO HG . 34.86 -3.26 -2.34
O09 A1AIO HG . 34.15 -3.16 1.21
O10 A1AIO HG . 36.24 -5.10 0.34
O11 A1AIO HG . 37.76 -4.91 -1.33
O12 A1AIO HG . 38.85 -3.83 -3.72
C01 A1AIO IG . 31.05 -2.25 4.43
C02 A1AIO IG . 29.76 -2.27 5.29
C03 A1AIO IG . 28.61 -3.06 4.61
C04 A1AIO IG . 27.34 -3.23 5.65
C05 A1AIO IG . 26.68 -2.13 5.58
C06 A1AIO IG . 26.96 -1.58 4.12
O07 A1AIO IG . 28.16 -2.39 3.59
O09 A1AIO IG . 25.24 -2.39 5.73
O10 A1AIO IG . 27.80 -3.42 6.95
O11 A1AIO IG . 30.05 -2.90 6.48
O12 A1AIO IG . 31.43 -0.91 4.23
C01 A1AIO JG . 18.08 -0.15 -1.22
C02 A1AIO JG . 16.98 -1.20 -0.97
C03 A1AIO JG . 17.11 -1.88 0.41
C04 A1AIO JG . 15.65 -2.45 0.92
C05 A1AIO JG . 15.50 -3.61 0.39
C06 A1AIO JG . 16.96 -4.09 -0.02
O07 A1AIO JG . 17.89 -2.92 0.33
O09 A1AIO JG . 14.93 -4.54 1.36
O10 A1AIO JG . 14.61 -1.61 0.50
O11 A1AIO JG . 15.77 -0.56 -1.04
O12 A1AIO JG . 18.02 0.26 -2.57
C01 A1AIO KG . 22.29 -1.22 9.64
C02 A1AIO KG . 20.80 -0.86 9.86
C03 A1AIO KG . 19.86 -2.05 9.56
C04 A1AIO KG . 18.38 -1.82 10.29
C05 A1AIO KG . 17.50 -1.70 9.37
C06 A1AIO KG . 18.14 -2.29 8.06
O07 A1AIO KG . 19.67 -2.17 8.26
O09 A1AIO KG . 16.31 -2.47 9.74
O10 A1AIO KG . 18.41 -0.66 11.07
O11 A1AIO KG . 20.63 -0.50 11.17
O12 A1AIO KG . 23.05 -0.06 9.81
C01 A1AIO LG . 9.30 -5.27 4.44
C02 A1AIO LG . 8.88 -6.25 5.56
C03 A1AIO LG . 10.05 -6.62 6.49
C04 A1AIO LG . 9.54 -6.89 8.05
C05 A1AIO LG . 9.62 -8.16 8.29
C06 A1AIO LG . 10.10 -8.86 6.96
O07 A1AIO LG . 10.62 -7.72 6.05
O09 A1AIO LG . 10.60 -8.39 9.36
O10 A1AIO LG . 8.24 -6.46 8.23
O11 A1AIO LG . 7.90 -5.62 6.31
O12 A1AIO LG . 9.05 -5.88 3.20
C01 A1AIO MG . 16.31 -12.81 15.32
C02 A1AIO MG . 15.70 -12.42 16.68
C03 A1AIO MG . 14.17 -12.24 16.62
C04 A1AIO MG . 13.52 -12.18 18.14
C05 A1AIO MG . 13.53 -10.95 18.50
C06 A1AIO MG . 13.57 -10.10 17.17
O07 A1AIO MG . 13.88 -11.10 16.03
O09 A1AIO MG . 12.31 -10.65 19.25
O10 A1AIO MG . 14.29 -12.94 19.01
O11 A1AIO MG . 15.96 -13.44 17.58
O12 A1AIO MG . 17.71 -12.89 15.46
C01 A1AIO NG . 3.98 -12.05 11.57
C02 A1AIO NG . 4.59 -12.26 12.98
C03 A1AIO NG . 4.55 -10.98 13.84
C04 A1AIO NG . 4.52 -11.37 15.46
C05 A1AIO NG . 5.74 -11.65 15.76
C06 A1AIO NG . 6.62 -10.77 14.78
O07 A1AIO NG . 5.65 -10.29 13.67
O09 A1AIO NG . 6.01 -11.28 17.15
O10 A1AIO NG . 3.71 -12.48 15.68
O11 A1AIO NG . 3.86 -13.25 13.62
O12 A1AIO NG . 3.84 -13.31 10.96
C01 A1AIO OG . 10.22 -10.65 25.15
C02 A1AIO OG . 8.87 -10.16 25.75
C03 A1AIO OG . 7.69 -10.45 24.82
C04 A1AIO OG . 6.26 -10.12 25.60
C05 A1AIO OG . 6.03 -8.86 25.43
C06 A1AIO OG . 6.86 -8.43 24.15
O07 A1AIO OG . 7.73 -9.65 23.78
O09 A1AIO OG . 4.61 -8.65 25.19
O10 A1AIO OG . 6.39 -10.40 26.95
O11 A1AIO OG . 8.66 -10.84 26.93
O12 A1AIO OG . 11.09 -9.54 25.07
C01 A1AIO PG . -0.20 -4.26 22.19
C02 A1AIO PG . -1.61 -4.89 22.12
C03 A1AIO PG . -2.09 -5.41 23.49
C04 A1AIO PG . -3.72 -5.22 23.68
C05 A1AIO PG . -4.27 -6.23 23.09
C06 A1AIO PG . -3.16 -7.37 23.07
O07 A1AIO PG . -1.87 -6.70 23.57
O09 A1AIO PG . -5.43 -6.69 23.86
O10 A1AIO PG . -4.15 -4.04 23.10
O11 A1AIO PG . -2.50 -3.91 21.69
O12 A1AIO PG . 0.34 -4.25 20.88
C01 A1AIO QG . 3.35 -9.66 31.36
C02 A1AIO QG . 2.00 -8.98 31.73
C03 A1AIO QG . 0.81 -9.93 31.52
C04 A1AIO QG . -0.50 -9.41 32.39
C05 A1AIO QG . -1.02 -8.47 31.68
C06 A1AIO QG . -0.71 -8.86 30.18
O07 A1AIO QG . 0.43 -9.90 30.26
O09 A1AIO QG . -2.46 -8.40 31.90
O10 A1AIO QG . -0.10 -8.92 33.62
O11 A1AIO QG . 2.06 -8.64 33.07
O12 A1AIO QG . 4.34 -9.18 32.23
C01 A1AIO RG . -9.41 -7.80 25.73
C02 A1AIO RG . -10.32 -8.52 26.75
C03 A1AIO RG . -9.67 -8.68 28.13
C04 A1AIO RG . -10.79 -9.06 29.28
C05 A1AIO RG . -10.88 -10.34 29.32
C06 A1AIO RG . -9.52 -10.89 28.72
O07 A1AIO RG . -8.80 -9.67 28.11
O09 A1AIO RG . -11.01 -10.79 30.71
O10 A1AIO RG . -12.02 -8.51 28.94
O11 A1AIO RG . -11.47 -7.77 26.90
O12 A1AIO RG . -9.91 -8.02 24.44
C01 A1AIO SG . -5.43 -19.22 33.82
C02 A1AIO SG . -5.57 -18.89 35.33
C03 A1AIO SG . -6.95 -18.29 35.67
C04 A1AIO SG . -7.50 -18.85 37.14
C05 A1AIO SG . -7.91 -17.83 37.81
C06 A1AIO SG . -7.22 -16.57 37.16
O07 A1AIO SG . -6.87 -16.98 35.73
O09 A1AIO SG . -9.36 -17.73 37.69
O10 A1AIO SG . -6.47 -19.47 37.83
O11 A1AIO SG . -5.42 -20.07 36.03
O12 A1AIO SG . -4.06 -19.35 33.51
C01 A1AIO TG . -10.11 -7.27 40.12
C02 A1AIO TG . -11.37 -7.70 40.91
C03 A1AIO TG . -11.33 -9.19 41.31
C04 A1AIO TG . -12.47 -9.49 42.47
C05 A1AIO TG . -13.58 -9.57 41.82
C06 A1AIO TG . -13.19 -10.16 40.41
O07 A1AIO TG . -11.66 -9.94 40.29
O09 A1AIO TG . -14.50 -10.49 42.51
O10 A1AIO TG . -12.52 -8.45 43.38
O11 A1AIO TG . -11.43 -6.95 42.07
O12 A1AIO TG . -10.32 -5.98 39.61
C01 A1AIO UG . -18.78 -6.39 45.34
C02 A1AIO UG . -19.08 -6.97 46.75
C03 A1AIO UG . -17.89 -7.78 47.30
C04 A1AIO UG . -18.22 -8.26 48.84
C05 A1AIO UG . -18.96 -9.30 48.74
C06 A1AIO UG . -18.51 -9.98 47.38
O07 A1AIO UG . -17.74 -8.88 46.60
O09 A1AIO UG . -18.73 -10.20 49.86
O10 A1AIO UG . -18.91 -7.25 49.51
O11 A1AIO UG . -19.30 -5.91 47.61
O12 A1AIO UG . -19.99 -6.38 44.61
C01 A1AIO VG . -9.26 -12.27 53.46
C02 A1AIO VG . -10.50 -11.75 54.22
C03 A1AIO VG . -11.74 -12.62 53.97
C04 A1AIO VG . -13.01 -12.02 54.84
C05 A1AIO VG . -13.58 -11.15 54.09
C06 A1AIO VG . -13.30 -11.64 52.60
O07 A1AIO VG . -12.07 -12.57 52.71
O09 A1AIO VG . -15.02 -11.13 54.34
O10 A1AIO VG . -12.54 -11.42 56.00
O11 A1AIO VG . -10.22 -11.80 55.59
O12 A1AIO VG . -9.63 -12.48 52.12
C01 A1AIO WG . -19.80 -18.40 51.11
C02 A1AIO WG . -19.67 -18.59 52.63
C03 A1AIO WG . -20.35 -17.46 53.43
C04 A1AIO WG . -20.51 -17.90 55.01
C05 A1AIO WG . -19.33 -17.76 55.52
C06 A1AIO WG . -18.66 -16.60 54.67
O07 A1AIO WG . -19.58 -16.39 53.44
O09 A1AIO WG . -19.43 -17.35 56.92
O10 A1AIO WG . -20.91 -19.22 55.11
O11 A1AIO WG . -20.30 -19.77 52.98
O12 A1AIO WG . -18.91 -19.29 50.48
C01 A1AIO XG . -14.51 -9.97 60.58
C02 A1AIO XG . -15.70 -9.53 61.46
C03 A1AIO XG . -16.81 -10.59 61.56
C04 A1AIO XG . -17.72 -10.40 62.94
C05 A1AIO XG . -18.71 -9.65 62.62
C06 A1AIO XG . -18.96 -9.91 61.09
O07 A1AIO XG . -17.63 -10.47 60.54
O09 A1AIO XG . -19.88 -10.03 63.41
O10 A1AIO XG . -16.96 -9.79 63.94
O11 A1AIO XG . -15.22 -9.30 62.73
O12 A1AIO XG . -14.32 -9.04 59.55
C01 A1AIO YG . -30.76 -5.45 69.49
C02 A1AIO YG . -32.23 -5.08 69.81
C03 A1AIO YG . -32.73 -5.75 71.11
C04 A1AIO YG . -34.20 -5.12 71.53
C05 A1AIO YG . -35.05 -5.70 70.76
C06 A1AIO YG . -34.41 -7.11 70.44
O07 A1AIO YG . -32.95 -7.02 70.90
O09 A1AIO YG . -36.32 -5.87 71.48
O10 A1AIO YG . -34.22 -3.75 71.31
O11 A1AIO YG . -32.29 -3.71 69.99
O12 A1AIO YG . -30.54 -5.22 68.13
C01 A1AIO ZG . -31.02 -13.28 77.25
C02 A1AIO ZG . -32.04 -12.35 77.96
C03 A1AIO ZG . -32.99 -11.66 76.98
C04 A1AIO ZG . -34.44 -11.29 77.70
C05 A1AIO ZG . -34.35 -10.09 78.15
C06 A1AIO ZG . -32.98 -9.51 77.63
O07 A1AIO ZG . -32.48 -10.53 76.58
O09 A1AIO ZG . -35.46 -9.30 77.62
O10 A1AIO ZG . -34.69 -12.16 78.76
O11 A1AIO ZG . -32.79 -13.14 78.82
O12 A1AIO ZG . -30.08 -13.72 78.18
C01 A1AIO AH . -40.26 -3.31 73.16
C02 A1AIO AH . -41.63 -3.87 73.63
C03 A1AIO AH . -41.58 -4.50 75.04
C04 A1AIO AH . -43.10 -4.59 75.70
C05 A1AIO AH . -43.40 -5.82 75.88
C06 A1AIO AH . -42.28 -6.68 75.16
O07 A1AIO AH . -41.09 -5.71 74.95
O09 A1AIO AH . -43.40 -6.13 77.32
O10 A1AIO AH . -44.02 -4.01 74.84
O11 A1AIO AH . -42.53 -2.82 73.67
O12 A1AIO AH . -40.32 -3.07 71.78
C01 A1AIO BH . -43.00 -15.75 79.70
C02 A1AIO BH . -43.46 -15.73 81.18
C03 A1AIO BH . -43.70 -14.30 81.71
C04 A1AIO BH . -44.44 -14.37 83.20
C05 A1AIO BH . -43.50 -14.53 84.05
C06 A1AIO BH . -42.19 -13.98 83.37
O07 A1AIO BH . -42.57 -13.68 81.90
O09 A1AIO BH . -43.80 -13.74 85.25
O10 A1AIO BH . -45.30 -15.47 83.23
O11 A1AIO BH . -44.65 -16.43 81.27
O12 A1AIO BH . -42.00 -16.72 79.55
C01 A1AIO CH . -48.91 -7.23 77.94
C02 A1AIO CH . -49.96 -7.63 79.01
C03 A1AIO CH . -49.33 -8.25 80.27
C04 A1AIO CH . -50.43 -8.23 81.51
C05 A1AIO CH . -50.65 -9.45 81.86
C06 A1AIO CH . -50.11 -10.34 80.67
O07 A1AIO CH . -49.00 -9.49 80.04
O09 A1AIO CH . -49.90 -9.74 83.08
O10 A1AIO CH . -51.62 -7.67 81.06
O11 A1AIO CH . -50.64 -6.48 79.39
O12 A1AIO CH . -49.58 -7.00 76.73
C01 A1AIO DH . -55.90 -10.87 83.94
C02 A1AIO DH . -56.68 -11.38 85.17
C03 A1AIO DH . -55.83 -11.38 86.44
C04 A1AIO DH . -56.80 -11.51 87.78
C05 A1AIO DH . -56.83 -12.75 88.13
C06 A1AIO DH . -55.87 -13.53 87.13
O07 A1AIO DH . -55.04 -12.43 86.44
O09 A1AIO DH . -56.34 -12.90 89.49
O10 A1AIO DH . -58.08 -11.08 87.47
O11 A1AIO DH . -57.75 -10.51 85.38
O12 A1AIO DH . -55.79 -11.92 83.02
C01 A1AIO EH . -53.16 -4.44 92.64
C02 A1AIO EH . -54.60 -4.60 93.20
C03 A1AIO EH . -54.86 -6.01 93.75
C04 A1AIO EH . -56.35 -6.06 94.47
C05 A1AIO EH . -57.18 -6.26 93.52
C06 A1AIO EH . -56.38 -7.07 92.43
O07 A1AIO EH . -54.89 -6.87 92.77
O09 A1AIO EH . -58.31 -7.06 94.00
O10 A1AIO EH . -56.61 -4.85 95.10
O11 A1AIO EH . -54.77 -3.70 94.23
O12 A1AIO EH . -52.73 -3.13 92.87
C01 A1AIO FH . -52.01 -14.14 96.61
C02 A1AIO FH . -53.03 -13.95 97.75
C03 A1AIO FH . -54.44 -14.40 97.36
C04 A1AIO FH . -55.47 -14.25 98.63
C05 A1AIO FH . -55.73 -13.00 98.72
C06 A1AIO FH . -55.64 -12.47 97.23
O07 A1AIO FH . -54.92 -13.59 96.44
O09 A1AIO FH . -57.09 -12.80 99.23
O10 A1AIO FH . -54.84 -14.69 99.79
O11 A1AIO FH . -52.63 -14.72 98.82
O12 A1AIO FH . -51.03 -15.05 97.04
C01 A1AIO GH . -63.29 -20.28 97.22
C02 A1AIO GH . -64.07 -20.93 98.38
C03 A1AIO GH . -65.24 -20.06 98.86
C04 A1AIO GH . -66.09 -20.85 100.05
C05 A1AIO GH . -65.38 -20.72 101.11
C06 A1AIO GH . -64.53 -19.40 100.90
O07 A1AIO GH . -64.77 -18.98 99.44
O09 A1AIO GH . -66.25 -20.57 102.27
O10 A1AIO GH . -66.23 -22.18 99.72
O11 A1AIO GH . -64.61 -22.13 97.93
O12 A1AIO GH . -61.92 -20.45 97.47
C01 A1AIO HH . -69.96 -16.15 114.44
C02 A1AIO HH . -71.35 -15.97 115.09
C03 A1AIO HH . -72.15 -17.29 115.15
C04 A1AIO HH . -73.43 -17.12 116.17
C05 A1AIO HH . -74.32 -16.47 115.50
C06 A1AIO HH . -74.08 -16.92 113.99
O07 A1AIO HH . -72.67 -17.54 113.97
O09 A1AIO HH . -75.65 -16.89 115.92
O10 A1AIO HH . -73.06 -16.37 117.28
O11 A1AIO HH . -71.18 -15.52 116.37
O12 A1AIO HH . -69.28 -14.91 114.49
C01 A1AIO IH . -73.76 -26.37 111.94
C02 A1AIO IH . -74.13 -26.26 113.44
C03 A1AIO IH . -75.42 -25.45 113.66
C04 A1AIO IH . -75.98 -25.69 115.20
C05 A1AIO IH . -75.24 -24.96 115.94
C06 A1AIO IH . -74.88 -23.71 115.04
O07 A1AIO IH . -75.16 -24.17 113.59
O09 A1AIO IH . -75.99 -24.53 117.12
O10 A1AIO IH . -75.83 -27.02 115.55
O11 A1AIO IH . -74.35 -27.53 113.92
O12 A1AIO IH . -72.83 -27.42 111.79
C01 A1AIO JH . -82.67 -20.17 110.41
C02 A1AIO JH . -83.32 -21.07 111.50
C03 A1AIO JH . -82.83 -20.72 112.91
C04 A1AIO JH . -83.78 -21.47 114.04
C05 A1AIO JH . -83.34 -22.68 114.12
C06 A1AIO JH . -81.83 -22.63 113.62
O07 A1AIO JH . -81.62 -21.20 113.09
O09 A1AIO JH . -83.37 -23.11 115.53
O10 A1AIO JH . -85.09 -21.49 113.61
O11 A1AIO JH . -84.68 -20.84 111.47
O12 A1AIO JH . -83.22 -20.50 109.17
C01 A1AIO KH . -77.57 -16.22 120.63
C02 A1AIO KH . -78.94 -16.42 121.33
C03 A1AIO KH . -79.27 -17.90 121.56
C04 A1AIO KH . -80.61 -18.02 122.54
C05 A1AIO KH . -81.63 -18.11 121.75
C06 A1AIO KH . -81.08 -18.65 120.37
O07 A1AIO KH . -79.56 -18.47 120.42
O09 A1AIO KH . -82.59 -19.06 122.30
O10 A1AIO KH . -80.72 -16.90 123.33
O11 A1AIO KH . -78.88 -15.79 122.57
O12 A1AIO KH . -77.78 -15.48 119.46
C01 A1AIO LH . -57.64 -12.73 103.11
C02 A1AIO LH . -58.80 -12.92 104.12
C03 A1AIO LH . -59.63 -14.17 103.82
C04 A1AIO LH . -60.79 -14.38 104.98
C05 A1AIO LH . -61.70 -13.53 104.69
C06 A1AIO LH . -61.63 -13.39 103.11
O07 A1AIO LH . -60.29 -14.01 102.70
O09 A1AIO LH . -63.01 -14.05 105.08
O10 A1AIO LH . -60.26 -14.11 106.23
O11 A1AIO LH . -58.26 -13.07 105.38
O12 A1AIO LH . -56.42 -12.78 103.81
C01 A1AIO MH . -46.26 -15.54 88.96
C02 A1AIO MH . -47.22 -15.34 90.16
C03 A1AIO MH . -48.66 -15.09 89.70
C04 A1AIO MH . -49.65 -14.98 91.02
C05 A1AIO MH . -49.44 -13.80 91.51
C06 A1AIO MH . -49.05 -12.91 90.26
O07 A1AIO MH . -48.74 -13.91 89.12
O09 A1AIO MH . -50.67 -13.28 92.12
O10 A1AIO MH . -49.32 -15.94 91.95
O11 A1AIO MH . -47.22 -16.51 90.91
O12 A1AIO MH . -45.72 -16.84 89.03
C01 A1AIO NH . -44.33 -4.90 88.06
C02 A1AIO NH . -45.73 -4.85 88.72
C03 A1AIO NH . -46.19 -6.23 89.22
C04 A1AIO NH . -47.65 -6.10 90.00
C05 A1AIO NH . -48.51 -5.98 89.06
C06 A1AIO NH . -47.91 -6.78 87.84
O07 A1AIO NH . -46.43 -7.01 88.20
O09 A1AIO NH . -49.78 -6.58 89.48
O10 A1AIO NH . -47.65 -4.97 90.80
O11 A1AIO NH . -45.66 -4.01 89.82
O12 A1AIO NH . -43.45 -4.10 88.81
C01 A1AIO OH . -36.14 -7.16 82.68
C02 A1AIO OH . -37.35 -6.78 83.56
C03 A1AIO OH . -38.32 -7.96 83.78
C04 A1AIO OH . -39.53 -7.52 84.80
C05 A1AIO OH . -40.33 -6.81 84.08
C06 A1AIO OH . -40.18 -7.39 82.62
O07 A1AIO OH . -38.91 -8.26 82.65
O09 A1AIO OH . -41.70 -6.97 84.55
O10 A1AIO OH . -39.02 -6.76 85.84
O11 A1AIO OH . -36.88 -6.40 84.81
O12 A1AIO OH . -34.96 -7.01 83.44
C01 A1AIO PH . -35.09 -13.62 63.46
C02 A1AIO PH . -35.96 -13.63 64.73
C03 A1AIO PH . -35.14 -13.34 66.01
C04 A1AIO PH . -36.16 -12.94 67.26
C05 A1AIO PH . -36.35 -14.00 67.96
C06 A1AIO PH . -35.48 -15.15 67.31
O07 A1AIO PH . -34.50 -14.41 66.38
O09 A1AIO PH . -35.92 -13.77 69.34
O10 A1AIO PH . -37.36 -12.49 66.75
O11 A1AIO PH . -36.92 -12.64 64.61
O12 A1AIO PH . -35.08 -14.92 62.92
C01 A1AIO QH . -28.60 -11.92 57.12
C02 A1AIO QH . -29.56 -12.21 58.30
C03 A1AIO QH . -28.83 -12.44 59.63
C04 A1AIO QH . -29.91 -12.31 60.89
C05 A1AIO QH . -29.94 -13.43 61.50
C06 A1AIO QH . -29.30 -14.48 60.52
O07 A1AIO QH . -28.32 -13.64 59.67
O09 A1AIO QH . -29.14 -13.34 62.72
O10 A1AIO QH . -31.17 -12.03 60.37
O11 A1AIO QH . -30.39 -11.12 58.45
O12 A1AIO QH . -29.31 -12.06 55.92
C01 A1AIO RH . -24.97 -17.63 70.32
C02 A1AIO RH . -25.79 -16.96 71.43
C03 A1AIO RH . -27.26 -16.74 71.03
C04 A1AIO RH . -28.11 -16.11 72.29
C05 A1AIO RH . -27.78 -14.87 72.32
C06 A1AIO RH . -27.47 -14.49 70.82
O07 A1AIO RH . -27.33 -15.84 70.09
O09 A1AIO RH . -28.91 -14.07 72.81
O10 A1AIO RH . -27.73 -16.73 73.48
O11 A1AIO RH . -25.78 -17.79 72.54
O12 A1AIO RH . -24.49 -18.87 70.79
C01 A1AIO SH . -21.29 -19.54 59.73
C02 A1AIO SH . -21.32 -19.62 61.28
C03 A1AIO SH . -22.59 -18.97 61.86
C04 A1AIO SH . -22.76 -19.40 63.45
C05 A1AIO SH . -21.91 -18.68 64.08
C06 A1AIO SH . -21.75 -17.36 63.22
O07 A1AIO SH . -22.45 -17.66 61.89
O09 A1AIO SH . -22.42 -18.36 65.41
O10 A1AIO SH . -22.47 -20.74 63.61
O11 A1AIO SH . -21.33 -20.95 61.63
O12 A1AIO SH . -19.99 -19.88 59.31
C01 A1AIO TH . -14.91 -13.18 32.15
C02 A1AIO TH . -15.85 -14.01 33.07
C03 A1AIO TH . -15.90 -13.48 34.52
C04 A1AIO TH . -17.20 -14.10 35.33
C05 A1AIO TH . -16.82 -15.19 35.88
C06 A1AIO TH . -15.24 -15.10 35.99
O07 A1AIO TH . -14.82 -13.87 35.16
O09 A1AIO TH . -17.40 -15.31 37.22
O10 A1AIO TH . -18.24 -14.34 34.46
O11 A1AIO TH . -17.14 -13.93 32.54
O12 A1AIO TH . -14.66 -13.92 30.99
C01 A1AIO UH . 58.60 2.13 -32.73
C02 A1AIO UH . 57.96 1.27 -31.60
C03 A1AIO UH . 57.47 2.12 -30.41
C04 A1AIO UH . 56.35 1.30 -29.51
C05 A1AIO UH . 57.01 0.63 -28.64
C06 A1AIO UH . 58.37 1.42 -28.43
O07 A1AIO UH . 58.47 2.40 -29.62
O09 A1AIO UH . 56.25 0.60 -27.38
O10 A1AIO UH . 55.62 0.44 -30.33
O11 A1AIO UH . 56.87 0.61 -32.14
O12 A1AIO UH . 59.40 1.29 -33.52
C01 A1AIO VH . 51.20 6.17 -15.16
C02 A1AIO VH . 49.79 6.03 -14.53
C03 A1AIO VH . 49.09 4.73 -14.96
C04 A1AIO VH . 47.51 4.76 -14.44
C05 A1AIO VH . 46.81 5.27 -15.39
C06 A1AIO VH . 47.67 5.11 -16.71
O07 A1AIO VH . 49.07 4.65 -16.26
O09 A1AIO VH . 45.55 4.54 -15.52
O10 A1AIO VH . 47.40 5.54 -13.31
O11 A1AIO VH . 49.94 6.00 -13.16
O12 A1AIO VH . 51.22 7.32 -15.95
C01 A1AIO WH . 26.32 -7.19 -7.74
C02 A1AIO WH . 26.66 -7.41 -6.23
C03 A1AIO WH . 27.22 -6.14 -5.57
C04 A1AIO WH . 27.03 -6.22 -3.93
C05 A1AIO WH . 28.02 -6.92 -3.49
C06 A1AIO WH . 29.12 -6.90 -4.63
O07 A1AIO WH . 28.50 -6.05 -5.77
O09 A1AIO WH . 28.55 -6.31 -2.27
O10 A1AIO WH . 25.83 -6.83 -3.61
O11 A1AIO WH . 25.49 -7.76 -5.59
O12 A1AIO WH . 26.27 -8.45 -8.37
C01 A1AIO XH . -63.22 -5.92 96.77
C02 A1AIO XH . -64.31 -7.03 96.86
C03 A1AIO XH . -63.87 -8.20 97.74
C04 A1AIO XH . -65.16 -8.92 98.48
C05 A1AIO XH . -65.62 -9.79 97.65
C06 A1AIO XH . -64.38 -10.22 96.78
O07 A1AIO XH . -63.31 -9.12 96.99
O09 A1AIO XH . -66.15 -10.94 98.37
O10 A1AIO XH . -66.14 -7.99 98.78
O11 A1AIO XH . -65.44 -6.46 97.40
O12 A1AIO XH . -63.18 -5.43 95.45
C01 A1AIO YH . -70.88 -12.07 100.02
C02 A1AIO YH . -71.78 -13.25 100.44
C03 A1AIO YH . -71.51 -13.72 101.88
C04 A1AIO YH . -72.70 -14.74 102.38
C05 A1AIO YH . -72.37 -15.91 101.99
C06 A1AIO YH . -70.83 -15.86 101.63
O07 A1AIO YH . -70.40 -14.41 101.91
O09 A1AIO YH . -72.59 -16.88 103.07
O10 A1AIO YH . -73.91 -14.37 101.83
O11 A1AIO YH . -73.10 -12.83 100.37
O12 A1AIO YH . -70.90 -11.97 98.62
C01 A1AIO ZH . -77.62 -27.59 120.61
C02 A1AIO ZH . -78.20 -27.47 122.04
C03 A1AIO ZH . -79.72 -27.32 122.04
C04 A1AIO ZH . -80.32 -27.57 123.57
C05 A1AIO ZH . -80.08 -26.48 124.19
C06 A1AIO ZH . -80.12 -25.35 123.09
O07 A1AIO ZH . -80.06 -26.09 121.74
O09 A1AIO ZH . -81.12 -26.24 125.20
O10 A1AIO ZH . -79.65 -28.63 124.17
O11 A1AIO ZH . -77.87 -28.62 122.73
O12 A1AIO ZH . -76.23 -27.37 120.67
C01 A1AIO AI . -87.79 -25.30 117.10
C02 A1AIO AI . -88.41 -25.90 118.39
C03 A1AIO AI . -88.02 -25.11 119.65
C04 A1AIO AI . -88.96 -25.59 120.94
C05 A1AIO AI . -88.42 -26.65 121.40
C06 A1AIO AI . -86.90 -26.60 120.94
O07 A1AIO AI . -86.79 -25.39 119.99
O09 A1AIO AI . -88.49 -26.65 122.86
O10 A1AIO AI . -90.25 -25.86 120.49
O11 A1AIO AI . -89.80 -25.84 118.27
O12 A1AIO AI . -88.25 -26.05 116.01
C1 GLA BI . 70.48 7.56 -37.72
C2 GLA BI . 71.95 7.13 -37.85
C3 GLA BI . 72.75 8.09 -38.60
C4 GLA BI . 72.71 9.48 -38.02
C5 GLA BI . 71.33 9.83 -37.47
C6 GLA BI . 71.04 11.26 -37.77
O2 GLA BI . 72.51 6.99 -36.51
O3 GLA BI . 72.24 8.16 -39.97
O4 GLA BI . 73.04 10.40 -39.04
O5 GLA BI . 70.28 8.98 -38.05
O6 GLA BI . 71.42 12.08 -36.63
C1 GLA CI . 60.95 7.10 -22.59
C2 GLA CI . 61.12 8.47 -21.92
C3 GLA CI . 61.82 9.46 -22.85
C4 GLA CI . 63.12 8.89 -23.37
C5 GLA CI . 62.87 7.52 -24.04
C6 GLA CI . 64.15 6.84 -24.48
O2 GLA CI . 59.84 8.97 -21.51
O3 GLA CI . 62.06 10.68 -22.13
O4 GLA CI . 64.08 8.75 -22.31
O5 GLA CI . 62.22 6.63 -23.10
O6 GLA CI . 63.86 5.77 -25.38
C1 GLA DI . 52.33 4.12 -27.42
C2 GLA DI . 51.71 3.65 -28.76
C3 GLA DI . 52.67 3.73 -29.87
C4 GLA DI . 53.34 5.07 -29.95
C5 GLA DI . 53.98 5.46 -28.63
C6 GLA DI . 54.53 6.84 -28.76
O2 GLA DI . 51.28 2.28 -28.61
O3 GLA DI . 51.96 3.49 -31.12
O4 GLA DI . 52.37 6.03 -30.28
O5 GLA DI . 52.99 5.44 -27.54
O6 GLA DI . 55.99 6.78 -28.77
C1 GLA EI . 38.01 0.53 -7.50
C2 GLA EI . 39.00 1.71 -7.51
C3 GLA EI . 39.74 1.80 -8.77
C4 GLA EI . 40.40 0.51 -9.14
C5 GLA EI . 39.41 -0.64 -9.16
C6 GLA EI . 40.14 -1.92 -9.40
O2 GLA EI . 38.27 2.93 -7.32
O3 GLA EI . 40.77 2.83 -8.64
O4 GLA EI . 41.40 0.22 -8.18
O5 GLA EI . 38.67 -0.75 -7.88
O6 GLA EI . 40.71 -2.39 -8.14
C1 GLA FI . 22.22 -4.36 -3.47
C2 GLA FI . 22.40 -4.91 -4.89
C3 GLA FI . 23.60 -4.37 -5.55
C4 GLA FI . 23.65 -2.88 -5.49
C5 GLA FI . 23.53 -2.37 -4.06
C6 GLA FI . 23.49 -0.88 -4.08
O2 GLA FI . 22.51 -6.35 -4.82
O3 GLA FI . 23.59 -4.78 -6.95
O4 GLA FI . 22.59 -2.35 -6.26
O5 GLA FI . 22.30 -2.88 -3.42
O6 GLA FI . 23.90 -0.37 -2.77
C1 GLA GI . 18.22 -7.90 12.61
C2 GLA GI . 18.83 -6.49 12.57
C3 GLA GI . 18.82 -5.88 11.24
C4 GLA GI . 19.38 -6.81 10.18
C5 GLA GI . 18.76 -8.19 10.21
C6 GLA GI . 19.51 -9.08 9.27
O2 GLA GI . 18.18 -5.62 13.52
O3 GLA GI . 19.66 -4.69 11.29
O4 GLA GI . 20.78 -6.94 10.39
O5 GLA GI . 18.80 -8.79 11.57
O6 GLA GI . 20.51 -9.83 10.02
C1 GLA HI . 1.66 -7.93 17.59
C2 GLA HI . 1.53 -8.00 16.06
C3 GLA HI . 2.84 -7.95 15.39
C4 GLA HI . 3.69 -6.80 15.86
C5 GLA HI . 3.83 -6.81 17.38
C6 GLA HI . 4.60 -5.60 17.81
O2 GLA HI . 0.89 -9.24 15.69
O3 GLA HI . 2.63 -7.80 13.95
O4 GLA HI . 3.07 -5.58 15.48
O5 GLA HI . 2.51 -6.81 18.04
O6 GLA HI . 4.90 -5.71 19.23
C1 GLA II . -2.67 -13.89 32.69
C2 GLA II . -1.20 -13.92 33.13
C3 GLA II . -0.28 -13.39 32.11
C4 GLA II . -0.51 -13.99 30.76
C5 GLA II . -1.97 -13.88 30.34
C6 GLA II . -2.17 -14.58 29.03
O2 GLA II . -1.06 -13.13 34.32
O3 GLA II . 1.09 -13.68 32.52
O4 GLA II . -0.14 -15.36 30.79
O5 GLA II . -2.85 -14.51 31.35
O6 GLA II . -3.07 -13.79 28.21
C1 GLA JI . -16.28 -17.94 49.07
C2 GLA JI . -14.84 -18.35 48.73
C3 GLA JI . -14.26 -17.55 47.65
C4 GLA JI . -15.15 -17.50 46.44
C5 GLA JI . -16.56 -17.05 46.80
C6 GLA JI . -17.42 -17.13 45.58
O2 GLA JI . -14.02 -18.18 49.91
O3 GLA JI . -12.97 -18.12 47.26
O4 GLA JI . -15.23 -18.80 45.88
O5 GLA JI . -17.15 -17.88 47.87
O6 GLA JI . -16.71 -16.57 44.44
C1 GLA KI . -24.48 -15.37 56.41
C2 GLA KI . -24.65 -15.97 55.00
C3 GLA KI . -23.61 -15.53 54.07
C4 GLA KI . -23.48 -14.03 54.05
C5 GLA KI . -23.28 -13.46 55.44
C6 GLA KI . -23.28 -11.96 55.36
O2 GLA KI . -24.58 -17.41 55.11
O3 GLA KI . -23.94 -15.98 52.73
O4 GLA KI . -24.66 -13.48 53.50
O5 GLA KI . -24.35 -13.89 56.36
O6 GLA KI . -22.11 -11.44 56.04
C1 GLA LI . -30.25 -8.94 65.86
C2 GLA LI . -30.54 -8.27 64.51
C3 GLA LI . -29.62 -8.74 63.47
C4 GLA LI . -28.19 -8.58 63.86
C5 GLA LI . -27.89 -9.22 65.22
C6 GLA LI . -26.51 -8.85 65.63
O2 GLA LI . -31.89 -8.58 64.11
O3 GLA LI . -29.85 -7.96 62.25
O4 GLA LI . -27.89 -7.19 63.96
O5 GLA LI . -28.83 -8.76 66.26
O6 GLA LI . -26.55 -8.23 66.95
C1 GLA MI . -60.07 -17.18 97.66
C2 GLA MI . -58.75 -17.98 97.71
C3 GLA MI . -57.63 -17.22 97.15
C4 GLA MI . -57.92 -16.70 95.78
C5 GLA MI . -59.23 -15.92 95.71
C6 GLA MI . -59.54 -15.63 94.29
O2 GLA MI . -58.46 -18.30 99.08
O3 GLA MI . -56.46 -18.08 97.08
O4 GLA MI . -58.03 -17.80 94.89
O5 GLA MI . -60.35 -16.68 96.30
O6 GLA MI . -60.97 -15.37 94.16
C1 GLA NI . -79.15 -21.28 108.87
C2 GLA NI . -78.53 -22.32 107.91
C3 GLA NI . -77.18 -21.94 107.48
C4 GLA NI . -77.13 -20.54 106.94
C5 GLA NI . -77.70 -19.54 107.93
C6 GLA NI . -77.72 -18.19 107.30
O2 GLA NI . -78.44 -23.58 108.60
O3 GLA NI . -76.73 -22.86 106.44
O4 GLA NI . -77.92 -20.49 105.76
O5 GLA NI . -79.07 -19.90 108.34
O6 GLA NI . -77.94 -17.17 108.33
#